data_6P6U
#
_entry.id   6P6U
#
_cell.length_a   160.572
_cell.length_b   100.838
_cell.length_c   223.102
_cell.angle_alpha   90.00
_cell.angle_beta   101.23
_cell.angle_gamma   90.00
#
_symmetry.space_group_name_H-M   'P 1 21 1'
#
loop_
_entity.id
_entity.type
_entity.pdbx_description
1 polymer 'L-lactate dehydrogenase A chain'
2 non-polymer 'ADENOSINE MONOPHOSPHATE'
3 water water
#
_entity_poly.entity_id   1
_entity_poly.type   'polypeptide(L)'
_entity_poly.pdbx_seq_one_letter_code
;MAALKDQLIHNLLKEEHVPQNKITVVGVGAVGMACAISILMKDLADELALVDVMEDKLKGEMMDLQHGSLFLRTPKIVSG
KDYSVTANSKLVIITAGARQQEGESRLNLVQRNVNIFKFIIPNVVKYSPHCKLLVVSNPVDILTYVAWKISGFPKNRVIG
SGCNLDSARFRYLMGERLGVHALSCHGWILGEHGDSSVPVWSGMNVAGVSLKTLHPELGTDADKEQWKQVHKQVVDSAYE
VIKLKGYTTWAIGLSVADLAESIMKNLRRVHPISTMLKGLYGIKEDVFLSVPCVLGQNGISDVVKVTLTSEEEAHLKKSA
DTLWGIQKELQF
;
_entity_poly.pdbx_strand_id   A,B,C,D,E,F,G,H,I,J,K,L,M,N,O,P
#
loop_
_chem_comp.id
_chem_comp.type
_chem_comp.name
_chem_comp.formula
AMP non-polymer 'ADENOSINE MONOPHOSPHATE' 'C10 H14 N5 O7 P'
#
# COMPACT_ATOMS: atom_id res chain seq x y z
N ALA A 2 -63.33 55.43 51.70
CA ALA A 2 -62.46 55.80 50.54
C ALA A 2 -62.71 54.86 49.35
N ALA A 3 -61.63 54.38 48.73
CA ALA A 3 -61.72 53.80 47.41
C ALA A 3 -62.49 52.48 47.44
N LEU A 4 -62.85 52.00 46.25
CA LEU A 4 -63.48 50.70 46.10
C LEU A 4 -62.49 49.60 46.47
N LYS A 5 -61.28 49.71 45.95
CA LYS A 5 -60.22 48.77 46.27
C LYS A 5 -60.09 48.52 47.78
N ASP A 6 -60.13 49.58 48.56
CA ASP A 6 -59.99 49.47 50.03
C ASP A 6 -61.22 48.86 50.68
N GLN A 7 -62.40 49.09 50.11
CA GLN A 7 -63.62 48.49 50.62
C GLN A 7 -63.68 46.99 50.33
N LEU A 8 -63.00 46.56 49.27
CA LEU A 8 -63.07 45.20 48.78
C LEU A 8 -61.90 44.31 49.25
N ILE A 9 -60.70 44.87 49.23
CA ILE A 9 -59.51 44.12 49.57
C ILE A 9 -58.88 44.62 50.86
N HIS A 10 -58.65 43.69 51.77
CA HIS A 10 -57.90 43.94 52.99
C HIS A 10 -56.44 43.53 52.80
N ASN A 11 -55.54 44.50 52.86
CA ASN A 11 -54.12 44.22 52.64
C ASN A 11 -53.48 43.67 53.90
N LEU A 12 -52.59 42.70 53.76
CA LEU A 12 -51.88 42.11 54.90
C LEU A 12 -50.38 42.33 54.83
N LEU A 13 -49.89 42.76 53.67
CA LEU A 13 -48.47 42.71 53.41
C LEU A 13 -48.13 43.74 52.35
N LYS A 14 -47.24 44.66 52.72
CA LYS A 14 -46.62 45.55 51.79
C LYS A 14 -45.24 44.96 51.64
N GLU A 15 -44.98 44.35 50.48
CA GLU A 15 -43.63 43.93 50.18
C GLU A 15 -43.13 44.45 48.85
N GLU A 16 -41.81 44.47 48.67
CA GLU A 16 -41.20 44.77 47.42
C GLU A 16 -41.15 43.52 46.56
N HIS A 17 -41.47 43.72 45.30
CA HIS A 17 -41.41 42.66 44.31
C HIS A 17 -39.97 42.38 43.89
N VAL A 18 -39.54 41.13 43.98
CA VAL A 18 -38.28 40.72 43.37
C VAL A 18 -38.60 39.54 42.51
N PRO A 19 -38.41 39.63 41.19
CA PRO A 19 -38.79 38.50 40.34
C PRO A 19 -37.84 37.33 40.50
N GLN A 20 -38.38 36.12 40.39
CA GLN A 20 -37.61 34.92 40.63
CA GLN A 20 -37.61 34.92 40.63
C GLN A 20 -37.05 34.34 39.35
N ASN A 21 -37.78 34.50 38.25
CA ASN A 21 -37.41 33.88 36.98
C ASN A 21 -37.61 34.84 35.82
N LYS A 22 -36.88 35.95 35.89
CA LYS A 22 -37.05 37.03 34.94
C LYS A 22 -36.20 36.82 33.68
N ILE A 23 -36.82 37.12 32.54
CA ILE A 23 -36.14 37.09 31.28
C ILE A 23 -36.30 38.43 30.60
N THR A 24 -35.20 38.90 30.00
CA THR A 24 -35.22 40.14 29.26
C THR A 24 -34.94 39.86 27.79
N VAL A 25 -35.72 40.48 26.91
CA VAL A 25 -35.41 40.47 25.49
C VAL A 25 -35.02 41.86 25.03
N VAL A 26 -33.83 41.94 24.42
CA VAL A 26 -33.33 43.19 23.88
C VAL A 26 -33.57 43.24 22.39
N GLY A 27 -34.35 44.21 21.94
CA GLY A 27 -34.73 44.32 20.54
C GLY A 27 -36.15 43.83 20.34
N VAL A 28 -37.02 44.68 19.81
CA VAL A 28 -38.41 44.30 19.56
C VAL A 28 -38.74 44.36 18.07
N GLY A 29 -37.76 43.99 17.26
CA GLY A 29 -38.02 43.69 15.87
C GLY A 29 -38.72 42.34 15.77
N ALA A 30 -38.90 41.85 14.55
CA ALA A 30 -39.66 40.62 14.36
C ALA A 30 -39.07 39.46 15.15
N VAL A 31 -37.75 39.36 15.17
CA VAL A 31 -37.07 38.29 15.87
C VAL A 31 -37.27 38.39 17.39
N GLY A 32 -37.06 39.58 17.93
CA GLY A 32 -37.27 39.80 19.34
C GLY A 32 -38.68 39.43 19.78
N MET A 33 -39.66 39.87 19.01
CA MET A 33 -41.05 39.64 19.38
C MET A 33 -41.42 38.16 19.24
N ALA A 34 -40.80 37.47 18.29
CA ALA A 34 -41.00 36.03 18.16
C ALA A 34 -40.43 35.28 19.36
N CYS A 35 -39.26 35.71 19.82
CA CYS A 35 -38.69 35.16 21.05
C CYS A 35 -39.63 35.43 22.21
N ALA A 36 -40.12 36.66 22.32
CA ALA A 36 -41.01 37.04 23.42
C ALA A 36 -42.25 36.16 23.48
N ILE A 37 -42.96 36.07 22.37
CA ILE A 37 -44.21 35.33 22.36
C ILE A 37 -43.98 33.86 22.66
N SER A 38 -42.91 33.30 22.11
CA SER A 38 -42.61 31.87 22.34
C SER A 38 -42.32 31.62 23.80
N ILE A 39 -41.60 32.53 24.43
CA ILE A 39 -41.28 32.43 25.86
C ILE A 39 -42.52 32.56 26.72
N LEU A 40 -43.38 33.52 26.38
CA LEU A 40 -44.63 33.72 27.12
C LEU A 40 -45.51 32.48 27.06
N MET A 41 -45.54 31.83 25.93
CA MET A 41 -46.42 30.68 25.75
C MET A 41 -45.84 29.41 26.34
N LYS A 42 -44.60 29.44 26.81
CA LYS A 42 -44.02 28.27 27.44
C LYS A 42 -43.87 28.43 28.95
N ASP A 43 -44.44 29.50 29.50
CA ASP A 43 -44.42 29.76 30.95
C ASP A 43 -43.00 29.63 31.53
N LEU A 44 -42.04 30.29 30.90
CA LEU A 44 -40.66 30.20 31.33
C LEU A 44 -40.26 31.29 32.30
N ALA A 45 -41.06 32.35 32.37
CA ALA A 45 -40.72 33.50 33.18
C ALA A 45 -41.89 33.98 34.01
N ASP A 46 -41.58 34.57 35.17
CA ASP A 46 -42.60 35.25 35.99
C ASP A 46 -42.59 36.75 35.73
N GLU A 47 -41.58 37.22 35.03
CA GLU A 47 -41.54 38.60 34.57
C GLU A 47 -40.75 38.66 33.27
N LEU A 48 -41.30 39.37 32.30
CA LEU A 48 -40.64 39.55 31.01
C LEU A 48 -40.43 41.02 30.76
N ALA A 49 -39.19 41.38 30.41
CA ALA A 49 -38.84 42.76 30.12
C ALA A 49 -38.43 42.91 28.67
N LEU A 50 -38.89 44.00 28.05
CA LEU A 50 -38.55 44.31 26.68
C LEU A 50 -37.83 45.64 26.65
N VAL A 51 -36.70 45.70 25.96
CA VAL A 51 -35.95 46.93 25.82
C VAL A 51 -35.57 47.16 24.37
N ASP A 52 -35.69 48.41 23.94
CA ASP A 52 -35.26 48.86 22.61
C ASP A 52 -35.11 50.37 22.63
N VAL A 53 -34.64 50.95 21.54
CA VAL A 53 -34.47 52.40 21.46
C VAL A 53 -35.72 53.11 20.92
N MET A 54 -36.54 52.41 20.14
CA MET A 54 -37.77 52.96 19.62
C MET A 54 -38.90 52.87 20.64
N GLU A 55 -39.11 53.97 21.36
CA GLU A 55 -40.03 54.00 22.51
C GLU A 55 -41.48 53.71 22.16
N ASP A 56 -41.94 54.20 21.01
CA ASP A 56 -43.31 53.98 20.57
C ASP A 56 -43.59 52.51 20.27
N LYS A 57 -42.81 51.95 19.35
CA LYS A 57 -42.93 50.56 19.00
C LYS A 57 -42.87 49.69 20.27
N LEU A 58 -41.95 50.03 21.15
CA LEU A 58 -41.74 49.29 22.39
C LEU A 58 -42.99 49.26 23.25
N LYS A 59 -43.51 50.43 23.52
CA LYS A 59 -44.69 50.57 24.35
C LYS A 59 -45.89 49.86 23.71
N GLY A 60 -46.01 49.95 22.40
CA GLY A 60 -47.13 49.35 21.70
C GLY A 60 -47.11 47.83 21.80
N GLU A 61 -45.93 47.24 21.60
CA GLU A 61 -45.76 45.81 21.71
C GLU A 61 -46.07 45.35 23.13
N MET A 62 -45.60 46.10 24.11
CA MET A 62 -45.88 45.78 25.50
C MET A 62 -47.37 45.74 25.78
N MET A 63 -48.08 46.79 25.37
CA MET A 63 -49.52 46.89 25.62
C MET A 63 -50.27 45.74 24.95
N ASP A 64 -49.91 45.45 23.71
CA ASP A 64 -50.56 44.39 22.96
C ASP A 64 -50.45 43.06 23.74
N LEU A 65 -49.25 42.76 24.22
CA LEU A 65 -49.04 41.58 25.05
C LEU A 65 -49.83 41.60 26.35
N GLN A 66 -49.80 42.73 27.04
CA GLN A 66 -50.52 42.87 28.29
C GLN A 66 -52.01 42.60 28.14
N HIS A 67 -52.58 43.00 27.01
CA HIS A 67 -54.00 42.82 26.81
C HIS A 67 -54.37 41.34 26.76
N GLY A 68 -53.38 40.48 26.50
CA GLY A 68 -53.59 39.06 26.48
C GLY A 68 -53.32 38.36 27.81
N SER A 69 -53.11 39.15 28.88
CA SER A 69 -52.73 38.59 30.19
C SER A 69 -53.65 37.49 30.68
N LEU A 70 -54.94 37.62 30.39
CA LEU A 70 -55.91 36.61 30.80
C LEU A 70 -55.53 35.21 30.29
N PHE A 71 -54.89 35.18 29.13
CA PHE A 71 -54.56 33.92 28.47
C PHE A 71 -53.13 33.50 28.71
N LEU A 72 -52.44 34.18 29.62
CA LEU A 72 -51.06 33.87 29.91
C LEU A 72 -50.89 33.60 31.40
N ARG A 73 -49.74 33.06 31.78
CA ARG A 73 -49.40 32.83 33.18
C ARG A 73 -48.06 33.46 33.47
N THR A 74 -47.84 34.61 32.87
CA THR A 74 -46.69 35.44 33.17
C THR A 74 -47.26 36.78 33.63
N PRO A 75 -47.25 37.03 34.94
CA PRO A 75 -48.05 38.12 35.49
C PRO A 75 -47.49 39.52 35.22
N LYS A 76 -46.23 39.65 34.88
CA LYS A 76 -45.63 40.96 34.69
C LYS A 76 -44.89 41.09 33.40
N ILE A 77 -45.32 42.05 32.59
CA ILE A 77 -44.62 42.35 31.36
C ILE A 77 -44.29 43.83 31.38
N VAL A 78 -43.02 44.14 31.21
CA VAL A 78 -42.58 45.54 31.33
C VAL A 78 -41.64 45.89 30.20
N SER A 79 -41.48 47.19 29.97
CA SER A 79 -40.64 47.66 28.87
C SER A 79 -40.13 49.05 29.16
N GLY A 80 -39.13 49.47 28.41
CA GLY A 80 -38.56 50.80 28.58
C GLY A 80 -37.28 50.97 27.81
N LYS A 81 -36.90 52.21 27.58
CA LYS A 81 -35.64 52.56 26.94
C LYS A 81 -34.49 52.40 27.93
N ASP A 82 -34.81 52.64 29.20
CA ASP A 82 -33.83 52.60 30.27
C ASP A 82 -33.64 51.17 30.80
N TYR A 83 -32.39 50.73 30.89
CA TYR A 83 -32.08 49.35 31.26
C TYR A 83 -32.40 48.97 32.70
N SER A 84 -32.70 49.95 33.54
CA SER A 84 -33.13 49.64 34.90
C SER A 84 -34.32 48.66 34.89
N VAL A 85 -35.18 48.72 33.88
CA VAL A 85 -36.30 47.78 33.81
C VAL A 85 -35.86 46.33 33.61
N THR A 86 -34.59 46.10 33.28
CA THR A 86 -34.08 44.74 33.07
C THR A 86 -33.45 44.13 34.32
N ALA A 87 -33.52 44.85 35.43
CA ALA A 87 -32.83 44.40 36.64
C ALA A 87 -33.23 42.99 37.08
N ASN A 88 -32.24 42.22 37.52
CA ASN A 88 -32.44 40.88 38.09
C ASN A 88 -32.93 39.86 37.08
N SER A 89 -32.52 40.00 35.83
CA SER A 89 -32.84 38.98 34.85
C SER A 89 -31.91 37.79 35.09
N LYS A 90 -32.47 36.58 34.99
CA LYS A 90 -31.66 35.37 35.00
C LYS A 90 -31.06 35.16 33.62
N LEU A 91 -31.79 35.63 32.60
CA LEU A 91 -31.41 35.39 31.24
C LEU A 91 -31.75 36.60 30.39
N VAL A 92 -30.77 37.04 29.61
CA VAL A 92 -30.96 38.18 28.75
C VAL A 92 -30.68 37.77 27.32
N ILE A 93 -31.65 37.98 26.45
CA ILE A 93 -31.56 37.57 25.07
C ILE A 93 -31.39 38.79 24.20
N ILE A 94 -30.31 38.79 23.42
CA ILE A 94 -29.95 39.94 22.60
C ILE A 94 -30.25 39.70 21.14
N THR A 95 -31.20 40.47 20.61
CA THR A 95 -31.59 40.38 19.21
C THR A 95 -31.31 41.65 18.44
N ALA A 96 -30.90 42.70 19.14
CA ALA A 96 -30.60 43.98 18.47
C ALA A 96 -29.31 43.89 17.71
N GLY A 97 -29.20 44.70 16.66
CA GLY A 97 -28.01 44.73 15.83
C GLY A 97 -28.13 45.75 14.71
N ALA A 98 -27.05 45.96 13.99
CA ALA A 98 -27.03 46.91 12.89
C ALA A 98 -27.42 46.19 11.62
N ARG A 99 -28.24 46.86 10.81
CA ARG A 99 -28.66 46.34 9.51
C ARG A 99 -27.60 46.67 8.48
N GLN A 100 -27.30 45.73 7.60
CA GLN A 100 -26.18 45.86 6.66
C GLN A 100 -26.40 46.94 5.61
N GLN A 101 -25.33 47.59 5.21
CA GLN A 101 -25.41 48.52 4.07
C GLN A 101 -24.78 47.93 2.82
N GLU A 102 -25.34 48.26 1.67
CA GLU A 102 -24.83 47.70 0.41
C GLU A 102 -23.45 48.26 0.12
N GLY A 103 -22.50 47.37 -0.11
CA GLY A 103 -21.11 47.75 -0.40
C GLY A 103 -20.28 48.03 0.83
N GLU A 104 -20.85 47.78 1.99
CA GLU A 104 -20.14 47.86 3.26
C GLU A 104 -19.36 46.56 3.48
N SER A 105 -18.11 46.70 3.90
CA SER A 105 -17.27 45.56 4.17
C SER A 105 -17.75 44.79 5.40
N ARG A 106 -17.39 43.53 5.49
CA ARG A 106 -17.77 42.71 6.63
C ARG A 106 -17.24 43.30 7.93
N LEU A 107 -15.98 43.70 7.91
CA LEU A 107 -15.33 44.27 9.07
C LEU A 107 -16.07 45.52 9.54
N ASN A 108 -16.46 46.35 8.60
CA ASN A 108 -17.19 47.57 8.92
C ASN A 108 -18.52 47.30 9.60
N LEU A 109 -19.25 46.33 9.06
CA LEU A 109 -20.55 45.94 9.63
C LEU A 109 -20.38 45.48 11.07
N VAL A 110 -19.45 44.56 11.30
CA VAL A 110 -19.20 44.08 12.65
C VAL A 110 -18.86 45.24 13.59
N GLN A 111 -17.98 46.14 13.15
CA GLN A 111 -17.58 47.26 13.99
C GLN A 111 -18.77 48.11 14.42
N ARG A 112 -19.69 48.34 13.49
CA ARG A 112 -20.90 49.10 13.80
C ARG A 112 -21.72 48.40 14.88
N ASN A 113 -21.76 47.07 14.85
CA ASN A 113 -22.41 46.28 15.89
C ASN A 113 -21.66 46.35 17.21
N VAL A 114 -20.33 46.32 17.15
CA VAL A 114 -19.55 46.48 18.35
C VAL A 114 -19.95 47.77 19.04
N ASN A 115 -20.09 48.84 18.26
CA ASN A 115 -20.43 50.14 18.83
C ASN A 115 -21.79 50.10 19.51
N ILE A 116 -22.72 49.36 18.93
CA ILE A 116 -24.02 49.19 19.55
C ILE A 116 -23.90 48.37 20.84
N PHE A 117 -23.17 47.27 20.77
CA PHE A 117 -22.98 46.40 21.93
C PHE A 117 -22.26 47.10 23.07
N LYS A 118 -21.40 48.05 22.72
CA LYS A 118 -20.69 48.84 23.72
C LYS A 118 -21.65 49.63 24.58
N PHE A 119 -22.83 49.93 24.06
CA PHE A 119 -23.86 50.60 24.84
C PHE A 119 -24.73 49.57 25.58
N ILE A 120 -25.15 48.53 24.87
CA ILE A 120 -26.07 47.55 25.42
C ILE A 120 -25.47 46.72 26.57
N ILE A 121 -24.35 46.06 26.31
CA ILE A 121 -23.83 45.07 27.24
C ILE A 121 -23.53 45.62 28.63
N PRO A 122 -22.78 46.73 28.71
CA PRO A 122 -22.47 47.28 30.03
C PRO A 122 -23.73 47.59 30.83
N ASN A 123 -24.76 48.08 30.15
CA ASN A 123 -26.04 48.36 30.82
C ASN A 123 -26.73 47.10 31.30
N VAL A 124 -26.65 46.04 30.51
CA VAL A 124 -27.23 44.77 30.92
C VAL A 124 -26.52 44.27 32.16
N VAL A 125 -25.20 44.22 32.11
CA VAL A 125 -24.40 43.66 33.20
C VAL A 125 -24.55 44.47 34.48
N LYS A 126 -24.75 45.77 34.32
CA LYS A 126 -24.92 46.64 35.45
C LYS A 126 -26.12 46.24 36.27
N TYR A 127 -27.24 45.93 35.62
CA TYR A 127 -28.47 45.66 36.34
C TYR A 127 -28.73 44.18 36.60
N SER A 128 -28.05 43.29 35.89
CA SER A 128 -28.22 41.86 36.09
C SER A 128 -26.85 41.20 36.04
N PRO A 129 -26.03 41.46 37.07
CA PRO A 129 -24.64 40.98 37.09
C PRO A 129 -24.48 39.47 37.06
N HIS A 130 -25.53 38.72 37.40
CA HIS A 130 -25.43 37.26 37.45
C HIS A 130 -26.14 36.54 36.30
N CYS A 131 -26.60 37.31 35.31
CA CYS A 131 -27.39 36.75 34.25
C CYS A 131 -26.53 35.92 33.30
N LYS A 132 -27.22 35.14 32.46
CA LYS A 132 -26.58 34.54 31.31
C LYS A 132 -26.98 35.34 30.11
N LEU A 133 -26.03 35.49 29.18
CA LEU A 133 -26.28 36.20 27.95
C LEU A 133 -26.48 35.21 26.83
N LEU A 134 -27.55 35.40 26.08
CA LEU A 134 -27.81 34.60 24.90
C LEU A 134 -27.87 35.54 23.72
N VAL A 135 -26.89 35.42 22.83
CA VAL A 135 -26.78 36.31 21.68
C VAL A 135 -27.39 35.64 20.47
N VAL A 136 -28.27 36.37 19.79
CA VAL A 136 -28.97 35.86 18.61
C VAL A 136 -28.59 36.64 17.35
N SER A 137 -28.27 37.93 17.53
CA SER A 137 -27.88 38.81 16.43
C SER A 137 -26.78 38.24 15.56
N ASN A 138 -26.81 38.58 14.26
CA ASN A 138 -25.79 38.13 13.33
C ASN A 138 -24.77 39.18 13.00
N PRO A 139 -23.54 38.78 12.71
CA PRO A 139 -23.12 37.36 12.70
C PRO A 139 -22.87 36.82 14.10
N VAL A 140 -23.55 35.74 14.43
CA VAL A 140 -23.71 35.33 15.82
C VAL A 140 -22.41 34.90 16.48
N ASP A 141 -21.58 34.16 15.76
CA ASP A 141 -20.34 33.66 16.35
C ASP A 141 -19.43 34.82 16.74
N ILE A 142 -19.35 35.83 15.89
CA ILE A 142 -18.51 36.99 16.18
C ILE A 142 -19.10 37.88 17.26
N LEU A 143 -20.41 38.12 17.22
CA LEU A 143 -21.03 39.00 18.18
C LEU A 143 -21.10 38.37 19.57
N THR A 144 -21.12 37.05 19.63
CA THR A 144 -21.03 36.35 20.91
C THR A 144 -19.66 36.61 21.53
N TYR A 145 -18.63 36.59 20.70
CA TYR A 145 -17.28 36.95 21.14
C TYR A 145 -17.24 38.38 21.67
N VAL A 146 -17.84 39.30 20.91
CA VAL A 146 -17.87 40.70 21.31
C VAL A 146 -18.53 40.87 22.68
N ALA A 147 -19.68 40.24 22.86
CA ALA A 147 -20.41 40.33 24.12
C ALA A 147 -19.60 39.78 25.26
N TRP A 148 -18.91 38.68 25.01
CA TRP A 148 -18.06 38.07 26.02
C TRP A 148 -16.96 39.03 26.45
N LYS A 149 -16.25 39.57 25.45
CA LYS A 149 -15.19 40.53 25.68
C LYS A 149 -15.65 41.73 26.50
N ILE A 150 -16.75 42.34 26.09
CA ILE A 150 -17.24 43.55 26.74
C ILE A 150 -17.84 43.27 28.12
N SER A 151 -18.48 42.13 28.28
CA SER A 151 -19.16 41.83 29.55
C SER A 151 -18.16 41.52 30.64
N GLY A 152 -17.05 40.90 30.26
CA GLY A 152 -16.12 40.36 31.24
C GLY A 152 -16.66 39.16 31.99
N PHE A 153 -17.76 38.56 31.50
CA PHE A 153 -18.31 37.37 32.10
C PHE A 153 -17.38 36.19 31.77
N PRO A 154 -17.39 35.16 32.60
CA PRO A 154 -16.73 33.92 32.24
C PRO A 154 -17.51 33.26 31.10
N LYS A 155 -16.82 32.47 30.29
CA LYS A 155 -17.34 31.99 29.02
C LYS A 155 -18.56 31.06 29.13
N ASN A 156 -18.72 30.35 30.25
CA ASN A 156 -19.88 29.48 30.42
C ASN A 156 -21.20 30.27 30.40
N ARG A 157 -21.12 31.58 30.60
CA ARG A 157 -22.32 32.39 30.74
C ARG A 157 -22.61 33.27 29.53
N VAL A 158 -21.81 33.15 28.48
CA VAL A 158 -22.08 33.90 27.26
C VAL A 158 -22.27 32.89 26.15
N ILE A 159 -23.48 32.87 25.61
CA ILE A 159 -23.91 31.81 24.71
C ILE A 159 -24.41 32.41 23.41
N GLY A 160 -24.00 31.83 22.29
CA GLY A 160 -24.53 32.23 21.00
C GLY A 160 -25.50 31.18 20.49
N SER A 161 -26.59 31.60 19.87
CA SER A 161 -27.59 30.64 19.38
C SER A 161 -27.01 29.74 18.29
N GLY A 162 -25.96 30.21 17.62
CA GLY A 162 -25.20 29.38 16.68
C GLY A 162 -26.04 28.56 15.74
N CYS A 163 -25.75 27.25 15.69
CA CYS A 163 -26.37 26.35 14.72
C CYS A 163 -27.57 25.58 15.28
N ASN A 164 -28.17 26.07 16.36
CA ASN A 164 -29.33 25.40 16.93
C ASN A 164 -30.46 25.29 15.91
N LEU A 165 -30.78 26.41 15.27
CA LEU A 165 -31.87 26.42 14.30
C LEU A 165 -31.50 25.68 13.02
N ASP A 166 -30.26 25.86 12.56
CA ASP A 166 -29.81 25.17 11.36
C ASP A 166 -29.95 23.65 11.51
N SER A 167 -29.59 23.13 12.69
CA SER A 167 -29.76 21.70 12.97
C SER A 167 -31.24 21.31 12.99
N ALA A 168 -32.08 22.18 13.50
CA ALA A 168 -33.51 21.92 13.53
C ALA A 168 -34.11 21.86 12.12
N ARG A 169 -33.66 22.77 11.25
CA ARG A 169 -34.08 22.76 9.87
C ARG A 169 -33.61 21.48 9.20
N PHE A 170 -32.38 21.10 9.51
CA PHE A 170 -31.80 19.92 8.93
C PHE A 170 -32.62 18.68 9.27
N ARG A 171 -33.02 18.57 10.53
CA ARG A 171 -33.78 17.42 10.96
C ARG A 171 -35.17 17.39 10.35
N TYR A 172 -35.76 18.57 10.17
CA TYR A 172 -37.06 18.67 9.51
C TYR A 172 -36.97 18.11 8.09
N LEU A 173 -35.93 18.51 7.37
CA LEU A 173 -35.75 18.08 5.99
C LEU A 173 -35.44 16.58 5.89
N MET A 174 -34.63 16.07 6.82
CA MET A 174 -34.38 14.64 6.90
C MET A 174 -35.72 13.90 7.10
N GLY A 175 -36.53 14.42 8.01
CA GLY A 175 -37.82 13.82 8.30
C GLY A 175 -38.74 13.79 7.09
N GLU A 176 -38.74 14.87 6.33
CA GLU A 176 -39.55 14.92 5.11
C GLU A 176 -39.14 13.81 4.14
N ARG A 177 -37.84 13.62 3.99
CA ARG A 177 -37.35 12.58 3.09
C ARG A 177 -37.62 11.15 3.58
N LEU A 178 -37.64 10.94 4.88
CA LEU A 178 -37.78 9.59 5.42
C LEU A 178 -39.20 9.25 5.88
N GLY A 179 -40.06 10.25 5.99
CA GLY A 179 -41.43 10.04 6.44
C GLY A 179 -41.55 9.82 7.95
N VAL A 180 -40.61 10.39 8.70
CA VAL A 180 -40.60 10.31 10.15
C VAL A 180 -40.50 11.72 10.73
N HIS A 181 -40.99 11.89 11.95
CA HIS A 181 -40.97 13.21 12.59
C HIS A 181 -39.55 13.69 12.82
N ALA A 182 -39.35 15.00 12.78
CA ALA A 182 -38.02 15.58 13.01
C ALA A 182 -37.42 15.13 14.34
N LEU A 183 -38.27 14.91 15.32
CA LEU A 183 -37.86 14.50 16.66
C LEU A 183 -37.11 13.18 16.66
N SER A 184 -37.38 12.34 15.68
CA SER A 184 -36.80 11.00 15.64
C SER A 184 -35.69 10.89 14.61
N CYS A 185 -35.40 12.00 13.92
CA CYS A 185 -34.26 12.08 13.02
C CYS A 185 -33.16 12.81 13.75
N HIS A 186 -31.95 12.29 13.72
CA HIS A 186 -30.85 12.92 14.44
C HIS A 186 -29.71 13.29 13.53
N GLY A 187 -29.22 14.50 13.72
CA GLY A 187 -28.19 15.04 12.85
C GLY A 187 -27.70 16.37 13.41
N TRP A 188 -26.43 16.66 13.17
CA TRP A 188 -25.79 17.80 13.76
C TRP A 188 -25.10 18.67 12.70
N ILE A 189 -25.37 19.96 12.80
CA ILE A 189 -24.68 20.96 12.02
C ILE A 189 -23.82 21.76 12.97
N LEU A 190 -22.53 21.82 12.70
CA LEU A 190 -21.59 22.43 13.63
C LEU A 190 -20.77 23.54 12.98
N GLY A 191 -20.01 24.23 13.81
CA GLY A 191 -19.08 25.23 13.35
C GLY A 191 -19.67 26.60 13.18
N GLU A 192 -19.29 27.26 12.10
CA GLU A 192 -19.68 28.63 11.84
C GLU A 192 -21.09 28.66 11.28
N HIS A 193 -21.94 29.47 11.91
CA HIS A 193 -23.32 29.63 11.47
C HIS A 193 -23.36 30.21 10.06
N GLY A 194 -24.22 29.69 9.20
CA GLY A 194 -24.33 30.16 7.81
C GLY A 194 -23.63 29.27 6.80
N ASP A 195 -23.14 29.88 5.73
CA ASP A 195 -22.63 29.14 4.56
C ASP A 195 -21.54 28.11 4.84
N SER A 196 -20.74 28.33 5.89
CA SER A 196 -19.59 27.47 6.16
C SER A 196 -19.84 26.44 7.26
N SER A 197 -21.11 26.21 7.60
CA SER A 197 -21.45 25.18 8.59
C SER A 197 -21.00 23.80 8.13
N VAL A 198 -20.76 22.93 9.10
CA VAL A 198 -20.32 21.58 8.83
C VAL A 198 -21.43 20.58 9.17
N PRO A 199 -21.97 19.90 8.17
CA PRO A 199 -22.87 18.79 8.43
C PRO A 199 -22.07 17.54 8.77
N VAL A 200 -22.30 17.00 9.97
CA VAL A 200 -21.56 15.82 10.41
C VAL A 200 -22.29 14.54 9.99
N TRP A 201 -21.95 14.07 8.79
CA TRP A 201 -22.64 12.95 8.15
C TRP A 201 -22.56 11.67 8.97
N SER A 202 -21.40 11.45 9.58
CA SER A 202 -21.17 10.23 10.35
C SER A 202 -22.20 10.05 11.47
N GLY A 203 -22.61 11.16 12.07
CA GLY A 203 -23.53 11.12 13.21
C GLY A 203 -25.01 11.04 12.90
N MET A 204 -25.38 11.02 11.62
CA MET A 204 -26.78 11.03 11.25
C MET A 204 -27.42 9.68 11.38
N ASN A 205 -28.51 9.62 12.12
CA ASN A 205 -29.16 8.35 12.41
C ASN A 205 -30.66 8.46 12.68
N VAL A 206 -31.34 7.33 12.52
CA VAL A 206 -32.69 7.14 12.98
C VAL A 206 -32.67 5.87 13.82
N ALA A 207 -33.21 5.94 15.03
CA ALA A 207 -33.21 4.83 15.98
C ALA A 207 -31.82 4.22 16.15
N GLY A 208 -30.80 5.06 16.07
CA GLY A 208 -29.43 4.62 16.27
C GLY A 208 -28.82 3.88 15.10
N VAL A 209 -29.51 3.86 13.96
CA VAL A 209 -28.99 3.25 12.75
C VAL A 209 -28.29 4.32 11.93
N SER A 210 -26.98 4.19 11.75
CA SER A 210 -26.22 5.19 11.02
C SER A 210 -26.51 5.15 9.51
N LEU A 211 -26.91 6.28 8.96
CA LEU A 211 -27.25 6.37 7.54
C LEU A 211 -26.00 6.20 6.69
N LYS A 212 -24.87 6.73 7.15
CA LYS A 212 -23.60 6.60 6.43
C LYS A 212 -23.20 5.14 6.22
N THR A 213 -23.56 4.28 7.17
CA THR A 213 -23.29 2.84 7.08
C THR A 213 -24.15 2.17 6.02
N LEU A 214 -25.41 2.59 5.90
CA LEU A 214 -26.32 2.02 4.91
C LEU A 214 -26.08 2.57 3.52
N HIS A 215 -25.50 3.76 3.44
CA HIS A 215 -25.37 4.49 2.18
C HIS A 215 -24.02 5.18 2.24
N PRO A 216 -22.93 4.45 1.98
CA PRO A 216 -21.59 4.99 2.23
C PRO A 216 -21.25 6.27 1.45
N GLU A 217 -21.95 6.53 0.33
CA GLU A 217 -21.64 7.72 -0.46
C GLU A 217 -22.35 8.97 0.10
N LEU A 218 -23.13 8.79 1.16
CA LEU A 218 -23.86 9.88 1.81
C LEU A 218 -22.99 11.10 2.07
N GLY A 219 -23.38 12.24 1.54
CA GLY A 219 -22.67 13.48 1.76
C GLY A 219 -21.54 13.75 0.79
N THR A 220 -21.28 12.82 -0.11
CA THR A 220 -20.28 13.01 -1.16
C THR A 220 -20.98 13.47 -2.44
N ASP A 221 -20.23 13.59 -3.53
CA ASP A 221 -20.82 13.94 -4.83
C ASP A 221 -21.21 12.67 -5.62
N ALA A 222 -20.51 11.57 -5.38
CA ALA A 222 -20.91 10.25 -5.86
C ALA A 222 -22.33 9.89 -5.40
N ASP A 223 -22.82 10.60 -4.39
CA ASP A 223 -24.13 10.36 -3.79
C ASP A 223 -25.25 10.64 -4.78
N LYS A 224 -25.85 9.57 -5.29
CA LYS A 224 -26.92 9.66 -6.27
C LYS A 224 -28.23 10.19 -5.70
N GLU A 225 -28.33 10.25 -4.37
CA GLU A 225 -29.51 10.81 -3.71
C GLU A 225 -29.30 12.26 -3.30
N GLN A 226 -28.10 12.79 -3.58
CA GLN A 226 -27.80 14.20 -3.30
C GLN A 226 -28.15 14.65 -1.90
N TRP A 227 -27.68 13.95 -0.88
CA TRP A 227 -27.95 14.37 0.49
C TRP A 227 -27.18 15.65 0.80
N LYS A 228 -26.05 15.81 0.13
CA LYS A 228 -25.29 17.04 0.24
C LYS A 228 -26.19 18.25 -0.02
N GLN A 229 -27.17 18.08 -0.90
CA GLN A 229 -28.11 19.16 -1.22
C GLN A 229 -28.94 19.61 -0.03
N VAL A 230 -29.28 18.67 0.85
CA VAL A 230 -30.10 18.99 2.00
C VAL A 230 -29.43 20.03 2.87
N HIS A 231 -28.11 19.90 3.05
CA HIS A 231 -27.33 20.90 3.78
C HIS A 231 -27.36 22.25 3.08
N LYS A 232 -27.15 22.23 1.77
CA LYS A 232 -27.23 23.46 0.99
C LYS A 232 -28.61 24.11 1.19
N GLN A 233 -29.64 23.28 1.15
CA GLN A 233 -31.00 23.72 1.36
C GLN A 233 -31.18 24.42 2.70
N VAL A 234 -30.57 23.89 3.75
CA VAL A 234 -30.64 24.50 5.07
C VAL A 234 -30.07 25.91 5.05
N VAL A 235 -28.91 26.07 4.41
CA VAL A 235 -28.26 27.37 4.29
C VAL A 235 -29.12 28.34 3.46
N ASP A 236 -29.65 27.86 2.34
CA ASP A 236 -30.44 28.70 1.45
C ASP A 236 -31.82 29.07 2.04
N SER A 237 -32.40 28.16 2.82
CA SER A 237 -33.77 28.41 3.32
C SER A 237 -33.94 29.74 4.01
N ALA A 238 -32.94 30.18 4.75
CA ALA A 238 -32.98 31.48 5.40
C ALA A 238 -33.23 32.60 4.38
N TYR A 239 -32.44 32.62 3.32
CA TYR A 239 -32.58 33.64 2.27
C TYR A 239 -33.90 33.46 1.52
N GLU A 240 -34.22 32.21 1.21
CA GLU A 240 -35.49 31.90 0.56
C GLU A 240 -36.68 32.55 1.31
N VAL A 241 -36.69 32.42 2.63
CA VAL A 241 -37.78 32.97 3.44
C VAL A 241 -37.74 34.49 3.46
N ILE A 242 -36.56 35.07 3.55
CA ILE A 242 -36.41 36.54 3.51
C ILE A 242 -36.89 37.09 2.16
N LYS A 243 -36.56 36.41 1.09
CA LYS A 243 -37.03 36.79 -0.24
C LYS A 243 -38.56 36.77 -0.30
N LEU A 244 -39.16 35.81 0.39
CA LEU A 244 -40.59 35.59 0.31
C LEU A 244 -41.43 36.46 1.25
N LYS A 245 -41.02 36.61 2.50
CA LYS A 245 -41.78 37.40 3.46
C LYS A 245 -41.06 38.71 3.89
N GLY A 246 -39.77 38.78 3.58
CA GLY A 246 -38.97 39.94 4.00
C GLY A 246 -38.02 39.68 5.16
N TYR A 247 -38.27 38.62 5.93
CA TYR A 247 -37.48 38.37 7.14
C TYR A 247 -37.83 36.99 7.65
N THR A 248 -37.10 36.54 8.68
CA THR A 248 -37.38 35.30 9.37
C THR A 248 -37.72 35.61 10.82
N THR A 249 -38.64 34.85 11.38
CA THR A 249 -39.10 35.13 12.74
C THR A 249 -39.40 33.85 13.55
N TRP A 250 -40.37 33.08 13.09
CA TRP A 250 -41.04 32.11 13.91
C TRP A 250 -40.09 31.02 14.36
N ALA A 251 -39.33 30.48 13.42
CA ALA A 251 -38.44 29.38 13.70
C ALA A 251 -37.34 29.77 14.69
N ILE A 252 -36.80 30.97 14.53
CA ILE A 252 -35.78 31.46 15.45
C ILE A 252 -36.36 31.59 16.85
N GLY A 253 -37.57 32.15 16.93
CA GLY A 253 -38.25 32.35 18.21
C GLY A 253 -38.42 31.02 18.93
N LEU A 254 -38.83 30.00 18.21
CA LEU A 254 -39.03 28.69 18.80
C LEU A 254 -37.71 28.08 19.23
N SER A 255 -36.69 28.20 18.38
CA SER A 255 -35.36 27.69 18.69
C SER A 255 -34.81 28.34 19.95
N VAL A 256 -34.99 29.66 20.07
CA VAL A 256 -34.48 30.38 21.23
C VAL A 256 -35.22 29.98 22.50
N ALA A 257 -36.53 29.86 22.41
CA ALA A 257 -37.33 29.42 23.55
C ALA A 257 -36.89 28.04 24.02
N ASP A 258 -36.52 27.17 23.10
CA ASP A 258 -36.03 25.85 23.44
C ASP A 258 -34.76 25.95 24.29
N LEU A 259 -33.86 26.84 23.89
CA LEU A 259 -32.64 27.05 24.66
C LEU A 259 -32.97 27.61 26.03
N ALA A 260 -33.87 28.59 26.06
CA ALA A 260 -34.31 29.19 27.31
C ALA A 260 -34.88 28.15 28.25
N GLU A 261 -35.62 27.20 27.71
CA GLU A 261 -36.16 26.13 28.55
C GLU A 261 -35.06 25.34 29.25
N SER A 262 -34.03 24.94 28.51
CA SER A 262 -32.93 24.19 29.09
C SER A 262 -32.25 24.97 30.21
N ILE A 263 -32.12 26.28 30.01
CA ILE A 263 -31.49 27.14 30.99
C ILE A 263 -32.35 27.34 32.23
N MET A 264 -33.59 27.76 32.02
CA MET A 264 -34.47 28.09 33.14
C MET A 264 -34.83 26.87 33.97
N LYS A 265 -34.90 25.71 33.34
CA LYS A 265 -35.25 24.48 34.06
C LYS A 265 -34.06 23.58 34.37
N ASN A 266 -32.86 24.04 34.03
CA ASN A 266 -31.63 23.32 34.33
C ASN A 266 -31.67 21.87 33.84
N LEU A 267 -32.06 21.69 32.58
CA LEU A 267 -32.29 20.37 32.04
C LEU A 267 -31.01 19.62 31.71
N ARG A 268 -29.95 20.34 31.36
CA ARG A 268 -28.70 19.71 30.91
C ARG A 268 -28.95 18.87 29.67
N ARG A 269 -29.66 19.45 28.71
CA ARG A 269 -29.79 18.89 27.37
C ARG A 269 -28.62 19.35 26.53
N VAL A 270 -28.36 18.64 25.45
CA VAL A 270 -27.26 18.99 24.56
C VAL A 270 -27.79 19.72 23.34
N HIS A 271 -27.25 20.91 23.08
CA HIS A 271 -27.65 21.72 21.93
C HIS A 271 -26.41 22.12 21.13
N PRO A 272 -26.56 22.27 19.81
CA PRO A 272 -25.47 22.78 19.00
C PRO A 272 -25.48 24.29 19.04
N ILE A 273 -24.71 24.84 19.97
CA ILE A 273 -24.68 26.27 20.17
C ILE A 273 -23.26 26.79 20.21
N SER A 274 -23.13 28.10 20.08
CA SER A 274 -21.85 28.75 19.90
C SER A 274 -21.19 29.02 21.25
N THR A 275 -20.02 28.42 21.46
CA THR A 275 -19.23 28.63 22.67
C THR A 275 -17.77 28.82 22.29
N MET A 276 -16.97 29.34 23.21
CA MET A 276 -15.56 29.53 22.92
C MET A 276 -14.82 28.20 22.85
N LEU A 277 -14.12 27.97 21.77
CA LEU A 277 -13.56 26.70 21.45
C LEU A 277 -12.04 26.56 21.56
N LYS A 278 -11.38 27.59 22.07
CA LYS A 278 -9.93 27.55 22.15
C LYS A 278 -9.52 26.30 22.90
N GLY A 279 -8.62 25.53 22.30
CA GLY A 279 -8.13 24.32 22.94
C GLY A 279 -8.72 23.05 22.39
N LEU A 280 -9.66 23.16 21.45
CA LEU A 280 -10.27 21.99 20.85
C LEU A 280 -10.03 21.98 19.35
N TYR A 281 -9.86 20.78 18.81
CA TYR A 281 -9.54 20.59 17.40
C TYR A 281 -8.38 21.46 16.93
N GLY A 282 -7.36 21.63 17.79
CA GLY A 282 -6.18 22.39 17.41
C GLY A 282 -6.43 23.85 17.09
N ILE A 283 -7.50 24.41 17.64
CA ILE A 283 -7.80 25.82 17.51
C ILE A 283 -7.13 26.54 18.67
N LYS A 284 -6.35 27.57 18.37
CA LYS A 284 -5.57 28.24 19.41
C LYS A 284 -6.00 29.69 19.65
N GLU A 285 -7.03 30.13 18.95
CA GLU A 285 -7.46 31.51 19.06
C GLU A 285 -8.76 31.65 19.86
N ASP A 286 -9.03 32.85 20.35
CA ASP A 286 -10.27 33.12 21.06
C ASP A 286 -11.45 33.26 20.07
N VAL A 287 -12.01 32.13 19.65
CA VAL A 287 -13.16 32.16 18.75
C VAL A 287 -14.34 31.33 19.25
N PHE A 288 -15.54 31.74 18.87
CA PHE A 288 -16.74 30.98 19.20
C PHE A 288 -17.25 30.23 17.97
N LEU A 289 -17.56 28.96 18.15
CA LEU A 289 -18.18 28.16 17.10
C LEU A 289 -19.16 27.19 17.74
N SER A 290 -20.11 26.70 16.96
CA SER A 290 -21.10 25.79 17.48
C SER A 290 -20.54 24.39 17.62
N VAL A 291 -20.67 23.84 18.82
CA VAL A 291 -20.42 22.43 19.08
C VAL A 291 -21.51 21.99 20.05
N PRO A 292 -21.68 20.68 20.24
CA PRO A 292 -22.72 20.22 21.13
C PRO A 292 -22.39 20.56 22.57
N CYS A 293 -23.22 21.39 23.20
CA CYS A 293 -22.97 21.82 24.56
C CYS A 293 -24.07 21.38 25.50
N VAL A 294 -23.70 21.06 26.73
CA VAL A 294 -24.66 20.76 27.78
C VAL A 294 -25.09 22.06 28.41
N LEU A 295 -26.37 22.31 28.41
CA LEU A 295 -26.92 23.61 28.75
C LEU A 295 -27.84 23.49 29.96
N GLY A 296 -27.61 24.36 30.95
CA GLY A 296 -28.31 24.29 32.22
C GLY A 296 -28.35 25.65 32.88
N GLN A 297 -28.64 25.68 34.17
CA GLN A 297 -28.89 26.96 34.86
C GLN A 297 -27.66 27.84 34.93
N ASN A 298 -26.46 27.26 34.80
CA ASN A 298 -25.24 28.07 34.79
C ASN A 298 -24.66 28.23 33.41
N GLY A 299 -25.50 28.08 32.39
CA GLY A 299 -25.03 28.17 31.04
C GLY A 299 -24.38 26.88 30.62
N ILE A 300 -23.24 26.98 29.95
CA ILE A 300 -22.59 25.83 29.36
C ILE A 300 -21.60 25.21 30.34
N SER A 301 -21.93 24.02 30.83
CA SER A 301 -21.12 23.32 31.81
C SER A 301 -20.16 22.34 31.17
N ASP A 302 -20.53 21.79 30.03
CA ASP A 302 -19.74 20.76 29.39
C ASP A 302 -19.88 20.85 27.88
N VAL A 303 -18.90 20.32 27.18
CA VAL A 303 -18.93 20.25 25.72
C VAL A 303 -18.67 18.81 25.28
N VAL A 304 -19.39 18.36 24.25
CA VAL A 304 -19.19 17.01 23.75
C VAL A 304 -18.16 17.03 22.65
N LYS A 305 -17.14 16.19 22.80
CA LYS A 305 -16.05 16.10 21.83
C LYS A 305 -16.48 15.20 20.70
N VAL A 306 -16.93 15.80 19.61
CA VAL A 306 -17.38 15.03 18.48
C VAL A 306 -16.15 14.62 17.69
N THR A 307 -16.15 13.37 17.24
CA THR A 307 -15.04 12.85 16.46
C THR A 307 -15.21 13.28 14.99
N LEU A 308 -14.24 14.05 14.48
CA LEU A 308 -14.35 14.63 13.14
C LEU A 308 -13.31 14.09 12.18
N THR A 309 -13.67 14.02 10.90
CA THR A 309 -12.72 13.64 9.88
C THR A 309 -11.74 14.78 9.70
N SER A 310 -10.54 14.46 9.20
CA SER A 310 -9.54 15.48 8.91
C SER A 310 -10.09 16.60 8.03
N GLU A 311 -10.97 16.26 7.08
CA GLU A 311 -11.61 17.28 6.24
C GLU A 311 -12.44 18.22 7.05
N GLU A 312 -13.33 17.65 7.86
CA GLU A 312 -14.20 18.42 8.77
C GLU A 312 -13.38 19.30 9.70
N GLU A 313 -12.38 18.71 10.34
CA GLU A 313 -11.49 19.41 11.25
C GLU A 313 -10.81 20.61 10.58
N ALA A 314 -10.36 20.42 9.34
CA ALA A 314 -9.72 21.48 8.57
C ALA A 314 -10.70 22.59 8.30
N HIS A 315 -11.93 22.21 7.95
CA HIS A 315 -12.99 23.16 7.66
C HIS A 315 -13.23 24.11 8.84
N LEU A 316 -13.15 23.55 10.05
CA LEU A 316 -13.34 24.32 11.27
C LEU A 316 -12.20 25.29 11.50
N LYS A 317 -10.97 24.81 11.35
CA LYS A 317 -9.79 25.65 11.51
C LYS A 317 -9.83 26.81 10.55
N LYS A 318 -10.26 26.55 9.32
CA LYS A 318 -10.39 27.61 8.33
C LYS A 318 -11.33 28.70 8.86
N SER A 319 -12.49 28.29 9.34
CA SER A 319 -13.48 29.22 9.89
C SER A 319 -12.89 30.01 11.08
N ALA A 320 -12.18 29.33 11.96
CA ALA A 320 -11.55 29.98 13.09
C ALA A 320 -10.57 31.06 12.65
N ASP A 321 -9.73 30.73 11.66
CA ASP A 321 -8.78 31.69 11.11
C ASP A 321 -9.50 32.94 10.60
N THR A 322 -10.56 32.76 9.84
CA THR A 322 -11.28 33.88 9.27
C THR A 322 -11.86 34.78 10.36
N LEU A 323 -12.52 34.15 11.34
CA LEU A 323 -13.16 34.87 12.41
C LEU A 323 -12.13 35.67 13.19
N TRP A 324 -11.03 35.01 13.55
CA TRP A 324 -9.96 35.71 14.26
C TRP A 324 -9.42 36.87 13.45
N GLY A 325 -9.21 36.64 12.15
CA GLY A 325 -8.77 37.69 11.23
C GLY A 325 -9.55 38.98 11.40
N ILE A 326 -10.86 38.84 11.54
CA ILE A 326 -11.72 40.00 11.74
C ILE A 326 -11.66 40.51 13.18
N GLN A 327 -11.76 39.58 14.13
CA GLN A 327 -11.84 39.96 15.53
C GLN A 327 -10.62 40.76 15.97
N LYS A 328 -9.44 40.36 15.49
CA LYS A 328 -8.21 41.05 15.84
C LYS A 328 -8.19 42.50 15.36
N GLU A 329 -9.06 42.85 14.41
CA GLU A 329 -9.10 44.20 13.87
C GLU A 329 -10.11 45.11 14.58
N LEU A 330 -10.84 44.56 15.54
CA LEU A 330 -11.95 45.29 16.14
C LEU A 330 -11.50 46.27 17.22
N GLN A 331 -12.13 47.44 17.25
CA GLN A 331 -11.80 48.45 18.26
C GLN A 331 -12.84 48.44 19.35
N PHE A 332 -12.40 48.07 20.57
CA PHE A 332 -13.31 48.03 21.72
C PHE A 332 -13.25 49.32 22.54
N ALA B 2 -90.02 28.45 35.30
CA ALA B 2 -89.68 27.00 35.46
C ALA B 2 -88.48 26.82 36.39
N ALA B 3 -87.64 25.85 36.03
CA ALA B 3 -86.39 25.61 36.74
C ALA B 3 -85.47 26.83 36.67
N LEU B 4 -84.43 26.82 37.49
CA LEU B 4 -83.41 27.85 37.46
C LEU B 4 -82.64 27.77 36.15
N LYS B 5 -82.22 26.57 35.79
CA LYS B 5 -81.53 26.35 34.53
C LYS B 5 -82.26 27.01 33.34
N ASP B 6 -83.57 26.87 33.28
CA ASP B 6 -84.36 27.45 32.18
C ASP B 6 -84.44 28.97 32.25
N GLN B 7 -84.43 29.51 33.46
CA GLN B 7 -84.45 30.96 33.65
C GLN B 7 -83.12 31.58 33.26
N LEU B 8 -82.04 30.81 33.38
CA LEU B 8 -80.70 31.32 33.17
C LEU B 8 -80.15 31.05 31.77
N ILE B 9 -80.39 29.83 31.26
CA ILE B 9 -79.84 29.43 29.98
C ILE B 9 -80.93 29.25 28.94
N HIS B 10 -80.77 29.92 27.81
CA HIS B 10 -81.63 29.75 26.67
C HIS B 10 -81.00 28.78 25.68
N ASN B 11 -81.64 27.63 25.47
CA ASN B 11 -81.09 26.59 24.62
C ASN B 11 -81.37 26.89 23.15
N LEU B 12 -80.37 26.63 22.29
CA LEU B 12 -80.50 26.87 20.86
C LEU B 12 -80.39 25.59 20.05
N LEU B 13 -79.97 24.50 20.69
CA LEU B 13 -79.59 23.32 19.95
C LEU B 13 -79.66 22.11 20.87
N LYS B 14 -80.50 21.14 20.52
CA LYS B 14 -80.50 19.87 21.22
C LYS B 14 -79.80 18.97 20.24
N GLU B 15 -78.57 18.64 20.51
CA GLU B 15 -77.85 17.69 19.64
C GLU B 15 -77.12 16.72 20.55
N GLU B 16 -77.05 15.46 20.11
CA GLU B 16 -76.35 14.45 20.89
C GLU B 16 -74.90 14.44 20.45
N HIS B 17 -74.04 14.35 21.46
CA HIS B 17 -72.64 14.50 21.25
C HIS B 17 -72.08 13.12 20.85
N VAL B 18 -71.13 13.19 19.93
CA VAL B 18 -70.24 12.08 19.62
C VAL B 18 -68.82 12.58 19.89
N PRO B 19 -68.09 11.91 20.78
CA PRO B 19 -66.76 12.40 21.12
C PRO B 19 -65.77 12.24 19.97
N GLN B 20 -64.85 13.18 19.88
CA GLN B 20 -63.94 13.26 18.77
C GLN B 20 -62.63 12.60 19.05
N ASN B 21 -62.19 12.64 20.30
CA ASN B 21 -60.88 12.14 20.68
C ASN B 21 -60.93 11.36 21.96
N LYS B 22 -61.72 10.30 21.94
CA LYS B 22 -62.01 9.52 23.13
C LYS B 22 -60.97 8.44 23.37
N ILE B 23 -60.59 8.32 24.63
CA ILE B 23 -59.68 7.28 25.06
C ILE B 23 -60.32 6.49 26.18
N THR B 24 -60.16 5.17 26.11
CA THR B 24 -60.66 4.28 27.14
C THR B 24 -59.49 3.60 27.83
N VAL B 25 -59.54 3.54 29.16
CA VAL B 25 -58.61 2.73 29.92
C VAL B 25 -59.33 1.57 30.56
N VAL B 26 -58.83 0.36 30.30
CA VAL B 26 -59.38 -0.86 30.88
C VAL B 26 -58.51 -1.29 32.05
N GLY B 27 -59.11 -1.32 33.23
CA GLY B 27 -58.39 -1.67 34.44
C GLY B 27 -58.07 -0.41 35.24
N VAL B 28 -58.53 -0.35 36.48
CA VAL B 28 -58.28 0.81 37.33
C VAL B 28 -57.45 0.45 38.56
N GLY B 29 -56.53 -0.48 38.36
CA GLY B 29 -55.47 -0.72 39.32
C GLY B 29 -54.46 0.41 39.23
N ALA B 30 -53.36 0.26 39.93
CA ALA B 30 -52.36 1.32 40.02
C ALA B 30 -51.88 1.75 38.64
N VAL B 31 -51.64 0.79 37.77
CA VAL B 31 -51.14 1.08 36.43
C VAL B 31 -52.16 1.82 35.60
N GLY B 32 -53.39 1.31 35.60
CA GLY B 32 -54.49 1.97 34.88
C GLY B 32 -54.64 3.40 35.30
N MET B 33 -54.66 3.65 36.60
CA MET B 33 -54.89 4.99 37.10
C MET B 33 -53.73 5.92 36.79
N ALA B 34 -52.52 5.37 36.77
CA ALA B 34 -51.36 6.16 36.38
C ALA B 34 -51.44 6.56 34.90
N CYS B 35 -51.88 5.63 34.06
CA CYS B 35 -52.13 5.96 32.67
C CYS B 35 -53.20 7.03 32.57
N ALA B 36 -54.29 6.87 33.30
CA ALA B 36 -55.40 7.83 33.25
C ALA B 36 -54.95 9.24 33.60
N ILE B 37 -54.29 9.39 34.74
CA ILE B 37 -53.91 10.71 35.20
C ILE B 37 -52.91 11.36 34.23
N SER B 38 -51.98 10.57 33.71
CA SER B 38 -50.99 11.09 32.78
C SER B 38 -51.66 11.60 31.51
N ILE B 39 -52.66 10.85 31.04
CA ILE B 39 -53.40 11.22 29.84
C ILE B 39 -54.22 12.50 30.08
N LEU B 40 -54.88 12.57 31.23
CA LEU B 40 -55.68 13.75 31.58
C LEU B 40 -54.82 15.01 31.64
N MET B 41 -53.61 14.88 32.15
CA MET B 41 -52.75 16.03 32.32
C MET B 41 -52.04 16.44 31.04
N LYS B 42 -52.17 15.66 29.97
CA LYS B 42 -51.58 16.03 28.70
C LYS B 42 -52.62 16.46 27.68
N ASP B 43 -53.86 16.62 28.12
CA ASP B 43 -54.95 17.08 27.25
C ASP B 43 -55.02 16.29 25.94
N LEU B 44 -55.01 14.98 26.04
CA LEU B 44 -55.02 14.14 24.85
C LEU B 44 -56.41 13.71 24.43
N ALA B 45 -57.38 13.87 25.32
CA ALA B 45 -58.72 13.37 25.05
C ALA B 45 -59.80 14.36 25.43
N ASP B 46 -60.93 14.31 24.71
CA ASP B 46 -62.10 15.11 25.06
C ASP B 46 -63.11 14.28 25.86
N GLU B 47 -62.88 12.98 25.91
CA GLU B 47 -63.65 12.11 26.77
C GLU B 47 -62.79 10.93 27.19
N LEU B 48 -62.83 10.62 28.48
CA LEU B 48 -62.07 9.50 29.03
C LEU B 48 -63.01 8.52 29.68
N ALA B 49 -62.90 7.25 29.31
CA ALA B 49 -63.73 6.19 29.86
C ALA B 49 -62.89 5.20 30.65
N LEU B 50 -63.41 4.78 31.79
CA LEU B 50 -62.75 3.80 32.63
C LEU B 50 -63.65 2.60 32.78
N VAL B 51 -63.10 1.41 32.58
CA VAL B 51 -63.85 0.17 32.73
C VAL B 51 -63.08 -0.82 33.58
N ASP B 52 -63.79 -1.51 34.46
CA ASP B 52 -63.24 -2.58 35.28
C ASP B 52 -64.40 -3.41 35.81
N VAL B 53 -64.09 -4.50 36.50
CA VAL B 53 -65.13 -5.38 37.06
C VAL B 53 -65.55 -4.98 38.48
N MET B 54 -64.64 -4.33 39.20
CA MET B 54 -64.89 -3.90 40.57
C MET B 54 -65.64 -2.57 40.58
N GLU B 55 -66.95 -2.63 40.75
CA GLU B 55 -67.83 -1.47 40.56
C GLU B 55 -67.57 -0.32 41.54
N ASP B 56 -67.27 -0.66 42.79
CA ASP B 56 -67.01 0.35 43.80
C ASP B 56 -65.75 1.13 43.54
N LYS B 57 -64.64 0.43 43.41
CA LYS B 57 -63.37 1.04 43.09
C LYS B 57 -63.50 1.91 41.84
N LEU B 58 -64.20 1.38 40.84
CA LEU B 58 -64.38 2.05 39.57
C LEU B 58 -65.06 3.41 39.75
N LYS B 59 -66.22 3.37 40.40
CA LYS B 59 -66.98 4.56 40.63
C LYS B 59 -66.21 5.58 41.46
N GLY B 60 -65.48 5.09 42.45
CA GLY B 60 -64.71 5.97 43.33
C GLY B 60 -63.60 6.70 42.60
N GLU B 61 -62.88 5.99 41.76
CA GLU B 61 -61.82 6.58 40.94
C GLU B 61 -62.40 7.61 40.00
N MET B 62 -63.52 7.29 39.38
CA MET B 62 -64.19 8.23 38.49
C MET B 62 -64.55 9.53 39.20
N MET B 63 -65.18 9.42 40.37
CA MET B 63 -65.61 10.58 41.12
C MET B 63 -64.40 11.45 41.52
N ASP B 64 -63.35 10.80 42.00
CA ASP B 64 -62.16 11.50 42.44
C ASP B 64 -61.62 12.36 41.27
N LEU B 65 -61.55 11.77 40.09
CA LEU B 65 -61.11 12.49 38.91
C LEU B 65 -62.05 13.63 38.54
N GLN B 66 -63.34 13.36 38.54
CA GLN B 66 -64.34 14.37 38.20
C GLN B 66 -64.24 15.60 39.10
N HIS B 67 -63.93 15.39 40.38
CA HIS B 67 -63.85 16.49 41.30
C HIS B 67 -62.73 17.46 40.95
N GLY B 68 -61.78 16.99 40.15
CA GLY B 68 -60.68 17.82 39.67
C GLY B 68 -60.94 18.49 38.34
N SER B 69 -62.17 18.40 37.83
CA SER B 69 -62.51 18.94 36.50
C SER B 69 -62.11 20.38 36.29
N LEU B 70 -62.21 21.17 37.35
CA LEU B 70 -61.85 22.59 37.27
C LEU B 70 -60.41 22.77 36.80
N PHE B 71 -59.54 21.82 37.15
CA PHE B 71 -58.14 21.91 36.84
C PHE B 71 -57.74 21.14 35.60
N LEU B 72 -58.73 20.65 34.85
CA LEU B 72 -58.46 19.84 33.68
C LEU B 72 -59.15 20.46 32.46
N ARG B 73 -58.79 19.93 31.28
CA ARG B 73 -59.40 20.33 30.04
C ARG B 73 -59.96 19.11 29.32
N THR B 74 -60.45 18.16 30.10
CA THR B 74 -61.11 17.00 29.56
C THR B 74 -62.50 16.99 30.18
N PRO B 75 -63.50 17.42 29.41
CA PRO B 75 -64.79 17.76 30.00
C PRO B 75 -65.64 16.55 30.42
N LYS B 76 -65.35 15.36 29.90
CA LYS B 76 -66.18 14.21 30.21
C LYS B 76 -65.37 13.02 30.66
N ILE B 77 -65.66 12.56 31.87
CA ILE B 77 -65.02 11.39 32.38
C ILE B 77 -66.14 10.43 32.80
N VAL B 78 -66.09 9.22 32.28
CA VAL B 78 -67.16 8.26 32.51
C VAL B 78 -66.60 6.89 32.85
N SER B 79 -67.42 6.04 33.44
CA SER B 79 -67.00 4.72 33.84
C SER B 79 -68.19 3.78 33.89
N GLY B 80 -67.90 2.49 33.96
CA GLY B 80 -68.94 1.49 34.02
C GLY B 80 -68.40 0.10 33.87
N LYS B 81 -69.16 -0.88 34.34
CA LYS B 81 -68.86 -2.29 34.16
C LYS B 81 -69.20 -2.70 32.73
N ASP B 82 -70.23 -2.06 32.19
CA ASP B 82 -70.72 -2.32 30.85
C ASP B 82 -69.92 -1.56 29.79
N TYR B 83 -69.44 -2.28 28.77
CA TYR B 83 -68.56 -1.71 27.77
C TYR B 83 -69.20 -0.69 26.84
N SER B 84 -70.53 -0.57 26.86
CA SER B 84 -71.18 0.49 26.10
C SER B 84 -70.59 1.86 26.41
N VAL B 85 -70.12 2.09 27.63
CA VAL B 85 -69.51 3.37 27.97
C VAL B 85 -68.22 3.65 27.19
N THR B 86 -67.65 2.63 26.54
CA THR B 86 -66.41 2.79 25.80
C THR B 86 -66.62 3.11 24.33
N ALA B 87 -67.87 3.27 23.92
CA ALA B 87 -68.17 3.45 22.50
C ALA B 87 -67.41 4.61 21.86
N ASN B 88 -66.95 4.38 20.64
CA ASN B 88 -66.29 5.41 19.83
C ASN B 88 -64.96 5.86 20.36
N SER B 89 -64.23 4.96 21.00
CA SER B 89 -62.89 5.29 21.43
C SER B 89 -61.98 5.24 20.21
N LYS B 90 -61.06 6.19 20.13
CA LYS B 90 -60.01 6.15 19.11
C LYS B 90 -58.91 5.22 19.58
N LEU B 91 -58.74 5.15 20.90
CA LEU B 91 -57.65 4.40 21.51
C LEU B 91 -58.13 3.74 22.78
N VAL B 92 -57.85 2.45 22.89
CA VAL B 92 -58.23 1.68 24.07
C VAL B 92 -56.98 1.07 24.67
N ILE B 93 -56.74 1.39 25.94
CA ILE B 93 -55.55 0.96 26.63
C ILE B 93 -55.92 -0.12 27.63
N ILE B 94 -55.28 -1.28 27.49
CA ILE B 94 -55.61 -2.45 28.29
C ILE B 94 -54.55 -2.69 29.35
N THR B 95 -54.95 -2.53 30.62
CA THR B 95 -54.05 -2.75 31.75
C THR B 95 -54.53 -3.89 32.65
N ALA B 96 -55.72 -4.42 32.37
CA ALA B 96 -56.28 -5.49 33.18
C ALA B 96 -55.55 -6.79 32.91
N GLY B 97 -55.55 -7.66 33.90
CA GLY B 97 -54.89 -8.95 33.82
C GLY B 97 -55.32 -9.87 34.93
N ALA B 98 -54.77 -11.08 34.95
CA ALA B 98 -55.02 -12.01 36.02
C ALA B 98 -54.04 -11.78 37.15
N ARG B 99 -54.54 -11.85 38.38
CA ARG B 99 -53.70 -11.69 39.57
C ARG B 99 -53.05 -13.03 39.92
N GLN B 100 -51.76 -13.00 40.25
CA GLN B 100 -50.98 -14.24 40.25
C GLN B 100 -51.32 -15.13 41.43
N GLN B 101 -51.31 -16.45 41.20
CA GLN B 101 -51.43 -17.38 42.33
C GLN B 101 -50.11 -18.09 42.58
N GLU B 102 -49.81 -18.26 43.88
CA GLU B 102 -48.62 -18.96 44.30
C GLU B 102 -48.72 -20.44 43.88
N GLY B 103 -47.67 -20.89 43.21
CA GLY B 103 -47.59 -22.30 42.79
C GLY B 103 -48.18 -22.54 41.42
N GLU B 104 -48.69 -21.48 40.79
CA GLU B 104 -49.25 -21.56 39.46
C GLU B 104 -48.14 -21.52 38.41
N SER B 105 -48.21 -22.41 37.43
CA SER B 105 -47.25 -22.43 36.34
C SER B 105 -47.42 -21.20 35.42
N ARG B 106 -46.36 -20.86 34.70
CA ARG B 106 -46.40 -19.75 33.77
C ARG B 106 -47.48 -19.94 32.72
N LEU B 107 -47.55 -21.13 32.17
CA LEU B 107 -48.53 -21.44 31.11
C LEU B 107 -49.94 -21.24 31.63
N ASN B 108 -50.18 -21.70 32.86
CA ASN B 108 -51.49 -21.54 33.47
C ASN B 108 -51.89 -20.08 33.66
N LEU B 109 -50.94 -19.28 34.13
CA LEU B 109 -51.18 -17.85 34.31
C LEU B 109 -51.56 -17.18 32.98
N VAL B 110 -50.79 -17.41 31.94
CA VAL B 110 -51.09 -16.88 30.63
C VAL B 110 -52.51 -17.28 30.18
N GLN B 111 -52.82 -18.56 30.33
CA GLN B 111 -54.14 -19.07 29.90
C GLN B 111 -55.27 -18.32 30.63
N ARG B 112 -55.10 -18.08 31.92
CA ARG B 112 -56.08 -17.33 32.68
C ARG B 112 -56.26 -15.93 32.16
N ASN B 113 -55.18 -15.30 31.68
CA ASN B 113 -55.29 -14.00 31.03
C ASN B 113 -56.01 -14.09 29.70
N VAL B 114 -55.73 -15.15 28.94
CA VAL B 114 -56.46 -15.32 27.71
C VAL B 114 -57.96 -15.35 28.01
N ASN B 115 -58.34 -16.08 29.03
CA ASN B 115 -59.74 -16.20 29.40
C ASN B 115 -60.37 -14.87 29.75
N ILE B 116 -59.58 -14.01 30.40
CA ILE B 116 -60.04 -12.65 30.70
C ILE B 116 -60.18 -11.85 29.43
N PHE B 117 -59.17 -11.92 28.56
CA PHE B 117 -59.19 -11.17 27.29
C PHE B 117 -60.32 -11.63 26.38
N LYS B 118 -60.71 -12.91 26.51
CA LYS B 118 -61.82 -13.43 25.74
C LYS B 118 -63.11 -12.71 26.07
N PHE B 119 -63.21 -12.14 27.25
CA PHE B 119 -64.37 -11.34 27.63
C PHE B 119 -64.16 -9.88 27.22
N ILE B 120 -62.99 -9.34 27.52
CA ILE B 120 -62.70 -7.93 27.28
C ILE B 120 -62.69 -7.55 25.80
N ILE B 121 -61.87 -8.22 25.02
CA ILE B 121 -61.58 -7.77 23.66
C ILE B 121 -62.83 -7.70 22.76
N PRO B 122 -63.63 -8.78 22.71
CA PRO B 122 -64.83 -8.72 21.86
C PRO B 122 -65.74 -7.56 22.24
N ASN B 123 -65.86 -7.27 23.53
CA ASN B 123 -66.66 -6.14 23.98
C ASN B 123 -66.09 -4.79 23.55
N VAL B 124 -64.77 -4.67 23.59
CA VAL B 124 -64.12 -3.46 23.13
C VAL B 124 -64.40 -3.25 21.65
N VAL B 125 -64.14 -4.28 20.86
CA VAL B 125 -64.25 -4.19 19.39
C VAL B 125 -65.69 -3.94 18.98
N LYS B 126 -66.63 -4.47 19.74
CA LYS B 126 -68.03 -4.28 19.46
C LYS B 126 -68.40 -2.81 19.46
N TYR B 127 -67.92 -2.06 20.45
CA TYR B 127 -68.32 -0.67 20.61
C TYR B 127 -67.37 0.34 19.97
N SER B 128 -66.15 -0.07 19.66
CA SER B 128 -65.19 0.82 19.02
C SER B 128 -64.45 0.02 17.94
N PRO B 129 -65.16 -0.32 16.86
CA PRO B 129 -64.61 -1.17 15.80
C PRO B 129 -63.40 -0.58 15.08
N HIS B 130 -63.19 0.73 15.17
CA HIS B 130 -62.08 1.38 14.47
C HIS B 130 -60.93 1.82 15.36
N CYS B 131 -60.97 1.41 16.63
CA CYS B 131 -59.98 1.87 17.59
C CYS B 131 -58.62 1.22 17.35
N LYS B 132 -57.60 1.79 17.99
CA LYS B 132 -56.34 1.09 18.14
C LYS B 132 -56.30 0.51 19.54
N LEU B 133 -55.71 -0.67 19.65
CA LEU B 133 -55.52 -1.32 20.92
C LEU B 133 -54.08 -1.16 21.37
N LEU B 134 -53.92 -0.71 22.61
CA LEU B 134 -52.61 -0.62 23.22
C LEU B 134 -52.61 -1.52 24.44
N VAL B 135 -51.83 -2.59 24.39
CA VAL B 135 -51.78 -3.57 25.46
C VAL B 135 -50.60 -3.29 26.36
N VAL B 136 -50.88 -3.20 27.66
CA VAL B 136 -49.86 -2.90 28.67
C VAL B 136 -49.65 -4.08 29.63
N SER B 137 -50.71 -4.86 29.85
CA SER B 137 -50.67 -6.02 30.71
C SER B 137 -49.53 -6.98 30.40
N ASN B 138 -49.02 -7.63 31.44
CA ASN B 138 -47.93 -8.58 31.29
C ASN B 138 -48.40 -10.02 31.36
N PRO B 139 -47.72 -10.91 30.64
CA PRO B 139 -46.56 -10.59 29.80
C PRO B 139 -46.96 -9.97 28.46
N VAL B 140 -46.42 -8.80 28.18
CA VAL B 140 -47.00 -7.93 27.17
C VAL B 140 -46.87 -8.47 25.76
N ASP B 141 -45.73 -9.06 25.42
CA ASP B 141 -45.55 -9.52 24.05
C ASP B 141 -46.54 -10.64 23.74
N ILE B 142 -46.78 -11.52 24.70
CA ILE B 142 -47.74 -12.60 24.47
C ILE B 142 -49.19 -12.12 24.47
N LEU B 143 -49.52 -11.24 25.41
CA LEU B 143 -50.90 -10.77 25.51
C LEU B 143 -51.28 -9.86 24.35
N THR B 144 -50.28 -9.19 23.77
CA THR B 144 -50.53 -8.40 22.57
C THR B 144 -50.92 -9.32 21.42
N TYR B 145 -50.24 -10.46 21.34
CA TYR B 145 -50.61 -11.49 20.37
C TYR B 145 -52.03 -11.99 20.60
N VAL B 146 -52.36 -12.26 21.86
CA VAL B 146 -53.68 -12.75 22.21
C VAL B 146 -54.76 -11.75 21.76
N ALA B 147 -54.56 -10.48 22.08
CA ALA B 147 -55.52 -9.44 21.72
C ALA B 147 -55.68 -9.34 20.22
N TRP B 148 -54.57 -9.45 19.50
CA TRP B 148 -54.61 -9.41 18.05
C TRP B 148 -55.46 -10.57 17.50
N LYS B 149 -55.15 -11.77 17.96
CA LYS B 149 -55.87 -12.98 17.58
C LYS B 149 -57.37 -12.84 17.81
N ILE B 150 -57.75 -12.44 19.02
CA ILE B 150 -59.15 -12.37 19.39
C ILE B 150 -59.89 -11.21 18.71
N SER B 151 -59.21 -10.10 18.51
CA SER B 151 -59.85 -8.92 17.96
C SER B 151 -60.15 -9.08 16.49
N GLY B 152 -59.27 -9.81 15.79
CA GLY B 152 -59.33 -9.86 14.34
C GLY B 152 -58.94 -8.56 13.67
N PHE B 153 -58.35 -7.63 14.42
CA PHE B 153 -57.87 -6.38 13.86
C PHE B 153 -56.64 -6.66 13.01
N PRO B 154 -56.38 -5.80 12.03
CA PRO B 154 -55.12 -5.87 11.31
C PRO B 154 -53.99 -5.47 12.26
N LYS B 155 -52.79 -5.99 12.00
CA LYS B 155 -51.69 -5.88 12.96
C LYS B 155 -51.20 -4.45 13.25
N ASN B 156 -51.37 -3.53 12.31
CA ASN B 156 -50.97 -2.16 12.54
C ASN B 156 -51.72 -1.50 13.69
N ARG B 157 -52.85 -2.08 14.07
CA ARG B 157 -53.73 -1.46 15.04
C ARG B 157 -53.72 -2.14 16.40
N VAL B 158 -52.86 -3.15 16.57
CA VAL B 158 -52.71 -3.79 17.85
C VAL B 158 -51.26 -3.59 18.28
N ILE B 159 -51.09 -2.86 19.37
CA ILE B 159 -49.77 -2.41 19.80
C ILE B 159 -49.52 -2.83 21.25
N GLY B 160 -48.32 -3.35 21.50
CA GLY B 160 -47.89 -3.66 22.85
C GLY B 160 -46.90 -2.62 23.32
N SER B 161 -46.98 -2.24 24.59
CA SER B 161 -46.07 -1.22 25.13
C SER B 161 -44.63 -1.71 25.12
N GLY B 162 -44.43 -3.02 25.12
CA GLY B 162 -43.11 -3.62 24.92
C GLY B 162 -41.99 -2.96 25.70
N CYS B 163 -40.92 -2.60 24.99
CA CYS B 163 -39.70 -2.08 25.62
C CYS B 163 -39.62 -0.55 25.64
N ASN B 164 -40.75 0.12 25.51
CA ASN B 164 -40.75 1.59 25.54
C ASN B 164 -40.19 2.09 26.87
N LEU B 165 -40.71 1.55 27.97
CA LEU B 165 -40.26 1.98 29.28
C LEU B 165 -38.84 1.52 29.59
N ASP B 166 -38.53 0.29 29.22
CA ASP B 166 -37.17 -0.22 29.45
C ASP B 166 -36.12 0.67 28.77
N SER B 167 -36.40 1.11 27.56
CA SER B 167 -35.50 2.04 26.86
C SER B 167 -35.42 3.38 27.58
N ALA B 168 -36.54 3.83 28.14
CA ALA B 168 -36.55 5.08 28.89
C ALA B 168 -35.70 4.97 30.17
N ARG B 169 -35.81 3.84 30.85
CA ARG B 169 -34.97 3.58 32.02
C ARG B 169 -33.52 3.55 31.62
N PHE B 170 -33.25 2.91 30.50
CA PHE B 170 -31.90 2.79 30.01
C PHE B 170 -31.28 4.16 29.77
N ARG B 171 -32.03 5.05 29.14
CA ARG B 171 -31.53 6.37 28.83
C ARG B 171 -31.33 7.19 30.10
N TYR B 172 -32.21 7.01 31.07
CA TYR B 172 -32.06 7.69 32.35
C TYR B 172 -30.73 7.30 33.01
N LEU B 173 -30.44 6.01 33.02
CA LEU B 173 -29.22 5.50 33.62
C LEU B 173 -27.97 5.92 32.87
N MET B 174 -28.04 5.93 31.55
CA MET B 174 -26.95 6.46 30.73
C MET B 174 -26.70 7.91 31.11
N GLY B 175 -27.78 8.67 31.23
CA GLY B 175 -27.68 10.07 31.59
C GLY B 175 -27.06 10.29 32.94
N GLU B 176 -27.39 9.46 33.90
CA GLU B 176 -26.78 9.54 35.24
C GLU B 176 -25.29 9.36 35.14
N ARG B 177 -24.84 8.39 34.35
CA ARG B 177 -23.41 8.14 34.20
C ARG B 177 -22.67 9.24 33.45
N LEU B 178 -23.34 9.90 32.51
CA LEU B 178 -22.66 10.88 31.65
C LEU B 178 -22.91 12.33 32.06
N GLY B 179 -23.86 12.55 32.97
CA GLY B 179 -24.17 13.91 33.45
C GLY B 179 -24.97 14.72 32.45
N VAL B 180 -25.77 14.04 31.65
CA VAL B 180 -26.60 14.65 30.63
C VAL B 180 -28.04 14.15 30.79
N HIS B 181 -29.00 14.94 30.36
CA HIS B 181 -30.40 14.56 30.48
C HIS B 181 -30.71 13.33 29.64
N ALA B 182 -31.67 12.53 30.07
CA ALA B 182 -32.07 11.35 29.33
C ALA B 182 -32.46 11.67 27.89
N LEU B 183 -33.02 12.85 27.68
CA LEU B 183 -33.47 13.29 26.36
C LEU B 183 -32.34 13.34 25.36
N SER B 184 -31.12 13.56 25.84
CA SER B 184 -29.98 13.73 24.94
C SER B 184 -29.10 12.49 24.88
N CYS B 185 -29.49 11.45 25.63
CA CYS B 185 -28.84 10.15 25.54
C CYS B 185 -29.69 9.24 24.69
N HIS B 186 -29.09 8.56 23.73
CA HIS B 186 -29.86 7.71 22.84
C HIS B 186 -29.40 6.28 22.90
N GLY B 187 -30.37 5.37 22.99
CA GLY B 187 -30.10 3.96 23.17
C GLY B 187 -31.39 3.17 23.04
N TRP B 188 -31.26 1.94 22.56
CA TRP B 188 -32.42 1.14 22.25
C TRP B 188 -32.34 -0.23 22.90
N ILE B 189 -33.44 -0.61 23.55
CA ILE B 189 -33.62 -1.94 24.06
C ILE B 189 -34.72 -2.58 23.22
N LEU B 190 -34.44 -3.73 22.64
CA LEU B 190 -35.37 -4.39 21.73
C LEU B 190 -35.70 -5.80 22.14
N GLY B 191 -36.65 -6.40 21.42
CA GLY B 191 -37.01 -7.79 21.60
C GLY B 191 -38.05 -8.01 22.68
N GLU B 192 -37.84 -9.06 23.45
CA GLU B 192 -38.80 -9.49 24.45
C GLU B 192 -38.65 -8.65 25.69
N HIS B 193 -39.77 -8.12 26.15
CA HIS B 193 -39.80 -7.30 27.36
C HIS B 193 -39.35 -8.12 28.57
N GLY B 194 -38.53 -7.54 29.42
CA GLY B 194 -38.03 -8.23 30.61
C GLY B 194 -36.61 -8.77 30.48
N ASP B 195 -36.35 -9.87 31.17
CA ASP B 195 -34.99 -10.42 31.31
C ASP B 195 -34.24 -10.67 30.01
N SER B 196 -34.96 -10.95 28.93
CA SER B 196 -34.32 -11.35 27.67
C SER B 196 -34.23 -10.22 26.65
N SER B 197 -34.42 -8.98 27.09
CA SER B 197 -34.30 -7.84 26.19
C SER B 197 -32.90 -7.74 25.62
N VAL B 198 -32.81 -7.12 24.45
CA VAL B 198 -31.54 -6.93 23.76
C VAL B 198 -31.13 -5.47 23.76
N PRO B 199 -30.04 -5.14 24.46
CA PRO B 199 -29.48 -3.81 24.35
C PRO B 199 -28.63 -3.68 23.08
N VAL B 200 -29.00 -2.75 22.21
CA VAL B 200 -28.27 -2.56 20.96
C VAL B 200 -27.13 -1.55 21.15
N TRP B 201 -25.97 -2.09 21.52
CA TRP B 201 -24.80 -1.29 21.88
C TRP B 201 -24.33 -0.40 20.75
N SER B 202 -24.39 -0.92 19.52
CA SER B 202 -23.90 -0.18 18.36
C SER B 202 -24.60 1.17 18.21
N GLY B 203 -25.89 1.22 18.56
CA GLY B 203 -26.69 2.42 18.37
C GLY B 203 -26.62 3.47 19.45
N MET B 204 -25.86 3.22 20.50
CA MET B 204 -25.82 4.13 21.63
C MET B 204 -24.95 5.35 21.36
N ASN B 205 -25.53 6.53 21.54
CA ASN B 205 -24.83 7.76 21.24
C ASN B 205 -25.30 8.97 22.04
N VAL B 206 -24.43 9.96 22.11
CA VAL B 206 -24.77 11.29 22.56
C VAL B 206 -24.32 12.25 21.49
N ALA B 207 -25.21 13.13 21.06
CA ALA B 207 -24.92 14.07 19.98
C ALA B 207 -24.37 13.38 18.74
N GLY B 208 -24.82 12.16 18.50
CA GLY B 208 -24.40 11.42 17.31
C GLY B 208 -23.01 10.81 17.40
N VAL B 209 -22.39 10.87 18.59
CA VAL B 209 -21.09 10.25 18.80
C VAL B 209 -21.30 8.85 19.34
N SER B 210 -20.91 7.84 18.58
CA SER B 210 -21.12 6.45 19.00
C SER B 210 -20.18 6.06 20.13
N LEU B 211 -20.76 5.57 21.23
CA LEU B 211 -19.99 5.18 22.40
C LEU B 211 -19.13 3.96 22.10
N LYS B 212 -19.67 3.03 21.31
CA LYS B 212 -18.96 1.81 20.92
C LYS B 212 -17.66 2.13 20.16
N THR B 213 -17.66 3.21 19.40
CA THR B 213 -16.48 3.65 18.67
C THR B 213 -15.39 4.18 19.60
N LEU B 214 -15.79 4.90 20.65
CA LEU B 214 -14.83 5.45 21.60
C LEU B 214 -14.33 4.40 22.59
N HIS B 215 -15.13 3.36 22.79
CA HIS B 215 -14.86 2.38 23.83
C HIS B 215 -15.27 1.04 23.26
N PRO B 216 -14.42 0.44 22.43
CA PRO B 216 -14.83 -0.74 21.66
C PRO B 216 -15.27 -1.94 22.50
N GLU B 217 -14.85 -2.01 23.77
CA GLU B 217 -15.23 -3.16 24.61
C GLU B 217 -16.60 -2.95 25.25
N LEU B 218 -17.23 -1.81 24.96
CA LEU B 218 -18.58 -1.50 25.47
C LEU B 218 -19.56 -2.66 25.26
N GLY B 219 -20.15 -3.14 26.35
CA GLY B 219 -21.16 -4.19 26.24
C GLY B 219 -20.60 -5.59 26.29
N THR B 220 -19.28 -5.73 26.32
CA THR B 220 -18.62 -7.03 26.48
C THR B 220 -18.29 -7.23 27.95
N ASP B 221 -17.60 -8.33 28.25
CA ASP B 221 -17.13 -8.59 29.63
C ASP B 221 -15.72 -8.03 29.86
N ALA B 222 -14.94 -7.94 28.79
CA ALA B 222 -13.66 -7.22 28.80
C ALA B 222 -13.86 -5.75 29.23
N ASP B 223 -15.10 -5.28 29.15
CA ASP B 223 -15.45 -3.90 29.48
C ASP B 223 -15.20 -3.59 30.97
N LYS B 224 -14.15 -2.85 31.20
CA LYS B 224 -13.71 -2.45 32.53
C LYS B 224 -14.66 -1.45 33.20
N GLU B 225 -15.56 -0.84 32.42
CA GLU B 225 -16.53 0.10 32.95
C GLU B 225 -17.88 -0.57 33.18
N GLN B 226 -17.98 -1.86 32.86
CA GLN B 226 -19.18 -2.66 33.10
C GLN B 226 -20.44 -2.00 32.60
N TRP B 227 -20.49 -1.63 31.33
CA TRP B 227 -21.72 -1.05 30.78
C TRP B 227 -22.77 -2.11 30.64
N LYS B 228 -22.33 -3.34 30.46
CA LYS B 228 -23.24 -4.47 30.45
C LYS B 228 -24.12 -4.46 31.70
N GLN B 229 -23.58 -3.99 32.82
CA GLN B 229 -24.34 -3.87 34.07
C GLN B 229 -25.54 -2.95 33.97
N VAL B 230 -25.41 -1.88 33.19
CA VAL B 230 -26.50 -0.91 33.03
C VAL B 230 -27.75 -1.60 32.51
N HIS B 231 -27.58 -2.50 31.56
CA HIS B 231 -28.71 -3.26 31.04
C HIS B 231 -29.30 -4.15 32.12
N LYS B 232 -28.44 -4.86 32.85
CA LYS B 232 -28.89 -5.69 33.96
C LYS B 232 -29.68 -4.84 34.94
N GLN B 233 -29.17 -3.65 35.21
CA GLN B 233 -29.82 -2.70 36.11
C GLN B 233 -31.22 -2.34 35.64
N VAL B 234 -31.40 -2.16 34.34
CA VAL B 234 -32.72 -1.87 33.79
C VAL B 234 -33.71 -3.00 34.09
N VAL B 235 -33.25 -4.23 33.88
CA VAL B 235 -34.07 -5.41 34.16
C VAL B 235 -34.39 -5.53 35.66
N ASP B 236 -33.38 -5.32 36.48
CA ASP B 236 -33.54 -5.42 37.93
C ASP B 236 -34.40 -4.30 38.50
N SER B 237 -34.27 -3.08 37.99
CA SER B 237 -34.95 -1.93 38.61
C SER B 237 -36.45 -2.14 38.79
N ALA B 238 -37.10 -2.85 37.88
CA ALA B 238 -38.47 -3.20 38.04
C ALA B 238 -38.74 -3.96 39.34
N TYR B 239 -37.98 -5.01 39.59
CA TYR B 239 -38.13 -5.81 40.83
C TYR B 239 -37.69 -4.98 42.01
N GLU B 240 -36.60 -4.24 41.90
CA GLU B 240 -36.17 -3.35 42.99
C GLU B 240 -37.31 -2.46 43.48
N VAL B 241 -38.06 -1.86 42.55
CA VAL B 241 -39.15 -0.96 42.91
C VAL B 241 -40.32 -1.73 43.52
N ILE B 242 -40.63 -2.90 42.98
CA ILE B 242 -41.69 -3.74 43.53
C ILE B 242 -41.35 -4.20 44.94
N LYS B 243 -40.10 -4.55 45.18
CA LYS B 243 -39.62 -4.95 46.50
C LYS B 243 -39.82 -3.80 47.48
N LEU B 244 -39.61 -2.57 47.01
CA LEU B 244 -39.59 -1.41 47.87
C LEU B 244 -40.97 -0.83 48.14
N LYS B 245 -41.79 -0.66 47.11
CA LYS B 245 -43.10 -0.05 47.30
C LYS B 245 -44.26 -0.96 46.94
N GLY B 246 -43.96 -2.15 46.44
CA GLY B 246 -44.99 -3.14 46.14
C GLY B 246 -45.36 -3.33 44.68
N TYR B 247 -45.08 -2.34 43.84
CA TYR B 247 -45.53 -2.34 42.46
C TYR B 247 -44.89 -1.16 41.74
N THR B 248 -45.07 -1.07 40.42
CA THR B 248 -44.63 0.07 39.64
C THR B 248 -45.84 0.74 39.00
N THR B 249 -45.81 2.05 38.90
CA THR B 249 -46.93 2.79 38.33
C THR B 249 -46.55 4.01 37.52
N TRP B 250 -45.81 4.93 38.11
CA TRP B 250 -45.68 6.26 37.55
C TRP B 250 -44.99 6.25 36.21
N ALA B 251 -43.87 5.53 36.14
CA ALA B 251 -43.09 5.47 34.92
C ALA B 251 -43.85 4.84 33.76
N ILE B 252 -44.60 3.79 34.04
CA ILE B 252 -45.40 3.15 33.02
C ILE B 252 -46.46 4.13 32.51
N GLY B 253 -47.11 4.83 33.43
CA GLY B 253 -48.15 5.80 33.08
C GLY B 253 -47.62 6.84 32.14
N LEU B 254 -46.44 7.37 32.45
CA LEU B 254 -45.83 8.39 31.61
C LEU B 254 -45.44 7.82 30.25
N SER B 255 -44.86 6.62 30.25
CA SER B 255 -44.45 5.97 29.01
C SER B 255 -45.67 5.72 28.11
N VAL B 256 -46.78 5.30 28.69
CA VAL B 256 -47.97 5.03 27.92
C VAL B 256 -48.57 6.31 27.36
N ALA B 257 -48.61 7.36 28.16
CA ALA B 257 -49.10 8.65 27.71
C ALA B 257 -48.27 9.16 26.53
N ASP B 258 -46.97 8.91 26.56
CA ASP B 258 -46.10 9.29 25.46
C ASP B 258 -46.52 8.60 24.16
N LEU B 259 -46.85 7.31 24.26
CA LEU B 259 -47.32 6.58 23.09
C LEU B 259 -48.64 7.15 22.61
N ALA B 260 -49.54 7.40 23.56
CA ALA B 260 -50.85 7.97 23.25
C ALA B 260 -50.69 9.29 22.51
N GLU B 261 -49.74 10.10 22.92
CA GLU B 261 -49.49 11.37 22.25
C GLU B 261 -49.15 11.17 20.76
N SER B 262 -48.25 10.25 20.47
CA SER B 262 -47.87 9.99 19.08
C SER B 262 -49.08 9.54 18.26
N ILE B 263 -49.94 8.75 18.86
CA ILE B 263 -51.12 8.25 18.17
C ILE B 263 -52.16 9.36 17.97
N MET B 264 -52.54 10.03 19.04
CA MET B 264 -53.59 11.02 18.97
C MET B 264 -53.21 12.21 18.11
N LYS B 265 -51.94 12.56 18.07
CA LYS B 265 -51.48 13.71 17.28
C LYS B 265 -50.79 13.33 15.97
N ASN B 266 -50.77 12.04 15.67
CA ASN B 266 -50.21 11.53 14.42
C ASN B 266 -48.79 12.03 14.16
N LEU B 267 -47.94 11.91 15.16
CA LEU B 267 -46.61 12.47 15.10
C LEU B 267 -45.64 11.69 14.22
N ARG B 268 -45.85 10.38 14.13
CA ARG B 268 -44.92 9.51 13.39
C ARG B 268 -43.53 9.58 14.01
N ARG B 269 -43.49 9.49 15.33
CA ARG B 269 -42.24 9.31 16.06
C ARG B 269 -41.90 7.83 16.09
N VAL B 270 -40.64 7.51 16.35
CA VAL B 270 -40.21 6.13 16.45
C VAL B 270 -40.10 5.71 17.91
N HIS B 271 -40.78 4.63 18.25
CA HIS B 271 -40.76 4.08 19.60
C HIS B 271 -40.40 2.60 19.56
N PRO B 272 -39.71 2.10 20.61
CA PRO B 272 -39.46 0.69 20.71
C PRO B 272 -40.66 0.02 21.31
N ILE B 273 -41.56 -0.46 20.46
CA ILE B 273 -42.80 -1.06 20.93
C ILE B 273 -43.03 -2.40 20.27
N SER B 274 -43.94 -3.16 20.84
CA SER B 274 -44.15 -4.53 20.45
C SER B 274 -45.13 -4.62 19.29
N THR B 275 -44.65 -5.16 18.18
CA THR B 275 -45.46 -5.36 16.98
C THR B 275 -45.20 -6.75 16.42
N MET B 276 -46.07 -7.21 15.54
CA MET B 276 -45.88 -8.53 14.95
C MET B 276 -44.70 -8.49 13.96
N LEU B 277 -43.79 -9.41 14.14
CA LEU B 277 -42.53 -9.38 13.50
C LEU B 277 -42.29 -10.43 12.43
N LYS B 278 -43.32 -11.23 12.13
CA LYS B 278 -43.12 -12.33 11.19
C LYS B 278 -42.57 -11.75 9.90
N GLY B 279 -41.47 -12.31 9.42
CA GLY B 279 -40.89 -11.85 8.17
C GLY B 279 -39.66 -10.98 8.33
N LEU B 280 -39.29 -10.68 9.57
CA LEU B 280 -38.10 -9.87 9.83
C LEU B 280 -37.10 -10.63 10.66
N TYR B 281 -35.82 -10.40 10.40
CA TYR B 281 -34.74 -11.12 11.05
C TYR B 281 -34.95 -12.63 11.05
N GLY B 282 -35.47 -13.18 9.95
CA GLY B 282 -35.62 -14.62 9.83
C GLY B 282 -36.57 -15.24 10.85
N ILE B 283 -37.52 -14.44 11.31
CA ILE B 283 -38.55 -14.95 12.20
C ILE B 283 -39.72 -15.40 11.34
N LYS B 284 -40.17 -16.64 11.52
CA LYS B 284 -41.24 -17.17 10.66
C LYS B 284 -42.53 -17.45 11.42
N GLU B 285 -42.56 -17.14 12.70
CA GLU B 285 -43.75 -17.41 13.51
C GLU B 285 -44.56 -16.15 13.80
N ASP B 286 -45.82 -16.33 14.17
CA ASP B 286 -46.69 -15.23 14.56
C ASP B 286 -46.34 -14.74 15.97
N VAL B 287 -45.30 -13.92 16.10
CA VAL B 287 -44.91 -13.38 17.39
C VAL B 287 -44.77 -11.86 17.39
N PHE B 288 -45.00 -11.27 18.55
CA PHE B 288 -44.79 -9.86 18.76
C PHE B 288 -43.52 -9.64 19.56
N LEU B 289 -42.68 -8.72 19.08
CA LEU B 289 -41.51 -8.29 19.84
C LEU B 289 -41.27 -6.81 19.57
N SER B 290 -40.53 -6.17 20.46
CA SER B 290 -40.27 -4.76 20.33
C SER B 290 -39.20 -4.50 19.28
N VAL B 291 -39.54 -3.64 18.32
CA VAL B 291 -38.58 -3.07 17.40
C VAL B 291 -38.96 -1.61 17.26
N PRO B 292 -38.06 -0.81 16.66
CA PRO B 292 -38.40 0.60 16.50
C PRO B 292 -39.50 0.79 15.48
N CYS B 293 -40.64 1.31 15.92
CA CYS B 293 -41.80 1.46 15.06
C CYS B 293 -42.18 2.91 14.90
N VAL B 294 -42.66 3.25 13.71
CA VAL B 294 -43.22 4.57 13.47
C VAL B 294 -44.69 4.54 13.88
N LEU B 295 -45.05 5.44 14.78
CA LEU B 295 -46.34 5.41 15.43
C LEU B 295 -47.12 6.67 15.11
N GLY B 296 -48.38 6.50 14.69
CA GLY B 296 -49.21 7.60 14.24
C GLY B 296 -50.68 7.26 14.39
N GLN B 297 -51.54 7.99 13.69
CA GLN B 297 -52.98 7.86 13.91
C GLN B 297 -53.53 6.52 13.48
N ASN B 298 -52.81 5.80 12.62
CA ASN B 298 -53.22 4.47 12.19
C ASN B 298 -52.44 3.37 12.87
N GLY B 299 -51.83 3.68 14.01
CA GLY B 299 -51.01 2.72 14.70
C GLY B 299 -49.64 2.63 14.05
N ILE B 300 -49.16 1.42 13.89
CA ILE B 300 -47.81 1.19 13.39
C ILE B 300 -47.81 1.07 11.88
N SER B 301 -47.25 2.07 11.21
CA SER B 301 -47.24 2.12 9.76
C SER B 301 -45.96 1.56 9.18
N ASP B 302 -44.86 1.70 9.92
CA ASP B 302 -43.56 1.32 9.41
C ASP B 302 -42.70 0.82 10.55
N VAL B 303 -41.67 0.05 10.20
CA VAL B 303 -40.69 -0.44 11.16
C VAL B 303 -39.29 -0.08 10.66
N VAL B 304 -38.41 0.28 11.59
CA VAL B 304 -37.04 0.61 11.23
C VAL B 304 -36.19 -0.65 11.31
N LYS B 305 -35.49 -0.96 10.21
CA LYS B 305 -34.63 -2.12 10.16
C LYS B 305 -33.30 -1.82 10.81
N VAL B 306 -33.15 -2.22 12.05
CA VAL B 306 -31.91 -2.02 12.75
C VAL B 306 -30.95 -3.11 12.34
N THR B 307 -29.70 -2.74 12.09
CA THR B 307 -28.69 -3.72 11.72
C THR B 307 -28.16 -4.39 13.00
N LEU B 308 -28.31 -5.70 13.10
CA LEU B 308 -27.95 -6.43 14.32
C LEU B 308 -26.80 -7.40 14.07
N THR B 309 -25.98 -7.61 15.09
CA THR B 309 -24.94 -8.60 15.05
C THR B 309 -25.60 -9.98 15.06
N SER B 310 -24.90 -10.97 14.53
CA SER B 310 -25.41 -12.33 14.52
C SER B 310 -25.78 -12.80 15.94
N GLU B 311 -25.04 -12.36 16.95
CA GLU B 311 -25.36 -12.69 18.35
C GLU B 311 -26.73 -12.13 18.74
N GLU B 312 -26.89 -10.83 18.50
CA GLU B 312 -28.16 -10.16 18.80
C GLU B 312 -29.33 -10.78 18.02
N GLU B 313 -29.13 -11.00 16.74
CA GLU B 313 -30.13 -11.63 15.89
C GLU B 313 -30.56 -13.01 16.41
N ALA B 314 -29.59 -13.78 16.87
CA ALA B 314 -29.86 -15.11 17.44
C ALA B 314 -30.67 -14.98 18.71
N HIS B 315 -30.32 -14.00 19.53
CA HIS B 315 -31.03 -13.75 20.78
C HIS B 315 -32.51 -13.49 20.55
N LEU B 316 -32.82 -12.79 19.46
CA LEU B 316 -34.20 -12.50 19.09
C LEU B 316 -34.93 -13.75 18.66
N LYS B 317 -34.30 -14.54 17.80
CA LYS B 317 -34.89 -15.79 17.32
C LYS B 317 -35.18 -16.72 18.49
N LYS B 318 -34.28 -16.76 19.46
CA LYS B 318 -34.49 -17.56 20.65
C LYS B 318 -35.78 -17.13 21.34
N SER B 319 -35.93 -15.82 21.56
CA SER B 319 -37.13 -15.27 22.19
C SER B 319 -38.39 -15.62 21.39
N ALA B 320 -38.33 -15.51 20.08
CA ALA B 320 -39.46 -15.87 19.24
C ALA B 320 -39.85 -17.33 19.43
N ASP B 321 -38.87 -18.22 19.43
CA ASP B 321 -39.11 -19.64 19.66
C ASP B 321 -39.84 -19.87 20.97
N THR B 322 -39.36 -19.25 22.04
CA THR B 322 -39.96 -19.44 23.36
C THR B 322 -41.41 -18.97 23.38
N LEU B 323 -41.63 -17.77 22.85
CA LEU B 323 -42.98 -17.20 22.84
C LEU B 323 -43.93 -18.06 22.06
N TRP B 324 -43.49 -18.48 20.87
CA TRP B 324 -44.32 -19.37 20.07
C TRP B 324 -44.61 -20.67 20.81
N GLY B 325 -43.59 -21.23 21.44
CA GLY B 325 -43.74 -22.44 22.26
C GLY B 325 -44.92 -22.35 23.20
N ILE B 326 -45.09 -21.20 23.83
CA ILE B 326 -46.20 -20.98 24.73
C ILE B 326 -47.51 -20.71 23.98
N GLN B 327 -47.44 -19.83 22.99
CA GLN B 327 -48.63 -19.42 22.26
C GLN B 327 -49.34 -20.60 21.62
N LYS B 328 -48.57 -21.52 21.07
CA LYS B 328 -49.13 -22.70 20.42
C LYS B 328 -49.90 -23.59 21.39
N GLU B 329 -49.68 -23.43 22.68
CA GLU B 329 -50.34 -24.26 23.69
C GLU B 329 -51.63 -23.60 24.23
N LEU B 330 -51.95 -22.41 23.77
CA LEU B 330 -53.06 -21.65 24.33
C LEU B 330 -54.39 -22.08 23.72
N GLN B 331 -55.42 -22.11 24.55
CA GLN B 331 -56.78 -22.42 24.12
C GLN B 331 -57.58 -21.15 23.92
N PHE B 332 -57.97 -20.88 22.67
CA PHE B 332 -58.79 -19.72 22.34
C PHE B 332 -60.27 -20.03 22.29
N ALA C 2 -8.92 7.98 29.62
CA ALA C 2 -9.16 6.55 29.28
C ALA C 2 -10.58 6.14 29.61
N ALA C 3 -11.19 6.73 30.65
CA ALA C 3 -12.63 6.51 30.88
C ALA C 3 -13.44 7.13 29.73
N LEU C 4 -14.66 6.61 29.57
CA LEU C 4 -15.45 6.96 28.39
C LEU C 4 -15.93 8.38 28.55
N LYS C 5 -16.46 8.68 29.73
CA LYS C 5 -16.95 10.02 30.03
C LYS C 5 -15.92 11.09 29.67
N ASP C 6 -14.66 10.84 30.00
CA ASP C 6 -13.59 11.84 29.74
C ASP C 6 -13.28 11.95 28.26
N GLN C 7 -13.41 10.85 27.52
CA GLN C 7 -13.17 10.87 26.09
C GLN C 7 -14.27 11.59 25.35
N LEU C 8 -15.47 11.59 25.93
CA LEU C 8 -16.66 12.14 25.27
C LEU C 8 -16.97 13.58 25.69
N ILE C 9 -16.85 13.85 26.98
CA ILE C 9 -17.28 15.13 27.53
C ILE C 9 -16.09 15.94 28.05
N HIS C 10 -16.01 17.17 27.60
CA HIS C 10 -15.08 18.15 28.15
C HIS C 10 -15.79 19.02 29.19
N ASN C 11 -15.38 18.91 30.44
CA ASN C 11 -16.03 19.61 31.53
C ASN C 11 -15.56 21.07 31.60
N LEU C 12 -16.47 21.98 31.90
CA LEU C 12 -16.09 23.39 32.14
C LEU C 12 -16.22 23.87 33.57
N LEU C 13 -17.02 23.15 34.34
CA LEU C 13 -17.41 23.66 35.66
C LEU C 13 -17.88 22.46 36.48
N LYS C 14 -17.23 22.26 37.63
CA LYS C 14 -17.82 21.44 38.69
C LYS C 14 -18.56 22.38 39.64
N GLU C 15 -19.74 22.76 39.22
CA GLU C 15 -20.54 23.76 39.92
C GLU C 15 -21.38 23.05 40.98
N GLU C 16 -21.83 23.80 41.98
CA GLU C 16 -22.74 23.26 42.95
C GLU C 16 -24.15 23.43 42.45
N HIS C 17 -24.93 22.38 42.63
CA HIS C 17 -26.36 22.47 42.45
C HIS C 17 -26.81 23.43 43.55
N VAL C 18 -27.32 24.61 43.18
CA VAL C 18 -28.26 25.30 44.08
C VAL C 18 -29.56 25.45 43.33
N PRO C 19 -30.63 24.78 43.81
CA PRO C 19 -31.83 24.76 42.99
C PRO C 19 -32.55 26.10 43.08
N GLN C 20 -33.21 26.48 42.01
CA GLN C 20 -33.84 27.79 41.90
C GLN C 20 -35.30 27.74 42.26
N ASN C 21 -35.95 26.62 41.98
CA ASN C 21 -37.40 26.50 42.16
C ASN C 21 -37.78 25.17 42.75
N LYS C 22 -37.25 24.91 43.93
CA LYS C 22 -37.37 23.62 44.56
C LYS C 22 -38.64 23.51 45.38
N ILE C 23 -39.29 22.36 45.26
CA ILE C 23 -40.47 22.06 46.03
C ILE C 23 -40.25 20.75 46.76
N THR C 24 -40.67 20.73 48.02
CA THR C 24 -40.59 19.53 48.84
C THR C 24 -41.99 19.06 49.17
N VAL C 25 -42.22 17.75 49.05
CA VAL C 25 -43.43 17.16 49.57
C VAL C 25 -43.11 16.25 50.75
N VAL C 26 -43.78 16.51 51.87
CA VAL C 26 -43.63 15.71 53.07
C VAL C 26 -44.79 14.73 53.17
N GLY C 27 -44.46 13.44 53.15
CA GLY C 27 -45.47 12.40 53.16
C GLY C 27 -45.63 11.81 51.77
N VAL C 28 -45.42 10.50 51.64
CA VAL C 28 -45.56 9.82 50.36
C VAL C 28 -46.67 8.78 50.39
N GLY C 29 -47.72 9.10 51.14
CA GLY C 29 -48.97 8.37 51.01
C GLY C 29 -49.64 8.78 49.72
N ALA C 30 -50.87 8.32 49.53
CA ALA C 30 -51.57 8.55 48.27
C ALA C 30 -51.69 10.04 47.95
N VAL C 31 -51.98 10.85 48.97
CA VAL C 31 -52.14 12.27 48.78
C VAL C 31 -50.82 12.95 48.40
N GLY C 32 -49.78 12.63 49.13
CA GLY C 32 -48.45 13.15 48.81
C GLY C 32 -48.05 12.86 47.39
N MET C 33 -48.22 11.61 46.99
CA MET C 33 -47.78 11.19 45.66
C MET C 33 -48.63 11.84 44.57
N ALA C 34 -49.90 12.06 44.85
CA ALA C 34 -50.77 12.77 43.92
C ALA C 34 -50.33 14.22 43.74
N CYS C 35 -49.95 14.87 44.84
CA CYS C 35 -49.39 16.20 44.78
C CYS C 35 -48.10 16.17 43.95
N ALA C 36 -47.24 15.20 44.23
CA ALA C 36 -45.96 15.09 43.53
C ALA C 36 -46.14 14.98 42.02
N ILE C 37 -46.95 14.02 41.59
CA ILE C 37 -47.10 13.78 40.17
C ILE C 37 -47.74 14.99 39.48
N SER C 38 -48.71 15.62 40.13
CA SER C 38 -49.37 16.78 39.54
C SER C 38 -48.38 17.93 39.36
N ILE C 39 -47.50 18.11 40.34
CA ILE C 39 -46.49 19.14 40.29
C ILE C 39 -45.47 18.86 39.19
N LEU C 40 -45.03 17.60 39.08
CA LEU C 40 -44.09 17.21 38.05
C LEU C 40 -44.63 17.46 36.65
N MET C 41 -45.92 17.20 36.47
CA MET C 41 -46.52 17.33 35.16
C MET C 41 -46.87 18.76 34.81
N LYS C 42 -46.72 19.69 35.74
CA LYS C 42 -46.96 21.10 35.46
C LYS C 42 -45.69 21.92 35.39
N ASP C 43 -44.54 21.24 35.42
CA ASP C 43 -43.24 21.90 35.31
C ASP C 43 -43.10 23.08 36.26
N LEU C 44 -43.41 22.87 37.53
CA LEU C 44 -43.38 23.95 38.51
C LEU C 44 -42.06 24.02 39.25
N ALA C 45 -41.27 22.94 39.18
CA ALA C 45 -40.06 22.84 39.95
C ALA C 45 -38.89 22.33 39.14
N ASP C 46 -37.68 22.77 39.50
CA ASP C 46 -36.45 22.25 38.90
C ASP C 46 -35.83 21.17 39.78
N GLU C 47 -36.34 21.05 40.99
CA GLU C 47 -35.95 19.96 41.88
C GLU C 47 -37.12 19.64 42.79
N LEU C 48 -37.41 18.35 42.92
CA LEU C 48 -38.48 17.89 43.79
C LEU C 48 -37.90 16.94 44.84
N ALA C 49 -38.22 17.22 46.10
CA ALA C 49 -37.76 16.39 47.20
C ALA C 49 -38.94 15.73 47.89
N LEU C 50 -38.74 14.46 48.24
CA LEU C 50 -39.75 13.68 48.93
C LEU C 50 -39.16 13.24 50.26
N VAL C 51 -39.93 13.45 51.34
CA VAL C 51 -39.50 13.03 52.66
C VAL C 51 -40.62 12.29 53.36
N ASP C 52 -40.27 11.20 54.03
CA ASP C 52 -41.19 10.42 54.83
C ASP C 52 -40.36 9.58 55.81
N VAL C 53 -41.07 8.88 56.70
CA VAL C 53 -40.45 8.04 57.69
C VAL C 53 -40.21 6.60 57.19
N MET C 54 -41.05 6.14 56.26
CA MET C 54 -40.91 4.81 55.70
C MET C 54 -39.89 4.82 54.57
N GLU C 55 -38.66 4.41 54.86
CA GLU C 55 -37.57 4.44 53.90
C GLU C 55 -37.76 3.65 52.63
N ASP C 56 -38.36 2.47 52.75
CA ASP C 56 -38.62 1.60 51.61
C ASP C 56 -39.57 2.23 50.60
N LYS C 57 -40.75 2.53 51.07
CA LYS C 57 -41.78 3.18 50.26
C LYS C 57 -41.20 4.43 49.61
N LEU C 58 -40.47 5.20 50.39
CA LEU C 58 -39.88 6.46 49.94
C LEU C 58 -38.96 6.26 48.75
N LYS C 59 -38.00 5.36 48.92
CA LYS C 59 -37.03 5.09 47.90
C LYS C 59 -37.70 4.54 46.64
N GLY C 60 -38.71 3.69 46.84
CA GLY C 60 -39.40 3.08 45.71
C GLY C 60 -40.16 4.09 44.87
N GLU C 61 -40.85 5.01 45.54
CA GLU C 61 -41.59 6.07 44.87
C GLU C 61 -40.62 6.97 44.11
N MET C 62 -39.50 7.30 44.73
CA MET C 62 -38.51 8.12 44.07
C MET C 62 -38.00 7.46 42.78
N MET C 63 -37.64 6.19 42.85
CA MET C 63 -37.12 5.48 41.70
C MET C 63 -38.14 5.42 40.57
N ASP C 64 -39.38 5.11 40.94
CA ASP C 64 -40.45 5.00 39.96
C ASP C 64 -40.58 6.32 39.18
N LEU C 65 -40.56 7.44 39.90
CA LEU C 65 -40.60 8.75 39.26
C LEU C 65 -39.38 9.01 38.41
N GLN C 66 -38.20 8.72 38.92
CA GLN C 66 -36.96 8.93 38.18
C GLN C 66 -36.95 8.20 36.85
N HIS C 67 -37.53 7.01 36.83
CA HIS C 67 -37.52 6.22 35.61
C HIS C 67 -38.32 6.88 34.51
N GLY C 68 -39.21 7.81 34.88
CA GLY C 68 -39.99 8.56 33.92
C GLY C 68 -39.37 9.88 33.50
N SER C 69 -38.14 10.12 33.90
CA SER C 69 -37.50 11.44 33.69
C SER C 69 -37.46 11.83 32.22
N LEU C 70 -37.37 10.86 31.32
CA LEU C 70 -37.39 11.12 29.89
C LEU C 70 -38.64 11.89 29.48
N PHE C 71 -39.74 11.66 30.17
CA PHE C 71 -41.01 12.26 29.84
C PHE C 71 -41.33 13.48 30.68
N LEU C 72 -40.37 13.94 31.46
CA LEU C 72 -40.60 15.07 32.35
C LEU C 72 -39.58 16.16 32.09
N ARG C 73 -39.80 17.32 32.71
CA ARG C 73 -38.91 18.46 32.55
C ARG C 73 -38.47 18.95 33.93
N THR C 74 -38.37 18.01 34.87
CA THR C 74 -37.87 18.30 36.19
C THR C 74 -36.66 17.42 36.40
N PRO C 75 -35.48 18.00 36.29
CA PRO C 75 -34.26 17.19 36.15
C PRO C 75 -33.80 16.46 37.41
N LYS C 76 -34.23 16.89 38.58
CA LYS C 76 -33.73 16.30 39.82
C LYS C 76 -34.88 15.91 40.75
N ILE C 77 -34.90 14.65 41.10
CA ILE C 77 -35.84 14.15 42.07
C ILE C 77 -35.06 13.45 43.15
N VAL C 78 -35.27 13.85 44.40
CA VAL C 78 -34.51 13.30 45.51
C VAL C 78 -35.43 12.95 46.67
N SER C 79 -34.94 12.13 47.58
CA SER C 79 -35.71 11.69 48.71
C SER C 79 -34.80 11.27 49.84
N GLY C 80 -35.37 11.14 51.02
CA GLY C 80 -34.60 10.73 52.19
C GLY C 80 -35.40 10.90 53.46
N LYS C 81 -34.97 10.19 54.49
CA LYS C 81 -35.56 10.30 55.83
C LYS C 81 -35.03 11.56 56.50
N ASP C 82 -33.81 11.94 56.13
CA ASP C 82 -33.15 13.10 56.71
C ASP C 82 -33.54 14.39 55.97
N TYR C 83 -33.97 15.39 56.71
CA TYR C 83 -34.49 16.63 56.12
C TYR C 83 -33.46 17.50 55.40
N SER C 84 -32.18 17.19 55.55
CA SER C 84 -31.17 17.89 54.75
C SER C 84 -31.49 17.83 53.24
N VAL C 85 -32.13 16.76 52.77
CA VAL C 85 -32.51 16.70 51.35
C VAL C 85 -33.53 17.76 50.95
N THR C 86 -34.17 18.41 51.92
CA THR C 86 -35.17 19.43 51.62
C THR C 86 -34.62 20.84 51.56
N ALA C 87 -33.31 20.97 51.70
CA ALA C 87 -32.70 22.30 51.78
C ALA C 87 -33.05 23.20 50.60
N ASN C 88 -33.30 24.48 50.90
CA ASN C 88 -33.54 25.50 49.87
C ASN C 88 -34.81 25.32 49.10
N SER C 89 -35.83 24.78 49.74
CA SER C 89 -37.13 24.68 49.09
C SER C 89 -37.76 26.07 49.13
N LYS C 90 -38.41 26.44 48.02
CA LYS C 90 -39.23 27.65 48.01
C LYS C 90 -40.58 27.35 48.62
N LEU C 91 -41.01 26.10 48.49
CA LEU C 91 -42.33 25.68 48.91
C LEU C 91 -42.27 24.27 49.47
N VAL C 92 -42.85 24.10 50.64
CA VAL C 92 -42.91 22.81 51.29
C VAL C 92 -44.35 22.44 51.56
N ILE C 93 -44.74 21.28 51.05
CA ILE C 93 -46.11 20.82 51.15
C ILE C 93 -46.18 19.69 52.17
N ILE C 94 -47.04 19.85 53.15
CA ILE C 94 -47.16 18.90 54.25
C ILE C 94 -48.41 18.06 54.12
N THR C 95 -48.23 16.78 53.85
CA THR C 95 -49.34 15.83 53.74
C THR C 95 -49.30 14.76 54.81
N ALA C 96 -48.24 14.72 55.61
CA ALA C 96 -48.11 13.74 56.67
C ALA C 96 -49.01 14.09 57.82
N GLY C 97 -49.40 13.07 58.56
CA GLY C 97 -50.20 13.25 59.74
C GLY C 97 -50.60 11.92 60.34
N ALA C 98 -51.31 11.99 61.46
CA ALA C 98 -51.83 10.81 62.13
C ALA C 98 -53.19 10.53 61.56
N ARG C 99 -53.48 9.25 61.34
CA ARG C 99 -54.83 8.83 60.91
C ARG C 99 -55.68 8.64 62.15
N GLN C 100 -56.93 9.10 62.14
CA GLN C 100 -57.78 9.01 63.32
C GLN C 100 -58.13 7.55 63.69
N GLN C 101 -58.18 7.26 64.98
CA GLN C 101 -58.50 5.94 65.45
C GLN C 101 -59.95 5.87 65.91
N GLU C 102 -60.47 4.66 66.06
CA GLU C 102 -61.89 4.48 66.26
C GLU C 102 -62.33 5.03 67.60
N GLY C 103 -63.31 5.94 67.55
CA GLY C 103 -63.85 6.59 68.74
C GLY C 103 -62.92 7.57 69.41
N GLU C 104 -61.94 8.06 68.65
CA GLU C 104 -60.95 8.96 69.18
C GLU C 104 -61.49 10.38 69.18
N SER C 105 -61.35 11.09 70.30
CA SER C 105 -61.77 12.45 70.44
C SER C 105 -61.00 13.40 69.53
N ARG C 106 -61.63 14.51 69.17
CA ARG C 106 -61.02 15.38 68.16
C ARG C 106 -59.73 15.98 68.69
N LEU C 107 -59.77 16.43 69.93
CA LEU C 107 -58.64 17.00 70.64
C LEU C 107 -57.50 16.01 70.69
N ASN C 108 -57.80 14.77 70.99
CA ASN C 108 -56.77 13.74 71.04
C ASN C 108 -56.07 13.53 69.71
N LEU C 109 -56.86 13.48 68.64
CA LEU C 109 -56.32 13.33 67.30
C LEU C 109 -55.38 14.48 66.96
N VAL C 110 -55.83 15.71 67.16
CA VAL C 110 -55.01 16.87 66.89
C VAL C 110 -53.70 16.80 67.69
N GLN C 111 -53.78 16.46 68.97
CA GLN C 111 -52.59 16.41 69.81
C GLN C 111 -51.55 15.43 69.25
N ARG C 112 -52.02 14.27 68.78
CA ARG C 112 -51.13 13.30 68.18
C ARG C 112 -50.42 13.87 66.95
N ASN C 113 -51.14 14.69 66.18
CA ASN C 113 -50.54 15.39 65.05
C ASN C 113 -49.58 16.46 65.48
N VAL C 114 -49.90 17.18 66.54
CA VAL C 114 -48.99 18.16 67.08
C VAL C 114 -47.65 17.49 67.35
N ASN C 115 -47.70 16.32 67.97
CA ASN C 115 -46.48 15.63 68.33
C ASN C 115 -45.66 15.27 67.10
N ILE C 116 -46.34 14.91 66.01
CA ILE C 116 -45.67 14.62 64.76
C ILE C 116 -45.08 15.91 64.16
N PHE C 117 -45.87 16.97 64.15
CA PHE C 117 -45.44 18.26 63.60
C PHE C 117 -44.28 18.85 64.39
N LYS C 118 -44.21 18.53 65.67
CA LYS C 118 -43.11 18.98 66.50
C LYS C 118 -41.77 18.44 66.00
N PHE C 119 -41.79 17.30 65.32
CA PHE C 119 -40.59 16.77 64.70
C PHE C 119 -40.39 17.36 63.29
N ILE C 120 -41.45 17.36 62.50
CA ILE C 120 -41.39 17.78 61.11
C ILE C 120 -41.01 19.26 60.93
N ILE C 121 -41.81 20.15 61.53
CA ILE C 121 -41.71 21.57 61.22
C ILE C 121 -40.32 22.17 61.51
N PRO C 122 -39.80 21.93 62.72
CA PRO C 122 -38.47 22.50 63.02
C PRO C 122 -37.41 22.05 62.03
N ASN C 123 -37.49 20.81 61.59
CA ASN C 123 -36.56 20.30 60.58
C ASN C 123 -36.72 20.97 59.23
N VAL C 124 -37.97 21.23 58.85
CA VAL C 124 -38.23 21.92 57.61
C VAL C 124 -37.63 23.32 57.67
N VAL C 125 -37.96 24.06 58.72
CA VAL C 125 -37.55 25.46 58.86
C VAL C 125 -36.04 25.58 58.94
N LYS C 126 -35.40 24.58 59.55
CA LYS C 126 -33.97 24.57 59.68
C LYS C 126 -33.29 24.63 58.32
N TYR C 127 -33.77 23.85 57.37
CA TYR C 127 -33.11 23.73 56.08
C TYR C 127 -33.67 24.66 55.00
N SER C 128 -34.87 25.19 55.20
CA SER C 128 -35.46 26.09 54.23
C SER C 128 -36.13 27.23 54.99
N PRO C 129 -35.32 28.09 55.60
CA PRO C 129 -35.81 29.17 56.46
C PRO C 129 -36.70 30.19 55.75
N HIS C 130 -36.63 30.27 54.43
CA HIS C 130 -37.41 31.27 53.68
C HIS C 130 -38.59 30.68 52.90
N CYS C 131 -38.89 29.40 53.13
CA CYS C 131 -39.91 28.73 52.36
C CYS C 131 -41.30 29.19 52.76
N LYS C 132 -42.28 28.84 51.93
CA LYS C 132 -43.66 28.92 52.31
C LYS C 132 -44.11 27.52 52.67
N LEU C 133 -44.96 27.44 53.69
CA LEU C 133 -45.53 26.18 54.12
C LEU C 133 -46.95 26.07 53.61
N LEU C 134 -47.26 24.95 52.98
CA LEU C 134 -48.61 24.66 52.54
C LEU C 134 -49.05 23.38 53.23
N VAL C 135 -50.01 23.50 54.14
CA VAL C 135 -50.48 22.39 54.91
C VAL C 135 -51.73 21.80 54.28
N VAL C 136 -51.72 20.48 54.08
CA VAL C 136 -52.81 19.76 53.45
C VAL C 136 -53.49 18.77 54.42
N SER C 137 -52.71 18.25 55.36
CA SER C 137 -53.19 17.29 56.34
C SER C 137 -54.44 17.77 57.09
N ASN C 138 -55.30 16.83 57.49
CA ASN C 138 -56.49 17.18 58.25
C ASN C 138 -56.36 16.88 59.73
N PRO C 139 -57.05 17.65 60.55
CA PRO C 139 -57.92 18.77 60.11
C PRO C 139 -57.14 20.03 59.75
N VAL C 140 -57.33 20.51 58.54
CA VAL C 140 -56.40 21.44 57.94
C VAL C 140 -56.32 22.79 58.63
N ASP C 141 -57.46 23.33 59.03
CA ASP C 141 -57.48 24.66 59.65
C ASP C 141 -56.70 24.65 60.96
N ILE C 142 -56.85 23.59 61.73
CA ILE C 142 -56.16 23.50 63.01
C ILE C 142 -54.68 23.21 62.83
N LEU C 143 -54.35 22.30 61.92
CA LEU C 143 -52.96 21.92 61.72
C LEU C 143 -52.15 23.04 61.06
N THR C 144 -52.82 23.89 60.29
CA THR C 144 -52.17 25.05 59.74
C THR C 144 -51.77 26.00 60.87
N TYR C 145 -52.66 26.15 61.85
CA TYR C 145 -52.34 26.91 63.05
C TYR C 145 -51.14 26.32 63.78
N VAL C 146 -51.15 25.00 63.95
CA VAL C 146 -50.05 24.34 64.65
C VAL C 146 -48.72 24.59 63.96
N ALA C 147 -48.71 24.44 62.65
CA ALA C 147 -47.49 24.66 61.86
C ALA C 147 -47.00 26.09 62.00
N TRP C 148 -47.94 27.03 61.98
CA TRP C 148 -47.61 28.44 62.15
C TRP C 148 -46.95 28.67 63.51
N LYS C 149 -47.60 28.19 64.55
CA LYS C 149 -47.11 28.31 65.92
C LYS C 149 -45.70 27.75 66.06
N ILE C 150 -45.48 26.54 65.59
CA ILE C 150 -44.20 25.87 65.75
C ILE C 150 -43.11 26.47 64.87
N SER C 151 -43.48 26.91 63.67
CA SER C 151 -42.48 27.41 62.72
C SER C 151 -41.95 28.76 63.16
N GLY C 152 -42.81 29.56 63.76
CA GLY C 152 -42.49 30.96 64.04
C GLY C 152 -42.44 31.81 62.78
N PHE C 153 -42.94 31.30 61.66
CA PHE C 153 -43.01 32.07 60.43
C PHE C 153 -44.06 33.14 60.56
N PRO C 154 -43.92 34.23 59.80
CA PRO C 154 -45.01 35.19 59.71
C PRO C 154 -46.19 34.58 58.99
N LYS C 155 -47.39 35.04 59.30
CA LYS C 155 -48.62 34.37 58.86
C LYS C 155 -48.84 34.31 57.35
N ASN C 156 -48.30 35.28 56.61
CA ASN C 156 -48.44 35.27 55.16
C ASN C 156 -47.80 34.05 54.53
N ARG C 157 -46.91 33.38 55.24
CA ARG C 157 -46.12 32.30 54.68
C ARG C 157 -46.55 30.92 55.16
N VAL C 158 -47.61 30.85 55.95
CA VAL C 158 -48.16 29.57 56.35
C VAL C 158 -49.57 29.49 55.82
N ILE C 159 -49.79 28.54 54.92
CA ILE C 159 -51.04 28.44 54.16
C ILE C 159 -51.66 27.07 54.33
N GLY C 160 -52.97 27.04 54.56
CA GLY C 160 -53.70 25.79 54.59
C GLY C 160 -54.52 25.64 53.32
N SER C 161 -54.61 24.42 52.80
CA SER C 161 -55.36 24.19 51.57
C SER C 161 -56.84 24.47 51.76
N GLY C 162 -57.31 24.39 52.99
CA GLY C 162 -58.68 24.81 53.34
C GLY C 162 -59.76 24.33 52.39
N CYS C 163 -60.58 25.27 51.93
CA CYS C 163 -61.75 24.95 51.11
C CYS C 163 -61.51 25.08 49.60
N ASN C 164 -60.24 25.05 49.18
CA ASN C 164 -59.93 25.14 47.75
C ASN C 164 -60.61 24.03 46.96
N LEU C 165 -60.45 22.80 47.42
CA LEU C 165 -61.01 21.65 46.73
C LEU C 165 -62.53 21.59 46.89
N ASP C 166 -63.02 21.89 48.08
CA ASP C 166 -64.46 21.90 48.29
C ASP C 166 -65.16 22.85 47.33
N SER C 167 -64.58 24.03 47.12
CA SER C 167 -65.14 24.99 46.15
C SER C 167 -65.07 24.43 44.73
N ALA C 168 -63.99 23.70 44.42
CA ALA C 168 -63.86 23.09 43.10
C ALA C 168 -64.90 22.02 42.86
N ARG C 169 -65.17 21.21 43.88
CA ARG C 169 -66.23 20.21 43.82
C ARG C 169 -67.56 20.88 43.62
N PHE C 170 -67.76 21.97 44.35
CA PHE C 170 -69.00 22.69 44.28
C PHE C 170 -69.27 23.19 42.86
N ARG C 171 -68.25 23.75 42.23
CA ARG C 171 -68.39 24.28 40.89
C ARG C 171 -68.61 23.17 39.87
N TYR C 172 -68.00 22.03 40.08
CA TYR C 172 -68.22 20.87 39.22
C TYR C 172 -69.68 20.46 39.24
N LEU C 173 -70.24 20.38 40.45
CA LEU C 173 -71.63 19.98 40.61
C LEU C 173 -72.61 21.01 40.06
N MET C 174 -72.31 22.29 40.24
CA MET C 174 -73.09 23.35 39.63
C MET C 174 -73.08 23.18 38.11
N GLY C 175 -71.90 22.92 37.57
CA GLY C 175 -71.74 22.74 36.13
C GLY C 175 -72.55 21.57 35.61
N GLU C 176 -72.58 20.47 36.36
CA GLU C 176 -73.38 19.32 35.97
C GLU C 176 -74.85 19.69 35.87
N ARG C 177 -75.34 20.45 36.84
CA ARG C 177 -76.73 20.86 36.84
C ARG C 177 -77.08 21.86 35.73
N LEU C 178 -76.13 22.70 35.34
CA LEU C 178 -76.43 23.76 34.37
C LEU C 178 -75.96 23.46 32.97
N GLY C 179 -75.16 22.42 32.80
CA GLY C 179 -74.66 22.05 31.47
C GLY C 179 -73.54 22.92 30.97
N VAL C 180 -72.77 23.50 31.89
CA VAL C 180 -71.60 24.30 31.52
C VAL C 180 -70.39 23.82 32.31
N HIS C 181 -69.21 24.11 31.79
CA HIS C 181 -67.97 23.69 32.44
C HIS C 181 -67.82 24.33 33.81
N ALA C 182 -67.15 23.63 34.71
CA ALA C 182 -66.91 24.14 36.06
C ALA C 182 -66.19 25.50 36.03
N LEU C 183 -65.35 25.71 35.02
CA LEU C 183 -64.58 26.93 34.87
C LEU C 183 -65.46 28.15 34.74
N SER C 184 -66.67 27.97 34.22
CA SER C 184 -67.56 29.09 33.97
C SER C 184 -68.66 29.21 35.00
N CYS C 185 -68.66 28.31 35.98
CA CYS C 185 -69.54 28.41 37.14
C CYS C 185 -68.75 28.98 38.29
N HIS C 186 -69.29 29.96 38.98
CA HIS C 186 -68.58 30.58 40.10
C HIS C 186 -69.34 30.44 41.39
N GLY C 187 -68.61 30.07 42.43
CA GLY C 187 -69.19 29.86 43.74
C GLY C 187 -68.11 29.64 44.78
N TRP C 188 -68.39 30.07 46.01
CA TRP C 188 -67.40 30.05 47.06
C TRP C 188 -67.87 29.35 48.30
N ILE C 189 -67.04 28.44 48.80
CA ILE C 189 -67.25 27.78 50.06
C ILE C 189 -66.17 28.28 51.00
N LEU C 190 -66.60 28.82 52.15
CA LEU C 190 -65.68 29.47 53.06
C LEU C 190 -65.74 28.88 54.45
N GLY C 191 -64.81 29.34 55.30
CA GLY C 191 -64.81 28.98 56.70
C GLY C 191 -64.07 27.70 57.00
N GLU C 192 -64.66 26.92 57.91
CA GLU C 192 -64.03 25.71 58.36
C GLU C 192 -64.23 24.59 57.35
N HIS C 193 -63.13 23.95 56.97
CA HIS C 193 -63.17 22.84 56.03
C HIS C 193 -63.95 21.68 56.62
N GLY C 194 -64.79 21.05 55.80
CA GLY C 194 -65.63 19.93 56.26
C GLY C 194 -67.08 20.31 56.52
N ASP C 195 -67.75 19.62 57.39
CA ASP C 195 -69.25 19.75 57.46
C ASP C 195 -69.75 21.12 57.86
N SER C 196 -68.94 21.96 58.48
CA SER C 196 -69.38 23.30 58.89
C SER C 196 -68.96 24.42 57.95
N SER C 197 -68.56 24.06 56.73
CA SER C 197 -68.26 25.06 55.70
C SER C 197 -69.47 25.90 55.38
N VAL C 198 -69.23 27.11 54.91
CA VAL C 198 -70.28 28.04 54.55
C VAL C 198 -70.35 28.23 53.04
N PRO C 199 -71.42 27.78 52.40
CA PRO C 199 -71.64 28.12 51.01
C PRO C 199 -72.24 29.51 50.90
N VAL C 200 -71.54 30.39 50.19
CA VAL C 200 -71.99 31.78 50.04
C VAL C 200 -72.90 31.89 48.81
N TRP C 201 -74.20 31.70 49.04
CA TRP C 201 -75.20 31.64 47.99
C TRP C 201 -75.27 32.93 47.19
N SER C 202 -75.13 34.06 47.87
CA SER C 202 -75.22 35.36 47.21
C SER C 202 -74.22 35.51 46.07
N GLY C 203 -73.04 34.93 46.24
CA GLY C 203 -71.95 35.06 45.27
C GLY C 203 -71.97 34.10 44.08
N MET C 204 -72.94 33.22 44.03
CA MET C 204 -72.98 32.21 42.98
C MET C 204 -73.51 32.76 41.68
N ASN C 205 -72.75 32.60 40.61
CA ASN C 205 -73.11 33.19 39.33
C ASN C 205 -72.54 32.44 38.12
N VAL C 206 -73.18 32.66 36.98
CA VAL C 206 -72.63 32.28 35.69
C VAL C 206 -72.72 33.54 34.84
N ALA C 207 -71.60 33.89 34.20
CA ALA C 207 -71.50 35.11 33.39
C ALA C 207 -71.97 36.35 34.16
N GLY C 208 -71.74 36.34 35.47
CA GLY C 208 -72.10 37.48 36.29
C GLY C 208 -73.57 37.60 36.63
N VAL C 209 -74.36 36.59 36.28
CA VAL C 209 -75.77 36.56 36.61
C VAL C 209 -75.96 35.84 37.94
N SER C 210 -76.42 36.55 38.96
CA SER C 210 -76.57 35.96 40.28
C SER C 210 -77.77 34.99 40.33
N LEU C 211 -77.50 33.76 40.75
CA LEU C 211 -78.52 32.73 40.81
C LEU C 211 -79.56 33.04 41.88
N LYS C 212 -79.10 33.61 43.00
CA LYS C 212 -80.00 33.98 44.10
C LYS C 212 -81.06 35.00 43.66
N THR C 213 -80.69 35.86 42.72
CA THR C 213 -81.62 36.85 42.16
C THR C 213 -82.70 36.20 41.30
N LEU C 214 -82.32 35.19 40.52
CA LEU C 214 -83.27 34.50 39.67
C LEU C 214 -84.14 33.50 40.43
N HIS C 215 -83.65 33.04 41.57
CA HIS C 215 -84.28 31.96 42.31
C HIS C 215 -84.11 32.28 43.78
N PRO C 216 -84.94 33.18 44.32
CA PRO C 216 -84.67 33.76 45.64
C PRO C 216 -84.62 32.75 46.79
N GLU C 217 -85.24 31.57 46.61
CA GLU C 217 -85.25 30.58 47.70
C GLU C 217 -83.99 29.71 47.68
N LEU C 218 -83.11 29.98 46.72
CA LEU C 218 -81.82 29.28 46.61
C LEU C 218 -81.09 29.18 47.95
N GLY C 219 -80.80 27.95 48.36
CA GLY C 219 -80.04 27.74 49.59
C GLY C 219 -80.87 27.66 50.86
N THR C 220 -82.18 27.87 50.73
CA THR C 220 -83.10 27.73 51.86
C THR C 220 -83.73 26.33 51.81
N ASP C 221 -84.68 26.07 52.71
CA ASP C 221 -85.42 24.81 52.71
C ASP C 221 -86.69 24.89 51.84
N ALA C 222 -87.25 26.10 51.73
CA ALA C 222 -88.32 26.39 50.78
C ALA C 222 -87.89 26.05 49.34
N ASP C 223 -86.57 25.94 49.13
CA ASP C 223 -86.00 25.70 47.82
C ASP C 223 -86.42 24.33 47.27
N LYS C 224 -87.33 24.34 46.30
CA LYS C 224 -87.85 23.10 45.72
C LYS C 224 -86.87 22.42 44.80
N GLU C 225 -85.76 23.09 44.48
CA GLU C 225 -84.69 22.48 43.68
C GLU C 225 -83.57 21.94 44.56
N GLN C 226 -83.70 22.11 45.87
CA GLN C 226 -82.76 21.57 46.83
C GLN C 226 -81.31 21.88 46.50
N TRP C 227 -80.98 23.15 46.33
CA TRP C 227 -79.60 23.50 46.06
C TRP C 227 -78.77 23.33 47.32
N LYS C 228 -79.43 23.49 48.47
CA LYS C 228 -78.78 23.23 49.73
C LYS C 228 -78.15 21.84 49.73
N GLN C 229 -78.76 20.90 49.02
CA GLN C 229 -78.23 19.53 48.92
C GLN C 229 -76.87 19.47 48.24
N VAL C 230 -76.64 20.34 47.28
CA VAL C 230 -75.37 20.36 46.55
C VAL C 230 -74.21 20.57 47.51
N HIS C 231 -74.40 21.48 48.47
CA HIS C 231 -73.39 21.71 49.49
C HIS C 231 -73.18 20.47 50.35
N LYS C 232 -74.27 19.86 50.78
CA LYS C 232 -74.21 18.61 51.54
C LYS C 232 -73.42 17.57 50.74
N GLN C 233 -73.71 17.50 49.45
CA GLN C 233 -73.03 16.59 48.55
C GLN C 233 -71.52 16.81 48.54
N VAL C 234 -71.10 18.08 48.53
CA VAL C 234 -69.68 18.39 48.54
C VAL C 234 -69.02 17.87 49.82
N VAL C 235 -69.68 18.05 50.96
CA VAL C 235 -69.18 17.54 52.24
C VAL C 235 -69.10 16.01 52.24
N ASP C 236 -70.16 15.36 51.74
CA ASP C 236 -70.24 13.92 51.73
C ASP C 236 -69.26 13.27 50.74
N SER C 237 -69.01 13.94 49.61
CA SER C 237 -68.10 13.42 48.58
C SER C 237 -66.85 12.77 49.07
N ALA C 238 -66.20 13.42 50.02
CA ALA C 238 -64.94 12.88 50.56
C ALA C 238 -65.14 11.46 51.12
N TYR C 239 -66.16 11.31 51.98
CA TYR C 239 -66.45 10.03 52.60
C TYR C 239 -66.93 9.03 51.55
N GLU C 240 -67.81 9.49 50.66
CA GLU C 240 -68.31 8.67 49.57
C GLU C 240 -67.17 8.00 48.82
N VAL C 241 -66.13 8.78 48.48
CA VAL C 241 -65.01 8.25 47.71
C VAL C 241 -64.16 7.30 48.55
N ILE C 242 -63.95 7.62 49.82
CA ILE C 242 -63.19 6.74 50.70
C ILE C 242 -63.90 5.40 50.89
N LYS C 243 -65.23 5.44 51.02
CA LYS C 243 -66.03 4.24 51.14
C LYS C 243 -65.87 3.37 49.90
N LEU C 244 -65.75 4.02 48.74
CA LEU C 244 -65.75 3.30 47.48
C LEU C 244 -64.37 2.79 47.07
N LYS C 245 -63.33 3.62 47.17
CA LYS C 245 -62.01 3.18 46.73
C LYS C 245 -60.97 3.16 47.83
N GLY C 246 -61.36 3.57 49.04
CA GLY C 246 -60.47 3.50 50.19
C GLY C 246 -59.83 4.79 50.64
N TYR C 247 -59.75 5.79 49.77
CA TYR C 247 -59.05 7.03 50.06
C TYR C 247 -59.37 8.04 48.95
N THR C 248 -58.93 9.28 49.14
CA THR C 248 -59.08 10.30 48.10
C THR C 248 -57.69 10.81 47.73
N THR C 249 -57.44 11.08 46.46
CA THR C 249 -56.11 11.46 46.02
C THR C 249 -56.05 12.46 44.88
N TRP C 250 -56.66 12.14 43.76
CA TRP C 250 -56.36 12.84 42.52
C TRP C 250 -56.80 14.28 42.58
N ALA C 251 -58.01 14.52 43.04
CA ALA C 251 -58.56 15.86 43.11
C ALA C 251 -57.75 16.77 44.04
N ILE C 252 -57.32 16.24 45.17
CA ILE C 252 -56.51 17.01 46.10
C ILE C 252 -55.18 17.38 45.43
N GLY C 253 -54.58 16.41 44.76
CA GLY C 253 -53.32 16.62 44.06
C GLY C 253 -53.41 17.76 43.07
N LEU C 254 -54.49 17.76 42.30
CA LEU C 254 -54.69 18.78 41.29
C LEU C 254 -54.93 20.13 41.94
N SER C 255 -55.75 20.15 43.00
CA SER C 255 -56.05 21.39 43.70
C SER C 255 -54.78 21.98 44.30
N VAL C 256 -53.93 21.14 44.87
CA VAL C 256 -52.69 21.61 45.48
C VAL C 256 -51.74 22.16 44.43
N ALA C 257 -51.61 21.46 43.30
CA ALA C 257 -50.77 21.92 42.22
C ALA C 257 -51.22 23.28 41.72
N ASP C 258 -52.53 23.51 41.69
CA ASP C 258 -53.08 24.79 41.29
C ASP C 258 -52.57 25.91 42.23
N LEU C 259 -52.58 25.63 43.53
CA LEU C 259 -52.09 26.60 44.49
C LEU C 259 -50.60 26.82 44.30
N ALA C 260 -49.86 25.74 44.11
CA ALA C 260 -48.43 25.82 43.86
C ALA C 260 -48.13 26.70 42.64
N GLU C 261 -48.95 26.58 41.61
CA GLU C 261 -48.76 27.40 40.43
C GLU C 261 -48.85 28.90 40.76
N SER C 262 -49.88 29.29 41.50
CA SER C 262 -50.04 30.69 41.89
C SER C 262 -48.83 31.20 42.68
N ILE C 263 -48.29 30.34 43.54
CA ILE C 263 -47.14 30.72 44.35
C ILE C 263 -45.86 30.81 43.52
N MET C 264 -45.55 29.75 42.78
CA MET C 264 -44.30 29.68 42.06
C MET C 264 -44.24 30.71 40.93
N LYS C 265 -45.38 31.05 40.35
CA LYS C 265 -45.42 32.02 39.25
C LYS C 265 -45.91 33.42 39.67
N ASN C 266 -46.15 33.59 40.96
CA ASN C 266 -46.56 34.88 41.50
C ASN C 266 -47.76 35.49 40.78
N LEU C 267 -48.79 34.68 40.59
CA LEU C 267 -49.92 35.08 39.77
C LEU C 267 -50.86 36.06 40.46
N ARG C 268 -50.95 35.98 41.78
CA ARG C 268 -51.89 36.82 42.54
C ARG C 268 -53.32 36.53 42.12
N ARG C 269 -53.63 35.24 42.01
CA ARG C 269 -55.00 34.78 41.83
C ARG C 269 -55.65 34.66 43.19
N VAL C 270 -56.98 34.64 43.19
CA VAL C 270 -57.71 34.52 44.43
C VAL C 270 -58.20 33.09 44.63
N HIS C 271 -57.85 32.51 45.77
CA HIS C 271 -58.25 31.15 46.12
C HIS C 271 -58.92 31.12 47.48
N PRO C 272 -59.88 30.20 47.70
CA PRO C 272 -60.44 30.05 49.01
C PRO C 272 -59.55 29.13 49.82
N ILE C 273 -58.64 29.73 50.58
CA ILE C 273 -57.68 28.95 51.34
C ILE C 273 -57.62 29.44 52.77
N SER C 274 -57.03 28.62 53.63
CA SER C 274 -57.03 28.85 55.03
C SER C 274 -55.90 29.79 55.45
N THR C 275 -56.26 30.92 56.02
CA THR C 275 -55.28 31.88 56.55
C THR C 275 -55.72 32.37 57.91
N MET C 276 -54.81 32.99 58.64
CA MET C 276 -55.17 33.50 59.95
C MET C 276 -56.08 34.72 59.82
N LEU C 277 -57.18 34.68 60.53
CA LEU C 277 -58.26 35.59 60.35
C LEU C 277 -58.48 36.60 61.47
N LYS C 278 -57.60 36.61 62.46
CA LYS C 278 -57.77 37.50 63.58
C LYS C 278 -57.93 38.91 63.06
N GLY C 279 -58.99 39.59 63.47
CA GLY C 279 -59.22 40.96 63.05
C GLY C 279 -60.27 41.12 61.97
N LEU C 280 -60.82 40.01 61.47
CA LEU C 280 -61.85 40.08 60.44
C LEU C 280 -63.14 39.43 60.91
N TYR C 281 -64.26 39.99 60.48
CA TYR C 281 -65.57 39.54 60.93
C TYR C 281 -65.67 39.40 62.44
N GLY C 282 -65.04 40.32 63.19
CA GLY C 282 -65.11 40.30 64.64
C GLY C 282 -64.55 39.05 65.30
N ILE C 283 -63.61 38.41 64.62
CA ILE C 283 -62.90 37.27 65.19
C ILE C 283 -61.68 37.81 65.92
N LYS C 284 -61.53 37.45 67.18
CA LYS C 284 -60.45 38.01 68.00
C LYS C 284 -59.44 36.98 68.44
N GLU C 285 -59.59 35.75 67.97
CA GLU C 285 -58.66 34.69 68.37
C GLU C 285 -57.69 34.32 67.24
N ASP C 286 -56.58 33.70 67.61
CA ASP C 286 -55.63 33.16 66.64
C ASP C 286 -56.16 31.91 65.94
N VAL C 287 -56.95 32.12 64.91
CA VAL C 287 -57.60 30.99 64.20
C VAL C 287 -57.40 31.10 62.69
N PHE C 288 -57.30 29.98 62.02
CA PHE C 288 -57.23 29.94 60.57
C PHE C 288 -58.56 29.45 60.00
N LEU C 289 -59.08 30.16 59.01
CA LEU C 289 -60.26 29.72 58.28
C LEU C 289 -60.11 30.12 56.82
N SER C 290 -60.87 29.46 55.95
CA SER C 290 -60.78 29.76 54.53
C SER C 290 -61.55 31.02 54.20
N VAL C 291 -60.87 31.95 53.55
CA VAL C 291 -61.49 33.11 52.93
C VAL C 291 -60.77 33.31 51.61
N PRO C 292 -61.34 34.14 50.73
CA PRO C 292 -60.68 34.34 49.44
C PRO C 292 -59.39 35.12 49.62
N CYS C 293 -58.26 34.50 49.28
CA CYS C 293 -56.96 35.11 49.48
C CYS C 293 -56.25 35.31 48.17
N VAL C 294 -55.48 36.40 48.10
CA VAL C 294 -54.61 36.64 46.97
C VAL C 294 -53.30 35.92 47.25
N LEU C 295 -52.92 35.04 46.32
CA LEU C 295 -51.80 34.15 46.52
C LEU C 295 -50.72 34.41 45.49
N GLY C 296 -49.49 34.56 45.97
CA GLY C 296 -48.36 34.92 45.13
C GLY C 296 -47.05 34.41 45.72
N GLN C 297 -45.94 34.98 45.28
CA GLN C 297 -44.63 34.43 45.63
C GLN C 297 -44.31 34.57 47.10
N ASN C 298 -44.96 35.51 47.79
CA ASN C 298 -44.75 35.67 49.23
C ASN C 298 -45.92 35.14 50.03
N GLY C 299 -46.66 34.23 49.45
CA GLY C 299 -47.80 33.64 50.14
C GLY C 299 -48.98 34.55 50.06
N ILE C 300 -49.68 34.70 51.17
CA ILE C 300 -50.92 35.44 51.20
C ILE C 300 -50.68 36.90 51.53
N SER C 301 -50.88 37.75 50.52
CA SER C 301 -50.60 39.18 50.66
C SER C 301 -51.86 39.95 51.03
N ASP C 302 -53.00 39.48 50.57
CA ASP C 302 -54.24 40.21 50.74
C ASP C 302 -55.40 39.25 50.88
N VAL C 303 -56.47 39.75 51.46
CA VAL C 303 -57.70 38.99 51.63
C VAL C 303 -58.87 39.79 51.06
N VAL C 304 -59.81 39.10 50.41
CA VAL C 304 -60.99 39.77 49.87
C VAL C 304 -62.09 39.76 50.91
N LYS C 305 -62.63 40.93 51.20
CA LYS C 305 -63.67 41.05 52.23
C LYS C 305 -65.02 40.73 51.63
N VAL C 306 -65.46 39.50 51.83
CA VAL C 306 -66.72 39.07 51.29
C VAL C 306 -67.82 39.58 52.21
N THR C 307 -68.89 40.09 51.59
CA THR C 307 -70.02 40.60 52.33
C THR C 307 -70.92 39.42 52.74
N LEU C 308 -71.10 39.22 54.03
CA LEU C 308 -71.82 38.06 54.55
C LEU C 308 -73.10 38.45 55.27
N THR C 309 -74.09 37.57 55.20
CA THR C 309 -75.32 37.77 55.96
C THR C 309 -74.99 37.55 57.43
N SER C 310 -75.79 38.15 58.31
CA SER C 310 -75.61 37.97 59.74
C SER C 310 -75.58 36.49 60.13
N GLU C 311 -76.37 35.67 59.45
CA GLU C 311 -76.39 34.21 59.69
C GLU C 311 -75.04 33.60 59.36
N GLU C 312 -74.56 33.88 58.16
CA GLU C 312 -73.25 33.41 57.69
C GLU C 312 -72.13 33.86 58.62
N GLU C 313 -72.13 35.15 58.95
CA GLU C 313 -71.13 35.74 59.85
C GLU C 313 -71.12 35.03 61.21
N ALA C 314 -72.30 34.71 61.73
CA ALA C 314 -72.43 34.02 63.00
C ALA C 314 -71.85 32.61 62.90
N HIS C 315 -72.14 31.95 61.78
CA HIS C 315 -71.65 30.61 61.54
C HIS C 315 -70.12 30.54 61.60
N LEU C 316 -69.47 31.58 61.09
CA LEU C 316 -68.01 31.68 61.11
C LEU C 316 -67.49 31.84 62.51
N LYS C 317 -68.09 32.77 63.26
CA LYS C 317 -67.69 33.02 64.65
C LYS C 317 -67.82 31.74 65.47
N LYS C 318 -68.89 31.00 65.23
CA LYS C 318 -69.10 29.74 65.92
C LYS C 318 -67.90 28.80 65.66
N SER C 319 -67.54 28.66 64.39
CA SER C 319 -66.40 27.83 64.02
C SER C 319 -65.11 28.29 64.68
N ALA C 320 -64.87 29.60 64.70
CA ALA C 320 -63.70 30.15 65.35
C ALA C 320 -63.65 29.77 66.83
N ASP C 321 -64.78 29.94 67.51
CA ASP C 321 -64.87 29.58 68.93
C ASP C 321 -64.49 28.12 69.16
N THR C 322 -65.04 27.23 68.34
CA THR C 322 -64.77 25.80 68.51
C THR C 322 -63.30 25.49 68.31
N LEU C 323 -62.72 26.03 67.24
CA LEU C 323 -61.32 25.78 66.93
C LEU C 323 -60.43 26.29 68.04
N TRP C 324 -60.68 27.51 68.50
CA TRP C 324 -59.91 28.05 69.60
C TRP C 324 -60.05 27.16 70.86
N GLY C 325 -61.27 26.75 71.14
CA GLY C 325 -61.54 25.84 72.26
C GLY C 325 -60.59 24.66 72.30
N ILE C 326 -60.31 24.10 71.13
CA ILE C 326 -59.38 22.99 71.01
C ILE C 326 -57.93 23.46 71.08
N GLN C 327 -57.61 24.49 70.31
CA GLN C 327 -56.24 24.96 70.21
C GLN C 327 -55.66 25.36 71.57
N LYS C 328 -56.49 26.00 72.40
CA LYS C 328 -56.05 26.42 73.72
C LYS C 328 -55.68 25.25 74.62
N GLU C 329 -56.13 24.05 74.27
CA GLU C 329 -55.88 22.86 75.09
C GLU C 329 -54.67 22.06 74.65
N LEU C 330 -54.01 22.52 73.60
CA LEU C 330 -52.91 21.75 73.02
C LEU C 330 -51.60 21.94 73.79
N GLN C 331 -50.83 20.86 73.89
CA GLN C 331 -49.51 20.89 74.50
C GLN C 331 -48.42 21.00 73.45
N PHE C 332 -47.73 22.13 73.41
CA PHE C 332 -46.65 22.35 72.43
C PHE C 332 -45.29 22.08 73.08
N ALA D 2 -32.04 -0.59 -2.81
CA ALA D 2 -32.71 0.55 -3.52
C ALA D 2 -32.28 1.90 -2.90
N ALA D 3 -33.25 2.78 -2.71
CA ALA D 3 -33.04 4.03 -2.01
C ALA D 3 -32.60 3.78 -0.55
N LEU D 4 -32.15 4.83 0.10
CA LEU D 4 -31.80 4.77 1.52
C LEU D 4 -33.07 4.53 2.34
N LYS D 5 -34.11 5.30 2.05
CA LYS D 5 -35.39 5.13 2.72
C LYS D 5 -35.84 3.66 2.74
N ASP D 6 -35.71 2.97 1.62
CA ASP D 6 -36.13 1.56 1.53
C ASP D 6 -35.23 0.63 2.32
N GLN D 7 -33.94 0.96 2.41
CA GLN D 7 -33.00 0.18 3.18
C GLN D 7 -33.23 0.33 4.68
N LEU D 8 -33.78 1.47 5.07
CA LEU D 8 -33.94 1.83 6.48
C LEU D 8 -35.35 1.55 7.02
N ILE D 9 -36.37 1.86 6.24
CA ILE D 9 -37.74 1.72 6.66
C ILE D 9 -38.48 0.63 5.90
N HIS D 10 -39.05 -0.28 6.66
CA HIS D 10 -39.93 -1.31 6.13
C HIS D 10 -41.38 -0.88 6.30
N ASN D 11 -42.07 -0.69 5.20
CA ASN D 11 -43.46 -0.24 5.23
C ASN D 11 -44.41 -1.39 5.54
N LEU D 12 -45.44 -1.13 6.33
CA LEU D 12 -46.44 -2.15 6.67
C LEU D 12 -47.83 -1.82 6.16
N LEU D 13 -48.02 -0.59 5.70
CA LEU D 13 -49.35 -0.05 5.52
C LEU D 13 -49.32 1.07 4.50
N LYS D 14 -50.13 0.91 3.47
CA LYS D 14 -50.24 1.89 2.39
C LYS D 14 -51.55 2.60 2.56
N GLU D 15 -51.59 3.93 2.76
CA GLU D 15 -52.87 4.66 2.64
C GLU D 15 -52.75 6.16 2.80
N GLU D 16 -53.54 6.92 2.05
CA GLU D 16 -53.45 8.38 2.11
C GLU D 16 -54.45 8.88 3.14
N HIS D 17 -53.99 9.74 4.03
CA HIS D 17 -54.64 9.91 5.33
C HIS D 17 -55.54 11.13 5.34
N VAL D 18 -56.48 11.20 6.29
CA VAL D 18 -57.37 12.29 6.50
C VAL D 18 -57.18 12.83 7.93
N PRO D 19 -56.86 14.11 8.06
CA PRO D 19 -56.58 14.67 9.35
C PRO D 19 -57.79 14.72 10.27
N GLN D 20 -57.54 14.56 11.57
CA GLN D 20 -58.57 14.42 12.54
C GLN D 20 -58.98 15.71 13.21
N ASN D 21 -58.03 16.62 13.35
CA ASN D 21 -58.25 17.87 14.11
C ASN D 21 -57.64 19.05 13.39
N LYS D 22 -58.09 19.26 12.16
CA LYS D 22 -57.49 20.24 11.28
C LYS D 22 -58.11 21.61 11.47
N ILE D 23 -57.24 22.62 11.48
CA ILE D 23 -57.66 24.00 11.57
C ILE D 23 -57.07 24.77 10.40
N THR D 24 -57.89 25.62 9.80
CA THR D 24 -57.47 26.47 8.72
C THR D 24 -57.53 27.93 9.15
N VAL D 25 -56.50 28.69 8.82
CA VAL D 25 -56.53 30.13 8.99
C VAL D 25 -56.51 30.81 7.63
N VAL D 26 -57.50 31.66 7.41
CA VAL D 26 -57.60 32.43 6.16
C VAL D 26 -57.10 33.84 6.40
N GLY D 27 -56.04 34.21 5.68
CA GLY D 27 -55.41 35.50 5.85
C GLY D 27 -54.13 35.33 6.64
N VAL D 28 -53.00 35.75 6.07
CA VAL D 28 -51.71 35.63 6.74
C VAL D 28 -51.09 37.01 6.97
N GLY D 29 -51.95 37.98 7.25
CA GLY D 29 -51.50 39.24 7.81
C GLY D 29 -51.12 39.03 9.26
N ALA D 30 -50.81 40.12 9.94
CA ALA D 30 -50.33 40.03 11.32
C ALA D 30 -51.31 39.27 12.22
N VAL D 31 -52.60 39.53 12.05
CA VAL D 31 -53.62 38.88 12.87
C VAL D 31 -53.70 37.38 12.58
N GLY D 32 -53.74 37.03 11.31
CA GLY D 32 -53.77 35.63 10.91
C GLY D 32 -52.58 34.87 11.50
N MET D 33 -51.39 35.43 11.36
CA MET D 33 -50.18 34.76 11.81
C MET D 33 -50.14 34.65 13.33
N ALA D 34 -50.69 35.64 14.02
CA ALA D 34 -50.80 35.57 15.48
C ALA D 34 -51.74 34.45 15.91
N CYS D 35 -52.85 34.31 15.21
CA CYS D 35 -53.75 33.20 15.45
C CYS D 35 -53.02 31.88 15.21
N ALA D 36 -52.31 31.80 14.09
CA ALA D 36 -51.60 30.57 13.74
C ALA D 36 -50.62 30.15 14.81
N ILE D 37 -49.73 31.06 15.19
CA ILE D 37 -48.69 30.71 16.14
C ILE D 37 -49.30 30.32 17.50
N SER D 38 -50.32 31.04 17.93
CA SER D 38 -50.97 30.74 19.20
C SER D 38 -51.59 29.35 19.19
N ILE D 39 -52.20 29.00 18.07
CA ILE D 39 -52.82 27.69 17.91
C ILE D 39 -51.77 26.59 17.89
N LEU D 40 -50.68 26.81 17.16
CA LEU D 40 -49.60 25.83 17.11
C LEU D 40 -49.01 25.55 18.48
N MET D 41 -48.88 26.60 19.28
CA MET D 41 -48.24 26.46 20.58
C MET D 41 -49.17 25.89 21.64
N LYS D 42 -50.45 25.72 21.32
CA LYS D 42 -51.39 25.12 22.26
C LYS D 42 -51.79 23.71 21.86
N ASP D 43 -51.12 23.16 20.86
CA ASP D 43 -51.35 21.77 20.43
C ASP D 43 -52.82 21.48 20.18
N LEU D 44 -53.49 22.35 19.42
CA LEU D 44 -54.91 22.21 19.18
C LEU D 44 -55.23 21.45 17.91
N ALA D 45 -54.25 21.31 17.03
CA ALA D 45 -54.47 20.74 15.72
C ALA D 45 -53.41 19.73 15.32
N ASP D 46 -53.78 18.75 14.51
CA ASP D 46 -52.84 17.82 13.93
C ASP D 46 -52.45 18.23 12.52
N GLU D 47 -53.18 19.19 11.97
CA GLU D 47 -52.82 19.79 10.69
C GLU D 47 -53.31 21.23 10.66
N LEU D 48 -52.44 22.14 10.22
CA LEU D 48 -52.77 23.54 10.11
C LEU D 48 -52.60 23.99 8.67
N ALA D 49 -53.63 24.63 8.14
CA ALA D 49 -53.61 25.14 6.78
C ALA D 49 -53.70 26.66 6.77
N LEU D 50 -52.90 27.27 5.88
CA LEU D 50 -52.90 28.70 5.70
C LEU D 50 -53.30 29.03 4.28
N VAL D 51 -54.22 29.97 4.12
CA VAL D 51 -54.64 30.39 2.79
C VAL D 51 -54.66 31.91 2.71
N ASP D 52 -54.20 32.43 1.57
CA ASP D 52 -54.27 33.85 1.26
C ASP D 52 -54.09 34.02 -0.24
N VAL D 53 -54.19 35.24 -0.73
CA VAL D 53 -54.00 35.53 -2.16
C VAL D 53 -52.54 35.85 -2.51
N MET D 54 -51.78 36.34 -1.55
CA MET D 54 -50.38 36.70 -1.77
CA MET D 54 -50.38 36.71 -1.76
C MET D 54 -49.48 35.48 -1.64
N GLU D 55 -49.15 34.88 -2.77
CA GLU D 55 -48.49 33.55 -2.80
C GLU D 55 -47.11 33.53 -2.17
N ASP D 56 -46.35 34.60 -2.36
CA ASP D 56 -45.01 34.69 -1.80
C ASP D 56 -45.01 34.75 -0.29
N LYS D 57 -45.72 35.73 0.26
CA LYS D 57 -45.86 35.87 1.69
C LYS D 57 -46.36 34.55 2.31
N LEU D 58 -47.33 33.95 1.65
CA LEU D 58 -47.94 32.71 2.11
C LEU D 58 -46.92 31.58 2.24
N LYS D 59 -46.19 31.34 1.17
CA LYS D 59 -45.20 30.31 1.14
C LYS D 59 -44.10 30.57 2.17
N GLY D 60 -43.71 31.82 2.32
CA GLY D 60 -42.65 32.17 3.26
C GLY D 60 -43.04 31.93 4.70
N GLU D 61 -44.26 32.30 5.05
CA GLU D 61 -44.79 32.07 6.39
C GLU D 61 -44.85 30.58 6.67
N MET D 62 -45.33 29.81 5.70
CA MET D 62 -45.40 28.37 5.84
C MET D 62 -44.03 27.77 6.14
N MET D 63 -43.04 28.14 5.34
CA MET D 63 -41.70 27.58 5.50
C MET D 63 -41.11 27.94 6.86
N ASP D 64 -41.28 29.19 7.27
CA ASP D 64 -40.76 29.65 8.54
C ASP D 64 -41.33 28.79 9.67
N LEU D 65 -42.63 28.54 9.64
CA LEU D 65 -43.27 27.68 10.63
C LEU D 65 -42.76 26.25 10.57
N GLN D 66 -42.68 25.69 9.36
CA GLN D 66 -42.21 24.32 9.19
C GLN D 66 -40.83 24.11 9.78
N HIS D 67 -39.97 25.11 9.66
CA HIS D 67 -38.62 24.96 10.16
C HIS D 67 -38.57 24.78 11.66
N GLY D 68 -39.65 25.19 12.33
CA GLY D 68 -39.77 25.04 13.77
C GLY D 68 -40.45 23.75 14.21
N SER D 69 -40.71 22.85 13.27
CA SER D 69 -41.51 21.63 13.56
C SER D 69 -40.90 20.80 14.69
N LEU D 70 -39.60 20.80 14.81
CA LEU D 70 -38.93 20.09 15.89
C LEU D 70 -39.45 20.52 17.28
N PHE D 71 -39.83 21.78 17.38
CA PHE D 71 -40.27 22.35 18.64
C PHE D 71 -41.79 22.41 18.77
N LEU D 72 -42.48 21.76 17.86
CA LEU D 72 -43.94 21.75 17.87
C LEU D 72 -44.45 20.33 17.91
N ARG D 73 -45.77 20.20 18.11
CA ARG D 73 -46.43 18.90 18.13
C ARG D 73 -47.59 18.91 17.14
N THR D 74 -47.41 19.66 16.06
CA THR D 74 -48.37 19.71 14.98
C THR D 74 -47.60 19.29 13.74
N PRO D 75 -47.79 18.04 13.31
CA PRO D 75 -46.90 17.46 12.32
C PRO D 75 -47.03 17.99 10.90
N LYS D 76 -48.15 18.60 10.55
CA LYS D 76 -48.39 19.01 9.17
C LYS D 76 -48.84 20.45 9.08
N ILE D 77 -48.08 21.23 8.34
CA ILE D 77 -48.43 22.60 8.10
C ILE D 77 -48.42 22.80 6.61
N VAL D 78 -49.53 23.30 6.06
CA VAL D 78 -49.67 23.44 4.63
C VAL D 78 -50.27 24.78 4.28
N SER D 79 -50.11 25.17 3.02
CA SER D 79 -50.60 26.45 2.56
C SER D 79 -50.84 26.42 1.07
N GLY D 80 -51.55 27.42 0.57
CA GLY D 80 -51.83 27.51 -0.85
C GLY D 80 -52.87 28.56 -1.14
N LYS D 81 -52.89 29.00 -2.41
CA LYS D 81 -53.89 29.94 -2.89
C LYS D 81 -55.20 29.21 -3.13
N ASP D 82 -55.08 27.93 -3.49
CA ASP D 82 -56.23 27.09 -3.79
C ASP D 82 -56.81 26.47 -2.51
N TYR D 83 -58.11 26.61 -2.32
CA TYR D 83 -58.78 26.16 -1.11
C TYR D 83 -58.84 24.65 -0.91
N SER D 84 -58.47 23.87 -1.91
CA SER D 84 -58.36 22.42 -1.74
C SER D 84 -57.45 22.08 -0.54
N VAL D 85 -56.45 22.90 -0.27
CA VAL D 85 -55.57 22.65 0.89
C VAL D 85 -56.30 22.76 2.22
N THR D 86 -57.51 23.32 2.23
CA THR D 86 -58.26 23.48 3.47
C THR D 86 -59.23 22.33 3.74
N ALA D 87 -59.20 21.31 2.90
CA ALA D 87 -60.17 20.23 3.02
C ALA D 87 -60.18 19.56 4.40
N ASN D 88 -61.38 19.26 4.88
CA ASN D 88 -61.57 18.52 6.12
C ASN D 88 -61.16 19.30 7.36
N SER D 89 -61.31 20.61 7.34
CA SER D 89 -61.05 21.39 8.53
C SER D 89 -62.22 21.22 9.48
N LYS D 90 -61.95 21.08 10.77
CA LYS D 90 -63.00 21.14 11.77
C LYS D 90 -63.35 22.58 12.06
N LEU D 91 -62.38 23.46 11.89
CA LEU D 91 -62.52 24.85 12.26
C LEU D 91 -61.77 25.72 11.28
N VAL D 92 -62.47 26.74 10.76
CA VAL D 92 -61.88 27.66 9.81
C VAL D 92 -62.00 29.07 10.35
N ILE D 93 -60.84 29.73 10.48
CA ILE D 93 -60.77 31.05 11.08
C ILE D 93 -60.50 32.07 10.00
N ILE D 94 -61.40 33.05 9.90
CA ILE D 94 -61.34 34.04 8.85
C ILE D 94 -60.83 35.38 9.36
N THR D 95 -59.65 35.77 8.88
CA THR D 95 -59.04 37.04 9.27
C THR D 95 -58.89 37.99 8.10
N ALA D 96 -59.18 37.53 6.89
CA ALA D 96 -59.06 38.42 5.72
C ALA D 96 -60.16 39.46 5.68
N GLY D 97 -59.87 40.60 5.08
CA GLY D 97 -60.89 41.64 4.97
C GLY D 97 -60.35 42.92 4.38
N ALA D 98 -61.24 43.84 4.05
CA ALA D 98 -60.86 45.12 3.47
C ALA D 98 -60.68 46.11 4.59
N ARG D 99 -59.66 46.94 4.47
CA ARG D 99 -59.43 48.07 5.40
C ARG D 99 -60.27 49.25 4.95
N GLN D 100 -60.88 49.95 5.89
CA GLN D 100 -61.71 51.11 5.58
C GLN D 100 -60.93 52.29 4.98
N GLN D 101 -61.55 53.00 4.04
CA GLN D 101 -61.00 54.15 3.41
C GLN D 101 -61.48 55.48 4.02
N GLU D 102 -60.69 56.51 3.84
CA GLU D 102 -61.06 57.84 4.29
C GLU D 102 -62.26 58.35 3.47
N GLY D 103 -63.30 58.75 4.19
CA GLY D 103 -64.52 59.27 3.61
C GLY D 103 -65.53 58.22 3.21
N GLU D 104 -65.19 56.95 3.40
CA GLU D 104 -65.97 55.85 2.89
C GLU D 104 -67.10 55.56 3.87
N SER D 105 -68.31 55.39 3.31
CA SER D 105 -69.47 55.09 4.13
C SER D 105 -69.38 53.68 4.71
N ARG D 106 -70.10 53.47 5.82
CA ARG D 106 -70.10 52.19 6.48
C ARG D 106 -70.61 51.09 5.54
N LEU D 107 -71.70 51.40 4.82
CA LEU D 107 -72.31 50.47 3.91
C LEU D 107 -71.33 50.08 2.83
N ASN D 108 -70.61 51.04 2.30
CA ASN D 108 -69.65 50.78 1.24
C ASN D 108 -68.54 49.86 1.70
N LEU D 109 -68.01 50.11 2.90
CA LEU D 109 -66.97 49.26 3.45
C LEU D 109 -67.44 47.81 3.56
N VAL D 110 -68.59 47.62 4.19
CA VAL D 110 -69.14 46.29 4.33
C VAL D 110 -69.30 45.62 2.97
N GLN D 111 -69.85 46.32 2.00
CA GLN D 111 -70.09 45.76 0.67
C GLN D 111 -68.80 45.24 0.05
N ARG D 112 -67.72 46.00 0.19
CA ARG D 112 -66.43 45.58 -0.33
C ARG D 112 -65.99 44.25 0.31
N ASN D 113 -66.27 44.10 1.60
CA ASN D 113 -65.98 42.86 2.30
C ASN D 113 -66.89 41.73 1.86
N VAL D 114 -68.16 42.04 1.63
CA VAL D 114 -69.07 41.04 1.10
C VAL D 114 -68.48 40.46 -0.16
N ASN D 115 -67.97 41.32 -1.04
CA ASN D 115 -67.44 40.87 -2.30
C ASN D 115 -66.26 39.93 -2.09
N ILE D 116 -65.43 40.21 -1.08
CA ILE D 116 -64.33 39.33 -0.76
C ILE D 116 -64.86 37.98 -0.20
N PHE D 117 -65.81 38.07 0.72
CA PHE D 117 -66.38 36.88 1.34
C PHE D 117 -67.12 36.00 0.34
N LYS D 118 -67.65 36.62 -0.71
CA LYS D 118 -68.34 35.90 -1.77
C LYS D 118 -67.40 34.94 -2.47
N PHE D 119 -66.10 35.23 -2.44
CA PHE D 119 -65.11 34.32 -3.00
C PHE D 119 -64.67 33.30 -1.94
N ILE D 120 -64.36 33.78 -0.75
CA ILE D 120 -63.82 32.94 0.30
C ILE D 120 -64.79 31.86 0.80
N ILE D 121 -65.96 32.27 1.25
CA ILE D 121 -66.85 31.38 1.98
C ILE D 121 -67.29 30.15 1.16
N PRO D 122 -67.77 30.36 -0.06
CA PRO D 122 -68.18 29.20 -0.85
C PRO D 122 -67.06 28.18 -1.03
N ASN D 123 -65.84 28.67 -1.19
CA ASN D 123 -64.70 27.77 -1.33
C ASN D 123 -64.40 27.02 -0.04
N VAL D 124 -64.55 27.69 1.09
CA VAL D 124 -64.34 27.03 2.37
C VAL D 124 -65.36 25.92 2.53
N VAL D 125 -66.64 26.24 2.34
CA VAL D 125 -67.73 25.30 2.59
C VAL D 125 -67.65 24.11 1.64
N LYS D 126 -67.17 24.36 0.43
CA LYS D 126 -67.00 23.32 -0.56
C LYS D 126 -66.09 22.22 -0.07
N TYR D 127 -64.98 22.56 0.55
CA TYR D 127 -63.99 21.57 0.96
C TYR D 127 -64.12 21.11 2.41
N SER D 128 -64.84 21.87 3.23
CA SER D 128 -65.04 21.48 4.63
C SER D 128 -66.49 21.75 4.99
N PRO D 129 -67.41 20.96 4.44
CA PRO D 129 -68.84 21.18 4.62
C PRO D 129 -69.32 21.06 6.06
N HIS D 130 -68.54 20.42 6.93
CA HIS D 130 -68.95 20.24 8.33
C HIS D 130 -68.21 21.12 9.33
N CYS D 131 -67.44 22.07 8.84
CA CYS D 131 -66.61 22.89 9.70
C CYS D 131 -67.44 23.89 10.49
N LYS D 132 -66.81 24.49 11.49
CA LYS D 132 -67.34 25.68 12.13
C LYS D 132 -66.57 26.85 11.58
N LEU D 133 -67.27 27.97 11.38
CA LEU D 133 -66.66 29.19 10.93
C LEU D 133 -66.49 30.13 12.10
N LEU D 134 -65.28 30.67 12.23
CA LEU D 134 -64.99 31.66 13.23
C LEU D 134 -64.50 32.91 12.52
N VAL D 135 -65.32 33.96 12.58
CA VAL D 135 -65.00 35.19 11.88
C VAL D 135 -64.36 36.18 12.83
N VAL D 136 -63.23 36.73 12.41
CA VAL D 136 -62.46 37.68 13.22
C VAL D 136 -62.42 39.06 12.58
N SER D 137 -62.46 39.10 11.24
CA SER D 137 -62.44 40.34 10.48
C SER D 137 -63.48 41.36 10.95
N ASN D 138 -63.14 42.64 10.82
CA ASN D 138 -64.06 43.71 11.20
C ASN D 138 -64.72 44.37 10.03
N PRO D 139 -65.94 44.86 10.21
CA PRO D 139 -66.67 44.80 11.48
C PRO D 139 -67.29 43.43 11.74
N VAL D 140 -66.95 42.85 12.87
CA VAL D 140 -67.14 41.42 13.08
C VAL D 140 -68.59 40.99 13.14
N ASP D 141 -69.44 41.77 13.80
CA ASP D 141 -70.83 41.39 13.94
C ASP D 141 -71.52 41.32 12.59
N ILE D 142 -71.21 42.28 11.72
CA ILE D 142 -71.83 42.31 10.40
C ILE D 142 -71.25 41.22 9.49
N LEU D 143 -69.94 41.04 9.53
CA LEU D 143 -69.31 40.07 8.65
C LEU D 143 -69.63 38.64 9.05
N THR D 144 -69.90 38.42 10.34
CA THR D 144 -70.35 37.13 10.80
C THR D 144 -71.72 36.81 10.18
N TYR D 145 -72.59 37.82 10.13
CA TYR D 145 -73.86 37.69 9.44
C TYR D 145 -73.66 37.36 7.96
N VAL D 146 -72.76 38.06 7.31
CA VAL D 146 -72.48 37.84 5.90
C VAL D 146 -72.05 36.39 5.66
N ALA D 147 -71.11 35.92 6.48
CA ALA D 147 -70.60 34.55 6.34
C ALA D 147 -71.71 33.54 6.54
N TRP D 148 -72.58 33.80 7.51
CA TRP D 148 -73.71 32.93 7.77
C TRP D 148 -74.62 32.85 6.55
N LYS D 149 -75.00 34.01 6.06
CA LYS D 149 -75.84 34.12 4.87
C LYS D 149 -75.28 33.36 3.68
N ILE D 150 -74.03 33.61 3.37
CA ILE D 150 -73.39 33.01 2.20
C ILE D 150 -73.13 31.52 2.37
N SER D 151 -72.80 31.10 3.58
CA SER D 151 -72.43 29.70 3.82
C SER D 151 -73.64 28.80 3.76
N GLY D 152 -74.78 29.32 4.20
CA GLY D 152 -75.97 28.50 4.40
C GLY D 152 -75.84 27.53 5.56
N PHE D 153 -74.83 27.73 6.41
CA PHE D 153 -74.68 26.91 7.60
C PHE D 153 -75.77 27.24 8.60
N PRO D 154 -76.11 26.30 9.48
CA PRO D 154 -76.98 26.64 10.59
C PRO D 154 -76.24 27.56 11.56
N LYS D 155 -76.98 28.39 12.28
CA LYS D 155 -76.39 29.48 13.05
C LYS D 155 -75.43 29.08 14.17
N ASN D 156 -75.63 27.90 14.74
CA ASN D 156 -74.76 27.41 15.79
C ASN D 156 -73.31 27.26 15.33
N ARG D 157 -73.10 27.19 14.02
CA ARG D 157 -71.80 26.88 13.48
C ARG D 157 -71.09 28.08 12.84
N VAL D 158 -71.70 29.26 12.94
CA VAL D 158 -71.05 30.47 12.48
C VAL D 158 -70.89 31.39 13.66
N ILE D 159 -69.64 31.65 14.00
CA ILE D 159 -69.29 32.35 15.24
C ILE D 159 -68.44 33.57 14.94
N GLY D 160 -68.77 34.69 15.58
CA GLY D 160 -67.95 35.88 15.49
C GLY D 160 -67.17 36.06 16.78
N SER D 161 -65.91 36.50 16.68
CA SER D 161 -65.08 36.68 17.87
C SER D 161 -65.65 37.76 18.79
N GLY D 162 -66.43 38.67 18.22
CA GLY D 162 -67.16 39.65 19.00
C GLY D 162 -66.37 40.32 20.10
N CYS D 163 -66.93 40.32 21.31
CA CYS D 163 -66.36 41.04 22.44
C CYS D 163 -65.48 40.16 23.36
N ASN D 164 -65.00 39.04 22.85
CA ASN D 164 -64.15 38.15 23.64
C ASN D 164 -62.90 38.89 24.11
N LEU D 165 -62.21 39.56 23.18
CA LEU D 165 -60.99 40.26 23.53
C LEU D 165 -61.28 41.52 24.35
N ASP D 166 -62.32 42.24 23.99
CA ASP D 166 -62.69 43.43 24.74
C ASP D 166 -62.92 43.10 26.21
N SER D 167 -63.61 42.00 26.49
CA SER D 167 -63.83 41.56 27.87
C SER D 167 -62.51 41.18 28.55
N ALA D 168 -61.60 40.58 27.80
CA ALA D 168 -60.29 40.22 28.33
C ALA D 168 -59.46 41.47 28.69
N ARG D 169 -59.52 42.48 27.84
CA ARG D 169 -58.88 43.76 28.13
C ARG D 169 -59.49 44.38 29.35
N PHE D 170 -60.80 44.30 29.44
CA PHE D 170 -61.51 44.87 30.55
C PHE D 170 -61.06 44.25 31.87
N ARG D 171 -60.93 42.94 31.89
CA ARG D 171 -60.51 42.23 33.10
C ARG D 171 -59.08 42.55 33.46
N TYR D 172 -58.23 42.72 32.46
CA TYR D 172 -56.85 43.10 32.69
C TYR D 172 -56.78 44.45 33.41
N LEU D 173 -57.57 45.40 32.92
CA LEU D 173 -57.58 46.74 33.48
C LEU D 173 -58.17 46.77 34.89
N MET D 174 -59.23 45.98 35.10
CA MET D 174 -59.75 45.88 36.45
C MET D 174 -58.72 45.28 37.39
N GLY D 175 -57.98 44.28 36.92
CA GLY D 175 -56.92 43.67 37.70
C GLY D 175 -55.83 44.65 38.07
N GLU D 176 -55.46 45.50 37.13
CA GLU D 176 -54.45 46.52 37.41
C GLU D 176 -54.91 47.44 38.54
N ARG D 177 -56.17 47.84 38.50
CA ARG D 177 -56.70 48.72 39.53
C ARG D 177 -56.85 48.06 40.89
N LEU D 178 -57.12 46.77 40.93
CA LEU D 178 -57.40 46.08 42.19
C LEU D 178 -56.22 45.30 42.74
N GLY D 179 -55.18 45.12 41.93
CA GLY D 179 -53.99 44.39 42.36
C GLY D 179 -54.17 42.88 42.38
N VAL D 180 -55.06 42.37 41.53
CA VAL D 180 -55.25 40.93 41.40
C VAL D 180 -55.19 40.56 39.92
N HIS D 181 -54.89 39.29 39.64
CA HIS D 181 -54.78 38.81 38.28
C HIS D 181 -56.09 38.93 37.53
N ALA D 182 -56.01 39.13 36.23
CA ALA D 182 -57.20 39.21 35.40
C ALA D 182 -58.11 37.99 35.53
N LEU D 183 -57.50 36.83 35.78
CA LEU D 183 -58.23 35.58 35.93
C LEU D 183 -59.24 35.62 37.06
N SER D 184 -58.97 36.45 38.06
CA SER D 184 -59.82 36.48 39.24
C SER D 184 -60.74 37.68 39.26
N CYS D 185 -60.65 38.53 38.23
CA CYS D 185 -61.57 39.63 38.04
C CYS D 185 -62.59 39.22 37.01
N HIS D 186 -63.86 39.47 37.29
CA HIS D 186 -64.90 39.08 36.35
C HIS D 186 -65.71 40.28 35.89
N GLY D 187 -65.94 40.35 34.60
CA GLY D 187 -66.65 41.44 33.98
C GLY D 187 -66.97 41.12 32.53
N TRP D 188 -68.09 41.64 32.05
CA TRP D 188 -68.59 41.30 30.74
C TRP D 188 -68.90 42.54 29.91
N ILE D 189 -68.38 42.53 28.69
CA ILE D 189 -68.69 43.53 27.70
C ILE D 189 -69.51 42.82 26.63
N LEU D 190 -70.69 43.35 26.35
CA LEU D 190 -71.64 42.71 25.44
C LEU D 190 -72.06 43.60 24.29
N GLY D 191 -72.78 43.01 23.36
CA GLY D 191 -73.41 43.74 22.28
C GLY D 191 -72.52 43.91 21.08
N GLU D 192 -72.57 45.09 20.50
CA GLU D 192 -71.85 45.40 19.29
C GLU D 192 -70.39 45.69 19.63
N HIS D 193 -69.49 45.00 18.94
CA HIS D 193 -68.07 45.16 19.12
C HIS D 193 -67.65 46.58 18.75
N GLY D 194 -66.80 47.20 19.57
CA GLY D 194 -66.35 48.57 19.27
C GLY D 194 -67.04 49.64 20.11
N ASP D 195 -67.19 50.83 19.57
CA ASP D 195 -67.62 51.98 20.41
C ASP D 195 -69.00 51.85 21.03
N SER D 196 -69.87 50.97 20.53
CA SER D 196 -71.21 50.82 21.11
C SER D 196 -71.36 49.65 22.08
N SER D 197 -70.25 49.06 22.51
CA SER D 197 -70.30 47.92 23.44
C SER D 197 -70.94 48.31 24.75
N VAL D 198 -71.51 47.33 25.42
CA VAL D 198 -72.17 47.55 26.69
C VAL D 198 -71.39 46.90 27.82
N PRO D 199 -70.83 47.70 28.72
CA PRO D 199 -70.24 47.14 29.94
C PRO D 199 -71.35 46.86 30.96
N VAL D 200 -71.46 45.60 31.37
CA VAL D 200 -72.48 45.21 32.32
C VAL D 200 -71.99 45.37 33.75
N TRP D 201 -72.20 46.56 34.30
CA TRP D 201 -71.65 46.92 35.61
C TRP D 201 -72.15 46.02 36.73
N SER D 202 -73.42 45.65 36.65
CA SER D 202 -74.03 44.83 37.68
C SER D 202 -73.28 43.50 37.90
N GLY D 203 -72.75 42.94 36.83
CA GLY D 203 -72.09 41.64 36.86
C GLY D 203 -70.62 41.63 37.26
N MET D 204 -70.06 42.79 37.53
CA MET D 204 -68.63 42.87 37.83
C MET D 204 -68.33 42.47 39.25
N ASN D 205 -67.43 41.51 39.42
CA ASN D 205 -67.14 40.98 40.74
C ASN D 205 -65.74 40.40 40.89
N VAL D 206 -65.30 40.30 42.14
CA VAL D 206 -64.15 39.54 42.52
C VAL D 206 -64.60 38.62 43.64
N ALA D 207 -64.30 37.33 43.50
CA ALA D 207 -64.71 36.32 44.48
C ALA D 207 -66.22 36.39 44.76
N GLY D 208 -66.99 36.77 43.76
CA GLY D 208 -68.44 36.82 43.90
C GLY D 208 -68.97 38.02 44.66
N VAL D 209 -68.09 38.98 44.96
CA VAL D 209 -68.50 40.22 45.62
C VAL D 209 -68.79 41.25 44.54
N SER D 210 -70.04 41.68 44.42
CA SER D 210 -70.40 42.61 43.36
C SER D 210 -69.92 44.04 43.68
N LEU D 211 -69.16 44.62 42.75
CA LEU D 211 -68.58 45.94 42.94
C LEU D 211 -69.67 47.00 42.98
N LYS D 212 -70.72 46.84 42.18
CA LYS D 212 -71.83 47.80 42.15
C LYS D 212 -72.49 47.95 43.53
N THR D 213 -72.53 46.85 44.30
CA THR D 213 -73.07 46.88 45.65
C THR D 213 -72.19 47.66 46.61
N LEU D 214 -70.88 47.54 46.47
CA LEU D 214 -69.96 48.28 47.34
C LEU D 214 -69.79 49.73 46.95
N HIS D 215 -70.08 50.04 45.70
CA HIS D 215 -69.82 51.35 45.14
C HIS D 215 -70.95 51.65 44.18
N PRO D 216 -72.11 52.06 44.73
CA PRO D 216 -73.32 52.16 43.90
C PRO D 216 -73.22 53.11 42.71
N GLU D 217 -72.29 54.06 42.74
CA GLU D 217 -72.17 55.03 41.64
C GLU D 217 -71.31 54.46 40.50
N LEU D 218 -70.80 53.24 40.68
CA LEU D 218 -69.99 52.56 39.66
C LEU D 218 -70.62 52.62 38.28
N GLY D 219 -69.88 53.17 37.32
CA GLY D 219 -70.36 53.20 35.95
C GLY D 219 -71.18 54.43 35.59
N THR D 220 -71.46 55.27 36.58
CA THR D 220 -72.18 56.54 36.36
C THR D 220 -71.16 57.67 36.23
N ASP D 221 -71.65 58.90 36.13
CA ASP D 221 -70.76 60.08 36.10
C ASP D 221 -70.52 60.64 37.51
N ALA D 222 -71.48 60.43 38.40
CA ALA D 222 -71.28 60.69 39.84
C ALA D 222 -70.09 59.90 40.39
N ASP D 223 -69.66 58.88 39.65
CA ASP D 223 -68.57 57.99 40.05
C ASP D 223 -67.25 58.74 40.14
N LYS D 224 -66.81 58.98 41.38
CA LYS D 224 -65.59 59.71 41.67
C LYS D 224 -64.34 58.93 41.30
N GLU D 225 -64.47 57.63 41.05
CA GLU D 225 -63.34 56.79 40.66
C GLU D 225 -63.30 56.59 39.14
N GLN D 226 -64.27 57.16 38.43
CA GLN D 226 -64.31 57.12 36.96
C GLN D 226 -64.12 55.70 36.40
N TRP D 227 -64.93 54.77 36.84
CA TRP D 227 -64.84 53.41 36.28
C TRP D 227 -65.37 53.40 34.86
N LYS D 228 -66.28 54.31 34.58
CA LYS D 228 -66.77 54.49 33.23
C LYS D 228 -65.59 54.66 32.27
N GLN D 229 -64.50 55.29 32.73
CA GLN D 229 -63.31 55.48 31.90
C GLN D 229 -62.67 54.17 31.45
N VAL D 230 -62.72 53.16 32.32
CA VAL D 230 -62.11 51.87 32.01
C VAL D 230 -62.72 51.28 30.75
N HIS D 231 -64.03 51.41 30.59
CA HIS D 231 -64.69 50.95 29.39
C HIS D 231 -64.25 51.76 28.18
N LYS D 232 -64.19 53.07 28.33
CA LYS D 232 -63.69 53.93 27.26
C LYS D 232 -62.28 53.48 26.86
N GLN D 233 -61.46 53.19 27.87
CA GLN D 233 -60.11 52.70 27.65
C GLN D 233 -60.07 51.44 26.82
N VAL D 234 -60.99 50.52 27.09
CA VAL D 234 -61.11 49.27 26.33
C VAL D 234 -61.38 49.55 24.86
N VAL D 235 -62.30 50.46 24.58
CA VAL D 235 -62.63 50.86 23.20
C VAL D 235 -61.43 51.52 22.52
N ASP D 236 -60.78 52.44 23.24
CA ASP D 236 -59.65 53.18 22.70
C ASP D 236 -58.41 52.33 22.50
N SER D 237 -58.20 51.30 23.33
CA SER D 237 -57.05 50.41 23.24
C SER D 237 -56.61 50.03 21.87
N ALA D 238 -57.60 49.66 21.06
CA ALA D 238 -57.26 49.24 19.68
C ALA D 238 -56.50 50.34 18.93
N TYR D 239 -57.05 51.56 18.95
CA TYR D 239 -56.46 52.71 18.28
C TYR D 239 -55.15 53.09 18.94
N GLU D 240 -55.14 53.10 20.26
CA GLU D 240 -53.93 53.39 21.03
C GLU D 240 -52.75 52.54 20.53
N VAL D 241 -52.99 51.23 20.37
CA VAL D 241 -51.93 50.32 19.98
C VAL D 241 -51.53 50.54 18.52
N ILE D 242 -52.51 50.79 17.66
CA ILE D 242 -52.22 51.08 16.24
C ILE D 242 -51.38 52.34 16.09
N LYS D 243 -51.72 53.35 16.88
CA LYS D 243 -50.97 54.59 16.88
C LYS D 243 -49.54 54.34 17.29
N LEU D 244 -49.34 53.42 18.22
CA LEU D 244 -48.01 53.18 18.78
C LEU D 244 -47.13 52.25 17.95
N LYS D 245 -47.67 51.12 17.54
CA LYS D 245 -46.85 50.13 16.82
C LYS D 245 -47.33 49.85 15.40
N GLY D 246 -48.44 50.46 15.01
CA GLY D 246 -48.95 50.33 13.65
C GLY D 246 -50.14 49.41 13.45
N TYR D 247 -50.37 48.48 14.37
CA TYR D 247 -51.41 47.45 14.20
C TYR D 247 -51.55 46.67 15.49
N THR D 248 -52.55 45.78 15.58
CA THR D 248 -52.73 44.91 16.72
C THR D 248 -52.62 43.46 16.28
N THR D 249 -52.05 42.61 17.13
CA THR D 249 -51.86 41.21 16.78
C THR D 249 -51.96 40.24 17.95
N TRP D 250 -51.11 40.40 18.95
CA TRP D 250 -50.85 39.30 19.88
C TRP D 250 -52.08 38.96 20.70
N ALA D 251 -52.73 39.98 21.22
CA ALA D 251 -53.89 39.77 22.07
C ALA D 251 -55.04 39.08 21.33
N ILE D 252 -55.26 39.47 20.08
CA ILE D 252 -56.29 38.84 19.28
C ILE D 252 -55.96 37.38 19.06
N GLY D 253 -54.70 37.10 18.75
CA GLY D 253 -54.25 35.74 18.51
C GLY D 253 -54.52 34.86 19.70
N LEU D 254 -54.21 35.36 20.89
CA LEU D 254 -54.41 34.61 22.10
C LEU D 254 -55.90 34.41 22.37
N SER D 255 -56.69 35.46 22.18
CA SER D 255 -58.13 35.38 22.40
C SER D 255 -58.76 34.36 21.45
N VAL D 256 -58.31 34.34 20.20
CA VAL D 256 -58.86 33.41 19.22
C VAL D 256 -58.48 31.97 19.57
N ALA D 257 -57.24 31.76 19.96
CA ALA D 257 -56.79 30.43 20.37
C ALA D 257 -57.61 29.92 21.55
N ASP D 258 -57.98 30.82 22.45
CA ASP D 258 -58.82 30.45 23.59
C ASP D 258 -60.17 29.92 23.12
N LEU D 259 -60.76 30.58 22.13
CA LEU D 259 -62.02 30.12 21.57
C LEU D 259 -61.84 28.78 20.89
N ALA D 260 -60.76 28.65 20.12
CA ALA D 260 -60.45 27.41 19.45
C ALA D 260 -60.34 26.27 20.44
N GLU D 261 -59.72 26.53 21.58
CA GLU D 261 -59.61 25.50 22.61
C GLU D 261 -60.98 24.99 23.06
N SER D 262 -61.91 25.88 23.35
CA SER D 262 -63.24 25.48 23.77
C SER D 262 -63.92 24.62 22.72
N ILE D 263 -63.72 24.97 21.46
CA ILE D 263 -64.34 24.22 20.36
C ILE D 263 -63.68 22.86 20.18
N MET D 264 -62.36 22.83 20.03
CA MET D 264 -61.66 21.60 19.74
C MET D 264 -61.74 20.60 20.89
N LYS D 265 -61.83 21.08 22.11
CA LYS D 265 -61.90 20.20 23.28
C LYS D 265 -63.31 20.06 23.88
N ASN D 266 -64.28 20.68 23.23
CA ASN D 266 -65.67 20.59 23.66
C ASN D 266 -65.88 20.94 25.13
N LEU D 267 -65.31 22.06 25.55
CA LEU D 267 -65.29 22.42 26.95
C LEU D 267 -66.63 22.93 27.48
N ARG D 268 -67.40 23.57 26.61
CA ARG D 268 -68.66 24.20 27.01
C ARG D 268 -68.41 25.27 28.07
N ARG D 269 -67.40 26.09 27.79
CA ARG D 269 -67.15 27.30 28.56
C ARG D 269 -68.00 28.41 28.01
N VAL D 270 -68.20 29.44 28.81
CA VAL D 270 -68.98 30.58 28.39
C VAL D 270 -68.07 31.72 27.97
N HIS D 271 -68.28 32.21 26.74
CA HIS D 271 -67.50 33.31 26.20
C HIS D 271 -68.44 34.40 25.68
N PRO D 272 -68.01 35.67 25.76
CA PRO D 272 -68.79 36.72 25.16
C PRO D 272 -68.45 36.82 23.68
N ILE D 273 -69.23 36.13 22.87
CA ILE D 273 -68.96 36.06 21.43
C ILE D 273 -70.22 36.37 20.65
N SER D 274 -70.02 36.64 19.37
CA SER D 274 -71.08 37.13 18.52
C SER D 274 -71.88 35.95 17.93
N THR D 275 -73.17 35.92 18.24
CA THR D 275 -74.08 34.91 17.70
C THR D 275 -75.37 35.57 17.25
N MET D 276 -76.16 34.86 16.46
CA MET D 276 -77.43 35.41 16.02
C MET D 276 -78.41 35.46 17.16
N LEU D 277 -79.00 36.62 17.36
CA LEU D 277 -79.77 36.91 18.53
C LEU D 277 -81.27 37.03 18.34
N LYS D 278 -81.77 36.75 17.15
CA LYS D 278 -83.18 36.91 16.87
C LYS D 278 -83.95 36.14 17.92
N GLY D 279 -84.89 36.80 18.58
CA GLY D 279 -85.72 36.14 19.58
C GLY D 279 -85.33 36.45 21.02
N LEU D 280 -84.26 37.21 21.21
CA LEU D 280 -83.80 37.54 22.56
C LEU D 280 -83.78 39.04 22.79
N TYR D 281 -84.11 39.46 23.99
CA TYR D 281 -84.26 40.88 24.32
C TYR D 281 -85.13 41.63 23.31
N GLY D 282 -86.19 41.00 22.84
CA GLY D 282 -87.11 41.66 21.91
C GLY D 282 -86.50 42.06 20.59
N ILE D 283 -85.46 41.37 20.18
CA ILE D 283 -84.83 41.62 18.88
C ILE D 283 -85.52 40.72 17.86
N LYS D 284 -86.00 41.30 16.77
CA LYS D 284 -86.77 40.55 15.78
C LYS D 284 -86.08 40.40 14.44
N GLU D 285 -84.87 40.94 14.33
CA GLU D 285 -84.15 40.90 13.06
C GLU D 285 -83.01 39.90 13.06
N ASP D 286 -82.57 39.51 11.87
CA ASP D 286 -81.43 38.62 11.73
C ASP D 286 -80.12 39.36 11.99
N VAL D 287 -79.75 39.52 13.26
CA VAL D 287 -78.50 40.19 13.60
C VAL D 287 -77.64 39.40 14.56
N PHE D 288 -76.33 39.60 14.47
CA PHE D 288 -75.38 38.99 15.40
C PHE D 288 -74.88 40.04 16.39
N LEU D 289 -74.88 39.69 17.66
CA LEU D 289 -74.27 40.51 18.71
C LEU D 289 -73.64 39.62 19.76
N SER D 290 -72.71 40.16 20.52
CA SER D 290 -72.05 39.37 21.54
C SER D 290 -72.93 39.23 22.77
N VAL D 291 -73.13 37.98 23.17
CA VAL D 291 -73.74 37.65 24.45
C VAL D 291 -72.95 36.47 24.99
N PRO D 292 -73.13 36.14 26.26
CA PRO D 292 -72.40 35.00 26.80
C PRO D 292 -72.90 33.70 26.19
N CYS D 293 -72.04 33.00 25.47
CA CYS D 293 -72.43 31.78 24.79
C CYS D 293 -71.67 30.58 25.30
N VAL D 294 -72.35 29.44 25.33
CA VAL D 294 -71.71 28.18 25.65
C VAL D 294 -71.11 27.63 24.37
N LEU D 295 -69.80 27.38 24.39
CA LEU D 295 -69.05 27.06 23.19
C LEU D 295 -68.45 25.68 23.32
N GLY D 296 -68.64 24.85 22.30
CA GLY D 296 -68.22 23.46 22.32
C GLY D 296 -68.02 22.93 20.94
N GLN D 297 -68.00 21.60 20.79
CA GLN D 297 -67.61 20.99 19.52
C GLN D 297 -68.62 21.27 18.41
N ASN D 298 -69.86 21.61 18.77
CA ASN D 298 -70.85 21.97 17.75
C ASN D 298 -71.08 23.46 17.65
N GLY D 299 -70.12 24.23 18.09
CA GLY D 299 -70.27 25.68 18.08
C GLY D 299 -71.10 26.13 19.24
N ILE D 300 -72.02 27.04 19.00
CA ILE D 300 -72.80 27.65 20.06
C ILE D 300 -74.09 26.90 20.29
N SER D 301 -74.16 26.22 21.43
CA SER D 301 -75.32 25.38 21.75
C SER D 301 -76.34 26.12 22.60
N ASP D 302 -75.87 27.06 23.42
CA ASP D 302 -76.72 27.73 24.37
C ASP D 302 -76.25 29.14 24.59
N VAL D 303 -77.14 29.98 25.08
CA VAL D 303 -76.85 31.36 25.43
C VAL D 303 -77.29 31.64 26.86
N VAL D 304 -76.52 32.42 27.58
CA VAL D 304 -76.87 32.78 28.95
C VAL D 304 -77.67 34.07 28.94
N LYS D 305 -78.86 34.03 29.55
CA LYS D 305 -79.74 35.19 29.56
C LYS D 305 -79.34 36.13 30.68
N VAL D 306 -78.59 37.15 30.33
CA VAL D 306 -78.14 38.12 31.31
C VAL D 306 -79.27 39.08 31.57
N THR D 307 -79.46 39.42 32.83
CA THR D 307 -80.48 40.38 33.21
C THR D 307 -79.96 41.80 32.99
N LEU D 308 -80.63 42.56 32.12
CA LEU D 308 -80.16 43.90 31.74
C LEU D 308 -81.10 45.00 32.21
N THR D 309 -80.53 46.16 32.51
CA THR D 309 -81.32 47.32 32.83
C THR D 309 -82.04 47.79 31.57
N SER D 310 -83.15 48.50 31.73
CA SER D 310 -83.87 49.06 30.58
C SER D 310 -82.95 49.88 29.67
N GLU D 311 -81.99 50.61 30.26
CA GLU D 311 -81.03 51.38 29.48
C GLU D 311 -80.18 50.47 28.62
N GLU D 312 -79.58 49.46 29.25
CA GLU D 312 -78.75 48.47 28.56
C GLU D 312 -79.53 47.76 27.45
N GLU D 313 -80.73 47.30 27.78
CA GLU D 313 -81.61 46.61 26.83
C GLU D 313 -81.91 47.49 25.61
N ALA D 314 -82.16 48.77 25.86
CA ALA D 314 -82.43 49.71 24.78
C ALA D 314 -81.21 49.89 23.90
N HIS D 315 -80.05 49.98 24.55
CA HIS D 315 -78.78 50.13 23.83
C HIS D 315 -78.55 49.01 22.84
N LEU D 316 -78.94 47.79 23.23
CA LEU D 316 -78.80 46.61 22.36
C LEU D 316 -79.73 46.70 21.17
N LYS D 317 -80.99 47.04 21.42
CA LYS D 317 -81.98 47.17 20.36
C LYS D 317 -81.54 48.21 19.35
N LYS D 318 -80.99 49.31 19.85
CA LYS D 318 -80.47 50.36 18.98
C LYS D 318 -79.42 49.77 18.03
N SER D 319 -78.46 49.06 18.59
CA SER D 319 -77.40 48.41 17.79
C SER D 319 -77.98 47.45 16.75
N ALA D 320 -78.97 46.65 17.16
CA ALA D 320 -79.62 45.74 16.23
C ALA D 320 -80.26 46.49 15.06
N ASP D 321 -80.96 47.56 15.36
CA ASP D 321 -81.59 48.37 14.33
C ASP D 321 -80.56 48.89 13.33
N THR D 322 -79.45 49.41 13.83
CA THR D 322 -78.42 49.96 12.96
C THR D 322 -77.84 48.91 12.04
N LEU D 323 -77.50 47.76 12.63
CA LEU D 323 -76.90 46.67 11.89
C LEU D 323 -77.85 46.21 10.80
N TRP D 324 -79.11 45.99 11.16
CA TRP D 324 -80.09 45.58 10.17
C TRP D 324 -80.23 46.62 9.05
N GLY D 325 -80.27 47.89 9.44
CA GLY D 325 -80.31 48.99 8.49
C GLY D 325 -79.30 48.85 7.36
N ILE D 326 -78.09 48.44 7.73
CA ILE D 326 -77.03 48.21 6.75
C ILE D 326 -77.21 46.89 6.02
N GLN D 327 -77.48 45.83 6.78
CA GLN D 327 -77.55 44.49 6.21
C GLN D 327 -78.62 44.39 5.12
N LYS D 328 -79.76 45.05 5.35
CA LYS D 328 -80.86 45.04 4.39
C LYS D 328 -80.45 45.67 3.05
N GLU D 329 -79.39 46.47 3.04
CA GLU D 329 -78.97 47.16 1.82
C GLU D 329 -77.89 46.41 1.04
N LEU D 330 -77.47 45.26 1.55
CA LEU D 330 -76.31 44.58 0.97
C LEU D 330 -76.66 43.78 -0.29
N GLN D 331 -75.74 43.76 -1.25
CA GLN D 331 -75.92 42.98 -2.47
C GLN D 331 -75.16 41.67 -2.40
N PHE D 332 -75.89 40.54 -2.33
CA PHE D 332 -75.27 39.22 -2.26
C PHE D 332 -75.21 38.59 -3.64
N ALA E 2 -3.60 -92.49 -31.39
CA ALA E 2 -3.38 -93.50 -30.31
C ALA E 2 -3.04 -92.85 -28.98
N ALA E 3 -2.45 -91.65 -29.00
CA ALA E 3 -2.19 -90.89 -27.78
C ALA E 3 -3.51 -90.54 -27.08
N LEU E 4 -3.40 -90.17 -25.79
CA LEU E 4 -4.60 -89.91 -25.00
C LEU E 4 -5.25 -88.62 -25.48
N LYS E 5 -4.42 -87.61 -25.64
CA LYS E 5 -4.88 -86.31 -26.14
C LYS E 5 -5.73 -86.46 -27.40
N ASP E 6 -5.30 -87.31 -28.32
CA ASP E 6 -6.02 -87.50 -29.59
C ASP E 6 -7.32 -88.27 -29.42
N GLN E 7 -7.35 -89.18 -28.44
CA GLN E 7 -8.58 -89.91 -28.14
C GLN E 7 -9.62 -89.03 -27.48
N LEU E 8 -9.16 -88.00 -26.78
CA LEU E 8 -10.03 -87.16 -25.98
C LEU E 8 -10.45 -85.86 -26.69
N ILE E 9 -9.51 -85.23 -27.37
CA ILE E 9 -9.76 -83.96 -28.02
C ILE E 9 -9.71 -84.08 -29.53
N HIS E 10 -10.77 -83.63 -30.18
CA HIS E 10 -10.82 -83.49 -31.61
C HIS E 10 -10.51 -82.05 -32.01
N ASN E 11 -9.39 -81.84 -32.69
CA ASN E 11 -8.97 -80.49 -33.03
C ASN E 11 -9.70 -79.99 -34.27
N LEU E 12 -10.09 -78.71 -34.27
CA LEU E 12 -10.78 -78.10 -35.41
C LEU E 12 -9.99 -76.98 -36.04
N LEU E 13 -8.93 -76.53 -35.36
CA LEU E 13 -8.29 -75.29 -35.74
C LEU E 13 -6.86 -75.29 -35.24
N LYS E 14 -5.92 -75.22 -36.18
CA LYS E 14 -4.51 -75.17 -35.85
C LYS E 14 -4.09 -73.78 -36.24
N GLU E 15 -4.32 -72.83 -35.37
CA GLU E 15 -4.00 -71.42 -35.66
C GLU E 15 -3.11 -70.84 -34.54
N GLU E 16 -2.24 -69.89 -34.90
CA GLU E 16 -1.25 -69.45 -33.98
C GLU E 16 -1.78 -68.26 -33.21
N HIS E 17 -1.45 -68.27 -31.93
CA HIS E 17 -1.94 -67.30 -31.00
C HIS E 17 -1.15 -65.98 -31.09
N VAL E 18 -1.88 -64.90 -31.13
CA VAL E 18 -1.34 -63.55 -31.01
C VAL E 18 -2.07 -62.91 -29.84
N PRO E 19 -1.32 -62.48 -28.81
CA PRO E 19 -2.01 -61.99 -27.63
C PRO E 19 -2.63 -60.61 -27.85
N GLN E 20 -3.75 -60.37 -27.21
CA GLN E 20 -4.53 -59.18 -27.44
C GLN E 20 -4.23 -58.11 -26.42
N ASN E 21 -3.89 -58.52 -25.20
CA ASN E 21 -3.71 -57.58 -24.10
C ASN E 21 -2.50 -57.95 -23.26
N LYS E 22 -1.36 -57.97 -23.92
CA LYS E 22 -0.14 -58.44 -23.32
C LYS E 22 0.59 -57.33 -22.56
N ILE E 23 1.08 -57.69 -21.39
CA ILE E 23 1.88 -56.80 -20.59
C ILE E 23 3.20 -57.48 -20.26
N THR E 24 4.28 -56.69 -20.33
CA THR E 24 5.59 -57.19 -19.99
C THR E 24 6.11 -56.43 -18.78
N VAL E 25 6.69 -57.17 -17.83
CA VAL E 25 7.43 -56.55 -16.74
C VAL E 25 8.91 -56.86 -16.86
N VAL E 26 9.71 -55.81 -16.88
CA VAL E 26 11.16 -55.95 -16.94
C VAL E 26 11.76 -55.76 -15.55
N GLY E 27 12.41 -56.80 -15.07
CA GLY E 27 12.96 -56.82 -13.72
C GLY E 27 12.07 -57.65 -12.81
N VAL E 28 12.65 -58.67 -12.18
CA VAL E 28 11.90 -59.53 -11.26
C VAL E 28 12.46 -59.46 -9.85
N GLY E 29 12.91 -58.27 -9.49
CA GLY E 29 13.18 -57.95 -8.09
C GLY E 29 11.85 -57.81 -7.36
N ALA E 30 11.91 -57.39 -6.10
CA ALA E 30 10.70 -57.31 -5.30
C ALA E 30 9.64 -56.40 -5.94
N VAL E 31 10.08 -55.29 -6.50
CA VAL E 31 9.17 -54.34 -7.14
C VAL E 31 8.53 -54.94 -8.39
N GLY E 32 9.34 -55.52 -9.26
CA GLY E 32 8.82 -56.17 -10.44
C GLY E 32 7.77 -57.22 -10.12
N MET E 33 8.07 -58.07 -9.14
CA MET E 33 7.16 -59.15 -8.79
C MET E 33 5.89 -58.63 -8.15
N ALA E 34 5.99 -57.53 -7.42
CA ALA E 34 4.79 -56.90 -6.85
C ALA E 34 3.89 -56.33 -7.96
N CYS E 35 4.52 -55.72 -8.97
CA CYS E 35 3.77 -55.28 -10.13
C CYS E 35 3.10 -56.48 -10.80
N ALA E 36 3.86 -57.55 -11.00
CA ALA E 36 3.33 -58.73 -11.67
C ALA E 36 2.10 -59.29 -10.95
N ILE E 37 2.23 -59.54 -9.66
CA ILE E 37 1.14 -60.17 -8.94
C ILE E 37 -0.09 -59.27 -8.92
N SER E 38 0.12 -57.97 -8.75
CA SER E 38 -1.00 -57.03 -8.72
C SER E 38 -1.75 -57.02 -10.05
N ILE E 39 -0.99 -57.08 -11.14
CA ILE E 39 -1.56 -57.10 -12.47
C ILE E 39 -2.33 -58.39 -12.73
N LEU E 40 -1.74 -59.51 -12.32
CA LEU E 40 -2.40 -60.81 -12.49
C LEU E 40 -3.73 -60.87 -11.75
N MET E 41 -3.77 -60.28 -10.57
CA MET E 41 -4.96 -60.35 -9.74
C MET E 41 -6.02 -59.35 -10.15
N LYS E 42 -5.72 -58.46 -11.09
CA LYS E 42 -6.72 -57.52 -11.58
C LYS E 42 -7.19 -57.86 -12.99
N ASP E 43 -6.80 -59.03 -13.49
CA ASP E 43 -7.23 -59.49 -14.82
C ASP E 43 -7.05 -58.44 -15.90
N LEU E 44 -5.86 -57.86 -15.96
CA LEU E 44 -5.59 -56.80 -16.92
C LEU E 44 -4.96 -57.33 -18.19
N ALA E 45 -4.46 -58.56 -18.17
CA ALA E 45 -3.71 -59.08 -19.30
C ALA E 45 -4.11 -60.51 -19.65
N ASP E 46 -4.01 -60.87 -20.92
CA ASP E 46 -4.22 -62.25 -21.35
C ASP E 46 -2.90 -62.97 -21.52
N GLU E 47 -1.81 -62.22 -21.47
CA GLU E 47 -0.48 -62.80 -21.46
C GLU E 47 0.46 -61.87 -20.69
N LEU E 48 1.24 -62.45 -19.79
CA LEU E 48 2.20 -61.69 -19.01
C LEU E 48 3.59 -62.23 -19.25
N ALA E 49 4.52 -61.34 -19.57
CA ALA E 49 5.90 -61.71 -19.82
C ALA E 49 6.82 -61.09 -18.79
N LEU E 50 7.78 -61.88 -18.33
CA LEU E 50 8.77 -61.43 -17.37
C LEU E 50 10.14 -61.56 -17.98
N VAL E 51 10.93 -60.50 -17.86
CA VAL E 51 12.30 -60.50 -18.39
C VAL E 51 13.26 -59.97 -17.35
N ASP E 52 14.42 -60.61 -17.25
CA ASP E 52 15.52 -60.18 -16.39
C ASP E 52 16.79 -60.87 -16.87
N VAL E 53 17.91 -60.53 -16.27
CA VAL E 53 19.21 -61.15 -16.64
C VAL E 53 19.49 -62.42 -15.83
N MET E 54 18.94 -62.51 -14.63
CA MET E 54 19.15 -63.63 -13.72
C MET E 54 18.21 -64.77 -14.07
N GLU E 55 18.70 -65.72 -14.86
CA GLU E 55 17.87 -66.76 -15.49
C GLU E 55 17.19 -67.69 -14.50
N ASP E 56 17.88 -68.04 -13.42
CA ASP E 56 17.33 -68.90 -12.40
C ASP E 56 16.18 -68.28 -11.66
N LYS E 57 16.42 -67.12 -11.07
CA LYS E 57 15.39 -66.37 -10.37
C LYS E 57 14.18 -66.18 -11.28
N LEU E 58 14.44 -65.85 -12.54
CA LEU E 58 13.40 -65.59 -13.52
C LEU E 58 12.50 -66.81 -13.71
N LYS E 59 13.12 -67.92 -14.01
CA LYS E 59 12.41 -69.15 -14.26
C LYS E 59 11.63 -69.58 -13.01
N GLY E 60 12.22 -69.40 -11.84
CA GLY E 60 11.58 -69.80 -10.60
C GLY E 60 10.32 -69.01 -10.30
N GLU E 61 10.41 -67.68 -10.50
CA GLU E 61 9.26 -66.82 -10.32
C GLU E 61 8.16 -67.18 -11.30
N MET E 62 8.52 -67.43 -12.54
CA MET E 62 7.56 -67.84 -13.55
C MET E 62 6.80 -69.10 -13.13
N MET E 63 7.54 -70.12 -12.72
CA MET E 63 6.94 -71.39 -12.34
C MET E 63 5.99 -71.23 -11.16
N ASP E 64 6.46 -70.48 -10.16
CA ASP E 64 5.66 -70.26 -8.97
C ASP E 64 4.31 -69.64 -9.35
N LEU E 65 4.33 -68.63 -10.22
CA LEU E 65 3.11 -68.02 -10.72
C LEU E 65 2.24 -69.00 -11.50
N GLN E 66 2.86 -69.74 -12.40
CA GLN E 66 2.12 -70.71 -13.22
C GLN E 66 1.36 -71.72 -12.37
N HIS E 67 1.95 -72.12 -11.25
CA HIS E 67 1.32 -73.12 -10.42
C HIS E 67 0.03 -72.63 -9.82
N GLY E 68 -0.14 -71.30 -9.79
CA GLY E 68 -1.37 -70.69 -9.31
C GLY E 68 -2.40 -70.42 -10.39
N SER E 69 -2.16 -70.92 -11.60
CA SER E 69 -3.00 -70.56 -12.76
C SER E 69 -4.46 -70.93 -12.55
N LEU E 70 -4.73 -71.97 -11.78
CA LEU E 70 -6.09 -72.36 -11.46
C LEU E 70 -6.88 -71.21 -10.82
N PHE E 71 -6.18 -70.38 -10.06
CA PHE E 71 -6.80 -69.29 -9.32
C PHE E 71 -6.69 -67.96 -10.02
N LEU E 72 -6.25 -67.97 -11.28
CA LEU E 72 -6.09 -66.75 -12.05
C LEU E 72 -6.89 -66.84 -13.33
N ARG E 73 -7.00 -65.70 -14.03
CA ARG E 73 -7.68 -65.63 -15.31
CA ARG E 73 -7.68 -65.63 -15.31
C ARG E 73 -6.75 -65.03 -16.35
N THR E 74 -5.47 -65.34 -16.21
CA THR E 74 -4.48 -64.94 -17.18
C THR E 74 -3.82 -66.23 -17.66
N PRO E 75 -4.19 -66.67 -18.86
CA PRO E 75 -3.84 -68.04 -19.27
C PRO E 75 -2.37 -68.27 -19.62
N LYS E 76 -1.61 -67.22 -19.90
CA LYS E 76 -0.23 -67.42 -20.37
C LYS E 76 0.74 -66.55 -19.62
N ILE E 77 1.69 -67.19 -18.98
CA ILE E 77 2.75 -66.47 -18.29
C ILE E 77 4.06 -66.99 -18.83
N VAL E 78 4.90 -66.10 -19.32
CA VAL E 78 6.15 -66.50 -19.96
C VAL E 78 7.30 -65.65 -19.47
N SER E 79 8.51 -66.16 -19.67
CA SER E 79 9.70 -65.44 -19.22
C SER E 79 10.90 -65.84 -20.04
N GLY E 80 11.96 -65.06 -19.93
CA GLY E 80 13.19 -65.36 -20.65
C GLY E 80 14.18 -64.21 -20.57
N LYS E 81 15.45 -64.50 -20.83
CA LYS E 81 16.44 -63.43 -20.91
C LYS E 81 16.39 -62.77 -22.26
N ASP E 82 15.91 -63.48 -23.26
CA ASP E 82 15.78 -62.97 -24.62
C ASP E 82 14.47 -62.18 -24.79
N TYR E 83 14.56 -60.96 -25.30
CA TYR E 83 13.39 -60.07 -25.39
C TYR E 83 12.35 -60.49 -26.40
N SER E 84 12.65 -61.47 -27.25
CA SER E 84 11.63 -62.01 -28.15
C SER E 84 10.37 -62.44 -27.37
N VAL E 85 10.52 -62.90 -26.14
CA VAL E 85 9.33 -63.28 -25.35
C VAL E 85 8.42 -62.09 -25.02
N THR E 86 8.89 -60.87 -25.24
CA THR E 86 8.09 -59.68 -24.95
C THR E 86 7.31 -59.16 -26.15
N ALA E 87 7.37 -59.88 -27.27
CA ALA E 87 6.76 -59.40 -28.50
C ALA E 87 5.26 -59.07 -28.35
N ASN E 88 4.85 -57.97 -28.98
CA ASN E 88 3.44 -57.56 -29.03
C ASN E 88 2.86 -57.16 -27.69
N SER E 89 3.68 -56.58 -26.82
CA SER E 89 3.17 -56.06 -25.59
C SER E 89 2.47 -54.74 -25.89
N LYS E 90 1.31 -54.52 -25.25
CA LYS E 90 0.65 -53.22 -25.32
C LYS E 90 1.32 -52.28 -24.34
N LEU E 91 1.84 -52.85 -23.26
CA LEU E 91 2.40 -52.07 -22.17
C LEU E 91 3.61 -52.78 -21.60
N VAL E 92 4.69 -52.03 -21.46
CA VAL E 92 5.92 -52.58 -20.92
C VAL E 92 6.33 -51.76 -19.71
N ILE E 93 6.49 -52.45 -18.59
CA ILE E 93 6.80 -51.81 -17.33
C ILE E 93 8.25 -52.09 -16.98
N ILE E 94 9.00 -51.02 -16.75
CA ILE E 94 10.42 -51.13 -16.50
C ILE E 94 10.75 -50.90 -15.04
N THR E 95 11.22 -51.94 -14.36
CA THR E 95 11.60 -51.86 -12.96
C THR E 95 13.07 -52.13 -12.73
N ALA E 96 13.79 -52.52 -13.77
CA ALA E 96 15.22 -52.80 -13.66
C ALA E 96 16.01 -51.51 -13.54
N GLY E 97 17.15 -51.60 -12.90
CA GLY E 97 17.99 -50.42 -12.69
C GLY E 97 19.30 -50.79 -12.01
N ALA E 98 20.15 -49.80 -11.84
CA ALA E 98 21.48 -50.01 -11.29
C ALA E 98 21.40 -49.88 -9.79
N ARG E 99 22.17 -50.73 -9.12
CA ARG E 99 22.27 -50.82 -7.69
C ARG E 99 23.21 -49.72 -7.17
N GLN E 100 22.82 -49.10 -6.05
CA GLN E 100 23.51 -47.97 -5.50
C GLN E 100 24.91 -48.27 -5.01
N GLN E 101 25.85 -47.35 -5.25
CA GLN E 101 27.21 -47.57 -4.77
C GLN E 101 27.61 -46.55 -3.74
N GLU E 102 28.55 -46.95 -2.87
CA GLU E 102 29.00 -46.10 -1.80
C GLU E 102 29.74 -44.89 -2.34
N GLY E 103 29.29 -43.71 -1.94
CA GLY E 103 29.97 -42.44 -2.26
C GLY E 103 29.92 -42.06 -3.73
N GLU E 104 29.01 -42.71 -4.46
CA GLU E 104 28.86 -42.51 -5.88
C GLU E 104 28.03 -41.26 -6.14
N SER E 105 28.51 -40.42 -7.07
CA SER E 105 27.82 -39.20 -7.42
C SER E 105 26.50 -39.49 -8.14
N ARG E 106 25.59 -38.52 -8.10
CA ARG E 106 24.31 -38.67 -8.76
C ARG E 106 24.49 -38.91 -10.25
N LEU E 107 25.37 -38.12 -10.87
CA LEU E 107 25.61 -38.24 -12.29
C LEU E 107 26.11 -39.63 -12.66
N ASN E 108 27.01 -40.16 -11.84
CA ASN E 108 27.55 -41.48 -12.08
C ASN E 108 26.48 -42.57 -12.02
N LEU E 109 25.61 -42.47 -11.01
CA LEU E 109 24.52 -43.43 -10.87
C LEU E 109 23.63 -43.44 -12.10
N VAL E 110 23.18 -42.25 -12.49
CA VAL E 110 22.33 -42.14 -13.67
C VAL E 110 23.00 -42.73 -14.89
N GLN E 111 24.28 -42.41 -15.10
CA GLN E 111 25.00 -42.90 -16.28
C GLN E 111 25.01 -44.41 -16.32
N ARG E 112 25.22 -45.05 -15.17
CA ARG E 112 25.20 -46.51 -15.10
C ARG E 112 23.85 -47.07 -15.53
N ASN E 113 22.78 -46.36 -15.16
CA ASN E 113 21.44 -46.74 -15.60
C ASN E 113 21.23 -46.50 -17.08
N VAL E 114 21.76 -45.41 -17.58
CA VAL E 114 21.69 -45.16 -19.02
C VAL E 114 22.27 -46.36 -19.74
N ASN E 115 23.41 -46.84 -19.28
CA ASN E 115 24.07 -47.95 -19.94
C ASN E 115 23.21 -49.21 -19.92
N ILE E 116 22.49 -49.42 -18.83
CA ILE E 116 21.56 -50.52 -18.75
C ILE E 116 20.39 -50.33 -19.72
N PHE E 117 19.82 -49.12 -19.72
CA PHE E 117 18.69 -48.80 -20.58
C PHE E 117 19.05 -48.87 -22.05
N LYS E 118 20.32 -48.61 -22.36
CA LYS E 118 20.80 -48.70 -23.73
C LYS E 118 20.68 -50.12 -24.26
N PHE E 119 20.68 -51.11 -23.37
CA PHE E 119 20.47 -52.49 -23.77
C PHE E 119 18.97 -52.82 -23.77
N ILE E 120 18.28 -52.43 -22.71
CA ILE E 120 16.88 -52.79 -22.53
C ILE E 120 15.95 -52.15 -23.58
N ILE E 121 15.98 -50.83 -23.67
CA ILE E 121 14.96 -50.12 -24.45
C ILE E 121 14.93 -50.52 -25.93
N PRO E 122 16.09 -50.52 -26.60
CA PRO E 122 16.08 -50.90 -28.02
C PRO E 122 15.50 -52.29 -28.24
N ASN E 123 15.77 -53.21 -27.32
CA ASN E 123 15.20 -54.56 -27.42
C ASN E 123 13.70 -54.57 -27.22
N VAL E 124 13.22 -53.75 -26.29
CA VAL E 124 11.79 -53.64 -26.08
C VAL E 124 11.11 -53.12 -27.34
N VAL E 125 11.62 -52.00 -27.86
CA VAL E 125 11.01 -51.33 -29.00
C VAL E 125 11.05 -52.21 -30.24
N LYS E 126 12.10 -53.02 -30.36
CA LYS E 126 12.24 -53.92 -31.47
C LYS E 126 11.07 -54.88 -31.56
N TYR E 127 10.66 -55.45 -30.44
CA TYR E 127 9.63 -56.48 -30.44
C TYR E 127 8.23 -55.96 -30.19
N SER E 128 8.10 -54.76 -29.65
CA SER E 128 6.79 -54.18 -29.38
C SER E 128 6.83 -52.71 -29.77
N PRO E 129 6.91 -52.44 -31.08
CA PRO E 129 7.08 -51.08 -31.59
C PRO E 129 5.94 -50.12 -31.25
N HIS E 130 4.76 -50.65 -30.90
CA HIS E 130 3.60 -49.82 -30.63
C HIS E 130 3.23 -49.72 -29.14
N CYS E 131 4.09 -50.25 -28.27
CA CYS E 131 3.78 -50.31 -26.87
C CYS E 131 3.86 -48.95 -26.22
N LYS E 132 3.33 -48.87 -25.00
CA LYS E 132 3.59 -47.74 -24.13
C LYS E 132 4.62 -48.19 -23.13
N LEU E 133 5.52 -47.28 -22.79
CA LEU E 133 6.54 -47.55 -21.79
C LEU E 133 6.16 -46.89 -20.49
N LEU E 134 6.23 -47.67 -19.42
CA LEU E 134 5.98 -47.14 -18.08
C LEU E 134 7.22 -47.40 -17.25
N VAL E 135 7.91 -46.33 -16.90
CA VAL E 135 9.16 -46.43 -16.18
C VAL E 135 8.91 -46.25 -14.69
N VAL E 136 9.43 -47.18 -13.91
CA VAL E 136 9.26 -47.17 -12.45
C VAL E 136 10.60 -46.97 -11.72
N SER E 137 11.68 -47.44 -12.35
CA SER E 137 13.03 -47.31 -11.81
C SER E 137 13.39 -45.90 -11.39
N ASN E 138 14.22 -45.79 -10.36
CA ASN E 138 14.67 -44.48 -9.87
C ASN E 138 16.08 -44.14 -10.30
N PRO E 139 16.35 -42.85 -10.48
CA PRO E 139 15.39 -41.76 -10.29
C PRO E 139 14.43 -41.61 -11.47
N VAL E 140 13.14 -41.67 -11.18
CA VAL E 140 12.14 -41.94 -12.21
C VAL E 140 12.03 -40.83 -13.24
N ASP E 141 12.07 -39.58 -12.80
CA ASP E 141 11.89 -38.47 -13.71
C ASP E 141 13.02 -38.44 -14.75
N ILE E 142 14.23 -38.70 -14.31
CA ILE E 142 15.38 -38.71 -15.21
C ILE E 142 15.39 -39.93 -16.12
N LEU E 143 15.09 -41.10 -15.57
CA LEU E 143 15.13 -42.31 -16.36
C LEU E 143 13.99 -42.39 -17.36
N THR E 144 12.89 -41.71 -17.07
CA THR E 144 11.80 -41.60 -18.03
C THR E 144 12.28 -40.79 -19.24
N TYR E 145 13.03 -39.73 -18.97
CA TYR E 145 13.66 -38.94 -20.03
C TYR E 145 14.62 -39.81 -20.86
N VAL E 146 15.44 -40.59 -20.18
CA VAL E 146 16.40 -41.46 -20.86
C VAL E 146 15.67 -42.43 -21.79
N ALA E 147 14.63 -43.07 -21.29
CA ALA E 147 13.87 -44.04 -22.07
C ALA E 147 13.24 -43.38 -23.28
N TRP E 148 12.73 -42.16 -23.09
CA TRP E 148 12.13 -41.41 -24.18
C TRP E 148 13.17 -41.15 -25.28
N LYS E 149 14.31 -40.61 -24.86
CA LYS E 149 15.41 -40.33 -25.76
C LYS E 149 15.83 -41.54 -26.57
N ILE E 150 16.08 -42.66 -25.89
CA ILE E 150 16.57 -43.86 -26.53
C ILE E 150 15.51 -44.54 -27.39
N SER E 151 14.26 -44.50 -26.97
CA SER E 151 13.20 -45.21 -27.68
C SER E 151 12.87 -44.51 -28.99
N GLY E 152 12.97 -43.19 -29.00
CA GLY E 152 12.49 -42.39 -30.11
C GLY E 152 10.96 -42.37 -30.21
N PHE E 153 10.27 -42.82 -29.16
CA PHE E 153 8.81 -42.77 -29.14
C PHE E 153 8.39 -41.31 -28.96
N PRO E 154 7.18 -40.99 -29.42
CA PRO E 154 6.58 -39.71 -29.08
C PRO E 154 6.25 -39.69 -27.58
N LYS E 155 6.25 -38.49 -27.00
CA LYS E 155 6.20 -38.34 -25.55
C LYS E 155 4.91 -38.86 -24.87
N ASN E 156 3.80 -38.89 -25.59
CA ASN E 156 2.57 -39.42 -25.01
C ASN E 156 2.70 -40.89 -24.61
N ARG E 157 3.69 -41.59 -25.15
CA ARG E 157 3.82 -43.01 -24.96
C ARG E 157 4.93 -43.41 -24.00
N VAL E 158 5.61 -42.44 -23.42
CA VAL E 158 6.63 -42.75 -22.44
C VAL E 158 6.23 -42.09 -21.14
N ILE E 159 5.96 -42.92 -20.14
CA ILE E 159 5.33 -42.47 -18.90
C ILE E 159 6.19 -42.88 -17.71
N GLY E 160 6.38 -41.96 -16.78
CA GLY E 160 7.05 -42.26 -15.53
C GLY E 160 6.04 -42.35 -14.40
N SER E 161 6.21 -43.31 -13.50
CA SER E 161 5.26 -43.49 -12.40
C SER E 161 5.23 -42.26 -11.48
N GLY E 162 6.32 -41.49 -11.48
CA GLY E 162 6.37 -40.21 -10.80
C GLY E 162 5.77 -40.21 -9.40
N CYS E 163 4.87 -39.27 -9.15
CA CYS E 163 4.32 -39.04 -7.82
C CYS E 163 2.97 -39.73 -7.57
N ASN E 164 2.67 -40.75 -8.37
CA ASN E 164 1.41 -41.47 -8.20
C ASN E 164 1.31 -42.07 -6.79
N LEU E 165 2.36 -42.77 -6.38
CA LEU E 165 2.35 -43.42 -5.07
C LEU E 165 2.46 -42.40 -3.94
N ASP E 166 3.31 -41.39 -4.12
CA ASP E 166 3.46 -40.35 -3.12
C ASP E 166 2.11 -39.69 -2.80
N SER E 167 1.32 -39.41 -3.84
CA SER E 167 -0.01 -38.84 -3.65
C SER E 167 -0.94 -39.82 -2.92
N ALA E 168 -0.79 -41.11 -3.21
CA ALA E 168 -1.59 -42.13 -2.54
C ALA E 168 -1.26 -42.22 -1.06
N ARG E 169 0.03 -42.14 -0.73
CA ARG E 169 0.47 -42.11 0.65
C ARG E 169 -0.10 -40.88 1.34
N PHE E 170 -0.04 -39.77 0.64
CA PHE E 170 -0.51 -38.53 1.18
C PHE E 170 -1.98 -38.61 1.56
N ARG E 171 -2.79 -39.19 0.68
CA ARG E 171 -4.21 -39.29 0.93
C ARG E 171 -4.52 -40.25 2.07
N TYR E 172 -3.72 -41.31 2.18
CA TYR E 172 -3.87 -42.24 3.29
C TYR E 172 -3.67 -41.53 4.63
N LEU E 173 -2.62 -40.72 4.69
CA LEU E 173 -2.30 -40.00 5.91
C LEU E 173 -3.34 -38.93 6.25
N MET E 174 -3.82 -38.23 5.22
CA MET E 174 -4.92 -37.29 5.41
C MET E 174 -6.14 -38.01 5.99
N GLY E 175 -6.43 -39.18 5.44
CA GLY E 175 -7.56 -39.98 5.88
C GLY E 175 -7.44 -40.40 7.32
N GLU E 176 -6.23 -40.78 7.73
CA GLU E 176 -5.99 -41.15 9.12
C GLU E 176 -6.31 -39.99 10.06
N ARG E 177 -5.89 -38.79 9.68
CA ARG E 177 -6.14 -37.62 10.50
C ARG E 177 -7.61 -37.20 10.54
N LEU E 178 -8.35 -37.43 9.47
CA LEU E 178 -9.73 -36.96 9.38
C LEU E 178 -10.77 -38.04 9.68
N GLY E 179 -10.35 -39.30 9.73
CA GLY E 179 -11.27 -40.40 9.99
C GLY E 179 -12.14 -40.78 8.80
N VAL E 180 -11.63 -40.54 7.59
CA VAL E 180 -12.32 -40.95 6.37
C VAL E 180 -11.36 -41.73 5.48
N HIS E 181 -11.92 -42.54 4.59
CA HIS E 181 -11.11 -43.35 3.69
C HIS E 181 -10.29 -42.47 2.76
N ALA E 182 -9.13 -42.98 2.36
CA ALA E 182 -8.25 -42.26 1.44
C ALA E 182 -8.96 -41.86 0.15
N LEU E 183 -9.91 -42.68 -0.28
CA LEU E 183 -10.67 -42.46 -1.51
C LEU E 183 -11.43 -41.15 -1.48
N SER E 184 -11.79 -40.69 -0.30
CA SER E 184 -12.61 -39.49 -0.17
C SER E 184 -11.81 -38.28 0.25
N CYS E 185 -10.51 -38.47 0.44
CA CYS E 185 -9.59 -37.36 0.68
C CYS E 185 -8.88 -37.05 -0.63
N HIS E 186 -8.82 -35.79 -0.99
CA HIS E 186 -8.16 -35.42 -2.24
C HIS E 186 -7.00 -34.49 -2.01
N GLY E 187 -5.90 -34.80 -2.65
CA GLY E 187 -4.67 -34.05 -2.51
C GLY E 187 -3.66 -34.48 -3.55
N TRP E 188 -2.83 -33.54 -3.97
CA TRP E 188 -1.92 -33.78 -5.07
C TRP E 188 -0.50 -33.40 -4.69
N ILE E 189 0.42 -34.33 -4.98
CA ILE E 189 1.83 -34.11 -4.86
C ILE E 189 2.38 -34.09 -6.27
N LEU E 190 3.07 -33.01 -6.63
CA LEU E 190 3.53 -32.80 -7.99
C LEU E 190 5.03 -32.58 -8.07
N GLY E 191 5.53 -32.53 -9.29
CA GLY E 191 6.91 -32.21 -9.55
C GLY E 191 7.86 -33.39 -9.48
N GLU E 192 9.02 -33.15 -8.88
CA GLU E 192 10.06 -34.14 -8.83
C GLU E 192 9.77 -35.15 -7.74
N HIS E 193 9.82 -36.42 -8.11
CA HIS E 193 9.59 -37.51 -7.17
C HIS E 193 10.67 -37.50 -6.09
N GLY E 194 10.27 -37.70 -4.84
CA GLY E 194 11.22 -37.69 -3.72
C GLY E 194 11.23 -36.39 -2.93
N ASP E 195 12.39 -36.04 -2.38
CA ASP E 195 12.52 -34.94 -1.42
C ASP E 195 11.99 -33.59 -1.88
N SER E 196 12.02 -33.33 -3.19
CA SER E 196 11.66 -32.02 -3.72
C SER E 196 10.26 -31.94 -4.28
N SER E 197 9.41 -32.91 -3.95
CA SER E 197 8.02 -32.89 -4.40
C SER E 197 7.28 -31.68 -3.86
N VAL E 198 6.25 -31.26 -4.58
CA VAL E 198 5.46 -30.12 -4.19
C VAL E 198 4.06 -30.57 -3.75
N PRO E 199 3.73 -30.38 -2.48
CA PRO E 199 2.36 -30.58 -2.03
C PRO E 199 1.51 -29.36 -2.36
N VAL E 200 0.47 -29.55 -3.16
CA VAL E 200 -0.39 -28.45 -3.57
C VAL E 200 -1.52 -28.25 -2.57
N TRP E 201 -1.25 -27.41 -1.57
CA TRP E 201 -2.16 -27.21 -0.43
C TRP E 201 -3.51 -26.67 -0.85
N SER E 202 -3.50 -25.77 -1.83
CA SER E 202 -4.72 -25.13 -2.30
C SER E 202 -5.76 -26.15 -2.77
N GLY E 203 -5.28 -27.24 -3.38
CA GLY E 203 -6.17 -28.25 -3.95
C GLY E 203 -6.68 -29.33 -3.01
N MET E 204 -6.28 -29.28 -1.76
CA MET E 204 -6.66 -30.33 -0.81
C MET E 204 -8.07 -30.14 -0.31
N ASN E 205 -8.88 -31.19 -0.45
CA ASN E 205 -10.29 -31.09 -0.09
C ASN E 205 -10.92 -32.42 0.30
N VAL E 206 -12.03 -32.32 1.01
CA VAL E 206 -12.93 -33.43 1.26
C VAL E 206 -14.30 -32.93 0.85
N ALA E 207 -15.00 -33.70 0.02
CA ALA E 207 -16.31 -33.33 -0.49
C ALA E 207 -16.31 -31.92 -1.11
N GLY E 208 -15.19 -31.55 -1.70
CA GLY E 208 -15.08 -30.26 -2.37
C GLY E 208 -14.91 -29.07 -1.44
N VAL E 209 -14.70 -29.33 -0.15
CA VAL E 209 -14.44 -28.27 0.82
C VAL E 209 -12.94 -28.08 0.93
N SER E 210 -12.44 -26.92 0.53
CA SER E 210 -11.00 -26.69 0.55
C SER E 210 -10.49 -26.45 1.97
N LEU E 211 -9.50 -27.25 2.39
CA LEU E 211 -8.98 -27.20 3.74
C LEU E 211 -8.26 -25.89 3.99
N LYS E 212 -7.55 -25.38 2.98
CA LYS E 212 -6.82 -24.12 3.10
C LYS E 212 -7.76 -22.95 3.46
N THR E 213 -9.00 -23.00 2.98
CA THR E 213 -9.96 -21.96 3.30
C THR E 213 -10.45 -22.05 4.74
N LEU E 214 -10.61 -23.27 5.26
CA LEU E 214 -11.02 -23.45 6.64
C LEU E 214 -9.90 -23.22 7.65
N HIS E 215 -8.67 -23.38 7.19
CA HIS E 215 -7.50 -23.36 8.06
C HIS E 215 -6.40 -22.67 7.28
N PRO E 216 -6.44 -21.32 7.23
CA PRO E 216 -5.58 -20.58 6.31
C PRO E 216 -4.09 -20.79 6.51
N GLU E 217 -3.66 -21.22 7.70
CA GLU E 217 -2.23 -21.41 7.95
CA GLU E 217 -2.22 -21.42 7.95
C GLU E 217 -1.75 -22.79 7.46
N LEU E 218 -2.67 -23.58 6.92
CA LEU E 218 -2.36 -24.92 6.38
C LEU E 218 -1.15 -24.89 5.45
N GLY E 219 -0.14 -25.69 5.79
CA GLY E 219 1.04 -25.81 4.92
C GLY E 219 2.13 -24.79 5.21
N THR E 220 1.87 -23.87 6.14
CA THR E 220 2.88 -22.90 6.58
C THR E 220 3.54 -23.43 7.85
N ASP E 221 4.41 -22.62 8.44
CA ASP E 221 5.04 -22.97 9.73
C ASP E 221 4.23 -22.43 10.91
N ALA E 222 3.51 -21.32 10.68
CA ALA E 222 2.50 -20.83 11.63
C ALA E 222 1.44 -21.90 11.94
N ASP E 223 1.37 -22.91 11.09
CA ASP E 223 0.39 -24.00 11.21
C ASP E 223 0.60 -24.81 12.48
N LYS E 224 -0.28 -24.59 13.44
CA LYS E 224 -0.23 -25.25 14.74
C LYS E 224 -0.56 -26.73 14.67
N GLU E 225 -1.13 -27.18 13.55
CA GLU E 225 -1.43 -28.60 13.36
C GLU E 225 -0.35 -29.30 12.55
N GLN E 226 0.67 -28.57 12.14
CA GLN E 226 1.81 -29.12 11.41
C GLN E 226 1.42 -30.00 10.25
N TRP E 227 0.60 -29.50 9.33
CA TRP E 227 0.26 -30.29 8.15
C TRP E 227 1.45 -30.42 7.24
N LYS E 228 2.32 -29.42 7.28
CA LYS E 228 3.56 -29.50 6.55
C LYS E 228 4.30 -30.80 6.86
N GLN E 229 4.17 -31.28 8.09
CA GLN E 229 4.79 -32.54 8.50
C GLN E 229 4.30 -33.74 7.71
N VAL E 230 3.03 -33.73 7.34
CA VAL E 230 2.43 -34.85 6.60
C VAL E 230 3.18 -35.08 5.30
N HIS E 231 3.54 -33.99 4.61
CA HIS E 231 4.31 -34.09 3.39
C HIS E 231 5.70 -34.66 3.68
N LYS E 232 6.35 -34.15 4.72
CA LYS E 232 7.65 -34.69 5.12
C LYS E 232 7.53 -36.19 5.39
N GLN E 233 6.45 -36.57 6.06
CA GLN E 233 6.17 -37.96 6.37
C GLN E 233 6.08 -38.81 5.11
N VAL E 234 5.44 -38.28 4.07
CA VAL E 234 5.33 -38.99 2.80
C VAL E 234 6.70 -39.28 2.22
N VAL E 235 7.58 -38.28 2.24
CA VAL E 235 8.94 -38.41 1.73
C VAL E 235 9.73 -39.43 2.57
N ASP E 236 9.62 -39.32 3.88
CA ASP E 236 10.35 -40.20 4.79
C ASP E 236 9.85 -41.65 4.75
N SER E 237 8.54 -41.85 4.57
CA SER E 237 7.97 -43.20 4.57
C SER E 237 8.68 -44.22 3.75
N ALA E 238 9.15 -43.82 2.57
CA ALA E 238 9.89 -44.74 1.72
C ALA E 238 11.12 -45.29 2.46
N TYR E 239 11.93 -44.40 3.04
CA TYR E 239 13.13 -44.80 3.76
C TYR E 239 12.77 -45.56 5.02
N GLU E 240 11.77 -45.07 5.74
CA GLU E 240 11.26 -45.74 6.94
C GLU E 240 10.99 -47.23 6.66
N VAL E 241 10.32 -47.52 5.54
CA VAL E 241 9.96 -48.90 5.22
C VAL E 241 11.20 -49.70 4.84
N ILE E 242 12.10 -49.10 4.07
CA ILE E 242 13.33 -49.79 3.66
C ILE E 242 14.19 -50.11 4.91
N LYS E 243 14.25 -49.17 5.85
CA LYS E 243 15.03 -49.41 7.04
C LYS E 243 14.39 -50.51 7.87
N LEU E 244 13.08 -50.67 7.80
CA LEU E 244 12.39 -51.66 8.62
C LEU E 244 12.37 -53.06 8.03
N LYS E 245 12.03 -53.16 6.74
CA LYS E 245 11.90 -54.50 6.13
C LYS E 245 12.88 -54.72 4.98
N GLY E 246 13.67 -53.71 4.64
CA GLY E 246 14.74 -53.87 3.65
C GLY E 246 14.46 -53.29 2.27
N TYR E 247 13.19 -53.07 1.95
CA TYR E 247 12.80 -52.61 0.62
C TYR E 247 11.33 -52.24 0.68
N THR E 248 10.83 -51.64 -0.40
CA THR E 248 9.39 -51.39 -0.54
C THR E 248 8.89 -52.15 -1.76
N THR E 249 7.68 -52.69 -1.67
CA THR E 249 7.13 -53.47 -2.76
C THR E 249 5.64 -53.30 -3.00
N TRP E 250 4.84 -53.56 -1.99
CA TRP E 250 3.43 -53.78 -2.21
C TRP E 250 2.74 -52.54 -2.73
N ALA E 251 3.01 -51.41 -2.09
CA ALA E 251 2.37 -50.17 -2.46
C ALA E 251 2.70 -49.74 -3.88
N ILE E 252 3.95 -49.90 -4.28
CA ILE E 252 4.36 -49.56 -5.64
C ILE E 252 3.62 -50.45 -6.63
N GLY E 253 3.56 -51.75 -6.31
CA GLY E 253 2.89 -52.72 -7.17
C GLY E 253 1.44 -52.33 -7.40
N LEU E 254 0.75 -51.94 -6.34
CA LEU E 254 -0.63 -51.55 -6.44
C LEU E 254 -0.78 -50.26 -7.23
N SER E 255 0.09 -49.30 -6.97
CA SER E 255 0.06 -48.02 -7.68
C SER E 255 0.28 -48.23 -9.17
N VAL E 256 1.20 -49.11 -9.52
CA VAL E 256 1.50 -49.37 -10.93
C VAL E 256 0.33 -50.08 -11.61
N ALA E 257 -0.25 -51.05 -10.94
CA ALA E 257 -1.42 -51.75 -11.46
C ALA E 257 -2.56 -50.78 -11.73
N ASP E 258 -2.72 -49.79 -10.86
CA ASP E 258 -3.73 -48.76 -11.04
C ASP E 258 -3.51 -48.00 -12.33
N LEU E 259 -2.27 -47.65 -12.62
CA LEU E 259 -1.96 -46.97 -13.87
C LEU E 259 -2.24 -47.89 -15.05
N ALA E 260 -1.81 -49.14 -14.93
CA ALA E 260 -2.06 -50.13 -15.96
C ALA E 260 -3.53 -50.27 -16.28
N GLU E 261 -4.36 -50.22 -15.24
CA GLU E 261 -5.80 -50.30 -15.44
C GLU E 261 -6.31 -49.16 -16.33
N SER E 262 -5.90 -47.93 -16.03
CA SER E 262 -6.33 -46.79 -16.83
C SER E 262 -5.91 -46.94 -18.30
N ILE E 263 -4.73 -47.48 -18.51
CA ILE E 263 -4.21 -47.68 -19.86
C ILE E 263 -4.94 -48.79 -20.59
N MET E 264 -5.00 -49.96 -19.98
CA MET E 264 -5.58 -51.13 -20.65
C MET E 264 -7.06 -50.97 -20.90
N LYS E 265 -7.75 -50.25 -20.02
CA LYS E 265 -9.20 -50.05 -20.17
C LYS E 265 -9.59 -48.69 -20.73
N ASN E 266 -8.60 -47.89 -21.08
CA ASN E 266 -8.82 -46.57 -21.68
C ASN E 266 -9.78 -45.70 -20.87
N LEU E 267 -9.53 -45.62 -19.57
CA LEU E 267 -10.45 -44.95 -18.66
C LEU E 267 -10.40 -43.44 -18.75
N ARG E 268 -9.23 -42.88 -19.10
CA ARG E 268 -9.05 -41.42 -19.11
C ARG E 268 -9.28 -40.86 -17.71
N ARG E 269 -8.68 -41.51 -16.72
CA ARG E 269 -8.61 -40.97 -15.37
C ARG E 269 -7.40 -40.06 -15.27
N VAL E 270 -7.39 -39.21 -14.27
CA VAL E 270 -6.28 -38.29 -14.05
C VAL E 270 -5.37 -38.82 -12.95
N HIS E 271 -4.09 -38.96 -13.27
CA HIS E 271 -3.10 -39.42 -12.32
C HIS E 271 -1.92 -38.43 -12.26
N PRO E 272 -1.29 -38.30 -11.09
CA PRO E 272 -0.09 -37.48 -11.00
C PRO E 272 1.12 -38.31 -11.42
N ILE E 273 1.46 -38.21 -12.69
CA ILE E 273 2.53 -39.01 -13.24
C ILE E 273 3.51 -38.15 -14.03
N SER E 274 4.67 -38.71 -14.29
CA SER E 274 5.76 -37.96 -14.87
C SER E 274 5.67 -37.93 -16.39
N THR E 275 5.54 -36.72 -16.93
CA THR E 275 5.50 -36.51 -18.38
C THR E 275 6.39 -35.33 -18.74
N MET E 276 6.72 -35.18 -20.02
CA MET E 276 7.56 -34.07 -20.42
C MET E 276 6.80 -32.76 -20.36
N LEU E 277 7.31 -31.78 -19.63
CA LEU E 277 6.51 -30.57 -19.43
C LEU E 277 7.08 -29.30 -20.03
N LYS E 278 7.97 -29.43 -20.99
CA LYS E 278 8.52 -28.25 -21.66
C LYS E 278 7.36 -27.43 -22.17
N GLY E 279 7.35 -26.15 -21.85
CA GLY E 279 6.30 -25.26 -22.30
C GLY E 279 5.26 -24.93 -21.25
N LEU E 280 5.39 -25.52 -20.07
CA LEU E 280 4.46 -25.23 -18.98
C LEU E 280 5.20 -24.68 -17.78
N TYR E 281 4.54 -23.78 -17.07
CA TYR E 281 5.12 -23.07 -15.94
C TYR E 281 6.49 -22.48 -16.27
N GLY E 282 6.66 -21.95 -17.49
CA GLY E 282 7.90 -21.31 -17.87
C GLY E 282 9.11 -22.21 -17.86
N ILE E 283 8.89 -23.51 -18.03
CA ILE E 283 9.99 -24.46 -18.15
C ILE E 283 10.34 -24.58 -19.62
N LYS E 284 11.62 -24.41 -19.94
CA LYS E 284 12.04 -24.38 -21.33
C LYS E 284 12.91 -25.57 -21.73
N GLU E 285 13.16 -26.48 -20.79
CA GLU E 285 14.06 -27.59 -21.07
C GLU E 285 13.32 -28.92 -21.25
N ASP E 286 13.96 -29.89 -21.87
CA ASP E 286 13.38 -31.22 -22.02
C ASP E 286 13.45 -32.00 -20.70
N VAL E 287 12.50 -31.75 -19.80
CA VAL E 287 12.45 -32.47 -18.54
C VAL E 287 11.08 -33.10 -18.27
N PHE E 288 11.10 -34.19 -17.52
CA PHE E 288 9.89 -34.84 -17.08
C PHE E 288 9.65 -34.55 -15.61
N LEU E 289 8.41 -34.16 -15.29
CA LEU E 289 7.99 -33.99 -13.91
C LEU E 289 6.53 -34.42 -13.79
N SER E 290 6.10 -34.73 -12.58
CA SER E 290 4.74 -35.17 -12.36
C SER E 290 3.77 -33.99 -12.37
N VAL E 291 2.75 -34.12 -13.21
CA VAL E 291 1.61 -33.25 -13.20
C VAL E 291 0.39 -34.14 -13.44
N PRO E 292 -0.81 -33.61 -13.18
CA PRO E 292 -1.99 -34.43 -13.39
C PRO E 292 -2.22 -34.70 -14.87
N CYS E 293 -2.15 -35.97 -15.25
CA CYS E 293 -2.29 -36.35 -16.64
C CYS E 293 -3.50 -37.22 -16.86
N VAL E 294 -4.14 -37.06 -18.02
CA VAL E 294 -5.22 -37.94 -18.42
C VAL E 294 -4.61 -39.14 -19.11
N LEU E 295 -4.92 -40.32 -18.60
CA LEU E 295 -4.24 -41.55 -19.00
C LEU E 295 -5.24 -42.51 -19.62
N GLY E 296 -4.88 -43.05 -20.79
CA GLY E 296 -5.78 -43.89 -21.55
C GLY E 296 -4.99 -44.81 -22.46
N GLN E 297 -5.65 -45.38 -23.47
CA GLN E 297 -5.04 -46.43 -24.26
C GLN E 297 -3.85 -45.93 -25.09
N ASN E 298 -3.77 -44.63 -25.34
CA ASN E 298 -2.64 -44.07 -26.07
C ASN E 298 -1.66 -43.36 -25.17
N GLY E 299 -1.68 -43.71 -23.89
CA GLY E 299 -0.81 -43.03 -22.95
C GLY E 299 -1.40 -41.71 -22.54
N ILE E 300 -0.58 -40.68 -22.48
CA ILE E 300 -0.99 -39.38 -21.97
C ILE E 300 -1.52 -38.50 -23.09
N SER E 301 -2.82 -38.25 -23.07
CA SER E 301 -3.49 -37.47 -24.09
C SER E 301 -3.60 -36.00 -23.71
N ASP E 302 -3.71 -35.73 -22.42
CA ASP E 302 -3.95 -34.38 -21.96
C ASP E 302 -3.28 -34.16 -20.62
N VAL E 303 -3.01 -32.91 -20.30
CA VAL E 303 -2.45 -32.53 -19.01
C VAL E 303 -3.34 -31.45 -18.38
N VAL E 304 -3.53 -31.52 -17.07
CA VAL E 304 -4.33 -30.53 -16.38
C VAL E 304 -3.43 -29.41 -15.88
N LYS E 305 -3.76 -28.18 -16.26
CA LYS E 305 -2.98 -27.02 -15.84
C LYS E 305 -3.41 -26.60 -14.45
N VAL E 306 -2.66 -27.02 -13.44
CA VAL E 306 -2.99 -26.63 -12.09
C VAL E 306 -2.45 -25.24 -11.85
N THR E 307 -3.24 -24.40 -11.18
CA THR E 307 -2.84 -23.06 -10.86
C THR E 307 -1.91 -23.04 -9.63
N LEU E 308 -0.69 -22.58 -9.80
CA LEU E 308 0.33 -22.65 -8.75
C LEU E 308 0.74 -21.28 -8.22
N THR E 309 1.09 -21.24 -6.95
CA THR E 309 1.60 -20.01 -6.35
C THR E 309 3.01 -19.78 -6.91
N SER E 310 3.45 -18.53 -6.89
CA SER E 310 4.80 -18.18 -7.30
C SER E 310 5.86 -19.04 -6.61
N GLU E 311 5.65 -19.36 -5.33
CA GLU E 311 6.58 -20.21 -4.59
C GLU E 311 6.64 -21.60 -5.20
N GLU E 312 5.47 -22.19 -5.38
CA GLU E 312 5.35 -23.52 -6.00
C GLU E 312 5.97 -23.54 -7.39
N GLU E 313 5.61 -22.56 -8.21
CA GLU E 313 6.15 -22.43 -9.58
C GLU E 313 7.67 -22.35 -9.58
N ALA E 314 8.24 -21.60 -8.64
CA ALA E 314 9.68 -21.47 -8.53
C ALA E 314 10.30 -22.81 -8.15
N HIS E 315 9.66 -23.52 -7.24
CA HIS E 315 10.14 -24.83 -6.80
C HIS E 315 10.27 -25.79 -7.97
N LEU E 316 9.31 -25.73 -8.90
CA LEU E 316 9.34 -26.57 -10.09
C LEU E 316 10.48 -26.22 -11.00
N LYS E 317 10.65 -24.92 -11.27
CA LYS E 317 11.73 -24.45 -12.13
C LYS E 317 13.07 -24.87 -11.57
N LYS E 318 13.22 -24.80 -10.25
CA LYS E 318 14.45 -25.24 -9.60
C LYS E 318 14.72 -26.69 -9.95
N SER E 319 13.71 -27.54 -9.76
CA SER E 319 13.84 -28.96 -10.06
C SER E 319 14.21 -29.19 -11.52
N ALA E 320 13.56 -28.47 -12.43
CA ALA E 320 13.86 -28.58 -13.85
C ALA E 320 15.30 -28.26 -14.14
N ASP E 321 15.80 -27.15 -13.56
CA ASP E 321 17.19 -26.75 -13.75
C ASP E 321 18.14 -27.87 -13.31
N THR E 322 17.90 -28.44 -12.14
CA THR E 322 18.79 -29.46 -11.64
C THR E 322 18.80 -30.70 -12.52
N LEU E 323 17.60 -31.15 -12.92
CA LEU E 323 17.47 -32.32 -13.76
C LEU E 323 18.17 -32.12 -15.08
N TRP E 324 17.93 -30.97 -15.70
CA TRP E 324 18.58 -30.67 -16.96
C TRP E 324 20.10 -30.65 -16.78
N GLY E 325 20.57 -30.02 -15.70
CA GLY E 325 21.98 -29.99 -15.37
C GLY E 325 22.65 -31.35 -15.47
N ILE E 326 21.95 -32.37 -15.00
CA ILE E 326 22.44 -33.74 -15.07
C ILE E 326 22.26 -34.32 -16.47
N GLN E 327 21.06 -34.16 -17.03
CA GLN E 327 20.73 -34.75 -18.31
C GLN E 327 21.67 -34.31 -19.42
N LYS E 328 22.03 -33.03 -19.41
CA LYS E 328 22.94 -32.49 -20.41
C LYS E 328 24.32 -33.13 -20.36
N GLU E 329 24.66 -33.77 -19.25
CA GLU E 329 25.98 -34.40 -19.10
C GLU E 329 26.00 -35.88 -19.48
N LEU E 330 24.85 -36.42 -19.87
CA LEU E 330 24.74 -37.85 -20.09
C LEU E 330 25.26 -38.29 -21.44
N GLN E 331 25.91 -39.45 -21.46
CA GLN E 331 26.42 -40.01 -22.70
C GLN E 331 25.49 -41.10 -23.24
N PHE E 332 24.89 -40.82 -24.39
CA PHE E 332 23.98 -41.79 -25.03
C PHE E 332 24.69 -42.65 -26.08
N ALA F 2 -29.61 -97.23 1.58
CA ALA F 2 -29.03 -95.87 1.76
C ALA F 2 -29.24 -95.02 0.51
N ALA F 3 -29.59 -93.75 0.71
CA ALA F 3 -29.68 -92.77 -0.36
C ALA F 3 -28.32 -92.59 -1.05
N LEU F 4 -28.32 -91.92 -2.18
CA LEU F 4 -27.09 -91.58 -2.88
C LEU F 4 -26.28 -90.58 -2.04
N LYS F 5 -26.95 -89.55 -1.57
CA LYS F 5 -26.33 -88.56 -0.72
C LYS F 5 -25.54 -89.21 0.43
N ASP F 6 -26.09 -90.21 1.07
CA ASP F 6 -25.43 -90.90 2.19
C ASP F 6 -24.25 -91.74 1.75
N GLN F 7 -24.33 -92.30 0.55
CA GLN F 7 -23.23 -93.08 0.00
C GLN F 7 -22.06 -92.20 -0.40
N LEU F 8 -22.35 -90.94 -0.73
CA LEU F 8 -21.35 -90.02 -1.26
C LEU F 8 -20.77 -89.10 -0.20
N ILE F 9 -21.62 -88.58 0.67
CA ILE F 9 -21.21 -87.59 1.66
C ILE F 9 -21.31 -88.13 3.07
N HIS F 10 -20.19 -88.06 3.78
CA HIS F 10 -20.15 -88.38 5.19
C HIS F 10 -20.25 -87.11 6.02
N ASN F 11 -21.32 -86.97 6.79
CA ASN F 11 -21.55 -85.78 7.58
C ASN F 11 -20.72 -85.77 8.86
N LEU F 12 -20.17 -84.62 9.23
CA LEU F 12 -19.37 -84.48 10.44
C LEU F 12 -19.98 -83.51 11.43
N LEU F 13 -20.98 -82.75 10.98
CA LEU F 13 -21.44 -81.59 11.73
C LEU F 13 -22.83 -81.25 11.27
N LYS F 14 -23.80 -81.30 12.18
CA LYS F 14 -25.16 -80.95 11.87
C LYS F 14 -25.33 -79.63 12.54
N GLU F 15 -25.25 -78.54 11.79
CA GLU F 15 -25.34 -77.20 12.39
C GLU F 15 -26.14 -76.31 11.48
N GLU F 16 -27.08 -75.56 12.04
CA GLU F 16 -27.97 -74.77 11.23
C GLU F 16 -27.35 -73.38 11.11
N HIS F 17 -27.38 -72.86 9.89
CA HIS F 17 -26.54 -71.75 9.55
C HIS F 17 -27.26 -70.45 9.91
N VAL F 18 -26.44 -69.51 10.38
CA VAL F 18 -26.84 -68.14 10.59
C VAL F 18 -25.97 -67.25 9.70
N PRO F 19 -26.58 -66.51 8.78
CA PRO F 19 -25.79 -65.79 7.80
C PRO F 19 -25.03 -64.62 8.41
N GLN F 20 -23.86 -64.37 7.84
CA GLN F 20 -22.95 -63.40 8.39
C GLN F 20 -23.09 -62.05 7.75
N ASN F 21 -23.43 -62.03 6.46
CA ASN F 21 -23.47 -60.79 5.69
C ASN F 21 -24.69 -60.73 4.80
N LYS F 22 -25.86 -60.81 5.44
CA LYS F 22 -27.11 -60.92 4.74
C LYS F 22 -27.67 -59.57 4.34
N ILE F 23 -28.17 -59.51 3.11
CA ILE F 23 -28.83 -58.32 2.62
C ILE F 23 -30.22 -58.69 2.13
N THR F 24 -31.19 -57.85 2.45
CA THR F 24 -32.54 -58.03 1.99
C THR F 24 -32.94 -56.90 1.06
N VAL F 25 -33.59 -57.24 -0.05
CA VAL F 25 -34.19 -56.24 -0.90
C VAL F 25 -35.70 -56.36 -0.86
N VAL F 26 -36.36 -55.27 -0.53
CA VAL F 26 -37.82 -55.21 -0.49
C VAL F 26 -38.34 -54.56 -1.78
N GLY F 27 -39.11 -55.31 -2.54
CA GLY F 27 -39.63 -54.84 -3.82
C GLY F 27 -38.85 -55.47 -4.94
N VAL F 28 -39.53 -56.18 -5.85
CA VAL F 28 -38.86 -56.83 -6.98
C VAL F 28 -39.37 -56.28 -8.30
N GLY F 29 -39.66 -54.98 -8.31
CA GLY F 29 -39.84 -54.26 -9.55
C GLY F 29 -38.48 -54.04 -10.19
N ALA F 30 -38.45 -53.27 -11.26
CA ALA F 30 -37.23 -53.07 -12.02
C ALA F 30 -36.10 -52.55 -11.15
N VAL F 31 -36.41 -51.60 -10.26
CA VAL F 31 -35.40 -51.01 -9.40
C VAL F 31 -34.85 -52.01 -8.40
N GLY F 32 -35.75 -52.73 -7.74
CA GLY F 32 -35.33 -53.77 -6.80
C GLY F 32 -34.42 -54.79 -7.44
N MET F 33 -34.80 -55.26 -8.61
CA MET F 33 -34.04 -56.30 -9.29
C MET F 33 -32.68 -55.78 -9.75
N ALA F 34 -32.63 -54.52 -10.13
CA ALA F 34 -31.35 -53.89 -10.50
C ALA F 34 -30.42 -53.80 -9.28
N CYS F 35 -30.98 -53.45 -8.13
CA CYS F 35 -30.23 -53.47 -6.89
C CYS F 35 -29.73 -54.88 -6.60
N ALA F 36 -30.62 -55.85 -6.73
CA ALA F 36 -30.26 -57.25 -6.45
C ALA F 36 -29.09 -57.73 -7.30
N ILE F 37 -29.21 -57.57 -8.61
CA ILE F 37 -28.19 -58.08 -9.50
C ILE F 37 -26.85 -57.37 -9.26
N SER F 38 -26.89 -56.07 -9.03
CA SER F 38 -25.67 -55.32 -8.78
C SER F 38 -24.96 -55.80 -7.52
N ILE F 39 -25.76 -56.09 -6.50
CA ILE F 39 -25.23 -56.60 -5.24
C ILE F 39 -24.65 -57.99 -5.40
N LEU F 40 -25.35 -58.85 -6.12
CA LEU F 40 -24.88 -60.21 -6.38
C LEU F 40 -23.54 -60.21 -7.11
N MET F 41 -23.38 -59.30 -8.04
CA MET F 41 -22.19 -59.26 -8.87
C MET F 41 -21.01 -58.60 -8.18
N LYS F 42 -21.23 -58.01 -7.01
CA LYS F 42 -20.13 -57.42 -6.26
C LYS F 42 -19.76 -58.22 -5.02
N ASP F 43 -20.32 -59.42 -4.91
CA ASP F 43 -20.01 -60.31 -3.78
C ASP F 43 -20.10 -59.62 -2.44
N LEU F 44 -21.20 -58.92 -2.19
CA LEU F 44 -21.35 -58.17 -0.96
C LEU F 44 -22.07 -58.95 0.12
N ALA F 45 -22.74 -60.03 -0.27
CA ALA F 45 -23.55 -60.79 0.66
C ALA F 45 -23.33 -62.29 0.56
N ASP F 46 -23.50 -62.99 1.67
CA ASP F 46 -23.48 -64.45 1.67
C ASP F 46 -24.90 -65.02 1.63
N GLU F 47 -25.88 -64.16 1.82
CA GLU F 47 -27.26 -64.53 1.64
C GLU F 47 -28.05 -63.31 1.20
N LEU F 48 -28.90 -63.49 0.20
CA LEU F 48 -29.74 -62.42 -0.32
C LEU F 48 -31.19 -62.83 -0.23
N ALA F 49 -32.01 -61.97 0.37
CA ALA F 49 -33.44 -62.22 0.50
C ALA F 49 -34.24 -61.20 -0.29
N LEU F 50 -35.28 -61.69 -0.96
CA LEU F 50 -36.17 -60.85 -1.73
C LEU F 50 -37.57 -60.97 -1.16
N VAL F 51 -38.23 -59.83 -0.95
CA VAL F 51 -39.58 -59.81 -0.43
C VAL F 51 -40.45 -58.87 -1.27
N ASP F 52 -41.67 -59.31 -1.53
CA ASP F 52 -42.68 -58.51 -2.20
C ASP F 52 -44.05 -59.13 -1.94
N VAL F 53 -45.10 -58.48 -2.39
CA VAL F 53 -46.46 -58.99 -2.20
C VAL F 53 -46.92 -59.89 -3.36
N MET F 54 -46.35 -59.68 -4.55
CA MET F 54 -46.71 -60.48 -5.72
C MET F 54 -45.94 -61.80 -5.74
N GLU F 55 -46.59 -62.86 -5.27
CA GLU F 55 -45.94 -64.15 -5.07
C GLU F 55 -45.34 -64.78 -6.32
N ASP F 56 -46.04 -64.68 -7.44
CA ASP F 56 -45.56 -65.27 -8.70
CA ASP F 56 -45.59 -65.24 -8.70
C ASP F 56 -44.30 -64.59 -9.20
N LYS F 57 -44.37 -63.29 -9.39
CA LYS F 57 -43.23 -62.51 -9.82
C LYS F 57 -42.04 -62.77 -8.88
N LEU F 58 -42.31 -62.80 -7.59
CA LEU F 58 -41.29 -63.00 -6.58
C LEU F 58 -40.55 -64.32 -6.77
N LYS F 59 -41.32 -65.39 -6.84
CA LYS F 59 -40.76 -66.71 -7.01
C LYS F 59 -40.00 -66.83 -8.31
N GLY F 60 -40.52 -66.21 -9.37
CA GLY F 60 -39.89 -66.29 -10.68
C GLY F 60 -38.53 -65.62 -10.70
N GLU F 61 -38.46 -64.43 -10.11
CA GLU F 61 -37.21 -63.69 -10.02
C GLU F 61 -36.20 -64.48 -9.20
N MET F 62 -36.64 -65.05 -8.09
CA MET F 62 -35.75 -65.86 -7.27
C MET F 62 -35.16 -67.02 -8.06
N MET F 63 -36.01 -67.77 -8.76
CA MET F 63 -35.56 -68.92 -9.51
C MET F 63 -34.56 -68.52 -10.59
N ASP F 64 -34.87 -67.46 -11.31
CA ASP F 64 -34.02 -66.99 -12.39
C ASP F 64 -32.61 -66.70 -11.83
N LEU F 65 -32.53 -66.03 -10.70
CA LEU F 65 -31.26 -65.76 -10.06
C LEU F 65 -30.55 -67.03 -9.60
N GLN F 66 -31.29 -67.93 -8.96
CA GLN F 66 -30.72 -69.18 -8.48
C GLN F 66 -30.08 -69.98 -9.60
N HIS F 67 -30.69 -69.94 -10.79
CA HIS F 67 -30.17 -70.72 -11.89
C HIS F 67 -28.79 -70.25 -12.32
N GLY F 68 -28.45 -69.02 -11.94
CA GLY F 68 -27.12 -68.46 -12.22
C GLY F 68 -26.10 -68.68 -11.14
N SER F 69 -26.44 -69.49 -10.12
CA SER F 69 -25.55 -69.70 -8.97
C SER F 69 -24.12 -70.09 -9.34
N LEU F 70 -23.98 -70.87 -10.40
CA LEU F 70 -22.67 -71.31 -10.84
C LEU F 70 -21.75 -70.11 -11.12
N PHE F 71 -22.34 -69.02 -11.57
CA PHE F 71 -21.58 -67.86 -11.97
C PHE F 71 -21.52 -66.79 -10.89
N LEU F 72 -21.97 -67.13 -9.69
CA LEU F 72 -21.99 -66.19 -8.59
C LEU F 72 -21.22 -66.74 -7.41
N ARG F 73 -21.03 -65.90 -6.39
CA ARG F 73 -20.35 -66.32 -5.17
CA ARG F 73 -20.35 -66.32 -5.17
C ARG F 73 -21.22 -65.93 -3.98
N THR F 74 -22.54 -66.01 -4.19
CA THR F 74 -23.50 -65.78 -3.13
C THR F 74 -24.33 -67.04 -3.06
N PRO F 75 -24.04 -67.88 -2.06
CA PRO F 75 -24.56 -69.25 -2.08
C PRO F 75 -26.05 -69.39 -1.78
N LYS F 76 -26.68 -68.41 -1.16
CA LYS F 76 -28.07 -68.54 -0.76
C LYS F 76 -28.91 -67.37 -1.20
N ILE F 77 -29.92 -67.67 -1.98
CA ILE F 77 -30.85 -66.66 -2.43
C ILE F 77 -32.24 -67.16 -2.06
N VAL F 78 -32.98 -66.35 -1.32
CA VAL F 78 -34.28 -66.76 -0.82
C VAL F 78 -35.30 -65.66 -1.02
N SER F 79 -36.57 -66.03 -0.94
CA SER F 79 -37.64 -65.07 -1.14
C SER F 79 -38.89 -65.54 -0.43
N GLY F 80 -39.85 -64.64 -0.28
CA GLY F 80 -41.10 -64.95 0.37
C GLY F 80 -41.93 -63.73 0.61
N LYS F 81 -43.24 -63.95 0.78
CA LYS F 81 -44.18 -62.91 1.15
C LYS F 81 -44.03 -62.62 2.64
N ASP F 82 -43.67 -63.67 3.39
CA ASP F 82 -43.51 -63.58 4.83
C ASP F 82 -42.12 -63.06 5.22
N TYR F 83 -42.07 -62.03 6.07
CA TYR F 83 -40.81 -61.38 6.40
C TYR F 83 -39.84 -62.20 7.24
N SER F 84 -40.29 -63.34 7.76
CA SER F 84 -39.36 -64.23 8.45
C SER F 84 -38.15 -64.57 7.57
N VAL F 85 -38.32 -64.63 6.26
CA VAL F 85 -37.18 -64.91 5.37
C VAL F 85 -36.11 -63.81 5.40
N THR F 86 -36.42 -62.65 5.98
CA THR F 86 -35.47 -61.54 6.03
C THR F 86 -34.66 -61.51 7.31
N ALA F 87 -34.85 -62.50 8.17
CA ALA F 87 -34.20 -62.49 9.48
C ALA F 87 -32.68 -62.33 9.41
N ASN F 88 -32.14 -61.53 10.32
CA ASN F 88 -30.70 -61.36 10.47
C ASN F 88 -30.03 -60.65 9.32
N SER F 89 -30.75 -59.74 8.67
CA SER F 89 -30.14 -58.94 7.64
C SER F 89 -29.28 -57.87 8.31
N LYS F 90 -28.10 -57.62 7.75
CA LYS F 90 -27.28 -56.49 8.17
C LYS F 90 -27.79 -55.23 7.52
N LEU F 91 -28.36 -55.39 6.32
CA LEU F 91 -28.79 -54.25 5.52
C LEU F 91 -30.07 -54.60 4.80
N VAL F 92 -31.05 -53.72 4.91
CA VAL F 92 -32.33 -53.91 4.24
C VAL F 92 -32.60 -52.73 3.33
N ILE F 93 -32.81 -53.02 2.06
CA ILE F 93 -32.98 -52.00 1.04
C ILE F 93 -34.45 -51.97 0.63
N ILE F 94 -35.05 -50.79 0.75
CA ILE F 94 -36.47 -50.63 0.50
C ILE F 94 -36.71 -49.93 -0.83
N THR F 95 -37.27 -50.66 -1.79
CA THR F 95 -37.61 -50.11 -3.10
C THR F 95 -39.10 -50.11 -3.38
N ALA F 96 -39.88 -50.72 -2.50
CA ALA F 96 -41.32 -50.79 -2.68
C ALA F 96 -41.96 -49.45 -2.42
N GLY F 97 -43.10 -49.24 -3.06
CA GLY F 97 -43.83 -47.99 -2.95
C GLY F 97 -45.22 -48.13 -3.52
N ALA F 98 -46.01 -47.07 -3.40
CA ALA F 98 -47.32 -47.01 -4.03
C ALA F 98 -47.19 -46.52 -5.45
N ARG F 99 -47.97 -47.12 -6.35
CA ARG F 99 -48.02 -46.70 -7.74
C ARG F 99 -49.00 -45.54 -7.87
N GLN F 100 -48.63 -44.53 -8.66
CA GLN F 100 -49.45 -43.31 -8.76
C GLN F 100 -50.80 -43.57 -9.44
N GLN F 101 -51.84 -42.90 -8.96
CA GLN F 101 -53.10 -42.85 -9.67
C GLN F 101 -53.28 -41.47 -10.29
N GLU F 102 -54.17 -41.38 -11.28
CA GLU F 102 -54.19 -40.20 -12.13
C GLU F 102 -54.69 -38.91 -11.54
N GLY F 103 -55.81 -38.87 -10.79
CA GLY F 103 -56.25 -37.63 -10.19
C GLY F 103 -55.63 -37.29 -8.85
N GLU F 104 -54.59 -38.00 -8.47
CA GLU F 104 -54.19 -38.09 -7.06
C GLU F 104 -53.28 -36.96 -6.68
N SER F 105 -53.57 -36.33 -5.56
CA SER F 105 -52.70 -35.25 -5.03
C SER F 105 -51.37 -35.83 -4.53
N ARG F 106 -50.36 -34.99 -4.46
CA ARG F 106 -49.06 -35.36 -3.90
C ARG F 106 -49.20 -35.88 -2.47
N LEU F 107 -49.96 -35.15 -1.66
CA LEU F 107 -50.14 -35.51 -0.26
C LEU F 107 -50.79 -36.89 -0.14
N ASN F 108 -51.78 -37.13 -0.99
CA ASN F 108 -52.46 -38.41 -1.00
C ASN F 108 -51.52 -39.57 -1.36
N LEU F 109 -50.69 -39.37 -2.36
CA LEU F 109 -49.71 -40.37 -2.78
C LEU F 109 -48.75 -40.70 -1.62
N VAL F 110 -48.18 -39.69 -1.00
CA VAL F 110 -47.30 -39.91 0.14
C VAL F 110 -48.01 -40.73 1.23
N GLN F 111 -49.24 -40.33 1.56
CA GLN F 111 -49.98 -41.03 2.61
C GLN F 111 -50.16 -42.51 2.28
N ARG F 112 -50.45 -42.81 1.03
CA ARG F 112 -50.58 -44.21 0.59
C ARG F 112 -49.29 -44.98 0.78
N ASN F 113 -48.14 -44.31 0.58
CA ASN F 113 -46.85 -44.92 0.88
C ASN F 113 -46.65 -45.13 2.37
N VAL F 114 -47.06 -44.15 3.16
CA VAL F 114 -46.99 -44.31 4.59
C VAL F 114 -47.71 -45.59 4.99
N ASN F 115 -48.90 -45.78 4.44
CA ASN F 115 -49.72 -46.94 4.77
C ASN F 115 -49.03 -48.23 4.41
N ILE F 116 -48.30 -48.23 3.30
CA ILE F 116 -47.52 -49.39 2.91
C ILE F 116 -46.36 -49.61 3.86
N PHE F 117 -45.65 -48.54 4.20
CA PHE F 117 -44.51 -48.63 5.10
C PHE F 117 -44.93 -49.06 6.50
N LYS F 118 -46.15 -48.73 6.89
CA LYS F 118 -46.69 -49.15 8.17
C LYS F 118 -46.76 -50.66 8.28
N PHE F 119 -46.86 -51.35 7.14
CA PHE F 119 -46.84 -52.80 7.12
C PHE F 119 -45.40 -53.31 7.02
N ILE F 120 -44.63 -52.73 6.11
CA ILE F 120 -43.28 -53.20 5.83
C ILE F 120 -42.33 -53.02 7.02
N ILE F 121 -42.19 -51.79 7.50
CA ILE F 121 -41.11 -51.47 8.43
C ILE F 121 -41.17 -52.28 9.74
N PRO F 122 -42.33 -52.34 10.39
CA PRO F 122 -42.41 -53.11 11.62
C PRO F 122 -42.00 -54.57 11.43
N ASN F 123 -42.36 -55.14 10.28
CA ASN F 123 -41.97 -56.50 9.98
C ASN F 123 -40.47 -56.65 9.76
N VAL F 124 -39.86 -55.67 9.11
CA VAL F 124 -38.43 -55.69 8.91
C VAL F 124 -37.72 -55.65 10.26
N VAL F 125 -38.11 -54.69 11.09
CA VAL F 125 -37.43 -54.47 12.38
C VAL F 125 -37.61 -55.65 13.31
N LYS F 126 -38.76 -56.31 13.19
CA LYS F 126 -39.05 -57.48 14.00
C LYS F 126 -38.00 -58.56 13.79
N TYR F 127 -37.64 -58.82 12.54
CA TYR F 127 -36.76 -59.93 12.22
C TYR F 127 -35.29 -59.55 12.11
N SER F 128 -34.99 -58.27 11.95
CA SER F 128 -33.61 -57.80 11.87
C SER F 128 -33.48 -56.52 12.67
N PRO F 129 -33.57 -56.64 14.00
CA PRO F 129 -33.56 -55.48 14.89
C PRO F 129 -32.29 -54.64 14.84
N HIS F 130 -31.20 -55.20 14.33
CA HIS F 130 -29.92 -54.47 14.29
C HIS F 130 -29.51 -54.00 12.91
N CYS F 131 -30.40 -54.12 11.94
CA CYS F 131 -30.05 -53.81 10.56
C CYS F 131 -29.94 -52.31 10.33
N LYS F 132 -29.38 -51.95 9.20
CA LYS F 132 -29.47 -50.60 8.70
C LYS F 132 -30.53 -50.58 7.62
N LEU F 133 -31.31 -49.52 7.58
CA LEU F 133 -32.32 -49.33 6.56
C LEU F 133 -31.83 -48.38 5.51
N LEU F 134 -31.97 -48.77 4.26
CA LEU F 134 -31.60 -47.93 3.14
C LEU F 134 -32.84 -47.75 2.28
N VAL F 135 -33.38 -46.54 2.26
CA VAL F 135 -34.62 -46.26 1.56
C VAL F 135 -34.31 -45.67 0.19
N VAL F 136 -34.93 -46.25 -0.83
CA VAL F 136 -34.71 -45.85 -2.22
C VAL F 136 -35.99 -45.28 -2.84
N SER F 137 -37.14 -45.77 -2.39
CA SER F 137 -38.43 -45.35 -2.85
C SER F 137 -38.62 -43.83 -2.84
N ASN F 138 -39.40 -43.33 -3.80
CA ASN F 138 -39.69 -41.91 -3.87
C ASN F 138 -41.06 -41.56 -3.36
N PRO F 139 -41.22 -40.36 -2.80
CA PRO F 139 -40.13 -39.37 -2.66
C PRO F 139 -39.19 -39.69 -1.49
N VAL F 140 -37.92 -39.78 -1.79
CA VAL F 140 -36.97 -40.44 -0.91
C VAL F 140 -36.76 -39.76 0.40
N ASP F 141 -36.61 -38.44 0.36
CA ASP F 141 -36.30 -37.69 1.59
C ASP F 141 -37.47 -37.83 2.56
N ILE F 142 -38.71 -37.78 2.07
CA ILE F 142 -39.86 -37.92 2.95
C ILE F 142 -40.04 -39.34 3.46
N LEU F 143 -39.88 -40.32 2.59
CA LEU F 143 -40.10 -41.70 2.97
C LEU F 143 -39.00 -42.21 3.91
N THR F 144 -37.81 -41.62 3.80
CA THR F 144 -36.75 -41.94 4.74
C THR F 144 -37.15 -41.46 6.14
N TYR F 145 -37.76 -40.29 6.21
CA TYR F 145 -38.30 -39.79 7.47
C TYR F 145 -39.37 -40.74 8.01
N VAL F 146 -40.28 -41.16 7.14
CA VAL F 146 -41.35 -42.07 7.54
C VAL F 146 -40.78 -43.36 8.14
N ALA F 147 -39.81 -43.95 7.46
CA ALA F 147 -39.20 -45.19 7.91
C ALA F 147 -38.52 -45.01 9.26
N TRP F 148 -37.86 -43.87 9.42
CA TRP F 148 -37.20 -43.56 10.68
C TRP F 148 -38.24 -43.49 11.82
N LYS F 149 -39.28 -42.72 11.59
CA LYS F 149 -40.36 -42.56 12.55
C LYS F 149 -40.97 -43.89 12.97
N ILE F 150 -41.33 -44.71 11.99
CA ILE F 150 -41.99 -45.98 12.26
C ILE F 150 -41.05 -47.02 12.86
N SER F 151 -39.79 -47.02 12.46
CA SER F 151 -38.86 -48.04 12.92
C SER F 151 -38.48 -47.81 14.36
N GLY F 152 -38.40 -46.54 14.77
CA GLY F 152 -37.83 -46.20 16.06
C GLY F 152 -36.33 -46.42 16.14
N PHE F 153 -35.67 -46.62 15.00
CA PHE F 153 -34.23 -46.76 14.96
C PHE F 153 -33.60 -45.41 15.23
N PRO F 154 -32.37 -45.42 15.74
CA PRO F 154 -31.61 -44.18 15.82
C PRO F 154 -31.24 -43.72 14.41
N LYS F 155 -31.08 -42.41 14.24
CA LYS F 155 -30.98 -41.82 12.92
C LYS F 155 -29.76 -42.26 12.09
N ASN F 156 -28.68 -42.65 12.74
CA ASN F 156 -27.49 -43.11 12.03
C ASN F 156 -27.77 -44.36 11.20
N ARG F 157 -28.85 -45.06 11.51
CA ARG F 157 -29.13 -46.34 10.89
C ARG F 157 -30.26 -46.30 9.87
N VAL F 158 -30.81 -45.12 9.63
CA VAL F 158 -31.83 -44.97 8.61
C VAL F 158 -31.29 -44.02 7.55
N ILE F 159 -31.11 -44.54 6.36
CA ILE F 159 -30.42 -43.83 5.28
C ILE F 159 -31.28 -43.75 4.04
N GLY F 160 -31.33 -42.58 3.44
CA GLY F 160 -32.00 -42.41 2.16
C GLY F 160 -30.97 -42.29 1.06
N SER F 161 -31.23 -42.88 -0.10
CA SER F 161 -30.29 -42.84 -1.20
C SER F 161 -30.09 -41.40 -1.71
N GLY F 162 -31.07 -40.55 -1.46
CA GLY F 162 -30.93 -39.11 -1.73
C GLY F 162 -30.31 -38.76 -3.06
N CYS F 163 -29.29 -37.91 -3.02
CA CYS F 163 -28.67 -37.36 -4.22
C CYS F 163 -27.41 -38.11 -4.66
N ASN F 164 -27.26 -39.35 -4.22
CA ASN F 164 -26.11 -40.15 -4.63
C ASN F 164 -26.06 -40.31 -6.15
N LEU F 165 -27.19 -40.71 -6.74
CA LEU F 165 -27.24 -40.90 -8.17
C LEU F 165 -27.18 -39.58 -8.94
N ASP F 166 -27.89 -38.57 -8.45
CA ASP F 166 -27.86 -37.27 -9.10
C ASP F 166 -26.44 -36.73 -9.21
N SER F 167 -25.64 -36.89 -8.15
CA SER F 167 -24.25 -36.49 -8.17
C SER F 167 -23.45 -37.32 -9.18
N ALA F 168 -23.77 -38.60 -9.29
CA ALA F 168 -23.10 -39.47 -10.26
C ALA F 168 -23.40 -39.04 -11.69
N ARG F 169 -24.66 -38.69 -11.95
CA ARG F 169 -25.05 -38.17 -13.25
C ARG F 169 -24.32 -36.88 -13.54
N PHE F 170 -24.24 -36.05 -12.52
CA PHE F 170 -23.58 -34.77 -12.66
C PHE F 170 -22.13 -34.93 -13.08
N ARG F 171 -21.44 -35.86 -12.42
CA ARG F 171 -20.03 -36.07 -12.71
C ARG F 171 -19.84 -36.68 -14.10
N TYR F 172 -20.77 -37.52 -14.52
CA TYR F 172 -20.71 -38.09 -15.86
C TYR F 172 -20.80 -36.97 -16.91
N LEU F 173 -21.73 -36.05 -16.72
CA LEU F 173 -21.92 -34.95 -17.64
C LEU F 173 -20.75 -33.98 -17.65
N MET F 174 -20.20 -33.70 -16.47
CA MET F 174 -18.97 -32.90 -16.38
C MET F 174 -17.87 -33.57 -17.18
N GLY F 175 -17.74 -34.87 -17.01
CA GLY F 175 -16.73 -35.63 -17.72
C GLY F 175 -16.89 -35.58 -19.20
N GLU F 176 -18.12 -35.66 -19.69
CA GLU F 176 -18.38 -35.54 -21.12
C GLU F 176 -17.90 -34.21 -21.65
N ARG F 177 -18.15 -33.13 -20.91
CA ARG F 177 -17.73 -31.81 -21.35
C ARG F 177 -16.21 -31.61 -21.30
N LEU F 178 -15.53 -32.26 -20.36
CA LEU F 178 -14.09 -32.03 -20.16
C LEU F 178 -13.21 -33.10 -20.78
N GLY F 179 -13.80 -34.22 -21.20
CA GLY F 179 -13.05 -35.31 -21.82
C GLY F 179 -12.27 -36.14 -20.81
N VAL F 180 -12.77 -36.21 -19.58
CA VAL F 180 -12.17 -37.06 -18.55
C VAL F 180 -13.24 -37.94 -17.92
N HIS F 181 -12.83 -39.05 -17.35
CA HIS F 181 -13.75 -39.99 -16.71
C HIS F 181 -14.46 -39.35 -15.54
N ALA F 182 -15.67 -39.81 -15.28
CA ALA F 182 -16.47 -39.29 -14.16
C ALA F 182 -15.72 -39.41 -12.83
N LEU F 183 -14.90 -40.44 -12.71
CA LEU F 183 -14.14 -40.70 -11.49
C LEU F 183 -13.19 -39.56 -11.14
N SER F 184 -12.77 -38.81 -12.14
CA SER F 184 -11.78 -37.76 -11.94
C SER F 184 -12.41 -36.38 -11.95
N CYS F 185 -13.73 -36.32 -12.14
CA CYS F 185 -14.48 -35.08 -12.02
C CYS F 185 -15.17 -35.08 -10.68
N HIS F 186 -15.07 -33.99 -9.94
CA HIS F 186 -15.66 -33.92 -8.62
C HIS F 186 -16.67 -32.80 -8.52
N GLY F 187 -17.82 -33.14 -7.95
CA GLY F 187 -18.92 -32.19 -7.85
C GLY F 187 -20.01 -32.77 -6.98
N TRP F 188 -20.73 -31.89 -6.29
CA TRP F 188 -21.70 -32.33 -5.31
C TRP F 188 -23.07 -31.71 -5.53
N ILE F 189 -24.08 -32.56 -5.53
CA ILE F 189 -25.47 -32.13 -5.56
C ILE F 189 -26.07 -32.47 -4.21
N LEU F 190 -26.62 -31.48 -3.54
CA LEU F 190 -27.11 -31.64 -2.19
C LEU F 190 -28.57 -31.26 -2.03
N GLY F 191 -29.11 -31.53 -0.84
CA GLY F 191 -30.45 -31.13 -0.50
C GLY F 191 -31.52 -32.11 -0.90
N GLU F 192 -32.62 -31.57 -1.40
CA GLU F 192 -33.78 -32.37 -1.73
C GLU F 192 -33.57 -33.01 -3.08
N HIS F 193 -33.78 -34.33 -3.12
CA HIS F 193 -33.65 -35.09 -4.35
C HIS F 193 -34.68 -34.61 -5.37
N GLY F 194 -34.27 -34.47 -6.62
CA GLY F 194 -35.13 -34.04 -7.72
C GLY F 194 -34.96 -32.58 -8.08
N ASP F 195 -36.09 -31.95 -8.45
CA ASP F 195 -36.11 -30.61 -9.03
C ASP F 195 -35.42 -29.53 -8.20
N SER F 196 -35.43 -29.69 -6.88
CA SER F 196 -34.96 -28.64 -5.98
C SER F 196 -33.54 -28.87 -5.46
N SER F 197 -32.80 -29.79 -6.07
CA SER F 197 -31.44 -30.08 -5.64
C SER F 197 -30.54 -28.86 -5.78
N VAL F 198 -29.50 -28.82 -4.97
CA VAL F 198 -28.55 -27.71 -4.97
C VAL F 198 -27.20 -28.16 -5.51
N PRO F 199 -26.81 -27.63 -6.68
CA PRO F 199 -25.45 -27.86 -7.17
C PRO F 199 -24.47 -26.92 -6.48
N VAL F 200 -23.48 -27.48 -5.80
CA VAL F 200 -22.48 -26.68 -5.10
C VAL F 200 -21.31 -26.35 -6.02
N TRP F 201 -21.44 -25.25 -6.73
CA TRP F 201 -20.48 -24.81 -7.75
C TRP F 201 -19.09 -24.61 -7.20
N SER F 202 -19.01 -24.07 -5.99
CA SER F 202 -17.71 -23.76 -5.39
C SER F 202 -16.82 -25.01 -5.29
N GLY F 203 -17.45 -26.16 -5.03
CA GLY F 203 -16.72 -27.40 -4.81
C GLY F 203 -16.33 -28.19 -6.05
N MET F 204 -16.69 -27.70 -7.23
CA MET F 204 -16.43 -28.45 -8.44
C MET F 204 -15.00 -28.33 -8.90
N ASN F 205 -14.34 -29.46 -9.10
CA ASN F 205 -12.94 -29.48 -9.46
C ASN F 205 -12.50 -30.71 -10.24
N VAL F 206 -11.38 -30.55 -10.93
CA VAL F 206 -10.64 -31.65 -11.51
C VAL F 206 -9.21 -31.52 -11.02
N ALA F 207 -8.67 -32.61 -10.47
CA ALA F 207 -7.32 -32.61 -9.90
C ALA F 207 -7.12 -31.47 -8.89
N GLY F 208 -8.19 -31.13 -8.18
CA GLY F 208 -8.11 -30.10 -7.16
C GLY F 208 -8.09 -28.67 -7.69
N VAL F 209 -8.31 -28.51 -8.99
CA VAL F 209 -8.39 -27.18 -9.59
C VAL F 209 -9.84 -26.74 -9.62
N SER F 210 -10.17 -25.69 -8.88
CA SER F 210 -11.55 -25.22 -8.81
C SER F 210 -11.99 -24.55 -10.11
N LEU F 211 -13.09 -25.03 -10.67
CA LEU F 211 -13.61 -24.50 -11.93
C LEU F 211 -14.12 -23.07 -11.74
N LYS F 212 -14.74 -22.82 -10.59
CA LYS F 212 -15.27 -21.49 -10.28
C LYS F 212 -14.17 -20.42 -10.28
N THR F 213 -12.96 -20.81 -9.89
CA THR F 213 -11.81 -19.90 -9.90
C THR F 213 -11.36 -19.57 -11.31
N LEU F 214 -11.39 -20.54 -12.22
CA LEU F 214 -11.00 -20.31 -13.59
C LEU F 214 -12.07 -19.60 -14.42
N HIS F 215 -13.31 -19.73 -13.98
CA HIS F 215 -14.45 -19.26 -14.74
C HIS F 215 -15.45 -18.71 -13.74
N PRO F 216 -15.22 -17.48 -13.26
CA PRO F 216 -15.98 -16.98 -12.12
C PRO F 216 -17.51 -16.91 -12.32
N GLU F 217 -17.96 -16.87 -13.56
CA GLU F 217 -19.40 -16.77 -13.85
C GLU F 217 -20.07 -18.15 -13.81
N LEU F 218 -19.28 -19.20 -13.58
CA LEU F 218 -19.78 -20.58 -13.49
C LEU F 218 -21.01 -20.70 -12.62
N GLY F 219 -22.10 -21.21 -13.16
CA GLY F 219 -23.31 -21.42 -12.37
C GLY F 219 -24.24 -20.24 -12.29
N THR F 220 -23.84 -19.12 -12.88
CA THR F 220 -24.71 -17.93 -12.95
C THR F 220 -25.39 -17.92 -14.32
N ASP F 221 -26.14 -16.86 -14.60
CA ASP F 221 -26.77 -16.68 -15.91
C ASP F 221 -25.88 -15.90 -16.88
N ALA F 222 -25.02 -15.04 -16.33
CA ALA F 222 -23.94 -14.41 -17.10
C ALA F 222 -23.03 -15.45 -17.76
N ASP F 223 -23.10 -16.69 -17.27
CA ASP F 223 -22.27 -17.78 -17.75
C ASP F 223 -22.57 -18.12 -19.21
N LYS F 224 -21.65 -17.73 -20.08
CA LYS F 224 -21.80 -17.96 -21.51
C LYS F 224 -21.61 -19.40 -21.92
N GLU F 225 -21.12 -20.22 -21.01
CA GLU F 225 -20.96 -21.66 -21.27
C GLU F 225 -22.14 -22.47 -20.69
N GLN F 226 -23.08 -21.77 -20.06
CA GLN F 226 -24.29 -22.39 -19.53
C GLN F 226 -24.04 -23.62 -18.70
N TRP F 227 -23.20 -23.53 -17.69
CA TRP F 227 -22.97 -24.69 -16.82
C TRP F 227 -24.20 -24.94 -15.96
N LYS F 228 -24.93 -23.88 -15.68
CA LYS F 228 -26.20 -24.02 -15.00
C LYS F 228 -27.07 -25.05 -15.69
N GLN F 229 -26.98 -25.14 -17.02
CA GLN F 229 -27.74 -26.13 -17.79
C GLN F 229 -27.41 -27.57 -17.42
N VAL F 230 -26.16 -27.84 -17.07
CA VAL F 230 -25.74 -29.18 -16.70
C VAL F 230 -26.56 -29.71 -15.54
N HIS F 231 -26.81 -28.85 -14.56
CA HIS F 231 -27.64 -29.24 -13.42
C HIS F 231 -29.07 -29.50 -13.87
N LYS F 232 -29.61 -28.62 -14.70
CA LYS F 232 -30.95 -28.83 -15.25
C LYS F 232 -31.00 -30.16 -15.96
N GLN F 233 -29.95 -30.45 -16.73
CA GLN F 233 -29.84 -31.70 -17.45
C GLN F 233 -29.91 -32.90 -16.52
N VAL F 234 -29.26 -32.82 -15.37
CA VAL F 234 -29.30 -33.91 -14.38
C VAL F 234 -30.73 -34.17 -13.94
N VAL F 235 -31.48 -33.10 -13.64
CA VAL F 235 -32.87 -33.27 -13.22
C VAL F 235 -33.74 -33.82 -14.35
N ASP F 236 -33.53 -33.31 -15.57
CA ASP F 236 -34.31 -33.74 -16.72
C ASP F 236 -33.98 -35.15 -17.18
N SER F 237 -32.73 -35.58 -17.03
CA SER F 237 -32.34 -36.90 -17.54
C SER F 237 -33.21 -38.03 -17.01
N ALA F 238 -33.64 -37.94 -15.77
CA ALA F 238 -34.55 -38.90 -15.20
C ALA F 238 -35.83 -39.04 -16.04
N TYR F 239 -36.47 -37.93 -16.33
CA TYR F 239 -37.69 -37.90 -17.14
C TYR F 239 -37.40 -38.33 -18.57
N GLU F 240 -36.30 -37.83 -19.12
CA GLU F 240 -35.86 -38.22 -20.46
C GLU F 240 -35.82 -39.74 -20.59
N VAL F 241 -35.24 -40.43 -19.63
CA VAL F 241 -35.11 -41.88 -19.67
C VAL F 241 -36.46 -42.56 -19.52
N ILE F 242 -37.30 -42.05 -18.62
CA ILE F 242 -38.65 -42.58 -18.44
C ILE F 242 -39.48 -42.43 -19.71
N LYS F 243 -39.36 -41.29 -20.37
CA LYS F 243 -40.05 -41.03 -21.63
C LYS F 243 -39.61 -42.05 -22.67
N LEU F 244 -38.32 -42.41 -22.63
CA LEU F 244 -37.74 -43.24 -23.68
C LEU F 244 -37.95 -44.74 -23.45
N LYS F 245 -37.71 -45.22 -22.24
CA LYS F 245 -37.85 -46.66 -22.00
C LYS F 245 -38.90 -47.02 -20.95
N GLY F 246 -39.52 -46.01 -20.36
CA GLY F 246 -40.61 -46.23 -19.41
C GLY F 246 -40.30 -46.05 -17.94
N TYR F 247 -39.02 -46.16 -17.58
CA TYR F 247 -38.58 -46.18 -16.18
C TYR F 247 -37.06 -46.13 -16.15
N THR F 248 -36.47 -46.00 -14.96
CA THR F 248 -35.03 -46.08 -14.81
C THR F 248 -34.69 -47.24 -13.88
N THR F 249 -33.57 -47.91 -14.12
CA THR F 249 -33.17 -49.04 -13.30
C THR F 249 -31.68 -49.16 -13.05
N TRP F 250 -30.90 -49.22 -14.12
CA TRP F 250 -29.53 -49.69 -14.02
C TRP F 250 -28.68 -48.76 -13.16
N ALA F 251 -28.77 -47.48 -13.41
CA ALA F 251 -27.99 -46.50 -12.68
C ALA F 251 -28.30 -46.48 -11.19
N ILE F 252 -29.57 -46.59 -10.84
CA ILE F 252 -29.97 -46.63 -9.44
C ILE F 252 -29.37 -47.89 -8.78
N GLY F 253 -29.47 -49.01 -9.48
CA GLY F 253 -28.94 -50.27 -8.97
C GLY F 253 -27.46 -50.17 -8.64
N LEU F 254 -26.72 -49.56 -9.55
CA LEU F 254 -25.29 -49.40 -9.35
C LEU F 254 -25.01 -48.43 -8.21
N SER F 255 -25.74 -47.33 -8.16
CA SER F 255 -25.58 -46.35 -7.11
C SER F 255 -25.85 -46.98 -5.72
N VAL F 256 -26.89 -47.79 -5.65
CA VAL F 256 -27.25 -48.43 -4.39
C VAL F 256 -26.18 -49.46 -3.96
N ALA F 257 -25.71 -50.24 -4.92
CA ALA F 257 -24.66 -51.20 -4.63
C ALA F 257 -23.40 -50.50 -4.11
N ASP F 258 -23.11 -49.32 -4.63
CA ASP F 258 -21.98 -48.54 -4.16
C ASP F 258 -22.13 -48.20 -2.68
N LEU F 259 -23.33 -47.79 -2.30
CA LEU F 259 -23.60 -47.49 -0.91
C LEU F 259 -23.47 -48.73 -0.05
N ALA F 260 -24.03 -49.84 -0.55
CA ALA F 260 -23.94 -51.11 0.15
C ALA F 260 -22.50 -51.51 0.39
N GLU F 261 -21.65 -51.28 -0.59
CA GLU F 261 -20.23 -51.59 -0.42
C GLU F 261 -19.61 -50.83 0.75
N SER F 262 -19.87 -49.53 0.84
CA SER F 262 -19.32 -48.74 1.95
C SER F 262 -19.80 -49.27 3.30
N ILE F 263 -21.05 -49.69 3.35
CA ILE F 263 -21.63 -50.19 4.59
C ILE F 263 -21.05 -51.57 4.94
N MET F 264 -21.13 -52.51 4.01
CA MET F 264 -20.72 -53.87 4.29
C MET F 264 -19.24 -53.99 4.57
N LYS F 265 -18.43 -53.13 3.96
CA LYS F 265 -16.98 -53.18 4.14
C LYS F 265 -16.44 -52.10 5.08
N ASN F 266 -17.34 -51.32 5.65
CA ASN F 266 -16.99 -50.28 6.62
C ASN F 266 -15.89 -49.34 6.09
N LEU F 267 -16.09 -48.85 4.88
CA LEU F 267 -15.07 -48.05 4.21
C LEU F 267 -14.96 -46.64 4.74
N ARG F 268 -16.05 -46.07 5.24
CA ARG F 268 -16.06 -44.67 5.69
C ARG F 268 -15.72 -43.74 4.53
N ARG F 269 -16.35 -44.00 3.39
CA ARG F 269 -16.31 -43.08 2.26
C ARG F 269 -17.40 -42.03 2.45
N VAL F 270 -17.26 -40.91 1.77
CA VAL F 270 -18.23 -39.85 1.83
C VAL F 270 -19.17 -39.91 0.64
N HIS F 271 -20.46 -39.95 0.90
CA HIS F 271 -21.48 -39.99 -0.13
C HIS F 271 -22.52 -38.90 0.12
N PRO F 272 -23.11 -38.35 -0.96
CA PRO F 272 -24.19 -37.40 -0.80
C PRO F 272 -25.49 -38.16 -0.62
N ILE F 273 -25.86 -38.42 0.63
CA ILE F 273 -27.03 -39.21 0.93
C ILE F 273 -27.91 -38.50 1.94
N SER F 274 -29.15 -38.99 2.03
CA SER F 274 -30.16 -38.32 2.82
C SER F 274 -30.09 -38.76 4.28
N THR F 275 -29.86 -37.80 5.17
CA THR F 275 -29.84 -38.06 6.60
C THR F 275 -30.60 -36.95 7.32
N MET F 276 -30.93 -37.18 8.58
CA MET F 276 -31.64 -36.17 9.32
C MET F 276 -30.73 -34.99 9.66
N LEU F 277 -31.17 -33.80 9.31
CA LEU F 277 -30.37 -32.63 9.32
C LEU F 277 -30.68 -31.61 10.39
N LYS F 278 -31.60 -31.94 11.30
CA LYS F 278 -31.98 -31.02 12.34
C LYS F 278 -30.72 -30.56 13.06
N GLY F 279 -30.55 -29.25 13.16
CA GLY F 279 -29.39 -28.70 13.86
C GLY F 279 -28.31 -28.18 12.95
N LEU F 280 -28.47 -28.35 11.64
CA LEU F 280 -27.47 -27.87 10.69
C LEU F 280 -28.06 -26.88 9.73
N TYR F 281 -27.26 -25.89 9.35
CA TYR F 281 -27.71 -24.79 8.51
C TYR F 281 -29.02 -24.17 9.00
N GLY F 282 -29.16 -24.03 10.33
CA GLY F 282 -30.33 -23.37 10.89
C GLY F 282 -31.64 -24.08 10.60
N ILE F 283 -31.59 -25.38 10.37
CA ILE F 283 -32.79 -26.16 10.19
C ILE F 283 -33.23 -26.68 11.55
N LYS F 284 -34.47 -26.43 11.94
CA LYS F 284 -34.92 -26.84 13.28
C LYS F 284 -35.98 -27.93 13.26
N GLU F 285 -36.32 -28.41 12.09
CA GLU F 285 -37.35 -29.44 11.97
CA GLU F 285 -37.34 -29.44 11.97
C GLU F 285 -36.77 -30.83 11.71
N ASP F 286 -37.56 -31.86 12.02
CA ASP F 286 -37.20 -33.24 11.75
C ASP F 286 -37.29 -33.57 10.27
N VAL F 287 -36.24 -33.25 9.53
CA VAL F 287 -36.25 -33.41 8.06
C VAL F 287 -34.98 -34.11 7.59
N PHE F 288 -35.12 -34.89 6.53
CA PHE F 288 -33.96 -35.55 5.91
C PHE F 288 -33.64 -34.84 4.60
N LEU F 289 -32.36 -34.54 4.41
CA LEU F 289 -31.86 -34.01 3.14
C LEU F 289 -30.47 -34.56 2.89
N SER F 290 -30.05 -34.53 1.64
CA SER F 290 -28.74 -35.04 1.29
C SER F 290 -27.65 -34.06 1.65
N VAL F 291 -26.68 -34.55 2.40
CA VAL F 291 -25.43 -33.86 2.63
C VAL F 291 -24.33 -34.90 2.54
N PRO F 292 -23.06 -34.46 2.45
CA PRO F 292 -21.99 -35.44 2.37
C PRO F 292 -21.84 -36.18 3.69
N CYS F 293 -22.07 -37.48 3.69
CA CYS F 293 -22.03 -38.28 4.91
C CYS F 293 -20.94 -39.32 4.85
N VAL F 294 -20.33 -39.59 6.00
CA VAL F 294 -19.39 -40.68 6.12
C VAL F 294 -20.18 -41.95 6.41
N LEU F 295 -20.00 -42.95 5.57
CA LEU F 295 -20.82 -44.14 5.59
C LEU F 295 -19.98 -45.37 5.89
N GLY F 296 -20.43 -46.17 6.85
CA GLY F 296 -19.67 -47.33 7.32
C GLY F 296 -20.59 -48.37 7.92
N GLN F 297 -20.04 -49.26 8.72
CA GLN F 297 -20.80 -50.42 9.18
C GLN F 297 -21.92 -50.03 10.14
N ASN F 298 -21.83 -48.86 10.75
CA ASN F 298 -22.91 -48.38 11.62
C ASN F 298 -23.75 -47.31 10.98
N GLY F 299 -23.74 -47.28 9.67
CA GLY F 299 -24.51 -46.28 8.95
C GLY F 299 -23.76 -44.98 8.93
N ILE F 300 -24.48 -43.89 9.16
CA ILE F 300 -23.92 -42.56 9.07
C ILE F 300 -23.36 -42.10 10.40
N SER F 301 -22.04 -42.02 10.48
CA SER F 301 -21.35 -41.67 11.71
C SER F 301 -21.03 -40.19 11.79
N ASP F 302 -20.82 -39.57 10.64
CA ASP F 302 -20.38 -38.19 10.59
C ASP F 302 -20.94 -37.53 9.35
N VAL F 303 -21.00 -36.20 9.39
CA VAL F 303 -21.40 -35.41 8.24
C VAL F 303 -20.35 -34.33 7.97
N VAL F 304 -20.10 -34.04 6.70
CA VAL F 304 -19.14 -33.02 6.33
C VAL F 304 -19.84 -31.69 6.21
N LYS F 305 -19.32 -30.68 6.91
CA LYS F 305 -19.91 -29.36 6.93
C LYS F 305 -19.45 -28.59 5.70
N VAL F 306 -20.30 -28.57 4.69
CA VAL F 306 -19.97 -27.85 3.49
C VAL F 306 -20.26 -26.38 3.72
N THR F 307 -19.35 -25.52 3.28
CA THR F 307 -19.54 -24.09 3.41
C THR F 307 -20.43 -23.60 2.26
N LEU F 308 -21.58 -23.04 2.56
CA LEU F 308 -22.57 -22.67 1.55
C LEU F 308 -22.79 -21.17 1.44
N THR F 309 -23.07 -20.70 0.23
CA THR F 309 -23.43 -19.31 0.02
C THR F 309 -24.80 -19.08 0.63
N SER F 310 -25.09 -17.83 0.99
CA SER F 310 -26.41 -17.48 1.51
C SER F 310 -27.53 -17.95 0.59
N GLU F 311 -27.33 -17.90 -0.73
CA GLU F 311 -28.32 -18.37 -1.69
C GLU F 311 -28.57 -19.86 -1.52
N GLU F 312 -27.48 -20.63 -1.52
CA GLU F 312 -27.53 -22.08 -1.34
C GLU F 312 -28.19 -22.44 -0.01
N GLU F 313 -27.75 -21.79 1.06
CA GLU F 313 -28.30 -22.03 2.39
C GLU F 313 -29.80 -21.77 2.45
N ALA F 314 -30.24 -20.71 1.79
CA ALA F 314 -31.66 -20.37 1.73
C ALA F 314 -32.43 -21.44 0.97
N HIS F 315 -31.84 -21.92 -0.12
CA HIS F 315 -32.45 -22.96 -0.94
C HIS F 315 -32.75 -24.21 -0.11
N LEU F 316 -31.84 -24.55 0.80
CA LEU F 316 -31.99 -25.70 1.67
C LEU F 316 -33.12 -25.50 2.67
N LYS F 317 -33.14 -24.33 3.31
CA LYS F 317 -34.18 -24.00 4.27
C LYS F 317 -35.55 -24.07 3.62
N LYS F 318 -35.64 -23.57 2.38
CA LYS F 318 -36.88 -23.63 1.63
C LYS F 318 -37.35 -25.08 1.51
N SER F 319 -36.44 -25.95 1.09
CA SER F 319 -36.75 -27.38 0.94
C SER F 319 -37.20 -27.98 2.26
N ALA F 320 -36.51 -27.65 3.34
CA ALA F 320 -36.90 -28.15 4.66
C ALA F 320 -38.32 -27.74 5.02
N ASP F 321 -38.64 -26.47 4.80
CA ASP F 321 -39.98 -25.97 5.06
C ASP F 321 -41.04 -26.77 4.30
N THR F 322 -40.80 -26.99 3.01
CA THR F 322 -41.77 -27.70 2.19
C THR F 322 -41.98 -29.12 2.68
N LEU F 323 -40.88 -29.81 2.94
CA LEU F 323 -40.95 -31.19 3.39
C LEU F 323 -41.67 -31.30 4.70
N TRP F 324 -41.33 -30.44 5.65
CA TRP F 324 -42.02 -30.43 6.93
C TRP F 324 -43.51 -30.15 6.74
N GLY F 325 -43.83 -29.18 5.90
CA GLY F 325 -45.21 -28.87 5.56
C GLY F 325 -46.04 -30.09 5.24
N ILE F 326 -45.44 -31.01 4.48
CA ILE F 326 -46.11 -32.26 4.13
C ILE F 326 -46.07 -33.25 5.29
N GLN F 327 -44.90 -33.42 5.88
CA GLN F 327 -44.73 -34.41 6.95
C GLN F 327 -45.68 -34.18 8.11
N LYS F 328 -45.90 -32.92 8.47
CA LYS F 328 -46.82 -32.53 9.55
C LYS F 328 -48.25 -32.98 9.27
N GLU F 329 -48.58 -33.25 8.01
CA GLU F 329 -49.95 -33.61 7.63
C GLU F 329 -50.15 -35.13 7.59
N LEU F 330 -49.10 -35.90 7.83
CA LEU F 330 -49.16 -37.35 7.64
C LEU F 330 -49.75 -38.05 8.85
N GLN F 331 -50.54 -39.08 8.57
CA GLN F 331 -51.19 -39.86 9.61
C GLN F 331 -50.44 -41.15 9.83
N PHE F 332 -49.84 -41.32 11.00
CA PHE F 332 -49.11 -42.54 11.36
C PHE F 332 -49.97 -43.49 12.17
N ALA G 2 -11.00 -17.46 -23.67
CA ALA G 2 -12.16 -18.30 -24.09
C ALA G 2 -12.42 -19.45 -23.08
N ALA G 3 -12.57 -20.68 -23.57
CA ALA G 3 -13.38 -21.66 -22.86
C ALA G 3 -12.68 -22.15 -21.61
N LEU G 4 -13.48 -22.74 -20.73
CA LEU G 4 -12.97 -23.29 -19.47
C LEU G 4 -12.09 -24.50 -19.77
N LYS G 5 -12.59 -25.38 -20.63
CA LYS G 5 -11.83 -26.56 -21.01
C LYS G 5 -10.41 -26.21 -21.46
N ASP G 6 -10.25 -25.15 -22.23
CA ASP G 6 -8.93 -24.75 -22.73
C ASP G 6 -8.06 -24.16 -21.64
N GLN G 7 -8.68 -23.49 -20.67
CA GLN G 7 -7.95 -22.93 -19.55
C GLN G 7 -7.45 -24.02 -18.60
N LEU G 8 -8.17 -25.13 -18.57
CA LEU G 8 -7.91 -26.21 -17.61
C LEU G 8 -7.04 -27.34 -18.20
N ILE G 9 -7.34 -27.72 -19.43
CA ILE G 9 -6.71 -28.88 -20.04
C ILE G 9 -5.83 -28.48 -21.22
N HIS G 10 -4.60 -28.95 -21.17
CA HIS G 10 -3.68 -28.86 -22.31
C HIS G 10 -3.72 -30.17 -23.10
N ASN G 11 -4.18 -30.09 -24.33
CA ASN G 11 -4.37 -31.27 -25.15
C ASN G 11 -3.06 -31.73 -25.78
N LEU G 12 -2.84 -33.03 -25.84
CA LEU G 12 -1.63 -33.59 -26.46
C LEU G 12 -1.98 -34.47 -27.66
N LEU G 13 -3.24 -34.83 -27.81
CA LEU G 13 -3.61 -35.86 -28.76
C LEU G 13 -5.05 -35.66 -29.20
N LYS G 14 -5.24 -35.44 -30.50
CA LYS G 14 -6.52 -35.05 -31.04
C LYS G 14 -7.01 -36.29 -31.77
N GLU G 15 -6.34 -37.43 -31.63
CA GLU G 15 -6.50 -38.52 -32.55
C GLU G 15 -7.70 -39.40 -32.22
N GLU G 16 -8.13 -40.20 -33.19
CA GLU G 16 -9.31 -40.97 -33.07
C GLU G 16 -8.95 -42.33 -32.48
N HIS G 17 -9.79 -42.75 -31.55
CA HIS G 17 -9.63 -44.00 -30.90
C HIS G 17 -10.22 -45.11 -31.79
N VAL G 18 -9.56 -46.24 -31.68
CA VAL G 18 -10.04 -47.52 -32.20
C VAL G 18 -10.11 -48.45 -31.00
N PRO G 19 -11.30 -48.96 -30.67
CA PRO G 19 -11.43 -49.74 -29.46
C PRO G 19 -10.74 -51.09 -29.56
N GLN G 20 -10.21 -51.54 -28.43
CA GLN G 20 -9.39 -52.72 -28.39
C GLN G 20 -10.14 -53.95 -28.04
N ASN G 21 -11.18 -53.81 -27.22
CA ASN G 21 -11.93 -54.95 -26.71
C ASN G 21 -13.42 -54.68 -26.73
N LYS G 22 -13.93 -54.40 -27.93
CA LYS G 22 -15.29 -53.98 -28.11
C LYS G 22 -16.24 -55.16 -28.23
N ILE G 23 -17.37 -55.03 -27.56
CA ILE G 23 -18.43 -56.01 -27.62
C ILE G 23 -19.72 -55.31 -28.03
N THR G 24 -20.46 -55.96 -28.93
CA THR G 24 -21.74 -55.46 -29.37
C THR G 24 -22.83 -56.43 -28.92
N VAL G 25 -23.93 -55.88 -28.40
CA VAL G 25 -25.12 -56.67 -28.16
C VAL G 25 -26.24 -56.23 -29.11
N VAL G 26 -26.78 -57.19 -29.83
CA VAL G 26 -27.90 -56.94 -30.73
C VAL G 26 -29.20 -57.38 -30.08
N GLY G 27 -30.09 -56.42 -29.87
CA GLY G 27 -31.36 -56.68 -29.19
C GLY G 27 -31.28 -56.15 -27.78
N VAL G 28 -32.20 -55.24 -27.42
CA VAL G 28 -32.24 -54.67 -26.08
C VAL G 28 -33.53 -55.02 -25.37
N GLY G 29 -34.01 -56.22 -25.62
CA GLY G 29 -35.04 -56.82 -24.80
C GLY G 29 -34.42 -57.26 -23.48
N ALA G 30 -35.20 -57.95 -22.66
CA ALA G 30 -34.73 -58.31 -21.32
C ALA G 30 -33.43 -59.12 -21.37
N VAL G 31 -33.34 -60.04 -22.33
CA VAL G 31 -32.17 -60.89 -22.45
C VAL G 31 -30.94 -60.08 -22.87
N GLY G 32 -31.10 -59.25 -23.88
CA GLY G 32 -30.02 -58.39 -24.31
C GLY G 32 -29.47 -57.54 -23.20
N MET G 33 -30.37 -56.90 -22.46
CA MET G 33 -29.95 -55.98 -21.40
C MET G 33 -29.29 -56.74 -20.25
N ALA G 34 -29.74 -57.97 -20.00
CA ALA G 34 -29.10 -58.81 -18.99
C ALA G 34 -27.68 -59.18 -19.40
N CYS G 35 -27.50 -59.50 -20.67
CA CYS G 35 -26.16 -59.74 -21.20
C CYS G 35 -25.32 -58.48 -21.04
N ALA G 36 -25.87 -57.33 -21.42
CA ALA G 36 -25.14 -56.08 -21.34
C ALA G 36 -24.64 -55.77 -19.93
N ILE G 37 -25.56 -55.80 -18.97
CA ILE G 37 -25.19 -55.44 -17.61
C ILE G 37 -24.18 -56.43 -17.04
N SER G 38 -24.34 -57.71 -17.33
CA SER G 38 -23.41 -58.71 -16.84
C SER G 38 -22.01 -58.48 -17.39
N ILE G 39 -21.94 -58.12 -18.67
CA ILE G 39 -20.67 -57.85 -19.32
C ILE G 39 -20.02 -56.59 -18.74
N LEU G 40 -20.81 -55.55 -18.54
CA LEU G 40 -20.30 -54.30 -17.98
C LEU G 40 -19.71 -54.52 -16.59
N MET G 41 -20.35 -55.38 -15.80
CA MET G 41 -19.92 -55.60 -14.44
C MET G 41 -18.76 -56.56 -14.33
N LYS G 42 -18.35 -57.17 -15.43
CA LYS G 42 -17.18 -58.05 -15.41
C LYS G 42 -15.99 -57.45 -16.11
N ASP G 43 -16.08 -56.18 -16.47
CA ASP G 43 -14.97 -55.46 -17.11
C ASP G 43 -14.37 -56.21 -18.28
N LEU G 44 -15.22 -56.67 -19.18
CA LEU G 44 -14.76 -57.46 -20.32
C LEU G 44 -14.50 -56.62 -21.55
N ALA G 45 -15.01 -55.40 -21.56
CA ALA G 45 -14.97 -54.56 -22.75
C ALA G 45 -14.56 -53.14 -22.43
N ASP G 46 -13.89 -52.50 -23.38
CA ASP G 46 -13.57 -51.07 -23.28
C ASP G 46 -14.57 -50.23 -24.03
N GLU G 47 -15.40 -50.87 -24.82
CA GLU G 47 -16.51 -50.20 -25.50
C GLU G 47 -17.64 -51.20 -25.70
N LEU G 48 -18.85 -50.79 -25.37
CA LEU G 48 -20.03 -51.62 -25.53
C LEU G 48 -21.02 -50.92 -26.43
N ALA G 49 -21.48 -51.63 -27.45
CA ALA G 49 -22.45 -51.10 -28.40
C ALA G 49 -23.76 -51.87 -28.32
N LEU G 50 -24.85 -51.12 -28.39
CA LEU G 50 -26.19 -51.69 -28.37
C LEU G 50 -26.90 -51.33 -29.65
N VAL G 51 -27.52 -52.32 -30.29
CA VAL G 51 -28.27 -52.08 -31.51
CA VAL G 51 -28.27 -52.08 -31.51
C VAL G 51 -29.62 -52.76 -31.43
N ASP G 52 -30.64 -52.05 -31.93
CA ASP G 52 -31.99 -52.58 -32.04
C ASP G 52 -32.76 -51.70 -33.02
N VAL G 53 -34.00 -52.07 -33.31
CA VAL G 53 -34.83 -51.32 -34.25
C VAL G 53 -35.66 -50.22 -33.57
N MET G 54 -35.96 -50.40 -32.29
CA MET G 54 -36.72 -49.38 -31.56
C MET G 54 -35.79 -48.33 -31.01
N GLU G 55 -35.72 -47.19 -31.71
CA GLU G 55 -34.80 -46.10 -31.34
C GLU G 55 -34.99 -45.51 -29.96
N ASP G 56 -36.22 -45.37 -29.52
CA ASP G 56 -36.53 -44.83 -28.21
C ASP G 56 -36.02 -45.70 -27.07
N LYS G 57 -36.47 -46.93 -27.05
CA LYS G 57 -36.05 -47.91 -26.07
C LYS G 57 -34.52 -47.99 -26.04
N LEU G 58 -33.93 -48.00 -27.22
CA LEU G 58 -32.48 -48.11 -27.38
C LEU G 58 -31.75 -46.99 -26.70
N LYS G 59 -32.14 -45.77 -27.04
CA LYS G 59 -31.52 -44.59 -26.48
C LYS G 59 -31.72 -44.55 -24.96
N GLY G 60 -32.89 -44.94 -24.49
CA GLY G 60 -33.18 -44.90 -23.07
C GLY G 60 -32.31 -45.85 -22.27
N GLU G 61 -32.15 -47.07 -22.77
CA GLU G 61 -31.30 -48.05 -22.14
C GLU G 61 -29.86 -47.58 -22.12
N MET G 62 -29.40 -47.00 -23.22
CA MET G 62 -28.05 -46.47 -23.28
C MET G 62 -27.82 -45.40 -22.22
N MET G 63 -28.73 -44.44 -22.13
CA MET G 63 -28.60 -43.35 -21.17
C MET G 63 -28.58 -43.86 -19.73
N ASP G 64 -29.48 -44.79 -19.43
CA ASP G 64 -29.57 -45.34 -18.10
C ASP G 64 -28.21 -45.95 -17.70
N LEU G 65 -27.61 -46.71 -18.61
CA LEU G 65 -26.28 -47.28 -18.37
C LEU G 65 -25.21 -46.22 -18.21
N GLN G 66 -25.22 -45.24 -19.10
CA GLN G 66 -24.23 -44.16 -19.04
C GLN G 66 -24.25 -43.42 -17.71
N HIS G 67 -25.42 -43.26 -17.14
CA HIS G 67 -25.54 -42.53 -15.90
C HIS G 67 -24.85 -43.24 -14.76
N GLY G 68 -24.60 -44.53 -14.94
CA GLY G 68 -23.86 -45.31 -13.95
C GLY G 68 -22.36 -45.39 -14.19
N SER G 69 -21.86 -44.59 -15.12
CA SER G 69 -20.44 -44.64 -15.51
C SER G 69 -19.47 -44.54 -14.35
N LEU G 70 -19.83 -43.75 -13.36
CA LEU G 70 -18.99 -43.57 -12.18
C LEU G 70 -18.67 -44.91 -11.51
N PHE G 71 -19.62 -45.83 -11.59
CA PHE G 71 -19.49 -47.11 -10.91
C PHE G 71 -19.03 -48.22 -11.81
N LEU G 72 -18.62 -47.87 -13.03
CA LEU G 72 -18.20 -48.87 -14.00
C LEU G 72 -16.79 -48.59 -14.48
N ARG G 73 -16.22 -49.57 -15.21
CA ARG G 73 -14.87 -49.43 -15.75
C ARG G 73 -14.91 -49.71 -17.24
N THR G 74 -16.03 -49.36 -17.87
CA THR G 74 -16.16 -49.45 -19.30
C THR G 74 -16.48 -48.05 -19.79
N PRO G 75 -15.49 -47.37 -20.35
CA PRO G 75 -15.60 -45.94 -20.57
C PRO G 75 -16.54 -45.50 -21.69
N LYS G 76 -16.88 -46.38 -22.60
CA LYS G 76 -17.70 -45.97 -23.76
C LYS G 76 -18.86 -46.91 -23.98
N ILE G 77 -20.06 -46.36 -23.93
CA ILE G 77 -21.26 -47.10 -24.23
C ILE G 77 -21.98 -46.35 -25.31
N VAL G 78 -22.30 -47.04 -26.41
CA VAL G 78 -22.92 -46.41 -27.56
C VAL G 78 -24.06 -47.25 -28.08
N SER G 79 -24.92 -46.63 -28.87
CA SER G 79 -26.08 -47.32 -29.41
C SER G 79 -26.53 -46.63 -30.68
N GLY G 80 -27.38 -47.32 -31.42
CA GLY G 80 -27.88 -46.79 -32.67
C GLY G 80 -28.62 -47.83 -33.46
N LYS G 81 -29.48 -47.36 -34.37
CA LYS G 81 -30.21 -48.22 -35.29
C LYS G 81 -29.29 -48.64 -36.42
N ASP G 82 -28.34 -47.78 -36.74
CA ASP G 82 -27.38 -48.00 -37.81
C ASP G 82 -26.19 -48.82 -37.32
N TYR G 83 -25.86 -49.88 -38.04
CA TYR G 83 -24.81 -50.82 -37.59
C TYR G 83 -23.40 -50.28 -37.62
N SER G 84 -23.19 -49.11 -38.23
CA SER G 84 -21.88 -48.47 -38.16
C SER G 84 -21.40 -48.33 -36.70
N VAL G 85 -22.30 -48.15 -35.75
CA VAL G 85 -21.89 -48.07 -34.35
C VAL G 85 -21.27 -49.36 -33.81
N THR G 86 -21.42 -50.46 -34.54
CA THR G 86 -20.86 -51.75 -34.10
C THR G 86 -19.48 -52.03 -34.65
N ALA G 87 -18.91 -51.09 -35.38
CA ALA G 87 -17.64 -51.32 -36.05
C ALA G 87 -16.53 -51.78 -35.09
N ASN G 88 -15.74 -52.74 -35.56
CA ASN G 88 -14.56 -53.22 -34.83
C ASN G 88 -14.88 -53.97 -33.56
N SER G 89 -16.00 -54.66 -33.54
CA SER G 89 -16.31 -55.48 -32.39
C SER G 89 -15.45 -56.75 -32.48
N LYS G 90 -14.95 -57.20 -31.35
CA LYS G 90 -14.29 -58.50 -31.28
C LYS G 90 -15.34 -59.58 -31.14
N LEU G 91 -16.46 -59.23 -30.52
CA LEU G 91 -17.50 -60.18 -30.21
C LEU G 91 -18.86 -59.52 -30.37
N VAL G 92 -19.75 -60.18 -31.09
CA VAL G 92 -21.09 -59.69 -31.30
C VAL G 92 -22.08 -60.72 -30.82
N ILE G 93 -22.95 -60.30 -29.91
CA ILE G 93 -23.91 -61.19 -29.28
C ILE G 93 -25.30 -60.89 -29.81
N ILE G 94 -25.93 -61.92 -30.35
CA ILE G 94 -27.23 -61.77 -31.00
C ILE G 94 -28.34 -62.32 -30.14
N THR G 95 -29.20 -61.42 -29.68
CA THR G 95 -30.35 -61.79 -28.85
C THR G 95 -31.68 -61.47 -29.52
N ALA G 96 -31.63 -60.78 -30.66
CA ALA G 96 -32.84 -60.42 -31.38
C ALA G 96 -33.44 -61.63 -32.06
N GLY G 97 -34.73 -61.57 -32.26
CA GLY G 97 -35.43 -62.60 -32.99
C GLY G 97 -36.91 -62.35 -33.05
N ALA G 98 -37.62 -63.24 -33.72
CA ALA G 98 -39.07 -63.19 -33.80
C ALA G 98 -39.61 -63.97 -32.62
N ARG G 99 -40.67 -63.44 -31.99
CA ARG G 99 -41.41 -64.20 -30.99
C ARG G 99 -42.44 -65.06 -31.69
N GLN G 100 -42.60 -66.30 -31.26
CA GLN G 100 -43.53 -67.23 -31.88
C GLN G 100 -45.01 -66.79 -31.70
N GLN G 101 -45.82 -66.99 -32.73
CA GLN G 101 -47.25 -66.98 -32.56
C GLN G 101 -47.64 -68.39 -32.16
N GLU G 102 -48.46 -68.49 -31.13
CA GLU G 102 -48.81 -69.80 -30.57
C GLU G 102 -49.64 -70.61 -31.58
N GLY G 103 -49.18 -71.81 -31.83
CA GLY G 103 -49.75 -72.65 -32.90
C GLY G 103 -49.13 -72.40 -34.25
N GLU G 104 -48.13 -71.52 -34.33
CA GLU G 104 -47.25 -71.44 -35.51
C GLU G 104 -46.24 -72.57 -35.47
N SER G 105 -46.07 -73.24 -36.62
CA SER G 105 -45.16 -74.35 -36.72
C SER G 105 -43.71 -73.88 -36.62
N ARG G 106 -42.85 -74.82 -36.22
CA ARG G 106 -41.47 -74.52 -35.99
C ARG G 106 -40.79 -73.99 -37.23
N LEU G 107 -41.04 -74.62 -38.38
CA LEU G 107 -40.46 -74.20 -39.65
C LEU G 107 -40.80 -72.75 -39.97
N ASN G 108 -42.06 -72.40 -39.76
CA ASN G 108 -42.49 -71.04 -40.06
C ASN G 108 -41.81 -70.02 -39.16
N LEU G 109 -41.71 -70.35 -37.88
CA LEU G 109 -41.05 -69.47 -36.94
C LEU G 109 -39.58 -69.24 -37.33
N VAL G 110 -38.86 -70.31 -37.59
CA VAL G 110 -37.48 -70.18 -38.03
C VAL G 110 -37.37 -69.32 -39.28
N GLN G 111 -38.23 -69.53 -40.27
CA GLN G 111 -38.16 -68.76 -41.51
C GLN G 111 -38.30 -67.25 -41.22
N ARG G 112 -39.21 -66.90 -40.33
CA ARG G 112 -39.39 -65.50 -39.96
C ARG G 112 -38.11 -64.93 -39.34
N ASN G 113 -37.41 -65.75 -38.57
CA ASN G 113 -36.11 -65.34 -38.01
C ASN G 113 -35.04 -65.25 -39.07
N VAL G 114 -35.05 -66.17 -40.03
CA VAL G 114 -34.13 -66.08 -41.14
C VAL G 114 -34.26 -64.72 -41.79
N ASN G 115 -35.49 -64.29 -42.01
CA ASN G 115 -35.73 -63.02 -42.68
C ASN G 115 -35.15 -61.86 -41.88
N ILE G 116 -35.25 -61.94 -40.56
CA ILE G 116 -34.67 -60.94 -39.70
C ILE G 116 -33.13 -60.99 -39.76
N PHE G 117 -32.58 -62.20 -39.67
CA PHE G 117 -31.13 -62.39 -39.70
C PHE G 117 -30.54 -61.96 -41.03
N LYS G 118 -31.33 -62.06 -42.09
CA LYS G 118 -30.88 -61.62 -43.41
C LYS G 118 -30.57 -60.13 -43.42
N PHE G 119 -31.20 -59.38 -42.52
CA PHE G 119 -30.88 -57.96 -42.39
C PHE G 119 -29.71 -57.76 -41.40
N ILE G 120 -29.79 -58.43 -40.25
CA ILE G 120 -28.81 -58.25 -39.19
C ILE G 120 -27.40 -58.70 -39.57
N ILE G 121 -27.26 -59.96 -39.97
CA ILE G 121 -25.93 -60.56 -40.09
C ILE G 121 -25.03 -59.84 -41.11
N PRO G 122 -25.53 -59.60 -42.33
CA PRO G 122 -24.67 -58.91 -43.30
C PRO G 122 -24.19 -57.56 -42.79
N ASN G 123 -25.03 -56.86 -42.06
CA ASN G 123 -24.61 -55.58 -41.48
C ASN G 123 -23.55 -55.73 -40.40
N VAL G 124 -23.68 -56.77 -39.58
CA VAL G 124 -22.68 -57.05 -38.57
C VAL G 124 -21.34 -57.32 -39.23
N VAL G 125 -21.35 -58.24 -40.19
CA VAL G 125 -20.12 -58.69 -40.85
C VAL G 125 -19.44 -57.56 -41.61
N LYS G 126 -20.26 -56.67 -42.15
CA LYS G 126 -19.76 -55.53 -42.88
C LYS G 126 -18.84 -54.69 -42.02
N TYR G 127 -19.26 -54.41 -40.79
CA TYR G 127 -18.51 -53.50 -39.93
C TYR G 127 -17.52 -54.17 -38.99
N SER G 128 -17.66 -55.47 -38.78
CA SER G 128 -16.74 -56.19 -37.91
C SER G 128 -16.42 -57.54 -38.56
N PRO G 129 -15.68 -57.50 -39.67
CA PRO G 129 -15.38 -58.69 -40.46
C PRO G 129 -14.60 -59.78 -39.72
N HIS G 130 -13.94 -59.43 -38.63
CA HIS G 130 -13.11 -60.41 -37.90
C HIS G 130 -13.72 -60.86 -36.57
N CYS G 131 -14.97 -60.48 -36.31
CA CYS G 131 -15.58 -60.73 -35.02
C CYS G 131 -15.94 -62.20 -34.86
N LYS G 132 -16.24 -62.59 -33.63
CA LYS G 132 -16.90 -63.84 -33.37
C LYS G 132 -18.37 -63.54 -33.14
N LEU G 133 -19.22 -64.44 -33.64
CA LEU G 133 -20.65 -64.33 -33.44
C LEU G 133 -21.09 -65.29 -32.36
N LEU G 134 -21.85 -64.78 -31.41
CA LEU G 134 -22.42 -65.60 -30.37
C LEU G 134 -23.92 -65.45 -30.44
N VAL G 135 -24.60 -66.54 -30.82
CA VAL G 135 -26.03 -66.50 -31.02
C VAL G 135 -26.73 -67.03 -29.78
N VAL G 136 -27.70 -66.27 -29.29
CA VAL G 136 -28.44 -66.60 -28.07
C VAL G 136 -29.92 -66.87 -28.38
N SER G 137 -30.45 -66.20 -29.39
CA SER G 137 -31.84 -66.32 -29.79
C SER G 137 -32.27 -67.77 -30.01
N ASN G 138 -33.55 -68.06 -29.75
CA ASN G 138 -34.08 -69.40 -29.97
C ASN G 138 -34.91 -69.51 -31.22
N PRO G 139 -34.92 -70.69 -31.84
CA PRO G 139 -34.17 -71.88 -31.36
C PRO G 139 -32.70 -71.82 -31.71
N VAL G 140 -31.85 -71.94 -30.71
CA VAL G 140 -30.48 -71.53 -30.82
C VAL G 140 -29.66 -72.37 -31.80
N ASP G 141 -29.86 -73.67 -31.78
CA ASP G 141 -29.05 -74.55 -32.63
C ASP G 141 -29.32 -74.24 -34.10
N ILE G 142 -30.57 -74.00 -34.44
CA ILE G 142 -30.93 -73.69 -35.82
C ILE G 142 -30.48 -72.29 -36.24
N LEU G 143 -30.68 -71.32 -35.36
CA LEU G 143 -30.35 -69.95 -35.70
C LEU G 143 -28.83 -69.73 -35.75
N THR G 144 -28.09 -70.53 -35.02
CA THR G 144 -26.64 -70.50 -35.12
C THR G 144 -26.21 -70.96 -36.50
N TYR G 145 -26.87 -72.00 -37.01
CA TYR G 145 -26.66 -72.45 -38.38
C TYR G 145 -26.99 -71.35 -39.38
N VAL G 146 -28.11 -70.68 -39.19
CA VAL G 146 -28.54 -69.60 -40.09
C VAL G 146 -27.47 -68.50 -40.13
N ALA G 147 -27.01 -68.08 -38.96
CA ALA G 147 -26.01 -67.03 -38.89
C ALA G 147 -24.72 -67.44 -39.58
N TRP G 148 -24.34 -68.69 -39.40
CA TRP G 148 -23.15 -69.23 -40.04
C TRP G 148 -23.28 -69.16 -41.56
N LYS G 149 -24.40 -69.69 -42.05
CA LYS G 149 -24.72 -69.70 -43.47
C LYS G 149 -24.65 -68.30 -44.08
N ILE G 150 -25.33 -67.36 -43.46
CA ILE G 150 -25.43 -66.01 -44.00
C ILE G 150 -24.13 -65.23 -43.86
N SER G 151 -23.39 -65.46 -42.78
CA SER G 151 -22.18 -64.68 -42.52
C SER G 151 -21.07 -65.09 -43.46
N GLY G 152 -21.03 -66.37 -43.82
CA GLY G 152 -19.89 -66.92 -44.53
C GLY G 152 -18.63 -67.01 -43.69
N PHE G 153 -18.76 -66.87 -42.38
CA PHE G 153 -17.62 -67.03 -41.49
C PHE G 153 -17.24 -68.49 -41.41
N PRO G 154 -15.98 -68.77 -41.09
CA PRO G 154 -15.60 -70.15 -40.77
C PRO G 154 -16.26 -70.57 -39.47
N LYS G 155 -16.51 -71.87 -39.33
CA LYS G 155 -17.36 -72.39 -38.24
C LYS G 155 -16.82 -72.15 -36.82
N ASN G 156 -15.50 -72.05 -36.67
CA ASN G 156 -14.92 -71.81 -35.36
C ASN G 156 -15.38 -70.47 -34.76
N ARG G 157 -15.88 -69.57 -35.61
CA ARG G 157 -16.19 -68.23 -35.20
C ARG G 157 -17.67 -67.94 -35.07
N VAL G 158 -18.50 -68.96 -35.27
CA VAL G 158 -19.93 -68.82 -35.07
C VAL G 158 -20.34 -69.79 -33.98
N ILE G 159 -20.80 -69.24 -32.87
CA ILE G 159 -21.05 -70.00 -31.64
C ILE G 159 -22.47 -69.81 -31.16
N GLY G 160 -23.10 -70.91 -30.78
CA GLY G 160 -24.43 -70.85 -30.18
C GLY G 160 -24.32 -71.10 -28.70
N SER G 161 -25.11 -70.39 -27.90
CA SER G 161 -25.07 -70.56 -26.44
C SER G 161 -25.50 -71.95 -26.04
N GLY G 162 -26.29 -72.61 -26.88
CA GLY G 162 -26.64 -74.02 -26.68
C GLY G 162 -27.05 -74.39 -25.26
N CYS G 163 -26.40 -75.44 -24.74
CA CYS G 163 -26.77 -75.99 -23.44
C CYS G 163 -25.91 -75.48 -22.27
N ASN G 164 -25.27 -74.34 -22.45
CA ASN G 164 -24.45 -73.78 -21.39
C ASN G 164 -25.27 -73.51 -20.14
N LEU G 165 -26.41 -72.84 -20.31
CA LEU G 165 -27.24 -72.52 -19.16
C LEU G 165 -27.95 -73.75 -18.61
N ASP G 166 -28.42 -74.61 -19.50
CA ASP G 166 -29.07 -75.84 -19.06
C ASP G 166 -28.17 -76.66 -18.15
N SER G 167 -26.88 -76.76 -18.51
CA SER G 167 -25.90 -77.46 -17.67
C SER G 167 -25.71 -76.75 -16.34
N ALA G 168 -25.74 -75.43 -16.36
CA ALA G 168 -25.61 -74.65 -15.13
C ALA G 168 -26.79 -74.87 -14.19
N ARG G 169 -27.99 -74.92 -14.75
CA ARG G 169 -29.19 -75.23 -13.98
C ARG G 169 -29.09 -76.62 -13.40
N PHE G 170 -28.60 -77.53 -14.22
CA PHE G 170 -28.48 -78.90 -13.80
C PHE G 170 -27.56 -79.02 -12.58
N ARG G 171 -26.44 -78.33 -12.64
CA ARG G 171 -25.48 -78.40 -11.54
C ARG G 171 -26.02 -77.74 -10.29
N TYR G 172 -26.79 -76.68 -10.45
CA TYR G 172 -27.43 -76.03 -9.31
C TYR G 172 -28.36 -77.01 -8.59
N LEU G 173 -29.16 -77.72 -9.36
CA LEU G 173 -30.12 -78.66 -8.81
C LEU G 173 -29.42 -79.87 -8.15
N MET G 174 -28.35 -80.36 -8.78
CA MET G 174 -27.59 -81.41 -8.14
C MET G 174 -26.99 -80.92 -6.83
N GLY G 175 -26.52 -79.68 -6.81
CA GLY G 175 -25.96 -79.09 -5.59
C GLY G 175 -26.98 -78.99 -4.50
N GLU G 176 -28.20 -78.62 -4.84
CA GLU G 176 -29.27 -78.56 -3.84
C GLU G 176 -29.50 -79.92 -3.22
N ARG G 177 -29.52 -80.95 -4.02
CA ARG G 177 -29.73 -82.30 -3.52
C ARG G 177 -28.58 -82.84 -2.67
N LEU G 178 -27.35 -82.44 -2.98
CA LEU G 178 -26.18 -82.99 -2.30
C LEU G 178 -25.62 -82.09 -1.21
N GLY G 179 -26.08 -80.85 -1.15
CA GLY G 179 -25.62 -79.91 -0.13
C GLY G 179 -24.25 -79.33 -0.41
N VAL G 180 -23.88 -79.25 -1.68
CA VAL G 180 -22.61 -78.62 -2.06
C VAL G 180 -22.87 -77.60 -3.17
N HIS G 181 -21.95 -76.65 -3.31
CA HIS G 181 -22.11 -75.61 -4.31
C HIS G 181 -22.10 -76.17 -5.72
N ALA G 182 -22.81 -75.49 -6.61
CA ALA G 182 -22.87 -75.92 -8.00
C ALA G 182 -21.48 -76.06 -8.63
N LEU G 183 -20.54 -75.24 -8.18
CA LEU G 183 -19.18 -75.24 -8.69
C LEU G 183 -18.48 -76.57 -8.50
N SER G 184 -18.89 -77.31 -7.47
CA SER G 184 -18.23 -78.57 -7.15
C SER G 184 -19.02 -79.78 -7.61
N CYS G 185 -20.17 -79.54 -8.22
CA CYS G 185 -20.95 -80.61 -8.86
C CYS G 185 -20.69 -80.57 -10.33
N HIS G 186 -20.42 -81.71 -10.93
CA HIS G 186 -20.14 -81.75 -12.36
C HIS G 186 -21.12 -82.61 -13.11
N GLY G 187 -21.61 -82.09 -14.23
CA GLY G 187 -22.58 -82.77 -15.05
C GLY G 187 -22.77 -82.04 -16.36
N TRP G 188 -23.08 -82.80 -17.40
CA TRP G 188 -23.15 -82.26 -18.74
C TRP G 188 -24.46 -82.57 -19.42
N ILE G 189 -25.06 -81.52 -19.99
CA ILE G 189 -26.23 -81.67 -20.82
C ILE G 189 -25.81 -81.31 -22.23
N LEU G 190 -26.04 -82.23 -23.17
CA LEU G 190 -25.55 -82.08 -24.53
C LEU G 190 -26.65 -82.16 -25.57
N GLY G 191 -26.29 -81.87 -26.81
CA GLY G 191 -27.18 -82.03 -27.94
C GLY G 191 -28.04 -80.82 -28.20
N GLU G 192 -29.31 -81.11 -28.52
CA GLU G 192 -30.24 -80.07 -28.90
C GLU G 192 -30.77 -79.37 -27.66
N HIS G 193 -30.70 -78.05 -27.67
CA HIS G 193 -31.18 -77.23 -26.56
C HIS G 193 -32.68 -77.41 -26.40
N GLY G 194 -33.16 -77.54 -25.17
CA GLY G 194 -34.59 -77.71 -24.89
C GLY G 194 -34.99 -79.15 -24.61
N ASP G 195 -36.22 -79.51 -25.00
CA ASP G 195 -36.80 -80.80 -24.59
C ASP G 195 -36.00 -82.05 -24.96
N SER G 196 -35.20 -81.97 -26.01
CA SER G 196 -34.48 -83.16 -26.51
C SER G 196 -33.02 -83.23 -26.06
N SER G 197 -32.64 -82.42 -25.08
CA SER G 197 -31.28 -82.45 -24.57
C SER G 197 -30.94 -83.81 -23.98
N VAL G 198 -29.66 -84.14 -23.98
CA VAL G 198 -29.18 -85.40 -23.45
C VAL G 198 -28.39 -85.17 -22.17
N PRO G 199 -28.91 -85.64 -21.04
CA PRO G 199 -28.12 -85.67 -19.82
C PRO G 199 -27.17 -86.86 -19.81
N VAL G 200 -25.88 -86.58 -19.73
CA VAL G 200 -24.88 -87.64 -19.76
C VAL G 200 -24.60 -88.14 -18.34
N TRP G 201 -25.38 -89.16 -17.95
CA TRP G 201 -25.36 -89.67 -16.57
C TRP G 201 -24.00 -90.20 -16.16
N SER G 202 -23.33 -90.86 -17.09
CA SER G 202 -22.02 -91.47 -16.81
C SER G 202 -21.02 -90.45 -16.29
N GLY G 203 -21.08 -89.22 -16.81
CA GLY G 203 -20.12 -88.19 -16.47
C GLY G 203 -20.38 -87.38 -15.21
N MET G 204 -21.47 -87.68 -14.51
CA MET G 204 -21.83 -86.90 -13.34
C MET G 204 -21.02 -87.29 -12.13
N ASN G 205 -20.38 -86.32 -11.49
CA ASN G 205 -19.48 -86.59 -10.39
C ASN G 205 -19.32 -85.44 -9.41
N VAL G 206 -18.87 -85.77 -8.21
CA VAL G 206 -18.38 -84.80 -7.24
C VAL G 206 -17.02 -85.31 -6.80
N ALA G 207 -16.02 -84.42 -6.86
CA ALA G 207 -14.64 -84.81 -6.52
C ALA G 207 -14.17 -86.04 -7.29
N GLY G 208 -14.67 -86.20 -8.51
CA GLY G 208 -14.26 -87.30 -9.36
C GLY G 208 -14.90 -88.64 -9.01
N VAL G 209 -15.86 -88.64 -8.09
CA VAL G 209 -16.60 -89.85 -7.74
C VAL G 209 -17.84 -89.95 -8.60
N SER G 210 -17.90 -90.97 -9.43
CA SER G 210 -19.02 -91.12 -10.37
C SER G 210 -20.29 -91.56 -9.65
N LEU G 211 -21.37 -90.80 -9.83
CA LEU G 211 -22.64 -91.10 -9.17
C LEU G 211 -23.25 -92.37 -9.73
N LYS G 212 -23.09 -92.59 -11.04
CA LYS G 212 -23.62 -93.79 -11.70
C LYS G 212 -23.03 -95.06 -11.10
N THR G 213 -21.78 -95.00 -10.65
CA THR G 213 -21.13 -96.13 -10.01
C THR G 213 -21.72 -96.44 -8.63
N LEU G 214 -22.05 -95.40 -7.88
CA LEU G 214 -22.62 -95.56 -6.54
C LEU G 214 -24.09 -95.91 -6.59
N HIS G 215 -24.76 -95.56 -7.68
CA HIS G 215 -26.20 -95.69 -7.79
C HIS G 215 -26.49 -96.10 -9.22
N PRO G 216 -26.30 -97.40 -9.53
CA PRO G 216 -26.34 -97.84 -10.93
C PRO G 216 -27.65 -97.56 -11.67
N GLU G 217 -28.75 -97.37 -10.95
CA GLU G 217 -30.05 -97.14 -11.59
C GLU G 217 -30.23 -95.65 -11.93
N LEU G 218 -29.24 -94.82 -11.59
CA LEU G 218 -29.27 -93.38 -11.87
C LEU G 218 -29.65 -93.08 -13.31
N GLY G 219 -30.72 -92.30 -13.48
CA GLY G 219 -31.12 -91.89 -14.82
C GLY G 219 -32.08 -92.84 -15.51
N THR G 220 -32.36 -93.98 -14.88
CA THR G 220 -33.34 -94.94 -15.42
C THR G 220 -34.69 -94.71 -14.74
N ASP G 221 -35.65 -95.57 -15.02
CA ASP G 221 -36.97 -95.50 -14.36
C ASP G 221 -37.02 -96.35 -13.10
N ALA G 222 -36.21 -97.42 -13.06
CA ALA G 222 -35.97 -98.19 -11.84
C ALA G 222 -35.44 -97.30 -10.72
N ASP G 223 -34.94 -96.12 -11.08
CA ASP G 223 -34.34 -95.18 -10.13
C ASP G 223 -35.36 -94.67 -9.12
N LYS G 224 -35.23 -95.16 -7.90
CA LYS G 224 -36.14 -94.82 -6.81
C LYS G 224 -35.97 -93.38 -6.32
N GLU G 225 -34.87 -92.73 -6.72
CA GLU G 225 -34.62 -91.33 -6.35
C GLU G 225 -35.02 -90.39 -7.49
N GLN G 226 -35.52 -90.94 -8.58
CA GLN G 226 -35.96 -90.17 -9.76
C GLN G 226 -35.02 -89.06 -10.17
N TRP G 227 -33.79 -89.40 -10.45
CA TRP G 227 -32.84 -88.41 -10.95
C TRP G 227 -33.20 -87.98 -12.33
N LYS G 228 -33.82 -88.89 -13.08
CA LYS G 228 -34.32 -88.55 -14.39
C LYS G 228 -35.19 -87.28 -14.33
N GLN G 229 -35.91 -87.10 -13.21
CA GLN G 229 -36.74 -85.92 -13.00
C GLN G 229 -35.96 -84.63 -12.99
N VAL G 230 -34.75 -84.66 -12.46
CA VAL G 230 -33.91 -83.47 -12.38
C VAL G 230 -33.69 -82.88 -13.78
N HIS G 231 -33.45 -83.74 -14.76
CA HIS G 231 -33.30 -83.29 -16.12
C HIS G 231 -34.60 -82.67 -16.65
N LYS G 232 -35.72 -83.35 -16.38
CA LYS G 232 -37.02 -82.81 -16.76
C LYS G 232 -37.20 -81.45 -16.14
N GLN G 233 -36.82 -81.32 -14.88
CA GLN G 233 -36.90 -80.07 -14.16
C GLN G 233 -36.12 -78.97 -14.84
N VAL G 234 -34.92 -79.29 -15.34
CA VAL G 234 -34.11 -78.31 -16.06
C VAL G 234 -34.85 -77.77 -17.27
N VAL G 235 -35.44 -78.68 -18.03
CA VAL G 235 -36.21 -78.31 -19.22
C VAL G 235 -37.44 -77.47 -18.86
N ASP G 236 -38.15 -77.88 -17.82
CA ASP G 236 -39.36 -77.18 -17.37
C ASP G 236 -39.07 -75.83 -16.74
N SER G 237 -37.95 -75.69 -16.05
CA SER G 237 -37.57 -74.42 -15.39
C SER G 237 -37.78 -73.19 -16.23
N ALA G 238 -37.39 -73.28 -17.48
CA ALA G 238 -37.55 -72.16 -18.40
C ALA G 238 -39.03 -71.72 -18.48
N TYR G 239 -39.93 -72.67 -18.72
CA TYR G 239 -41.35 -72.37 -18.81
C TYR G 239 -41.89 -71.92 -17.45
N GLU G 240 -41.49 -72.61 -16.39
CA GLU G 240 -41.86 -72.26 -15.03
C GLU G 240 -41.61 -70.77 -14.77
N VAL G 241 -40.44 -70.29 -15.14
CA VAL G 241 -40.06 -68.90 -14.88
C VAL G 241 -40.87 -67.94 -15.75
N ILE G 242 -41.08 -68.30 -17.01
CA ILE G 242 -41.88 -67.47 -17.91
C ILE G 242 -43.33 -67.36 -17.40
N LYS G 243 -43.87 -68.47 -16.92
CA LYS G 243 -45.21 -68.48 -16.37
C LYS G 243 -45.29 -67.57 -15.16
N LEU G 244 -44.22 -67.51 -14.38
CA LEU G 244 -44.24 -66.78 -13.12
C LEU G 244 -43.95 -65.29 -13.26
N LYS G 245 -42.91 -64.93 -14.02
CA LYS G 245 -42.56 -63.52 -14.13
C LYS G 245 -42.63 -62.98 -15.55
N GLY G 246 -42.96 -63.84 -16.51
CA GLY G 246 -43.18 -63.40 -17.88
C GLY G 246 -42.08 -63.70 -18.87
N TYR G 247 -40.87 -63.94 -18.38
CA TYR G 247 -39.71 -64.14 -19.24
C TYR G 247 -38.54 -64.59 -18.35
N THR G 248 -37.42 -64.95 -18.98
CA THR G 248 -36.19 -65.26 -18.26
C THR G 248 -35.12 -64.29 -18.75
N THR G 249 -34.22 -63.90 -17.86
CA THR G 249 -33.21 -62.91 -18.17
C THR G 249 -31.89 -63.15 -17.46
N TRP G 250 -31.90 -63.16 -16.14
CA TRP G 250 -30.69 -63.00 -15.38
C TRP G 250 -29.71 -64.14 -15.60
N ALA G 251 -30.21 -65.36 -15.53
CA ALA G 251 -29.38 -66.53 -15.68
C ALA G 251 -28.72 -66.62 -17.05
N ILE G 252 -29.46 -66.26 -18.09
CA ILE G 252 -28.90 -66.27 -19.44
C ILE G 252 -27.81 -65.23 -19.54
N GLY G 253 -28.06 -64.05 -18.98
CA GLY G 253 -27.08 -62.96 -18.98
C GLY G 253 -25.77 -63.39 -18.37
N LEU G 254 -25.87 -64.07 -17.23
CA LEU G 254 -24.68 -64.52 -16.53
C LEU G 254 -23.97 -65.62 -17.33
N SER G 255 -24.74 -66.54 -17.89
CA SER G 255 -24.19 -67.62 -18.68
C SER G 255 -23.45 -67.05 -19.90
N VAL G 256 -24.03 -66.06 -20.54
CA VAL G 256 -23.42 -65.47 -21.72
C VAL G 256 -22.14 -64.73 -21.36
N ALA G 257 -22.17 -63.97 -20.28
CA ALA G 257 -20.98 -63.27 -19.81
C ALA G 257 -19.85 -64.26 -19.52
N ASP G 258 -20.18 -65.42 -18.99
CA ASP G 258 -19.19 -66.45 -18.75
C ASP G 258 -18.50 -66.87 -20.04
N LEU G 259 -19.29 -67.05 -21.09
CA LEU G 259 -18.73 -67.41 -22.39
C LEU G 259 -17.86 -66.28 -22.91
N ALA G 260 -18.35 -65.05 -22.79
CA ALA G 260 -17.61 -63.88 -23.22
C ALA G 260 -16.26 -63.81 -22.52
N GLU G 261 -16.24 -64.15 -21.24
CA GLU G 261 -14.98 -64.15 -20.49
C GLU G 261 -13.96 -65.11 -21.13
N SER G 262 -14.38 -66.33 -21.43
CA SER G 262 -13.47 -67.30 -22.03
C SER G 262 -12.92 -66.80 -23.36
N ILE G 263 -13.76 -66.13 -24.13
CA ILE G 263 -13.36 -65.60 -25.43
C ILE G 263 -12.41 -64.40 -25.28
N MET G 264 -12.82 -63.40 -24.52
CA MET G 264 -12.05 -62.18 -24.42
C MET G 264 -10.73 -62.39 -23.72
N LYS G 265 -10.66 -63.35 -22.81
CA LYS G 265 -9.41 -63.62 -22.08
C LYS G 265 -8.67 -64.87 -22.57
N ASN G 266 -9.18 -65.48 -23.63
CA ASN G 266 -8.53 -66.64 -24.24
C ASN G 266 -8.21 -67.74 -23.25
N LEU G 267 -9.19 -68.09 -22.44
CA LEU G 267 -8.97 -69.01 -21.34
C LEU G 267 -8.84 -70.47 -21.77
N ARG G 268 -9.51 -70.84 -22.85
CA ARG G 268 -9.55 -72.23 -23.32
C ARG G 268 -10.17 -73.13 -22.25
N ARG G 269 -11.28 -72.66 -21.70
CA ARG G 269 -12.12 -73.48 -20.83
C ARG G 269 -13.07 -74.28 -21.69
N VAL G 270 -13.60 -75.34 -21.13
CA VAL G 270 -14.54 -76.18 -21.85
C VAL G 270 -15.97 -75.86 -21.44
N HIS G 271 -16.81 -75.56 -22.44
CA HIS G 271 -18.20 -75.24 -22.22
C HIS G 271 -19.09 -76.11 -23.11
N PRO G 272 -20.30 -76.45 -22.64
CA PRO G 272 -21.23 -77.15 -23.49
C PRO G 272 -21.96 -76.14 -24.35
N ILE G 273 -21.45 -75.90 -25.55
CA ILE G 273 -22.02 -74.92 -26.43
C ILE G 273 -22.24 -75.50 -27.82
N SER G 274 -23.03 -74.79 -28.60
CA SER G 274 -23.48 -75.27 -29.88
C SER G 274 -22.45 -74.96 -30.97
N THR G 275 -21.92 -76.01 -31.60
CA THR G 275 -20.99 -75.86 -32.70
C THR G 275 -21.36 -76.81 -33.81
N MET G 276 -20.82 -76.60 -35.01
CA MET G 276 -21.11 -77.48 -36.10
C MET G 276 -20.41 -78.81 -35.92
N LEU G 277 -21.17 -79.90 -35.96
CA LEU G 277 -20.57 -81.17 -35.60
C LEU G 277 -20.55 -82.19 -36.72
N LYS G 278 -20.67 -81.73 -37.96
CA LYS G 278 -20.52 -82.62 -39.09
C LYS G 278 -19.21 -83.38 -38.94
N GLY G 279 -19.27 -84.70 -39.00
CA GLY G 279 -18.06 -85.52 -38.89
C GLY G 279 -17.88 -86.18 -37.55
N LEU G 280 -18.76 -85.90 -36.60
CA LEU G 280 -18.69 -86.52 -35.27
C LEU G 280 -19.93 -87.33 -34.95
N TYR G 281 -19.74 -88.43 -34.24
CA TYR G 281 -20.82 -89.35 -33.94
C TYR G 281 -21.64 -89.75 -35.17
N GLY G 282 -20.97 -89.93 -36.31
CA GLY G 282 -21.65 -90.35 -37.53
C GLY G 282 -22.70 -89.38 -38.04
N ILE G 283 -22.55 -88.10 -37.71
CA ILE G 283 -23.43 -87.07 -38.22
C ILE G 283 -22.83 -86.53 -39.51
N LYS G 284 -23.60 -86.54 -40.59
CA LYS G 284 -23.09 -86.19 -41.90
C LYS G 284 -23.69 -84.90 -42.45
N GLU G 285 -24.55 -84.24 -41.68
CA GLU G 285 -25.20 -83.03 -42.15
C GLU G 285 -24.62 -81.77 -41.51
N ASP G 286 -24.86 -80.63 -42.15
CA ASP G 286 -24.46 -79.34 -41.60
C ASP G 286 -25.39 -78.92 -40.46
N VAL G 287 -25.09 -79.41 -39.26
CA VAL G 287 -25.97 -79.15 -38.10
C VAL G 287 -25.12 -78.71 -36.89
N PHE G 288 -25.71 -77.85 -36.07
CA PHE G 288 -25.08 -77.42 -34.85
C PHE G 288 -25.77 -78.08 -33.65
N LEU G 289 -24.96 -78.63 -32.75
CA LEU G 289 -25.46 -79.16 -31.49
C LEU G 289 -24.45 -78.89 -30.39
N SER G 290 -24.90 -78.93 -29.14
CA SER G 290 -24.00 -78.66 -28.03
C SER G 290 -23.15 -79.87 -27.74
N VAL G 291 -21.84 -79.67 -27.70
CA VAL G 291 -20.89 -80.63 -27.18
C VAL G 291 -19.86 -79.80 -26.40
N PRO G 292 -19.03 -80.48 -25.61
CA PRO G 292 -18.05 -79.74 -24.83
C PRO G 292 -16.98 -79.16 -25.75
N CYS G 293 -16.90 -77.84 -25.79
CA CYS G 293 -15.97 -77.16 -26.68
C CYS G 293 -14.94 -76.36 -25.92
N VAL G 294 -13.73 -76.31 -26.46
CA VAL G 294 -12.70 -75.45 -25.92
C VAL G 294 -12.87 -74.08 -26.55
N LEU G 295 -13.02 -73.07 -25.69
CA LEU G 295 -13.39 -71.74 -26.13
C LEU G 295 -12.30 -70.75 -25.77
N GLY G 296 -11.89 -69.97 -26.77
CA GLY G 296 -10.78 -69.02 -26.62
C GLY G 296 -10.93 -67.86 -27.57
N GLN G 297 -9.84 -67.14 -27.81
CA GLN G 297 -9.91 -65.90 -28.57
C GLN G 297 -10.29 -66.11 -30.02
N ASN G 298 -10.09 -67.31 -30.54
CA ASN G 298 -10.49 -67.62 -31.92
C ASN G 298 -11.76 -68.44 -31.98
N GLY G 299 -12.54 -68.39 -30.93
CA GLY G 299 -13.78 -69.14 -30.88
C GLY G 299 -13.49 -70.57 -30.52
N ILE G 300 -14.13 -71.49 -31.22
CA ILE G 300 -14.05 -72.91 -30.88
C ILE G 300 -12.92 -73.57 -31.64
N SER G 301 -11.87 -73.94 -30.90
CA SER G 301 -10.67 -74.50 -31.50
C SER G 301 -10.70 -76.02 -31.46
N ASP G 302 -11.35 -76.59 -30.46
CA ASP G 302 -11.31 -78.02 -30.24
C ASP G 302 -12.61 -78.47 -29.62
N VAL G 303 -12.89 -79.76 -29.77
CA VAL G 303 -14.07 -80.38 -29.18
C VAL G 303 -13.65 -81.61 -28.38
N VAL G 304 -14.30 -81.84 -27.25
CA VAL G 304 -14.01 -83.01 -26.44
C VAL G 304 -14.91 -84.15 -26.85
N LYS G 305 -14.32 -85.29 -27.17
CA LYS G 305 -15.08 -86.45 -27.62
C LYS G 305 -15.62 -87.21 -26.43
N VAL G 306 -16.87 -86.95 -26.10
CA VAL G 306 -17.49 -87.61 -24.98
C VAL G 306 -17.93 -89.00 -25.43
N THR G 307 -17.69 -89.98 -24.58
CA THR G 307 -18.07 -91.35 -24.89
C THR G 307 -19.55 -91.54 -24.54
N LEU G 308 -20.36 -91.88 -25.55
CA LEU G 308 -21.80 -91.98 -25.39
C LEU G 308 -22.29 -93.41 -25.55
N THR G 309 -23.37 -93.75 -24.84
CA THR G 309 -24.01 -95.03 -25.01
C THR G 309 -24.70 -95.03 -26.36
N SER G 310 -24.92 -96.22 -26.92
CA SER G 310 -25.62 -96.33 -28.19
C SER G 310 -26.97 -95.61 -28.18
N GLU G 311 -27.66 -95.64 -27.04
CA GLU G 311 -28.94 -94.93 -26.88
C GLU G 311 -28.75 -93.43 -27.03
N GLU G 312 -27.81 -92.89 -26.26
CA GLU G 312 -27.47 -91.47 -26.30
C GLU G 312 -27.04 -91.04 -27.71
N GLU G 313 -26.15 -91.81 -28.31
CA GLU G 313 -25.66 -91.55 -29.67
C GLU G 313 -26.79 -91.50 -30.68
N ALA G 314 -27.74 -92.42 -30.55
CA ALA G 314 -28.90 -92.47 -31.44
C ALA G 314 -29.76 -91.23 -31.24
N HIS G 315 -29.93 -90.83 -29.99
CA HIS G 315 -30.71 -89.65 -29.66
C HIS G 315 -30.19 -88.40 -30.33
N LEU G 316 -28.86 -88.30 -30.43
CA LEU G 316 -28.22 -87.17 -31.10
C LEU G 316 -28.47 -87.19 -32.59
N LYS G 317 -28.30 -88.36 -33.21
CA LYS G 317 -28.54 -88.51 -34.64
C LYS G 317 -29.97 -88.14 -34.98
N LYS G 318 -30.90 -88.55 -34.12
CA LYS G 318 -32.31 -88.21 -34.31
C LYS G 318 -32.46 -86.69 -34.37
N SER G 319 -31.89 -85.99 -33.39
CA SER G 319 -31.94 -84.53 -33.35
C SER G 319 -31.33 -83.90 -34.60
N ALA G 320 -30.20 -84.43 -35.05
CA ALA G 320 -29.56 -83.93 -36.26
C ALA G 320 -30.48 -84.07 -37.47
N ASP G 321 -31.11 -85.23 -37.60
CA ASP G 321 -32.05 -85.46 -38.70
C ASP G 321 -33.17 -84.44 -38.69
N THR G 322 -33.76 -84.20 -37.52
CA THR G 322 -34.87 -83.27 -37.43
C THR G 322 -34.44 -81.87 -37.82
N LEU G 323 -33.31 -81.42 -37.28
CA LEU G 323 -32.82 -80.07 -37.56
C LEU G 323 -32.54 -79.91 -39.03
N TRP G 324 -31.86 -80.87 -39.63
CA TRP G 324 -31.60 -80.82 -41.05
C TRP G 324 -32.91 -80.78 -41.86
N GLY G 325 -33.86 -81.62 -41.47
CA GLY G 325 -35.18 -81.63 -42.08
C GLY G 325 -35.79 -80.25 -42.23
N ILE G 326 -35.62 -79.43 -41.21
CA ILE G 326 -36.10 -78.05 -41.23
C ILE G 326 -35.17 -77.15 -42.03
N GLN G 327 -33.87 -77.25 -41.78
CA GLN G 327 -32.91 -76.36 -42.41
C GLN G 327 -32.96 -76.46 -43.93
N LYS G 328 -33.13 -77.67 -44.45
CA LYS G 328 -33.19 -77.88 -45.89
C LYS G 328 -34.39 -77.18 -46.53
N GLU G 329 -35.39 -76.82 -45.72
CA GLU G 329 -36.61 -76.19 -46.24
C GLU G 329 -36.57 -74.68 -46.19
N LEU G 330 -35.48 -74.12 -45.68
CA LEU G 330 -35.40 -72.68 -45.48
C LEU G 330 -35.08 -71.91 -46.76
N GLN G 331 -35.67 -70.75 -46.92
CA GLN G 331 -35.39 -69.85 -48.03
C GLN G 331 -34.40 -68.77 -47.62
N PHE G 332 -33.18 -68.80 -48.16
CA PHE G 332 -32.16 -67.81 -47.86
C PHE G 332 -32.10 -66.70 -48.89
N ALA H 2 -10.55 -24.17 17.54
CA ALA H 2 -11.02 -25.50 17.07
C ALA H 2 -10.03 -26.13 16.09
N ALA H 3 -9.82 -27.44 16.22
CA ALA H 3 -9.00 -28.18 15.25
C ALA H 3 -9.65 -28.14 13.86
N LEU H 4 -8.89 -28.55 12.85
CA LEU H 4 -9.39 -28.58 11.48
C LEU H 4 -10.47 -29.64 11.34
N LYS H 5 -10.17 -30.83 11.86
CA LYS H 5 -11.13 -31.93 11.85
C LYS H 5 -12.50 -31.49 12.38
N ASP H 6 -12.53 -30.73 13.45
CA ASP H 6 -13.78 -30.28 14.06
C ASP H 6 -14.49 -29.24 13.22
N GLN H 7 -13.73 -28.41 12.52
CA GLN H 7 -14.31 -27.41 11.63
C GLN H 7 -14.91 -28.04 10.38
N LEU H 8 -14.39 -29.20 9.99
CA LEU H 8 -14.78 -29.85 8.75
C LEU H 8 -15.83 -30.95 8.96
N ILE H 9 -15.66 -31.76 10.00
CA ILE H 9 -16.52 -32.90 10.24
C ILE H 9 -17.36 -32.71 11.49
N HIS H 10 -18.67 -32.85 11.33
CA HIS H 10 -19.59 -32.88 12.45
C HIS H 10 -19.92 -34.32 12.81
N ASN H 11 -19.53 -34.74 14.00
CA ASN H 11 -19.73 -36.11 14.44
C ASN H 11 -21.16 -36.33 14.92
N LEU H 12 -21.73 -37.49 14.59
CA LEU H 12 -23.10 -37.83 14.98
CA LEU H 12 -23.10 -37.84 14.97
C LEU H 12 -23.14 -39.06 15.88
N LEU H 13 -22.02 -39.78 15.97
CA LEU H 13 -22.03 -41.04 16.67
C LEU H 13 -20.78 -41.55 17.35
N LYS H 14 -19.69 -41.84 16.63
CA LYS H 14 -18.46 -42.37 17.19
C LYS H 14 -18.42 -43.87 17.54
N GLU H 15 -17.89 -44.18 18.72
CA GLU H 15 -17.83 -45.54 19.26
C GLU H 15 -16.67 -46.40 18.73
N GLU H 16 -16.22 -47.38 19.51
CA GLU H 16 -15.15 -48.24 19.06
C GLU H 16 -15.73 -49.41 18.27
N HIS H 17 -15.06 -49.70 17.17
CA HIS H 17 -15.55 -50.60 16.19
C HIS H 17 -15.19 -52.03 16.57
N VAL H 18 -16.07 -52.93 16.17
CA VAL H 18 -15.83 -54.37 16.23
C VAL H 18 -15.91 -54.92 14.81
N PRO H 19 -14.79 -55.46 14.31
CA PRO H 19 -14.77 -55.85 12.91
C PRO H 19 -15.64 -57.07 12.64
N GLN H 20 -16.22 -57.10 11.44
CA GLN H 20 -17.19 -58.10 11.07
C GLN H 20 -16.59 -59.28 10.36
N ASN H 21 -15.53 -59.03 9.59
CA ASN H 21 -14.93 -60.06 8.76
C ASN H 21 -13.41 -60.02 8.82
N LYS H 22 -12.89 -60.17 10.02
CA LYS H 22 -11.48 -60.00 10.29
C LYS H 22 -10.70 -61.28 10.05
N ILE H 23 -9.55 -61.11 9.40
CA ILE H 23 -8.64 -62.21 9.17
C ILE H 23 -7.27 -61.86 9.73
N THR H 24 -6.66 -62.83 10.39
CA THR H 24 -5.32 -62.67 10.92
C THR H 24 -4.37 -63.60 10.20
N VAL H 25 -3.20 -63.09 9.83
CA VAL H 25 -2.11 -63.92 9.34
C VAL H 25 -0.97 -63.93 10.33
N VAL H 26 -0.58 -65.13 10.74
CA VAL H 26 0.54 -65.31 11.66
C VAL H 26 1.78 -65.72 10.87
N GLY H 27 2.81 -64.88 10.93
CA GLY H 27 4.04 -65.10 10.18
C GLY H 27 4.08 -64.20 8.99
N VAL H 28 5.11 -63.35 8.89
CA VAL H 28 5.25 -62.43 7.77
C VAL H 28 6.48 -62.70 6.94
N GLY H 29 6.80 -63.99 6.83
CA GLY H 29 7.76 -64.44 5.84
C GLY H 29 7.11 -64.40 4.47
N ALA H 30 7.80 -64.93 3.46
CA ALA H 30 7.31 -64.83 2.09
C ALA H 30 5.92 -65.43 1.94
N VAL H 31 5.68 -66.56 2.60
CA VAL H 31 4.38 -67.23 2.49
C VAL H 31 3.28 -66.43 3.16
N GLY H 32 3.55 -65.96 4.37
CA GLY H 32 2.58 -65.12 5.06
C GLY H 32 2.18 -63.89 4.24
N MET H 33 3.18 -63.21 3.69
CA MET H 33 2.92 -61.99 2.96
C MET H 33 2.18 -62.27 1.64
N ALA H 34 2.45 -63.42 1.04
CA ALA H 34 1.72 -63.84 -0.15
C ALA H 34 0.26 -64.11 0.17
N CYS H 35 0.00 -64.75 1.31
CA CYS H 35 -1.36 -64.94 1.78
C CYS H 35 -2.02 -63.58 2.00
N ALA H 36 -1.31 -62.67 2.68
CA ALA H 36 -1.86 -61.36 2.97
C ALA H 36 -2.28 -60.61 1.71
N ILE H 37 -1.37 -60.49 0.75
CA ILE H 37 -1.66 -59.72 -0.43
C ILE H 37 -2.81 -60.35 -1.23
N SER H 38 -2.83 -61.67 -1.32
CA SER H 38 -3.88 -62.35 -2.05
C SER H 38 -5.25 -62.11 -1.41
N ILE H 39 -5.27 -62.11 -0.09
CA ILE H 39 -6.50 -61.87 0.66
C ILE H 39 -6.97 -60.43 0.46
N LEU H 40 -6.03 -59.48 0.55
CA LEU H 40 -6.37 -58.08 0.37
C LEU H 40 -6.95 -57.81 -1.01
N MET H 41 -6.43 -58.48 -2.01
CA MET H 41 -6.86 -58.23 -3.38
C MET H 41 -8.13 -58.95 -3.73
N LYS H 42 -8.64 -59.80 -2.85
CA LYS H 42 -9.92 -60.46 -3.10
C LYS H 42 -11.04 -59.93 -2.21
N ASP H 43 -10.78 -58.83 -1.52
CA ASP H 43 -11.79 -58.17 -0.68
C ASP H 43 -12.49 -59.14 0.25
N LEU H 44 -11.73 -59.94 0.97
CA LEU H 44 -12.32 -60.96 1.85
C LEU H 44 -12.50 -60.48 3.27
N ALA H 45 -11.84 -59.39 3.63
CA ALA H 45 -11.80 -58.95 5.01
C ALA H 45 -12.01 -57.45 5.14
N ASP H 46 -12.59 -57.02 6.25
CA ASP H 46 -12.71 -55.61 6.58
C ASP H 46 -11.62 -55.17 7.53
N GLU H 47 -10.90 -56.13 8.08
CA GLU H 47 -9.72 -55.85 8.88
C GLU H 47 -8.74 -56.99 8.76
N LEU H 48 -7.47 -56.66 8.55
CA LEU H 48 -6.42 -57.65 8.42
C LEU H 48 -5.36 -57.40 9.47
N ALA H 49 -5.02 -58.45 10.22
CA ALA H 49 -4.01 -58.35 11.25
C ALA H 49 -2.82 -59.23 10.94
N LEU H 50 -1.63 -58.70 11.19
CA LEU H 50 -0.39 -59.42 10.96
C LEU H 50 0.35 -59.55 12.27
N VAL H 51 0.82 -60.75 12.57
CA VAL H 51 1.57 -60.99 13.80
C VAL H 51 2.82 -61.79 13.50
N ASP H 52 3.92 -61.41 14.14
CA ASP H 52 5.18 -62.16 14.05
C ASP H 52 6.06 -61.70 15.23
N VAL H 53 7.22 -62.33 15.37
CA VAL H 53 8.14 -62.00 16.45
C VAL H 53 9.14 -60.90 16.06
N MET H 54 9.43 -60.76 14.77
CA MET H 54 10.34 -59.74 14.29
C MET H 54 9.64 -58.41 14.12
N GLU H 55 9.77 -57.54 15.11
CA GLU H 55 9.02 -56.27 15.17
C GLU H 55 9.28 -55.32 14.01
N ASP H 56 10.53 -55.24 13.56
CA ASP H 56 10.89 -54.34 12.47
C ASP H 56 10.25 -54.76 11.15
N LYS H 57 10.53 -55.99 10.74
CA LYS H 57 9.96 -56.55 9.54
C LYS H 57 8.43 -56.40 9.57
N LEU H 58 7.84 -56.69 10.72
CA LEU H 58 6.40 -56.64 10.89
C LEU H 58 5.84 -55.25 10.61
N LYS H 59 6.41 -54.27 11.28
CA LYS H 59 5.98 -52.91 11.12
C LYS H 59 6.17 -52.43 9.68
N GLY H 60 7.27 -52.82 9.07
CA GLY H 60 7.57 -52.40 7.70
C GLY H 60 6.58 -52.93 6.70
N GLU H 61 6.25 -54.22 6.83
CA GLU H 61 5.27 -54.85 5.96
C GLU H 61 3.92 -54.19 6.13
N MET H 62 3.54 -53.92 7.37
CA MET H 62 2.28 -53.24 7.64
C MET H 62 2.22 -51.89 6.94
N MET H 63 3.25 -51.08 7.11
CA MET H 63 3.27 -49.73 6.52
C MET H 63 3.18 -49.80 5.00
N ASP H 64 3.96 -50.71 4.41
CA ASP H 64 3.98 -50.85 2.97
C ASP H 64 2.55 -51.12 2.45
N LEU H 65 1.85 -52.04 3.11
CA LEU H 65 0.47 -52.34 2.75
C LEU H 65 -0.46 -51.15 2.96
N GLN H 66 -0.34 -50.48 4.10
CA GLN H 66 -1.17 -49.33 4.39
C GLN H 66 -1.05 -48.24 3.33
N HIS H 67 0.15 -48.06 2.80
CA HIS H 67 0.35 -47.01 1.83
C HIS H 67 -0.42 -47.25 0.55
N GLY H 68 -0.83 -48.51 0.34
CA GLY H 68 -1.65 -48.87 -0.81
C GLY H 68 -3.14 -48.83 -0.56
N SER H 69 -3.56 -48.31 0.59
CA SER H 69 -4.97 -48.30 0.98
C SER H 69 -5.90 -47.73 -0.07
N LEU H 70 -5.43 -46.72 -0.77
CA LEU H 70 -6.22 -46.09 -1.83
C LEU H 70 -6.68 -47.10 -2.88
N PHE H 71 -5.86 -48.11 -3.10
CA PHE H 71 -6.12 -49.11 -4.13
C PHE H 71 -6.74 -50.38 -3.58
N LEU H 72 -7.15 -50.35 -2.32
CA LEU H 72 -7.74 -51.51 -1.68
C LEU H 72 -9.11 -51.18 -1.14
N ARG H 73 -9.82 -52.23 -0.71
CA ARG H 73 -11.14 -52.08 -0.10
C ARG H 73 -11.17 -52.74 1.26
N THR H 74 -10.03 -52.72 1.92
CA THR H 74 -9.89 -53.25 3.26
C THR H 74 -9.39 -52.09 4.10
N PRO H 75 -10.28 -51.48 4.88
CA PRO H 75 -9.97 -50.20 5.51
C PRO H 75 -8.97 -50.24 6.65
N LYS H 76 -8.75 -51.40 7.27
CA LYS H 76 -7.91 -51.47 8.45
C LYS H 76 -6.89 -52.58 8.36
N ILE H 77 -5.62 -52.20 8.45
CA ILE H 77 -4.56 -53.16 8.47
C ILE H 77 -3.73 -52.87 9.70
N VAL H 78 -3.53 -53.90 10.54
CA VAL H 78 -2.87 -53.72 11.81
C VAL H 78 -1.87 -54.83 12.05
N SER H 79 -0.95 -54.60 12.97
CA SER H 79 0.10 -55.57 13.26
C SER H 79 0.62 -55.37 14.66
N GLY H 80 1.37 -56.36 15.15
CA GLY H 80 1.96 -56.28 16.47
C GLY H 80 2.54 -57.60 16.89
N LYS H 81 3.43 -57.55 17.88
CA LYS H 81 3.97 -58.75 18.50
C LYS H 81 2.95 -59.33 19.47
N ASP H 82 2.13 -58.45 20.04
CA ASP H 82 1.12 -58.83 21.00
C ASP H 82 -0.17 -59.29 20.33
N TYR H 83 -0.66 -60.47 20.71
CA TYR H 83 -1.81 -61.08 20.05
C TYR H 83 -3.14 -60.37 20.29
N SER H 84 -3.19 -59.40 21.19
CA SER H 84 -4.39 -58.58 21.35
C SER H 84 -4.82 -57.96 20.01
N VAL H 85 -3.88 -57.65 19.14
CA VAL H 85 -4.24 -57.10 17.82
C VAL H 85 -5.04 -58.08 16.96
N THR H 86 -5.06 -59.36 17.32
CA THR H 86 -5.78 -60.37 16.55
C THR H 86 -7.20 -60.60 17.03
N ALA H 87 -7.64 -59.83 18.01
CA ALA H 87 -8.95 -60.07 18.60
C ALA H 87 -10.09 -60.08 17.59
N ASN H 88 -11.03 -61.00 17.77
CA ASN H 88 -12.25 -61.09 16.96
C ASN H 88 -12.00 -61.47 15.52
N SER H 89 -10.98 -62.29 15.27
CA SER H 89 -10.78 -62.79 13.93
C SER H 89 -11.80 -63.88 13.66
N LYS H 90 -12.34 -63.92 12.47
CA LYS H 90 -13.17 -65.04 12.03
C LYS H 90 -12.28 -66.16 11.58
N LEU H 91 -11.10 -65.82 11.08
CA LEU H 91 -10.19 -66.77 10.47
C LEU H 91 -8.76 -66.39 10.78
N VAL H 92 -8.00 -67.36 11.26
CA VAL H 92 -6.61 -67.13 11.60
C VAL H 92 -5.74 -68.11 10.83
N ILE H 93 -4.81 -67.58 10.05
CA ILE H 93 -3.98 -68.37 9.17
C ILE H 93 -2.58 -68.43 9.73
N ILE H 94 -2.10 -69.64 9.94
CA ILE H 94 -0.80 -69.86 10.58
C ILE H 94 0.24 -70.30 9.58
N THR H 95 1.24 -69.44 9.38
CA THR H 95 2.34 -69.72 8.45
C THR H 95 3.68 -69.81 9.17
N ALA H 96 3.72 -69.49 10.45
CA ALA H 96 4.98 -69.56 11.19
C ALA H 96 5.38 -71.00 11.46
N GLY H 97 6.67 -71.24 11.59
CA GLY H 97 7.17 -72.57 11.89
C GLY H 97 8.67 -72.66 11.83
N ALA H 98 9.20 -73.78 12.27
CA ALA H 98 10.64 -74.01 12.29
C ALA H 98 11.05 -74.66 11.00
N ARG H 99 12.18 -74.23 10.46
CA ARG H 99 12.79 -74.88 9.28
C ARG H 99 13.60 -76.08 9.74
N GLN H 100 13.52 -77.17 8.99
CA GLN H 100 14.26 -78.39 9.31
C GLN H 100 15.78 -78.23 9.20
N GLN H 101 16.54 -78.83 10.12
CA GLN H 101 17.98 -78.72 10.11
C GLN H 101 18.65 -80.01 9.65
N GLU H 102 19.91 -79.90 9.24
CA GLU H 102 20.60 -81.00 8.62
C GLU H 102 20.82 -82.14 9.63
N GLY H 103 20.37 -83.33 9.24
CA GLY H 103 20.51 -84.53 10.04
C GLY H 103 19.40 -84.73 11.05
N GLU H 104 18.45 -83.81 11.09
CA GLU H 104 17.47 -83.77 12.16
C GLU H 104 16.34 -84.74 11.84
N SER H 105 15.95 -85.53 12.84
CA SER H 105 14.88 -86.48 12.71
C SER H 105 13.53 -85.77 12.56
N ARG H 106 12.58 -86.48 11.97
CA ARG H 106 11.25 -85.93 11.79
C ARG H 106 10.63 -85.55 13.12
N LEU H 107 10.74 -86.44 14.10
CA LEU H 107 10.17 -86.23 15.41
C LEU H 107 10.73 -84.96 16.05
N ASN H 108 12.04 -84.77 15.91
CA ASN H 108 12.68 -83.62 16.49
C ASN H 108 12.18 -82.31 15.87
N LEU H 109 12.05 -82.31 14.55
CA LEU H 109 11.55 -81.15 13.85
C LEU H 109 10.15 -80.76 14.33
N VAL H 110 9.25 -81.75 14.33
CA VAL H 110 7.90 -81.51 14.78
C VAL H 110 7.90 -80.96 16.20
N GLN H 111 8.68 -81.55 17.09
CA GLN H 111 8.71 -81.11 18.49
C GLN H 111 9.08 -79.63 18.60
N ARG H 112 10.06 -79.21 17.82
CA ARG H 112 10.47 -77.82 17.81
C ARG H 112 9.28 -76.90 17.41
N ASN H 113 8.49 -77.36 16.46
CA ASN H 113 7.30 -76.65 16.05
C ASN H 113 6.21 -76.68 17.11
N VAL H 114 6.06 -77.81 17.79
CA VAL H 114 5.12 -77.88 18.90
C VAL H 114 5.44 -76.78 19.88
N ASN H 115 6.72 -76.61 20.19
CA ASN H 115 7.12 -75.62 21.17
C ASN H 115 6.74 -74.21 20.71
N ILE H 116 6.86 -73.95 19.41
CA ILE H 116 6.44 -72.67 18.88
C ILE H 116 4.90 -72.52 18.96
N PHE H 117 4.19 -73.57 18.56
CA PHE H 117 2.73 -73.55 18.57
C PHE H 117 2.17 -73.42 19.97
N LYS H 118 2.91 -73.92 20.96
CA LYS H 118 2.52 -73.81 22.35
C LYS H 118 2.43 -72.36 22.78
N PHE H 119 3.18 -71.48 22.12
CA PHE H 119 3.08 -70.05 22.39
C PHE H 119 1.96 -69.42 21.54
N ILE H 120 1.96 -69.74 20.25
CA ILE H 120 1.03 -69.12 19.31
C ILE H 120 -0.44 -69.45 19.59
N ILE H 121 -0.77 -70.73 19.61
CA ILE H 121 -2.16 -71.15 19.60
C ILE H 121 -2.97 -70.64 20.80
N PRO H 122 -2.46 -70.82 22.02
CA PRO H 122 -3.21 -70.34 23.17
C PRO H 122 -3.50 -68.85 23.09
N ASN H 123 -2.55 -68.08 22.58
CA ASN H 123 -2.76 -66.65 22.41
C ASN H 123 -3.82 -66.34 21.36
N VAL H 124 -3.84 -67.10 20.29
CA VAL H 124 -4.84 -66.93 19.26
C VAL H 124 -6.22 -67.18 19.85
N VAL H 125 -6.37 -68.34 20.49
CA VAL H 125 -7.67 -68.77 21.01
C VAL H 125 -8.19 -67.83 22.09
N LYS H 126 -7.26 -67.28 22.85
CA LYS H 126 -7.60 -66.33 23.90
C LYS H 126 -8.37 -65.13 23.34
N TYR H 127 -7.90 -64.59 22.23
CA TYR H 127 -8.49 -63.36 21.70
C TYR H 127 -9.54 -63.59 20.61
N SER H 128 -9.59 -64.78 20.03
CA SER H 128 -10.58 -65.09 19.02
C SER H 128 -11.10 -66.49 19.26
N PRO H 129 -11.85 -66.68 20.34
CA PRO H 129 -12.33 -68.00 20.76
C PRO H 129 -13.26 -68.68 19.75
N HIS H 130 -13.85 -67.94 18.82
CA HIS H 130 -14.76 -68.52 17.84
C HIS H 130 -14.19 -68.64 16.43
N CYS H 131 -12.90 -68.38 16.27
CA CYS H 131 -12.29 -68.37 14.96
C CYS H 131 -12.15 -69.78 14.38
N LYS H 132 -11.87 -69.84 13.09
CA LYS H 132 -11.40 -71.06 12.47
C LYS H 132 -9.90 -70.92 12.31
N LEU H 133 -9.20 -72.04 12.52
CA LEU H 133 -7.76 -72.09 12.33
C LEU H 133 -7.45 -72.75 11.02
N LEU H 134 -6.58 -72.10 10.25
CA LEU H 134 -6.10 -72.65 9.00
C LEU H 134 -4.59 -72.75 9.10
N VAL H 135 -4.09 -73.98 9.14
CA VAL H 135 -2.66 -74.21 9.30
C VAL H 135 -2.03 -74.45 7.94
N VAL H 136 -0.94 -73.72 7.67
CA VAL H 136 -0.23 -73.82 6.40
C VAL H 136 1.19 -74.36 6.57
N SER H 137 1.78 -74.08 7.74
CA SER H 137 3.12 -74.53 8.07
C SER H 137 3.33 -76.03 7.87
N ASN H 138 4.55 -76.41 7.51
CA ASN H 138 4.89 -77.82 7.32
C ASN H 138 5.66 -78.41 8.47
N PRO H 139 5.48 -79.71 8.72
CA PRO H 139 4.60 -80.58 7.95
C PRO H 139 3.12 -80.42 8.32
N VAL H 140 2.31 -80.12 7.33
CA VAL H 140 0.99 -79.56 7.59
C VAL H 140 0.03 -80.53 8.29
N ASP H 141 0.06 -81.78 7.89
CA ASP H 141 -0.87 -82.74 8.46
C ASP H 141 -0.61 -82.93 9.95
N ILE H 142 0.66 -82.97 10.34
CA ILE H 142 1.01 -83.13 11.75
C ILE H 142 0.74 -81.87 12.54
N LEU H 143 1.10 -80.71 11.99
CA LEU H 143 0.95 -79.47 12.72
C LEU H 143 -0.51 -79.06 12.86
N THR H 144 -1.34 -79.51 11.93
CA THR H 144 -2.77 -79.30 12.05
C THR H 144 -3.29 -80.07 13.26
N TYR H 145 -2.80 -81.29 13.43
CA TYR H 145 -3.12 -82.08 14.62
C TYR H 145 -2.67 -81.36 15.89
N VAL H 146 -1.44 -80.85 15.88
CA VAL H 146 -0.90 -80.15 17.04
C VAL H 146 -1.78 -78.97 17.42
N ALA H 147 -2.15 -78.16 16.42
CA ALA H 147 -2.98 -76.99 16.66
C ALA H 147 -4.33 -77.38 17.23
N TRP H 148 -4.89 -78.46 16.70
CA TRP H 148 -6.16 -78.98 17.20
C TRP H 148 -6.06 -79.37 18.67
N LYS H 149 -5.05 -80.18 18.97
CA LYS H 149 -4.78 -80.62 20.33
C LYS H 149 -4.65 -79.45 21.30
N ILE H 150 -3.81 -78.49 20.96
CA ILE H 150 -3.53 -77.37 21.85
C ILE H 150 -4.71 -76.40 21.96
N SER H 151 -5.44 -76.21 20.87
CA SER H 151 -6.53 -75.23 20.86
C SER H 151 -7.71 -75.71 21.67
N GLY H 152 -7.93 -77.02 21.67
CA GLY H 152 -9.16 -77.58 22.21
C GLY H 152 -10.39 -77.25 21.40
N PHE H 153 -10.20 -76.77 20.17
CA PHE H 153 -11.33 -76.51 19.28
C PHE H 153 -11.93 -77.82 18.81
N PRO H 154 -13.21 -77.81 18.45
CA PRO H 154 -13.77 -78.97 17.78
C PRO H 154 -13.16 -79.11 16.38
N LYS H 155 -13.10 -80.34 15.88
CA LYS H 155 -12.33 -80.64 14.68
C LYS H 155 -12.75 -79.92 13.39
N ASN H 156 -14.04 -79.59 13.29
CA ASN H 156 -14.54 -78.90 12.12
C ASN H 156 -13.89 -77.54 11.93
N ARG H 157 -13.29 -77.00 12.99
CA ARG H 157 -12.78 -75.64 12.97
C ARG H 157 -11.26 -75.56 12.89
N VAL H 158 -10.59 -76.70 12.79
CA VAL H 158 -9.15 -76.71 12.60
C VAL H 158 -8.86 -77.37 11.27
N ILE H 159 -8.29 -76.59 10.37
CA ILE H 159 -8.12 -76.99 8.98
C ILE H 159 -6.67 -76.88 8.55
N GLY H 160 -6.18 -77.91 7.86
CA GLY H 160 -4.86 -77.85 7.27
C GLY H 160 -4.96 -77.65 5.79
N SER H 161 -4.07 -76.84 5.22
CA SER H 161 -4.11 -76.57 3.77
C SER H 161 -3.87 -77.83 2.96
N GLY H 162 -3.19 -78.81 3.55
CA GLY H 162 -3.03 -80.12 2.95
C GLY H 162 -2.66 -80.11 1.48
N CYS H 163 -3.42 -80.86 0.69
CA CYS H 163 -3.10 -81.07 -0.72
C CYS H 163 -3.86 -80.14 -1.67
N ASN H 164 -4.36 -79.01 -1.16
CA ASN H 164 -5.06 -78.05 -2.00
C ASN H 164 -4.17 -77.56 -3.13
N LEU H 165 -2.95 -77.13 -2.79
CA LEU H 165 -2.05 -76.61 -3.80
C LEU H 165 -1.53 -77.71 -4.72
N ASP H 166 -1.20 -78.86 -4.13
CA ASP H 166 -0.71 -79.98 -4.92
C ASP H 166 -1.72 -80.35 -6.02
N SER H 167 -3.00 -80.38 -5.67
CA SER H 167 -4.05 -80.66 -6.66
C SER H 167 -4.13 -79.57 -7.72
N ALA H 168 -3.92 -78.32 -7.32
CA ALA H 168 -3.92 -77.22 -8.26
C ALA H 168 -2.74 -77.32 -9.24
N ARG H 169 -1.58 -77.70 -8.74
CA ARG H 169 -0.42 -77.93 -9.59
C ARG H 169 -0.70 -79.06 -10.55
N PHE H 170 -1.32 -80.09 -10.02
CA PHE H 170 -1.63 -81.26 -10.82
C PHE H 170 -2.53 -80.88 -12.00
N ARG H 171 -3.54 -80.08 -11.74
CA ARG H 171 -4.48 -79.68 -12.78
C ARG H 171 -3.80 -78.79 -13.81
N TYR H 172 -2.89 -77.93 -13.36
CA TYR H 172 -2.14 -77.09 -14.27
C TYR H 172 -1.34 -77.95 -15.25
N LEU H 173 -0.67 -78.97 -14.73
CA LEU H 173 0.16 -79.84 -15.54
C LEU H 173 -0.67 -80.69 -16.50
N MET H 174 -1.82 -81.18 -16.03
CA MET H 174 -2.71 -81.88 -16.93
C MET H 174 -3.17 -80.96 -18.04
N GLY H 175 -3.48 -79.72 -17.71
CA GLY H 175 -3.89 -78.75 -18.71
C GLY H 175 -2.82 -78.49 -19.74
N GLU H 176 -1.56 -78.41 -19.31
CA GLU H 176 -0.46 -78.23 -20.24
C GLU H 176 -0.40 -79.37 -21.25
N ARG H 177 -0.58 -80.59 -20.76
CA ARG H 177 -0.53 -81.75 -21.64
C ARG H 177 -1.72 -81.86 -22.58
N LEU H 178 -2.88 -81.38 -22.18
CA LEU H 178 -4.10 -81.55 -22.97
C LEU H 178 -4.49 -80.31 -23.76
N GLY H 179 -3.86 -79.17 -23.48
CA GLY H 179 -4.16 -77.94 -24.18
C GLY H 179 -5.45 -77.28 -23.74
N VAL H 180 -5.85 -77.51 -22.48
CA VAL H 180 -7.03 -76.86 -21.93
C VAL H 180 -6.67 -76.24 -20.58
N HIS H 181 -7.44 -75.25 -20.16
CA HIS H 181 -7.20 -74.57 -18.91
C HIS H 181 -7.32 -75.49 -17.72
N ALA H 182 -6.57 -75.21 -16.67
CA ALA H 182 -6.61 -76.00 -15.45
C ALA H 182 -8.01 -76.10 -14.88
N LEU H 183 -8.82 -75.07 -15.08
CA LEU H 183 -10.19 -75.01 -14.57
C LEU H 183 -11.04 -76.13 -15.12
N SER H 184 -10.71 -76.63 -16.31
CA SER H 184 -11.52 -77.63 -16.97
C SER H 184 -10.93 -79.02 -16.87
N CYS H 185 -9.76 -79.13 -16.23
CA CYS H 185 -9.16 -80.42 -15.94
C CYS H 185 -9.43 -80.76 -14.51
N HIS H 186 -9.86 -81.99 -14.25
CA HIS H 186 -10.18 -82.38 -12.88
C HIS H 186 -9.33 -83.55 -12.44
N GLY H 187 -8.80 -83.44 -11.23
CA GLY H 187 -7.94 -84.45 -10.67
C GLY H 187 -7.69 -84.16 -9.19
N TRP H 188 -7.50 -85.22 -8.42
CA TRP H 188 -7.39 -85.10 -6.99
C TRP H 188 -6.15 -85.80 -6.45
N ILE H 189 -5.42 -85.06 -5.62
CA ILE H 189 -4.29 -85.59 -4.88
C ILE H 189 -4.71 -85.61 -3.42
N LEU H 190 -4.63 -86.78 -2.79
CA LEU H 190 -5.13 -86.97 -1.45
C LEU H 190 -4.08 -87.51 -0.50
N GLY H 191 -4.45 -87.54 0.78
CA GLY H 191 -3.63 -88.16 1.81
C GLY H 191 -2.62 -87.23 2.41
N GLU H 192 -1.43 -87.76 2.63
CA GLU H 192 -0.37 -87.03 3.26
C GLU H 192 0.30 -86.09 2.27
N HIS H 193 0.39 -84.81 2.66
CA HIS H 193 1.00 -83.80 1.82
C HIS H 193 2.47 -84.12 1.60
N GLY H 194 2.93 -83.96 0.36
CA GLY H 194 4.34 -84.20 0.03
C GLY H 194 4.60 -85.55 -0.62
N ASP H 195 5.74 -86.14 -0.25
CA ASP H 195 6.26 -87.39 -0.77
C ASP H 195 5.25 -88.54 -0.89
N SER H 196 4.32 -88.63 0.07
CA SER H 196 3.45 -89.81 0.16
C SER H 196 2.06 -89.59 -0.40
N SER H 197 1.86 -88.50 -1.14
CA SER H 197 0.50 -88.17 -1.62
C SER H 197 -0.03 -89.24 -2.55
N VAL H 198 -1.34 -89.34 -2.62
CA VAL H 198 -1.99 -90.32 -3.49
C VAL H 198 -2.69 -89.61 -4.65
N PRO H 199 -2.22 -89.84 -5.87
CA PRO H 199 -2.96 -89.37 -7.03
C PRO H 199 -4.09 -90.36 -7.35
N VAL H 200 -5.33 -89.88 -7.34
CA VAL H 200 -6.46 -90.73 -7.61
C VAL H 200 -6.79 -90.77 -9.10
N TRP H 201 -6.15 -91.72 -9.78
CA TRP H 201 -6.22 -91.82 -11.25
C TRP H 201 -7.64 -92.03 -11.74
N SER H 202 -8.40 -92.83 -11.00
CA SER H 202 -9.77 -93.14 -11.39
C SER H 202 -10.63 -91.89 -11.58
N GLY H 203 -10.40 -90.88 -10.76
CA GLY H 203 -11.20 -89.65 -10.75
C GLY H 203 -10.80 -88.58 -11.75
N MET H 204 -9.76 -88.82 -12.53
CA MET H 204 -9.27 -87.80 -13.44
C MET H 204 -10.11 -87.71 -14.70
N ASN H 205 -10.58 -86.51 -15.00
CA ASN H 205 -11.48 -86.33 -16.14
C ASN H 205 -11.44 -84.93 -16.74
N VAL H 206 -11.90 -84.85 -17.98
CA VAL H 206 -12.22 -83.59 -18.63
C VAL H 206 -13.63 -83.75 -19.16
N ALA H 207 -14.50 -82.79 -18.85
CA ALA H 207 -15.92 -82.83 -19.25
C ALA H 207 -16.58 -84.14 -18.85
N GLY H 208 -16.14 -84.71 -17.73
CA GLY H 208 -16.73 -85.94 -17.23
C GLY H 208 -16.30 -87.19 -17.95
N VAL H 209 -15.33 -87.09 -18.83
CA VAL H 209 -14.78 -88.25 -19.53
C VAL H 209 -13.58 -88.77 -18.74
N SER H 210 -13.69 -89.98 -18.20
CA SER H 210 -12.61 -90.54 -17.40
C SER H 210 -11.40 -90.93 -18.26
N LEU H 211 -10.23 -90.40 -17.91
CA LEU H 211 -9.02 -90.67 -18.66
C LEU H 211 -8.59 -92.13 -18.51
N LYS H 212 -8.79 -92.69 -17.31
CA LYS H 212 -8.44 -94.09 -17.05
C LYS H 212 -9.21 -95.05 -17.99
N THR H 213 -10.43 -94.68 -18.34
CA THR H 213 -11.25 -95.47 -19.27
C THR H 213 -10.70 -95.44 -20.69
N LEU H 214 -10.21 -94.28 -21.12
CA LEU H 214 -9.65 -94.14 -22.46
C LEU H 214 -8.23 -94.71 -22.57
N HIS H 215 -7.54 -94.78 -21.45
CA HIS H 215 -6.12 -95.13 -21.43
C HIS H 215 -5.91 -95.96 -20.18
N PRO H 216 -6.27 -97.26 -20.25
CA PRO H 216 -6.32 -98.07 -19.03
C PRO H 216 -4.99 -98.20 -18.29
N GLU H 217 -3.87 -97.96 -18.96
CA GLU H 217 -2.56 -98.10 -18.31
C GLU H 217 -2.18 -96.82 -17.57
N LEU H 218 -3.04 -95.79 -17.63
CA LEU H 218 -2.81 -94.52 -16.95
C LEU H 218 -2.42 -94.72 -15.48
N GLY H 219 -1.27 -94.17 -15.11
CA GLY H 219 -0.82 -94.24 -13.73
C GLY H 219 0.00 -95.45 -13.38
N THR H 220 0.14 -96.38 -14.33
CA THR H 220 0.97 -97.57 -14.14
C THR H 220 2.34 -97.32 -14.77
N ASP H 221 3.19 -98.35 -14.79
CA ASP H 221 4.51 -98.26 -15.44
C ASP H 221 4.44 -98.71 -16.91
N ALA H 222 3.49 -99.60 -17.21
CA ALA H 222 3.15 -99.94 -18.60
C ALA H 222 2.74 -98.69 -19.40
N ASP H 223 2.41 -97.62 -18.69
CA ASP H 223 1.95 -96.37 -19.29
C ASP H 223 3.04 -95.72 -20.13
N LYS H 224 2.88 -95.81 -21.44
CA LYS H 224 3.84 -95.28 -22.40
C LYS H 224 3.87 -93.75 -22.42
N GLU H 225 2.87 -93.11 -21.82
CA GLU H 225 2.83 -91.64 -21.74
C GLU H 225 3.34 -91.14 -20.39
N GLN H 226 3.73 -92.06 -19.51
CA GLN H 226 4.31 -91.72 -18.21
C GLN H 226 3.52 -90.68 -17.44
N TRP H 227 2.23 -90.92 -17.22
CA TRP H 227 1.44 -89.98 -16.45
C TRP H 227 1.85 -90.04 -15.00
N LYS H 228 2.33 -91.19 -14.58
CA LYS H 228 2.88 -91.34 -13.24
C LYS H 228 3.91 -90.23 -12.96
N GLN H 229 4.64 -89.81 -14.00
CA GLN H 229 5.63 -88.73 -13.87
C GLN H 229 5.04 -87.40 -13.44
N VAL H 230 3.82 -87.13 -13.91
CA VAL H 230 3.15 -85.87 -13.60
C VAL H 230 2.99 -85.72 -12.09
N HIS H 231 2.64 -86.80 -11.41
CA HIS H 231 2.53 -86.79 -9.96
C HIS H 231 3.89 -86.55 -9.33
N LYS H 232 4.91 -87.23 -9.81
CA LYS H 232 6.28 -87.01 -9.32
C LYS H 232 6.63 -85.53 -9.49
N GLN H 233 6.27 -84.97 -10.63
CA GLN H 233 6.51 -83.57 -10.91
C GLN H 233 5.86 -82.66 -9.88
N VAL H 234 4.64 -82.99 -9.50
CA VAL H 234 3.91 -82.22 -8.47
C VAL H 234 4.68 -82.22 -7.15
N VAL H 235 5.17 -83.37 -6.74
CA VAL H 235 5.96 -83.50 -5.52
C VAL H 235 7.27 -82.70 -5.61
N ASP H 236 7.95 -82.84 -6.74
CA ASP H 236 9.24 -82.18 -6.96
C ASP H 236 9.10 -80.67 -7.12
N SER H 237 8.00 -80.18 -7.68
CA SER H 237 7.77 -78.74 -7.89
C SER H 237 8.26 -77.84 -6.82
N ALA H 238 7.92 -78.20 -5.58
CA ALA H 238 8.34 -77.34 -4.45
C ALA H 238 9.85 -77.16 -4.42
N TYR H 239 10.58 -78.26 -4.49
CA TYR H 239 12.05 -78.24 -4.47
C TYR H 239 12.60 -77.57 -5.72
N GLU H 240 12.02 -77.91 -6.87
CA GLU H 240 12.40 -77.29 -8.13
C GLU H 240 12.42 -75.75 -8.00
N VAL H 241 11.34 -75.19 -7.44
CA VAL H 241 11.22 -73.75 -7.33
C VAL H 241 12.19 -73.18 -6.29
N ILE H 242 12.37 -73.88 -5.18
CA ILE H 242 13.33 -73.46 -4.16
C ILE H 242 14.74 -73.42 -4.70
N LYS H 243 15.09 -74.45 -5.49
CA LYS H 243 16.40 -74.50 -6.12
C LYS H 243 16.59 -73.32 -7.04
N LEU H 244 15.53 -72.88 -7.70
CA LEU H 244 15.63 -71.84 -8.71
C LEU H 244 15.59 -70.42 -8.14
N LYS H 245 14.64 -70.13 -7.25
CA LYS H 245 14.49 -68.78 -6.75
C LYS H 245 14.68 -68.65 -5.25
N GLY H 246 14.90 -69.77 -4.58
CA GLY H 246 15.18 -69.77 -3.14
C GLY H 246 14.06 -70.19 -2.23
N TYR H 247 12.81 -70.11 -2.68
CA TYR H 247 11.65 -70.36 -1.84
C TYR H 247 10.39 -70.39 -2.73
N THR H 248 9.25 -70.77 -2.16
CA THR H 248 7.98 -70.69 -2.86
C THR H 248 7.05 -69.77 -2.09
N THR H 249 6.19 -69.05 -2.79
CA THR H 249 5.32 -68.06 -2.19
C THR H 249 3.96 -67.92 -2.89
N TRP H 250 4.00 -67.55 -4.16
CA TRP H 250 2.83 -67.01 -4.81
C TRP H 250 1.69 -68.01 -4.90
N ALA H 251 2.01 -69.23 -5.32
CA ALA H 251 1.00 -70.25 -5.50
C ALA H 251 0.32 -70.62 -4.19
N ILE H 252 1.09 -70.70 -3.10
CA ILE H 252 0.51 -71.00 -1.81
C ILE H 252 -0.44 -69.89 -1.40
N GLY H 253 -0.01 -68.65 -1.60
CA GLY H 253 -0.84 -67.49 -1.27
C GLY H 253 -2.19 -67.54 -1.96
N LEU H 254 -2.16 -67.87 -3.24
CA LEU H 254 -3.38 -67.94 -4.02
C LEU H 254 -4.26 -69.11 -3.55
N SER H 255 -3.62 -70.25 -3.29
CA SER H 255 -4.34 -71.43 -2.83
C SER H 255 -5.03 -71.14 -1.48
N VAL H 256 -4.32 -70.45 -0.60
CA VAL H 256 -4.86 -70.14 0.71
C VAL H 256 -6.03 -69.15 0.61
N ALA H 257 -5.87 -68.14 -0.22
CA ALA H 257 -6.95 -67.18 -0.45
C ALA H 257 -8.20 -67.87 -0.98
N ASP H 258 -8.01 -68.87 -1.82
CA ASP H 258 -9.13 -69.64 -2.34
C ASP H 258 -9.90 -70.31 -1.20
N LEU H 259 -9.17 -70.90 -0.26
CA LEU H 259 -9.80 -71.52 0.89
C LEU H 259 -10.52 -70.48 1.73
N ALA H 260 -9.84 -69.35 1.96
CA ALA H 260 -10.44 -68.26 2.72
C ALA H 260 -11.74 -67.81 2.09
N GLU H 261 -11.78 -67.75 0.77
CA GLU H 261 -13.02 -67.37 0.09
C GLU H 261 -14.18 -68.31 0.42
N SER H 262 -13.95 -69.62 0.36
CA SER H 262 -14.99 -70.58 0.68
C SER H 262 -15.50 -70.40 2.10
N ILE H 263 -14.58 -70.11 3.02
CA ILE H 263 -14.95 -69.93 4.42
C ILE H 263 -15.71 -68.63 4.64
N MET H 264 -15.13 -67.52 4.19
CA MET H 264 -15.73 -66.22 4.46
C MET H 264 -17.06 -66.03 3.76
N LYS H 265 -17.25 -66.66 2.61
CA LYS H 265 -18.50 -66.53 1.87
C LYS H 265 -19.42 -67.75 1.99
N ASN H 266 -19.03 -68.70 2.81
CA ASN H 266 -19.84 -69.89 3.08
C ASN H 266 -20.29 -70.61 1.80
N LEU H 267 -19.35 -70.85 0.91
CA LEU H 267 -19.66 -71.38 -0.40
C LEU H 267 -20.00 -72.87 -0.40
N ARG H 268 -19.42 -73.62 0.54
CA ARG H 268 -19.60 -75.08 0.57
C ARG H 268 -19.08 -75.70 -0.73
N ARG H 269 -17.89 -75.27 -1.12
CA ARG H 269 -17.16 -75.91 -2.20
C ARG H 269 -16.35 -77.05 -1.63
N VAL H 270 -15.96 -77.97 -2.49
CA VAL H 270 -15.16 -79.11 -2.08
C VAL H 270 -13.70 -78.87 -2.40
N HIS H 271 -12.86 -79.00 -1.38
CA HIS H 271 -11.42 -78.82 -1.51
C HIS H 271 -10.69 -80.04 -0.94
N PRO H 272 -9.53 -80.39 -1.52
CA PRO H 272 -8.72 -81.42 -0.92
C PRO H 272 -7.87 -80.82 0.19
N ILE H 273 -8.38 -80.87 1.40
CA ILE H 273 -7.71 -80.26 2.53
C ILE H 273 -7.61 -81.25 3.70
N SER H 274 -6.76 -80.91 4.65
CA SER H 274 -6.42 -81.81 5.71
C SER H 274 -7.44 -81.69 6.86
N THR H 275 -8.10 -82.79 7.16
CA THR H 275 -9.04 -82.84 8.28
C THR H 275 -8.84 -84.13 9.05
N MET H 276 -9.38 -84.19 10.28
CA MET H 276 -9.24 -85.40 11.05
C MET H 276 -10.13 -86.49 10.49
N LEU H 277 -9.54 -87.65 10.18
CA LEU H 277 -10.31 -88.65 9.48
C LEU H 277 -10.53 -89.94 10.24
N LYS H 278 -10.39 -89.90 11.56
CA LYS H 278 -10.70 -91.05 12.38
C LYS H 278 -12.09 -91.53 12.03
N GLY H 279 -12.21 -92.81 11.72
CA GLY H 279 -13.51 -93.39 11.40
C GLY H 279 -13.74 -93.60 9.91
N LEU H 280 -12.79 -93.20 9.08
CA LEU H 280 -12.93 -93.37 7.64
C LEU H 280 -11.82 -94.21 7.07
N TYR H 281 -12.14 -95.01 6.06
CA TYR H 281 -11.19 -95.97 5.50
C TYR H 281 -10.51 -96.82 6.56
N GLY H 282 -11.23 -97.20 7.61
CA GLY H 282 -10.68 -98.05 8.66
C GLY H 282 -9.48 -97.47 9.40
N ILE H 283 -9.47 -96.14 9.48
CA ILE H 283 -8.44 -95.45 10.26
C ILE H 283 -8.99 -95.27 11.66
N LYS H 284 -8.23 -95.68 12.67
CA LYS H 284 -8.74 -95.63 14.05
C LYS H 284 -8.02 -94.62 14.94
N GLU H 285 -7.04 -93.93 14.37
CA GLU H 285 -6.24 -93.00 15.16
C GLU H 285 -6.58 -91.54 14.89
N ASP H 286 -6.20 -90.68 15.83
CA ASP H 286 -6.43 -89.25 15.71
C ASP H 286 -5.43 -88.63 14.72
N VAL H 287 -5.75 -88.70 13.44
CA VAL H 287 -4.80 -88.24 12.40
C VAL H 287 -5.51 -87.34 11.38
N PHE H 288 -4.77 -86.39 10.85
CA PHE H 288 -5.28 -85.52 9.80
C PHE H 288 -4.66 -85.89 8.47
N LEU H 289 -5.50 -86.03 7.45
CA LEU H 289 -5.04 -86.23 6.07
C LEU H 289 -5.97 -85.52 5.13
N SER H 290 -5.48 -85.24 3.91
CA SER H 290 -6.31 -84.54 2.94
C SER H 290 -7.30 -85.49 2.31
N VAL H 291 -8.56 -85.09 2.36
CA VAL H 291 -9.63 -85.73 1.60
C VAL H 291 -10.51 -84.59 1.10
N PRO H 292 -11.40 -84.89 0.16
CA PRO H 292 -12.26 -83.83 -0.33
C PRO H 292 -13.26 -83.39 0.74
N CYS H 293 -13.16 -82.14 1.17
CA CYS H 293 -14.01 -81.63 2.23
C CYS H 293 -14.89 -80.51 1.76
N VAL H 294 -16.10 -80.45 2.32
CA VAL H 294 -16.99 -79.33 2.08
C VAL H 294 -16.63 -78.23 3.07
N LEU H 295 -16.32 -77.06 2.54
CA LEU H 295 -15.77 -75.97 3.34
C LEU H 295 -16.71 -74.78 3.30
N GLY H 296 -17.02 -74.25 4.48
CA GLY H 296 -17.97 -73.15 4.61
C GLY H 296 -17.71 -72.35 5.86
N GLN H 297 -18.71 -71.59 6.31
CA GLN H 297 -18.49 -70.64 7.40
C GLN H 297 -18.20 -71.34 8.72
N ASN H 298 -18.57 -72.62 8.85
CA ASN H 298 -18.27 -73.37 10.06
C ASN H 298 -17.10 -74.32 9.91
N GLY H 299 -16.27 -74.07 8.90
CA GLY H 299 -15.15 -74.93 8.62
C GLY H 299 -15.63 -76.13 7.87
N ILE H 300 -15.14 -77.31 8.25
CA ILE H 300 -15.41 -78.52 7.52
C ILE H 300 -16.63 -79.23 8.08
N SER H 301 -17.71 -79.22 7.30
CA SER H 301 -18.98 -79.77 7.74
C SER H 301 -19.16 -81.21 7.26
N ASP H 302 -18.57 -81.54 6.11
CA ASP H 302 -18.80 -82.83 5.50
C ASP H 302 -17.57 -83.25 4.74
N VAL H 303 -17.46 -84.54 4.49
CA VAL H 303 -16.38 -85.12 3.71
C VAL H 303 -16.96 -85.99 2.59
N VAL H 304 -16.33 -85.97 1.43
CA VAL H 304 -16.78 -86.78 0.31
C VAL H 304 -16.06 -88.12 0.34
N LYS H 305 -16.83 -89.20 0.32
CA LYS H 305 -16.29 -90.54 0.40
C LYS H 305 -15.83 -90.99 -0.97
N VAL H 306 -14.54 -90.87 -1.23
CA VAL H 306 -14.01 -91.27 -2.51
C VAL H 306 -13.81 -92.78 -2.48
N THR H 307 -14.16 -93.44 -3.57
CA THR H 307 -13.97 -94.87 -3.68
C THR H 307 -12.52 -95.17 -4.07
N LEU H 308 -11.79 -95.88 -3.21
CA LEU H 308 -10.36 -96.12 -3.43
C LEU H 308 -10.03 -97.58 -3.71
N THR H 309 -8.99 -97.79 -4.49
CA THR H 309 -8.49 -99.14 -4.72
C THR H 309 -7.85 -99.65 -3.45
N SER H 310 -7.79 -100.96 -3.28
CA SER H 310 -7.13 -101.55 -2.12
C SER H 310 -5.71 -101.02 -1.93
N GLU H 311 -4.99 -100.79 -3.03
CA GLU H 311 -3.65 -100.21 -2.98
C GLU H 311 -3.67 -98.82 -2.38
N GLU H 312 -4.53 -97.97 -2.93
CA GLU H 312 -4.70 -96.60 -2.46
C GLU H 312 -5.10 -96.56 -0.98
N GLU H 313 -6.09 -97.37 -0.63
CA GLU H 313 -6.58 -97.46 0.75
C GLU H 313 -5.46 -97.87 1.71
N ALA H 314 -4.62 -98.82 1.29
CA ALA H 314 -3.51 -99.27 2.11
C ALA H 314 -2.50 -98.15 2.28
N HIS H 315 -2.25 -97.41 1.19
CA HIS H 315 -1.31 -96.30 1.21
C HIS H 315 -1.69 -95.26 2.26
N LEU H 316 -3.00 -95.02 2.40
CA LEU H 316 -3.51 -94.07 3.38
C LEU H 316 -3.30 -94.56 4.80
N LYS H 317 -3.64 -95.84 5.04
CA LYS H 317 -3.47 -96.43 6.36
C LYS H 317 -2.01 -96.39 6.78
N LYS H 318 -1.12 -96.64 5.83
CA LYS H 318 0.32 -96.56 6.10
C LYS H 318 0.67 -95.18 6.60
N SER H 319 0.22 -94.15 5.89
CA SER H 319 0.48 -92.75 6.28
C SER H 319 -0.08 -92.45 7.67
N ALA H 320 -1.29 -92.92 7.95
CA ALA H 320 -1.88 -92.72 9.26
C ALA H 320 -1.02 -93.34 10.37
N ASP H 321 -0.57 -94.58 10.15
CA ASP H 321 0.28 -95.26 11.11
C ASP H 321 1.54 -94.45 11.39
N THR H 322 2.20 -93.96 10.34
CA THR H 322 3.43 -93.21 10.51
C THR H 322 3.20 -91.95 11.31
N LEU H 323 2.17 -91.20 10.94
CA LEU H 323 1.85 -89.94 11.60
C LEU H 323 1.56 -90.18 13.06
N TRP H 324 0.73 -91.17 13.36
CA TRP H 324 0.42 -91.49 14.74
C TRP H 324 1.70 -91.88 15.50
N GLY H 325 2.53 -92.69 14.87
CA GLY H 325 3.81 -93.08 15.45
C GLY H 325 4.60 -91.90 16.00
N ILE H 326 4.59 -90.81 15.25
CA ILE H 326 5.27 -89.59 15.68
C ILE H 326 4.44 -88.83 16.73
N GLN H 327 3.15 -88.66 16.45
CA GLN H 327 2.29 -87.85 17.30
C GLN H 327 2.27 -88.37 18.74
N LYS H 328 2.23 -89.71 18.88
CA LYS H 328 2.20 -90.31 20.20
C LYS H 328 3.46 -90.03 21.01
N GLU H 329 4.53 -89.60 20.35
CA GLU H 329 5.80 -89.34 21.03
C GLU H 329 5.97 -87.86 21.42
N LEU H 330 5.01 -87.03 21.08
CA LEU H 330 5.18 -85.59 21.25
C LEU H 330 4.93 -85.12 22.67
N GLN H 331 5.71 -84.13 23.11
CA GLN H 331 5.54 -83.56 24.44
C GLN H 331 4.76 -82.26 24.38
N PHE H 332 3.54 -82.25 24.92
CA PHE H 332 2.68 -81.07 24.92
C PHE H 332 2.78 -80.31 26.24
N ALA I 2 31.66 -36.82 17.43
CA ALA I 2 32.35 -35.52 17.23
C ALA I 2 33.17 -35.15 18.47
N ALA I 3 34.38 -34.64 18.24
CA ALA I 3 35.21 -34.11 19.33
C ALA I 3 34.53 -32.91 19.99
N LEU I 4 35.06 -32.48 21.11
CA LEU I 4 34.59 -31.28 21.79
C LEU I 4 34.90 -30.05 20.93
N LYS I 5 36.14 -29.98 20.45
CA LYS I 5 36.55 -28.89 19.60
C LYS I 5 35.58 -28.66 18.44
N ASP I 6 35.12 -29.74 17.81
CA ASP I 6 34.20 -29.65 16.68
C ASP I 6 32.81 -29.22 17.09
N GLN I 7 32.38 -29.60 18.29
CA GLN I 7 31.09 -29.18 18.80
C GLN I 7 31.07 -27.71 19.17
N LEU I 8 32.23 -27.18 19.52
CA LEU I 8 32.35 -25.81 20.02
C LEU I 8 32.74 -24.81 18.94
N ILE I 9 33.69 -25.18 18.08
CA ILE I 9 34.20 -24.29 17.07
C ILE I 9 33.83 -24.74 15.66
N HIS I 10 33.20 -23.86 14.91
CA HIS I 10 32.94 -24.09 13.51
C HIS I 10 34.01 -23.42 12.64
N ASN I 11 34.80 -24.21 11.93
CA ASN I 11 35.89 -23.69 11.14
C ASN I 11 35.39 -23.13 9.81
N LEU I 12 35.96 -22.00 9.38
CA LEU I 12 35.58 -21.36 8.12
C LEU I 12 36.72 -21.31 7.13
N LEU I 13 37.93 -21.60 7.59
CA LEU I 13 39.11 -21.31 6.82
C LEU I 13 40.26 -22.15 7.32
N LYS I 14 40.83 -22.98 6.45
CA LYS I 14 42.05 -23.71 6.77
C LYS I 14 43.09 -22.95 6.00
N GLU I 15 43.89 -22.15 6.70
CA GLU I 15 45.04 -21.53 6.08
C GLU I 15 46.30 -21.93 6.82
N GLU I 16 47.42 -21.97 6.09
CA GLU I 16 48.72 -22.08 6.72
C GLU I 16 49.19 -20.67 7.04
N HIS I 17 49.71 -20.52 8.25
CA HIS I 17 50.05 -19.22 8.75
C HIS I 17 51.47 -18.88 8.26
N VAL I 18 51.60 -17.62 7.83
CA VAL I 18 52.89 -17.05 7.47
C VAL I 18 53.07 -15.82 8.35
N PRO I 19 54.12 -15.81 9.18
CA PRO I 19 54.23 -14.72 10.13
C PRO I 19 54.62 -13.41 9.46
N GLN I 20 54.13 -12.31 10.00
CA GLN I 20 54.30 -11.02 9.40
C GLN I 20 55.48 -10.27 9.98
N ASN I 21 55.75 -10.48 11.27
CA ASN I 21 56.78 -9.73 11.98
C ASN I 21 57.60 -10.62 12.88
N LYS I 22 58.24 -11.59 12.26
CA LYS I 22 58.95 -12.63 12.99
C LYS I 22 60.37 -12.23 13.34
N ILE I 23 60.76 -12.54 14.56
CA ILE I 23 62.12 -12.31 15.03
C ILE I 23 62.68 -13.61 15.55
N THR I 24 63.93 -13.86 15.22
CA THR I 24 64.64 -15.04 15.69
C THR I 24 65.79 -14.61 16.57
N VAL I 25 65.95 -15.29 17.70
CA VAL I 25 67.14 -15.13 18.53
C VAL I 25 67.97 -16.41 18.50
N VAL I 26 69.23 -16.26 18.14
CA VAL I 26 70.17 -17.36 18.11
C VAL I 26 71.04 -17.33 19.37
N GLY I 27 70.94 -18.39 20.15
CA GLY I 27 71.65 -18.47 21.41
C GLY I 27 70.71 -18.20 22.57
N VAL I 28 70.59 -19.16 23.47
CA VAL I 28 69.69 -19.02 24.62
C VAL I 28 70.46 -19.03 25.94
N GLY I 29 71.65 -18.46 25.90
CA GLY I 29 72.36 -18.12 27.11
C GLY I 29 71.70 -16.88 27.72
N ALA I 30 72.34 -16.34 28.76
CA ALA I 30 71.75 -15.25 29.50
C ALA I 30 71.40 -14.06 28.63
N VAL I 31 72.31 -13.74 27.70
CA VAL I 31 72.11 -12.59 26.82
C VAL I 31 70.97 -12.82 25.85
N GLY I 32 70.96 -13.99 25.22
CA GLY I 32 69.88 -14.35 24.31
C GLY I 32 68.53 -14.25 24.99
N MET I 33 68.41 -14.81 26.18
CA MET I 33 67.13 -14.84 26.87
C MET I 33 66.71 -13.45 27.31
N ALA I 34 67.67 -12.60 27.65
CA ALA I 34 67.37 -11.21 27.98
C ALA I 34 66.84 -10.45 26.76
N CYS I 35 67.45 -10.69 25.61
CA CYS I 35 66.93 -10.14 24.37
C CYS I 35 65.51 -10.64 24.12
N ALA I 36 65.31 -11.94 24.28
CA ALA I 36 63.98 -12.53 24.04
C ALA I 36 62.91 -11.90 24.90
N ILE I 37 63.13 -11.85 26.20
CA ILE I 37 62.11 -11.35 27.10
C ILE I 37 61.83 -9.88 26.83
N SER I 38 62.87 -9.10 26.56
CA SER I 38 62.69 -7.67 26.28
C SER I 38 61.85 -7.46 25.03
N ILE I 39 62.09 -8.29 24.02
CA ILE I 39 61.35 -8.22 22.78
C ILE I 39 59.90 -8.62 22.98
N LEU I 40 59.67 -9.69 23.73
CA LEU I 40 58.31 -10.15 24.02
C LEU I 40 57.49 -9.09 24.75
N MET I 41 58.14 -8.37 25.65
CA MET I 41 57.44 -7.40 26.46
C MET I 41 57.22 -6.08 25.75
N LYS I 42 57.79 -5.92 24.56
CA LYS I 42 57.57 -4.71 23.78
C LYS I 42 56.69 -4.94 22.57
N ASP I 43 56.11 -6.14 22.48
CA ASP I 43 55.19 -6.49 21.39
C ASP I 43 55.77 -6.15 20.02
N LEU I 44 57.00 -6.55 19.77
CA LEU I 44 57.65 -6.24 18.51
C LEU I 44 57.49 -7.32 17.47
N ALA I 45 57.08 -8.51 17.90
CA ALA I 45 56.96 -9.65 17.01
C ALA I 45 55.65 -10.39 17.17
N ASP I 46 55.17 -11.00 16.08
CA ASP I 46 54.01 -11.88 16.14
C ASP I 46 54.43 -13.34 16.23
N GLU I 47 55.72 -13.58 16.01
CA GLU I 47 56.28 -14.90 16.22
C GLU I 47 57.74 -14.75 16.63
N LEU I 48 58.13 -15.49 17.66
CA LEU I 48 59.50 -15.46 18.13
C LEU I 48 60.07 -16.85 18.09
N ALA I 49 61.25 -16.97 17.47
CA ALA I 49 61.93 -18.26 17.34
C ALA I 49 63.24 -18.25 18.10
N LEU I 50 63.52 -19.35 18.79
CA LEU I 50 64.74 -19.52 19.53
C LEU I 50 65.51 -20.71 18.97
N VAL I 51 66.79 -20.53 18.72
CA VAL I 51 67.63 -21.61 18.21
C VAL I 51 68.92 -21.68 19.00
N ASP I 52 69.33 -22.91 19.31
CA ASP I 52 70.62 -23.18 19.96
C ASP I 52 70.96 -24.65 19.73
N VAL I 53 72.14 -25.06 20.18
CA VAL I 53 72.58 -26.44 20.03
C VAL I 53 72.18 -27.33 21.21
N MET I 54 72.00 -26.73 22.38
CA MET I 54 71.55 -27.50 23.55
C MET I 54 70.05 -27.68 23.57
N GLU I 55 69.58 -28.82 23.10
CA GLU I 55 68.15 -29.11 22.93
C GLU I 55 67.32 -29.02 24.20
N ASP I 56 67.86 -29.49 25.32
CA ASP I 56 67.12 -29.47 26.59
C ASP I 56 66.87 -28.05 27.08
N LYS I 57 67.96 -27.31 27.25
CA LYS I 57 67.88 -25.92 27.67
C LYS I 57 66.93 -25.15 26.75
N LEU I 58 67.05 -25.40 25.46
CA LEU I 58 66.25 -24.72 24.45
C LEU I 58 64.75 -24.95 24.67
N LYS I 59 64.39 -26.21 24.76
CA LYS I 59 63.01 -26.58 24.95
C LYS I 59 62.47 -26.03 26.26
N GLY I 60 63.29 -26.06 27.30
CA GLY I 60 62.88 -25.58 28.62
C GLY I 60 62.58 -24.10 28.64
N GLU I 61 63.46 -23.32 28.01
CA GLU I 61 63.26 -21.89 27.90
C GLU I 61 62.00 -21.58 27.12
N MET I 62 61.79 -22.30 26.03
CA MET I 62 60.59 -22.13 25.24
C MET I 62 59.32 -22.36 26.06
N MET I 63 59.28 -23.47 26.77
CA MET I 63 58.11 -23.83 27.57
C MET I 63 57.83 -22.79 28.64
N ASP I 64 58.89 -22.36 29.32
CA ASP I 64 58.75 -21.38 30.38
C ASP I 64 58.09 -20.11 29.83
N LEU I 65 58.54 -19.64 28.67
CA LEU I 65 57.94 -18.49 28.01
C LEU I 65 56.50 -18.74 27.61
N GLN I 66 56.24 -19.89 27.00
CA GLN I 66 54.88 -20.23 26.57
C GLN I 66 53.88 -20.21 27.71
N HIS I 67 54.32 -20.62 28.90
CA HIS I 67 53.42 -20.66 30.03
C HIS I 67 52.94 -19.29 30.44
N GLY I 68 53.69 -18.26 30.01
CA GLY I 68 53.30 -16.87 30.24
C GLY I 68 52.47 -16.24 29.15
N SER I 69 52.01 -17.04 28.18
CA SER I 69 51.28 -16.53 27.02
C SER I 69 50.12 -15.61 27.36
N LEU I 70 49.42 -15.93 28.44
CA LEU I 70 48.29 -15.13 28.88
C LEU I 70 48.68 -13.68 29.12
N PHE I 71 49.92 -13.45 29.52
CA PHE I 71 50.40 -12.12 29.86
C PHE I 71 51.18 -11.48 28.73
N LEU I 72 51.16 -12.09 27.56
CA LEU I 72 51.89 -11.57 26.42
C LEU I 72 50.95 -11.34 25.24
N ARG I 73 51.46 -10.65 24.23
CA ARG I 73 50.70 -10.38 23.01
C ARG I 73 51.53 -10.85 21.82
N THR I 74 52.30 -11.91 22.02
CA THR I 74 53.04 -12.56 20.97
C THR I 74 52.55 -14.00 20.95
N PRO I 75 51.70 -14.32 19.97
CA PRO I 75 50.95 -15.58 20.04
C PRO I 75 51.75 -16.84 19.77
N LYS I 76 52.92 -16.74 19.15
CA LYS I 76 53.67 -17.93 18.77
C LYS I 76 55.11 -17.85 19.17
N ILE I 77 55.52 -18.79 19.99
CA ILE I 77 56.89 -18.90 20.40
C ILE I 77 57.36 -20.30 20.06
N VAL I 78 58.44 -20.40 19.29
CA VAL I 78 58.90 -21.69 18.80
C VAL I 78 60.40 -21.81 18.94
N SER I 79 60.89 -23.04 18.89
CA SER I 79 62.31 -23.29 19.07
C SER I 79 62.71 -24.59 18.40
N GLY I 80 64.01 -24.79 18.25
CA GLY I 80 64.52 -26.00 17.61
C GLY I 80 65.99 -25.90 17.33
N LYS I 81 66.62 -27.06 17.15
CA LYS I 81 68.02 -27.17 16.74
C LYS I 81 68.12 -26.89 15.25
N ASP I 82 67.07 -27.25 14.52
CA ASP I 82 67.03 -27.12 13.08
C ASP I 82 66.57 -25.71 12.67
N TYR I 83 67.33 -25.06 11.79
CA TYR I 83 67.05 -23.67 11.43
C TYR I 83 65.78 -23.45 10.60
N SER I 84 65.15 -24.51 10.13
CA SER I 84 63.86 -24.37 9.47
C SER I 84 62.86 -23.60 10.36
N VAL I 85 62.96 -23.74 11.68
CA VAL I 85 62.06 -23.01 12.57
C VAL I 85 62.25 -21.49 12.50
N THR I 86 63.35 -21.03 11.89
CA THR I 86 63.61 -19.59 11.78
C THR I 86 63.11 -18.98 10.49
N ALA I 87 62.43 -19.76 9.67
CA ALA I 87 62.02 -19.28 8.35
C ALA I 87 61.19 -18.00 8.40
N ASN I 88 61.47 -17.11 7.46
CA ASN I 88 60.71 -15.87 7.28
C ASN I 88 60.87 -14.88 8.41
N SER I 89 62.04 -14.85 9.02
CA SER I 89 62.31 -13.86 10.03
C SER I 89 62.59 -12.54 9.33
N LYS I 90 62.07 -11.45 9.87
CA LYS I 90 62.44 -10.12 9.40
C LYS I 90 63.77 -9.72 10.02
N LEU I 91 64.03 -10.24 11.21
CA LEU I 91 65.19 -9.86 11.99
C LEU I 91 65.74 -11.06 12.73
N VAL I 92 67.04 -11.27 12.60
CA VAL I 92 67.70 -12.38 13.29
C VAL I 92 68.82 -11.83 14.16
N ILE I 93 68.74 -12.15 15.44
CA ILE I 93 69.67 -11.63 16.42
C ILE I 93 70.61 -12.73 16.85
N ILE I 94 71.91 -12.49 16.70
CA ILE I 94 72.92 -13.50 16.97
C ILE I 94 73.66 -13.20 18.27
N THR I 95 73.45 -14.08 19.25
CA THR I 95 74.11 -13.96 20.55
C THR I 95 75.05 -15.11 20.84
N ALA I 96 75.06 -16.14 19.98
CA ALA I 96 75.93 -17.29 20.19
C ALA I 96 77.38 -16.94 19.91
N GLY I 97 78.28 -17.65 20.57
CA GLY I 97 79.71 -17.43 20.35
C GLY I 97 80.55 -18.41 21.14
N ALA I 98 81.84 -18.40 20.89
CA ALA I 98 82.79 -19.23 21.61
C ALA I 98 83.26 -18.48 22.84
N ARG I 99 83.39 -19.22 23.94
CA ARG I 99 83.67 -18.63 25.24
C ARG I 99 85.12 -18.29 25.50
N GLN I 100 86.10 -19.05 25.01
CA GLN I 100 87.49 -18.70 25.17
C GLN I 100 88.30 -19.71 25.99
N GLN I 101 89.53 -19.32 26.23
CA GLN I 101 90.49 -20.11 27.02
C GLN I 101 91.28 -19.13 27.90
N GLU I 102 92.03 -19.67 28.86
CA GLU I 102 93.10 -18.90 29.49
C GLU I 102 94.19 -18.39 28.53
N GLY I 103 94.96 -19.29 27.93
CA GLY I 103 96.15 -18.90 27.18
C GLY I 103 95.89 -18.63 25.71
N GLU I 104 94.64 -18.43 25.35
CA GLU I 104 94.23 -18.40 23.96
C GLU I 104 94.50 -17.02 23.35
N SER I 105 95.08 -17.02 22.15
CA SER I 105 95.35 -15.76 21.46
C SER I 105 94.06 -15.11 20.97
N ARG I 106 94.09 -13.82 20.75
CA ARG I 106 92.91 -13.10 20.24
C ARG I 106 92.50 -13.65 18.89
N LEU I 107 93.49 -13.85 18.02
CA LEU I 107 93.23 -14.37 16.69
C LEU I 107 92.57 -15.73 16.74
N ASN I 108 93.06 -16.57 17.63
CA ASN I 108 92.55 -17.91 17.85
C ASN I 108 91.08 -17.90 18.26
N LEU I 109 90.75 -17.02 19.21
CA LEU I 109 89.39 -16.88 19.70
C LEU I 109 88.46 -16.51 18.55
N VAL I 110 88.82 -15.47 17.81
CA VAL I 110 88.00 -15.04 16.69
C VAL I 110 87.79 -16.20 15.70
N GLN I 111 88.86 -16.91 15.37
CA GLN I 111 88.78 -18.00 14.40
C GLN I 111 87.79 -19.06 14.85
N ARG I 112 87.80 -19.39 16.14
CA ARG I 112 86.84 -20.35 16.68
C ARG I 112 85.40 -19.88 16.49
N ASN I 113 85.18 -18.56 16.62
CA ASN I 113 83.87 -17.99 16.36
C ASN I 113 83.52 -18.03 14.89
N VAL I 114 84.51 -17.76 14.03
CA VAL I 114 84.28 -17.86 12.61
C VAL I 114 83.74 -19.25 12.29
N ASN I 115 84.36 -20.27 12.87
CA ASN I 115 83.96 -21.64 12.61
C ASN I 115 82.52 -21.90 13.04
N ILE I 116 82.12 -21.28 14.14
CA ILE I 116 80.74 -21.39 14.59
C ILE I 116 79.80 -20.65 13.62
N PHE I 117 80.19 -19.44 13.25
CA PHE I 117 79.37 -18.63 12.33
C PHE I 117 79.25 -19.27 10.96
N LYS I 118 80.26 -20.04 10.57
CA LYS I 118 80.23 -20.76 9.31
C LYS I 118 79.08 -21.76 9.26
N PHE I 119 78.65 -22.22 10.43
CA PHE I 119 77.48 -23.11 10.50
C PHE I 119 76.19 -22.28 10.61
N ILE I 120 76.20 -21.30 11.50
CA ILE I 120 75.00 -20.51 11.78
C ILE I 120 74.52 -19.68 10.60
N ILE I 121 75.39 -18.83 10.07
CA ILE I 121 74.96 -17.82 9.11
C ILE I 121 74.32 -18.41 7.84
N PRO I 122 74.99 -19.37 7.19
CA PRO I 122 74.39 -19.93 5.98
C PRO I 122 73.01 -20.51 6.23
N ASN I 123 72.81 -21.13 7.40
CA ASN I 123 71.50 -21.66 7.73
C ASN I 123 70.46 -20.57 7.95
N VAL I 124 70.87 -19.47 8.56
CA VAL I 124 69.95 -18.37 8.74
C VAL I 124 69.54 -17.82 7.39
N VAL I 125 70.51 -17.54 6.54
CA VAL I 125 70.26 -16.90 5.24
C VAL I 125 69.42 -17.80 4.34
N LYS I 126 69.62 -19.11 4.49
CA LYS I 126 68.88 -20.08 3.71
C LYS I 126 67.38 -19.93 3.94
N TYR I 127 66.97 -19.78 5.19
CA TYR I 127 65.55 -19.76 5.53
C TYR I 127 64.94 -18.36 5.61
N SER I 128 65.76 -17.34 5.74
CA SER I 128 65.26 -15.96 5.80
C SER I 128 66.18 -15.08 4.96
N PRO I 129 66.12 -15.26 3.63
CA PRO I 129 67.01 -14.55 2.71
C PRO I 129 66.87 -13.03 2.71
N HIS I 130 65.75 -12.51 3.22
CA HIS I 130 65.54 -11.07 3.25
C HIS I 130 65.68 -10.41 4.63
N CYS I 131 66.16 -11.17 5.60
CA CYS I 131 66.22 -10.68 6.96
C CYS I 131 67.32 -9.65 7.13
N LYS I 132 67.28 -8.94 8.26
CA LYS I 132 68.40 -8.15 8.71
C LYS I 132 69.10 -8.96 9.80
N LEU I 133 70.41 -8.88 9.82
CA LEU I 133 71.21 -9.54 10.83
C LEU I 133 71.67 -8.55 11.87
N LEU I 134 71.46 -8.87 13.13
CA LEU I 134 71.94 -8.05 14.22
C LEU I 134 72.86 -8.90 15.06
N VAL I 135 74.15 -8.55 15.05
CA VAL I 135 75.16 -9.32 15.75
C VAL I 135 75.44 -8.68 17.10
N VAL I 136 75.39 -9.50 18.14
CA VAL I 136 75.61 -9.04 19.51
C VAL I 136 76.86 -9.67 20.12
N SER I 137 77.19 -10.89 19.69
CA SER I 137 78.36 -11.61 20.19
C SER I 137 79.65 -10.80 20.11
N ASN I 138 80.56 -11.03 21.05
CA ASN I 138 81.84 -10.34 21.08
C ASN I 138 82.99 -11.19 20.57
N PRO I 139 83.99 -10.56 19.97
CA PRO I 139 84.05 -9.11 19.77
C PRO I 139 83.19 -8.63 18.60
N VAL I 140 82.29 -7.70 18.88
CA VAL I 140 81.17 -7.44 18.00
C VAL I 140 81.57 -6.85 16.66
N ASP I 141 82.52 -5.93 16.66
CA ASP I 141 82.90 -5.26 15.41
C ASP I 141 83.48 -6.28 14.44
N ILE I 142 84.30 -7.20 14.94
CA ILE I 142 84.91 -8.21 14.08
C ILE I 142 83.90 -9.25 13.63
N LEU I 143 83.05 -9.71 14.55
CA LEU I 143 82.11 -10.76 14.21
C LEU I 143 81.00 -10.26 13.29
N THR I 144 80.72 -8.95 13.35
CA THR I 144 79.78 -8.35 12.42
C THR I 144 80.36 -8.42 11.00
N TYR I 145 81.66 -8.16 10.90
CA TYR I 145 82.36 -8.30 9.62
C TYR I 145 82.28 -9.76 9.13
N VAL I 146 82.53 -10.71 10.02
CA VAL I 146 82.48 -12.12 9.67
C VAL I 146 81.11 -12.50 9.12
N ALA I 147 80.06 -12.08 9.82
CA ALA I 147 78.70 -12.40 9.41
C ALA I 147 78.39 -11.80 8.04
N TRP I 148 78.86 -10.59 7.82
CA TRP I 148 78.67 -9.91 6.55
C TRP I 148 79.33 -10.71 5.42
N LYS I 149 80.60 -11.04 5.63
CA LYS I 149 81.36 -11.81 4.68
C LYS I 149 80.68 -13.13 4.32
N ILE I 150 80.29 -13.88 5.32
CA ILE I 150 79.70 -15.20 5.10
C ILE I 150 78.29 -15.13 4.53
N SER I 151 77.52 -14.13 4.92
CA SER I 151 76.13 -14.04 4.50
C SER I 151 76.02 -13.65 3.04
N GLY I 152 76.96 -12.83 2.59
CA GLY I 152 76.85 -12.20 1.28
C GLY I 152 75.75 -11.16 1.20
N PHE I 153 75.22 -10.74 2.34
CA PHE I 153 74.21 -9.68 2.37
C PHE I 153 74.89 -8.36 2.05
N PRO I 154 74.11 -7.41 1.52
CA PRO I 154 74.61 -6.05 1.40
C PRO I 154 74.80 -5.44 2.78
N LYS I 155 75.72 -4.50 2.91
CA LYS I 155 76.17 -4.01 4.21
C LYS I 155 75.10 -3.32 5.06
N ASN I 156 74.12 -2.71 4.41
CA ASN I 156 73.04 -2.04 5.14
C ASN I 156 72.25 -3.02 6.01
N ARG I 157 72.35 -4.31 5.72
CA ARG I 157 71.52 -5.31 6.39
C ARG I 157 72.24 -6.07 7.48
N VAL I 158 73.54 -5.85 7.61
CA VAL I 158 74.31 -6.53 8.66
C VAL I 158 74.75 -5.50 9.67
N ILE I 159 74.23 -5.64 10.89
CA ILE I 159 74.35 -4.61 11.91
C ILE I 159 74.98 -5.20 13.17
N GLY I 160 75.95 -4.48 13.73
CA GLY I 160 76.53 -4.88 15.00
C GLY I 160 76.00 -3.96 16.10
N SER I 161 75.73 -4.52 17.28
CA SER I 161 75.21 -3.71 18.37
C SER I 161 76.21 -2.65 18.82
N GLY I 162 77.49 -2.90 18.56
CA GLY I 162 78.53 -1.90 18.78
C GLY I 162 78.44 -1.16 20.09
N CYS I 163 78.47 0.16 20.02
CA CYS I 163 78.54 1.02 21.21
C CYS I 163 77.18 1.55 21.67
N ASN I 164 76.11 0.90 21.26
CA ASN I 164 74.76 1.31 21.67
C ASN I 164 74.64 1.29 23.19
N LEU I 165 75.02 0.17 23.80
CA LEU I 165 74.90 0.05 25.24
C LEU I 165 75.91 0.92 25.98
N ASP I 166 77.13 0.98 25.47
CA ASP I 166 78.16 1.81 26.08
C ASP I 166 77.71 3.27 26.18
N SER I 167 77.08 3.78 25.11
CA SER I 167 76.54 5.13 25.12
C SER I 167 75.41 5.28 26.12
N ALA I 168 74.60 4.24 26.27
CA ALA I 168 73.51 4.26 27.24
C ALA I 168 74.04 4.31 28.67
N ARG I 169 75.09 3.53 28.94
CA ARG I 169 75.75 3.57 30.24
C ARG I 169 76.32 4.94 30.49
N PHE I 170 76.93 5.50 29.46
CA PHE I 170 77.54 6.79 29.56
C PHE I 170 76.52 7.85 29.96
N ARG I 171 75.37 7.82 29.32
CA ARG I 171 74.33 8.80 29.61
C ARG I 171 73.76 8.63 31.02
N TYR I 172 73.66 7.38 31.45
CA TYR I 172 73.20 7.11 32.81
C TYR I 172 74.14 7.74 33.83
N LEU I 173 75.44 7.57 33.63
CA LEU I 173 76.45 8.11 34.53
C LEU I 173 76.49 9.64 34.50
N MET I 174 76.35 10.22 33.32
CA MET I 174 76.22 11.66 33.20
C MET I 174 75.03 12.15 34.01
N GLY I 175 73.91 11.44 33.87
CA GLY I 175 72.69 11.79 34.59
C GLY I 175 72.87 11.73 36.08
N GLU I 176 73.57 10.72 36.58
CA GLU I 176 73.86 10.61 38.00
C GLU I 176 74.62 11.83 38.49
N ARG I 177 75.62 12.25 37.73
CA ARG I 177 76.41 13.41 38.11
C ARG I 177 75.65 14.74 38.06
N LEU I 178 74.70 14.86 37.15
CA LEU I 178 74.01 16.13 36.94
C LEU I 178 72.63 16.19 37.60
N GLY I 179 72.12 15.05 38.05
CA GLY I 179 70.79 15.01 38.68
C GLY I 179 69.65 15.11 37.69
N VAL I 180 69.88 14.65 36.46
CA VAL I 180 68.82 14.60 35.46
C VAL I 180 68.76 13.21 34.85
N HIS I 181 67.61 12.86 34.28
CA HIS I 181 67.43 11.54 33.69
C HIS I 181 68.35 11.34 32.50
N ALA I 182 68.75 10.09 32.27
CA ALA I 182 69.62 9.76 31.15
C ALA I 182 69.05 10.22 29.81
N LEU I 183 67.74 10.23 29.71
CA LEU I 183 67.04 10.65 28.49
C LEU I 183 67.36 12.07 28.09
N SER I 184 67.70 12.90 29.07
CA SER I 184 67.93 14.32 28.80
C SER I 184 69.42 14.67 28.78
N CYS I 185 70.27 13.67 29.00
CA CYS I 185 71.71 13.82 28.84
C CYS I 185 72.11 13.24 27.52
N HIS I 186 72.90 13.97 26.74
CA HIS I 186 73.30 13.48 25.43
C HIS I 186 74.80 13.36 25.32
N GLY I 187 75.24 12.23 24.78
CA GLY I 187 76.64 11.93 24.65
C GLY I 187 76.84 10.69 23.81
N TRP I 188 77.96 10.65 23.09
CA TRP I 188 78.21 9.60 22.13
C TRP I 188 79.55 8.91 22.35
N ILE I 189 79.52 7.59 22.38
CA ILE I 189 80.71 6.77 22.40
C ILE I 189 80.79 6.08 21.06
N LEU I 190 81.91 6.25 20.37
CA LEU I 190 82.05 5.75 19.00
C LEU I 190 83.25 4.84 18.84
N GLY I 191 83.34 4.22 17.66
CA GLY I 191 84.49 3.43 17.28
C GLY I 191 84.40 1.99 17.71
N GLU I 192 85.53 1.49 18.18
CA GLU I 192 85.64 0.09 18.54
C GLU I 192 85.04 -0.14 19.92
N HIS I 193 84.15 -1.11 20.01
CA HIS I 193 83.50 -1.47 21.25
C HIS I 193 84.53 -1.95 22.26
N GLY I 194 84.43 -1.52 23.51
CA GLY I 194 85.38 -1.93 24.56
C GLY I 194 86.43 -0.88 24.87
N ASP I 195 87.62 -1.33 25.28
CA ASP I 195 88.65 -0.42 25.82
C ASP I 195 89.05 0.74 24.94
N SER I 196 88.93 0.59 23.63
CA SER I 196 89.41 1.60 22.68
C SER I 196 88.31 2.52 22.14
N SER I 197 87.13 2.52 22.79
CA SER I 197 86.06 3.40 22.38
C SER I 197 86.47 4.86 22.48
N VAL I 198 85.83 5.70 21.67
CA VAL I 198 86.10 7.12 21.67
C VAL I 198 84.91 7.88 22.25
N PRO I 199 85.10 8.52 23.40
CA PRO I 199 84.09 9.44 23.90
C PRO I 199 84.20 10.78 23.20
N VAL I 200 83.14 11.20 22.52
CA VAL I 200 83.14 12.46 21.80
C VAL I 200 82.68 13.60 22.70
N TRP I 201 83.66 14.20 23.38
CA TRP I 201 83.43 15.24 24.38
C TRP I 201 82.72 16.45 23.81
N SER I 202 83.09 16.82 22.58
CA SER I 202 82.53 18.02 21.96
C SER I 202 81.00 17.95 21.87
N GLY I 203 80.48 16.74 21.65
CA GLY I 203 79.04 16.56 21.44
C GLY I 203 78.19 16.41 22.70
N MET I 204 78.81 16.45 23.87
CA MET I 204 78.07 16.21 25.11
C MET I 204 77.30 17.44 25.54
N ASN I 205 76.00 17.26 25.76
CA ASN I 205 75.13 18.39 26.07
C ASN I 205 73.90 18.02 26.88
N VAL I 206 73.34 19.04 27.54
CA VAL I 206 72.02 18.97 28.13
C VAL I 206 71.27 20.18 27.60
N ALA I 207 70.07 19.95 27.08
CA ALA I 207 69.25 21.02 26.47
C ALA I 207 70.03 21.80 25.42
N GLY I 208 70.95 21.14 24.74
CA GLY I 208 71.71 21.78 23.68
C GLY I 208 72.84 22.67 24.16
N VAL I 209 73.11 22.65 25.47
CA VAL I 209 74.22 23.42 26.02
C VAL I 209 75.44 22.53 26.08
N SER I 210 76.48 22.89 25.33
CA SER I 210 77.70 22.07 25.28
C SER I 210 78.50 22.16 26.59
N LEU I 211 78.78 21.01 27.19
CA LEU I 211 79.52 20.96 28.45
C LEU I 211 80.96 21.41 28.25
N LYS I 212 81.54 21.05 27.11
CA LYS I 212 82.92 21.44 26.78
C LYS I 212 83.10 22.96 26.74
N THR I 213 82.06 23.68 26.35
CA THR I 213 82.06 25.13 26.33
C THR I 213 82.05 25.73 27.74
N LEU I 214 81.31 25.12 28.64
CA LEU I 214 81.22 25.60 30.02
C LEU I 214 82.44 25.19 30.86
N HIS I 215 83.10 24.12 30.44
CA HIS I 215 84.18 23.53 31.22
C HIS I 215 85.21 23.08 30.20
N PRO I 216 86.05 24.00 29.72
CA PRO I 216 86.93 23.67 28.59
C PRO I 216 87.92 22.54 28.86
N GLU I 217 88.20 22.23 30.13
CA GLU I 217 89.16 21.17 30.43
C GLU I 217 88.48 19.78 30.40
N LEU I 218 87.17 19.75 30.16
CA LEU I 218 86.41 18.50 30.10
C LEU I 218 87.07 17.48 29.17
N GLY I 219 87.38 16.30 29.71
CA GLY I 219 87.93 15.23 28.88
C GLY I 219 89.45 15.26 28.75
N THR I 220 90.09 16.28 29.34
CA THR I 220 91.55 16.35 29.39
C THR I 220 92.03 15.80 30.73
N ASP I 221 93.33 15.91 30.98
CA ASP I 221 93.90 15.50 32.27
C ASP I 221 93.95 16.67 33.26
N ALA I 222 94.06 17.89 32.73
CA ALA I 222 93.89 19.11 33.52
C ALA I 222 92.51 19.14 34.20
N ASP I 223 91.59 18.30 33.73
CA ASP I 223 90.23 18.25 34.23
C ASP I 223 90.17 17.82 35.69
N LYS I 224 89.93 18.79 36.57
CA LYS I 224 89.89 18.50 38.02
C LYS I 224 88.62 17.80 38.44
N GLU I 225 87.65 17.66 37.54
CA GLU I 225 86.44 16.88 37.83
C GLU I 225 86.54 15.46 37.27
N GLN I 226 87.66 15.16 36.62
CA GLN I 226 87.92 13.81 36.11
C GLN I 226 86.76 13.24 35.31
N TRP I 227 86.30 13.94 34.29
CA TRP I 227 85.24 13.40 33.46
C TRP I 227 85.79 12.26 32.61
N LYS I 228 87.07 12.32 32.31
CA LYS I 228 87.73 11.23 31.63
C LYS I 228 87.45 9.91 32.34
N GLN I 229 87.33 9.95 33.68
CA GLN I 229 87.04 8.76 34.48
C GLN I 229 85.69 8.12 34.12
N VAL I 230 84.71 8.95 33.78
CA VAL I 230 83.38 8.44 33.46
C VAL I 230 83.45 7.46 32.30
N HIS I 231 84.25 7.79 31.29
CA HIS I 231 84.45 6.90 30.15
C HIS I 231 85.12 5.61 30.60
N LYS I 232 86.18 5.73 31.41
CA LYS I 232 86.85 4.56 31.94
C LYS I 232 85.84 3.69 32.69
N GLN I 233 84.98 4.33 33.47
CA GLN I 233 83.94 3.66 34.22
C GLN I 233 83.03 2.85 33.32
N VAL I 234 82.65 3.42 32.18
CA VAL I 234 81.81 2.72 31.21
C VAL I 234 82.47 1.43 30.74
N VAL I 235 83.75 1.52 30.42
CA VAL I 235 84.52 0.36 29.97
C VAL I 235 84.64 -0.69 31.08
N ASP I 236 84.93 -0.24 32.29
CA ASP I 236 85.12 -1.13 33.42
C ASP I 236 83.81 -1.77 33.91
N SER I 237 82.70 -1.05 33.79
CA SER I 237 81.43 -1.57 34.32
C SER I 237 81.08 -2.95 33.84
N ALA I 238 81.37 -3.26 32.59
CA ALA I 238 81.14 -4.60 32.08
C ALA I 238 81.85 -5.67 32.94
N TYR I 239 83.13 -5.48 33.18
CA TYR I 239 83.92 -6.41 33.98
C TYR I 239 83.44 -6.40 35.42
N GLU I 240 83.20 -5.21 35.95
CA GLU I 240 82.69 -5.05 37.31
C GLU I 240 81.46 -5.94 37.54
N VAL I 241 80.52 -5.93 36.59
CA VAL I 241 79.29 -6.68 36.72
C VAL I 241 79.56 -8.19 36.61
N ILE I 242 80.44 -8.57 35.69
CA ILE I 242 80.80 -9.98 35.54
C ILE I 242 81.47 -10.51 36.81
N LYS I 243 82.34 -9.71 37.40
CA LYS I 243 83.01 -10.07 38.64
C LYS I 243 81.98 -10.29 39.74
N LEU I 244 80.90 -9.50 39.72
CA LEU I 244 79.95 -9.52 40.81
C LEU I 244 78.87 -10.58 40.67
N LYS I 245 78.29 -10.71 39.48
CA LYS I 245 77.19 -11.68 39.31
C LYS I 245 77.49 -12.76 38.29
N GLY I 246 78.66 -12.67 37.64
CA GLY I 246 79.09 -13.71 36.71
C GLY I 246 78.97 -13.39 35.23
N TYR I 247 78.12 -12.42 34.88
CA TYR I 247 77.82 -12.11 33.49
C TYR I 247 76.98 -10.85 33.44
N THR I 248 76.71 -10.33 32.24
CA THR I 248 75.79 -9.20 32.08
C THR I 248 74.65 -9.64 31.20
N THR I 249 73.46 -9.10 31.44
CA THR I 249 72.24 -9.58 30.78
C THR I 249 71.26 -8.45 30.44
N TRP I 250 70.77 -7.80 31.48
CA TRP I 250 69.54 -7.02 31.37
C TRP I 250 69.73 -5.84 30.48
N ALA I 251 70.82 -5.11 30.69
CA ALA I 251 71.08 -3.90 29.93
C ALA I 251 71.26 -4.19 28.44
N ILE I 252 71.96 -5.27 28.12
CA ILE I 252 72.16 -5.65 26.73
C ILE I 252 70.80 -5.98 26.10
N GLY I 253 69.97 -6.73 26.83
CA GLY I 253 68.67 -7.11 26.34
C GLY I 253 67.83 -5.89 25.99
N LEU I 254 67.85 -4.90 26.87
CA LEU I 254 67.08 -3.69 26.65
C LEU I 254 67.64 -2.89 25.48
N SER I 255 68.97 -2.80 25.40
CA SER I 255 69.62 -2.08 24.32
C SER I 255 69.27 -2.73 22.97
N VAL I 256 69.28 -4.05 22.93
CA VAL I 256 68.99 -4.75 21.68
C VAL I 256 67.54 -4.56 21.27
N ALA I 257 66.63 -4.66 22.23
CA ALA I 257 65.22 -4.44 21.96
C ALA I 257 64.97 -3.03 21.41
N ASP I 258 65.73 -2.05 21.91
CA ASP I 258 65.62 -0.70 21.41
C ASP I 258 65.97 -0.63 19.92
N LEU I 259 67.03 -1.34 19.53
CA LEU I 259 67.41 -1.39 18.13
C LEU I 259 66.34 -2.09 17.32
N ALA I 260 65.85 -3.20 17.84
CA ALA I 260 64.79 -3.95 17.17
C ALA I 260 63.57 -3.07 16.94
N GLU I 261 63.24 -2.22 17.90
CA GLU I 261 62.11 -1.32 17.74
C GLU I 261 62.30 -0.39 16.53
N SER I 262 63.47 0.22 16.41
CA SER I 262 63.74 1.11 15.29
C SER I 262 63.60 0.38 13.96
N ILE I 263 64.04 -0.86 13.93
CA ILE I 263 63.97 -1.66 12.70
C ILE I 263 62.54 -2.07 12.38
N MET I 264 61.86 -2.69 13.35
CA MET I 264 60.54 -3.23 13.08
C MET I 264 59.52 -2.13 12.81
N LYS I 265 59.71 -0.96 13.40
CA LYS I 265 58.77 0.16 13.20
C LYS I 265 59.27 1.23 12.23
N ASN I 266 60.43 0.99 11.64
CA ASN I 266 61.00 1.90 10.64
C ASN I 266 61.08 3.34 11.13
N LEU I 267 61.62 3.52 12.33
CA LEU I 267 61.61 4.81 12.98
C LEU I 267 62.63 5.79 12.40
N ARG I 268 63.74 5.27 11.90
CA ARG I 268 64.82 6.11 11.41
C ARG I 268 65.36 7.01 12.53
N ARG I 269 65.58 6.38 13.69
CA ARG I 269 66.29 7.02 14.78
C ARG I 269 67.77 6.81 14.58
N VAL I 270 68.57 7.63 15.25
CA VAL I 270 70.01 7.53 15.16
C VAL I 270 70.58 6.79 16.36
N HIS I 271 71.34 5.74 16.09
CA HIS I 271 71.96 4.93 17.14
C HIS I 271 73.46 4.80 16.87
N PRO I 272 74.28 4.71 17.94
CA PRO I 272 75.68 4.44 17.75
C PRO I 272 75.88 2.94 17.61
N ILE I 273 75.89 2.46 16.38
CA ILE I 273 76.00 1.03 16.12
C ILE I 273 77.07 0.76 15.08
N SER I 274 77.46 -0.50 15.01
CA SER I 274 78.59 -0.90 14.21
C SER I 274 78.17 -1.15 12.76
N THR I 275 78.75 -0.39 11.85
CA THR I 275 78.50 -0.56 10.41
C THR I 275 79.81 -0.49 9.65
N MET I 276 79.79 -0.94 8.40
CA MET I 276 80.97 -0.89 7.58
C MET I 276 81.30 0.55 7.20
N LEU I 277 82.53 0.92 7.40
CA LEU I 277 82.96 2.28 7.29
C LEU I 277 83.88 2.64 6.13
N LYS I 278 84.02 1.73 5.17
CA LYS I 278 85.01 1.95 4.13
C LYS I 278 85.32 3.32 3.63
N GLY I 279 84.42 4.26 3.26
CA GLY I 279 84.87 5.51 2.67
C GLY I 279 84.82 6.70 3.64
N LEU I 280 84.98 6.43 4.94
CA LEU I 280 84.78 7.46 5.92
C LEU I 280 86.01 7.73 6.76
N TYR I 281 86.18 9.01 7.08
CA TYR I 281 87.34 9.51 7.78
C TYR I 281 88.53 9.26 6.91
N GLY I 282 89.45 8.45 7.33
CA GLY I 282 90.57 8.04 6.41
C GLY I 282 90.67 6.53 6.29
N ILE I 283 89.53 5.84 6.44
CA ILE I 283 89.56 4.40 6.55
C ILE I 283 89.35 3.81 5.19
N LYS I 284 90.25 2.93 4.76
CA LYS I 284 90.20 2.37 3.40
C LYS I 284 89.92 0.87 3.39
N GLU I 285 89.74 0.29 4.57
CA GLU I 285 89.62 -1.15 4.69
C GLU I 285 88.20 -1.59 4.98
N ASP I 286 87.90 -2.87 4.71
CA ASP I 286 86.63 -3.45 5.06
C ASP I 286 86.48 -3.69 6.56
N VAL I 287 86.10 -2.65 7.28
CA VAL I 287 86.05 -2.72 8.77
C VAL I 287 84.72 -2.16 9.27
N PHE I 288 84.24 -2.72 10.37
CA PHE I 288 83.04 -2.22 11.01
C PHE I 288 83.42 -1.48 12.30
N LEU I 289 82.87 -0.29 12.47
CA LEU I 289 83.01 0.45 13.72
C LEU I 289 81.73 1.20 14.01
N SER I 290 81.52 1.57 15.27
CA SER I 290 80.31 2.27 15.64
C SER I 290 80.40 3.74 15.25
N VAL I 291 79.39 4.18 14.51
CA VAL I 291 79.17 5.59 14.25
C VAL I 291 77.65 5.80 14.34
N PRO I 292 77.22 7.05 14.42
CA PRO I 292 75.78 7.29 14.51
C PRO I 292 75.09 6.93 13.20
N CYS I 293 74.21 5.94 13.26
CA CYS I 293 73.55 5.44 12.06
C CYS I 293 72.05 5.65 12.14
N VAL I 294 71.44 5.91 11.00
CA VAL I 294 70.00 5.95 10.88
C VAL I 294 69.50 4.54 10.65
N LEU I 295 68.62 4.09 11.53
CA LEU I 295 68.20 2.70 11.55
C LEU I 295 66.71 2.59 11.28
N GLY I 296 66.34 1.71 10.36
CA GLY I 296 64.97 1.60 9.88
C GLY I 296 64.71 0.22 9.32
N GLN I 297 63.64 0.08 8.54
CA GLN I 297 63.20 -1.24 8.10
C GLN I 297 64.17 -1.89 7.15
N ASN I 298 65.04 -1.11 6.50
CA ASN I 298 66.07 -1.68 5.62
C ASN I 298 67.44 -1.68 6.25
N GLY I 299 67.48 -1.63 7.57
CA GLY I 299 68.75 -1.60 8.27
C GLY I 299 69.31 -0.20 8.25
N ILE I 300 70.60 -0.10 8.00
CA ILE I 300 71.30 1.18 8.06
C ILE I 300 71.28 1.86 6.70
N SER I 301 70.52 2.95 6.61
CA SER I 301 70.34 3.67 5.36
C SER I 301 71.30 4.83 5.23
N ASP I 302 71.67 5.42 6.37
CA ASP I 302 72.47 6.62 6.37
C ASP I 302 73.36 6.64 7.59
N VAL I 303 74.43 7.42 7.51
CA VAL I 303 75.35 7.60 8.62
C VAL I 303 75.56 9.10 8.85
N VAL I 304 75.68 9.50 10.10
CA VAL I 304 75.92 10.90 10.43
C VAL I 304 77.42 11.13 10.52
N LYS I 305 77.90 12.12 9.76
CA LYS I 305 79.34 12.43 9.74
C LYS I 305 79.66 13.33 10.92
N VAL I 306 80.19 12.73 11.97
CA VAL I 306 80.54 13.50 13.15
C VAL I 306 81.88 14.15 12.90
N THR I 307 82.00 15.40 13.29
CA THR I 307 83.25 16.14 13.13
C THR I 307 84.18 15.79 14.29
N LEU I 308 85.34 15.23 13.98
CA LEU I 308 86.26 14.73 15.00
C LEU I 308 87.56 15.53 15.06
N THR I 309 88.13 15.62 16.26
CA THR I 309 89.44 16.23 16.41
C THR I 309 90.47 15.31 15.80
N SER I 310 91.61 15.87 15.40
CA SER I 310 92.70 15.07 14.84
C SER I 310 93.08 13.90 15.76
N GLU I 311 93.03 14.11 17.07
CA GLU I 311 93.33 13.04 18.04
C GLU I 311 92.33 11.92 17.92
N GLU I 312 91.03 12.28 17.98
CA GLU I 312 89.94 11.33 17.85
C GLU I 312 90.01 10.57 16.52
N GLU I 313 90.20 11.31 15.44
CA GLU I 313 90.29 10.72 14.10
C GLU I 313 91.44 9.71 14.02
N ALA I 314 92.58 10.03 14.63
CA ALA I 314 93.72 9.13 14.65
C ALA I 314 93.39 7.86 15.43
N HIS I 315 92.70 8.04 16.55
CA HIS I 315 92.30 6.92 17.40
C HIS I 315 91.47 5.91 16.63
N LEU I 316 90.59 6.41 15.76
CA LEU I 316 89.73 5.56 14.93
C LEU I 316 90.54 4.79 13.92
N LYS I 317 91.44 5.48 13.22
CA LYS I 317 92.29 4.85 12.22
C LYS I 317 93.10 3.74 12.86
N LYS I 318 93.61 4.00 14.07
CA LYS I 318 94.37 2.98 14.78
C LYS I 318 93.51 1.73 14.96
N SER I 319 92.29 1.90 15.45
CA SER I 319 91.37 0.78 15.65
C SER I 319 91.11 0.03 14.34
N ALA I 320 90.89 0.78 13.26
CA ALA I 320 90.66 0.15 11.96
C ALA I 320 91.85 -0.72 11.54
N ASP I 321 93.06 -0.18 11.70
CA ASP I 321 94.27 -0.92 11.37
C ASP I 321 94.34 -2.22 12.14
N THR I 322 94.09 -2.17 13.44
CA THR I 322 94.19 -3.36 14.27
C THR I 322 93.19 -4.42 13.84
N LEU I 323 91.94 -3.99 13.63
CA LEU I 323 90.88 -4.91 13.25
C LEU I 323 91.20 -5.56 11.92
N TRP I 324 91.61 -4.76 10.95
CA TRP I 324 91.98 -5.31 9.66
C TRP I 324 93.14 -6.30 9.81
N GLY I 325 94.14 -5.93 10.60
CA GLY I 325 95.28 -6.81 10.88
C GLY I 325 94.85 -8.21 11.25
N ILE I 326 93.81 -8.32 12.06
CA ILE I 326 93.27 -9.60 12.47
C ILE I 326 92.41 -10.23 11.37
N GLN I 327 91.53 -9.43 10.80
CA GLN I 327 90.59 -9.93 9.79
C GLN I 327 91.31 -10.57 8.61
N LYS I 328 92.40 -9.94 8.18
CA LYS I 328 93.21 -10.45 7.07
C LYS I 328 93.77 -11.85 7.35
N GLU I 329 93.86 -12.25 8.61
CA GLU I 329 94.44 -13.51 9.00
C GLU I 329 93.40 -14.63 9.15
N LEU I 330 92.13 -14.30 8.95
CA LEU I 330 91.06 -15.25 9.21
C LEU I 330 90.86 -16.23 8.06
N GLN I 331 90.55 -17.47 8.40
CA GLN I 331 90.26 -18.49 7.40
C GLN I 331 88.77 -18.69 7.22
N PHE I 332 88.26 -18.31 6.06
CA PHE I 332 86.84 -18.51 5.71
C PHE I 332 86.77 -19.73 4.80
N ALA J 2 18.20 -12.67 49.41
CA ALA J 2 19.54 -12.11 49.13
C ALA J 2 19.67 -11.68 47.67
N ALA J 3 20.31 -10.53 47.44
CA ALA J 3 20.63 -10.08 46.09
C ALA J 3 21.59 -11.07 45.41
N LEU J 4 21.77 -10.90 44.11
CA LEU J 4 22.71 -11.69 43.35
C LEU J 4 24.14 -11.37 43.80
N LYS J 5 24.44 -10.07 43.90
CA LYS J 5 25.75 -9.64 44.34
C LYS J 5 26.17 -10.34 45.65
N ASP J 6 25.24 -10.45 46.59
CA ASP J 6 25.55 -11.07 47.89
C ASP J 6 25.73 -12.59 47.78
N GLN J 7 25.02 -13.21 46.86
CA GLN J 7 25.17 -14.65 46.64
C GLN J 7 26.49 -14.98 45.96
N LEU J 8 27.02 -14.03 45.21
CA LEU J 8 28.22 -14.25 44.39
C LEU J 8 29.50 -13.76 45.07
N ILE J 9 29.44 -12.59 45.70
CA ILE J 9 30.61 -11.99 46.30
C ILE J 9 30.52 -11.95 47.81
N HIS J 10 31.53 -12.52 48.47
CA HIS J 10 31.66 -12.44 49.91
C HIS J 10 32.65 -11.33 50.25
N ASN J 11 32.16 -10.30 50.93
CA ASN J 11 33.00 -9.15 51.27
C ASN J 11 33.87 -9.45 52.49
N LEU J 12 35.12 -8.99 52.47
CA LEU J 12 36.03 -9.15 53.60
C LEU J 12 36.45 -7.81 54.20
N LEU J 13 36.18 -6.73 53.51
CA LEU J 13 36.79 -5.46 53.85
C LEU J 13 35.93 -4.33 53.33
N LYS J 14 35.45 -3.48 54.23
CA LYS J 14 34.67 -2.31 53.87
C LYS J 14 35.67 -1.19 54.06
N GLU J 15 36.17 -0.65 52.96
CA GLU J 15 37.25 0.33 53.03
C GLU J 15 36.93 1.60 52.30
N GLU J 16 37.46 2.72 52.78
CA GLU J 16 37.19 4.00 52.11
C GLU J 16 38.27 4.24 51.08
N HIS J 17 37.85 4.63 49.90
CA HIS J 17 38.77 4.70 48.77
C HIS J 17 39.50 6.03 48.79
N VAL J 18 40.82 6.04 48.75
CA VAL J 18 41.58 7.26 48.51
C VAL J 18 42.47 6.98 47.33
N PRO J 19 42.32 7.75 46.24
CA PRO J 19 43.14 7.46 45.06
C PRO J 19 44.60 7.84 45.26
N GLN J 20 45.46 7.07 44.63
CA GLN J 20 46.89 7.21 44.83
C GLN J 20 47.53 8.09 43.77
N ASN J 21 47.00 8.04 42.56
CA ASN J 21 47.60 8.75 41.42
C ASN J 21 46.56 9.43 40.57
N LYS J 22 45.82 10.33 41.21
CA LYS J 22 44.67 10.96 40.58
C LYS J 22 45.06 12.19 39.77
N ILE J 23 44.45 12.30 38.60
CA ILE J 23 44.63 13.46 37.75
C ILE J 23 43.27 14.05 37.44
N THR J 24 43.20 15.37 37.49
CA THR J 24 41.99 16.10 37.13
C THR J 24 42.23 16.93 35.88
N VAL J 25 41.29 16.88 34.95
CA VAL J 25 41.31 17.78 33.81
C VAL J 25 40.14 18.76 33.91
N VAL J 26 40.47 20.05 33.87
CA VAL J 26 39.48 21.10 33.92
C VAL J 26 39.22 21.63 32.50
N GLY J 27 37.98 21.47 32.04
CA GLY J 27 37.61 21.84 30.70
C GLY J 27 37.51 20.62 29.81
N VAL J 28 36.35 20.42 29.21
CA VAL J 28 36.14 19.26 28.33
C VAL J 28 35.84 19.69 26.91
N GLY J 29 36.48 20.76 26.49
CA GLY J 29 36.55 21.11 25.08
C GLY J 29 37.48 20.17 24.37
N ALA J 30 37.76 20.45 23.10
CA ALA J 30 38.60 19.55 22.30
C ALA J 30 39.96 19.32 22.94
N VAL J 31 40.55 20.38 23.48
CA VAL J 31 41.88 20.28 24.09
C VAL J 31 41.84 19.44 25.36
N GLY J 32 40.88 19.72 26.22
CA GLY J 32 40.71 18.94 27.45
C GLY J 32 40.56 17.47 27.15
N MET J 33 39.70 17.15 26.20
CA MET J 33 39.41 15.75 25.90
C MET J 33 40.60 15.06 25.26
N ALA J 34 41.39 15.80 24.50
CA ALA J 34 42.62 15.25 23.93
C ALA J 34 43.64 14.94 25.03
N CYS J 35 43.74 15.82 26.01
CA CYS J 35 44.57 15.56 27.17
C CYS J 35 44.06 14.32 27.90
N ALA J 36 42.75 14.24 28.11
CA ALA J 36 42.16 13.12 28.83
C ALA J 36 42.47 11.78 28.16
N ILE J 37 42.18 11.67 26.88
CA ILE J 37 42.36 10.42 26.19
C ILE J 37 43.83 10.01 26.17
N SER J 38 44.72 10.98 25.96
CA SER J 38 46.15 10.69 25.94
C SER J 38 46.62 10.16 27.29
N ILE J 39 46.11 10.75 28.36
CA ILE J 39 46.46 10.34 29.71
C ILE J 39 45.93 8.93 30.00
N LEU J 40 44.68 8.67 29.61
CA LEU J 40 44.08 7.36 29.82
C LEU J 40 44.85 6.27 29.11
N MET J 41 45.33 6.56 27.91
CA MET J 41 46.00 5.56 27.12
C MET J 41 47.44 5.35 27.53
N LYS J 42 47.96 6.17 28.44
CA LYS J 42 49.32 5.97 28.93
C LYS J 42 49.36 5.44 30.36
N ASP J 43 48.20 5.05 30.89
CA ASP J 43 48.10 4.47 32.23
C ASP J 43 48.82 5.30 33.27
N LEU J 44 48.56 6.60 33.30
CA LEU J 44 49.25 7.49 34.21
C LEU J 44 48.49 7.71 35.52
N ALA J 45 47.22 7.35 35.54
CA ALA J 45 46.36 7.63 36.67
C ALA J 45 45.50 6.45 37.06
N ASP J 46 45.19 6.35 38.35
CA ASP J 46 44.25 5.34 38.84
C ASP J 46 42.85 5.92 38.98
N GLU J 47 42.75 7.24 38.89
CA GLU J 47 41.46 7.91 38.85
C GLU J 47 41.60 9.18 38.03
N LEU J 48 40.63 9.40 37.15
CA LEU J 48 40.60 10.60 36.35
C LEU J 48 39.31 11.35 36.58
N ALA J 49 39.43 12.64 36.86
CA ALA J 49 38.26 13.50 37.09
C ALA J 49 38.16 14.56 36.02
N LEU J 50 36.94 14.80 35.56
CA LEU J 50 36.66 15.81 34.56
C LEU J 50 35.72 16.84 35.17
N VAL J 51 36.05 18.12 35.03
CA VAL J 51 35.21 19.19 35.53
C VAL J 51 35.00 20.25 34.47
N ASP J 52 33.77 20.73 34.36
CA ASP J 52 33.41 21.83 33.46
C ASP J 52 32.08 22.40 33.93
N VAL J 53 31.66 23.49 33.31
CA VAL J 53 30.40 24.15 33.67
C VAL J 53 29.21 23.61 32.88
N MET J 54 29.46 23.10 31.68
CA MET J 54 28.40 22.52 30.85
C MET J 54 28.11 21.08 31.26
N GLU J 55 27.08 20.89 32.06
CA GLU J 55 26.74 19.59 32.66
C GLU J 55 26.45 18.48 31.66
N ASP J 56 25.77 18.80 30.56
CA ASP J 56 25.44 17.80 29.56
C ASP J 56 26.66 17.26 28.84
N LYS J 57 27.43 18.16 28.25
CA LYS J 57 28.66 17.81 27.58
C LYS J 57 29.56 17.00 28.53
N LEU J 58 29.63 17.45 29.76
CA LEU J 58 30.47 16.81 30.78
C LEU J 58 30.08 15.36 31.00
N LYS J 59 28.81 15.15 31.29
CA LYS J 59 28.30 13.83 31.55
C LYS J 59 28.48 12.92 30.33
N GLY J 60 28.26 13.48 29.15
CA GLY J 60 28.36 12.70 27.91
C GLY J 60 29.77 12.20 27.66
N GLU J 61 30.73 13.10 27.84
CA GLU J 61 32.14 12.75 27.67
C GLU J 61 32.55 11.69 28.68
N MET J 62 32.10 11.85 29.92
CA MET J 62 32.40 10.86 30.95
C MET J 62 31.88 9.48 30.57
N MET J 63 30.62 9.41 30.17
CA MET J 63 30.01 8.12 29.82
C MET J 63 30.73 7.47 28.65
N ASP J 64 31.04 8.27 27.62
CA ASP J 64 31.71 7.74 26.44
C ASP J 64 33.03 7.07 26.86
N LEU J 65 33.80 7.74 27.72
CA LEU J 65 35.04 7.17 28.23
C LEU J 65 34.81 5.91 29.06
N GLN J 66 33.84 5.96 29.96
CA GLN J 66 33.53 4.83 30.81
C GLN J 66 33.20 3.58 30.01
N HIS J 67 32.52 3.76 28.89
CA HIS J 67 32.11 2.62 28.09
C HIS J 67 33.31 1.88 27.52
N GLY J 68 34.45 2.56 27.47
CA GLY J 68 35.69 1.95 27.01
C GLY J 68 36.55 1.35 28.11
N SER J 69 36.02 1.27 29.32
CA SER J 69 36.78 0.79 30.48
C SER J 69 37.46 -0.55 30.27
N LEU J 70 36.79 -1.43 29.54
CA LEU J 70 37.33 -2.76 29.25
C LEU J 70 38.69 -2.67 28.57
N PHE J 71 38.90 -1.61 27.79
CA PHE J 71 40.11 -1.46 27.02
C PHE J 71 41.12 -0.54 27.69
N LEU J 72 40.86 -0.17 28.93
CA LEU J 72 41.74 0.75 29.65
C LEU J 72 42.19 0.10 30.96
N ARG J 73 43.12 0.77 31.63
CA ARG J 73 43.64 0.32 32.92
CA ARG J 73 43.64 0.31 32.92
C ARG J 73 43.55 1.46 33.91
N THR J 74 42.50 2.27 33.76
CA THR J 74 42.22 3.34 34.71
C THR J 74 40.83 3.07 35.22
N PRO J 75 40.72 2.52 36.43
CA PRO J 75 39.47 1.95 36.88
C PRO J 75 38.36 2.96 37.23
N LYS J 76 38.71 4.21 37.48
CA LYS J 76 37.71 5.18 37.92
C LYS J 76 37.74 6.45 37.12
N ILE J 77 36.63 6.77 36.48
CA ILE J 77 36.51 8.00 35.77
C ILE J 77 35.29 8.71 36.30
N VAL J 78 35.47 9.95 36.75
CA VAL J 78 34.38 10.70 37.36
C VAL J 78 34.31 12.11 36.83
N SER J 79 33.18 12.76 37.02
CA SER J 79 32.98 14.11 36.54
C SER J 79 31.93 14.81 37.36
N GLY J 80 31.86 16.12 37.24
CA GLY J 80 30.89 16.91 37.97
C GLY J 80 31.16 18.39 37.83
N LYS J 81 30.14 19.19 38.09
CA LYS J 81 30.30 20.64 38.10
C LYS J 81 30.95 21.09 39.40
N ASP J 82 30.70 20.31 40.45
CA ASP J 82 31.22 20.59 41.77
C ASP J 82 32.66 20.06 41.96
N TYR J 83 33.55 20.92 42.42
CA TYR J 83 34.96 20.58 42.52
C TYR J 83 35.32 19.53 43.57
N SER J 84 34.38 19.19 44.45
CA SER J 84 34.61 18.09 45.38
C SER J 84 35.05 16.81 44.65
N VAL J 85 34.57 16.59 43.43
CA VAL J 85 34.99 15.41 42.67
C VAL J 85 36.47 15.42 42.31
N THR J 86 37.14 16.56 42.46
CA THR J 86 38.57 16.66 42.14
C THR J 86 39.49 16.41 43.32
N ALA J 87 38.91 16.05 44.46
CA ALA J 87 39.69 15.91 45.68
C ALA J 87 40.86 14.94 45.54
N ASN J 88 41.99 15.31 46.14
CA ASN J 88 43.18 14.45 46.21
C ASN J 88 43.86 14.22 44.88
N SER J 89 43.78 15.18 43.98
CA SER J 89 44.50 15.07 42.73
C SER J 89 45.97 15.34 42.99
N LYS J 90 46.84 14.56 42.37
CA LYS J 90 48.28 14.85 42.39
C LYS J 90 48.57 15.94 41.36
N LEU J 91 47.77 15.96 40.30
CA LEU J 91 48.01 16.84 39.17
C LEU J 91 46.70 17.33 38.62
N VAL J 92 46.60 18.64 38.43
CA VAL J 92 45.41 19.24 37.88
C VAL J 92 45.78 20.02 36.62
N ILE J 93 45.12 19.67 35.52
CA ILE J 93 45.41 20.25 34.23
C ILE J 93 44.29 21.19 33.84
N ILE J 94 44.63 22.45 33.60
CA ILE J 94 43.66 23.49 33.32
C ILE J 94 43.64 23.85 31.85
N THR J 95 42.52 23.55 31.19
CA THR J 95 42.32 23.87 29.77
C THR J 95 41.19 24.84 29.54
N ALA J 96 40.45 25.18 30.59
CA ALA J 96 39.31 26.08 30.47
C ALA J 96 39.77 27.51 30.26
N GLY J 97 38.93 28.28 29.59
CA GLY J 97 39.21 29.69 29.35
C GLY J 97 37.99 30.43 28.88
N ALA J 98 38.17 31.73 28.62
CA ALA J 98 37.10 32.54 28.08
C ALA J 98 37.07 32.43 26.57
N ARG J 99 35.86 32.43 26.03
CA ARG J 99 35.59 32.40 24.61
C ARG J 99 35.73 33.82 24.05
N GLN J 100 36.37 33.92 22.87
CA GLN J 100 36.83 35.19 22.37
C GLN J 100 35.69 36.12 21.95
N GLN J 101 35.87 37.42 22.19
CA GLN J 101 34.84 38.37 21.87
C GLN J 101 35.36 39.17 20.72
N GLU J 102 34.68 39.10 19.59
CA GLU J 102 35.02 39.93 18.44
C GLU J 102 34.80 41.40 18.78
N GLY J 103 35.85 42.19 18.58
CA GLY J 103 35.84 43.61 18.98
C GLY J 103 36.33 43.83 20.40
N GLU J 104 36.52 42.76 21.16
CA GLU J 104 37.09 42.88 22.49
C GLU J 104 38.61 42.97 22.42
N SER J 105 39.16 43.88 23.20
CA SER J 105 40.60 44.07 23.31
C SER J 105 41.28 42.86 23.98
N ARG J 106 42.56 42.73 23.74
CA ARG J 106 43.38 41.69 24.36
C ARG J 106 43.31 41.75 25.88
N LEU J 107 43.47 42.95 26.42
CA LEU J 107 43.44 43.13 27.87
C LEU J 107 42.10 42.68 28.45
N ASN J 108 41.03 43.02 27.76
CA ASN J 108 39.70 42.63 28.18
C ASN J 108 39.51 41.11 28.21
N LEU J 109 39.98 40.45 27.16
CA LEU J 109 39.94 38.97 27.09
C LEU J 109 40.68 38.35 28.27
N VAL J 110 41.91 38.77 28.51
CA VAL J 110 42.68 38.25 29.62
C VAL J 110 41.92 38.45 30.95
N GLN J 111 41.38 39.64 31.15
CA GLN J 111 40.65 39.92 32.39
C GLN J 111 39.49 38.97 32.59
N ARG J 112 38.76 38.69 31.52
CA ARG J 112 37.66 37.73 31.57
C ARG J 112 38.14 36.35 31.99
N ASN J 113 39.33 35.95 31.55
CA ASN J 113 39.94 34.71 32.00
C ASN J 113 40.32 34.76 33.46
N VAL J 114 40.86 35.90 33.89
CA VAL J 114 41.19 36.05 35.29
C VAL J 114 39.92 35.77 36.12
N ASN J 115 38.81 36.34 35.69
CA ASN J 115 37.55 36.20 36.42
C ASN J 115 37.12 34.75 36.49
N ILE J 116 37.36 34.00 35.42
CA ILE J 116 37.08 32.57 35.42
C ILE J 116 38.02 31.84 36.35
N PHE J 117 39.30 32.15 36.29
CA PHE J 117 40.30 31.52 37.16
C PHE J 117 40.05 31.82 38.63
N LYS J 118 39.47 32.98 38.91
CA LYS J 118 39.13 33.35 40.27
C LYS J 118 38.11 32.39 40.87
N PHE J 119 37.32 31.74 40.03
CA PHE J 119 36.39 30.73 40.48
C PHE J 119 37.07 29.35 40.52
N ILE J 120 37.79 29.01 39.45
CA ILE J 120 38.39 27.68 39.32
C ILE J 120 39.48 27.42 40.36
N ILE J 121 40.49 28.26 40.41
CA ILE J 121 41.69 27.96 41.18
C ILE J 121 41.43 27.75 42.67
N PRO J 122 40.72 28.67 43.32
CA PRO J 122 40.47 28.47 44.74
C PRO J 122 39.77 27.15 45.03
N ASN J 123 38.85 26.76 44.15
CA ASN J 123 38.17 25.48 44.30
C ASN J 123 39.11 24.30 44.12
N VAL J 124 40.03 24.39 43.19
CA VAL J 124 41.01 23.35 42.98
C VAL J 124 41.86 23.19 44.23
N VAL J 125 42.42 24.30 44.71
CA VAL J 125 43.35 24.29 45.83
C VAL J 125 42.66 23.81 47.11
N LYS J 126 41.38 24.13 47.22
CA LYS J 126 40.61 23.72 48.37
C LYS J 126 40.60 22.20 48.51
N TYR J 127 40.39 21.50 47.42
CA TYR J 127 40.22 20.06 47.48
C TYR J 127 41.50 19.26 47.22
N SER J 128 42.51 19.89 46.64
CA SER J 128 43.77 19.22 46.38
C SER J 128 44.91 20.18 46.72
N PRO J 129 45.09 20.47 48.01
CA PRO J 129 46.06 21.47 48.47
C PRO J 129 47.51 21.15 48.12
N HIS J 130 47.82 19.89 47.82
CA HIS J 130 49.20 19.49 47.53
C HIS J 130 49.47 19.21 46.06
N CYS J 131 48.50 19.50 45.19
CA CYS J 131 48.61 19.17 43.79
C CYS J 131 49.62 20.06 43.07
N LYS J 132 49.99 19.65 41.87
CA LYS J 132 50.68 20.53 40.95
C LYS J 132 49.67 21.02 39.95
N LEU J 133 49.80 22.27 39.54
CA LEU J 133 48.94 22.86 38.53
C LEU J 133 49.69 22.92 37.22
N LEU J 134 49.04 22.44 36.17
CA LEU J 134 49.56 22.53 34.83
C LEU J 134 48.57 23.32 33.99
N VAL J 135 48.97 24.52 33.58
CA VAL J 135 48.11 25.41 32.84
C VAL J 135 48.37 25.28 31.35
N VAL J 136 47.31 25.09 30.58
CA VAL J 136 47.39 24.88 29.15
C VAL J 136 46.70 26.02 28.38
N SER J 137 45.66 26.59 28.98
CA SER J 137 44.89 27.65 28.37
C SER J 137 45.74 28.82 27.90
N ASN J 138 45.30 29.49 26.83
CA ASN J 138 46.02 30.65 26.31
C ASN J 138 45.38 31.96 26.70
N PRO J 139 46.19 33.01 26.85
CA PRO J 139 47.66 32.95 26.66
C PRO J 139 48.39 32.35 27.84
N VAL J 140 49.17 31.31 27.58
CA VAL J 140 49.60 30.41 28.63
C VAL J 140 50.54 31.05 29.63
N ASP J 141 51.50 31.85 29.14
CA ASP J 141 52.49 32.41 30.05
C ASP J 141 51.79 33.36 31.04
N ILE J 142 50.82 34.14 30.58
CA ILE J 142 50.10 35.05 31.46
C ILE J 142 49.17 34.32 32.41
N LEU J 143 48.43 33.33 31.90
CA LEU J 143 47.46 32.64 32.74
C LEU J 143 48.15 31.75 33.77
N THR J 144 49.36 31.30 33.46
CA THR J 144 50.14 30.56 34.44
C THR J 144 50.49 31.48 35.61
N TYR J 145 50.85 32.73 35.29
CA TYR J 145 51.07 33.74 36.32
C TYR J 145 49.82 33.96 37.16
N VAL J 146 48.68 34.09 36.49
CA VAL J 146 47.41 34.31 37.19
C VAL J 146 47.13 33.17 38.17
N ALA J 147 47.28 31.94 37.70
CA ALA J 147 47.03 30.77 38.54
C ALA J 147 47.96 30.75 39.74
N TRP J 148 49.22 31.10 39.51
CA TRP J 148 50.19 31.16 40.59
C TRP J 148 49.77 32.16 41.65
N LYS J 149 49.46 33.38 41.18
CA LYS J 149 49.04 34.48 42.04
C LYS J 149 47.84 34.06 42.89
N ILE J 150 46.80 33.51 42.26
CA ILE J 150 45.57 33.19 42.95
C ILE J 150 45.72 31.97 43.86
N SER J 151 46.53 31.00 43.45
CA SER J 151 46.65 29.76 44.22
C SER J 151 47.43 29.97 45.50
N GLY J 152 48.41 30.88 45.44
CA GLY J 152 49.36 31.03 46.53
C GLY J 152 50.30 29.84 46.66
N PHE J 153 50.37 28.99 45.64
CA PHE J 153 51.30 27.88 45.63
C PHE J 153 52.70 28.41 45.42
N PRO J 154 53.70 27.66 45.90
CA PRO J 154 55.08 27.99 45.56
C PRO J 154 55.31 27.75 44.07
N LYS J 155 56.24 28.48 43.48
CA LYS J 155 56.38 28.50 42.02
C LYS J 155 56.75 27.15 41.37
N ASN J 156 57.43 26.28 42.09
CA ASN J 156 57.79 24.98 41.56
C ASN J 156 56.57 24.14 41.20
N ARG J 157 55.41 24.50 41.73
CA ARG J 157 54.22 23.68 41.59
C ARG J 157 53.20 24.28 40.64
N VAL J 158 53.51 25.40 40.01
CA VAL J 158 52.63 25.97 39.01
C VAL J 158 53.39 26.01 37.71
N ILE J 159 52.89 25.24 36.74
CA ILE J 159 53.59 25.00 35.49
C ILE J 159 52.73 25.37 34.31
N GLY J 160 53.31 26.08 33.35
CA GLY J 160 52.64 26.37 32.08
C GLY J 160 53.19 25.49 31.01
N SER J 161 52.33 25.02 30.11
CA SER J 161 52.78 24.13 29.03
C SER J 161 53.73 24.84 28.09
N GLY J 162 53.66 26.17 28.04
CA GLY J 162 54.63 26.99 27.31
C GLY J 162 55.01 26.46 25.94
N CYS J 163 56.31 26.33 25.70
CA CYS J 163 56.84 25.99 24.38
C CYS J 163 57.14 24.51 24.20
N ASN J 164 56.55 23.65 25.03
CA ASN J 164 56.75 22.22 24.90
C ASN J 164 56.32 21.73 23.53
N LEU J 165 55.12 22.11 23.11
CA LEU J 165 54.61 21.68 21.81
C LEU J 165 55.34 22.36 20.65
N ASP J 166 55.61 23.65 20.79
CA ASP J 166 56.34 24.36 19.75
C ASP J 166 57.68 23.71 19.46
N SER J 167 58.40 23.31 20.50
CA SER J 167 59.67 22.59 20.34
C SER J 167 59.47 21.24 19.66
N ALA J 168 58.37 20.57 19.98
CA ALA J 168 58.06 19.28 19.35
C ALA J 168 57.78 19.44 17.86
N ARG J 169 57.04 20.49 17.51
CA ARG J 169 56.79 20.81 16.11
C ARG J 169 58.09 21.13 15.41
N PHE J 170 58.93 21.88 16.09
CA PHE J 170 60.22 22.27 15.53
C PHE J 170 61.05 21.05 15.19
N ARG J 171 61.11 20.10 16.10
CA ARG J 171 61.91 18.90 15.88
C ARG J 171 61.33 18.04 14.76
N TYR J 172 60.01 18.01 14.66
CA TYR J 172 59.36 17.28 13.57
C TYR J 172 59.78 17.85 12.23
N LEU J 173 59.76 19.17 12.12
CA LEU J 173 60.12 19.84 10.88
C LEU J 173 61.58 19.69 10.54
N MET J 174 62.44 19.76 11.55
CA MET J 174 63.86 19.48 11.36
C MET J 174 64.03 18.06 10.81
N GLY J 175 63.31 17.12 11.40
CA GLY J 175 63.37 15.73 10.97
C GLY J 175 62.94 15.54 9.55
N GLU J 176 61.90 16.25 9.13
CA GLU J 176 61.44 16.19 7.75
C GLU J 176 62.52 16.64 6.79
N ARG J 177 63.21 17.71 7.14
CA ARG J 177 64.29 18.23 6.30
C ARG J 177 65.52 17.32 6.25
N LEU J 178 65.80 16.61 7.34
CA LEU J 178 67.03 15.82 7.42
C LEU J 178 66.82 14.33 7.16
N GLY J 179 65.56 13.89 7.13
CA GLY J 179 65.25 12.48 6.90
C GLY J 179 65.49 11.59 8.09
N VAL J 180 65.39 12.15 9.30
CA VAL J 180 65.51 11.37 10.52
C VAL J 180 64.32 11.68 11.44
N HIS J 181 64.04 10.76 12.36
CA HIS J 181 62.93 10.92 13.28
C HIS J 181 63.13 12.12 14.18
N ALA J 182 62.01 12.74 14.58
CA ALA J 182 62.05 13.89 15.47
C ALA J 182 62.80 13.59 16.77
N LEU J 183 62.74 12.35 17.22
CA LEU J 183 63.38 11.93 18.46
C LEU J 183 64.88 12.14 18.42
N SER J 184 65.47 12.10 17.23
CA SER J 184 66.91 12.19 17.10
C SER J 184 67.37 13.57 16.64
N CYS J 185 66.42 14.47 16.43
CA CYS J 185 66.73 15.88 16.16
C CYS J 185 66.54 16.66 17.43
N HIS J 186 67.49 17.51 17.77
CA HIS J 186 67.39 18.28 19.01
C HIS J 186 67.40 19.77 18.74
N GLY J 187 66.49 20.46 19.39
CA GLY J 187 66.32 21.88 19.18
C GLY J 187 65.37 22.47 20.19
N TRP J 188 65.61 23.73 20.56
CA TRP J 188 64.86 24.35 21.63
C TRP J 188 64.22 25.66 21.22
N ILE J 189 62.94 25.79 21.51
CA ILE J 189 62.23 27.03 21.35
C ILE J 189 61.91 27.52 22.75
N LEU J 190 62.31 28.75 23.06
CA LEU J 190 62.18 29.29 24.40
C LEU J 190 61.41 30.60 24.43
N GLY J 191 61.12 31.05 25.64
CA GLY J 191 60.51 32.34 25.85
C GLY J 191 59.00 32.33 25.81
N GLU J 192 58.46 33.36 25.17
CA GLU J 192 57.02 33.54 25.13
C GLU J 192 56.43 32.63 24.07
N HIS J 193 55.39 31.88 24.47
CA HIS J 193 54.69 31.00 23.55
C HIS J 193 54.04 31.81 22.42
N GLY J 194 54.13 31.34 21.20
CA GLY J 194 53.54 32.01 20.04
C GLY J 194 54.54 32.81 19.22
N ASP J 195 54.07 33.90 18.60
CA ASP J 195 54.86 34.65 17.62
C ASP J 195 56.24 35.13 18.08
N SER J 196 56.41 35.35 19.39
CA SER J 196 57.65 35.92 19.90
C SER J 196 58.61 34.90 20.48
N SER J 197 58.40 33.61 20.18
CA SER J 197 59.30 32.57 20.64
C SER J 197 60.72 32.78 20.13
N VAL J 198 61.67 32.26 20.88
CA VAL J 198 63.07 32.33 20.51
C VAL J 198 63.60 30.96 20.12
N PRO J 199 63.96 30.78 18.84
CA PRO J 199 64.66 29.56 18.44
C PRO J 199 66.13 29.67 18.78
N VAL J 200 66.64 28.76 19.61
CA VAL J 200 68.03 28.79 20.01
C VAL J 200 68.88 27.97 19.03
N TRP J 201 69.36 28.66 18.01
CA TRP J 201 70.10 28.05 16.90
C TRP J 201 71.36 27.33 17.35
N SER J 202 72.05 27.92 18.31
CA SER J 202 73.31 27.37 18.79
C SER J 202 73.14 25.93 19.32
N GLY J 203 72.00 25.65 19.93
CA GLY J 203 71.74 24.35 20.54
C GLY J 203 71.22 23.25 19.63
N MET J 204 71.02 23.55 18.36
CA MET J 204 70.44 22.59 17.44
C MET J 204 71.46 21.58 16.97
N ASN J 205 71.14 20.31 17.13
CA ASN J 205 72.09 19.25 16.79
C ASN J 205 71.43 17.92 16.45
N VAL J 206 72.20 17.08 15.75
CA VAL J 206 71.87 15.67 15.57
C VAL J 206 73.12 14.90 15.99
N ALA J 207 72.94 13.92 16.86
CA ALA J 207 74.05 13.14 17.39
C ALA J 207 75.16 14.02 17.98
N GLY J 208 74.77 15.16 18.52
CA GLY J 208 75.72 16.06 19.15
C GLY J 208 76.54 16.90 18.18
N VAL J 209 76.20 16.85 16.90
CA VAL J 209 76.86 17.66 15.89
C VAL J 209 76.10 18.97 15.73
N SER J 210 76.71 20.08 16.09
CA SER J 210 76.01 21.36 16.06
C SER J 210 75.86 21.87 14.62
N LEU J 211 74.61 22.15 14.23
CA LEU J 211 74.32 22.57 12.87
C LEU J 211 74.91 23.95 12.59
N LYS J 212 74.89 24.83 13.59
CA LYS J 212 75.44 26.17 13.46
C LYS J 212 76.93 26.16 13.08
N THR J 213 77.65 25.15 13.56
CA THR J 213 79.07 25.04 13.22
C THR J 213 79.29 24.59 11.80
N LEU J 214 78.43 23.72 11.29
CA LEU J 214 78.53 23.26 9.90
C LEU J 214 78.00 24.27 8.90
N HIS J 215 77.12 25.15 9.36
CA HIS J 215 76.42 26.07 8.49
C HIS J 215 76.28 27.37 9.26
N PRO J 216 77.36 28.18 9.29
CA PRO J 216 77.40 29.32 10.20
C PRO J 216 76.30 30.36 9.98
N GLU J 217 75.70 30.40 8.80
CA GLU J 217 74.68 31.40 8.51
C GLU J 217 73.29 30.92 9.00
N LEU J 218 73.24 29.72 9.56
CA LEU J 218 72.00 29.14 10.09
C LEU J 218 71.23 30.11 10.98
N GLY J 219 69.99 30.37 10.62
CA GLY J 219 69.14 31.23 11.42
C GLY J 219 69.24 32.71 11.12
N THR J 220 70.14 33.08 10.21
CA THR J 220 70.28 34.46 9.77
C THR J 220 69.49 34.63 8.47
N ASP J 221 69.59 35.81 7.87
CA ASP J 221 68.95 36.08 6.57
C ASP J 221 69.91 35.77 5.41
N ALA J 222 71.21 35.88 5.65
CA ALA J 222 72.24 35.38 4.73
C ALA J 222 72.06 33.88 4.44
N ASP J 223 71.29 33.21 5.29
CA ASP J 223 71.06 31.78 5.19
C ASP J 223 70.30 31.41 3.92
N LYS J 224 71.03 30.84 2.97
CA LYS J 224 70.51 30.43 1.68
C LYS J 224 69.53 29.26 1.77
N GLU J 225 69.53 28.56 2.90
CA GLU J 225 68.63 27.43 3.11
C GLU J 225 67.41 27.83 3.91
N GLN J 226 67.33 29.10 4.30
CA GLN J 226 66.17 29.65 5.01
C GLN J 226 65.74 28.80 6.19
N TRP J 227 66.64 28.51 7.11
CA TRP J 227 66.25 27.76 8.30
C TRP J 227 65.39 28.64 9.20
N LYS J 228 65.62 29.94 9.13
CA LYS J 228 64.78 30.88 9.83
C LYS J 228 63.31 30.62 9.53
N GLN J 229 63.01 30.19 8.31
CA GLN J 229 61.63 29.84 7.90
C GLN J 229 61.01 28.73 8.73
N VAL J 230 61.83 27.77 9.13
CA VAL J 230 61.32 26.64 9.91
C VAL J 230 60.67 27.12 11.19
N HIS J 231 61.28 28.11 11.85
CA HIS J 231 60.71 28.69 13.05
C HIS J 231 59.40 29.40 12.73
N LYS J 232 59.40 30.18 11.66
CA LYS J 232 58.19 30.84 11.21
C LYS J 232 57.10 29.81 10.97
N GLN J 233 57.47 28.72 10.34
CA GLN J 233 56.56 27.61 10.07
C GLN J 233 55.95 27.04 11.33
N VAL J 234 56.74 26.91 12.39
CA VAL J 234 56.23 26.44 13.68
C VAL J 234 55.12 27.35 14.20
N VAL J 235 55.37 28.65 14.13
CA VAL J 235 54.39 29.65 14.56
C VAL J 235 53.12 29.60 13.69
N ASP J 236 53.32 29.53 12.38
CA ASP J 236 52.23 29.53 11.41
C ASP J 236 51.42 28.24 11.45
N SER J 237 52.04 27.08 11.48
CA SER J 237 51.28 25.83 11.35
C SER J 237 50.14 25.69 12.37
N ALA J 238 50.26 26.30 13.54
CA ALA J 238 49.16 26.41 14.44
C ALA J 238 47.92 27.05 13.80
N TYR J 239 48.08 28.22 13.21
CA TYR J 239 46.95 28.91 12.53
C TYR J 239 46.57 28.13 11.28
N GLU J 240 47.53 27.62 10.54
CA GLU J 240 47.21 26.77 9.40
C GLU J 240 46.20 25.65 9.74
N VAL J 241 46.43 24.98 10.86
CA VAL J 241 45.57 23.89 11.30
C VAL J 241 44.20 24.42 11.75
N ILE J 242 44.18 25.54 12.45
CA ILE J 242 42.94 26.16 12.86
C ILE J 242 42.11 26.59 11.65
N LYS J 243 42.76 27.14 10.65
CA LYS J 243 42.10 27.54 9.41
C LYS J 243 41.48 26.33 8.74
N LEU J 244 42.15 25.18 8.83
CA LEU J 244 41.72 23.99 8.11
C LEU J 244 40.66 23.17 8.83
N LYS J 245 40.84 22.92 10.12
CA LYS J 245 39.89 22.09 10.85
C LYS J 245 39.19 22.82 11.99
N GLY J 246 39.56 24.07 12.24
CA GLY J 246 38.88 24.89 13.23
C GLY J 246 39.60 25.10 14.55
N TYR J 247 40.54 24.21 14.88
CA TYR J 247 41.20 24.22 16.17
C TYR J 247 42.34 23.22 16.15
N THR J 248 43.14 23.17 17.22
CA THR J 248 44.18 22.15 17.38
C THR J 248 43.86 21.33 18.62
N THR J 249 44.12 20.03 18.56
CA THR J 249 43.85 19.16 19.69
C THR J 249 44.88 18.08 19.96
N TRP J 250 45.15 17.25 18.97
CA TRP J 250 45.83 16.00 19.22
C TRP J 250 47.26 16.22 19.70
N ALA J 251 47.97 17.11 19.03
CA ALA J 251 49.36 17.37 19.35
C ALA J 251 49.52 17.94 20.77
N ILE J 252 48.63 18.84 21.14
CA ILE J 252 48.66 19.41 22.48
C ILE J 252 48.40 18.34 23.52
N GLY J 253 47.43 17.48 23.24
CA GLY J 253 47.08 16.37 24.16
C GLY J 253 48.28 15.48 24.40
N LEU J 254 49.00 15.15 23.34
CA LEU J 254 50.17 14.30 23.46
C LEU J 254 51.28 15.01 24.22
N SER J 255 51.49 16.28 23.90
CA SER J 255 52.52 17.06 24.57
C SER J 255 52.23 17.16 26.07
N VAL J 256 50.97 17.36 26.43
CA VAL J 256 50.59 17.47 27.83
C VAL J 256 50.77 16.14 28.57
N ALA J 257 50.36 15.05 27.93
CA ALA J 257 50.54 13.73 28.50
C ALA J 257 52.02 13.44 28.76
N ASP J 258 52.88 13.91 27.87
CA ASP J 258 54.32 13.76 28.05
C ASP J 258 54.79 14.44 29.32
N LEU J 259 54.29 15.64 29.57
CA LEU J 259 54.63 16.36 30.79
C LEU J 259 54.10 15.61 32.01
N ALA J 260 52.85 15.16 31.91
CA ALA J 260 52.24 14.39 32.99
C ALA J 260 53.07 13.17 33.32
N GLU J 261 53.61 12.50 32.31
CA GLU J 261 54.45 11.34 32.55
C GLU J 261 55.67 11.69 33.42
N SER J 262 56.37 12.76 33.08
CA SER J 262 57.53 13.18 33.84
C SER J 262 57.17 13.46 35.30
N ILE J 263 56.01 14.06 35.51
CA ILE J 263 55.56 14.40 36.85
C ILE J 263 55.14 13.15 37.63
N MET J 264 54.25 12.36 37.06
CA MET J 264 53.71 11.21 37.77
C MET J 264 54.76 10.16 38.05
N LYS J 265 55.75 10.04 37.17
CA LYS J 265 56.80 9.03 37.36
C LYS J 265 58.12 9.59 37.87
N ASN J 266 58.14 10.88 38.17
CA ASN J 266 59.32 11.53 38.74
C ASN J 266 60.58 11.30 37.91
N LEU J 267 60.47 11.50 36.61
CA LEU J 267 61.56 11.18 35.70
C LEU J 267 62.71 12.16 35.74
N ARG J 268 62.43 13.42 36.04
CA ARG J 268 63.45 14.48 36.01
C ARG J 268 64.05 14.61 34.61
N ARG J 269 63.16 14.64 33.63
CA ARG J 269 63.53 14.98 32.25
C ARG J 269 63.48 16.50 32.11
N VAL J 270 64.14 17.00 31.07
CA VAL J 270 64.15 18.42 30.80
C VAL J 270 63.16 18.77 29.71
N HIS J 271 62.25 19.69 30.00
CA HIS J 271 61.26 20.14 29.04
C HIS J 271 61.28 21.67 28.93
N PRO J 272 60.96 22.20 27.74
CA PRO J 272 60.84 23.64 27.60
C PRO J 272 59.45 24.06 28.03
N ILE J 273 59.32 24.44 29.29
CA ILE J 273 58.02 24.79 29.83
C ILE J 273 58.08 26.12 30.56
N SER J 274 56.91 26.68 30.81
CA SER J 274 56.80 28.01 31.35
C SER J 274 56.89 28.01 32.87
N THR J 275 57.91 28.69 33.39
CA THR J 275 58.10 28.83 34.83
C THR J 275 58.44 30.26 35.16
N MET J 276 58.33 30.63 36.43
CA MET J 276 58.66 32.00 36.81
C MET J 276 60.15 32.22 36.77
N LEU J 277 60.60 33.22 36.03
CA LEU J 277 62.04 33.33 35.84
C LEU J 277 62.67 34.57 36.42
N LYS J 278 61.99 35.21 37.36
CA LYS J 278 62.52 36.39 38.00
C LYS J 278 63.90 36.02 38.55
N GLY J 279 64.91 36.81 38.22
CA GLY J 279 66.26 36.57 38.70
C GLY J 279 67.19 35.96 37.67
N LEU J 280 66.66 35.63 36.49
CA LEU J 280 67.48 35.05 35.44
C LEU J 280 67.46 35.93 34.20
N TYR J 281 68.58 35.94 33.49
CA TYR J 281 68.76 36.81 32.33
C TYR J 281 68.37 38.26 32.61
N GLY J 282 68.67 38.74 33.81
CA GLY J 282 68.40 40.14 34.14
C GLY J 282 66.94 40.52 34.13
N ILE J 283 66.05 39.55 34.31
CA ILE J 283 64.63 39.82 34.38
C ILE J 283 64.28 40.03 35.85
N LYS J 284 63.65 41.17 36.16
CA LYS J 284 63.39 41.53 37.55
C LYS J 284 61.91 41.53 37.92
N GLU J 285 61.05 41.20 36.95
CA GLU J 285 59.63 41.17 37.24
C GLU J 285 59.08 39.76 37.37
N ASP J 286 57.90 39.66 37.98
CA ASP J 286 57.23 38.39 38.21
C ASP J 286 56.58 37.92 36.89
N VAL J 287 57.38 37.28 36.01
CA VAL J 287 56.86 36.76 34.77
C VAL J 287 57.22 35.31 34.54
N PHE J 288 56.37 34.62 33.80
CA PHE J 288 56.63 33.24 33.41
C PHE J 288 57.01 33.19 31.93
N LEU J 289 58.09 32.46 31.64
CA LEU J 289 58.47 32.19 30.26
C LEU J 289 59.06 30.79 30.18
N SER J 290 59.08 30.24 28.98
CA SER J 290 59.60 28.90 28.80
C SER J 290 61.11 28.88 28.80
N VAL J 291 61.67 28.04 29.66
CA VAL J 291 63.08 27.70 29.65
C VAL J 291 63.17 26.21 29.92
N PRO J 292 64.34 25.60 29.68
CA PRO J 292 64.44 24.17 29.92
C PRO J 292 64.40 23.87 31.40
N CYS J 293 63.38 23.14 31.84
CA CYS J 293 63.18 22.85 33.26
C CYS J 293 63.26 21.36 33.53
N VAL J 294 63.80 21.01 34.69
CA VAL J 294 63.78 19.64 35.17
C VAL J 294 62.46 19.39 35.87
N LEU J 295 61.74 18.39 35.38
CA LEU J 295 60.37 18.15 35.80
C LEU J 295 60.24 16.80 36.46
N GLY J 296 59.62 16.78 37.64
CA GLY J 296 59.54 15.57 38.47
C GLY J 296 58.33 15.64 39.37
N GLN J 297 58.34 14.82 40.42
CA GLN J 297 57.14 14.68 41.26
C GLN J 297 56.80 15.96 42.02
N ASN J 298 57.79 16.83 42.21
CA ASN J 298 57.55 18.10 42.91
C ASN J 298 57.45 19.26 41.96
N GLY J 299 57.16 18.98 40.69
CA GLY J 299 57.10 20.03 39.70
C GLY J 299 58.50 20.39 39.24
N ILE J 300 58.77 21.68 39.13
CA ILE J 300 60.03 22.16 38.60
C ILE J 300 61.05 22.37 39.70
N SER J 301 62.06 21.51 39.74
CA SER J 301 63.07 21.55 40.77
C SER J 301 64.30 22.35 40.37
N ASP J 302 64.59 22.36 39.07
CA ASP J 302 65.79 22.99 38.57
C ASP J 302 65.54 23.56 37.20
N VAL J 303 66.37 24.52 36.81
CA VAL J 303 66.31 25.12 35.49
C VAL J 303 67.69 25.06 34.85
N VAL J 304 67.74 24.81 33.54
CA VAL J 304 69.02 24.74 32.85
C VAL J 304 69.35 26.11 32.29
N LYS J 305 70.54 26.60 32.63
CA LYS J 305 70.97 27.94 32.24
C LYS J 305 71.54 27.88 30.84
N VAL J 306 70.72 28.25 29.87
CA VAL J 306 71.17 28.23 28.49
C VAL J 306 71.94 29.50 28.25
N THR J 307 73.07 29.40 27.56
CA THR J 307 73.88 30.58 27.23
C THR J 307 73.29 31.22 25.97
N LEU J 308 72.86 32.48 26.08
CA LEU J 308 72.16 33.16 24.99
C LEU J 308 72.97 34.31 24.41
N THR J 309 72.78 34.57 23.13
CA THR J 309 73.40 35.72 22.49
C THR J 309 72.70 36.97 23.03
N SER J 310 73.39 38.10 22.98
CA SER J 310 72.80 39.36 23.42
C SER J 310 71.49 39.65 22.70
N GLU J 311 71.38 39.27 21.43
CA GLU J 311 70.14 39.44 20.66
C GLU J 311 69.01 38.63 21.29
N GLU J 312 69.28 37.35 21.49
CA GLU J 312 68.33 36.42 22.12
C GLU J 312 67.90 36.92 23.51
N GLU J 313 68.89 37.28 24.32
CA GLU J 313 68.65 37.78 25.67
C GLU J 313 67.76 39.02 25.67
N ALA J 314 67.99 39.92 24.71
CA ALA J 314 67.19 41.13 24.59
C ALA J 314 65.76 40.78 24.22
N HIS J 315 65.62 39.81 23.31
CA HIS J 315 64.30 39.37 22.86
C HIS J 315 63.46 38.88 24.04
N LEU J 316 64.10 38.20 24.98
CA LEU J 316 63.42 37.69 26.18
C LEU J 316 62.98 38.82 27.08
N LYS J 317 63.88 39.77 27.33
CA LYS J 317 63.55 40.92 28.17
C LYS J 317 62.39 41.69 27.58
N LYS J 318 62.37 41.82 26.26
CA LYS J 318 61.25 42.49 25.58
C LYS J 318 59.95 41.79 25.93
N SER J 319 59.92 40.47 25.78
CA SER J 319 58.74 39.67 26.10
C SER J 319 58.31 39.84 27.55
N ALA J 320 59.28 39.83 28.46
CA ALA J 320 58.99 40.04 29.87
C ALA J 320 58.31 41.38 30.11
N ASP J 321 58.85 42.44 29.51
CA ASP J 321 58.28 43.78 29.62
C ASP J 321 56.83 43.79 29.17
N THR J 322 56.56 43.20 28.01
CA THR J 322 55.20 43.21 27.47
C THR J 322 54.23 42.48 28.40
N LEU J 323 54.63 41.29 28.85
CA LEU J 323 53.78 40.50 29.72
C LEU J 323 53.50 41.23 31.01
N TRP J 324 54.53 41.79 31.62
CA TRP J 324 54.34 42.57 32.84
C TRP J 324 53.41 43.75 32.60
N GLY J 325 53.61 44.44 31.48
CA GLY J 325 52.74 45.55 31.09
C GLY J 325 51.28 45.20 31.18
N ILE J 326 50.93 44.00 30.77
CA ILE J 326 49.55 43.53 30.85
C ILE J 326 49.19 43.08 32.24
N GLN J 327 50.07 42.30 32.86
CA GLN J 327 49.78 41.73 34.18
C GLN J 327 49.50 42.81 35.20
N LYS J 328 50.27 43.91 35.15
CA LYS J 328 50.07 44.99 36.11
C LYS J 328 48.97 45.98 35.60
N GLU J 329 48.04 45.45 34.84
CA GLU J 329 46.73 46.08 34.59
C GLU J 329 45.60 45.22 35.10
N LEU J 330 45.87 43.99 35.53
CA LEU J 330 44.82 43.03 35.82
C LEU J 330 44.26 43.23 37.22
N GLN J 331 42.96 43.03 37.36
CA GLN J 331 42.26 43.12 38.60
C GLN J 331 42.04 41.77 39.23
N PHE J 332 42.68 41.55 40.38
CA PHE J 332 42.49 40.32 41.16
C PHE J 332 41.52 40.56 42.27
N ALA K 2 77.89 22.98 -0.66
CA ALA K 2 77.08 21.81 -0.23
C ALA K 2 75.97 22.24 0.75
N ALA K 3 74.78 21.69 0.57
CA ALA K 3 73.68 21.88 1.51
C ALA K 3 74.05 21.30 2.90
N LEU K 4 73.28 21.67 3.90
CA LEU K 4 73.55 21.27 5.27
C LEU K 4 73.32 19.77 5.42
N LYS K 5 72.17 19.32 4.91
CA LYS K 5 71.83 17.92 4.97
C LYS K 5 72.97 17.04 4.44
N ASP K 6 73.59 17.45 3.32
CA ASP K 6 74.65 16.68 2.70
C ASP K 6 75.94 16.71 3.50
N GLN K 7 76.19 17.82 4.19
CA GLN K 7 77.37 17.93 5.03
C GLN K 7 77.25 17.09 6.29
N LEU K 8 76.01 16.85 6.72
CA LEU K 8 75.74 16.18 7.98
C LEU K 8 75.45 14.69 7.82
N ILE K 9 74.67 14.34 6.81
CA ILE K 9 74.28 12.96 6.59
C ILE K 9 74.90 12.38 5.32
N HIS K 10 75.60 11.27 5.48
CA HIS K 10 76.14 10.53 4.36
C HIS K 10 75.21 9.37 4.01
N ASN K 11 74.65 9.41 2.82
CA ASN K 11 73.70 8.39 2.38
C ASN K 11 74.41 7.12 1.92
N LEU K 12 73.86 5.97 2.26
CA LEU K 12 74.42 4.66 1.86
C LEU K 12 73.47 3.88 0.99
N LEU K 13 72.22 4.31 0.90
CA LEU K 13 71.17 3.49 0.34
C LEU K 13 70.01 4.35 -0.12
N LYS K 14 69.69 4.25 -1.40
CA LYS K 14 68.48 4.86 -1.95
C LYS K 14 67.40 3.79 -2.06
N GLU K 15 66.24 3.95 -1.41
CA GLU K 15 65.19 2.97 -1.52
C GLU K 15 63.84 3.53 -1.84
N GLU K 16 62.88 2.64 -2.05
CA GLU K 16 61.50 3.05 -2.30
C GLU K 16 60.62 3.23 -1.08
N HIS K 17 60.78 2.41 -0.06
CA HIS K 17 59.80 2.21 0.97
C HIS K 17 58.41 1.62 0.58
N VAL K 18 58.19 0.40 1.08
CA VAL K 18 56.91 -0.23 1.10
C VAL K 18 56.59 -0.53 2.56
N PRO K 19 55.49 0.02 3.08
CA PRO K 19 55.19 -0.16 4.49
C PRO K 19 54.80 -1.58 4.83
N GLN K 20 55.13 -1.99 6.04
CA GLN K 20 54.98 -3.37 6.46
C GLN K 20 53.66 -3.60 7.20
N ASN K 21 53.22 -2.59 7.93
CA ASN K 21 52.03 -2.73 8.78
C ASN K 21 51.13 -1.51 8.68
N LYS K 22 50.68 -1.24 7.47
CA LYS K 22 49.93 -0.04 7.18
C LYS K 22 48.44 -0.20 7.46
N ILE K 23 47.87 0.83 8.07
CA ILE K 23 46.45 0.88 8.32
C ILE K 23 45.89 2.15 7.73
N THR K 24 44.71 2.02 7.10
CA THR K 24 44.01 3.15 6.53
C THR K 24 42.70 3.36 7.27
N VAL K 25 42.39 4.61 7.60
CA VAL K 25 41.08 4.96 8.11
C VAL K 25 40.35 5.83 7.10
N VAL K 26 39.15 5.38 6.73
CA VAL K 26 38.30 6.12 5.81
C VAL K 26 37.24 6.87 6.59
N GLY K 27 37.27 8.19 6.47
CA GLY K 27 36.36 9.06 7.21
C GLY K 27 37.09 9.70 8.38
N VAL K 28 37.10 11.03 8.42
CA VAL K 28 37.78 11.75 9.50
C VAL K 28 36.82 12.58 10.33
N GLY K 29 35.60 12.05 10.48
CA GLY K 29 34.68 12.57 11.46
C GLY K 29 35.12 12.10 12.83
N ALA K 30 34.27 12.33 13.83
CA ALA K 30 34.68 12.07 15.21
C ALA K 30 35.09 10.62 15.42
N VAL K 31 34.35 9.71 14.82
CA VAL K 31 34.60 8.29 14.96
C VAL K 31 35.92 7.89 14.29
N GLY K 32 36.12 8.34 13.06
CA GLY K 32 37.34 8.08 12.37
C GLY K 32 38.57 8.55 13.15
N MET K 33 38.51 9.79 13.65
CA MET K 33 39.64 10.33 14.37
C MET K 33 39.90 9.64 15.68
N ALA K 34 38.83 9.16 16.32
CA ALA K 34 38.97 8.38 17.55
C ALA K 34 39.66 7.04 17.26
N CYS K 35 39.29 6.41 16.15
CA CYS K 35 39.97 5.20 15.72
C CYS K 35 41.44 5.50 15.45
N ALA K 36 41.70 6.59 14.73
CA ALA K 36 43.07 6.97 14.39
C ALA K 36 43.94 7.14 15.62
N ILE K 37 43.50 7.96 16.55
CA ILE K 37 44.31 8.26 17.72
C ILE K 37 44.55 7.00 18.55
N SER K 38 43.51 6.17 18.69
CA SER K 38 43.65 4.94 19.46
C SER K 38 44.68 4.00 18.84
N ILE K 39 44.65 3.93 17.51
CA ILE K 39 45.59 3.10 16.78
C ILE K 39 47.00 3.61 16.90
N LEU K 40 47.18 4.92 16.78
CA LEU K 40 48.50 5.54 16.91
C LEU K 40 49.11 5.28 18.27
N MET K 41 48.27 5.34 19.30
CA MET K 41 48.76 5.19 20.66
C MET K 41 49.01 3.75 21.05
N LYS K 42 48.63 2.80 20.22
CA LYS K 42 48.89 1.40 20.51
C LYS K 42 49.99 0.81 19.63
N ASP K 43 50.67 1.67 18.88
CA ASP K 43 51.77 1.24 18.02
C ASP K 43 51.43 0.03 17.17
N LEU K 44 50.29 0.10 16.48
CA LEU K 44 49.84 -1.02 15.66
C LEU K 44 50.29 -0.90 14.22
N ALA K 45 50.72 0.29 13.81
CA ALA K 45 51.04 0.54 12.42
C ALA K 45 52.33 1.31 12.26
N ASP K 46 53.01 1.07 11.15
CA ASP K 46 54.21 1.84 10.79
C ASP K 46 53.86 2.94 9.79
N GLU K 47 52.65 2.88 9.26
CA GLU K 47 52.14 3.96 8.42
C GLU K 47 50.63 4.03 8.58
N LEU K 48 50.11 5.25 8.75
CA LEU K 48 48.69 5.46 8.88
C LEU K 48 48.22 6.41 7.80
N ALA K 49 47.17 6.01 7.07
CA ALA K 49 46.61 6.84 6.02
C ALA K 49 45.18 7.25 6.36
N LEU K 50 44.86 8.49 6.06
CA LEU K 50 43.54 9.04 6.27
C LEU K 50 42.96 9.49 4.96
N VAL K 51 41.72 9.09 4.68
CA VAL K 51 41.05 9.49 3.46
C VAL K 51 39.64 9.99 3.78
N ASP K 52 39.25 11.06 3.10
CA ASP K 52 37.89 11.60 3.18
C ASP K 52 37.68 12.51 1.97
N VAL K 53 36.47 13.04 1.81
CA VAL K 53 36.16 13.94 0.71
C VAL K 53 36.44 15.40 1.06
N MET K 54 36.37 15.76 2.34
CA MET K 54 36.62 17.14 2.75
C MET K 54 38.11 17.40 2.91
N GLU K 55 38.72 17.99 1.88
CA GLU K 55 40.17 18.19 1.81
C GLU K 55 40.77 19.02 2.93
N ASP K 56 40.07 20.07 3.34
CA ASP K 56 40.53 20.95 4.40
C ASP K 56 40.64 20.24 5.75
N LYS K 57 39.51 19.72 6.19
CA LYS K 57 39.44 18.97 7.43
C LYS K 57 40.49 17.85 7.42
N LEU K 58 40.61 17.17 6.29
CA LEU K 58 41.54 16.07 6.14
C LEU K 58 42.98 16.48 6.39
N LYS K 59 43.40 17.52 5.67
CA LYS K 59 44.74 18.01 5.79
C LYS K 59 45.02 18.52 7.21
N GLY K 60 44.04 19.18 7.81
CA GLY K 60 44.20 19.72 9.15
C GLY K 60 44.41 18.64 10.19
N GLU K 61 43.61 17.59 10.12
CA GLU K 61 43.72 16.47 11.02
C GLU K 61 45.07 15.79 10.87
N MET K 62 45.50 15.61 9.63
CA MET K 62 46.80 15.02 9.36
C MET K 62 47.93 15.83 10.02
N MET K 63 47.92 17.13 9.81
CA MET K 63 48.97 17.99 10.34
C MET K 63 49.00 17.95 11.86
N ASP K 64 47.82 18.02 12.46
CA ASP K 64 47.71 18.00 13.91
C ASP K 64 48.36 16.74 14.47
N LEU K 65 48.08 15.60 13.86
CA LEU K 65 48.70 14.33 14.24
C LEU K 65 50.21 14.34 14.03
N GLN K 66 50.64 14.81 12.87
CA GLN K 66 52.08 14.85 12.56
C GLN K 66 52.85 15.68 13.58
N HIS K 67 52.25 16.74 14.09
CA HIS K 67 52.93 17.60 15.03
C HIS K 67 53.24 16.89 16.33
N GLY K 68 52.53 15.79 16.58
CA GLY K 68 52.76 14.96 17.76
C GLY K 68 53.73 13.82 17.53
N SER K 69 54.41 13.79 16.37
CA SER K 69 55.30 12.69 16.01
C SER K 69 56.33 12.33 17.07
N LEU K 70 56.83 13.36 17.75
CA LEU K 70 57.83 13.15 18.79
C LEU K 70 57.33 12.19 19.86
N PHE K 71 56.02 12.22 20.10
CA PHE K 71 55.42 11.42 21.16
C PHE K 71 54.81 10.12 20.65
N LEU K 72 55.08 9.79 19.40
CA LEU K 72 54.53 8.59 18.80
C LEU K 72 55.66 7.72 18.27
N ARG K 73 55.31 6.49 17.88
CA ARG K 73 56.25 5.56 17.28
C ARG K 73 55.69 5.06 15.95
N THR K 74 54.96 5.93 15.28
CA THR K 74 54.43 5.64 13.96
C THR K 74 55.00 6.72 13.05
N PRO K 75 56.01 6.36 12.26
CA PRO K 75 56.82 7.38 11.58
C PRO K 75 56.14 8.10 10.41
N LYS K 76 55.09 7.51 9.83
CA LYS K 76 54.51 8.09 8.63
C LYS K 76 52.99 8.21 8.77
N ILE K 77 52.51 9.43 8.62
CA ILE K 77 51.10 9.69 8.61
C ILE K 77 50.78 10.46 7.35
N VAL K 78 49.85 9.96 6.56
CA VAL K 78 49.54 10.56 5.28
C VAL K 78 48.04 10.66 5.07
N SER K 79 47.63 11.49 4.12
CA SER K 79 46.23 11.71 3.85
C SER K 79 46.04 12.20 2.43
N GLY K 80 44.79 12.15 1.96
CA GLY K 80 44.48 12.60 0.62
C GLY K 80 43.07 12.23 0.23
N LYS K 81 42.55 12.94 -0.76
CA LYS K 81 41.25 12.63 -1.35
C LYS K 81 41.39 11.43 -2.29
N ASP K 82 42.58 11.31 -2.88
CA ASP K 82 42.88 10.25 -3.82
C ASP K 82 43.32 8.96 -3.10
N TYR K 83 42.69 7.84 -3.44
CA TYR K 83 42.93 6.59 -2.72
C TYR K 83 44.31 5.97 -2.94
N SER K 84 45.07 6.48 -3.90
CA SER K 84 46.46 6.03 -4.05
C SER K 84 47.23 6.11 -2.72
N VAL K 85 46.92 7.08 -1.88
CA VAL K 85 47.61 7.18 -0.58
C VAL K 85 47.33 5.98 0.34
N THR K 86 46.33 5.17 0.01
CA THR K 86 45.99 4.02 0.84
C THR K 86 46.67 2.73 0.40
N ALA K 87 47.53 2.82 -0.60
CA ALA K 87 48.14 1.61 -1.16
C ALA K 87 48.85 0.74 -0.13
N ASN K 88 48.69 -0.56 -0.26
CA ASN K 88 49.38 -1.54 0.58
C ASN K 88 48.96 -1.54 2.02
N SER K 89 47.70 -1.22 2.28
CA SER K 89 47.21 -1.32 3.64
C SER K 89 46.96 -2.80 3.95
N LYS K 90 47.32 -3.21 5.16
CA LYS K 90 46.94 -4.52 5.65
C LYS K 90 45.51 -4.50 6.14
N LEU K 91 45.08 -3.34 6.61
CA LEU K 91 43.78 -3.19 7.23
C LEU K 91 43.19 -1.84 6.89
N VAL K 92 41.95 -1.85 6.43
CA VAL K 92 41.26 -0.63 6.08
C VAL K 92 39.98 -0.54 6.89
N ILE K 93 39.85 0.57 7.63
CA ILE K 93 38.73 0.77 8.52
C ILE K 93 37.80 1.82 7.92
N ILE K 94 36.55 1.44 7.77
CA ILE K 94 35.57 2.30 7.09
C ILE K 94 34.61 2.91 8.10
N THR K 95 34.68 4.22 8.27
CA THR K 95 33.80 4.96 9.17
C THR K 95 32.91 5.94 8.45
N ALA K 96 33.12 6.13 7.15
CA ALA K 96 32.33 7.08 6.38
C ALA K 96 30.93 6.54 6.14
N GLY K 97 29.99 7.45 5.98
CA GLY K 97 28.64 7.07 5.65
C GLY K 97 27.72 8.25 5.54
N ALA K 98 26.50 7.99 5.09
CA ALA K 98 25.49 9.01 4.96
C ALA K 98 24.73 9.15 6.25
N ARG K 99 24.37 10.37 6.59
CA ARG K 99 23.47 10.63 7.73
C ARG K 99 22.02 10.46 7.31
N GLN K 100 21.21 9.73 8.08
CA GLN K 100 19.75 9.73 7.83
C GLN K 100 19.13 11.02 8.30
N GLN K 101 18.22 11.63 7.53
CA GLN K 101 17.64 12.91 7.95
CA GLN K 101 17.63 12.90 7.99
C GLN K 101 16.14 12.83 7.86
N GLU K 102 15.46 12.98 9.01
CA GLU K 102 14.02 13.10 9.04
C GLU K 102 13.23 12.02 8.35
N GLY K 103 13.17 10.84 8.94
CA GLY K 103 12.49 9.68 8.33
C GLY K 103 13.21 8.93 7.21
N GLU K 104 13.47 9.68 6.13
CA GLU K 104 14.06 9.12 4.93
C GLU K 104 13.09 8.06 4.52
N SER K 105 13.48 6.82 4.75
CA SER K 105 12.62 5.65 4.70
C SER K 105 13.58 4.53 5.12
N ARG K 106 13.12 3.31 5.38
CA ARG K 106 14.03 2.25 5.80
C ARG K 106 15.10 2.01 4.70
N LEU K 107 14.62 1.88 3.49
CA LEU K 107 15.43 1.54 2.35
C LEU K 107 16.40 2.71 2.09
N ASN K 108 15.86 3.92 2.11
CA ASN K 108 16.52 5.03 1.42
C ASN K 108 17.85 5.36 2.03
N LEU K 109 17.92 5.39 3.35
CA LEU K 109 19.17 5.63 4.04
C LEU K 109 20.28 4.66 3.63
N VAL K 110 19.95 3.39 3.74
CA VAL K 110 20.92 2.34 3.36
C VAL K 110 21.34 2.51 1.90
N GLN K 111 20.38 2.76 1.00
CA GLN K 111 20.69 2.89 -0.42
C GLN K 111 21.68 4.03 -0.65
N ARG K 112 21.49 5.14 0.05
CA ARG K 112 22.40 6.27 -0.06
C ARG K 112 23.80 5.90 0.36
N ASN K 113 23.92 5.04 1.38
CA ASN K 113 25.22 4.51 1.80
C ASN K 113 25.80 3.57 0.76
N VAL K 114 24.95 2.74 0.16
CA VAL K 114 25.41 1.88 -0.91
C VAL K 114 26.09 2.73 -1.97
N ASN K 115 25.45 3.84 -2.33
CA ASN K 115 25.98 4.70 -3.37
C ASN K 115 27.33 5.28 -2.99
N ILE K 116 27.50 5.59 -1.72
CA ILE K 116 28.80 6.04 -1.23
C ILE K 116 29.83 4.92 -1.29
N PHE K 117 29.44 3.73 -0.82
CA PHE K 117 30.34 2.58 -0.80
C PHE K 117 30.73 2.15 -2.21
N LYS K 118 29.86 2.40 -3.17
CA LYS K 118 30.14 2.09 -4.57
C LYS K 118 31.34 2.88 -5.08
N PHE K 119 31.60 4.03 -4.47
CA PHE K 119 32.78 4.81 -4.80
C PHE K 119 33.98 4.37 -3.95
N ILE K 120 33.76 4.23 -2.66
CA ILE K 120 34.84 3.90 -1.72
C ILE K 120 35.48 2.53 -1.94
N ILE K 121 34.67 1.49 -1.91
CA ILE K 121 35.19 0.13 -1.87
C ILE K 121 36.07 -0.24 -3.07
N PRO K 122 35.58 0.00 -4.29
CA PRO K 122 36.40 -0.32 -5.46
C PRO K 122 37.76 0.36 -5.43
N ASN K 123 37.80 1.61 -4.95
CA ASN K 123 39.05 2.32 -4.83
C ASN K 123 39.97 1.73 -3.78
N VAL K 124 39.40 1.28 -2.67
CA VAL K 124 40.19 0.64 -1.63
C VAL K 124 40.81 -0.63 -2.19
N VAL K 125 39.98 -1.48 -2.79
CA VAL K 125 40.44 -2.79 -3.26
C VAL K 125 41.46 -2.64 -4.37
N LYS K 126 41.33 -1.60 -5.17
CA LYS K 126 42.26 -1.33 -6.24
C LYS K 126 43.68 -1.18 -5.72
N TYR K 127 43.84 -0.44 -4.63
CA TYR K 127 45.19 -0.14 -4.13
C TYR K 127 45.68 -1.07 -3.03
N SER K 128 44.77 -1.81 -2.40
CA SER K 128 45.16 -2.75 -1.36
C SER K 128 44.35 -4.03 -1.53
N PRO K 129 44.65 -4.78 -2.60
CA PRO K 129 43.88 -5.98 -2.95
C PRO K 129 43.91 -7.08 -1.90
N HIS K 130 44.89 -7.05 -0.99
CA HIS K 130 45.02 -8.10 0.02
C HIS K 130 44.61 -7.69 1.43
N CYS K 131 44.01 -6.50 1.55
CA CYS K 131 43.68 -5.98 2.86
C CYS K 131 42.51 -6.71 3.49
N LYS K 132 42.31 -6.48 4.78
CA LYS K 132 41.07 -6.84 5.43
C LYS K 132 40.26 -5.57 5.57
N LEU K 133 38.95 -5.71 5.41
CA LEU K 133 38.04 -4.59 5.57
C LEU K 133 37.34 -4.70 6.91
N LEU K 134 37.35 -3.60 7.64
CA LEU K 134 36.64 -3.51 8.90
C LEU K 134 35.64 -2.37 8.79
N VAL K 135 34.36 -2.74 8.78
CA VAL K 135 33.31 -1.76 8.61
C VAL K 135 32.74 -1.34 9.94
N VAL K 136 32.65 -0.04 10.16
CA VAL K 136 32.16 0.53 11.42
C VAL K 136 30.87 1.31 11.21
N SER K 137 30.71 1.90 10.03
CA SER K 137 29.53 2.68 9.69
C SER K 137 28.22 1.95 9.95
N ASN K 138 27.18 2.71 10.29
CA ASN K 138 25.86 2.12 10.55
C ASN K 138 24.90 2.32 9.40
N PRO K 139 23.97 1.39 9.21
CA PRO K 139 23.83 0.18 10.04
C PRO K 139 24.85 -0.90 9.68
N VAL K 140 25.60 -1.33 10.68
CA VAL K 140 26.84 -2.04 10.43
C VAL K 140 26.66 -3.41 9.79
N ASP K 141 25.66 -4.15 10.25
CA ASP K 141 25.46 -5.49 9.74
C ASP K 141 25.13 -5.45 8.23
N ILE K 142 24.31 -4.49 7.84
CA ILE K 142 23.93 -4.36 6.44
C ILE K 142 25.06 -3.82 5.58
N LEU K 143 25.77 -2.82 6.07
CA LEU K 143 26.83 -2.20 5.29
C LEU K 143 28.04 -3.11 5.17
N THR K 144 28.22 -4.00 6.14
CA THR K 144 29.27 -5.01 6.03
C THR K 144 28.95 -5.95 4.87
N TYR K 145 27.67 -6.31 4.74
CA TYR K 145 27.22 -7.09 3.60
C TYR K 145 27.49 -6.35 2.28
N VAL K 146 27.15 -5.06 2.25
CA VAL K 146 27.35 -4.26 1.05
C VAL K 146 28.82 -4.24 0.64
N ALA K 147 29.71 -4.01 1.61
CA ALA K 147 31.14 -3.96 1.35
C ALA K 147 31.64 -5.29 0.82
N TRP K 148 31.14 -6.37 1.40
CA TRP K 148 31.50 -7.71 0.95
C TRP K 148 31.10 -7.92 -0.51
N LYS K 149 29.84 -7.63 -0.80
CA LYS K 149 29.29 -7.74 -2.13
C LYS K 149 30.10 -6.97 -3.16
N ILE K 150 30.37 -5.70 -2.87
CA ILE K 150 31.07 -4.83 -3.82
C ILE K 150 32.54 -5.17 -3.94
N SER K 151 33.17 -5.59 -2.86
CA SER K 151 34.61 -5.85 -2.86
C SER K 151 34.94 -7.12 -3.62
N GLY K 152 34.04 -8.09 -3.56
CA GLY K 152 34.32 -9.42 -4.06
C GLY K 152 35.36 -10.17 -3.25
N PHE K 153 35.66 -9.68 -2.05
CA PHE K 153 36.58 -10.38 -1.15
C PHE K 153 35.91 -11.63 -0.62
N PRO K 154 36.71 -12.62 -0.23
CA PRO K 154 36.15 -13.74 0.50
C PRO K 154 35.69 -13.30 1.88
N LYS K 155 34.70 -13.98 2.43
CA LYS K 155 34.00 -13.50 3.63
C LYS K 155 34.87 -13.37 4.90
N ASN K 156 35.92 -14.17 5.00
CA ASN K 156 36.80 -14.11 6.16
C ASN K 156 37.48 -12.74 6.27
N ARG K 157 37.51 -11.98 5.18
CA ARG K 157 38.28 -10.75 5.14
C ARG K 157 37.41 -9.49 5.18
N VAL K 158 36.10 -9.66 5.33
CA VAL K 158 35.22 -8.52 5.49
C VAL K 158 34.55 -8.65 6.84
N ILE K 159 34.83 -7.70 7.72
CA ILE K 159 34.43 -7.76 9.11
C ILE K 159 33.64 -6.53 9.50
N GLY K 160 32.54 -6.74 10.23
CA GLY K 160 31.78 -5.63 10.79
C GLY K 160 32.03 -5.54 12.28
N SER K 161 32.13 -4.32 12.80
CA SER K 161 32.40 -4.13 14.23
C SER K 161 31.26 -4.68 15.09
N GLY K 162 30.07 -4.77 14.52
CA GLY K 162 28.94 -5.43 15.17
C GLY K 162 28.75 -5.09 16.63
N CYS K 163 28.65 -6.13 17.47
CA CYS K 163 28.33 -5.96 18.89
C CYS K 163 29.55 -5.95 19.80
N ASN K 164 30.72 -5.67 19.26
CA ASN K 164 31.94 -5.61 20.06
C ASN K 164 31.80 -4.57 21.17
N LEU K 165 31.39 -3.36 20.80
CA LEU K 165 31.26 -2.30 21.78
C LEU K 165 30.09 -2.51 22.72
N ASP K 166 28.97 -2.98 22.17
CA ASP K 166 27.81 -3.26 22.99
C ASP K 166 28.15 -4.24 24.13
N SER K 167 28.91 -5.29 23.80
CA SER K 167 29.35 -6.24 24.81
C SER K 167 30.29 -5.60 25.83
N ALA K 168 31.12 -4.68 25.37
CA ALA K 168 32.03 -3.96 26.28
C ALA K 168 31.26 -3.06 27.25
N ARG K 169 30.23 -2.39 26.74
CA ARG K 169 29.36 -1.59 27.59
C ARG K 169 28.67 -2.48 28.60
N PHE K 170 28.21 -3.62 28.13
CA PHE K 170 27.50 -4.54 28.97
C PHE K 170 28.37 -4.98 30.14
N ARG K 171 29.62 -5.31 29.86
CA ARG K 171 30.52 -5.77 30.90
C ARG K 171 30.86 -4.66 31.90
N TYR K 172 30.96 -3.43 31.38
CA TYR K 172 31.20 -2.29 32.26
C TYR K 172 30.06 -2.14 33.27
N LEU K 173 28.84 -2.24 32.78
CA LEU K 173 27.65 -2.08 33.61
C LEU K 173 27.51 -3.24 34.61
N MET K 174 27.81 -4.46 34.17
CA MET K 174 27.81 -5.57 35.12
C MET K 174 28.86 -5.35 36.20
N GLY K 175 30.03 -4.83 35.82
CA GLY K 175 31.08 -4.54 36.77
C GLY K 175 30.65 -3.50 37.79
N GLU K 176 29.94 -2.47 37.34
CA GLU K 176 29.42 -1.46 38.25
C GLU K 176 28.51 -2.08 39.30
N ARG K 177 27.64 -2.97 38.86
CA ARG K 177 26.71 -3.62 39.78
C ARG K 177 27.38 -4.59 40.74
N LEU K 178 28.47 -5.23 40.33
CA LEU K 178 29.10 -6.25 41.15
C LEU K 178 30.33 -5.77 41.92
N GLY K 179 30.83 -4.59 41.57
CA GLY K 179 32.00 -4.02 42.23
C GLY K 179 33.31 -4.65 41.80
N VAL K 180 33.34 -5.14 40.57
CA VAL K 180 34.50 -5.81 40.00
C VAL K 180 34.78 -5.19 38.62
N HIS K 181 36.04 -5.26 38.19
CA HIS K 181 36.42 -4.64 36.92
C HIS K 181 35.72 -5.31 35.75
N ALA K 182 35.47 -4.56 34.70
CA ALA K 182 34.83 -5.11 33.50
C ALA K 182 35.59 -6.30 32.94
N LEU K 183 36.91 -6.30 33.10
CA LEU K 183 37.77 -7.37 32.61
C LEU K 183 37.43 -8.72 33.19
N SER K 184 36.86 -8.72 34.41
CA SER K 184 36.59 -9.96 35.11
C SER K 184 35.11 -10.33 35.06
N CYS K 185 34.31 -9.50 34.42
CA CYS K 185 32.90 -9.81 34.17
C CYS K 185 32.77 -10.29 32.76
N HIS K 186 32.06 -11.40 32.55
CA HIS K 186 31.92 -11.94 31.20
C HIS K 186 30.47 -12.02 30.79
N GLY K 187 30.22 -11.57 29.56
CA GLY K 187 28.87 -11.55 29.03
C GLY K 187 28.90 -11.20 27.55
N TRP K 188 27.94 -11.74 26.81
CA TRP K 188 27.94 -11.63 25.37
C TRP K 188 26.62 -11.10 24.84
N ILE K 189 26.73 -10.10 23.97
CA ILE K 189 25.61 -9.58 23.24
C ILE K 189 25.81 -9.97 21.78
N LEU K 190 24.83 -10.64 21.20
CA LEU K 190 24.95 -11.19 19.86
C LEU K 190 23.86 -10.70 18.92
N GLY K 191 24.02 -11.04 17.64
CA GLY K 191 23.01 -10.77 16.64
C GLY K 191 23.13 -9.41 16.00
N GLU K 192 21.98 -8.79 15.81
CA GLU K 192 21.89 -7.53 15.12
C GLU K 192 22.26 -6.39 16.07
N HIS K 193 23.19 -5.56 15.62
CA HIS K 193 23.63 -4.42 16.41
C HIS K 193 22.47 -3.44 16.63
N GLY K 194 22.33 -2.93 17.84
CA GLY K 194 21.25 -1.99 18.17
C GLY K 194 20.11 -2.61 18.94
N ASP K 195 18.90 -2.08 18.75
CA ASP K 195 17.72 -2.46 19.54
C ASP K 195 17.39 -3.95 19.57
N SER K 196 17.76 -4.69 18.54
CA SER K 196 17.39 -6.11 18.44
C SER K 196 18.49 -7.08 18.87
N SER K 197 19.52 -6.58 19.54
CA SER K 197 20.60 -7.44 20.02
C SER K 197 20.08 -8.47 21.00
N VAL K 198 20.79 -9.59 21.10
CA VAL K 198 20.43 -10.66 22.00
C VAL K 198 21.44 -10.77 23.13
N PRO K 199 21.00 -10.49 24.37
CA PRO K 199 21.86 -10.77 25.51
C PRO K 199 21.78 -12.24 25.89
N VAL K 200 22.91 -12.93 25.87
CA VAL K 200 22.94 -14.34 26.19
C VAL K 200 23.15 -14.56 27.69
N TRP K 201 22.03 -14.60 28.42
CA TRP K 201 22.04 -14.65 29.88
C TRP K 201 22.75 -15.88 30.42
N SER K 202 22.58 -17.01 29.73
CA SER K 202 23.16 -18.26 30.19
C SER K 202 24.68 -18.17 30.34
N GLY K 203 25.32 -17.40 29.45
CA GLY K 203 26.78 -17.29 29.41
C GLY K 203 27.40 -16.27 30.35
N MET K 204 26.59 -15.57 31.12
CA MET K 204 27.11 -14.50 31.98
C MET K 204 27.73 -15.07 33.24
N ASN K 205 28.97 -14.71 33.51
CA ASN K 205 29.69 -15.28 34.65
C ASN K 205 30.79 -14.38 35.19
N VAL K 206 31.16 -14.65 36.44
CA VAL K 206 32.37 -14.12 37.04
C VAL K 206 33.12 -15.32 37.60
N ALA K 207 34.40 -15.42 37.27
CA ALA K 207 35.24 -16.56 37.69
C ALA K 207 34.59 -17.90 37.33
N GLY K 208 33.86 -17.92 36.23
CA GLY K 208 33.23 -19.15 35.77
C GLY K 208 31.98 -19.55 36.53
N VAL K 209 31.49 -18.69 37.42
CA VAL K 209 30.27 -18.95 38.15
C VAL K 209 29.10 -18.34 37.38
N SER K 210 28.18 -19.18 36.91
CA SER K 210 27.07 -18.71 36.11
C SER K 210 26.04 -17.95 36.97
N LEU K 211 25.73 -16.73 36.56
CA LEU K 211 24.78 -15.90 37.30
C LEU K 211 23.37 -16.46 37.21
N LYS K 212 23.03 -17.00 36.03
CA LYS K 212 21.70 -17.59 35.82
C LYS K 212 21.42 -18.75 36.78
N THR K 213 22.47 -19.47 37.16
CA THR K 213 22.35 -20.57 38.12
C THR K 213 22.07 -20.07 39.54
N LEU K 214 22.70 -18.97 39.91
CA LEU K 214 22.50 -18.41 41.24
C LEU K 214 21.20 -17.62 41.35
N HIS K 215 20.69 -17.15 40.22
CA HIS K 215 19.55 -16.24 40.19
C HIS K 215 18.73 -16.63 38.98
N PRO K 216 17.92 -17.70 39.09
CA PRO K 216 17.30 -18.29 37.90
C PRO K 216 16.37 -17.34 37.14
N GLU K 217 15.87 -16.28 37.79
CA GLU K 217 14.95 -15.36 37.09
C GLU K 217 15.71 -14.31 36.30
N LEU K 218 17.05 -14.36 36.34
CA LEU K 218 17.91 -13.42 35.61
C LEU K 218 17.48 -13.26 34.15
N GLY K 219 17.19 -12.03 33.75
CA GLY K 219 16.85 -11.76 32.35
C GLY K 219 15.37 -11.88 32.04
N THR K 220 14.58 -12.31 33.02
CA THR K 220 13.12 -12.38 32.85
C THR K 220 12.49 -11.13 33.45
N ASP K 221 11.15 -11.09 33.49
CA ASP K 221 10.43 -9.99 34.13
C ASP K 221 10.15 -10.27 35.61
N ALA K 222 10.03 -11.55 35.97
CA ALA K 222 10.01 -11.98 37.37
C ALA K 222 11.25 -11.50 38.12
N ASP K 223 12.29 -11.13 37.38
CA ASP K 223 13.58 -10.71 37.94
C ASP K 223 13.42 -9.40 38.74
N LYS K 224 13.49 -9.55 40.05
CA LYS K 224 13.36 -8.44 40.98
C LYS K 224 14.53 -7.44 40.93
N GLU K 225 15.64 -7.87 40.33
CA GLU K 225 16.82 -7.02 40.20
C GLU K 225 16.88 -6.35 38.83
N GLN K 226 15.90 -6.64 37.98
CA GLN K 226 15.79 -6.01 36.67
C GLN K 226 17.06 -6.04 35.87
N TRP K 227 17.65 -7.21 35.68
CA TRP K 227 18.86 -7.31 34.88
C TRP K 227 18.54 -7.08 33.42
N LYS K 228 17.31 -7.43 33.04
CA LYS K 228 16.85 -7.14 31.70
C LYS K 228 17.08 -5.66 31.36
N GLN K 229 16.97 -4.79 32.36
CA GLN K 229 17.18 -3.35 32.18
C GLN K 229 18.61 -3.01 31.71
N VAL K 230 19.59 -3.78 32.20
CA VAL K 230 20.98 -3.53 31.86
C VAL K 230 21.18 -3.61 30.35
N HIS K 231 20.54 -4.58 29.71
CA HIS K 231 20.61 -4.70 28.27
C HIS K 231 19.96 -3.49 27.60
N LYS K 232 18.78 -3.12 28.07
CA LYS K 232 18.09 -1.94 27.56
C LYS K 232 19.02 -0.73 27.68
N GLN K 233 19.68 -0.62 28.82
CA GLN K 233 20.62 0.45 29.09
C GLN K 233 21.73 0.50 28.05
N VAL K 234 22.26 -0.66 27.68
CA VAL K 234 23.31 -0.74 26.67
C VAL K 234 22.84 -0.16 25.35
N VAL K 235 21.62 -0.52 24.93
CA VAL K 235 21.05 -0.02 23.69
C VAL K 235 20.81 1.49 23.77
N ASP K 236 20.27 1.95 24.89
CA ASP K 236 19.95 3.36 25.08
C ASP K 236 21.21 4.23 25.23
N SER K 237 22.27 3.71 25.83
CA SER K 237 23.50 4.48 26.04
C SER K 237 23.99 5.23 24.84
N ALA K 238 23.91 4.63 23.67
CA ALA K 238 24.32 5.31 22.45
C ALA K 238 23.57 6.64 22.26
N TYR K 239 22.24 6.57 22.35
CA TYR K 239 21.39 7.75 22.18
C TYR K 239 21.62 8.73 23.34
N GLU K 240 21.70 8.19 24.57
CA GLU K 240 21.96 9.00 25.74
C GLU K 240 23.19 9.89 25.53
N VAL K 241 24.27 9.32 25.00
CA VAL K 241 25.52 10.05 24.82
C VAL K 241 25.37 11.08 23.70
N ILE K 242 24.70 10.71 22.61
CA ILE K 242 24.46 11.64 21.51
C ILE K 242 23.63 12.83 21.96
N LYS K 243 22.60 12.56 22.77
CA LYS K 243 21.76 13.60 23.32
C LYS K 243 22.59 14.55 24.18
N LEU K 244 23.58 14.02 24.88
CA LEU K 244 24.35 14.81 25.84
C LEU K 244 25.50 15.59 25.21
N LYS K 245 26.29 14.94 24.36
CA LYS K 245 27.44 15.64 23.80
C LYS K 245 27.41 15.75 22.29
N GLY K 246 26.38 15.19 21.66
CA GLY K 246 26.20 15.33 20.22
C GLY K 246 26.56 14.13 19.36
N TYR K 247 27.38 13.23 19.89
CA TYR K 247 27.89 12.11 19.11
C TYR K 247 28.60 11.14 20.04
N THR K 248 29.00 9.99 19.51
CA THR K 248 29.82 9.03 20.24
C THR K 248 31.13 8.87 19.51
N THR K 249 32.22 8.72 20.25
CA THR K 249 33.55 8.65 19.67
C THR K 249 34.49 7.71 20.41
N TRP K 250 34.78 8.01 21.65
CA TRP K 250 35.93 7.44 22.31
C TRP K 250 35.82 5.94 22.47
N ALA K 251 34.67 5.48 22.92
CA ALA K 251 34.46 4.05 23.15
C ALA K 251 34.57 3.24 21.87
N ILE K 252 34.03 3.76 20.78
CA ILE K 252 34.11 3.08 19.49
C ILE K 252 35.56 3.00 19.06
N GLY K 253 36.30 4.10 19.22
CA GLY K 253 37.71 4.15 18.86
C GLY K 253 38.50 3.07 19.55
N LEU K 254 38.26 2.94 20.85
CA LEU K 254 38.96 1.95 21.64
C LEU K 254 38.56 0.54 21.23
N SER K 255 37.27 0.32 21.02
CA SER K 255 36.77 -0.99 20.61
C SER K 255 37.39 -1.40 19.27
N VAL K 256 37.49 -0.45 18.34
CA VAL K 256 38.02 -0.74 17.03
C VAL K 256 39.52 -1.05 17.11
N ALA K 257 40.25 -0.27 17.90
CA ALA K 257 41.67 -0.51 18.09
C ALA K 257 41.91 -1.91 18.67
N ASP K 258 41.03 -2.35 19.55
CA ASP K 258 41.12 -3.68 20.12
C ASP K 258 41.03 -4.74 19.02
N LEU K 259 40.10 -4.55 18.09
CA LEU K 259 39.97 -5.49 16.98
C LEU K 259 41.21 -5.44 16.10
N ALA K 260 41.68 -4.23 15.83
CA ALA K 260 42.90 -4.06 15.03
C ALA K 260 44.07 -4.78 15.66
N GLU K 261 44.17 -4.74 16.98
CA GLU K 261 45.24 -5.45 17.66
C GLU K 261 45.21 -6.95 17.38
N SER K 262 44.03 -7.56 17.50
CA SER K 262 43.90 -8.99 17.22
C SER K 262 44.32 -9.33 15.80
N ILE K 263 43.98 -8.46 14.86
CA ILE K 263 44.31 -8.68 13.47
C ILE K 263 45.80 -8.49 13.20
N MET K 264 46.34 -7.35 13.61
CA MET K 264 47.72 -7.03 13.29
C MET K 264 48.70 -7.96 14.00
N LYS K 265 48.33 -8.45 15.18
CA LYS K 265 49.21 -9.33 15.94
C LYS K 265 48.82 -10.81 15.87
N ASN K 266 47.81 -11.12 15.08
CA ASN K 266 47.36 -12.49 14.87
C ASN K 266 47.10 -13.24 16.17
N LEU K 267 46.34 -12.61 17.05
CA LEU K 267 46.15 -13.14 18.39
C LEU K 267 45.18 -14.32 18.46
N ARG K 268 44.22 -14.36 17.55
CA ARG K 268 43.18 -15.38 17.58
C ARG K 268 42.38 -15.31 18.89
N ARG K 269 42.01 -14.09 19.26
CA ARG K 269 41.09 -13.86 20.35
C ARG K 269 39.68 -13.95 19.82
N VAL K 270 38.72 -14.17 20.72
CA VAL K 270 37.33 -14.26 20.32
C VAL K 270 36.62 -12.95 20.60
N HIS K 271 35.99 -12.39 19.58
CA HIS K 271 35.25 -11.15 19.69
C HIS K 271 33.83 -11.33 19.15
N PRO K 272 32.85 -10.59 19.73
CA PRO K 272 31.53 -10.61 19.16
C PRO K 272 31.46 -9.61 18.02
N ILE K 273 31.69 -10.09 16.81
CA ILE K 273 31.72 -9.22 15.65
C ILE K 273 30.86 -9.78 14.54
N SER K 274 30.57 -8.92 13.56
CA SER K 274 29.63 -9.24 12.52
C SER K 274 30.30 -9.98 11.38
N THR K 275 29.84 -11.20 11.14
CA THR K 275 30.35 -12.02 10.04
C THR K 275 29.19 -12.67 9.32
N MET K 276 29.45 -13.18 8.11
CA MET K 276 28.37 -13.83 7.37
C MET K 276 28.04 -15.17 7.98
N LEU K 277 26.78 -15.38 8.33
CA LEU K 277 26.48 -16.60 9.09
C LEU K 277 25.57 -17.57 8.37
N LYS K 278 25.49 -17.48 7.06
CA LYS K 278 24.74 -18.46 6.29
C LYS K 278 25.21 -19.84 6.68
N GLY K 279 24.29 -20.71 7.05
CA GLY K 279 24.62 -22.07 7.40
C GLY K 279 24.64 -22.35 8.89
N LEU K 280 24.40 -21.32 9.69
CA LEU K 280 24.37 -21.49 11.15
C LEU K 280 23.02 -21.08 11.71
N TYR K 281 22.60 -21.77 12.76
CA TYR K 281 21.30 -21.53 13.37
C TYR K 281 20.16 -21.51 12.35
N GLY K 282 20.23 -22.37 11.34
CA GLY K 282 19.16 -22.46 10.34
C GLY K 282 18.94 -21.19 9.53
N ILE K 283 19.98 -20.38 9.40
CA ILE K 283 19.93 -19.19 8.57
C ILE K 283 20.40 -19.58 7.18
N LYS K 284 19.60 -19.29 6.16
CA LYS K 284 19.95 -19.71 4.80
C LYS K 284 20.20 -18.54 3.86
N GLU K 285 20.18 -17.33 4.39
CA GLU K 285 20.40 -16.16 3.55
C GLU K 285 21.79 -15.55 3.75
N ASP K 286 22.22 -14.76 2.76
CA ASP K 286 23.46 -14.01 2.88
C ASP K 286 23.32 -12.83 3.82
N VAL K 287 23.42 -13.07 5.12
CA VAL K 287 23.36 -11.99 6.09
C VAL K 287 24.53 -12.02 7.07
N PHE K 288 24.87 -10.83 7.56
CA PHE K 288 25.90 -10.70 8.58
C PHE K 288 25.26 -10.39 9.92
N LEU K 289 25.68 -11.12 10.95
CA LEU K 289 25.28 -10.84 12.33
C LEU K 289 26.44 -11.13 13.25
N SER K 290 26.40 -10.55 14.45
CA SER K 290 27.47 -10.74 15.40
C SER K 290 27.36 -12.10 16.08
N VAL K 291 28.44 -12.85 16.01
CA VAL K 291 28.63 -14.05 16.81
C VAL K 291 30.07 -14.03 17.27
N PRO K 292 30.41 -14.89 18.25
CA PRO K 292 31.79 -14.91 18.71
C PRO K 292 32.71 -15.46 17.64
N CYS K 293 33.64 -14.64 17.17
CA CYS K 293 34.54 -15.03 16.10
C CYS K 293 35.97 -15.04 16.54
N VAL K 294 36.75 -15.96 15.99
CA VAL K 294 38.19 -15.98 16.21
C VAL K 294 38.81 -15.05 15.17
N LEU K 295 39.56 -14.07 15.65
CA LEU K 295 40.07 -13.00 14.81
C LEU K 295 41.59 -13.01 14.81
N GLY K 296 42.17 -12.96 13.62
CA GLY K 296 43.62 -13.08 13.45
C GLY K 296 44.06 -12.40 12.17
N GLN K 297 45.26 -12.74 11.70
CA GLN K 297 45.85 -12.01 10.58
C GLN K 297 45.10 -12.24 9.28
N ASN K 298 44.32 -13.31 9.20
CA ASN K 298 43.52 -13.55 7.99
C ASN K 298 42.05 -13.22 8.19
N GLY K 299 41.76 -12.40 9.18
CA GLY K 299 40.40 -12.04 9.49
C GLY K 299 39.76 -13.15 10.30
N ILE K 300 38.53 -13.49 9.95
CA ILE K 300 37.75 -14.43 10.73
C ILE K 300 37.95 -15.85 10.22
N SER K 301 38.63 -16.65 11.02
CA SER K 301 38.97 -18.02 10.64
C SER K 301 37.96 -19.03 11.17
N ASP K 302 37.36 -18.72 12.30
CA ASP K 302 36.48 -19.67 12.97
C ASP K 302 35.39 -18.93 13.70
N VAL K 303 34.30 -19.63 13.97
CA VAL K 303 33.18 -19.10 14.73
C VAL K 303 32.84 -20.05 15.88
N VAL K 304 32.49 -19.50 17.03
CA VAL K 304 32.12 -20.32 18.17
C VAL K 304 30.62 -20.54 18.15
N LYS K 305 30.20 -21.80 18.20
CA LYS K 305 28.79 -22.14 18.23
C LYS K 305 28.25 -22.00 19.63
N VAL K 306 27.61 -20.87 19.92
CA VAL K 306 27.03 -20.71 21.24
C VAL K 306 25.70 -21.42 21.26
N THR K 307 25.43 -22.10 22.36
CA THR K 307 24.18 -22.83 22.53
C THR K 307 23.06 -21.88 22.94
N LEU K 308 22.03 -21.78 22.10
CA LEU K 308 20.97 -20.79 22.32
C LEU K 308 19.62 -21.41 22.63
N THR K 309 18.82 -20.70 23.42
CA THR K 309 17.46 -21.13 23.68
C THR K 309 16.64 -20.94 22.41
N SER K 310 15.57 -21.71 22.28
CA SER K 310 14.67 -21.57 21.14
C SER K 310 14.20 -20.12 20.95
N GLU K 311 13.99 -19.41 22.04
CA GLU K 311 13.58 -17.99 21.99
C GLU K 311 14.67 -17.16 21.34
N GLU K 312 15.89 -17.30 21.86
CA GLU K 312 17.06 -16.59 21.33
C GLU K 312 17.28 -16.90 19.85
N GLU K 313 17.25 -18.19 19.52
CA GLU K 313 17.42 -18.66 18.15
C GLU K 313 16.39 -18.05 17.21
N ALA K 314 15.15 -17.96 17.66
CA ALA K 314 14.07 -17.37 16.87
C ALA K 314 14.34 -15.89 16.64
N HIS K 315 14.81 -15.22 17.70
CA HIS K 315 15.11 -13.80 17.62
C HIS K 315 16.14 -13.50 16.53
N LEU K 316 17.12 -14.38 16.39
CA LEU K 316 18.16 -14.26 15.37
C LEU K 316 17.60 -14.42 13.97
N LYS K 317 16.79 -15.47 13.79
CA LYS K 317 16.16 -15.74 12.49
C LYS K 317 15.31 -14.55 12.08
N LYS K 318 14.59 -13.97 13.02
CA LYS K 318 13.78 -12.80 12.74
C LYS K 318 14.64 -11.69 12.17
N SER K 319 15.76 -11.41 12.85
CA SER K 319 16.69 -10.37 12.39
C SER K 319 17.23 -10.67 10.99
N ALA K 320 17.58 -11.93 10.74
CA ALA K 320 18.06 -12.32 9.43
C ALA K 320 17.02 -12.05 8.34
N ASP K 321 15.78 -12.43 8.62
CA ASP K 321 14.68 -12.19 7.68
C ASP K 321 14.56 -10.71 7.33
N THR K 322 14.58 -9.87 8.35
CA THR K 322 14.42 -8.43 8.12
C THR K 322 15.56 -7.87 7.29
N LEU K 323 16.78 -8.23 7.66
CA LEU K 323 17.97 -7.75 6.95
C LEU K 323 17.93 -8.17 5.50
N TRP K 324 17.63 -9.44 5.26
CA TRP K 324 17.53 -9.92 3.89
C TRP K 324 16.44 -9.17 3.12
N GLY K 325 15.30 -8.98 3.78
CA GLY K 325 14.20 -8.21 3.20
C GLY K 325 14.65 -6.90 2.59
N ILE K 326 15.54 -6.22 3.29
CA ILE K 326 16.10 -4.96 2.81
C ILE K 326 17.17 -5.18 1.75
N GLN K 327 18.09 -6.10 2.02
CA GLN K 327 19.22 -6.34 1.14
C GLN K 327 18.77 -6.72 -0.26
N LYS K 328 17.73 -7.55 -0.34
CA LYS K 328 17.20 -7.98 -1.64
C LYS K 328 16.65 -6.80 -2.46
N GLU K 329 16.39 -5.67 -1.83
CA GLU K 329 15.80 -4.52 -2.52
C GLU K 329 16.88 -3.52 -2.97
N LEU K 330 18.15 -3.79 -2.67
CA LEU K 330 19.20 -2.81 -2.90
C LEU K 330 19.67 -2.80 -4.34
N GLN K 331 19.99 -1.61 -4.83
CA GLN K 331 20.52 -1.45 -6.18
C GLN K 331 22.03 -1.30 -6.16
N PHE K 332 22.74 -2.29 -6.72
CA PHE K 332 24.19 -2.24 -6.80
C PHE K 332 24.66 -1.73 -8.14
N ALA L 2 83.03 26.91 39.51
CA ALA L 2 81.91 26.48 40.40
C ALA L 2 81.51 25.01 40.21
N ALA L 3 82.38 24.23 39.59
CA ALA L 3 82.15 22.82 39.38
C ALA L 3 80.94 22.51 38.52
N LEU L 4 81.06 22.79 37.23
CA LEU L 4 80.13 22.32 36.19
C LEU L 4 78.65 22.17 36.47
N LYS L 5 78.20 21.22 37.29
CA LYS L 5 76.82 21.11 37.64
C LYS L 5 76.20 22.45 38.04
N ASP L 6 76.93 23.24 38.85
CA ASP L 6 76.42 24.53 39.31
C ASP L 6 76.40 25.57 38.21
N GLN L 7 77.34 25.48 37.28
CA GLN L 7 77.38 26.39 36.14
C GLN L 7 76.26 26.11 35.15
N LEU L 8 75.81 24.86 35.12
CA LEU L 8 74.83 24.42 34.13
C LEU L 8 73.39 24.41 34.66
N ILE L 9 73.21 23.96 35.89
CA ILE L 9 71.90 23.83 36.47
C ILE L 9 71.68 24.81 37.61
N HIS L 10 70.60 25.58 37.51
CA HIS L 10 70.17 26.47 38.55
C HIS L 10 69.08 25.79 39.40
N ASN L 11 69.39 25.57 40.67
CA ASN L 11 68.47 24.86 41.56
C ASN L 11 67.38 25.80 42.07
N LEU L 12 66.16 25.29 42.16
CA LEU L 12 65.02 26.07 42.67
C LEU L 12 64.43 25.49 43.93
N LEU L 13 64.84 24.28 44.30
CA LEU L 13 64.14 23.54 45.33
C LEU L 13 65.07 22.53 45.94
N LYS L 14 65.28 22.63 47.24
CA LYS L 14 65.95 21.63 48.04
C LYS L 14 64.92 20.53 48.22
N GLU L 15 65.11 19.44 47.51
CA GLU L 15 64.15 18.35 47.52
C GLU L 15 64.38 17.42 48.70
N GLU L 16 63.34 16.75 49.16
CA GLU L 16 63.55 15.49 49.91
C GLU L 16 62.70 14.43 49.27
N HIS L 17 63.32 13.30 48.98
CA HIS L 17 62.69 12.30 48.12
C HIS L 17 61.76 11.42 48.93
N VAL L 18 60.47 11.34 48.59
CA VAL L 18 59.64 10.24 49.08
C VAL L 18 59.09 9.58 47.84
N PRO L 19 59.37 8.29 47.64
CA PRO L 19 58.78 7.63 46.48
C PRO L 19 57.28 7.40 46.64
N GLN L 20 56.56 7.48 45.52
CA GLN L 20 55.13 7.42 45.52
C GLN L 20 54.63 6.04 45.25
N ASN L 21 55.36 5.27 44.44
CA ASN L 21 54.89 3.97 43.99
C ASN L 21 56.04 2.96 44.03
N LYS L 22 56.58 2.77 45.22
CA LYS L 22 57.77 1.95 45.39
C LYS L 22 57.44 0.47 45.57
N ILE L 23 58.22 -0.37 44.90
CA ILE L 23 58.11 -1.80 45.03
C ILE L 23 59.44 -2.38 45.43
N THR L 24 59.41 -3.32 46.36
CA THR L 24 60.60 -4.02 46.81
C THR L 24 60.50 -5.49 46.43
N VAL L 25 61.59 -6.04 45.89
CA VAL L 25 61.69 -7.46 45.69
C VAL L 25 62.75 -8.05 46.62
N VAL L 26 62.35 -9.05 47.40
CA VAL L 26 63.25 -9.74 48.30
C VAL L 26 63.69 -11.06 47.66
N GLY L 27 64.98 -11.18 47.44
CA GLY L 27 65.54 -12.35 46.77
C GLY L 27 65.87 -12.01 45.34
N VAL L 28 67.13 -12.19 44.95
CA VAL L 28 67.56 -11.91 43.57
C VAL L 28 68.08 -13.18 42.91
N GLY L 29 67.43 -14.29 43.23
CA GLY L 29 67.58 -15.50 42.44
C GLY L 29 66.82 -15.34 41.13
N ALA L 30 66.74 -16.41 40.36
CA ALA L 30 66.13 -16.33 39.04
C ALA L 30 64.71 -15.78 39.09
N VAL L 31 63.94 -16.24 40.08
CA VAL L 31 62.55 -15.84 40.22
C VAL L 31 62.44 -14.36 40.59
N GLY L 32 63.22 -13.94 41.58
CA GLY L 32 63.24 -12.54 41.98
C GLY L 32 63.56 -11.62 40.81
N MET L 33 64.59 -11.97 40.05
CA MET L 33 65.03 -11.12 38.94
C MET L 33 64.01 -11.10 37.82
N ALA L 34 63.31 -12.21 37.62
CA ALA L 34 62.24 -12.26 36.64
C ALA L 34 61.08 -11.35 37.04
N CYS L 35 60.75 -11.36 38.33
CA CYS L 35 59.75 -10.43 38.84
C CYS L 35 60.23 -9.00 38.62
N ALA L 36 61.47 -8.72 38.96
CA ALA L 36 62.02 -7.38 38.83
C ALA L 36 61.91 -6.86 37.40
N ILE L 37 62.42 -7.62 36.45
CA ILE L 37 62.44 -7.16 35.07
C ILE L 37 61.02 -6.98 34.53
N SER L 38 60.12 -7.88 34.88
CA SER L 38 58.74 -7.78 34.41
C SER L 38 58.08 -6.51 34.96
N ILE L 39 58.36 -6.20 36.21
CA ILE L 39 57.81 -5.02 36.84
C ILE L 39 58.38 -3.75 36.21
N LEU L 40 59.70 -3.74 35.97
CA LEU L 40 60.33 -2.58 35.36
C LEU L 40 59.77 -2.29 33.98
N MET L 41 59.48 -3.35 33.23
CA MET L 41 59.02 -3.18 31.86
C MET L 41 57.55 -2.86 31.76
N LYS L 42 56.83 -2.88 32.87
CA LYS L 42 55.42 -2.50 32.86
C LYS L 42 55.17 -1.15 33.53
N ASP L 43 56.25 -0.43 33.85
CA ASP L 43 56.15 0.91 34.44
C ASP L 43 55.21 0.96 35.62
N LEU L 44 55.39 0.03 36.56
CA LEU L 44 54.52 -0.06 37.72
C LEU L 44 55.07 0.70 38.91
N ALA L 45 56.33 1.07 38.88
CA ALA L 45 56.99 1.66 40.03
C ALA L 45 57.85 2.85 39.67
N ASP L 46 57.96 3.81 40.58
CA ASP L 46 58.89 4.94 40.41
C ASP L 46 60.19 4.70 41.17
N GLU L 47 60.20 3.66 42.00
CA GLU L 47 61.43 3.23 42.64
C GLU L 47 61.34 1.73 42.89
N LEU L 48 62.41 1.03 42.57
CA LEU L 48 62.49 -0.41 42.79
C LEU L 48 63.67 -0.73 43.68
N ALA L 49 63.41 -1.51 44.74
CA ALA L 49 64.45 -1.92 45.67
C ALA L 49 64.65 -3.42 45.63
N LEU L 50 65.90 -3.83 45.68
CA LEU L 50 66.28 -5.23 45.72
C LEU L 50 67.03 -5.53 46.99
N VAL L 51 66.64 -6.60 47.67
CA VAL L 51 67.31 -7.02 48.89
C VAL L 51 67.62 -8.50 48.84
N ASP L 52 68.81 -8.87 49.30
CA ASP L 52 69.22 -10.27 49.45
C ASP L 52 70.40 -10.31 50.41
N VAL L 53 70.85 -11.51 50.74
CA VAL L 53 72.00 -11.67 51.66
C VAL L 53 73.34 -11.71 50.92
N MET L 54 73.31 -12.15 49.65
CA MET L 54 74.52 -12.21 48.84
CA MET L 54 74.52 -12.22 48.85
C MET L 54 74.85 -10.86 48.23
N GLU L 55 75.75 -10.12 48.88
CA GLU L 55 76.06 -8.74 48.52
C GLU L 55 76.59 -8.53 47.11
N ASP L 56 77.43 -9.45 46.65
CA ASP L 56 78.00 -9.34 45.31
C ASP L 56 76.97 -9.49 44.21
N LYS L 57 76.25 -10.61 44.24
CA LYS L 57 75.18 -10.86 43.29
C LYS L 57 74.20 -9.68 43.29
N LEU L 58 73.87 -9.20 44.48
CA LEU L 58 72.93 -8.11 44.65
C LEU L 58 73.38 -6.85 43.92
N LYS L 59 74.59 -6.42 44.22
CA LYS L 59 75.14 -5.24 43.63
C LYS L 59 75.25 -5.37 42.11
N GLY L 60 75.62 -6.56 41.65
CA GLY L 60 75.79 -6.79 40.22
C GLY L 60 74.48 -6.69 39.46
N GLU L 61 73.43 -7.29 40.01
CA GLU L 61 72.10 -7.22 39.42
C GLU L 61 71.61 -5.79 39.38
N MET L 62 71.82 -5.05 40.46
CA MET L 62 71.44 -3.66 40.51
C MET L 62 72.10 -2.85 39.41
N MET L 63 73.41 -3.00 39.28
CA MET L 63 74.17 -2.24 38.28
C MET L 63 73.69 -2.57 36.87
N ASP L 64 73.51 -3.86 36.61
CA ASP L 64 73.08 -4.31 35.29
C ASP L 64 71.75 -3.62 34.92
N LEU L 65 70.81 -3.59 35.85
CA LEU L 65 69.54 -2.91 35.62
C LEU L 65 69.70 -1.41 35.44
N GLN L 66 70.50 -0.78 36.29
CA GLN L 66 70.74 0.66 36.18
C GLN L 66 71.29 1.06 34.83
N HIS L 67 72.14 0.22 34.26
CA HIS L 67 72.75 0.55 32.98
C HIS L 67 71.71 0.63 31.87
N GLY L 68 70.55 0.02 32.09
CA GLY L 68 69.45 0.07 31.15
C GLY L 68 68.47 1.20 31.37
N SER L 69 68.79 2.12 32.30
CA SER L 69 67.87 3.19 32.67
C SER L 69 67.33 3.99 31.49
N LEU L 70 68.17 4.18 30.48
CA LEU L 70 67.78 4.92 29.29
C LEU L 70 66.54 4.31 28.64
N PHE L 71 66.40 3.00 28.76
CA PHE L 71 65.31 2.29 28.09
C PHE L 71 64.15 1.99 29.01
N LEU L 72 64.17 2.58 30.20
CA LEU L 72 63.12 2.34 31.18
C LEU L 72 62.50 3.66 31.62
N ARG L 73 61.43 3.58 32.39
CA ARG L 73 60.74 4.75 32.91
C ARG L 73 60.61 4.60 34.43
N THR L 74 61.61 3.96 35.04
CA THR L 74 61.68 3.83 36.46
C THR L 74 62.99 4.45 36.88
N PRO L 75 62.93 5.66 37.43
CA PRO L 75 64.15 6.46 37.60
C PRO L 75 65.10 5.99 38.70
N LYS L 76 64.63 5.20 39.66
CA LYS L 76 65.47 4.84 40.79
C LYS L 76 65.47 3.35 41.06
N ILE L 77 66.64 2.77 41.02
CA ILE L 77 66.80 1.37 41.35
C ILE L 77 67.85 1.28 42.42
N VAL L 78 67.52 0.64 43.53
CA VAL L 78 68.42 0.57 44.67
C VAL L 78 68.46 -0.84 45.24
N SER L 79 69.50 -1.11 46.02
CA SER L 79 69.67 -2.42 46.61
C SER L 79 70.49 -2.32 47.88
N GLY L 80 70.50 -3.39 48.65
CA GLY L 80 71.31 -3.45 49.85
C GLY L 80 70.95 -4.66 50.68
N LYS L 81 71.87 -5.03 51.57
CA LYS L 81 71.64 -6.09 52.55
C LYS L 81 70.76 -5.55 53.68
N ASP L 82 70.89 -4.25 53.94
CA ASP L 82 70.16 -3.58 54.99
C ASP L 82 68.77 -3.15 54.53
N TYR L 83 67.73 -3.52 55.29
CA TYR L 83 66.36 -3.28 54.88
C TYR L 83 65.92 -1.82 54.86
N SER L 84 66.72 -0.93 55.43
CA SER L 84 66.42 0.50 55.31
C SER L 84 66.19 0.92 53.85
N VAL L 85 66.87 0.28 52.90
CA VAL L 85 66.67 0.62 51.49
C VAL L 85 65.25 0.30 50.99
N THR L 86 64.49 -0.47 51.76
CA THR L 86 63.13 -0.85 51.36
C THR L 86 62.07 0.09 51.90
N ALA L 87 62.47 1.15 52.58
CA ALA L 87 61.52 2.02 53.23
C ALA L 87 60.45 2.58 52.28
N ASN L 88 59.22 2.63 52.77
CA ASN L 88 58.10 3.23 52.06
C ASN L 88 57.67 2.48 50.82
N SER L 89 57.82 1.16 50.84
CA SER L 89 57.32 0.36 49.73
C SER L 89 55.82 0.26 49.87
N LYS L 90 55.11 0.37 48.74
CA LYS L 90 53.68 0.07 48.73
C LYS L 90 53.47 -1.41 48.64
N LEU L 91 54.42 -2.10 48.02
CA LEU L 91 54.31 -3.52 47.75
C LEU L 91 55.66 -4.19 47.90
N VAL L 92 55.69 -5.27 48.65
CA VAL L 92 56.90 -6.03 48.88
C VAL L 92 56.69 -7.47 48.43
N ILE L 93 57.55 -7.93 47.55
CA ILE L 93 57.42 -9.24 46.95
C ILE L 93 58.51 -10.14 47.53
N ILE L 94 58.10 -11.26 48.10
CA ILE L 94 59.03 -12.16 48.78
C ILE L 94 59.27 -13.41 47.96
N THR L 95 60.51 -13.57 47.47
CA THR L 95 60.90 -14.73 46.70
C THR L 95 61.98 -15.55 47.38
N ALA L 96 62.52 -15.06 48.49
CA ALA L 96 63.55 -15.82 49.22
C ALA L 96 62.96 -17.01 49.96
N GLY L 97 63.76 -18.03 50.16
CA GLY L 97 63.28 -19.24 50.81
C GLY L 97 64.29 -20.38 50.73
N ALA L 98 64.06 -21.41 51.52
CA ALA L 98 64.95 -22.54 51.62
C ALA L 98 64.53 -23.57 50.60
N ARG L 99 65.54 -24.19 49.96
CA ARG L 99 65.32 -25.29 49.03
C ARG L 99 65.20 -26.59 49.83
N GLN L 100 64.28 -27.45 49.43
CA GLN L 100 64.09 -28.74 50.10
C GLN L 100 65.30 -29.69 49.90
N GLN L 101 65.65 -30.44 50.95
CA GLN L 101 66.74 -31.37 50.87
C GLN L 101 66.27 -32.82 50.85
N GLU L 102 67.16 -33.71 50.42
CA GLU L 102 66.82 -35.10 50.25
C GLU L 102 66.49 -35.76 51.60
N GLY L 103 65.31 -36.37 51.64
CA GLY L 103 64.82 -37.08 52.80
C GLY L 103 64.11 -36.21 53.81
N GLU L 104 63.99 -34.92 53.52
CA GLU L 104 63.55 -33.96 54.50
C GLU L 104 62.04 -33.95 54.61
N SER L 105 61.52 -33.97 55.83
CA SER L 105 60.10 -33.93 56.08
C SER L 105 59.52 -32.56 55.71
N ARG L 106 58.23 -32.54 55.43
CA ARG L 106 57.56 -31.30 55.08
C ARG L 106 57.69 -30.30 56.20
N LEU L 107 57.45 -30.75 57.43
CA LEU L 107 57.49 -29.90 58.59
C LEU L 107 58.87 -29.27 58.75
N ASN L 108 59.91 -30.06 58.54
CA ASN L 108 61.25 -29.57 58.68
C ASN L 108 61.58 -28.47 57.67
N LEU L 109 61.16 -28.70 56.42
CA LEU L 109 61.38 -27.72 55.36
C LEU L 109 60.72 -26.38 55.72
N VAL L 110 59.44 -26.44 56.07
CA VAL L 110 58.73 -25.24 56.44
C VAL L 110 59.42 -24.52 57.58
N GLN L 111 59.82 -25.25 58.61
CA GLN L 111 60.47 -24.65 59.77
C GLN L 111 61.71 -23.88 59.39
N ARG L 112 62.51 -24.44 58.49
CA ARG L 112 63.70 -23.76 58.01
C ARG L 112 63.34 -22.41 57.36
N ASN L 113 62.24 -22.40 56.63
CA ASN L 113 61.74 -21.17 56.03
C ASN L 113 61.22 -20.19 57.06
N VAL L 114 60.53 -20.72 58.07
CA VAL L 114 60.07 -19.87 59.15
C VAL L 114 61.25 -19.12 59.72
N ASN L 115 62.35 -19.81 59.94
CA ASN L 115 63.53 -19.19 60.53
C ASN L 115 64.06 -18.06 59.66
N ILE L 116 64.00 -18.25 58.35
CA ILE L 116 64.42 -17.21 57.43
C ILE L 116 63.43 -16.02 57.49
N PHE L 117 62.13 -16.34 57.45
CA PHE L 117 61.10 -15.31 57.48
C PHE L 117 61.12 -14.51 58.78
N LYS L 118 61.56 -15.16 59.86
CA LYS L 118 61.67 -14.50 61.15
C LYS L 118 62.66 -13.34 61.09
N PHE L 119 63.61 -13.40 60.16
CA PHE L 119 64.54 -12.30 59.96
C PHE L 119 63.96 -11.28 58.96
N ILE L 120 63.44 -11.78 57.85
CA ILE L 120 62.97 -10.93 56.78
C ILE L 120 61.75 -10.07 57.16
N ILE L 121 60.69 -10.72 57.60
CA ILE L 121 59.40 -10.03 57.75
C ILE L 121 59.45 -8.84 58.72
N PRO L 122 59.98 -9.05 59.92
CA PRO L 122 60.04 -7.93 60.86
C PRO L 122 60.77 -6.73 60.30
N ASN L 123 61.84 -6.98 59.54
CA ASN L 123 62.58 -5.89 58.91
C ASN L 123 61.77 -5.18 57.84
N VAL L 124 61.01 -5.94 57.07
CA VAL L 124 60.16 -5.35 56.06
C VAL L 124 59.13 -4.45 56.71
N VAL L 125 58.42 -4.98 57.71
CA VAL L 125 57.33 -4.25 58.34
C VAL L 125 57.83 -3.01 59.07
N LYS L 126 59.05 -3.10 59.59
CA LYS L 126 59.65 -1.99 60.27
C LYS L 126 59.75 -0.77 59.37
N TYR L 127 60.19 -0.97 58.13
CA TYR L 127 60.43 0.15 57.23
C TYR L 127 59.27 0.49 56.29
N SER L 128 58.33 -0.42 56.14
CA SER L 128 57.18 -0.18 55.28
C SER L 128 55.93 -0.72 55.98
N PRO L 129 55.52 -0.07 57.08
CA PRO L 129 54.42 -0.56 57.90
C PRO L 129 53.08 -0.63 57.20
N HIS L 130 52.92 0.10 56.08
CA HIS L 130 51.64 0.10 55.36
C HIS L 130 51.65 -0.69 54.05
N CYS L 131 52.69 -1.45 53.81
CA CYS L 131 52.83 -2.18 52.55
C CYS L 131 51.88 -3.34 52.47
N LYS L 132 51.73 -3.87 51.26
CA LYS L 132 51.11 -5.17 51.06
C LYS L 132 52.24 -6.15 50.83
N LEU L 133 52.06 -7.36 51.37
CA LEU L 133 53.03 -8.43 51.19
C LEU L 133 52.50 -9.40 50.16
N LEU L 134 53.35 -9.73 49.19
CA LEU L 134 53.03 -10.73 48.21
C LEU L 134 54.09 -11.82 48.30
N VAL L 135 53.65 -13.00 48.75
CA VAL L 135 54.56 -14.11 48.97
C VAL L 135 54.54 -15.04 47.77
N VAL L 136 55.74 -15.35 47.26
CA VAL L 136 55.90 -16.20 46.08
C VAL L 136 56.61 -17.52 46.43
N SER L 137 57.48 -17.47 47.42
CA SER L 137 58.25 -18.65 47.85
C SER L 137 57.36 -19.85 48.16
N ASN L 138 57.90 -21.05 47.93
CA ASN L 138 57.16 -22.28 48.20
C ASN L 138 57.61 -22.96 49.47
N PRO L 139 56.69 -23.67 50.14
CA PRO L 139 55.29 -23.81 49.71
C PRO L 139 54.44 -22.58 50.05
N VAL L 140 53.82 -22.03 49.02
CA VAL L 140 53.30 -20.67 49.10
C VAL L 140 52.16 -20.51 50.08
N ASP L 141 51.24 -21.46 50.13
CA ASP L 141 50.07 -21.33 51.00
C ASP L 141 50.50 -21.29 52.46
N ILE L 142 51.47 -22.11 52.81
CA ILE L 142 51.96 -22.17 54.19
C ILE L 142 52.80 -20.95 54.54
N LEU L 143 53.67 -20.55 53.63
CA LEU L 143 54.56 -19.42 53.89
C LEU L 143 53.82 -18.10 53.92
N THR L 144 52.71 -18.03 53.21
CA THR L 144 51.85 -16.85 53.27
C THR L 144 51.26 -16.74 54.67
N TYR L 145 50.84 -17.87 55.23
CA TYR L 145 50.38 -17.92 56.61
C TYR L 145 51.48 -17.46 57.57
N VAL L 146 52.70 -17.96 57.38
CA VAL L 146 53.81 -17.60 58.25
C VAL L 146 54.05 -16.10 58.23
N ALA L 147 54.08 -15.53 57.03
CA ALA L 147 54.31 -14.09 56.87
C ALA L 147 53.21 -13.29 57.55
N TRP L 148 51.97 -13.75 57.42
CA TRP L 148 50.83 -13.11 58.06
C TRP L 148 51.01 -13.11 59.58
N LYS L 149 51.28 -14.29 60.13
CA LYS L 149 51.51 -14.48 61.55
C LYS L 149 52.59 -13.56 62.09
N ILE L 150 53.75 -13.55 61.44
CA ILE L 150 54.88 -12.78 61.91
C ILE L 150 54.70 -11.28 61.71
N SER L 151 54.04 -10.89 60.63
CA SER L 151 53.90 -9.47 60.31
C SER L 151 52.92 -8.80 61.25
N GLY L 152 51.91 -9.53 61.67
CA GLY L 152 50.78 -8.94 62.39
C GLY L 152 49.91 -8.05 61.53
N PHE L 153 50.07 -8.12 60.21
CA PHE L 153 49.22 -7.36 59.30
C PHE L 153 47.83 -7.95 59.28
N PRO L 154 46.84 -7.13 58.95
CA PRO L 154 45.51 -7.67 58.69
C PRO L 154 45.53 -8.52 57.42
N LYS L 155 44.66 -9.51 57.34
CA LYS L 155 44.73 -10.54 56.31
C LYS L 155 44.58 -10.04 54.87
N ASN L 156 43.85 -8.96 54.68
CA ASN L 156 43.66 -8.42 53.33
C ASN L 156 44.98 -7.98 52.70
N ARG L 157 46.01 -7.79 53.51
CA ARG L 157 47.25 -7.22 53.04
C ARG L 157 48.39 -8.23 52.93
N VAL L 158 48.09 -9.50 53.20
CA VAL L 158 49.08 -10.54 53.01
C VAL L 158 48.54 -11.50 51.97
N ILE L 159 49.24 -11.58 50.85
CA ILE L 159 48.76 -12.28 49.67
C ILE L 159 49.77 -13.31 49.20
N GLY L 160 49.29 -14.51 48.88
CA GLY L 160 50.13 -15.54 48.30
C GLY L 160 49.83 -15.66 46.82
N SER L 161 50.86 -15.87 46.00
CA SER L 161 50.67 -15.99 44.56
C SER L 161 49.83 -17.21 44.21
N GLY L 162 49.80 -18.20 45.08
CA GLY L 162 48.92 -19.35 44.95
C GLY L 162 48.84 -19.94 43.56
N CYS L 163 47.62 -20.09 43.06
CA CYS L 163 47.36 -20.77 41.79
C CYS L 163 47.21 -19.83 40.60
N ASN L 164 47.71 -18.61 40.72
CA ASN L 164 47.63 -17.65 39.62
C ASN L 164 48.33 -18.19 38.38
N LEU L 165 49.56 -18.66 38.54
CA LEU L 165 50.32 -19.18 37.42
C LEU L 165 49.76 -20.51 36.92
N ASP L 166 49.38 -21.38 37.84
CA ASP L 166 48.79 -22.67 37.46
C ASP L 166 47.57 -22.47 36.55
N SER L 167 46.72 -21.51 36.90
CA SER L 167 45.55 -21.18 36.08
C SER L 167 45.98 -20.63 34.71
N ALA L 168 47.04 -19.85 34.70
CA ALA L 168 47.55 -19.31 33.43
C ALA L 168 48.08 -20.41 32.52
N ARG L 169 48.80 -21.37 33.11
CA ARG L 169 49.28 -22.53 32.37
C ARG L 169 48.10 -23.31 31.84
N PHE L 170 47.08 -23.46 32.68
CA PHE L 170 45.91 -24.20 32.30
C PHE L 170 45.23 -23.59 31.08
N ARG L 171 45.10 -22.28 31.08
CA ARG L 171 44.44 -21.60 29.97
C ARG L 171 45.27 -21.68 28.70
N TYR L 172 46.58 -21.63 28.84
CA TYR L 172 47.47 -21.79 27.69
C TYR L 172 47.25 -23.16 27.02
N LEU L 173 47.20 -24.20 27.85
CA LEU L 173 47.00 -25.56 27.36
C LEU L 173 45.63 -25.77 26.74
N MET L 174 44.59 -25.19 27.35
CA MET L 174 43.27 -25.20 26.76
C MET L 174 43.30 -24.55 25.38
N GLY L 175 43.98 -23.41 25.30
CA GLY L 175 44.10 -22.69 24.05
C GLY L 175 44.79 -23.49 22.97
N GLU L 176 45.83 -24.21 23.35
CA GLU L 176 46.52 -25.08 22.39
C GLU L 176 45.58 -26.12 21.82
N ARG L 177 44.77 -26.72 22.67
CA ARG L 177 43.83 -27.73 22.23
C ARG L 177 42.69 -27.20 21.37
N LEU L 178 42.27 -25.96 21.61
CA LEU L 178 41.10 -25.41 20.93
C LEU L 178 41.45 -24.48 19.78
N GLY L 179 42.72 -24.08 19.67
CA GLY L 179 43.14 -23.19 18.59
C GLY L 179 42.76 -21.73 18.81
N VAL L 180 42.63 -21.36 20.07
CA VAL L 180 42.23 -20.01 20.47
C VAL L 180 43.25 -19.49 21.50
N HIS L 181 43.38 -18.17 21.58
CA HIS L 181 44.35 -17.58 22.50
C HIS L 181 43.97 -17.87 23.94
N ALA L 182 44.96 -17.94 24.81
CA ALA L 182 44.72 -18.19 26.24
C ALA L 182 43.78 -17.16 26.84
N LEU L 183 43.83 -15.93 26.33
CA LEU L 183 42.99 -14.85 26.82
C LEU L 183 41.52 -15.12 26.68
N SER L 184 41.15 -15.96 25.70
CA SER L 184 39.75 -16.22 25.43
C SER L 184 39.30 -17.57 25.96
N CYS L 185 40.21 -18.30 26.58
CA CYS L 185 39.88 -19.54 27.28
C CYS L 185 39.79 -19.26 28.75
N HIS L 186 38.73 -19.72 29.40
CA HIS L 186 38.57 -19.46 30.82
C HIS L 186 38.51 -20.75 31.62
N GLY L 187 39.25 -20.77 32.72
CA GLY L 187 39.33 -21.94 33.57
C GLY L 187 40.03 -21.60 34.87
N TRP L 188 39.64 -22.27 35.94
CA TRP L 188 40.12 -21.94 37.26
C TRP L 188 40.70 -23.14 38.00
N ILE L 189 41.90 -22.96 38.52
CA ILE L 189 42.54 -23.93 39.38
C ILE L 189 42.58 -23.33 40.78
N LEU L 190 42.02 -24.03 41.75
CA LEU L 190 41.87 -23.50 43.09
C LEU L 190 42.49 -24.38 44.15
N GLY L 191 42.52 -23.87 45.38
CA GLY L 191 42.96 -24.62 46.53
C GLY L 191 44.44 -24.55 46.78
N GLU L 192 45.00 -25.69 47.14
CA GLU L 192 46.40 -25.79 47.50
C GLU L 192 47.25 -25.84 46.25
N HIS L 193 48.24 -24.97 46.20
CA HIS L 193 49.16 -24.91 45.07
C HIS L 193 49.95 -26.21 44.97
N GLY L 194 50.10 -26.73 43.74
CA GLY L 194 50.84 -27.99 43.54
C GLY L 194 49.95 -29.18 43.30
N ASP L 195 50.41 -30.36 43.67
CA ASP L 195 49.71 -31.62 43.27
C ASP L 195 48.28 -31.74 43.78
N SER L 196 47.88 -31.01 44.81
CA SER L 196 46.51 -31.13 45.35
C SER L 196 45.54 -30.05 44.85
N SER L 197 45.93 -29.31 43.82
CA SER L 197 45.07 -28.26 43.27
C SER L 197 43.78 -28.84 42.74
N VAL L 198 42.74 -28.03 42.72
CA VAL L 198 41.43 -28.45 42.24
C VAL L 198 41.10 -27.74 40.93
N PRO L 199 41.01 -28.50 39.83
CA PRO L 199 40.50 -27.92 38.60
C PRO L 199 38.98 -27.88 38.62
N VAL L 200 38.41 -26.69 38.50
CA VAL L 200 36.97 -26.53 38.53
C VAL L 200 36.39 -26.66 37.12
N TRP L 201 36.05 -27.91 36.78
CA TRP L 201 35.60 -28.25 35.43
C TRP L 201 34.33 -27.52 35.05
N SER L 202 33.42 -27.36 36.01
CA SER L 202 32.15 -26.72 35.76
CA SER L 202 32.14 -26.70 35.81
C SER L 202 32.30 -25.31 35.18
N GLY L 203 33.34 -24.59 35.61
CA GLY L 203 33.56 -23.21 35.22
C GLY L 203 34.31 -22.98 33.92
N MET L 204 34.72 -24.05 33.25
CA MET L 204 35.52 -23.90 32.04
C MET L 204 34.70 -23.54 30.84
N ASN L 205 35.07 -22.46 30.16
CA ASN L 205 34.28 -21.96 29.05
C ASN L 205 35.07 -21.16 28.02
N VAL L 206 34.50 -21.07 26.83
CA VAL L 206 34.94 -20.16 25.80
C VAL L 206 33.71 -19.39 25.36
N ALA L 207 33.80 -18.07 25.34
CA ALA L 207 32.68 -17.20 24.99
C ALA L 207 31.43 -17.53 25.83
N GLY L 208 31.65 -17.96 27.06
CA GLY L 208 30.54 -18.24 27.95
C GLY L 208 29.83 -19.57 27.69
N VAL L 209 30.38 -20.39 26.80
CA VAL L 209 29.84 -21.71 26.52
C VAL L 209 30.55 -22.73 27.40
N SER L 210 29.81 -23.35 28.31
CA SER L 210 30.40 -24.31 29.24
C SER L 210 30.79 -25.61 28.54
N LEU L 211 32.06 -25.99 28.68
CA LEU L 211 32.58 -27.20 28.04
C LEU L 211 31.95 -28.44 28.66
N LYS L 212 31.73 -28.40 29.97
CA LYS L 212 31.12 -29.54 30.69
C LYS L 212 29.72 -29.86 30.15
N THR L 213 29.01 -28.85 29.69
CA THR L 213 27.69 -29.03 29.08
C THR L 213 27.76 -29.71 27.72
N LEU L 214 28.78 -29.38 26.93
CA LEU L 214 28.94 -29.99 25.62
C LEU L 214 29.56 -31.37 25.68
N HIS L 215 30.28 -31.66 26.76
CA HIS L 215 31.07 -32.87 26.89
C HIS L 215 30.97 -33.29 28.34
N PRO L 216 29.85 -33.92 28.72
CA PRO L 216 29.58 -34.17 30.14
C PRO L 216 30.63 -35.02 30.86
N GLU L 217 31.42 -35.79 30.15
CA GLU L 217 32.41 -36.66 30.76
C GLU L 217 33.72 -35.88 31.04
N LEU L 218 33.76 -34.61 30.67
CA LEU L 218 34.92 -33.75 30.90
C LEU L 218 35.42 -33.82 32.34
N GLY L 219 36.69 -34.17 32.49
CA GLY L 219 37.30 -34.22 33.82
C GLY L 219 37.15 -35.55 34.53
N THR L 220 36.42 -36.49 33.94
CA THR L 220 36.27 -37.82 34.50
C THR L 220 37.27 -38.77 33.82
N ASP L 221 37.17 -40.06 34.14
CA ASP L 221 38.01 -41.07 33.49
C ASP L 221 37.33 -41.66 32.24
N ALA L 222 36.01 -41.67 32.24
CA ALA L 222 35.22 -41.97 31.04
C ALA L 222 35.58 -41.03 29.88
N ASP L 223 36.21 -39.91 30.22
CA ASP L 223 36.57 -38.87 29.24
C ASP L 223 37.59 -39.38 28.22
N LYS L 224 37.11 -39.63 27.01
CA LYS L 224 37.92 -40.14 25.92
C LYS L 224 38.92 -39.13 25.38
N GLU L 225 38.76 -37.86 25.76
CA GLU L 225 39.70 -36.80 25.35
C GLU L 225 40.73 -36.52 26.44
N GLN L 226 40.61 -37.21 27.57
CA GLN L 226 41.57 -37.09 28.68
C GLN L 226 41.85 -35.64 29.07
N TRP L 227 40.82 -34.89 29.38
CA TRP L 227 41.03 -33.52 29.83
C TRP L 227 41.62 -33.51 31.21
N LYS L 228 41.32 -34.54 31.98
CA LYS L 228 41.94 -34.72 33.27
C LYS L 228 43.46 -34.62 33.16
N GLN L 229 44.02 -35.08 32.04
CA GLN L 229 45.46 -34.99 31.79
C GLN L 229 46.01 -33.58 31.78
N VAL L 230 45.20 -32.65 31.27
CA VAL L 230 45.62 -31.25 31.17
C VAL L 230 45.96 -30.70 32.55
N HIS L 231 45.16 -31.05 33.55
CA HIS L 231 45.44 -30.65 34.92
C HIS L 231 46.73 -31.29 35.42
N LYS L 232 46.90 -32.57 35.16
CA LYS L 232 48.14 -33.26 35.52
C LYS L 232 49.32 -32.54 34.87
N GLN L 233 49.15 -32.17 33.61
CA GLN L 233 50.17 -31.45 32.88
C GLN L 233 50.55 -30.13 33.56
N VAL L 234 49.55 -29.41 34.08
CA VAL L 234 49.84 -28.17 34.78
C VAL L 234 50.70 -28.40 36.01
N VAL L 235 50.38 -29.44 36.77
CA VAL L 235 51.18 -29.82 37.95
C VAL L 235 52.61 -30.23 37.55
N ASP L 236 52.71 -31.04 36.52
CA ASP L 236 54.00 -31.55 36.07
C ASP L 236 54.87 -30.48 35.41
N SER L 237 54.27 -29.50 34.76
CA SER L 237 55.00 -28.41 34.09
C SER L 237 56.19 -27.88 34.82
N ALA L 238 56.00 -27.64 36.12
CA ALA L 238 57.10 -27.09 36.92
C ALA L 238 58.33 -28.01 36.86
N TYR L 239 58.13 -29.31 37.12
CA TYR L 239 59.20 -30.30 37.09
C TYR L 239 59.74 -30.48 35.69
N GLU L 240 58.84 -30.56 34.72
CA GLU L 240 59.21 -30.66 33.31
C GLU L 240 60.26 -29.59 32.94
N VAL L 241 59.99 -28.34 33.34
CA VAL L 241 60.87 -27.23 33.00
C VAL L 241 62.18 -27.30 33.77
N ILE L 242 62.10 -27.68 35.04
CA ILE L 242 63.32 -27.85 35.86
C ILE L 242 64.22 -28.92 35.28
N LYS L 243 63.62 -30.02 34.85
CA LYS L 243 64.37 -31.10 34.23
C LYS L 243 65.09 -30.59 32.98
N LEU L 244 64.45 -29.69 32.25
CA LEU L 244 64.95 -29.26 30.96
C LEU L 244 65.98 -28.13 31.06
N LYS L 245 65.70 -27.09 31.84
CA LYS L 245 66.60 -25.95 31.91
C LYS L 245 67.17 -25.69 33.29
N GLY L 246 66.74 -26.48 34.27
CA GLY L 246 67.27 -26.36 35.64
C GLY L 246 66.39 -25.67 36.66
N TYR L 247 65.44 -24.86 36.22
CA TYR L 247 64.64 -24.03 37.12
C TYR L 247 63.53 -23.35 36.35
N THR L 248 62.62 -22.65 37.04
CA THR L 248 61.58 -21.88 36.38
C THR L 248 61.74 -20.42 36.75
N THR L 249 61.43 -19.51 35.81
CA THR L 249 61.59 -18.10 36.04
C THR L 249 60.53 -17.22 35.34
N TRP L 250 60.51 -17.29 34.02
CA TRP L 250 59.84 -16.27 33.24
C TRP L 250 58.35 -16.18 33.51
N ALA L 251 57.69 -17.33 33.52
CA ALA L 251 56.25 -17.37 33.70
C ALA L 251 55.83 -16.83 35.07
N ILE L 252 56.60 -17.18 36.10
CA ILE L 252 56.31 -16.68 37.44
C ILE L 252 56.45 -15.16 37.47
N GLY L 253 57.51 -14.66 36.86
CA GLY L 253 57.75 -13.23 36.80
C GLY L 253 56.59 -12.48 36.18
N LEU L 254 56.09 -13.01 35.08
CA LEU L 254 54.97 -12.40 34.38
C LEU L 254 53.70 -12.48 35.22
N SER L 255 53.46 -13.63 35.84
CA SER L 255 52.29 -13.82 36.68
C SER L 255 52.31 -12.84 37.86
N VAL L 256 53.48 -12.66 38.46
CA VAL L 256 53.60 -11.77 39.61
C VAL L 256 53.38 -10.31 39.19
N ALA L 257 53.97 -9.93 38.07
CA ALA L 257 53.78 -8.57 37.55
C ALA L 257 52.30 -8.29 37.29
N ASP L 258 51.58 -9.28 36.82
CA ASP L 258 50.15 -9.15 36.59
C ASP L 258 49.42 -8.81 37.90
N LEU L 259 49.78 -9.50 38.97
CA LEU L 259 49.19 -9.23 40.27
C LEU L 259 49.56 -7.83 40.73
N ALA L 260 50.83 -7.47 40.56
CA ALA L 260 51.31 -6.14 40.93
C ALA L 260 50.51 -5.06 40.20
N GLU L 261 50.21 -5.30 38.94
CA GLU L 261 49.42 -4.34 38.18
C GLU L 261 48.05 -4.10 38.83
N SER L 262 47.35 -5.16 39.19
CA SER L 262 46.04 -5.02 39.81
C SER L 262 46.13 -4.23 41.11
N ILE L 263 47.20 -4.44 41.87
CA ILE L 263 47.38 -3.75 43.13
C ILE L 263 47.75 -2.29 42.92
N MET L 264 48.77 -2.03 42.12
CA MET L 264 49.26 -0.66 41.96
C MET L 264 48.26 0.22 41.25
N LYS L 265 47.44 -0.34 40.37
CA LYS L 265 46.44 0.44 39.65
C LYS L 265 45.01 0.29 40.18
N ASN L 266 44.87 -0.45 41.27
CA ASN L 266 43.57 -0.62 41.92
C ASN L 266 42.47 -1.09 40.96
N LEU L 267 42.79 -2.12 40.18
CA LEU L 267 41.90 -2.55 39.12
C LEU L 267 40.70 -3.33 39.60
N ARG L 268 40.83 -4.03 40.72
CA ARG L 268 39.76 -4.89 41.22
C ARG L 268 39.42 -5.97 40.20
N ARG L 269 40.47 -6.59 39.66
CA ARG L 269 40.33 -7.78 38.84
C ARG L 269 40.27 -8.99 39.76
N VAL L 270 39.76 -10.09 39.22
CA VAL L 270 39.67 -11.31 39.99
C VAL L 270 40.82 -12.25 39.61
N HIS L 271 41.58 -12.69 40.61
CA HIS L 271 42.68 -13.60 40.41
C HIS L 271 42.55 -14.81 41.34
N PRO L 272 43.02 -15.98 40.89
CA PRO L 272 43.05 -17.12 41.79
C PRO L 272 44.32 -17.05 42.63
N ILE L 273 44.21 -16.46 43.80
CA ILE L 273 45.36 -16.26 44.65
C ILE L 273 45.06 -16.73 46.06
N SER L 274 46.13 -16.88 46.84
CA SER L 274 46.05 -17.48 48.14
C SER L 274 45.68 -16.44 49.20
N THR L 275 44.55 -16.63 49.85
CA THR L 275 44.11 -15.76 50.94
C THR L 275 43.60 -16.59 52.10
N MET L 276 43.46 -15.96 53.27
CA MET L 276 42.96 -16.71 54.41
C MET L 276 41.48 -16.98 54.24
N LEU L 277 41.08 -18.25 54.32
CA LEU L 277 39.69 -18.55 54.00
C LEU L 277 38.88 -19.11 55.13
N LYS L 278 39.33 -18.88 56.36
CA LYS L 278 38.55 -19.25 57.53
C LYS L 278 37.15 -18.68 57.37
N GLY L 279 36.15 -19.53 57.50
CA GLY L 279 34.77 -19.09 57.38
C GLY L 279 34.10 -19.39 56.05
N LEU L 280 34.85 -19.98 55.12
CA LEU L 280 34.30 -20.31 53.80
C LEU L 280 34.42 -21.79 53.53
N TYR L 281 33.43 -22.34 52.83
CA TYR L 281 33.35 -23.78 52.59
C TYR L 281 33.55 -24.61 53.85
N GLY L 282 33.02 -24.16 54.98
CA GLY L 282 33.10 -24.91 56.22
C GLY L 282 34.51 -25.12 56.74
N ILE L 283 35.43 -24.25 56.37
CA ILE L 283 36.79 -24.31 56.87
C ILE L 283 36.87 -23.46 58.12
N LYS L 284 37.36 -24.04 59.21
CA LYS L 284 37.35 -23.33 60.50
C LYS L 284 38.74 -22.99 61.02
N GLU L 285 39.76 -23.33 60.25
CA GLU L 285 41.13 -23.08 60.69
C GLU L 285 41.78 -21.90 59.97
N ASP L 286 42.82 -21.36 60.58
CA ASP L 286 43.59 -20.25 59.99
C ASP L 286 44.48 -20.79 58.87
N VAL L 287 43.92 -20.99 57.68
CA VAL L 287 44.69 -21.46 56.54
C VAL L 287 44.47 -20.57 55.31
N PHE L 288 45.50 -20.54 54.47
CA PHE L 288 45.44 -19.83 53.21
C PHE L 288 45.31 -20.83 52.07
N LEU L 289 44.37 -20.58 51.17
CA LEU L 289 44.22 -21.35 49.94
C LEU L 289 43.79 -20.44 48.82
N SER L 290 44.03 -20.87 47.58
CA SER L 290 43.66 -20.04 46.44
C SER L 290 42.17 -20.14 46.16
N VAL L 291 41.53 -18.97 46.10
CA VAL L 291 40.18 -18.84 45.61
C VAL L 291 40.16 -17.57 44.77
N PRO L 292 39.11 -17.37 43.98
CA PRO L 292 39.07 -16.15 43.18
C PRO L 292 38.90 -14.92 44.04
N CYS L 293 39.88 -14.03 44.03
CA CYS L 293 39.85 -12.86 44.90
C CYS L 293 39.84 -11.59 44.08
N VAL L 294 39.16 -10.57 44.60
CA VAL L 294 39.21 -9.25 44.03
C VAL L 294 40.41 -8.53 44.60
N LEU L 295 41.29 -8.07 43.71
CA LEU L 295 42.57 -7.54 44.10
C LEU L 295 42.67 -6.07 43.68
N GLY L 296 43.07 -5.24 44.63
CA GLY L 296 43.13 -3.79 44.42
C GLY L 296 44.15 -3.15 45.32
N GLN L 297 44.03 -1.84 45.52
CA GLN L 297 45.08 -1.09 46.22
C GLN L 297 45.17 -1.46 47.68
N ASN L 298 44.12 -2.05 48.25
CA ASN L 298 44.16 -2.50 49.65
C ASN L 298 44.32 -4.00 49.77
N GLY L 299 44.84 -4.62 48.72
CA GLY L 299 44.97 -6.06 48.73
C GLY L 299 43.65 -6.72 48.42
N ILE L 300 43.33 -7.76 49.17
CA ILE L 300 42.15 -8.56 48.89
C ILE L 300 40.95 -8.05 49.66
N SER L 301 40.00 -7.48 48.92
CA SER L 301 38.82 -6.86 49.53
C SER L 301 37.64 -7.81 49.54
N ASP L 302 37.57 -8.70 48.57
CA ASP L 302 36.42 -9.57 48.40
C ASP L 302 36.84 -10.89 47.82
N VAL L 303 36.00 -11.91 48.00
CA VAL L 303 36.22 -13.23 47.45
C VAL L 303 34.98 -13.68 46.69
N VAL L 304 35.17 -14.36 45.58
CA VAL L 304 34.05 -14.85 44.79
C VAL L 304 33.69 -16.25 45.24
N LYS L 305 32.41 -16.43 45.59
CA LYS L 305 31.94 -17.71 46.09
C LYS L 305 31.64 -18.64 44.93
N VAL L 306 32.59 -19.51 44.62
CA VAL L 306 32.41 -20.44 43.54
C VAL L 306 31.58 -21.60 44.08
N THR L 307 30.62 -22.05 43.28
CA THR L 307 29.80 -23.17 43.65
C THR L 307 30.56 -24.49 43.35
N LEU L 308 30.81 -25.28 44.39
CA LEU L 308 31.63 -26.48 44.25
C LEU L 308 30.83 -27.75 44.48
N THR L 309 31.22 -28.82 43.80
CA THR L 309 30.63 -30.12 44.04
C THR L 309 31.08 -30.61 45.41
N SER L 310 30.30 -31.49 46.02
CA SER L 310 30.67 -32.06 47.31
C SER L 310 32.08 -32.67 47.28
N GLU L 311 32.46 -33.27 46.16
CA GLU L 311 33.79 -33.85 45.99
C GLU L 311 34.86 -32.77 46.06
N GLU L 312 34.68 -31.72 45.27
CA GLU L 312 35.58 -30.57 45.25
C GLU L 312 35.71 -29.93 46.63
N GLU L 313 34.55 -29.68 47.25
CA GLU L 313 34.51 -29.10 48.59
C GLU L 313 35.27 -29.93 49.62
N ALA L 314 35.12 -31.25 49.53
CA ALA L 314 35.81 -32.16 50.43
C ALA L 314 37.32 -32.09 50.20
N HIS L 315 37.71 -32.02 48.94
CA HIS L 315 39.12 -31.93 48.57
C HIS L 315 39.79 -30.72 49.21
N LEU L 316 39.06 -29.61 49.27
CA LEU L 316 39.57 -28.38 49.89
C LEU L 316 39.74 -28.54 51.39
N LYS L 317 38.72 -29.10 52.04
CA LYS L 317 38.77 -29.32 53.48
C LYS L 317 39.94 -30.22 53.83
N LYS L 318 40.18 -31.24 53.02
CA LYS L 318 41.30 -32.13 53.23
C LYS L 318 42.60 -31.33 53.25
N SER L 319 42.79 -30.49 52.23
CA SER L 319 43.98 -29.65 52.13
C SER L 319 44.12 -28.72 53.34
N ALA L 320 43.02 -28.13 53.77
CA ALA L 320 43.04 -27.27 54.96
C ALA L 320 43.51 -28.03 56.19
N ASP L 321 42.97 -29.24 56.39
CA ASP L 321 43.36 -30.07 57.51
C ASP L 321 44.87 -30.34 57.49
N THR L 322 45.41 -30.71 56.34
CA THR L 322 46.83 -31.02 56.23
C THR L 322 47.69 -29.81 56.57
N LEU L 323 47.34 -28.66 56.00
CA LEU L 323 48.09 -27.44 56.21
C LEU L 323 48.08 -27.08 57.68
N TRP L 324 46.90 -27.10 58.29
CA TRP L 324 46.81 -26.80 59.71
C TRP L 324 47.65 -27.77 60.54
N GLY L 325 47.56 -29.06 60.19
CA GLY L 325 48.36 -30.08 60.85
C GLY L 325 49.82 -29.70 60.98
N ILE L 326 50.36 -29.12 59.92
CA ILE L 326 51.75 -28.66 59.93
C ILE L 326 51.91 -27.34 60.66
N GLN L 327 51.03 -26.40 60.37
CA GLN L 327 51.15 -25.06 60.93
C GLN L 327 51.13 -25.09 62.45
N LYS L 328 50.27 -25.92 63.02
CA LYS L 328 50.16 -26.02 64.47
C LYS L 328 51.46 -26.51 65.12
N GLU L 329 52.34 -27.14 64.35
CA GLU L 329 53.59 -27.68 64.87
C GLU L 329 54.77 -26.71 64.75
N LEU L 330 54.54 -25.54 64.18
CA LEU L 330 55.64 -24.64 63.88
C LEU L 330 56.12 -23.85 65.10
N GLN L 331 57.43 -23.62 65.18
CA GLN L 331 57.99 -22.82 66.25
C GLN L 331 58.27 -21.39 65.79
N PHE L 332 57.54 -20.43 66.34
CA PHE L 332 57.69 -19.02 65.94
C PHE L 332 58.60 -18.26 66.90
N ALA M 2 -24.61 41.06 -19.55
CA ALA M 2 -23.20 40.98 -20.04
C ALA M 2 -23.15 41.08 -21.56
N ALA M 3 -22.17 41.82 -22.07
CA ALA M 3 -21.91 41.90 -23.50
C ALA M 3 -21.51 40.52 -24.04
N LEU M 4 -21.46 40.40 -25.36
CA LEU M 4 -20.97 39.20 -26.02
C LEU M 4 -19.48 39.00 -25.72
N LYS M 5 -18.72 40.08 -25.89
CA LYS M 5 -17.31 40.05 -25.59
C LYS M 5 -17.01 39.44 -24.22
N ASP M 6 -17.79 39.83 -23.21
CA ASP M 6 -17.58 39.34 -21.85
C ASP M 6 -17.98 37.88 -21.67
N GLN M 7 -18.98 37.44 -22.44
CA GLN M 7 -19.38 36.04 -22.41
C GLN M 7 -18.36 35.13 -23.08
N LEU M 8 -17.62 35.69 -24.02
CA LEU M 8 -16.68 34.92 -24.84
C LEU M 8 -15.24 34.97 -24.33
N ILE M 9 -14.79 36.16 -23.93
CA ILE M 9 -13.42 36.35 -23.49
C ILE M 9 -13.33 36.67 -22.02
N HIS M 10 -12.53 35.88 -21.30
CA HIS M 10 -12.21 36.16 -19.91
C HIS M 10 -10.87 36.89 -19.82
N ASN M 11 -10.89 38.12 -19.34
CA ASN M 11 -9.67 38.92 -19.25
C ASN M 11 -8.84 38.56 -18.04
N LEU M 12 -7.53 38.51 -18.20
CA LEU M 12 -6.61 38.17 -17.11
C LEU M 12 -5.67 39.32 -16.77
N LEU M 13 -5.62 40.33 -17.62
CA LEU M 13 -4.55 41.30 -17.57
C LEU M 13 -4.98 42.55 -18.30
N LYS M 14 -4.97 43.67 -17.64
CA LYS M 14 -5.23 44.96 -18.31
C LYS M 14 -4.13 45.50 -19.22
N GLU M 15 -2.93 45.59 -18.67
CA GLU M 15 -1.79 46.16 -19.35
C GLU M 15 -2.05 47.30 -20.35
N GLU M 16 -1.19 48.30 -20.27
CA GLU M 16 -1.11 49.30 -21.34
C GLU M 16 -0.13 48.79 -22.37
N HIS M 17 -0.51 48.94 -23.62
CA HIS M 17 0.34 48.45 -24.70
C HIS M 17 1.46 49.45 -25.00
N VAL M 18 2.68 48.95 -25.05
CA VAL M 18 3.85 49.79 -25.31
C VAL M 18 4.60 49.13 -26.44
N PRO M 19 4.71 49.82 -27.58
CA PRO M 19 5.26 49.11 -28.74
C PRO M 19 6.76 48.89 -28.63
N GLN M 20 7.23 47.78 -29.16
CA GLN M 20 8.60 47.37 -29.03
C GLN M 20 9.41 47.79 -30.25
N ASN M 21 8.78 47.80 -31.42
CA ASN M 21 9.49 48.03 -32.68
C ASN M 21 8.70 48.94 -33.59
N LYS M 22 8.44 50.15 -33.10
CA LYS M 22 7.57 51.09 -33.78
C LYS M 22 8.31 51.92 -34.80
N ILE M 23 7.67 52.10 -35.95
CA ILE M 23 8.18 52.94 -37.00
C ILE M 23 7.13 53.97 -37.37
N THR M 24 7.57 55.20 -37.56
CA THR M 24 6.70 56.28 -37.99
C THR M 24 7.11 56.76 -39.37
N VAL M 25 6.13 56.97 -40.23
CA VAL M 25 6.37 57.62 -41.50
C VAL M 25 5.68 58.98 -41.53
N VAL M 26 6.46 60.02 -41.81
CA VAL M 26 5.95 61.37 -41.92
C VAL M 26 5.77 61.72 -43.40
N GLY M 27 4.53 62.01 -43.77
CA GLY M 27 4.20 62.32 -45.15
C GLY M 27 3.53 61.12 -45.80
N VAL M 28 2.30 61.31 -46.30
CA VAL M 28 1.57 60.21 -46.92
C VAL M 28 1.29 60.48 -48.39
N GLY M 29 2.23 61.15 -49.03
CA GLY M 29 2.26 61.21 -50.47
C GLY M 29 2.73 59.87 -51.03
N ALA M 30 2.96 59.84 -52.34
CA ALA M 30 3.29 58.59 -52.99
C ALA M 30 4.51 57.91 -52.37
N VAL M 31 5.51 58.70 -52.05
CA VAL M 31 6.75 58.19 -51.48
C VAL M 31 6.53 57.63 -50.08
N GLY M 32 5.86 58.39 -49.24
CA GLY M 32 5.54 57.95 -47.91
C GLY M 32 4.79 56.63 -47.91
N MET M 33 3.77 56.53 -48.75
CA MET M 33 2.95 55.33 -48.79
C MET M 33 3.71 54.13 -49.33
N ALA M 34 4.63 54.38 -50.25
CA ALA M 34 5.50 53.32 -50.76
C ALA M 34 6.43 52.80 -49.66
N CYS M 35 6.97 53.71 -48.85
CA CYS M 35 7.76 53.31 -47.71
C CYS M 35 6.90 52.50 -46.75
N ALA M 36 5.69 52.98 -46.47
CA ALA M 36 4.80 52.29 -45.55
C ALA M 36 4.51 50.86 -45.98
N ILE M 37 4.07 50.69 -47.21
CA ILE M 37 3.69 49.36 -47.67
C ILE M 37 4.88 48.42 -47.68
N SER M 38 6.04 48.92 -48.09
CA SER M 38 7.24 48.09 -48.13
C SER M 38 7.62 47.61 -46.74
N ILE M 39 7.50 48.51 -45.76
CA ILE M 39 7.80 48.19 -44.38
C ILE M 39 6.81 47.17 -43.82
N LEU M 40 5.53 47.38 -44.10
CA LEU M 40 4.49 46.44 -43.65
C LEU M 40 4.71 45.04 -44.19
N MET M 41 5.15 44.95 -45.43
CA MET M 41 5.31 43.66 -46.07
C MET M 41 6.58 42.95 -45.69
N LYS M 42 7.47 43.63 -44.95
CA LYS M 42 8.71 43.00 -44.50
C LYS M 42 8.69 42.72 -43.01
N ASP M 43 7.54 42.91 -42.37
CA ASP M 43 7.37 42.62 -40.95
C ASP M 43 8.47 43.24 -40.10
N LEU M 44 8.73 44.52 -40.30
CA LEU M 44 9.79 45.20 -39.58
C LEU M 44 9.31 45.90 -38.33
N ALA M 45 8.00 46.09 -38.22
CA ALA M 45 7.44 46.85 -37.12
C ALA M 45 6.23 46.15 -36.51
N ASP M 46 6.02 46.38 -35.21
CA ASP M 46 4.82 45.89 -34.53
C ASP M 46 3.79 46.99 -34.42
N GLU M 47 4.19 48.21 -34.73
CA GLU M 47 3.26 49.33 -34.82
C GLU M 47 3.79 50.32 -35.85
N LEU M 48 2.90 50.77 -36.71
CA LEU M 48 3.25 51.74 -37.74
C LEU M 48 2.38 52.97 -37.61
N ALA M 49 3.01 54.13 -37.55
CA ALA M 49 2.30 55.40 -37.41
C ALA M 49 2.50 56.28 -38.64
N LEU M 50 1.42 56.92 -39.06
CA LEU M 50 1.44 57.80 -40.22
C LEU M 50 1.03 59.20 -39.77
N VAL M 51 1.81 60.20 -40.15
CA VAL M 51 1.48 61.57 -39.83
C VAL M 51 1.57 62.46 -41.07
N ASP M 52 0.61 63.36 -41.22
CA ASP M 52 0.61 64.37 -42.26
C ASP M 52 -0.35 65.49 -41.85
N VAL M 53 -0.42 66.54 -42.65
CA VAL M 53 -1.28 67.68 -42.35
C VAL M 53 -2.68 67.53 -42.96
N MET M 54 -2.80 66.78 -44.04
CA MET M 54 -4.10 66.55 -44.66
C MET M 54 -4.83 65.40 -43.98
N GLU M 55 -5.74 65.75 -43.07
CA GLU M 55 -6.47 64.77 -42.26
C GLU M 55 -7.28 63.74 -43.02
N ASP M 56 -7.91 64.16 -44.12
CA ASP M 56 -8.73 63.26 -44.92
C ASP M 56 -7.89 62.16 -45.58
N LYS M 57 -6.91 62.58 -46.37
CA LYS M 57 -6.01 61.68 -47.03
C LYS M 57 -5.39 60.73 -46.01
N LEU M 58 -4.98 61.28 -44.88
CA LEU M 58 -4.32 60.53 -43.82
C LEU M 58 -5.20 59.39 -43.30
N LYS M 59 -6.41 59.74 -42.91
CA LYS M 59 -7.34 58.79 -42.39
C LYS M 59 -7.68 57.72 -43.42
N GLY M 60 -7.82 58.13 -44.67
CA GLY M 60 -8.18 57.20 -45.74
C GLY M 60 -7.10 56.17 -45.99
N GLU M 61 -5.84 56.62 -46.02
CA GLU M 61 -4.71 55.73 -46.20
C GLU M 61 -4.63 54.75 -45.05
N MET M 62 -4.82 55.25 -43.83
CA MET M 62 -4.80 54.39 -42.66
C MET M 62 -5.86 53.27 -42.76
N MET M 63 -7.09 53.65 -43.09
CA MET M 63 -8.18 52.69 -43.16
C MET M 63 -7.92 51.64 -44.23
N ASP M 64 -7.44 52.10 -45.38
CA ASP M 64 -7.18 51.20 -46.49
C ASP M 64 -6.16 50.12 -46.05
N LEU M 65 -5.11 50.54 -45.37
CA LEU M 65 -4.12 49.61 -44.82
C LEU M 65 -4.72 48.68 -43.77
N GLN M 66 -5.49 49.23 -42.85
CA GLN M 66 -6.11 48.43 -41.80
C GLN M 66 -6.98 47.32 -42.36
N HIS M 67 -7.66 47.59 -43.46
CA HIS M 67 -8.55 46.60 -44.04
C HIS M 67 -7.80 45.38 -44.54
N GLY M 68 -6.49 45.53 -44.74
CA GLY M 68 -5.63 44.43 -45.14
C GLY M 68 -4.98 43.69 -43.98
N SER M 69 -5.37 44.00 -42.75
CA SER M 69 -4.74 43.43 -41.57
C SER M 69 -4.62 41.92 -41.57
N LEU M 70 -5.63 41.26 -42.12
CA LEU M 70 -5.64 39.81 -42.19
C LEU M 70 -4.42 39.28 -42.93
N PHE M 71 -3.93 40.05 -43.88
CA PHE M 71 -2.82 39.62 -44.72
C PHE M 71 -1.48 40.19 -44.25
N LEU M 72 -1.47 40.80 -43.08
CA LEU M 72 -0.25 41.39 -42.55
C LEU M 72 0.08 40.82 -41.19
N ARG M 73 1.26 41.15 -40.70
CA ARG M 73 1.72 40.72 -39.38
C ARG M 73 2.20 41.93 -38.61
N THR M 74 1.54 43.06 -38.86
CA THR M 74 1.77 44.28 -38.11
C THR M 74 0.44 44.66 -37.50
N PRO M 75 0.26 44.39 -36.21
CA PRO M 75 -1.08 44.44 -35.62
C PRO M 75 -1.67 45.83 -35.42
N LYS M 76 -0.84 46.87 -35.41
CA LYS M 76 -1.34 48.20 -35.11
C LYS M 76 -0.87 49.21 -36.12
N ILE M 77 -1.84 49.85 -36.77
CA ILE M 77 -1.54 50.92 -37.69
C ILE M 77 -2.34 52.11 -37.25
N VAL M 78 -1.65 53.24 -37.03
CA VAL M 78 -2.30 54.42 -36.49
C VAL M 78 -1.88 55.66 -37.24
N SER M 79 -2.65 56.73 -37.10
CA SER M 79 -2.38 57.96 -37.82
C SER M 79 -2.97 59.14 -37.09
N GLY M 80 -2.55 60.34 -37.47
CA GLY M 80 -3.07 61.55 -36.85
C GLY M 80 -2.27 62.76 -37.27
N LYS M 81 -2.89 63.93 -37.10
CA LYS M 81 -2.22 65.21 -37.34
C LYS M 81 -1.31 65.53 -36.16
N ASP M 82 -1.71 65.06 -34.98
CA ASP M 82 -0.99 65.31 -33.75
C ASP M 82 0.14 64.29 -33.55
N TYR M 83 1.35 64.77 -33.28
CA TYR M 83 2.53 63.90 -33.20
C TYR M 83 2.56 62.97 -31.99
N SER M 84 1.66 63.16 -31.04
CA SER M 84 1.55 62.20 -29.94
C SER M 84 1.38 60.76 -30.46
N VAL M 85 0.73 60.58 -31.61
CA VAL M 85 0.59 59.23 -32.16
C VAL M 85 1.92 58.59 -32.56
N THR M 86 2.99 59.39 -32.63
CA THR M 86 4.30 58.87 -33.02
C THR M 86 5.17 58.45 -31.84
N ALA M 87 4.62 58.54 -30.64
CA ALA M 87 5.42 58.28 -29.44
C ALA M 87 6.11 56.92 -29.45
N ASN M 88 7.35 56.91 -28.97
CA ASN M 88 8.13 55.67 -28.80
C ASN M 88 8.50 54.99 -30.10
N SER M 89 8.71 55.77 -31.16
CA SER M 89 9.20 55.19 -32.39
C SER M 89 10.68 54.90 -32.22
N LYS M 90 11.12 53.76 -32.74
CA LYS M 90 12.54 53.47 -32.84
C LYS M 90 13.12 54.17 -34.05
N LEU M 91 12.29 54.35 -35.06
CA LEU M 91 12.72 54.88 -36.34
C LEU M 91 11.64 55.77 -36.93
N VAL M 92 12.04 56.97 -37.33
CA VAL M 92 11.11 57.92 -37.93
C VAL M 92 11.62 58.31 -39.30
N ILE M 93 10.77 58.09 -40.30
CA ILE M 93 11.12 58.32 -41.68
C ILE M 93 10.42 59.57 -42.17
N ILE M 94 11.19 60.53 -42.67
CA ILE M 94 10.66 61.81 -43.11
C ILE M 94 10.63 61.91 -44.62
N THR M 95 9.42 61.97 -45.17
CA THR M 95 9.21 62.11 -46.61
C THR M 95 8.51 63.40 -46.97
N ALA M 96 8.07 64.16 -45.98
CA ALA M 96 7.40 65.42 -46.24
C ALA M 96 8.38 66.48 -46.70
N GLY M 97 7.86 67.43 -47.47
CA GLY M 97 8.71 68.46 -48.06
C GLY M 97 7.89 69.47 -48.84
N ALA M 98 8.55 70.56 -49.26
CA ALA M 98 7.87 71.60 -49.99
C ALA M 98 7.91 71.29 -51.48
N ARG M 99 6.78 71.56 -52.14
CA ARG M 99 6.63 71.29 -53.56
C ARG M 99 7.21 72.46 -54.36
N GLN M 100 7.92 72.13 -55.44
CA GLN M 100 8.73 73.11 -56.15
C GLN M 100 7.93 74.13 -56.92
N GLN M 101 8.41 75.36 -56.95
CA GLN M 101 7.76 76.43 -57.73
C GLN M 101 8.66 76.85 -58.90
N GLU M 102 8.08 77.49 -59.90
CA GLU M 102 8.84 77.78 -61.12
C GLU M 102 9.95 78.81 -61.04
N GLY M 103 9.75 80.02 -60.48
CA GLY M 103 10.78 81.03 -60.49
C GLY M 103 11.76 80.95 -59.32
N GLU M 104 11.64 79.91 -58.52
CA GLU M 104 12.15 79.92 -57.15
C GLU M 104 13.60 79.52 -57.13
N SER M 105 14.39 80.27 -56.38
CA SER M 105 15.82 79.96 -56.24
C SER M 105 16.02 78.70 -55.40
N ARG M 106 17.16 78.05 -55.55
CA ARG M 106 17.50 76.88 -54.75
C ARG M 106 17.47 77.20 -53.27
N LEU M 107 18.08 78.31 -52.89
CA LEU M 107 18.15 78.73 -51.49
C LEU M 107 16.75 78.93 -50.93
N ASN M 108 15.88 79.55 -51.71
CA ASN M 108 14.50 79.79 -51.33
C ASN M 108 13.76 78.47 -51.05
N LEU M 109 13.92 77.51 -51.95
CA LEU M 109 13.28 76.22 -51.79
C LEU M 109 13.70 75.54 -50.51
N VAL M 110 15.02 75.46 -50.28
CA VAL M 110 15.52 74.87 -49.07
C VAL M 110 14.94 75.57 -47.83
N GLN M 111 14.94 76.90 -47.83
CA GLN M 111 14.44 77.65 -46.69
C GLN M 111 13.00 77.29 -46.37
N ARG M 112 12.18 77.16 -47.41
CA ARG M 112 10.78 76.77 -47.22
C ARG M 112 10.68 75.40 -46.55
N ASN M 113 11.59 74.49 -46.89
CA ASN M 113 11.65 73.19 -46.24
C ASN M 113 12.12 73.30 -44.80
N VAL M 114 13.10 74.16 -44.57
CA VAL M 114 13.55 74.40 -43.20
C VAL M 114 12.35 74.78 -42.35
N ASN M 115 11.52 75.67 -42.87
CA ASN M 115 10.36 76.15 -42.12
C ASN M 115 9.40 75.03 -41.80
N ILE M 116 9.25 74.09 -42.73
CA ILE M 116 8.43 72.92 -42.49
C ILE M 116 9.07 72.02 -41.43
N PHE M 117 10.37 71.77 -41.57
CA PHE M 117 11.10 70.92 -40.63
C PHE M 117 11.13 71.52 -39.23
N LYS M 118 11.08 72.83 -39.15
CA LYS M 118 11.03 73.51 -37.85
C LYS M 118 9.80 73.15 -37.07
N PHE M 119 8.74 72.74 -37.77
CA PHE M 119 7.53 72.26 -37.11
C PHE M 119 7.64 70.76 -36.84
N ILE M 120 8.05 70.00 -37.85
CA ILE M 120 8.08 68.54 -37.76
C ILE M 120 9.08 68.02 -36.73
N ILE M 121 10.34 68.39 -36.87
CA ILE M 121 11.40 67.75 -36.12
C ILE M 121 11.23 67.89 -34.59
N PRO M 122 11.00 69.10 -34.08
CA PRO M 122 10.83 69.24 -32.64
C PRO M 122 9.71 68.37 -32.11
N ASN M 123 8.63 68.24 -32.86
CA ASN M 123 7.52 67.37 -32.45
C ASN M 123 7.90 65.90 -32.46
N VAL M 124 8.69 65.49 -33.43
CA VAL M 124 9.17 64.11 -33.48
C VAL M 124 10.01 63.82 -32.26
N VAL M 125 11.01 64.68 -32.01
CA VAL M 125 11.98 64.47 -30.93
C VAL M 125 11.29 64.50 -29.58
N LYS M 126 10.25 65.32 -29.45
CA LYS M 126 9.51 65.42 -28.22
C LYS M 126 8.93 64.07 -27.81
N TYR M 127 8.35 63.34 -28.76
CA TYR M 127 7.66 62.11 -28.43
C TYR M 127 8.51 60.85 -28.59
N SER M 128 9.62 60.94 -29.31
CA SER M 128 10.49 59.79 -29.49
C SER M 128 11.94 60.26 -29.38
N PRO M 129 12.34 60.64 -28.17
CA PRO M 129 13.66 61.21 -27.93
C PRO M 129 14.83 60.29 -28.26
N HIS M 130 14.59 58.98 -28.34
CA HIS M 130 15.67 58.04 -28.63
C HIS M 130 15.66 57.46 -30.04
N CYS M 131 14.80 57.99 -30.91
CA CYS M 131 14.64 57.45 -32.24
C CYS M 131 15.84 57.74 -33.12
N LYS M 132 15.90 57.04 -34.25
CA LYS M 132 16.78 57.42 -35.33
C LYS M 132 15.93 58.12 -36.37
N LEU M 133 16.51 59.14 -36.99
CA LEU M 133 15.85 59.88 -38.05
C LEU M 133 16.41 59.45 -39.39
N LEU M 134 15.51 59.12 -40.31
CA LEU M 134 15.88 58.80 -41.67
C LEU M 134 15.19 59.80 -42.59
N VAL M 135 15.99 60.65 -43.21
CA VAL M 135 15.47 61.70 -44.07
C VAL M 135 15.50 61.24 -45.52
N VAL M 136 14.36 61.38 -46.20
CA VAL M 136 14.22 60.97 -47.59
C VAL M 136 13.95 62.16 -48.51
N SER M 137 13.28 63.17 -47.98
CA SER M 137 12.95 64.38 -48.73
C SER M 137 14.15 65.01 -49.44
N ASN M 138 13.91 65.64 -50.58
CA ASN M 138 14.97 66.30 -51.33
C ASN M 138 14.96 67.81 -51.17
N PRO M 139 16.13 68.43 -51.24
CA PRO M 139 17.41 67.77 -51.47
C PRO M 139 17.96 67.11 -50.21
N VAL M 140 18.23 65.81 -50.30
CA VAL M 140 18.38 64.98 -49.12
C VAL M 140 19.60 65.32 -48.29
N ASP M 141 20.73 65.60 -48.94
CA ASP M 141 21.96 65.86 -48.20
C ASP M 141 21.80 67.12 -47.34
N ILE M 142 21.16 68.14 -47.89
CA ILE M 142 20.97 69.39 -47.17
C ILE M 142 19.92 69.25 -46.06
N LEU M 143 18.81 68.58 -46.37
CA LEU M 143 17.73 68.45 -45.40
C LEU M 143 18.10 67.52 -44.26
N THR M 144 19.01 66.59 -44.52
CA THR M 144 19.54 65.75 -43.46
C THR M 144 20.32 66.60 -42.47
N TYR M 145 21.10 67.53 -43.00
CA TYR M 145 21.81 68.51 -42.18
C TYR M 145 20.82 69.34 -41.35
N VAL M 146 19.77 69.82 -41.99
CA VAL M 146 18.76 70.63 -41.31
C VAL M 146 18.15 69.86 -40.14
N ALA M 147 17.75 68.61 -40.39
CA ALA M 147 17.14 67.79 -39.36
C ALA M 147 18.10 67.56 -38.20
N TRP M 148 19.37 67.34 -38.52
CA TRP M 148 20.39 67.16 -37.51
C TRP M 148 20.50 68.40 -36.62
N LYS M 149 20.65 69.54 -37.28
CA LYS M 149 20.74 70.83 -36.61
C LYS M 149 19.57 71.07 -35.66
N ILE M 150 18.36 70.91 -36.16
CA ILE M 150 17.16 71.19 -35.39
C ILE M 150 16.91 70.17 -34.29
N SER M 151 17.24 68.91 -34.55
CA SER M 151 16.94 67.86 -33.58
C SER M 151 17.85 67.93 -32.38
N GLY M 152 19.10 68.36 -32.61
CA GLY M 152 20.13 68.27 -31.60
C GLY M 152 20.56 66.85 -31.30
N PHE M 153 20.19 65.91 -32.15
CA PHE M 153 20.63 64.52 -32.01
C PHE M 153 22.11 64.43 -32.36
N PRO M 154 22.78 63.43 -31.81
CA PRO M 154 24.14 63.15 -32.27
C PRO M 154 24.10 62.60 -33.69
N LYS M 155 25.17 62.82 -34.44
CA LYS M 155 25.17 62.58 -35.88
C LYS M 155 24.93 61.13 -36.31
N ASN M 156 25.31 60.18 -35.48
CA ASN M 156 25.10 58.77 -35.79
C ASN M 156 23.62 58.43 -35.96
N ARG M 157 22.75 59.27 -35.44
CA ARG M 157 21.32 58.96 -35.40
C ARG M 157 20.50 59.76 -36.39
N VAL M 158 21.15 60.56 -37.21
CA VAL M 158 20.45 61.28 -38.26
C VAL M 158 21.03 60.82 -39.58
N ILE M 159 20.18 60.18 -40.38
CA ILE M 159 20.62 59.50 -41.59
C ILE M 159 19.84 60.00 -42.80
N GLY M 160 20.55 60.26 -43.90
CA GLY M 160 19.92 60.62 -45.14
C GLY M 160 19.97 59.43 -46.09
N SER M 161 18.90 59.21 -46.86
CA SER M 161 18.86 58.07 -47.78
C SER M 161 19.92 58.21 -48.87
N GLY M 162 20.34 59.43 -49.14
CA GLY M 162 21.47 59.68 -50.04
C GLY M 162 21.46 58.89 -51.31
N CYS M 163 22.57 58.22 -51.59
CA CYS M 163 22.77 57.52 -52.87
C CYS M 163 22.44 56.03 -52.81
N ASN M 164 21.67 55.60 -51.81
CA ASN M 164 21.31 54.19 -51.68
C ASN M 164 20.56 53.72 -52.94
N LEU M 165 19.56 54.48 -53.35
CA LEU M 165 18.77 54.08 -54.52
C LEU M 165 19.56 54.25 -55.82
N ASP M 166 20.32 55.33 -55.92
CA ASP M 166 21.13 55.56 -57.11
C ASP M 166 22.09 54.39 -57.36
N SER M 167 22.71 53.89 -56.28
CA SER M 167 23.59 52.73 -56.40
C SER M 167 22.81 51.48 -56.81
N ALA M 168 21.60 51.34 -56.32
CA ALA M 168 20.74 50.21 -56.70
C ALA M 168 20.37 50.25 -58.17
N ARG M 169 20.05 51.44 -58.67
CA ARG M 169 19.77 51.64 -60.09
C ARG M 169 21.00 51.29 -60.89
N PHE M 170 22.14 51.75 -60.41
CA PHE M 170 23.39 51.53 -61.10
C PHE M 170 23.66 50.03 -61.25
N ARG M 171 23.45 49.27 -60.19
CA ARG M 171 23.70 47.84 -60.24
C ARG M 171 22.72 47.12 -61.15
N TYR M 172 21.48 47.59 -61.17
CA TYR M 172 20.48 47.02 -62.08
C TYR M 172 20.94 47.18 -63.53
N LEU M 173 21.40 48.38 -63.87
CA LEU M 173 21.85 48.68 -65.23
C LEU M 173 23.11 47.90 -65.61
N MET M 174 24.04 47.78 -64.66
CA MET M 174 25.21 46.94 -64.86
C MET M 174 24.78 45.52 -65.16
N GLY M 175 23.83 45.02 -64.38
CA GLY M 175 23.32 43.68 -64.55
C GLY M 175 22.69 43.46 -65.91
N GLU M 176 21.94 44.45 -66.39
CA GLU M 176 21.35 44.37 -67.72
C GLU M 176 22.43 44.21 -68.79
N ARG M 177 23.51 44.98 -68.67
CA ARG M 177 24.59 44.91 -69.63
C ARG M 177 25.39 43.61 -69.57
N LEU M 178 25.51 43.01 -68.39
CA LEU M 178 26.34 41.82 -68.22
C LEU M 178 25.57 40.51 -68.21
N GLY M 179 24.25 40.58 -68.10
CA GLY M 179 23.42 39.38 -68.07
C GLY M 179 23.47 38.65 -66.73
N VAL M 180 23.69 39.40 -65.67
CA VAL M 180 23.75 38.87 -64.32
C VAL M 180 22.83 39.69 -63.41
N HIS M 181 22.35 39.07 -62.34
CA HIS M 181 21.45 39.77 -61.42
C HIS M 181 22.14 40.94 -60.75
N ALA M 182 21.37 41.96 -60.42
CA ALA M 182 21.92 43.14 -59.76
C ALA M 182 22.66 42.78 -58.47
N LEU M 183 22.20 41.74 -57.79
CA LEU M 183 22.78 41.28 -56.53
C LEU M 183 24.24 40.88 -56.68
N SER M 184 24.63 40.45 -57.87
CA SER M 184 25.97 39.95 -58.08
C SER M 184 26.85 40.96 -58.81
N CYS M 185 26.29 42.12 -59.13
CA CYS M 185 27.06 43.23 -59.68
C CYS M 185 27.33 44.22 -58.57
N HIS M 186 28.56 44.66 -58.43
CA HIS M 186 28.89 45.58 -57.35
C HIS M 186 29.44 46.89 -57.90
N GLY M 187 28.92 47.98 -57.36
CA GLY M 187 29.29 49.31 -57.77
C GLY M 187 28.77 50.35 -56.81
N TRP M 188 29.50 51.44 -56.65
CA TRP M 188 29.17 52.44 -55.66
C TRP M 188 29.07 53.84 -56.25
N ILE M 189 27.97 54.50 -55.93
CA ILE M 189 27.78 55.89 -56.27
C ILE M 189 27.82 56.69 -54.98
N LEU M 190 28.70 57.67 -54.90
CA LEU M 190 28.95 58.40 -53.67
C LEU M 190 28.76 59.89 -53.82
N GLY M 191 28.82 60.58 -52.69
CA GLY M 191 28.80 62.02 -52.66
C GLY M 191 27.41 62.62 -52.63
N GLU M 192 27.25 63.69 -53.41
CA GLU M 192 26.00 64.42 -53.42
C GLU M 192 24.98 63.71 -54.30
N HIS M 193 23.81 63.48 -53.74
CA HIS M 193 22.72 62.82 -54.44
C HIS M 193 22.30 63.65 -55.64
N GLY M 194 22.08 63.00 -56.78
CA GLY M 194 21.66 63.71 -58.00
C GLY M 194 22.79 63.95 -58.99
N ASP M 195 22.72 65.07 -59.71
CA ASP M 195 23.60 65.33 -60.85
C ASP M 195 25.10 65.26 -60.56
N SER M 196 25.50 65.55 -59.31
CA SER M 196 26.92 65.64 -58.98
C SER M 196 27.47 64.38 -58.30
N SER M 197 26.73 63.28 -58.36
CA SER M 197 27.19 62.04 -57.74
C SER M 197 28.48 61.55 -58.37
N VAL M 198 29.25 60.80 -57.60
CA VAL M 198 30.52 60.24 -58.07
C VAL M 198 30.41 58.73 -58.24
N PRO M 199 30.51 58.25 -59.48
CA PRO M 199 30.62 56.81 -59.69
C PRO M 199 32.06 56.35 -59.48
N VAL M 200 32.27 55.45 -58.53
CA VAL M 200 33.61 54.97 -58.23
C VAL M 200 33.95 53.76 -59.10
N TRP M 201 34.52 54.04 -60.27
CA TRP M 201 34.77 53.02 -61.29
C TRP M 201 35.74 51.94 -60.80
N SER M 202 36.73 52.36 -60.02
CA SER M 202 37.76 51.42 -59.55
C SER M 202 37.15 50.27 -58.74
N GLY M 203 36.08 50.57 -57.99
CA GLY M 203 35.55 49.70 -56.96
C GLY M 203 34.28 49.15 -57.56
N MET M 204 34.42 48.38 -58.60
CA MET M 204 33.30 48.00 -59.48
C MET M 204 33.67 46.65 -60.10
N ASN M 205 32.89 45.64 -59.73
CA ASN M 205 33.32 44.26 -59.91
C ASN M 205 32.18 43.26 -59.99
N VAL M 206 32.48 42.09 -60.55
CA VAL M 206 31.64 40.93 -60.47
C VAL M 206 32.54 39.80 -60.00
N ALA M 207 32.12 39.08 -58.97
CA ALA M 207 32.91 38.00 -58.37
C ALA M 207 34.32 38.47 -58.00
N GLY M 208 34.44 39.74 -57.63
CA GLY M 208 35.72 40.28 -57.21
C GLY M 208 36.69 40.58 -58.34
N VAL M 209 36.22 40.49 -59.59
CA VAL M 209 37.03 40.83 -60.74
C VAL M 209 36.78 42.29 -61.10
N SER M 210 37.81 43.12 -60.99
CA SER M 210 37.66 44.54 -61.26
C SER M 210 37.48 44.81 -62.76
N LEU M 211 36.40 45.52 -63.11
CA LEU M 211 36.11 45.83 -64.50
C LEU M 211 37.13 46.81 -65.07
N LYS M 212 37.56 47.77 -64.24
CA LYS M 212 38.56 48.75 -64.65
C LYS M 212 39.88 48.09 -65.09
N THR M 213 40.22 46.96 -64.46
CA THR M 213 41.41 46.20 -64.81
C THR M 213 41.29 45.53 -66.18
N LEU M 214 40.11 45.02 -66.49
CA LEU M 214 39.88 44.35 -67.77
C LEU M 214 39.67 45.33 -68.90
N HIS M 215 39.24 46.55 -68.58
CA HIS M 215 38.84 47.54 -69.57
C HIS M 215 39.30 48.88 -69.04
N PRO M 216 40.61 49.18 -69.17
CA PRO M 216 41.19 50.35 -68.51
C PRO M 216 40.55 51.69 -68.87
N GLU M 217 39.87 51.79 -70.02
CA GLU M 217 39.28 53.06 -70.41
C GLU M 217 37.89 53.26 -69.75
N LEU M 218 37.45 52.27 -68.97
CA LEU M 218 36.16 52.32 -68.27
C LEU M 218 35.96 53.65 -67.53
N GLY M 219 34.88 54.35 -67.86
CA GLY M 219 34.54 55.58 -67.17
C GLY M 219 35.18 56.83 -67.75
N THR M 220 36.02 56.67 -68.77
CA THR M 220 36.63 57.80 -69.47
C THR M 220 35.82 58.10 -70.73
N ASP M 221 36.32 59.02 -71.56
CA ASP M 221 35.69 59.33 -72.84
C ASP M 221 36.26 58.48 -73.97
N ALA M 222 37.52 58.07 -73.83
CA ALA M 222 38.13 57.07 -74.71
C ALA M 222 37.32 55.76 -74.71
N ASP M 223 36.48 55.60 -73.69
CA ASP M 223 35.68 54.39 -73.50
C ASP M 223 34.68 54.17 -74.64
N LYS M 224 34.99 53.23 -75.50
CA LYS M 224 34.18 52.91 -76.67
C LYS M 224 32.86 52.23 -76.31
N GLU M 225 32.74 51.76 -75.07
CA GLU M 225 31.51 51.14 -74.59
C GLU M 225 30.64 52.13 -73.82
N GLN M 226 31.12 53.37 -73.67
CA GLN M 226 30.37 54.43 -73.01
C GLN M 226 29.78 54.02 -71.68
N TRP M 227 30.61 53.53 -70.76
CA TRP M 227 30.11 53.18 -69.44
C TRP M 227 29.77 54.44 -68.67
N LYS M 228 30.47 55.52 -68.98
CA LYS M 228 30.16 56.81 -68.43
C LYS M 228 28.67 57.12 -68.60
N GLN M 229 28.07 56.67 -69.70
CA GLN M 229 26.64 56.87 -69.97
C GLN M 229 25.74 56.22 -68.91
N VAL M 230 26.16 55.08 -68.39
CA VAL M 230 25.36 54.36 -67.41
C VAL M 230 25.11 55.23 -66.19
N HIS M 231 26.14 55.96 -65.75
CA HIS M 231 25.99 56.89 -64.64
C HIS M 231 25.03 58.01 -64.99
N LYS M 232 25.19 58.59 -66.19
CA LYS M 232 24.29 59.62 -66.64
C LYS M 232 22.85 59.09 -66.63
N GLN M 233 22.69 57.85 -67.09
CA GLN M 233 21.40 57.19 -67.10
C GLN M 233 20.78 57.11 -65.73
N VAL M 234 21.59 56.79 -64.72
CA VAL M 234 21.11 56.69 -63.35
C VAL M 234 20.54 58.04 -62.90
N VAL M 235 21.28 59.12 -63.19
CA VAL M 235 20.83 60.45 -62.80
C VAL M 235 19.56 60.86 -63.55
N ASP M 236 19.53 60.57 -64.84
CA ASP M 236 18.37 60.92 -65.67
C ASP M 236 17.13 60.09 -65.37
N SER M 237 17.31 58.83 -64.99
CA SER M 237 16.15 57.94 -64.78
C SER M 237 15.11 58.50 -63.85
N ALA M 238 15.52 59.22 -62.81
CA ALA M 238 14.58 59.87 -61.93
C ALA M 238 13.62 60.80 -62.69
N TYR M 239 14.18 61.68 -63.50
CA TYR M 239 13.40 62.64 -64.29
C TYR M 239 12.58 61.90 -65.36
N GLU M 240 13.23 60.93 -66.01
CA GLU M 240 12.55 60.11 -67.01
C GLU M 240 11.23 59.52 -66.45
N VAL M 241 11.29 58.99 -65.23
CA VAL M 241 10.11 58.37 -64.63
C VAL M 241 9.06 59.42 -64.25
N ILE M 242 9.52 60.55 -63.73
CA ILE M 242 8.61 61.64 -63.40
C ILE M 242 7.89 62.18 -64.64
N LYS M 243 8.62 62.31 -65.72
CA LYS M 243 8.05 62.74 -66.99
C LYS M 243 6.97 61.77 -67.44
N LEU M 244 7.18 60.48 -67.18
CA LEU M 244 6.30 59.43 -67.68
C LEU M 244 5.06 59.19 -66.81
N LYS M 245 5.26 59.06 -65.51
CA LYS M 245 4.13 58.74 -64.62
C LYS M 245 3.89 59.78 -63.52
N GLY M 246 4.65 60.85 -63.57
CA GLY M 246 4.47 61.97 -62.64
C GLY M 246 5.39 61.58 -61.49
N TYR M 247 4.83 61.12 -60.42
CA TYR M 247 5.59 60.90 -59.18
C TYR M 247 6.48 59.66 -59.37
N THR M 248 7.42 59.48 -58.48
CA THR M 248 8.28 58.27 -58.45
C THR M 248 8.14 57.69 -57.06
N THR M 249 8.10 56.35 -56.92
CA THR M 249 7.63 55.76 -55.66
C THR M 249 8.23 54.43 -55.27
N TRP M 250 8.06 53.43 -56.12
CA TRP M 250 8.24 52.04 -55.66
C TRP M 250 9.68 51.77 -55.28
N ALA M 251 10.60 52.19 -56.13
CA ALA M 251 12.01 51.94 -55.89
C ALA M 251 12.52 52.62 -54.62
N ILE M 252 12.08 53.83 -54.36
CA ILE M 252 12.46 54.54 -53.15
C ILE M 252 11.93 53.78 -51.94
N GLY M 253 10.68 53.34 -52.02
CA GLY M 253 10.05 52.61 -50.92
C GLY M 253 10.86 51.37 -50.57
N LEU M 254 11.26 50.63 -51.58
CA LEU M 254 12.03 49.42 -51.38
C LEU M 254 13.41 49.73 -50.81
N SER M 255 14.05 50.78 -51.34
CA SER M 255 15.36 51.19 -50.87
C SER M 255 15.30 51.58 -49.39
N VAL M 256 14.26 52.31 -49.02
CA VAL M 256 14.12 52.76 -47.64
C VAL M 256 13.87 51.58 -46.71
N ALA M 257 13.01 50.66 -47.12
CA ALA M 257 12.74 49.47 -46.33
C ALA M 257 14.02 48.67 -46.09
N ASP M 258 14.89 48.63 -47.10
CA ASP M 258 16.16 47.94 -46.96
C ASP M 258 17.00 48.57 -45.85
N LEU M 259 17.02 49.90 -45.80
CA LEU M 259 17.75 50.59 -44.74
C LEU M 259 17.12 50.29 -43.39
N ALA M 260 15.79 50.35 -43.34
CA ALA M 260 15.05 50.06 -42.13
C ALA M 260 15.40 48.67 -41.60
N GLU M 261 15.52 47.71 -42.51
CA GLU M 261 15.87 46.37 -42.10
C GLU M 261 17.23 46.33 -41.37
N SER M 262 18.23 46.97 -41.93
CA SER M 262 19.55 47.01 -41.30
C SER M 262 19.48 47.62 -39.91
N ILE M 263 18.67 48.66 -39.76
CA ILE M 263 18.54 49.33 -38.49
C ILE M 263 17.77 48.48 -37.47
N MET M 264 16.58 48.00 -37.85
CA MET M 264 15.73 47.29 -36.91
C MET M 264 16.34 45.96 -36.50
N LYS M 265 17.11 45.34 -37.39
CA LYS M 265 17.71 44.04 -37.07
C LYS M 265 19.20 44.11 -36.73
N ASN M 266 19.73 45.33 -36.67
CA ASN M 266 21.11 45.56 -36.28
C ASN M 266 22.10 44.73 -37.09
N LEU M 267 21.94 44.76 -38.40
CA LEU M 267 22.71 43.90 -39.28
C LEU M 267 24.14 44.35 -39.48
N ARG M 268 24.39 45.65 -39.41
CA ARG M 268 25.72 46.19 -39.67
C ARG M 268 26.16 45.88 -41.10
N ARG M 269 25.24 46.09 -42.03
CA ARG M 269 25.54 46.05 -43.45
C ARG M 269 26.06 47.41 -43.87
N VAL M 270 26.74 47.44 -45.01
CA VAL M 270 27.27 48.68 -45.53
C VAL M 270 26.37 49.23 -46.63
N HIS M 271 25.94 50.47 -46.47
CA HIS M 271 25.09 51.14 -47.45
C HIS M 271 25.69 52.49 -47.84
N PRO M 272 25.48 52.92 -49.10
CA PRO M 272 25.90 54.25 -49.49
C PRO M 272 24.83 55.25 -49.08
N ILE M 273 24.98 55.82 -47.90
CA ILE M 273 23.98 56.74 -47.37
C ILE M 273 24.65 58.01 -46.87
N SER M 274 23.81 59.02 -46.66
CA SER M 274 24.29 60.35 -46.35
C SER M 274 24.55 60.50 -44.86
N THR M 275 25.80 60.79 -44.51
CA THR M 275 26.18 61.04 -43.12
C THR M 275 27.09 62.25 -43.06
N MET M 276 27.28 62.80 -41.86
CA MET M 276 28.15 63.94 -41.73
C MET M 276 29.61 63.54 -41.89
N LEU M 277 30.30 64.22 -42.77
CA LEU M 277 31.59 63.81 -43.23
C LEU M 277 32.77 64.68 -42.76
N LYS M 278 32.52 65.60 -41.83
CA LYS M 278 33.58 66.47 -41.39
C LYS M 278 34.74 65.62 -40.92
N GLY M 279 35.92 65.90 -41.42
CA GLY M 279 37.11 65.17 -41.03
C GLY M 279 37.59 64.11 -42.01
N LEU M 280 36.83 63.90 -43.09
CA LEU M 280 37.22 62.95 -44.10
C LEU M 280 37.43 63.61 -45.45
N TYR M 281 38.38 63.07 -46.20
CA TYR M 281 38.78 63.66 -47.48
C TYR M 281 39.04 65.16 -47.40
N GLY M 282 39.63 65.61 -46.29
CA GLY M 282 39.97 67.02 -46.12
C GLY M 282 38.79 67.96 -46.14
N ILE M 283 37.61 67.46 -45.80
CA ILE M 283 36.42 68.29 -45.69
C ILE M 283 36.33 68.76 -44.25
N LYS M 284 36.21 70.06 -44.07
CA LYS M 284 36.24 70.70 -42.75
C LYS M 284 34.93 71.42 -42.43
N GLU M 285 33.92 71.20 -43.21
CA GLU M 285 32.62 71.85 -43.09
C GLU M 285 31.61 70.83 -42.53
N ASP M 286 30.58 71.36 -41.86
CA ASP M 286 29.48 70.51 -41.41
C ASP M 286 28.56 70.15 -42.58
N VAL M 287 28.94 69.14 -43.36
CA VAL M 287 28.14 68.70 -44.48
C VAL M 287 27.87 67.21 -44.46
N PHE M 288 26.74 66.82 -45.03
CA PHE M 288 26.39 65.43 -45.20
C PHE M 288 26.56 65.04 -46.67
N LEU M 289 27.23 63.91 -46.88
CA LEU M 289 27.35 63.32 -48.21
C LEU M 289 27.32 61.81 -48.08
N SER M 290 26.98 61.13 -49.17
CA SER M 290 26.92 59.68 -49.14
C SER M 290 28.31 59.07 -49.21
N VAL M 291 28.59 58.20 -48.25
CA VAL M 291 29.75 57.34 -48.27
C VAL M 291 29.27 55.99 -47.75
N PRO M 292 30.08 54.94 -47.94
CA PRO M 292 29.66 53.63 -47.45
C PRO M 292 29.67 53.60 -45.94
N CYS M 293 28.50 53.40 -45.34
CA CYS M 293 28.36 53.43 -43.89
C CYS M 293 27.88 52.10 -43.35
N VAL M 294 28.37 51.75 -42.17
CA VAL M 294 27.87 50.60 -41.44
C VAL M 294 26.63 51.01 -40.67
N LEU M 295 25.54 50.32 -40.92
CA LEU M 295 24.24 50.70 -40.41
C LEU M 295 23.68 49.63 -39.51
N GLY M 296 23.23 50.04 -38.32
CA GLY M 296 22.80 49.11 -37.28
C GLY M 296 21.82 49.77 -36.35
N GLN M 297 21.61 49.20 -35.17
CA GLN M 297 20.56 49.66 -34.27
C GLN M 297 20.84 51.04 -33.71
N ASN M 298 22.10 51.47 -33.73
CA ASN M 298 22.44 52.82 -33.28
C ASN M 298 22.69 53.78 -34.42
N GLY M 299 22.19 53.44 -35.59
CA GLY M 299 22.40 54.28 -36.76
C GLY M 299 23.76 53.99 -37.35
N ILE M 300 24.47 55.05 -37.71
CA ILE M 300 25.75 54.91 -38.39
C ILE M 300 26.90 54.88 -37.39
N SER M 301 27.51 53.70 -37.25
CA SER M 301 28.56 53.51 -36.28
C SER M 301 29.94 53.69 -36.88
N ASP M 302 30.08 53.38 -38.17
CA ASP M 302 31.37 53.38 -38.81
C ASP M 302 31.22 53.77 -40.27
N VAL M 303 32.32 54.22 -40.85
CA VAL M 303 32.36 54.60 -42.26
C VAL M 303 33.52 53.89 -42.93
N VAL M 304 33.34 53.46 -44.17
CA VAL M 304 34.40 52.80 -44.92
C VAL M 304 35.16 53.85 -45.71
N LYS M 305 36.47 53.88 -45.54
CA LYS M 305 37.32 54.86 -46.21
C LYS M 305 37.64 54.37 -47.60
N VAL M 306 36.90 54.86 -48.59
CA VAL M 306 37.13 54.47 -49.96
C VAL M 306 38.31 55.27 -50.48
N THR M 307 39.19 54.62 -51.20
CA THR M 307 40.34 55.29 -51.78
C THR M 307 39.93 55.96 -53.09
N LEU M 308 40.06 57.29 -53.15
CA LEU M 308 39.59 58.05 -54.30
C LEU M 308 40.73 58.68 -55.09
N THR M 309 40.53 58.80 -56.40
CA THR M 309 41.49 59.51 -57.23
C THR M 309 41.41 60.99 -56.90
N SER M 310 42.49 61.73 -57.15
CA SER M 310 42.49 63.17 -56.91
C SER M 310 41.32 63.87 -57.60
N GLU M 311 40.93 63.40 -58.78
CA GLU M 311 39.79 63.97 -59.50
C GLU M 311 38.50 63.77 -58.70
N GLU M 312 38.26 62.52 -58.30
CA GLU M 312 37.09 62.15 -57.51
C GLU M 312 37.05 62.93 -56.20
N GLU M 313 38.18 62.96 -55.50
CA GLU M 313 38.30 63.68 -54.24
C GLU M 313 37.99 65.15 -54.38
N ALA M 314 38.45 65.75 -55.47
CA ALA M 314 38.18 67.17 -55.75
C ALA M 314 36.70 67.38 -55.99
N HIS M 315 36.09 66.46 -56.74
CA HIS M 315 34.67 66.53 -57.02
C HIS M 315 33.82 66.59 -55.75
N LEU M 316 34.24 65.81 -54.74
CA LEU M 316 33.56 65.78 -53.46
C LEU M 316 33.69 67.09 -52.71
N LYS M 317 34.92 67.61 -52.66
CA LYS M 317 35.19 68.88 -51.99
C LYS M 317 34.37 69.99 -52.62
N LYS M 318 34.26 69.96 -53.94
CA LYS M 318 33.45 70.94 -54.65
C LYS M 318 32.01 70.89 -54.13
N SER M 319 31.45 69.70 -54.08
CA SER M 319 30.08 69.50 -53.59
C SER M 319 29.92 70.00 -52.15
N ALA M 320 30.90 69.69 -51.31
CA ALA M 320 30.87 70.16 -49.92
C ALA M 320 30.82 71.69 -49.85
N ASP M 321 31.67 72.33 -50.64
CA ASP M 321 31.70 73.80 -50.69
C ASP M 321 30.34 74.36 -51.07
N THR M 322 29.73 73.81 -52.11
CA THR M 322 28.43 74.30 -52.57
C THR M 322 27.36 74.15 -51.50
N LEU M 323 27.31 72.97 -50.88
CA LEU M 323 26.32 72.69 -49.86
C LEU M 323 26.48 73.64 -48.69
N TRP M 324 27.72 73.80 -48.22
CA TRP M 324 27.98 74.73 -47.14
C TRP M 324 27.57 76.16 -47.52
N GLY M 325 27.91 76.56 -48.74
CA GLY M 325 27.52 77.87 -49.26
C GLY M 325 26.05 78.17 -49.04
N ILE M 326 25.21 77.17 -49.25
CA ILE M 326 23.78 77.30 -49.04
C ILE M 326 23.41 77.22 -47.57
N GLN M 327 23.96 76.23 -46.88
CA GLN M 327 23.61 75.99 -45.48
C GLN M 327 23.90 77.21 -44.61
N LYS M 328 25.03 77.87 -44.87
CA LYS M 328 25.41 79.04 -44.10
C LYS M 328 24.42 80.20 -44.26
N GLU M 329 23.59 80.16 -45.30
CA GLU M 329 22.61 81.21 -45.55
C GLU M 329 21.23 80.93 -44.96
N LEU M 330 21.08 79.79 -44.32
CA LEU M 330 19.78 79.37 -43.83
C LEU M 330 19.42 80.03 -42.51
N GLN M 331 18.13 80.36 -42.36
CA GLN M 331 17.62 80.91 -41.10
C GLN M 331 16.97 79.80 -40.27
N PHE M 332 17.55 79.49 -39.12
CA PHE M 332 16.96 78.54 -38.18
C PHE M 332 16.11 79.23 -37.11
N ALA N 2 -24.50 9.12 -47.61
CA ALA N 2 -23.37 9.97 -48.08
C ALA N 2 -22.36 10.20 -46.96
N ALA N 3 -21.07 10.16 -47.30
CA ALA N 3 -20.00 10.53 -46.38
C ALA N 3 -20.14 11.99 -45.94
N LEU N 4 -19.35 12.37 -44.95
CA LEU N 4 -19.27 13.76 -44.51
C LEU N 4 -18.66 14.63 -45.61
N LYS N 5 -17.54 14.16 -46.16
CA LYS N 5 -16.89 14.87 -47.24
C LYS N 5 -17.87 15.23 -48.36
N ASP N 6 -18.75 14.31 -48.73
CA ASP N 6 -19.72 14.55 -49.80
C ASP N 6 -20.82 15.52 -49.39
N GLN N 7 -21.18 15.52 -48.13
CA GLN N 7 -22.19 16.46 -47.62
C GLN N 7 -21.64 17.88 -47.57
N LEU N 8 -20.32 18.00 -47.41
CA LEU N 8 -19.68 19.29 -47.20
C LEU N 8 -19.10 19.89 -48.49
N ILE N 9 -18.44 19.06 -49.29
CA ILE N 9 -17.78 19.52 -50.50
C ILE N 9 -18.46 19.01 -51.76
N HIS N 10 -18.80 19.93 -52.63
CA HIS N 10 -19.29 19.62 -53.95
C HIS N 10 -18.14 19.70 -54.97
N ASN N 11 -17.81 18.57 -55.58
CA ASN N 11 -16.70 18.51 -56.52
C ASN N 11 -17.08 19.06 -57.89
N LEU N 12 -16.17 19.81 -58.50
CA LEU N 12 -16.39 20.39 -59.83
C LEU N 12 -15.40 19.88 -60.85
N LEU N 13 -14.37 19.18 -60.42
CA LEU N 13 -13.22 18.91 -61.25
C LEU N 13 -12.46 17.74 -60.71
N LYS N 14 -12.22 16.74 -61.52
CA LYS N 14 -11.29 15.65 -61.12
C LYS N 14 -9.80 15.93 -61.33
N GLU N 15 -9.37 15.98 -62.58
CA GLU N 15 -8.01 16.20 -62.96
C GLU N 15 -6.86 15.65 -62.09
N GLU N 16 -5.83 15.20 -62.76
CA GLU N 16 -4.68 14.62 -62.09
C GLU N 16 -3.69 15.74 -61.83
N HIS N 17 -3.13 15.71 -60.64
CA HIS N 17 -2.19 16.70 -60.20
C HIS N 17 -0.80 16.47 -60.80
N VAL N 18 -0.22 17.48 -61.41
CA VAL N 18 1.16 17.47 -61.83
C VAL N 18 1.83 18.65 -61.17
N PRO N 19 2.85 18.41 -60.34
CA PRO N 19 3.46 19.51 -59.62
C PRO N 19 4.27 20.43 -60.51
N GLN N 20 4.27 21.70 -60.16
CA GLN N 20 4.86 22.73 -60.98
C GLN N 20 6.28 23.05 -60.56
N ASN N 21 6.56 22.94 -59.27
CA ASN N 21 7.85 23.33 -58.73
C ASN N 21 8.35 22.33 -57.72
N LYS N 22 8.52 21.10 -58.18
CA LYS N 22 8.86 19.99 -57.31
C LYS N 22 10.36 19.86 -57.09
N ILE N 23 10.72 19.60 -55.84
CA ILE N 23 12.10 19.33 -55.48
C ILE N 23 12.18 18.01 -54.76
N THR N 24 13.20 17.23 -55.11
CA THR N 24 13.46 15.96 -54.45
C THR N 24 14.77 16.03 -53.69
N VAL N 25 14.77 15.53 -52.46
CA VAL N 25 16.01 15.35 -51.71
C VAL N 25 16.28 13.86 -51.53
N VAL N 26 17.46 13.44 -51.95
CA VAL N 26 17.90 12.06 -51.82
C VAL N 26 18.84 11.95 -50.62
N GLY N 27 18.43 11.15 -49.64
CA GLY N 27 19.17 10.99 -48.40
C GLY N 27 18.52 11.78 -47.30
N VAL N 28 18.15 11.10 -46.21
CA VAL N 28 17.52 11.77 -45.08
C VAL N 28 18.36 11.66 -43.83
N GLY N 29 19.68 11.71 -44.01
CA GLY N 29 20.60 11.93 -42.91
C GLY N 29 20.52 13.39 -42.49
N ALA N 30 21.41 13.78 -41.58
CA ALA N 30 21.37 15.12 -41.03
C ALA N 30 21.44 16.19 -42.11
N VAL N 31 22.29 15.98 -43.11
CA VAL N 31 22.46 16.94 -44.19
C VAL N 31 21.22 17.04 -45.05
N GLY N 32 20.70 15.89 -45.45
CA GLY N 32 19.46 15.87 -46.24
C GLY N 32 18.34 16.61 -45.56
N MET N 33 18.15 16.32 -44.27
CA MET N 33 17.04 16.90 -43.54
C MET N 33 17.23 18.40 -43.34
N ALA N 34 18.48 18.83 -43.20
CA ALA N 34 18.78 20.26 -43.10
C ALA N 34 18.45 20.98 -44.41
N CYS N 35 18.78 20.34 -45.54
CA CYS N 35 18.40 20.86 -46.84
C CYS N 35 16.87 20.94 -46.93
N ALA N 36 16.20 19.86 -46.53
CA ALA N 36 14.74 19.80 -46.62
C ALA N 36 14.08 20.93 -45.83
N ILE N 37 14.44 21.08 -44.57
CA ILE N 37 13.79 22.07 -43.74
C ILE N 37 14.07 23.48 -44.25
N SER N 38 15.28 23.74 -44.70
CA SER N 38 15.63 25.06 -45.22
C SER N 38 14.81 25.40 -46.46
N ILE N 39 14.62 24.40 -47.32
CA ILE N 39 13.83 24.56 -48.52
C ILE N 39 12.36 24.80 -48.18
N LEU N 40 11.83 24.03 -47.24
CA LEU N 40 10.43 24.19 -46.83
C LEU N 40 10.16 25.56 -46.27
N MET N 41 11.12 26.11 -45.53
CA MET N 41 10.93 27.39 -44.88
C MET N 41 11.14 28.56 -45.82
N LYS N 42 11.60 28.32 -47.05
CA LYS N 42 11.77 29.38 -48.01
C LYS N 42 10.73 29.32 -49.13
N ASP N 43 9.73 28.45 -48.97
CA ASP N 43 8.65 28.33 -49.94
C ASP N 43 9.14 28.20 -51.38
N LEU N 44 10.07 27.29 -51.61
CA LEU N 44 10.67 27.15 -52.93
C LEU N 44 9.97 26.09 -53.77
N ALA N 45 9.16 25.25 -53.13
CA ALA N 45 8.56 24.12 -53.81
C ALA N 45 7.09 23.97 -53.47
N ASP N 46 6.32 23.43 -54.42
CA ASP N 46 4.92 23.09 -54.17
C ASP N 46 4.76 21.61 -53.84
N GLU N 47 5.83 20.85 -54.04
CA GLU N 47 5.87 19.47 -53.62
C GLU N 47 7.31 19.09 -53.31
N LEU N 48 7.50 18.42 -52.19
CA LEU N 48 8.82 17.97 -51.77
C LEU N 48 8.82 16.47 -51.59
N ALA N 49 9.78 15.81 -52.21
CA ALA N 49 9.91 14.36 -52.12
C ALA N 49 11.19 13.97 -51.43
N LEU N 50 11.11 12.97 -50.56
CA LEU N 50 12.25 12.45 -49.83
C LEU N 50 12.44 10.99 -50.20
N VAL N 51 13.67 10.62 -50.52
CA VAL N 51 13.98 9.23 -50.86
C VAL N 51 15.23 8.78 -50.10
N ASP N 52 15.17 7.55 -49.60
CA ASP N 52 16.30 6.90 -48.95
C ASP N 52 16.04 5.40 -48.92
N VAL N 53 17.02 4.64 -48.46
CA VAL N 53 16.88 3.18 -48.39
C VAL N 53 16.30 2.71 -47.05
N MET N 54 16.50 3.49 -46.01
CA MET N 54 16.02 3.16 -44.66
C MET N 54 14.55 3.57 -44.50
N GLU N 55 13.66 2.62 -44.68
CA GLU N 55 12.22 2.90 -44.75
C GLU N 55 11.61 3.52 -43.49
N ASP N 56 12.05 3.06 -42.34
CA ASP N 56 11.56 3.60 -41.07
C ASP N 56 11.92 5.06 -40.86
N LYS N 57 13.21 5.34 -40.90
CA LYS N 57 13.70 6.69 -40.77
C LYS N 57 12.99 7.61 -41.78
N LEU N 58 12.86 7.11 -43.00
CA LEU N 58 12.24 7.87 -44.10
C LEU N 58 10.81 8.27 -43.76
N LYS N 59 10.01 7.28 -43.41
CA LYS N 59 8.63 7.50 -43.07
C LYS N 59 8.48 8.44 -41.88
N GLY N 60 9.36 8.27 -40.89
CA GLY N 60 9.30 9.09 -39.68
C GLY N 60 9.59 10.56 -39.95
N GLU N 61 10.61 10.82 -40.76
CA GLU N 61 10.95 12.17 -41.14
C GLU N 61 9.82 12.80 -41.93
N MET N 62 9.23 12.05 -42.84
CA MET N 62 8.12 12.56 -43.61
C MET N 62 6.96 12.97 -42.71
N MET N 63 6.58 12.10 -41.79
CA MET N 63 5.46 12.37 -40.90
C MET N 63 5.72 13.60 -40.04
N ASP N 64 6.93 13.68 -39.50
CA ASP N 64 7.30 14.79 -38.63
C ASP N 64 7.10 16.12 -39.40
N LEU N 65 7.56 16.17 -40.65
CA LEU N 65 7.38 17.35 -41.48
C LEU N 65 5.91 17.63 -41.76
N GLN N 66 5.16 16.58 -42.13
CA GLN N 66 3.75 16.75 -42.44
C GLN N 66 2.96 17.32 -41.28
N HIS N 67 3.33 16.96 -40.06
CA HIS N 67 2.60 17.44 -38.90
C HIS N 67 2.72 18.94 -38.74
N GLY N 68 3.75 19.52 -39.38
CA GLY N 68 3.93 20.96 -39.35
C GLY N 68 3.30 21.70 -40.51
N SER N 69 2.49 21.01 -41.32
CA SER N 69 1.89 21.58 -42.51
C SER N 69 1.15 22.89 -42.27
N LEU N 70 0.52 23.01 -41.11
CA LEU N 70 -0.20 24.22 -40.75
C LEU N 70 0.70 25.45 -40.81
N PHE N 71 1.98 25.26 -40.51
CA PHE N 71 2.92 26.35 -40.44
C PHE N 71 3.75 26.50 -41.70
N LEU N 72 3.39 25.77 -42.74
CA LEU N 72 4.16 25.78 -43.98
C LEU N 72 3.25 26.15 -45.15
N ARG N 73 3.88 26.42 -46.30
CA ARG N 73 3.16 26.77 -47.52
C ARG N 73 3.65 25.85 -48.63
N THR N 74 3.98 24.62 -48.27
CA THR N 74 4.31 23.59 -49.23
C THR N 74 3.31 22.46 -48.98
N PRO N 75 2.30 22.36 -49.85
CA PRO N 75 1.15 21.53 -49.54
C PRO N 75 1.38 20.03 -49.60
N LYS N 76 2.42 19.57 -50.29
CA LYS N 76 2.60 18.14 -50.48
C LYS N 76 4.00 17.68 -50.13
N ILE N 77 4.09 16.78 -49.17
CA ILE N 77 5.36 16.21 -48.82
C ILE N 77 5.21 14.70 -48.93
N VAL N 78 6.09 14.07 -49.70
CA VAL N 78 5.99 12.64 -49.95
C VAL N 78 7.35 11.97 -49.83
N SER N 79 7.32 10.66 -49.66
CA SER N 79 8.55 9.90 -49.50
C SER N 79 8.35 8.47 -49.95
N GLY N 80 9.44 7.75 -50.12
CA GLY N 80 9.38 6.35 -50.50
C GLY N 80 10.74 5.82 -50.88
N LYS N 81 10.87 4.50 -50.86
CA LYS N 81 12.07 3.83 -51.32
C LYS N 81 12.09 3.80 -52.84
N ASP N 82 10.89 3.77 -53.43
CA ASP N 82 10.73 3.71 -54.87
C ASP N 82 10.80 5.10 -55.52
N TYR N 83 11.65 5.24 -56.53
CA TYR N 83 11.90 6.55 -57.15
C TYR N 83 10.73 7.13 -57.93
N SER N 84 9.70 6.34 -58.19
CA SER N 84 8.49 6.88 -58.82
C SER N 84 7.96 8.11 -58.04
N VAL N 85 8.14 8.14 -56.72
CA VAL N 85 7.70 9.32 -55.95
C VAL N 85 8.45 10.59 -56.31
N THR N 86 9.57 10.48 -57.04
CA THR N 86 10.35 11.65 -57.41
C THR N 86 9.98 12.22 -58.77
N ALA N 87 8.97 11.66 -59.41
CA ALA N 87 8.63 12.05 -60.77
C ALA N 87 8.37 13.55 -60.92
N ASN N 88 8.87 14.11 -62.02
CA ASN N 88 8.63 15.50 -62.40
C ASN N 88 9.28 16.50 -61.47
N SER N 89 10.43 16.16 -60.91
CA SER N 89 11.18 17.11 -60.12
C SER N 89 11.86 18.08 -61.06
N LYS N 90 11.87 19.36 -60.70
CA LYS N 90 12.67 20.35 -61.42
C LYS N 90 14.10 20.27 -60.93
N LEU N 91 14.25 19.89 -59.67
CA LEU N 91 15.56 19.90 -59.02
C LEU N 91 15.67 18.71 -58.09
N VAL N 92 16.77 17.98 -58.23
CA VAL N 92 17.03 16.83 -57.38
C VAL N 92 18.34 17.03 -56.66
N ILE N 93 18.29 16.97 -55.34
CA ILE N 93 19.44 17.21 -54.50
C ILE N 93 19.92 15.89 -53.92
N ILE N 94 21.18 15.56 -54.16
CA ILE N 94 21.76 14.30 -53.75
C ILE N 94 22.68 14.46 -52.56
N THR N 95 22.28 13.90 -51.42
CA THR N 95 23.06 13.94 -50.18
C THR N 95 23.50 12.55 -49.73
N ALA N 96 23.02 11.52 -50.39
CA ALA N 96 23.37 10.15 -50.03
C ALA N 96 24.81 9.83 -50.42
N GLY N 97 25.39 8.91 -49.68
CA GLY N 97 26.75 8.44 -49.94
C GLY N 97 27.08 7.19 -49.14
N ALA N 98 28.31 6.72 -49.25
CA ALA N 98 28.71 5.49 -48.62
C ALA N 98 29.19 5.74 -47.22
N ARG N 99 28.83 4.84 -46.32
CA ARG N 99 29.49 4.70 -45.00
C ARG N 99 30.99 4.44 -44.98
N GLN N 100 31.77 5.38 -44.48
CA GLN N 100 33.24 5.22 -44.49
C GLN N 100 33.68 4.16 -43.49
N GLN N 101 34.69 3.36 -43.85
CA GLN N 101 35.18 2.32 -42.95
C GLN N 101 36.57 2.60 -42.43
N GLU N 102 37.07 1.69 -41.60
CA GLU N 102 38.39 1.88 -40.99
C GLU N 102 39.63 1.48 -41.78
N GLY N 103 39.62 0.35 -42.50
CA GLY N 103 40.79 -0.03 -43.28
C GLY N 103 40.81 0.57 -44.70
N GLU N 104 39.85 1.42 -45.00
CA GLU N 104 39.43 1.60 -46.39
C GLU N 104 40.24 2.65 -47.08
N SER N 105 40.73 2.36 -48.27
CA SER N 105 41.48 3.36 -49.06
C SER N 105 40.52 4.43 -49.59
N ARG N 106 41.05 5.58 -49.92
CA ARG N 106 40.26 6.66 -50.55
C ARG N 106 39.60 6.18 -51.83
N LEU N 107 40.38 5.52 -52.68
CA LEU N 107 39.86 5.03 -53.96
C LEU N 107 38.71 4.06 -53.74
N ASN N 108 38.86 3.19 -52.76
CA ASN N 108 37.82 2.22 -52.43
C ASN N 108 36.52 2.90 -51.98
N LEU N 109 36.64 3.91 -51.14
CA LEU N 109 35.48 4.67 -50.67
C LEU N 109 34.74 5.31 -51.85
N VAL N 110 35.47 6.01 -52.70
CA VAL N 110 34.86 6.61 -53.88
C VAL N 110 34.14 5.56 -54.73
N GLN N 111 34.78 4.43 -54.97
CA GLN N 111 34.19 3.38 -55.79
C GLN N 111 32.87 2.90 -55.19
N ARG N 112 32.82 2.74 -53.89
CA ARG N 112 31.59 2.36 -53.21
C ARG N 112 30.48 3.38 -53.42
N ASN N 113 30.84 4.65 -53.48
CA ASN N 113 29.86 5.71 -53.82
C ASN N 113 29.42 5.60 -55.26
N VAL N 114 30.36 5.32 -56.15
CA VAL N 114 30.00 5.12 -57.54
C VAL N 114 28.92 4.04 -57.61
N ASN N 115 29.12 2.96 -56.89
CA ASN N 115 28.19 1.84 -56.91
C ASN N 115 26.82 2.25 -56.42
N ILE N 116 26.78 3.12 -55.43
CA ILE N 116 25.51 3.66 -54.94
C ILE N 116 24.88 4.56 -55.98
N PHE N 117 25.67 5.44 -56.57
CA PHE N 117 25.17 6.37 -57.60
C PHE N 117 24.69 5.63 -58.84
N LYS N 118 25.27 4.47 -59.11
CA LYS N 118 24.84 3.65 -60.22
C LYS N 118 23.41 3.18 -60.06
N PHE N 119 22.93 3.11 -58.82
CA PHE N 119 21.54 2.78 -58.55
C PHE N 119 20.69 4.06 -58.54
N ILE N 120 21.16 5.09 -57.85
CA ILE N 120 20.39 6.32 -57.68
C ILE N 120 20.15 7.07 -58.97
N ILE N 121 21.22 7.43 -59.68
CA ILE N 121 21.12 8.36 -60.80
C ILE N 121 20.19 7.88 -61.91
N PRO N 122 20.37 6.65 -62.39
CA PRO N 122 19.49 6.18 -63.46
C PRO N 122 18.02 6.25 -63.07
N ASN N 123 17.72 5.96 -61.81
CA ASN N 123 16.36 6.04 -61.32
C ASN N 123 15.84 7.47 -61.28
N VAL N 124 16.70 8.40 -60.90
CA VAL N 124 16.33 9.81 -60.89
C VAL N 124 15.99 10.26 -62.29
N VAL N 125 16.91 9.99 -63.23
CA VAL N 125 16.77 10.48 -64.60
C VAL N 125 15.57 9.85 -65.28
N LYS N 126 15.27 8.63 -64.92
CA LYS N 126 14.12 7.93 -65.46
C LYS N 126 12.83 8.68 -65.20
N TYR N 127 12.65 9.17 -63.98
CA TYR N 127 11.39 9.80 -63.60
C TYR N 127 11.37 11.31 -63.73
N SER N 128 12.55 11.94 -63.83
CA SER N 128 12.62 13.38 -63.99
C SER N 128 13.71 13.69 -65.02
N PRO N 129 13.44 13.35 -66.29
CA PRO N 129 14.43 13.50 -67.36
C PRO N 129 14.90 14.92 -67.61
N HIS N 130 14.15 15.91 -67.16
CA HIS N 130 14.50 17.32 -67.42
C HIS N 130 15.02 18.05 -66.19
N CYS N 131 15.26 17.34 -65.10
CA CYS N 131 15.66 17.97 -63.86
C CYS N 131 17.08 18.48 -63.91
N LYS N 132 17.43 19.29 -62.93
CA LYS N 132 18.82 19.62 -62.67
C LYS N 132 19.25 18.80 -61.48
N LEU N 133 20.49 18.34 -61.52
CA LEU N 133 21.06 17.58 -60.42
C LEU N 133 21.99 18.48 -59.62
N LEU N 134 21.80 18.48 -58.31
CA LEU N 134 22.67 19.18 -57.41
C LEU N 134 23.28 18.17 -56.45
N VAL N 135 24.58 17.97 -56.58
CA VAL N 135 25.28 16.99 -55.78
C VAL N 135 25.93 17.65 -54.58
N VAL N 136 25.68 17.08 -53.40
CA VAL N 136 26.19 17.62 -52.14
C VAL N 136 27.16 16.65 -51.47
N SER N 137 26.95 15.35 -51.68
CA SER N 137 27.79 14.31 -51.10
C SER N 137 29.28 14.51 -51.36
N ASN N 138 30.11 14.06 -50.42
CA ASN N 138 31.55 14.17 -50.57
C ASN N 138 32.20 12.86 -50.96
N PRO N 139 33.30 12.93 -51.71
CA PRO N 139 33.91 14.19 -52.17
C PRO N 139 33.19 14.80 -53.35
N VAL N 140 32.77 16.04 -53.21
CA VAL N 140 31.75 16.60 -54.08
C VAL N 140 32.20 16.77 -55.52
N ASP N 141 33.43 17.22 -55.72
CA ASP N 141 33.89 17.49 -57.07
C ASP N 141 33.95 16.18 -57.86
N ILE N 142 34.39 15.10 -57.23
CA ILE N 142 34.45 13.81 -57.91
C ILE N 142 33.09 13.20 -58.13
N LEU N 143 32.21 13.27 -57.12
CA LEU N 143 30.90 12.64 -57.23
C LEU N 143 30.00 13.41 -58.20
N THR N 144 30.26 14.71 -58.36
CA THR N 144 29.55 15.48 -59.36
C THR N 144 29.92 14.97 -60.75
N TYR N 145 31.19 14.67 -60.95
CA TYR N 145 31.65 14.05 -62.19
C TYR N 145 30.96 12.72 -62.42
N VAL N 146 30.90 11.89 -61.38
CA VAL N 146 30.28 10.58 -61.47
C VAL N 146 28.81 10.71 -61.90
N ALA N 147 28.09 11.61 -61.26
CA ALA N 147 26.67 11.82 -61.57
C ALA N 147 26.50 12.28 -63.01
N TRP N 148 27.38 13.15 -63.46
CA TRP N 148 27.34 13.64 -64.82
C TRP N 148 27.52 12.49 -65.81
N LYS N 149 28.58 11.72 -65.58
CA LYS N 149 28.90 10.56 -66.40
C LYS N 149 27.73 9.59 -66.51
N ILE N 150 27.17 9.22 -65.37
CA ILE N 150 26.10 8.22 -65.34
C ILE N 150 24.78 8.76 -65.88
N SER N 151 24.50 10.04 -65.64
CA SER N 151 23.21 10.61 -66.04
C SER N 151 23.14 10.79 -67.54
N GLY N 152 24.28 11.10 -68.15
CA GLY N 152 24.29 11.52 -69.54
C GLY N 152 23.66 12.88 -69.77
N PHE N 153 23.45 13.64 -68.71
CA PHE N 153 22.93 15.00 -68.84
C PHE N 153 24.01 15.90 -69.41
N PRO N 154 23.60 16.97 -70.07
CA PRO N 154 24.56 17.99 -70.45
C PRO N 154 25.09 18.69 -69.22
N LYS N 155 26.31 19.20 -69.30
CA LYS N 155 27.03 19.67 -68.11
C LYS N 155 26.37 20.86 -67.37
N ASN N 156 25.62 21.69 -68.08
CA ASN N 156 24.96 22.82 -67.45
C ASN N 156 23.96 22.37 -66.38
N ARG N 157 23.54 21.11 -66.44
CA ARG N 157 22.48 20.63 -65.57
C ARG N 157 22.96 19.73 -64.45
N VAL N 158 24.27 19.54 -64.33
CA VAL N 158 24.83 18.78 -63.23
C VAL N 158 25.73 19.69 -62.44
N ILE N 159 25.34 19.95 -61.20
CA ILE N 159 25.95 20.97 -60.37
C ILE N 159 26.44 20.36 -59.06
N GLY N 160 27.66 20.71 -58.66
CA GLY N 160 28.17 20.33 -57.35
C GLY N 160 28.16 21.53 -56.43
N SER N 161 27.83 21.30 -55.16
CA SER N 161 27.75 22.41 -54.21
C SER N 161 29.13 23.05 -53.99
N GLY N 162 30.18 22.28 -54.24
CA GLY N 162 31.54 22.82 -54.25
C GLY N 162 31.88 23.74 -53.10
N CYS N 163 32.40 24.92 -53.42
CA CYS N 163 32.92 25.85 -52.42
C CYS N 163 31.93 26.95 -52.03
N ASN N 164 30.63 26.71 -52.27
CA ASN N 164 29.62 27.67 -51.89
C ASN N 164 29.66 27.93 -50.38
N LEU N 165 29.68 26.85 -49.60
CA LEU N 165 29.69 27.00 -48.15
C LEU N 165 31.03 27.52 -47.64
N ASP N 166 32.11 27.02 -48.21
CA ASP N 166 33.44 27.48 -47.80
C ASP N 166 33.57 28.99 -47.97
N SER N 167 33.07 29.53 -49.08
CA SER N 167 33.06 30.97 -49.30
C SER N 167 32.20 31.70 -48.28
N ALA N 168 31.08 31.09 -47.91
CA ALA N 168 30.19 31.67 -46.90
C ALA N 168 30.87 31.72 -45.53
N ARG N 169 31.58 30.66 -45.17
CA ARG N 169 32.35 30.64 -43.94
C ARG N 169 33.42 31.70 -43.98
N PHE N 170 34.06 31.81 -45.12
CA PHE N 170 35.13 32.78 -45.29
C PHE N 170 34.63 34.19 -45.05
N ARG N 171 33.47 34.52 -45.61
CA ARG N 171 32.93 35.85 -45.47
C ARG N 171 32.48 36.13 -44.05
N TYR N 172 31.98 35.10 -43.36
CA TYR N 172 31.60 35.23 -41.97
C TYR N 172 32.82 35.61 -41.13
N LEU N 173 33.93 34.92 -41.35
CA LEU N 173 35.15 35.16 -40.61
C LEU N 173 35.76 36.52 -40.93
N MET N 174 35.72 36.92 -42.18
CA MET N 174 36.14 38.26 -42.57
C MET N 174 35.31 39.29 -41.83
N GLY N 175 34.00 39.06 -41.78
CA GLY N 175 33.09 39.97 -41.10
C GLY N 175 33.39 40.08 -39.63
N GLU N 176 33.72 38.96 -38.98
CA GLU N 176 34.10 38.98 -37.57
C GLU N 176 35.32 39.88 -37.35
N ARG N 177 36.31 39.76 -38.23
CA ARG N 177 37.51 40.57 -38.10
C ARG N 177 37.30 42.05 -38.37
N LEU N 178 36.36 42.38 -39.27
CA LEU N 178 36.18 43.77 -39.68
C LEU N 178 35.01 44.48 -38.99
N GLY N 179 34.17 43.71 -38.30
CA GLY N 179 33.01 44.29 -37.61
C GLY N 179 31.87 44.66 -38.54
N VAL N 180 31.75 43.96 -39.65
CA VAL N 180 30.64 44.16 -40.58
C VAL N 180 30.01 42.81 -40.91
N HIS N 181 28.76 42.84 -41.35
CA HIS N 181 28.03 41.62 -41.67
C HIS N 181 28.69 40.89 -42.84
N ALA N 182 28.56 39.56 -42.84
CA ALA N 182 29.11 38.74 -43.90
C ALA N 182 28.62 39.17 -45.28
N LEU N 183 27.38 39.68 -45.33
CA LEU N 183 26.76 40.11 -46.59
C LEU N 183 27.55 41.22 -47.26
N SER N 184 28.28 42.01 -46.49
CA SER N 184 28.97 43.16 -47.03
C SER N 184 30.46 42.91 -47.18
N CYS N 185 30.91 41.71 -46.80
CA CYS N 185 32.28 41.28 -47.07
C CYS N 185 32.28 40.39 -48.28
N HIS N 186 33.19 40.63 -49.22
CA HIS N 186 33.26 39.83 -50.43
C HIS N 186 34.58 39.14 -50.56
N GLY N 187 34.52 37.87 -50.93
CA GLY N 187 35.69 37.03 -51.05
C GLY N 187 35.30 35.70 -51.66
N TRP N 188 36.24 35.11 -52.39
CA TRP N 188 35.97 33.91 -53.15
C TRP N 188 36.95 32.80 -52.86
N ILE N 189 36.41 31.62 -52.59
CA ILE N 189 37.21 30.42 -52.46
C ILE N 189 36.86 29.53 -53.63
N LEU N 190 37.88 29.14 -54.39
CA LEU N 190 37.67 28.40 -55.63
C LEU N 190 38.41 27.07 -55.65
N GLY N 191 38.14 26.31 -56.69
CA GLY N 191 38.85 25.06 -56.93
C GLY N 191 38.26 23.87 -56.22
N GLU N 192 39.13 23.04 -55.69
CA GLU N 192 38.74 21.79 -55.07
C GLU N 192 38.23 22.05 -53.67
N HIS N 193 37.05 21.52 -53.37
CA HIS N 193 36.46 21.66 -52.06
C HIS N 193 37.33 20.98 -51.00
N GLY N 194 37.52 21.62 -49.86
CA GLY N 194 38.34 21.08 -48.77
C GLY N 194 39.73 21.70 -48.69
N ASP N 195 40.69 20.89 -48.22
CA ASP N 195 42.05 21.38 -47.91
C ASP N 195 42.77 22.11 -49.03
N SER N 196 42.45 21.79 -50.28
CA SER N 196 43.19 22.35 -51.42
C SER N 196 42.49 23.53 -52.10
N SER N 197 41.49 24.10 -51.44
CA SER N 197 40.80 25.26 -51.98
C SER N 197 41.74 26.44 -52.18
N VAL N 198 41.39 27.30 -53.11
CA VAL N 198 42.18 28.49 -53.41
C VAL N 198 41.46 29.75 -52.97
N PRO N 199 42.00 30.46 -51.98
CA PRO N 199 41.48 31.76 -51.64
C PRO N 199 42.01 32.83 -52.61
N VAL N 200 41.12 33.50 -53.31
CA VAL N 200 41.52 34.53 -54.27
C VAL N 200 41.63 35.89 -53.60
N TRP N 201 42.84 36.16 -53.10
CA TRP N 201 43.11 37.37 -52.31
C TRP N 201 42.84 38.66 -53.05
N SER N 202 43.16 38.67 -54.33
CA SER N 202 43.00 39.88 -55.14
C SER N 202 41.54 40.38 -55.13
N GLY N 203 40.60 39.45 -55.09
CA GLY N 203 39.18 39.77 -55.18
C GLY N 203 38.49 40.15 -53.87
N MET N 204 39.22 40.15 -52.77
CA MET N 204 38.62 40.44 -51.48
C MET N 204 38.41 41.91 -51.27
N ASN N 205 37.17 42.29 -50.94
CA ASN N 205 36.83 43.69 -50.80
C ASN N 205 35.64 43.95 -49.88
N VAL N 206 35.57 45.19 -49.39
CA VAL N 206 34.39 45.72 -48.74
C VAL N 206 34.08 47.02 -49.44
N ALA N 207 32.82 47.18 -49.87
CA ALA N 207 32.39 48.36 -50.61
C ALA N 207 33.29 48.64 -51.83
N GLY N 208 33.82 47.59 -52.42
CA GLY N 208 34.65 47.73 -53.61
C GLY N 208 36.07 48.19 -53.34
N VAL N 209 36.46 48.26 -52.06
CA VAL N 209 37.82 48.64 -51.69
C VAL N 209 38.63 47.36 -51.54
N SER N 210 39.64 47.18 -52.40
CA SER N 210 40.43 45.96 -52.38
C SER N 210 41.37 45.92 -51.17
N LEU N 211 41.28 44.85 -50.39
CA LEU N 211 42.10 44.71 -49.19
C LEU N 211 43.58 44.53 -49.57
N LYS N 212 43.82 43.80 -50.65
CA LYS N 212 45.20 43.57 -51.13
C LYS N 212 45.91 44.88 -51.46
N THR N 213 45.17 45.88 -51.92
CA THR N 213 45.72 47.19 -52.21
C THR N 213 46.13 47.95 -50.96
N LEU N 214 45.34 47.82 -49.90
CA LEU N 214 45.63 48.49 -48.64
C LEU N 214 46.70 47.77 -47.82
N HIS N 215 46.85 46.48 -48.07
CA HIS N 215 47.73 45.63 -47.27
C HIS N 215 48.37 44.64 -48.23
N PRO N 216 49.41 45.08 -48.95
CA PRO N 216 49.93 44.28 -50.06
C PRO N 216 50.44 42.89 -49.66
N GLU N 217 50.78 42.68 -48.39
CA GLU N 217 51.30 41.38 -47.97
C GLU N 217 50.15 40.39 -47.65
N LEU N 218 48.92 40.86 -47.80
CA LEU N 218 47.72 40.04 -47.54
C LEU N 218 47.80 38.68 -48.23
N GLY N 219 47.69 37.62 -47.44
CA GLY N 219 47.68 36.27 -47.96
C GLY N 219 49.05 35.64 -48.15
N THR N 220 50.10 36.39 -47.86
CA THR N 220 51.46 35.87 -47.90
C THR N 220 51.88 35.47 -46.49
N ASP N 221 53.14 35.08 -46.32
CA ASP N 221 53.70 34.76 -45.01
C ASP N 221 54.33 35.99 -44.35
N ALA N 222 54.82 36.93 -45.16
CA ALA N 222 55.24 38.26 -44.69
C ALA N 222 54.09 38.98 -43.97
N ASP N 223 52.87 38.50 -44.19
CA ASP N 223 51.65 39.10 -43.62
C ASP N 223 51.65 38.98 -42.10
N LYS N 224 51.89 40.10 -41.44
CA LYS N 224 51.95 40.19 -39.98
C LYS N 224 50.58 40.01 -39.32
N GLU N 225 49.51 40.11 -40.12
CA GLU N 225 48.15 39.93 -39.61
C GLU N 225 47.64 38.50 -39.87
N GLN N 226 48.47 37.68 -40.51
CA GLN N 226 48.15 36.27 -40.79
C GLN N 226 46.77 36.06 -41.37
N TRP N 227 46.46 36.73 -42.47
CA TRP N 227 45.17 36.52 -43.11
C TRP N 227 45.13 35.14 -43.75
N LYS N 228 46.30 34.65 -44.14
CA LYS N 228 46.41 33.30 -44.63
C LYS N 228 45.75 32.32 -43.65
N GLN N 229 45.83 32.61 -42.36
CA GLN N 229 45.23 31.73 -41.36
C GLN N 229 43.70 31.68 -41.43
N VAL N 230 43.07 32.74 -41.89
CA VAL N 230 41.62 32.76 -42.03
C VAL N 230 41.16 31.65 -42.96
N HIS N 231 41.89 31.46 -44.06
CA HIS N 231 41.59 30.39 -44.99
C HIS N 231 41.78 29.03 -44.33
N LYS N 232 42.90 28.87 -43.61
CA LYS N 232 43.14 27.64 -42.88
C LYS N 232 41.98 27.38 -41.91
N GLN N 233 41.54 28.43 -41.25
CA GLN N 233 40.42 28.36 -40.33
C GLN N 233 39.15 27.86 -41.00
N VAL N 234 38.88 28.30 -42.23
CA VAL N 234 37.74 27.83 -42.98
C VAL N 234 37.79 26.32 -43.19
N VAL N 235 38.96 25.84 -43.59
CA VAL N 235 39.19 24.40 -43.80
C VAL N 235 39.04 23.62 -42.49
N ASP N 236 39.62 24.14 -41.42
CA ASP N 236 39.57 23.47 -40.11
C ASP N 236 38.18 23.49 -39.47
N SER N 237 37.42 24.55 -39.69
CA SER N 237 36.06 24.66 -39.14
C SER N 237 35.22 23.41 -39.26
N ALA N 238 35.27 22.80 -40.42
CA ALA N 238 34.52 21.58 -40.67
C ALA N 238 34.87 20.50 -39.64
N TYR N 239 36.16 20.23 -39.46
CA TYR N 239 36.62 19.23 -38.50
C TYR N 239 36.31 19.66 -37.09
N GLU N 240 36.55 20.93 -36.78
CA GLU N 240 36.23 21.49 -35.47
C GLU N 240 34.78 21.16 -35.06
N VAL N 241 33.85 21.36 -35.99
CA VAL N 241 32.44 21.13 -35.69
C VAL N 241 32.14 19.64 -35.54
N ILE N 242 32.74 18.82 -36.39
CA ILE N 242 32.58 17.36 -36.30
C ILE N 242 33.11 16.83 -34.98
N LYS N 243 34.25 17.34 -34.55
CA LYS N 243 34.84 16.95 -33.28
C LYS N 243 33.89 17.29 -32.15
N LEU N 244 33.18 18.42 -32.27
CA LEU N 244 32.37 18.93 -31.18
C LEU N 244 30.98 18.31 -31.13
N LYS N 245 30.29 18.25 -32.26
CA LYS N 245 28.91 17.74 -32.25
C LYS N 245 28.71 16.49 -33.09
N GLY N 246 29.76 16.04 -33.77
CA GLY N 246 29.71 14.79 -34.53
C GLY N 246 29.60 14.92 -36.03
N TYR N 247 29.13 16.06 -36.52
CA TYR N 247 28.84 16.25 -37.95
C TYR N 247 28.49 17.72 -38.17
N THR N 248 28.32 18.13 -39.43
CA THR N 248 27.82 19.47 -39.73
C THR N 248 26.54 19.32 -40.53
N THR N 249 25.60 20.24 -40.32
CA THR N 249 24.29 20.16 -40.96
C THR N 249 23.72 21.52 -41.38
N TRP N 250 23.57 22.42 -40.42
CA TRP N 250 22.75 23.58 -40.61
C TRP N 250 23.28 24.50 -41.71
N ALA N 251 24.57 24.78 -41.68
CA ALA N 251 25.18 25.68 -42.63
C ALA N 251 25.09 25.15 -44.06
N ILE N 252 25.29 23.85 -44.23
CA ILE N 252 25.17 23.24 -45.55
C ILE N 252 23.75 23.35 -46.05
N GLY N 253 22.79 23.09 -45.17
CA GLY N 253 21.38 23.20 -45.52
C GLY N 253 21.02 24.58 -46.03
N LEU N 254 21.51 25.59 -45.34
CA LEU N 254 21.24 26.95 -45.74
C LEU N 254 21.93 27.28 -47.06
N SER N 255 23.18 26.84 -47.21
CA SER N 255 23.92 27.07 -48.44
C SER N 255 23.21 26.42 -49.63
N VAL N 256 22.71 25.21 -49.44
CA VAL N 256 22.04 24.49 -50.51
C VAL N 256 20.71 25.17 -50.88
N ALA N 257 19.96 25.58 -49.88
CA ALA N 257 18.71 26.30 -50.12
C ALA N 257 18.96 27.58 -50.93
N ASP N 258 20.07 28.25 -50.65
CA ASP N 258 20.44 29.44 -51.39
C ASP N 258 20.61 29.12 -52.87
N LEU N 259 21.28 28.01 -53.17
CA LEU N 259 21.47 27.60 -54.55
C LEU N 259 20.12 27.26 -55.18
N ALA N 260 19.29 26.52 -54.43
CA ALA N 260 17.96 26.16 -54.90
C ALA N 260 17.16 27.40 -55.25
N GLU N 261 17.28 28.45 -54.44
CA GLU N 261 16.57 29.68 -54.73
C GLU N 261 16.96 30.27 -56.10
N SER N 262 18.26 30.34 -56.39
CA SER N 262 18.72 30.87 -57.66
C SER N 262 18.16 30.05 -58.83
N ILE N 263 18.09 28.74 -58.64
CA ILE N 263 17.60 27.86 -59.69
C ILE N 263 16.09 27.99 -59.88
N MET N 264 15.35 27.85 -58.79
CA MET N 264 13.90 27.84 -58.88
C MET N 264 13.34 29.19 -59.32
N LYS N 265 14.01 30.27 -58.96
CA LYS N 265 13.54 31.61 -59.32
C LYS N 265 14.30 32.24 -60.49
N ASN N 266 15.21 31.49 -61.08
CA ASN N 266 15.96 31.93 -62.25
C ASN N 266 16.63 33.28 -62.05
N LEU N 267 17.33 33.43 -60.93
CA LEU N 267 17.89 34.71 -60.54
C LEU N 267 19.12 35.10 -61.32
N ARG N 268 19.90 34.11 -61.77
CA ARG N 268 21.16 34.37 -62.46
C ARG N 268 22.12 35.14 -61.54
N ARG N 269 22.21 34.67 -60.30
CA ARG N 269 23.23 35.13 -59.38
C ARG N 269 24.50 34.32 -59.61
N VAL N 270 25.62 34.85 -59.13
CA VAL N 270 26.89 34.16 -59.26
C VAL N 270 27.25 33.46 -57.96
N HIS N 271 27.51 32.16 -58.06
CA HIS N 271 27.90 31.36 -56.91
C HIS N 271 29.20 30.61 -57.21
N PRO N 272 30.03 30.37 -56.18
CA PRO N 272 31.20 29.53 -56.37
C PRO N 272 30.80 28.08 -56.24
N ILE N 273 30.50 27.46 -57.37
CA ILE N 273 30.03 26.08 -57.36
C ILE N 273 30.80 25.24 -58.35
N SER N 274 30.68 23.93 -58.20
CA SER N 274 31.48 22.99 -58.94
C SER N 274 30.85 22.68 -60.30
N THR N 275 31.57 23.01 -61.36
CA THR N 275 31.13 22.73 -62.73
C THR N 275 32.29 22.15 -63.53
N MET N 276 31.99 21.55 -64.67
CA MET N 276 33.06 20.99 -65.47
C MET N 276 33.86 22.07 -66.14
N LEU N 277 35.17 22.08 -65.94
CA LEU N 277 35.95 23.22 -66.42
C LEU N 277 36.96 22.88 -67.47
N LYS N 278 36.80 21.75 -68.16
CA LYS N 278 37.69 21.43 -69.26
C LYS N 278 37.70 22.61 -70.23
N GLY N 279 38.88 23.11 -70.56
CA GLY N 279 39.00 24.21 -71.50
C GLY N 279 39.23 25.57 -70.86
N LEU N 280 39.31 25.59 -69.53
CA LEU N 280 39.59 26.83 -68.83
C LEU N 280 40.86 26.68 -68.02
N TYR N 281 41.62 27.80 -67.98
CA TYR N 281 42.93 27.82 -67.37
C TYR N 281 43.69 26.71 -68.07
N GLY N 282 44.60 26.00 -67.45
CA GLY N 282 45.35 25.03 -68.25
C GLY N 282 44.61 23.73 -68.46
N ILE N 283 43.30 23.61 -68.19
CA ILE N 283 42.80 22.27 -67.77
C ILE N 283 42.25 21.54 -68.95
N LYS N 284 42.76 20.33 -69.20
CA LYS N 284 42.40 19.56 -70.37
C LYS N 284 41.69 18.27 -70.01
N GLU N 285 41.41 18.04 -68.73
CA GLU N 285 40.72 16.80 -68.35
C GLU N 285 39.25 17.05 -68.00
N ASP N 286 38.44 15.99 -68.06
CA ASP N 286 37.07 16.02 -67.61
C ASP N 286 37.00 16.08 -66.06
N VAL N 287 37.17 17.27 -65.49
CA VAL N 287 37.06 17.44 -64.06
C VAL N 287 36.13 18.59 -63.69
N PHE N 288 35.54 18.48 -62.51
CA PHE N 288 34.71 19.53 -61.95
C PHE N 288 35.47 20.24 -60.83
N LEU N 289 35.45 21.57 -60.88
CA LEU N 289 35.99 22.38 -59.79
C LEU N 289 35.13 23.63 -59.63
N SER N 290 35.21 24.24 -58.46
CA SER N 290 34.41 25.43 -58.20
C SER N 290 35.00 26.66 -58.86
N VAL N 291 34.17 27.33 -59.63
CA VAL N 291 34.47 28.66 -60.15
C VAL N 291 33.17 29.46 -60.05
N PRO N 292 33.26 30.79 -60.20
CA PRO N 292 32.04 31.57 -60.09
C PRO N 292 31.12 31.31 -61.28
N CYS N 293 29.94 30.77 -61.01
CA CYS N 293 29.01 30.41 -62.07
C CYS N 293 27.72 31.19 -61.97
N VAL N 294 27.14 31.52 -63.11
CA VAL N 294 25.82 32.12 -63.16
C VAL N 294 24.80 31.01 -63.12
N LEU N 295 23.91 31.07 -62.14
CA LEU N 295 22.99 29.99 -61.83
C LEU N 295 21.56 30.45 -62.01
N GLY N 296 20.79 29.64 -62.75
CA GLY N 296 19.43 30.01 -63.13
C GLY N 296 18.61 28.77 -63.41
N GLN N 297 17.48 28.95 -64.10
CA GLN N 297 16.53 27.84 -64.24
C GLN N 297 17.07 26.71 -65.09
N ASN N 298 18.09 26.98 -65.91
CA ASN N 298 18.71 25.93 -66.72
C ASN N 298 20.04 25.48 -66.16
N GLY N 299 20.26 25.72 -64.88
CA GLY N 299 21.52 25.37 -64.27
C GLY N 299 22.56 26.42 -64.57
N ILE N 300 23.75 25.98 -64.92
CA ILE N 300 24.87 26.87 -65.13
C ILE N 300 24.96 27.30 -66.58
N SER N 301 24.65 28.57 -66.82
CA SER N 301 24.64 29.13 -68.19
C SER N 301 25.93 29.79 -68.56
N ASP N 302 26.64 30.31 -67.57
CA ASP N 302 27.83 31.11 -67.83
C ASP N 302 28.80 30.94 -66.68
N VAL N 303 30.06 31.20 -66.95
CA VAL N 303 31.11 31.15 -65.94
C VAL N 303 31.90 32.45 -65.98
N VAL N 304 32.28 32.96 -64.81
CA VAL N 304 33.04 34.20 -64.76
C VAL N 304 34.53 33.88 -64.78
N LYS N 305 35.24 34.49 -65.71
CA LYS N 305 36.67 34.26 -65.87
C LYS N 305 37.43 35.11 -64.88
N VAL N 306 37.83 34.49 -63.79
CA VAL N 306 38.59 35.20 -62.78
C VAL N 306 40.03 35.27 -63.21
N THR N 307 40.65 36.41 -63.05
CA THR N 307 42.06 36.56 -63.39
C THR N 307 42.93 36.02 -62.23
N LEU N 308 43.72 35.00 -62.50
CA LEU N 308 44.49 34.32 -61.46
C LEU N 308 45.98 34.50 -61.62
N THR N 309 46.70 34.51 -60.50
CA THR N 309 48.14 34.54 -60.53
C THR N 309 48.62 33.18 -61.03
N SER N 310 49.83 33.16 -61.60
CA SER N 310 50.43 31.91 -62.06
C SER N 310 50.46 30.85 -60.96
N GLU N 311 50.67 31.28 -59.71
CA GLU N 311 50.66 30.37 -58.56
C GLU N 311 49.30 29.73 -58.38
N GLU N 312 48.28 30.59 -58.33
CA GLU N 312 46.89 30.14 -58.21
C GLU N 312 46.50 29.20 -59.35
N GLU N 313 46.81 29.61 -60.58
CA GLU N 313 46.52 28.80 -61.76
C GLU N 313 47.19 27.41 -61.68
N ALA N 314 48.41 27.37 -61.20
CA ALA N 314 49.14 26.11 -61.04
C ALA N 314 48.45 25.23 -60.00
N HIS N 315 48.03 25.86 -58.91
CA HIS N 315 47.35 25.17 -57.84
C HIS N 315 46.09 24.44 -58.32
N LEU N 316 45.38 25.07 -59.26
CA LEU N 316 44.18 24.49 -59.85
C LEU N 316 44.53 23.30 -60.71
N LYS N 317 45.54 23.44 -61.56
CA LYS N 317 45.97 22.35 -62.43
C LYS N 317 46.39 21.14 -61.59
N LYS N 318 47.07 21.40 -60.48
CA LYS N 318 47.48 20.33 -59.58
C LYS N 318 46.23 19.56 -59.12
N SER N 319 45.22 20.29 -58.65
CA SER N 319 43.97 19.69 -58.20
C SER N 319 43.31 18.87 -59.31
N ALA N 320 43.28 19.41 -60.52
CA ALA N 320 42.71 18.69 -61.66
C ALA N 320 43.44 17.37 -61.91
N ASP N 321 44.77 17.41 -61.88
CA ASP N 321 45.57 16.20 -62.07
C ASP N 321 45.20 15.13 -61.04
N THR N 322 45.12 15.52 -59.79
CA THR N 322 44.82 14.56 -58.72
C THR N 322 43.44 13.95 -58.91
N LEU N 323 42.46 14.79 -59.17
CA LEU N 323 41.09 14.31 -59.37
C LEU N 323 41.00 13.35 -60.53
N TRP N 324 41.60 13.73 -61.64
CA TRP N 324 41.63 12.85 -62.80
C TRP N 324 42.31 11.52 -62.47
N GLY N 325 43.44 11.60 -61.77
CA GLY N 325 44.15 10.41 -61.31
C GLY N 325 43.24 9.38 -60.67
N ILE N 326 42.31 9.87 -59.85
CA ILE N 326 41.34 8.99 -59.21
C ILE N 326 40.22 8.58 -60.16
N GLN N 327 39.67 9.56 -60.87
CA GLN N 327 38.53 9.29 -61.74
C GLN N 327 38.84 8.24 -62.78
N LYS N 328 40.04 8.29 -63.34
CA LYS N 328 40.45 7.32 -64.36
C LYS N 328 40.50 5.89 -63.82
N GLU N 329 40.54 5.73 -62.52
CA GLU N 329 40.62 4.39 -61.90
C GLU N 329 39.24 3.82 -61.54
N LEU N 330 38.19 4.59 -61.78
CA LEU N 330 36.86 4.20 -61.36
C LEU N 330 36.21 3.24 -62.36
N GLN N 331 35.47 2.28 -61.84
CA GLN N 331 34.73 1.31 -62.65
C GLN N 331 33.26 1.73 -62.76
N PHE N 332 32.85 2.08 -63.97
CA PHE N 332 31.46 2.45 -64.24
C PHE N 332 30.68 1.25 -64.79
N ALA O 2 49.56 50.93 -38.51
CA ALA O 2 48.08 50.73 -38.39
C ALA O 2 47.68 49.36 -38.95
N ALA O 3 46.77 48.69 -38.25
CA ALA O 3 46.16 47.46 -38.75
C ALA O 3 45.40 47.70 -40.04
N LEU O 4 44.99 46.63 -40.70
CA LEU O 4 44.15 46.71 -41.89
C LEU O 4 42.78 47.29 -41.53
N LYS O 5 42.19 46.74 -40.47
CA LYS O 5 40.90 47.23 -40.00
C LYS O 5 40.88 48.75 -39.86
N ASP O 6 41.94 49.32 -39.29
CA ASP O 6 42.01 50.76 -39.05
C ASP O 6 42.20 51.55 -40.34
N GLN O 7 42.90 50.96 -41.31
CA GLN O 7 43.09 51.61 -42.60
C GLN O 7 41.80 51.62 -43.41
N LEU O 8 40.93 50.65 -43.16
CA LEU O 8 39.72 50.45 -43.95
C LEU O 8 38.47 51.07 -43.32
N ILE O 9 38.35 50.92 -42.01
CA ILE O 9 37.15 51.38 -41.31
C ILE O 9 37.47 52.54 -40.37
N HIS O 10 36.76 53.64 -40.56
CA HIS O 10 36.83 54.77 -39.67
C HIS O 10 35.67 54.73 -38.68
N ASN O 11 35.99 54.58 -37.40
CA ASN O 11 34.96 54.45 -36.38
C ASN O 11 34.42 55.83 -35.99
N LEU O 12 33.12 55.91 -35.75
CA LEU O 12 32.48 57.16 -35.33
C LEU O 12 31.90 57.12 -33.93
N LEU O 13 31.80 55.92 -33.36
CA LEU O 13 31.27 55.81 -32.02
C LEU O 13 31.58 54.50 -31.35
N LYS O 14 30.85 54.27 -30.25
CA LYS O 14 31.07 53.07 -29.39
C LYS O 14 29.81 52.57 -28.71
N GLU O 15 29.11 51.71 -29.40
CA GLU O 15 27.82 51.22 -28.91
C GLU O 15 27.98 50.10 -27.90
N GLU O 16 27.06 50.00 -26.95
CA GLU O 16 27.00 48.84 -26.10
C GLU O 16 26.12 47.80 -26.74
N HIS O 17 26.52 46.56 -26.54
CA HIS O 17 25.85 45.40 -27.04
C HIS O 17 24.56 45.09 -26.31
N VAL O 18 23.53 45.90 -26.55
CA VAL O 18 22.22 45.64 -25.92
C VAL O 18 21.07 45.25 -26.86
N PRO O 19 20.73 43.95 -26.84
CA PRO O 19 19.86 43.46 -27.91
C PRO O 19 18.43 43.87 -27.68
N GLN O 20 17.71 44.05 -28.77
CA GLN O 20 16.35 44.57 -28.73
C GLN O 20 15.31 43.45 -28.73
N ASN O 21 15.62 42.35 -29.40
CA ASN O 21 14.66 41.28 -29.59
C ASN O 21 15.32 39.91 -29.43
N LYS O 22 15.87 39.70 -28.25
CA LYS O 22 16.66 38.51 -27.98
C LYS O 22 15.82 37.34 -27.54
N ILE O 23 16.15 36.17 -28.08
CA ILE O 23 15.50 34.94 -27.70
C ILE O 23 16.58 33.94 -27.25
N THR O 24 16.27 33.24 -26.17
CA THR O 24 17.16 32.20 -25.67
C THR O 24 16.47 30.84 -25.78
N VAL O 25 17.22 29.85 -26.25
CA VAL O 25 16.74 28.47 -26.19
C VAL O 25 17.60 27.68 -25.22
N VAL O 26 16.92 27.05 -24.25
CA VAL O 26 17.58 26.21 -23.27
C VAL O 26 17.44 24.75 -23.68
N GLY O 27 18.58 24.10 -23.91
CA GLY O 27 18.58 22.73 -24.40
C GLY O 27 18.88 22.70 -25.88
N VAL O 28 19.94 22.00 -26.27
CA VAL O 28 20.32 21.88 -27.68
C VAL O 28 20.24 20.45 -28.16
N GLY O 29 19.28 19.70 -27.62
CA GLY O 29 18.89 18.44 -28.20
C GLY O 29 18.10 18.71 -29.47
N ALA O 30 17.53 17.65 -30.03
CA ALA O 30 16.89 17.77 -31.33
C ALA O 30 15.76 18.81 -31.32
N VAL O 31 14.99 18.84 -30.25
CA VAL O 31 13.87 19.77 -30.12
C VAL O 31 14.36 21.21 -30.02
N GLY O 32 15.34 21.44 -29.16
CA GLY O 32 15.92 22.77 -29.01
C GLY O 32 16.44 23.29 -30.34
N MET O 33 17.18 22.46 -31.06
CA MET O 33 17.79 22.90 -32.30
C MET O 33 16.75 23.15 -33.38
N ALA O 34 15.66 22.38 -33.35
CA ALA O 34 14.56 22.60 -34.29
C ALA O 34 13.87 23.94 -34.01
N CYS O 35 13.69 24.25 -32.72
CA CYS O 35 13.17 25.56 -32.34
C CYS O 35 14.13 26.65 -32.82
N ALA O 36 15.42 26.46 -32.59
CA ALA O 36 16.41 27.46 -32.98
C ALA O 36 16.37 27.75 -34.47
N ILE O 37 16.45 26.72 -35.29
CA ILE O 37 16.52 26.93 -36.72
C ILE O 37 15.22 27.57 -37.24
N SER O 38 14.09 27.15 -36.70
CA SER O 38 12.81 27.71 -37.12
C SER O 38 12.73 29.20 -36.80
N ILE O 39 13.23 29.56 -35.63
CA ILE O 39 13.26 30.95 -35.20
C ILE O 39 14.20 31.78 -36.05
N LEU O 40 15.38 31.24 -36.34
CA LEU O 40 16.35 31.94 -37.19
C LEU O 40 15.79 32.22 -38.56
N MET O 41 15.05 31.26 -39.10
CA MET O 41 14.53 31.38 -40.47
C MET O 41 13.31 32.26 -40.55
N LYS O 42 12.76 32.68 -39.42
CA LYS O 42 11.61 33.58 -39.44
C LYS O 42 11.96 34.99 -39.00
N ASP O 43 13.26 35.27 -38.85
CA ASP O 43 13.74 36.60 -38.50
C ASP O 43 13.01 37.19 -37.30
N LEU O 44 12.90 36.41 -36.23
CA LEU O 44 12.16 36.84 -35.05
C LEU O 44 13.06 37.50 -34.01
N ALA O 45 14.36 37.30 -34.14
CA ALA O 45 15.29 37.77 -33.14
C ALA O 45 16.50 38.45 -33.76
N ASP O 46 17.06 39.42 -33.04
CA ASP O 46 18.31 40.06 -33.44
C ASP O 46 19.50 39.44 -32.71
N GLU O 47 19.20 38.62 -31.72
CA GLU O 47 20.23 37.85 -31.05
C GLU O 47 19.61 36.56 -30.53
N LEU O 48 20.31 35.45 -30.77
CA LEU O 48 19.86 34.15 -30.30
C LEU O 48 20.91 33.53 -29.42
N ALA O 49 20.49 33.08 -28.24
CA ALA O 49 21.38 32.46 -27.28
C ALA O 49 21.00 31.01 -27.04
N LEU O 50 22.02 30.16 -26.95
CA LEU O 50 21.83 28.75 -26.73
C LEU O 50 22.54 28.38 -25.44
N VAL O 51 21.85 27.68 -24.57
CA VAL O 51 22.44 27.22 -23.32
C VAL O 51 22.14 25.74 -23.10
N ASP O 52 23.16 25.02 -22.61
CA ASP O 52 23.01 23.61 -22.22
C ASP O 52 24.18 23.25 -21.32
N VAL O 53 24.21 22.03 -20.82
CA VAL O 53 25.29 21.57 -19.95
C VAL O 53 26.44 20.94 -20.74
N MET O 54 26.16 20.39 -21.92
CA MET O 54 27.21 19.77 -22.73
C MET O 54 27.95 20.81 -23.56
N GLU O 55 29.09 21.26 -23.07
CA GLU O 55 29.86 22.33 -23.72
C GLU O 55 30.28 22.10 -25.15
N ASP O 56 30.68 20.87 -25.45
CA ASP O 56 31.11 20.50 -26.80
C ASP O 56 29.99 20.61 -27.83
N LYS O 57 28.93 19.87 -27.59
CA LYS O 57 27.75 19.88 -28.43
C LYS O 57 27.27 21.33 -28.61
N LEU O 58 27.26 22.07 -27.52
CA LEU O 58 26.79 23.45 -27.52
C LEU O 58 27.58 24.33 -28.47
N LYS O 59 28.88 24.30 -28.30
CA LYS O 59 29.78 25.09 -29.12
C LYS O 59 29.67 24.68 -30.59
N GLY O 60 29.55 23.39 -30.83
CA GLY O 60 29.46 22.88 -32.20
C GLY O 60 28.21 23.34 -32.92
N GLU O 61 27.08 23.29 -32.23
CA GLU O 61 25.81 23.76 -32.77
C GLU O 61 25.89 25.25 -33.07
N MET O 62 26.47 26.00 -32.14
CA MET O 62 26.63 27.43 -32.34
C MET O 62 27.43 27.73 -33.60
N MET O 63 28.58 27.08 -33.75
CA MET O 63 29.46 27.33 -34.89
C MET O 63 28.77 26.98 -36.20
N ASP O 64 28.08 25.84 -36.21
CA ASP O 64 27.39 25.39 -37.42
C ASP O 64 26.39 26.47 -37.86
N LEU O 65 25.63 27.01 -36.93
CA LEU O 65 24.70 28.09 -37.23
C LEU O 65 25.40 29.35 -37.69
N GLN O 66 26.45 29.75 -37.00
CA GLN O 66 27.20 30.94 -37.37
C GLN O 66 27.74 30.88 -38.79
N HIS O 67 28.13 29.70 -39.23
CA HIS O 67 28.69 29.55 -40.56
C HIS O 67 27.67 29.86 -41.64
N GLY O 68 26.39 29.80 -41.27
CA GLY O 68 25.31 30.15 -42.17
C GLY O 68 24.87 31.60 -42.12
N SER O 69 25.63 32.44 -41.40
CA SER O 69 25.25 33.84 -41.19
C SER O 69 24.90 34.60 -42.46
N LEU O 70 25.63 34.30 -43.52
CA LEU O 70 25.40 34.96 -44.80
C LEU O 70 23.96 34.78 -45.28
N PHE O 71 23.36 33.65 -44.91
CA PHE O 71 22.03 33.31 -45.37
C PHE O 71 20.97 33.62 -44.33
N LEU O 72 21.34 34.33 -43.29
CA LEU O 72 20.40 34.67 -42.23
C LEU O 72 20.36 36.17 -42.02
N ARG O 73 19.40 36.61 -41.22
CA ARG O 73 19.24 38.04 -40.89
CA ARG O 73 19.25 38.03 -40.91
C ARG O 73 19.20 38.19 -39.38
N THR O 74 19.92 37.31 -38.69
CA THR O 74 20.04 37.38 -37.25
C THR O 74 21.54 37.50 -36.98
N PRO O 75 22.01 38.71 -36.66
CA PRO O 75 23.42 38.99 -36.67
C PRO O 75 24.25 38.37 -35.55
N LYS O 76 23.62 37.98 -34.46
CA LYS O 76 24.40 37.49 -33.30
C LYS O 76 23.84 36.19 -32.78
N ILE O 77 24.69 35.18 -32.77
CA ILE O 77 24.34 33.90 -32.22
C ILE O 77 25.39 33.56 -31.19
N VAL O 78 24.95 33.28 -29.97
CA VAL O 78 25.88 33.04 -28.87
C VAL O 78 25.46 31.82 -28.06
N SER O 79 26.40 31.29 -27.28
CA SER O 79 26.12 30.11 -26.48
C SER O 79 27.06 30.06 -25.30
N GLY O 80 26.75 29.19 -24.34
CA GLY O 80 27.57 29.03 -23.17
C GLY O 80 26.89 28.19 -22.12
N LYS O 81 27.68 27.63 -21.21
CA LYS O 81 27.18 26.89 -20.06
C LYS O 81 26.66 27.88 -19.02
N ASP O 82 27.28 29.05 -18.98
CA ASP O 82 26.96 30.10 -18.04
C ASP O 82 25.78 30.96 -18.52
N TYR O 83 24.78 31.14 -17.66
CA TYR O 83 23.55 31.82 -18.06
C TYR O 83 23.69 33.32 -18.32
N SER O 84 24.83 33.90 -17.96
CA SER O 84 25.08 35.29 -18.31
C SER O 84 24.87 35.54 -19.82
N VAL O 85 25.15 34.55 -20.66
CA VAL O 85 24.93 34.73 -22.10
C VAL O 85 23.46 34.91 -22.47
N THR O 86 22.55 34.62 -21.55
CA THR O 86 21.12 34.75 -21.82
C THR O 86 20.55 36.10 -21.41
N ALA O 87 21.40 37.00 -20.95
CA ALA O 87 20.92 38.28 -20.42
C ALA O 87 20.06 39.05 -21.40
N ASN O 88 19.00 39.66 -20.89
CA ASN O 88 18.12 40.54 -21.65
C ASN O 88 17.32 39.83 -22.73
N SER O 89 16.95 38.58 -22.48
CA SER O 89 16.08 37.89 -23.41
C SER O 89 14.67 38.41 -23.20
N LYS O 90 13.95 38.61 -24.29
CA LYS O 90 12.52 38.90 -24.22
C LYS O 90 11.76 37.61 -24.03
N LEU O 91 12.30 36.53 -24.55
CA LEU O 91 11.63 35.24 -24.54
C LEU O 91 12.65 34.14 -24.34
N VAL O 92 12.34 33.25 -23.40
CA VAL O 92 13.20 32.12 -23.10
C VAL O 92 12.42 30.84 -23.27
N ILE O 93 12.94 29.96 -24.13
CA ILE O 93 12.27 28.72 -24.46
C ILE O 93 13.00 27.56 -23.80
N ILE O 94 12.27 26.79 -23.03
CA ILE O 94 12.86 25.71 -22.23
C ILE O 94 12.53 24.37 -22.83
N THR O 95 13.56 23.68 -23.34
CA THR O 95 13.40 22.35 -23.92
C THR O 95 14.15 21.29 -23.16
N ALA O 96 14.95 21.67 -22.17
CA ALA O 96 15.72 20.71 -21.40
C ALA O 96 14.82 19.95 -20.44
N GLY O 97 15.24 18.74 -20.12
CA GLY O 97 14.44 17.88 -19.25
C GLY O 97 15.12 16.54 -19.05
N ALA O 98 14.32 15.54 -18.66
CA ALA O 98 14.85 14.22 -18.48
C ALA O 98 13.84 13.19 -18.91
N ARG O 99 14.29 12.13 -19.59
CA ARG O 99 13.40 11.00 -19.89
C ARG O 99 13.35 10.05 -18.72
N GLN O 100 12.17 9.58 -18.34
CA GLN O 100 12.15 8.39 -17.42
C GLN O 100 12.40 7.13 -18.21
N GLN O 101 13.23 6.22 -17.71
CA GLN O 101 13.72 5.14 -18.57
C GLN O 101 12.80 3.93 -18.65
N GLU O 102 12.32 3.50 -17.50
CA GLU O 102 11.35 2.42 -17.45
C GLU O 102 10.78 2.35 -16.04
N GLY O 103 9.51 2.73 -15.89
CA GLY O 103 8.71 2.36 -14.73
C GLY O 103 9.11 3.03 -13.42
N GLU O 104 9.76 4.18 -13.57
CA GLU O 104 10.41 4.82 -12.42
C GLU O 104 9.39 5.55 -11.54
N SER O 105 8.20 5.65 -12.08
CA SER O 105 7.07 6.23 -11.36
C SER O 105 6.99 7.64 -11.88
N ARG O 106 5.80 8.06 -12.32
CA ARG O 106 5.58 9.39 -12.83
C ARG O 106 6.03 10.46 -11.87
N LEU O 107 5.68 10.30 -10.59
CA LEU O 107 6.06 11.26 -9.57
C LEU O 107 7.57 11.44 -9.50
N ASN O 108 8.27 10.33 -9.54
CA ASN O 108 9.73 10.35 -9.46
C ASN O 108 10.34 11.08 -10.65
N LEU O 109 9.82 10.79 -11.84
CA LEU O 109 10.28 11.45 -13.05
C LEU O 109 10.12 12.98 -12.94
N VAL O 110 8.93 13.42 -12.60
CA VAL O 110 8.68 14.85 -12.44
C VAL O 110 9.65 15.45 -11.43
N GLN O 111 9.84 14.80 -10.29
CA GLN O 111 10.72 15.33 -9.25
C GLN O 111 12.13 15.54 -9.79
N ARG O 112 12.63 14.59 -10.58
CA ARG O 112 13.94 14.72 -11.18
C ARG O 112 14.03 15.95 -12.07
N ASN O 113 12.94 16.26 -12.78
CA ASN O 113 12.85 17.46 -13.59
C ASN O 113 12.78 18.71 -12.75
N VAL O 114 12.04 18.64 -11.65
CA VAL O 114 12.01 19.77 -10.72
C VAL O 114 13.42 20.12 -10.32
N ASN O 115 14.21 19.11 -10.00
CA ASN O 115 15.59 19.34 -9.56
C ASN O 115 16.42 20.01 -10.63
N ILE O 116 16.17 19.65 -11.88
CA ILE O 116 16.84 20.31 -12.99
C ILE O 116 16.36 21.78 -13.12
N PHE O 117 15.05 21.97 -13.06
CA PHE O 117 14.47 23.30 -13.18
C PHE O 117 14.90 24.22 -12.03
N LYS O 118 15.17 23.63 -10.87
CA LYS O 118 15.65 24.38 -9.72
C LYS O 118 16.98 25.06 -10.02
N PHE O 119 17.75 24.50 -10.95
CA PHE O 119 19.00 25.11 -11.37
C PHE O 119 18.75 26.10 -12.52
N ILE O 120 17.98 25.67 -13.51
CA ILE O 120 17.74 26.47 -14.69
C ILE O 120 16.98 27.77 -14.43
N ILE O 121 15.80 27.67 -13.85
CA ILE O 121 14.89 28.80 -13.78
C ILE O 121 15.47 30.01 -13.04
N PRO O 122 16.00 29.80 -11.84
CA PRO O 122 16.56 30.94 -11.11
C PRO O 122 17.64 31.66 -11.91
N ASN O 123 18.45 30.90 -12.63
CA ASN O 123 19.48 31.50 -13.47
C ASN O 123 18.91 32.30 -14.63
N VAL O 124 17.84 31.78 -15.23
CA VAL O 124 17.18 32.51 -16.30
C VAL O 124 16.65 33.82 -15.79
N VAL O 125 15.90 33.76 -14.68
CA VAL O 125 15.22 34.94 -14.14
C VAL O 125 16.22 35.98 -13.67
N LYS O 126 17.37 35.52 -13.18
CA LYS O 126 18.41 36.39 -12.73
C LYS O 126 18.88 37.32 -13.83
N TYR O 127 19.07 36.79 -15.04
CA TYR O 127 19.64 37.58 -16.12
C TYR O 127 18.59 38.21 -17.05
N SER O 128 17.36 37.71 -17.02
CA SER O 128 16.31 38.26 -17.85
C SER O 128 15.02 38.34 -17.02
N PRO O 129 15.01 39.26 -16.04
CA PRO O 129 13.89 39.37 -15.10
C PRO O 129 12.56 39.74 -15.74
N HIS O 130 12.57 40.26 -16.96
CA HIS O 130 11.33 40.68 -17.63
C HIS O 130 10.89 39.77 -18.77
N CYS O 131 11.54 38.62 -18.91
CA CYS O 131 11.27 37.73 -20.02
C CYS O 131 9.94 37.02 -19.86
N LYS O 132 9.49 36.42 -20.95
CA LYS O 132 8.41 35.44 -20.88
C LYS O 132 9.05 34.08 -20.97
N LEU O 133 8.50 33.13 -20.22
CA LEU O 133 8.97 31.76 -20.25
C LEU O 133 8.01 30.92 -21.06
N LEU O 134 8.58 30.16 -21.99
CA LEU O 134 7.81 29.22 -22.79
C LEU O 134 8.37 27.84 -22.56
N VAL O 135 7.59 27.00 -21.90
CA VAL O 135 8.03 25.67 -21.53
C VAL O 135 7.55 24.65 -22.54
N VAL O 136 8.48 23.84 -23.02
CA VAL O 136 8.19 22.83 -24.05
C VAL O 136 8.40 21.42 -23.52
N SER O 137 9.32 21.26 -22.58
CA SER O 137 9.63 19.98 -21.96
C SER O 137 8.40 19.25 -21.42
N ASN O 138 8.44 17.93 -21.47
CA ASN O 138 7.34 17.11 -20.95
C ASN O 138 7.63 16.51 -19.60
N PRO O 139 6.59 16.30 -18.79
CA PRO O 139 5.20 16.63 -19.15
C PRO O 139 4.89 18.12 -19.01
N VAL O 140 4.41 18.70 -20.08
CA VAL O 140 4.44 20.16 -20.24
C VAL O 140 3.56 20.89 -19.23
N ASP O 141 2.35 20.37 -18.99
CA ASP O 141 1.42 21.07 -18.13
C ASP O 141 1.98 21.14 -16.71
N ILE O 142 2.60 20.06 -16.25
CA ILE O 142 3.16 20.03 -14.91
C ILE O 142 4.43 20.89 -14.79
N LEU O 143 5.31 20.77 -15.79
CA LEU O 143 6.57 21.51 -15.73
C LEU O 143 6.36 23.00 -15.92
N THR O 144 5.29 23.39 -16.61
CA THR O 144 4.95 24.79 -16.72
C THR O 144 4.57 25.33 -15.34
N TYR O 145 3.82 24.52 -14.58
CA TYR O 145 3.51 24.86 -13.20
C TYR O 145 4.78 25.02 -12.37
N VAL O 146 5.70 24.06 -12.51
CA VAL O 146 6.95 24.09 -11.76
C VAL O 146 7.73 25.38 -12.06
N ALA O 147 7.85 25.72 -13.34
CA ALA O 147 8.57 26.92 -13.74
C ALA O 147 7.92 28.17 -13.18
N TRP O 148 6.60 28.19 -13.19
CA TRP O 148 5.86 29.31 -12.62
C TRP O 148 6.16 29.47 -11.14
N LYS O 149 6.02 28.37 -10.41
CA LYS O 149 6.30 28.32 -8.98
C LYS O 149 7.70 28.83 -8.65
N ILE O 150 8.70 28.29 -9.33
CA ILE O 150 10.09 28.63 -9.03
C ILE O 150 10.46 30.03 -9.49
N SER O 151 9.89 30.49 -10.60
CA SER O 151 10.26 31.79 -11.15
C SER O 151 9.71 32.92 -10.32
N GLY O 152 8.52 32.70 -9.73
CA GLY O 152 7.78 33.77 -9.09
C GLY O 152 7.24 34.80 -10.06
N PHE O 153 7.22 34.47 -11.35
CA PHE O 153 6.64 35.36 -12.35
C PHE O 153 5.13 35.36 -12.20
N PRO O 154 4.49 36.44 -12.64
CA PRO O 154 3.04 36.41 -12.74
C PRO O 154 2.61 35.45 -13.84
N LYS O 155 1.42 34.88 -13.73
CA LYS O 155 1.01 33.77 -14.58
C LYS O 155 0.91 34.07 -16.08
N ASN O 156 0.63 35.33 -16.42
CA ASN O 156 0.55 35.72 -17.82
C ASN O 156 1.87 35.51 -18.57
N ARG O 157 2.97 35.39 -17.83
CA ARG O 157 4.28 35.35 -18.43
C ARG O 157 4.93 33.97 -18.40
N VAL O 158 4.20 32.97 -17.92
CA VAL O 158 4.69 31.61 -17.97
C VAL O 158 3.73 30.81 -18.81
N ILE O 159 4.24 30.30 -19.93
CA ILE O 159 3.43 29.67 -20.95
C ILE O 159 3.93 28.26 -21.25
N GLY O 160 3.02 27.31 -21.34
CA GLY O 160 3.35 25.95 -21.77
C GLY O 160 2.88 25.75 -23.20
N SER O 161 3.67 25.03 -24.00
CA SER O 161 3.32 24.80 -25.39
C SER O 161 2.04 23.97 -25.51
N GLY O 162 1.73 23.20 -24.47
CA GLY O 162 0.47 22.47 -24.38
C GLY O 162 0.03 21.78 -25.64
N CYS O 163 -1.20 22.03 -26.06
CA CYS O 163 -1.81 21.33 -27.18
C CYS O 163 -1.72 22.08 -28.52
N ASN O 164 -0.79 23.01 -28.63
CA ASN O 164 -0.60 23.77 -29.87
C ASN O 164 -0.30 22.82 -31.03
N LEU O 165 0.66 21.93 -30.84
CA LEU O 165 1.05 21.02 -31.89
C LEU O 165 0.00 19.94 -32.12
N ASP O 166 -0.57 19.43 -31.04
CA ASP O 166 -1.62 18.43 -31.19
C ASP O 166 -2.78 18.93 -32.04
N SER O 167 -3.17 20.19 -31.85
CA SER O 167 -4.22 20.80 -32.66
C SER O 167 -3.77 20.95 -34.11
N ALA O 168 -2.50 21.25 -34.32
CA ALA O 168 -1.97 21.37 -35.67
C ALA O 168 -1.97 20.02 -36.40
N ARG O 169 -1.61 18.96 -35.68
CA ARG O 169 -1.68 17.62 -36.23
C ARG O 169 -3.10 17.28 -36.57
N PHE O 170 -4.01 17.63 -35.67
CA PHE O 170 -5.41 17.34 -35.85
C PHE O 170 -5.93 17.98 -37.14
N ARG O 171 -5.57 19.24 -37.36
CA ARG O 171 -6.04 19.95 -38.55
C ARG O 171 -5.44 19.38 -39.82
N TYR O 172 -4.19 18.93 -39.74
CA TYR O 172 -3.56 18.29 -40.89
C TYR O 172 -4.33 17.03 -41.29
N LEU O 173 -4.68 16.23 -40.30
CA LEU O 173 -5.41 14.98 -40.55
C LEU O 173 -6.83 15.23 -41.06
N MET O 174 -7.49 16.24 -40.51
CA MET O 174 -8.78 16.66 -41.03
C MET O 174 -8.66 17.05 -42.48
N GLY O 175 -7.63 17.81 -42.80
CA GLY O 175 -7.38 18.27 -44.16
C GLY O 175 -7.16 17.11 -45.11
N GLU O 176 -6.41 16.10 -44.67
CA GLU O 176 -6.21 14.91 -45.48
C GLU O 176 -7.52 14.24 -45.83
N ARG O 177 -8.41 14.13 -44.85
CA ARG O 177 -9.70 13.50 -45.07
C ARG O 177 -10.64 14.33 -45.96
N LEU O 178 -10.54 15.65 -45.92
CA LEU O 178 -11.47 16.50 -46.63
C LEU O 178 -10.92 17.04 -47.96
N GLY O 179 -9.62 16.90 -48.17
CA GLY O 179 -8.99 17.40 -49.39
C GLY O 179 -8.80 18.90 -49.41
N VAL O 180 -8.66 19.51 -48.24
CA VAL O 180 -8.37 20.95 -48.14
C VAL O 180 -7.17 21.14 -47.20
N HIS O 181 -6.51 22.29 -47.35
CA HIS O 181 -5.34 22.61 -46.56
C HIS O 181 -5.69 22.70 -45.08
N ALA O 182 -4.72 22.38 -44.23
CA ALA O 182 -4.92 22.43 -42.79
C ALA O 182 -5.35 23.83 -42.33
N LEU O 183 -4.89 24.85 -43.04
CA LEU O 183 -5.21 26.24 -42.72
C LEU O 183 -6.70 26.53 -42.76
N SER O 184 -7.43 25.77 -43.56
CA SER O 184 -8.85 26.02 -43.75
C SER O 184 -9.72 25.04 -42.99
N CYS O 185 -9.09 24.11 -42.28
CA CYS O 185 -9.80 23.21 -41.36
C CYS O 185 -9.62 23.73 -39.97
N HIS O 186 -10.70 23.79 -39.20
CA HIS O 186 -10.61 24.31 -37.84
C HIS O 186 -11.06 23.29 -36.83
N GLY O 187 -10.25 23.14 -35.78
CA GLY O 187 -10.54 22.17 -34.74
C GLY O 187 -9.61 22.40 -33.57
N TRP O 188 -10.10 22.10 -32.37
CA TRP O 188 -9.38 22.40 -31.16
C TRP O 188 -9.24 21.19 -30.26
N ILE O 189 -8.02 20.96 -29.81
CA ILE O 189 -7.72 19.95 -28.82
C ILE O 189 -7.31 20.70 -27.56
N LEU O 190 -8.00 20.40 -26.45
CA LEU O 190 -7.81 21.14 -25.22
C LEU O 190 -7.43 20.23 -24.06
N GLY O 191 -7.08 20.87 -22.95
CA GLY O 191 -6.83 20.18 -21.71
C GLY O 191 -5.41 19.70 -21.56
N GLU O 192 -5.29 18.48 -21.03
CA GLU O 192 -3.99 17.92 -20.73
C GLU O 192 -3.36 17.38 -22.00
N HIS O 193 -2.12 17.78 -22.23
CA HIS O 193 -1.36 17.33 -23.39
C HIS O 193 -1.15 15.82 -23.32
N GLY O 194 -1.32 15.13 -24.44
CA GLY O 194 -1.13 13.68 -24.49
C GLY O 194 -2.42 12.89 -24.47
N ASP O 195 -2.37 11.68 -23.88
CA ASP O 195 -3.49 10.74 -23.93
C ASP O 195 -4.83 11.26 -23.45
N SER O 196 -4.83 12.22 -22.54
CA SER O 196 -6.09 12.70 -21.94
C SER O 196 -6.64 13.99 -22.57
N SER O 197 -6.13 14.36 -23.74
CA SER O 197 -6.61 15.57 -24.41
C SER O 197 -8.08 15.45 -24.76
N VAL O 198 -8.73 16.62 -24.86
CA VAL O 198 -10.13 16.68 -25.22
C VAL O 198 -10.32 17.26 -26.60
N PRO O 199 -10.81 16.46 -27.54
CA PRO O 199 -11.19 17.00 -28.85
C PRO O 199 -12.56 17.64 -28.77
N VAL O 200 -12.65 18.93 -29.08
CA VAL O 200 -13.92 19.64 -29.00
C VAL O 200 -14.66 19.56 -30.33
N TRP O 201 -15.45 18.50 -30.46
CA TRP O 201 -16.16 18.16 -31.70
C TRP O 201 -17.12 19.27 -32.14
N SER O 202 -17.79 19.88 -31.16
CA SER O 202 -18.77 20.91 -31.45
C SER O 202 -18.17 22.08 -32.26
N GLY O 203 -16.92 22.40 -31.97
CA GLY O 203 -16.25 23.54 -32.60
C GLY O 203 -15.34 23.14 -33.71
N MET O 204 -15.70 22.10 -34.47
CA MET O 204 -14.92 21.71 -35.65
C MET O 204 -15.69 22.09 -36.92
N ASN O 205 -15.02 22.82 -37.80
CA ASN O 205 -15.69 23.41 -38.95
C ASN O 205 -14.77 23.68 -40.14
N VAL O 206 -15.39 23.83 -41.31
CA VAL O 206 -14.74 24.37 -42.49
C VAL O 206 -15.66 25.47 -42.99
N ALA O 207 -15.10 26.65 -43.24
CA ALA O 207 -15.87 27.82 -43.66
C ALA O 207 -17.04 28.10 -42.74
N GLY O 208 -16.89 27.79 -41.47
CA GLY O 208 -17.93 28.05 -40.48
C GLY O 208 -19.08 27.06 -40.49
N VAL O 209 -18.95 25.98 -41.27
CA VAL O 209 -19.97 24.93 -41.30
C VAL O 209 -19.60 23.86 -40.28
N SER O 210 -20.43 23.70 -39.26
CA SER O 210 -20.12 22.75 -38.19
C SER O 210 -20.31 21.31 -38.67
N LEU O 211 -19.27 20.49 -38.52
CA LEU O 211 -19.32 19.10 -38.95
C LEU O 211 -20.28 18.30 -38.09
N LYS O 212 -20.34 18.59 -36.81
CA LYS O 212 -21.26 17.90 -35.90
C LYS O 212 -22.73 18.05 -36.32
N THR O 213 -23.06 19.20 -36.91
CA THR O 213 -24.43 19.39 -37.40
C THR O 213 -24.73 18.57 -38.65
N LEU O 214 -23.75 18.41 -39.52
CA LEU O 214 -23.94 17.61 -40.73
C LEU O 214 -23.87 16.10 -40.46
N HIS O 215 -23.20 15.72 -39.38
CA HIS O 215 -22.92 14.33 -39.08
C HIS O 215 -23.03 14.19 -37.57
N PRO O 216 -24.28 14.09 -37.06
CA PRO O 216 -24.48 14.16 -35.61
C PRO O 216 -23.78 13.07 -34.81
N GLU O 217 -23.40 11.94 -35.43
CA GLU O 217 -22.72 10.88 -34.68
C GLU O 217 -21.21 11.12 -34.58
N LEU O 218 -20.75 12.22 -35.17
CA LEU O 218 -19.35 12.68 -35.12
C LEU O 218 -18.32 12.08 -34.22
N GLY O 219 -18.21 12.42 -32.93
CA GLY O 219 -17.14 11.86 -32.12
C GLY O 219 -17.58 10.68 -31.31
N THR O 220 -18.65 9.99 -31.72
CA THR O 220 -19.21 8.89 -30.93
C THR O 220 -18.69 7.58 -31.49
N ASP O 221 -19.19 6.47 -30.96
CA ASP O 221 -18.84 5.13 -31.47
C ASP O 221 -19.82 4.67 -32.57
N ALA O 222 -21.05 5.15 -32.50
CA ALA O 222 -22.02 5.00 -33.59
C ALA O 222 -21.48 5.58 -34.91
N ASP O 223 -20.45 6.41 -34.80
CA ASP O 223 -19.85 7.09 -35.95
C ASP O 223 -19.20 6.08 -36.90
N LYS O 224 -19.85 5.87 -38.04
CA LYS O 224 -19.40 4.93 -39.05
C LYS O 224 -18.14 5.38 -39.78
N GLU O 225 -17.77 6.65 -39.64
CA GLU O 225 -16.57 7.19 -40.25
C GLU O 225 -15.40 7.24 -39.25
N GLN O 226 -15.66 6.80 -38.02
CA GLN O 226 -14.63 6.71 -37.00
C GLN O 226 -13.80 7.98 -36.85
N TRP O 227 -14.44 9.13 -36.65
CA TRP O 227 -13.69 10.35 -36.46
C TRP O 227 -13.01 10.35 -35.12
N LYS O 228 -13.60 9.64 -34.17
CA LYS O 228 -12.98 9.47 -32.87
C LYS O 228 -11.54 8.96 -33.04
N GLN O 229 -11.32 8.13 -34.07
CA GLN O 229 -9.98 7.60 -34.35
C GLN O 229 -8.96 8.68 -34.68
N VAL O 230 -9.39 9.75 -35.33
CA VAL O 230 -8.49 10.83 -35.70
C VAL O 230 -7.81 11.41 -34.47
N HIS O 231 -8.57 11.57 -33.39
CA HIS O 231 -7.99 12.06 -32.14
C HIS O 231 -6.99 11.05 -31.59
N LYS O 232 -7.37 9.77 -31.59
CA LYS O 232 -6.46 8.72 -31.14
C LYS O 232 -5.17 8.80 -31.98
N GLN O 233 -5.33 8.99 -33.29
CA GLN O 233 -4.21 9.10 -34.20
C GLN O 233 -3.28 10.23 -33.80
N VAL O 234 -3.83 11.36 -33.41
CA VAL O 234 -3.03 12.50 -32.98
C VAL O 234 -2.16 12.14 -31.79
N VAL O 235 -2.76 11.45 -30.81
CA VAL O 235 -2.03 11.02 -29.62
C VAL O 235 -0.95 10.00 -29.97
N ASP O 236 -1.29 9.04 -30.82
CA ASP O 236 -0.37 7.98 -31.20
C ASP O 236 0.77 8.47 -32.11
N SER O 237 0.49 9.47 -32.96
CA SER O 237 1.50 9.92 -33.93
C SER O 237 2.83 10.28 -33.30
N ALA O 238 2.82 10.86 -32.11
CA ALA O 238 4.04 11.17 -31.41
C ALA O 238 4.91 9.91 -31.21
N TYR O 239 4.30 8.85 -30.66
CA TYR O 239 5.00 7.60 -30.42
C TYR O 239 5.39 6.95 -31.75
N GLU O 240 4.47 6.96 -32.70
CA GLU O 240 4.73 6.43 -34.03
C GLU O 240 6.02 6.99 -34.62
N VAL O 241 6.19 8.31 -34.53
CA VAL O 241 7.37 8.97 -35.09
C VAL O 241 8.63 8.61 -34.31
N ILE O 242 8.52 8.56 -32.99
CA ILE O 242 9.67 8.17 -32.15
C ILE O 242 10.11 6.74 -32.45
N LYS O 243 9.14 5.85 -32.63
CA LYS O 243 9.42 4.47 -32.98
C LYS O 243 10.13 4.39 -34.31
N LEU O 244 9.79 5.29 -35.23
CA LEU O 244 10.33 5.23 -36.59
C LEU O 244 11.68 5.91 -36.75
N LYS O 245 11.84 7.12 -36.22
CA LYS O 245 13.10 7.84 -36.42
C LYS O 245 13.83 8.14 -35.12
N GLY O 246 13.24 7.78 -33.98
CA GLY O 246 13.91 7.92 -32.69
C GLY O 246 13.45 9.06 -31.81
N TYR O 247 12.82 10.08 -32.41
CA TYR O 247 12.43 11.29 -31.68
C TYR O 247 11.56 12.12 -32.60
N THR O 248 11.01 13.22 -32.07
CA THR O 248 10.24 14.17 -32.86
C THR O 248 10.90 15.52 -32.77
N THR O 249 10.89 16.28 -33.88
CA THR O 249 11.57 17.58 -33.85
C THR O 249 11.08 18.64 -34.76
N TRP O 250 10.73 18.35 -36.02
CA TRP O 250 10.47 19.44 -36.96
C TRP O 250 9.19 20.15 -36.60
N ALA O 251 8.14 19.36 -36.40
CA ALA O 251 6.81 19.91 -36.16
C ALA O 251 6.76 20.73 -34.89
N ILE O 252 7.41 20.27 -33.84
CA ILE O 252 7.46 21.02 -32.58
C ILE O 252 8.17 22.34 -32.78
N GLY O 253 9.28 22.29 -33.50
CA GLY O 253 10.07 23.50 -33.81
C GLY O 253 9.22 24.55 -34.50
N LEU O 254 8.45 24.12 -35.49
CA LEU O 254 7.60 25.02 -36.23
C LEU O 254 6.48 25.56 -35.36
N SER O 255 5.87 24.68 -34.55
CA SER O 255 4.79 25.08 -33.66
C SER O 255 5.30 26.12 -32.65
N VAL O 256 6.49 25.92 -32.12
CA VAL O 256 7.06 26.84 -31.14
C VAL O 256 7.38 28.20 -31.79
N ALA O 257 7.96 28.16 -32.97
CA ALA O 257 8.25 29.39 -33.70
C ALA O 257 6.97 30.19 -33.95
N ASP O 258 5.87 29.50 -34.23
CA ASP O 258 4.60 30.15 -34.42
C ASP O 258 4.17 30.91 -33.17
N LEU O 259 4.35 30.29 -32.01
CA LEU O 259 4.04 30.95 -30.75
C LEU O 259 4.95 32.16 -30.54
N ALA O 260 6.24 31.96 -30.81
CA ALA O 260 7.21 33.04 -30.69
C ALA O 260 6.80 34.22 -31.56
N GLU O 261 6.31 33.95 -32.77
CA GLU O 261 5.87 35.02 -33.63
C GLU O 261 4.76 35.86 -33.00
N SER O 262 3.75 35.21 -32.44
CA SER O 262 2.66 35.93 -31.79
C SER O 262 3.17 36.80 -30.65
N ILE O 263 4.15 36.31 -29.91
CA ILE O 263 4.71 37.04 -28.79
C ILE O 263 5.56 38.22 -29.26
N MET O 264 6.54 37.95 -30.13
CA MET O 264 7.47 38.98 -30.53
C MET O 264 6.79 40.08 -31.34
N LYS O 265 5.75 39.75 -32.08
CA LYS O 265 5.05 40.74 -32.90
C LYS O 265 3.72 41.21 -32.30
N ASN O 266 3.41 40.76 -31.09
CA ASN O 266 2.22 41.18 -30.38
C ASN O 266 0.94 41.04 -31.20
N LEU O 267 0.77 39.87 -31.80
CA LEU O 267 -0.31 39.65 -32.74
C LEU O 267 -1.69 39.49 -32.08
N ARG O 268 -1.69 38.95 -30.87
CA ARG O 268 -2.95 38.66 -30.17
C ARG O 268 -3.79 37.66 -30.97
N ARG O 269 -3.12 36.61 -31.43
CA ARG O 269 -3.77 35.48 -32.03
C ARG O 269 -4.17 34.51 -30.94
N VAL O 270 -5.11 33.64 -31.24
CA VAL O 270 -5.57 32.66 -30.27
C VAL O 270 -4.91 31.31 -30.54
N HIS O 271 -4.25 30.77 -29.52
CA HIS O 271 -3.60 29.48 -29.61
C HIS O 271 -4.06 28.56 -28.48
N PRO O 272 -4.11 27.24 -28.73
CA PRO O 272 -4.41 26.33 -27.66
C PRO O 272 -3.13 26.02 -26.90
N ILE O 273 -2.90 26.77 -25.83
CA ILE O 273 -1.67 26.62 -25.06
C ILE O 273 -1.99 26.50 -23.58
N SER O 274 -0.99 26.06 -22.83
CA SER O 274 -1.16 25.73 -21.44
C SER O 274 -1.00 26.96 -20.57
N THR O 275 -2.06 27.31 -19.84
CA THR O 275 -2.02 28.43 -18.90
C THR O 275 -2.69 28.02 -17.60
N MET O 276 -2.47 28.80 -16.54
CA MET O 276 -3.10 28.46 -15.28
C MET O 276 -4.57 28.75 -15.30
N LEU O 277 -5.39 27.76 -15.00
CA LEU O 277 -6.83 27.96 -15.23
C LEU O 277 -7.67 27.92 -13.98
N LYS O 278 -7.06 28.13 -12.82
CA LYS O 278 -7.81 28.23 -11.58
C LYS O 278 -8.92 29.25 -11.77
N GLY O 279 -10.14 28.86 -11.47
CA GLY O 279 -11.28 29.77 -11.60
C GLY O 279 -12.12 29.57 -12.85
N LEU O 280 -11.73 28.63 -13.70
CA LEU O 280 -12.49 28.34 -14.92
C LEU O 280 -12.95 26.89 -14.95
N TYR O 281 -14.13 26.68 -15.50
CA TYR O 281 -14.74 25.34 -15.51
C TYR O 281 -14.73 24.67 -14.15
N GLY O 282 -14.96 25.44 -13.08
CA GLY O 282 -15.04 24.86 -11.74
C GLY O 282 -13.75 24.21 -11.26
N ILE O 283 -12.63 24.63 -11.81
CA ILE O 283 -11.33 24.15 -11.36
C ILE O 283 -10.84 25.08 -10.25
N LYS O 284 -10.49 24.52 -9.12
CA LYS O 284 -10.14 25.30 -7.94
C LYS O 284 -8.66 25.19 -7.55
N GLU O 285 -7.90 24.40 -8.30
CA GLU O 285 -6.51 24.17 -7.95
C GLU O 285 -5.55 24.91 -8.87
N ASP O 286 -4.33 25.12 -8.40
CA ASP O 286 -3.28 25.71 -9.22
C ASP O 286 -2.76 24.73 -10.26
N VAL O 287 -3.48 24.60 -11.38
CA VAL O 287 -3.05 23.74 -12.46
C VAL O 287 -3.04 24.46 -13.80
N PHE O 288 -2.16 23.99 -14.68
CA PHE O 288 -2.09 24.49 -16.04
C PHE O 288 -2.69 23.47 -17.00
N LEU O 289 -3.56 23.95 -17.89
CA LEU O 289 -4.10 23.13 -18.96
C LEU O 289 -4.27 23.98 -20.20
N SER O 290 -4.35 23.34 -21.36
CA SER O 290 -4.49 24.07 -22.60
C SER O 290 -5.93 24.53 -22.79
N VAL O 291 -6.08 25.82 -23.03
CA VAL O 291 -7.32 26.41 -23.50
C VAL O 291 -6.93 27.44 -24.52
N PRO O 292 -7.91 27.93 -25.30
CA PRO O 292 -7.58 28.93 -26.31
C PRO O 292 -7.19 30.25 -25.64
N CYS O 293 -5.96 30.68 -25.84
CA CYS O 293 -5.45 31.88 -25.21
C CYS O 293 -5.08 32.93 -26.22
N VAL O 294 -5.28 34.19 -25.85
CA VAL O 294 -4.80 35.31 -26.65
C VAL O 294 -3.36 35.58 -26.26
N LEU O 295 -2.48 35.53 -27.25
CA LEU O 295 -1.05 35.57 -27.01
C LEU O 295 -0.45 36.81 -27.67
N GLY O 296 0.32 37.56 -26.91
CA GLY O 296 0.88 38.84 -27.36
C GLY O 296 2.16 39.16 -26.63
N GLN O 297 2.55 40.42 -26.66
CA GLN O 297 3.87 40.80 -26.14
C GLN O 297 3.97 40.63 -24.64
N ASN O 298 2.84 40.60 -23.93
CA ASN O 298 2.86 40.38 -22.48
C ASN O 298 2.46 38.97 -22.11
N GLY O 299 2.58 38.04 -23.06
CA GLY O 299 2.19 36.68 -22.80
C GLY O 299 0.69 36.54 -22.94
N ILE O 300 0.08 35.82 -22.02
CA ILE O 300 -1.33 35.50 -22.11
C ILE O 300 -2.17 36.54 -21.39
N SER O 301 -2.90 37.32 -22.18
CA SER O 301 -3.70 38.41 -21.64
C SER O 301 -5.15 38.00 -21.41
N ASP O 302 -5.64 37.07 -22.20
CA ASP O 302 -7.04 36.70 -22.16
C ASP O 302 -7.21 35.25 -22.52
N VAL O 303 -8.33 34.68 -22.12
CA VAL O 303 -8.68 33.30 -22.43
C VAL O 303 -10.08 33.26 -23.05
N VAL O 304 -10.27 32.39 -24.02
CA VAL O 304 -11.58 32.24 -24.65
C VAL O 304 -12.37 31.16 -23.92
N LYS O 305 -13.57 31.49 -23.48
CA LYS O 305 -14.42 30.55 -22.79
C LYS O 305 -15.16 29.68 -23.79
N VAL O 306 -14.63 28.48 -24.04
CA VAL O 306 -15.32 27.57 -24.93
C VAL O 306 -16.42 26.89 -24.15
N THR O 307 -17.59 26.75 -24.76
CA THR O 307 -18.72 26.09 -24.12
C THR O 307 -18.57 24.57 -24.26
N LEU O 308 -18.48 23.89 -23.12
CA LEU O 308 -18.21 22.44 -23.12
C LEU O 308 -19.40 21.61 -22.64
N THR O 309 -19.50 20.39 -23.15
CA THR O 309 -20.50 19.46 -22.68
C THR O 309 -20.11 19.01 -21.28
N SER O 310 -21.08 18.59 -20.48
CA SER O 310 -20.81 18.09 -19.14
C SER O 310 -19.75 16.98 -19.16
N GLU O 311 -19.75 16.15 -20.19
CA GLU O 311 -18.76 15.07 -20.34
C GLU O 311 -17.36 15.66 -20.49
N GLU O 312 -17.23 16.60 -21.43
CA GLU O 312 -15.97 17.29 -21.69
C GLU O 312 -15.47 18.00 -20.43
N GLU O 313 -16.36 18.76 -19.80
CA GLU O 313 -16.05 19.48 -18.57
C GLU O 313 -15.54 18.56 -17.47
N ALA O 314 -16.17 17.40 -17.33
CA ALA O 314 -15.78 16.42 -16.32
C ALA O 314 -14.40 15.89 -16.64
N HIS O 315 -14.14 15.63 -17.92
CA HIS O 315 -12.84 15.13 -18.37
CA HIS O 315 -12.84 15.13 -18.36
C HIS O 315 -11.70 16.07 -17.95
N LEU O 316 -11.96 17.37 -18.03
CA LEU O 316 -10.98 18.38 -17.64
C LEU O 316 -10.73 18.37 -16.15
N LYS O 317 -11.81 18.34 -15.37
CA LYS O 317 -11.71 18.32 -13.92
C LYS O 317 -10.93 17.10 -13.46
N LYS O 318 -11.17 15.97 -14.11
CA LYS O 318 -10.44 14.74 -13.79
C LYS O 318 -8.95 14.98 -13.95
N SER O 319 -8.56 15.55 -15.11
CA SER O 319 -7.16 15.81 -15.37
C SER O 319 -6.56 16.81 -14.36
N ALA O 320 -7.32 17.82 -13.99
CA ALA O 320 -6.87 18.77 -12.97
C ALA O 320 -6.60 18.08 -11.64
N ASP O 321 -7.52 17.21 -11.23
CA ASP O 321 -7.33 16.44 -9.99
C ASP O 321 -6.04 15.64 -10.03
N THR O 322 -5.80 14.94 -11.13
CA THR O 322 -4.61 14.11 -11.24
C THR O 322 -3.34 14.94 -11.15
N LEU O 323 -3.31 16.04 -11.90
CA LEU O 323 -2.15 16.90 -11.93
C LEU O 323 -1.87 17.46 -10.54
N TRP O 324 -2.91 17.96 -9.89
CA TRP O 324 -2.74 18.48 -8.54
C TRP O 324 -2.24 17.38 -7.59
N GLY O 325 -2.81 16.20 -7.71
CA GLY O 325 -2.38 15.04 -6.92
C GLY O 325 -0.88 14.85 -6.93
N ILE O 326 -0.28 15.04 -8.09
CA ILE O 326 1.17 14.94 -8.23
C ILE O 326 1.87 16.20 -7.72
N GLN O 327 1.38 17.35 -8.13
CA GLN O 327 2.02 18.61 -7.79
C GLN O 327 2.14 18.80 -6.29
N LYS O 328 1.10 18.43 -5.56
CA LYS O 328 1.10 18.56 -4.11
C LYS O 328 2.17 17.70 -3.44
N GLU O 329 2.71 16.72 -4.15
CA GLU O 329 3.71 15.81 -3.59
C GLU O 329 5.15 16.27 -3.91
N LEU O 330 5.30 17.35 -4.66
CA LEU O 330 6.61 17.75 -5.14
C LEU O 330 7.40 18.52 -4.10
N GLN O 331 8.71 18.28 -4.08
CA GLN O 331 9.61 19.00 -3.18
C GLN O 331 10.32 20.14 -3.92
N PHE O 332 10.00 21.37 -3.53
CA PHE O 332 10.63 22.56 -4.10
C PHE O 332 11.76 23.05 -3.22
N ALA P 2 36.86 41.47 -77.26
CA ALA P 2 37.08 42.95 -77.28
C ALA P 2 36.00 43.68 -76.50
N ALA P 3 34.78 43.16 -76.45
CA ALA P 3 33.80 43.72 -75.50
C ALA P 3 34.24 43.36 -74.08
N LEU P 4 33.73 44.12 -73.10
CA LEU P 4 34.01 43.84 -71.71
C LEU P 4 33.29 42.56 -71.31
N LYS P 5 32.01 42.50 -71.68
CA LYS P 5 31.19 41.32 -71.39
C LYS P 5 31.90 40.03 -71.83
N ASP P 6 32.53 40.04 -72.99
CA ASP P 6 33.19 38.84 -73.52
C ASP P 6 34.48 38.51 -72.75
N GLN P 7 35.16 39.55 -72.26
CA GLN P 7 36.36 39.34 -71.47
C GLN P 7 36.05 38.79 -70.09
N LEU P 8 34.85 39.10 -69.60
CA LEU P 8 34.46 38.76 -68.22
C LEU P 8 33.64 37.48 -68.13
N ILE P 9 32.72 37.28 -69.07
CA ILE P 9 31.81 36.16 -69.03
C ILE P 9 32.05 35.20 -70.18
N HIS P 10 32.28 33.94 -69.83
CA HIS P 10 32.37 32.87 -70.81
C HIS P 10 31.02 32.15 -70.88
N ASN P 11 30.37 32.22 -72.04
CA ASN P 11 29.05 31.62 -72.20
C ASN P 11 29.14 30.11 -72.42
N LEU P 12 28.22 29.36 -71.82
CA LEU P 12 28.18 27.90 -71.94
C LEU P 12 26.90 27.42 -72.60
N LEU P 13 25.93 28.30 -72.75
CA LEU P 13 24.60 27.87 -73.13
C LEU P 13 23.86 29.01 -73.76
N LYS P 14 23.43 28.84 -75.00
CA LYS P 14 22.82 29.90 -75.78
C LYS P 14 21.34 29.60 -75.64
N GLU P 15 20.66 30.35 -74.78
CA GLU P 15 19.39 29.86 -74.24
C GLU P 15 18.20 30.77 -74.39
N GLU P 16 17.08 30.19 -74.81
CA GLU P 16 15.85 30.97 -74.92
C GLU P 16 15.10 30.84 -73.62
N HIS P 17 14.64 31.99 -73.13
CA HIS P 17 14.06 32.04 -71.81
C HIS P 17 12.59 31.68 -71.90
N VAL P 18 12.12 30.70 -71.12
CA VAL P 18 10.69 30.46 -71.01
C VAL P 18 10.35 30.56 -69.54
N PRO P 19 9.47 31.50 -69.15
CA PRO P 19 9.22 31.67 -67.73
C PRO P 19 8.39 30.52 -67.16
N GLN P 20 8.64 30.19 -65.91
CA GLN P 20 8.03 29.05 -65.27
C GLN P 20 6.80 29.46 -64.47
N ASN P 21 6.84 30.66 -63.89
CA ASN P 21 5.78 31.11 -62.99
C ASN P 21 5.42 32.56 -63.24
N LYS P 22 4.97 32.81 -64.45
CA LYS P 22 4.69 34.16 -64.91
C LYS P 22 3.30 34.62 -64.53
N ILE P 23 3.23 35.87 -64.10
CA ILE P 23 1.95 36.52 -63.80
C ILE P 23 1.85 37.81 -64.58
N THR P 24 0.67 38.05 -65.13
CA THR P 24 0.39 39.28 -65.86
C THR P 24 -0.67 40.08 -65.11
N VAL P 25 -0.44 41.39 -64.99
CA VAL P 25 -1.47 42.28 -64.50
C VAL P 25 -1.92 43.21 -65.62
N VAL P 26 -3.22 43.23 -65.87
CA VAL P 26 -3.81 44.10 -66.87
C VAL P 26 -4.43 45.31 -66.20
N GLY P 27 -3.92 46.49 -66.53
CA GLY P 27 -4.34 47.73 -65.91
C GLY P 27 -3.31 48.17 -64.90
N VAL P 28 -2.77 49.38 -65.07
CA VAL P 28 -1.77 49.92 -64.14
C VAL P 28 -2.29 51.18 -63.47
N GLY P 29 -3.59 51.19 -63.18
CA GLY P 29 -4.17 52.16 -62.28
C GLY P 29 -3.77 51.79 -60.86
N ALA P 30 -4.33 52.50 -59.88
CA ALA P 30 -3.93 52.31 -58.50
C ALA P 30 -4.08 50.86 -58.05
N VAL P 31 -5.19 50.24 -58.46
CA VAL P 31 -5.47 48.86 -58.07
C VAL P 31 -4.49 47.89 -58.71
N GLY P 32 -4.28 48.04 -60.01
CA GLY P 32 -3.32 47.21 -60.71
C GLY P 32 -1.94 47.26 -60.07
N MET P 33 -1.47 48.47 -59.78
CA MET P 33 -0.14 48.64 -59.24
C MET P 33 -0.03 48.10 -57.82
N ALA P 34 -1.12 48.18 -57.07
CA ALA P 34 -1.16 47.60 -55.73
C ALA P 34 -1.07 46.07 -55.80
N CYS P 35 -1.77 45.48 -56.76
CA CYS P 35 -1.64 44.05 -57.00
C CYS P 35 -0.20 43.71 -57.37
N ALA P 36 0.37 44.49 -58.29
CA ALA P 36 1.73 44.24 -58.74
C ALA P 36 2.73 44.23 -57.59
N ILE P 37 2.74 45.30 -56.81
CA ILE P 37 3.72 45.42 -55.75
C ILE P 37 3.54 44.32 -54.70
N SER P 38 2.30 43.99 -54.37
CA SER P 38 2.04 42.95 -53.39
C SER P 38 2.56 41.60 -53.86
N ILE P 39 2.37 41.33 -55.15
CA ILE P 39 2.84 40.09 -55.75
C ILE P 39 4.36 40.04 -55.77
N LEU P 40 4.99 41.15 -56.14
CA LEU P 40 6.44 41.21 -56.19
C LEU P 40 7.06 40.97 -54.82
N MET P 41 6.42 41.48 -53.78
CA MET P 41 6.96 41.37 -52.45
C MET P 41 6.69 40.03 -51.80
N LYS P 42 5.91 39.18 -52.44
CA LYS P 42 5.67 37.85 -51.91
C LYS P 42 6.35 36.76 -52.73
N ASP P 43 7.23 37.17 -53.64
CA ASP P 43 8.02 36.23 -54.45
C ASP P 43 7.17 35.14 -55.10
N LEU P 44 6.09 35.55 -55.76
CA LEU P 44 5.17 34.58 -56.35
C LEU P 44 5.47 34.30 -57.81
N ALA P 45 6.27 35.13 -58.43
CA ALA P 45 6.51 35.03 -59.87
C ALA P 45 7.97 35.18 -60.23
N ASP P 46 8.39 34.52 -61.31
CA ASP P 46 9.73 34.70 -61.86
C ASP P 46 9.73 35.70 -63.01
N GLU P 47 8.54 36.06 -63.47
CA GLU P 47 8.39 37.12 -64.46
C GLU P 47 7.04 37.78 -64.26
N LEU P 48 7.03 39.11 -64.29
CA LEU P 48 5.80 39.87 -64.14
C LEU P 48 5.62 40.77 -65.34
N ALA P 49 4.44 40.71 -65.94
CA ALA P 49 4.11 41.53 -67.10
C ALA P 49 3.00 42.51 -66.77
N LEU P 50 3.15 43.72 -67.27
CA LEU P 50 2.16 44.76 -67.10
C LEU P 50 1.67 45.21 -68.46
N VAL P 51 0.35 45.30 -68.60
CA VAL P 51 -0.26 45.76 -69.84
C VAL P 51 -1.31 46.82 -69.55
N ASP P 52 -1.34 47.85 -70.39
CA ASP P 52 -2.36 48.89 -70.35
C ASP P 52 -2.34 49.63 -71.68
N VAL P 53 -3.27 50.56 -71.87
CA VAL P 53 -3.35 51.33 -73.11
C VAL P 53 -2.53 52.62 -73.05
N MET P 54 -2.32 53.17 -71.86
CA MET P 54 -1.49 54.36 -71.71
C MET P 54 -0.01 54.00 -71.66
N GLU P 55 0.66 54.11 -72.81
CA GLU P 55 2.04 53.66 -72.96
C GLU P 55 3.06 54.36 -72.05
N ASP P 56 2.89 55.64 -71.85
CA ASP P 56 3.77 56.43 -70.98
C ASP P 56 3.71 56.00 -69.52
N LYS P 57 2.52 56.05 -68.96
CA LYS P 57 2.29 55.60 -67.58
C LYS P 57 2.83 54.18 -67.40
N LEU P 58 2.56 53.33 -68.39
CA LEU P 58 2.96 51.94 -68.35
C LEU P 58 4.48 51.79 -68.23
N LYS P 59 5.18 52.43 -69.14
CA LYS P 59 6.62 52.39 -69.15
C LYS P 59 7.20 52.97 -67.87
N GLY P 60 6.61 54.03 -67.36
CA GLY P 60 7.10 54.66 -66.13
C GLY P 60 6.99 53.75 -64.92
N GLU P 61 5.83 53.09 -64.79
CA GLU P 61 5.62 52.15 -63.70
C GLU P 61 6.59 50.99 -63.80
N MET P 62 6.79 50.49 -65.00
CA MET P 62 7.75 49.40 -65.22
C MET P 62 9.14 49.79 -64.77
N MET P 63 9.62 50.95 -65.19
CA MET P 63 10.97 51.40 -64.85
C MET P 63 11.12 51.56 -63.35
N ASP P 64 10.12 52.18 -62.71
CA ASP P 64 10.16 52.40 -61.28
C ASP P 64 10.36 51.06 -60.55
N LEU P 65 9.59 50.05 -60.95
CA LEU P 65 9.73 48.71 -60.38
C LEU P 65 11.10 48.09 -60.66
N GLN P 66 11.54 48.18 -61.90
CA GLN P 66 12.84 47.63 -62.29
C GLN P 66 13.98 48.20 -61.45
N HIS P 67 13.89 49.48 -61.11
CA HIS P 67 14.96 50.11 -60.36
C HIS P 67 15.09 49.52 -58.98
N GLY P 68 14.05 48.85 -58.51
CA GLY P 68 14.07 48.18 -57.22
C GLY P 68 14.49 46.73 -57.27
N SER P 69 14.95 46.27 -58.44
CA SER P 69 15.30 44.86 -58.63
C SER P 69 16.24 44.29 -57.58
N LEU P 70 17.18 45.14 -57.12
CA LEU P 70 18.14 44.73 -56.11
C LEU P 70 17.44 44.21 -54.86
N PHE P 71 16.27 44.76 -54.56
CA PHE P 71 15.55 44.43 -53.33
C PHE P 71 14.46 43.41 -53.55
N LEU P 72 14.41 42.83 -54.74
CA LEU P 72 13.37 41.86 -55.07
C LEU P 72 13.99 40.54 -55.52
N ARG P 73 13.15 39.54 -55.69
CA ARG P 73 13.58 38.22 -56.14
C ARG P 73 12.76 37.81 -57.35
N THR P 74 12.37 38.80 -58.14
CA THR P 74 11.66 38.57 -59.38
C THR P 74 12.50 39.19 -60.47
N PRO P 75 13.22 38.36 -61.22
CA PRO P 75 14.27 38.88 -62.10
C PRO P 75 13.80 39.60 -63.35
N LYS P 76 12.56 39.40 -63.78
CA LYS P 76 12.10 39.98 -65.02
C LYS P 76 10.78 40.71 -64.87
N ILE P 77 10.79 41.97 -65.21
CA ILE P 77 9.58 42.77 -65.21
C ILE P 77 9.46 43.39 -66.57
N VAL P 78 8.33 43.17 -67.23
CA VAL P 78 8.14 43.65 -68.60
C VAL P 78 6.78 44.30 -68.76
N SER P 79 6.64 45.08 -69.81
CA SER P 79 5.39 45.79 -70.06
C SER P 79 5.26 46.10 -71.53
N GLY P 80 4.06 46.47 -71.94
CA GLY P 80 3.82 46.86 -73.33
C GLY P 80 2.34 47.01 -73.59
N LYS P 81 2.00 47.73 -74.66
CA LYS P 81 0.60 47.80 -75.07
C LYS P 81 0.25 46.58 -75.87
N ASP P 82 1.24 45.91 -76.47
CA ASP P 82 1.03 44.69 -77.20
C ASP P 82 1.01 43.45 -76.29
N TYR P 83 -0.04 42.64 -76.41
CA TYR P 83 -0.23 41.50 -75.51
C TYR P 83 0.77 40.36 -75.68
N SER P 84 1.57 40.39 -76.73
CA SER P 84 2.64 39.41 -76.88
C SER P 84 3.53 39.36 -75.62
N VAL P 85 3.71 40.49 -74.93
CA VAL P 85 4.52 40.50 -73.70
C VAL P 85 3.90 39.65 -72.58
N THR P 86 2.63 39.26 -72.72
CA THR P 86 1.97 38.46 -71.69
C THR P 86 2.06 36.97 -71.92
N ALA P 87 2.78 36.55 -72.95
CA ALA P 87 2.82 35.16 -73.33
C ALA P 87 3.26 34.24 -72.18
N ASN P 88 2.59 33.09 -72.08
CA ASN P 88 2.94 32.05 -71.13
C ASN P 88 2.71 32.43 -69.68
N SER P 89 1.70 33.25 -69.42
CA SER P 89 1.34 33.54 -68.06
C SER P 89 0.60 32.36 -67.48
N LYS P 90 0.89 32.01 -66.23
CA LYS P 90 0.10 31.02 -65.52
C LYS P 90 -1.15 31.67 -64.98
N LEU P 91 -1.05 32.96 -64.69
CA LEU P 91 -2.14 33.69 -64.05
C LEU P 91 -2.20 35.10 -64.60
N VAL P 92 -3.40 35.51 -65.00
CA VAL P 92 -3.61 36.84 -65.54
C VAL P 92 -4.67 37.55 -64.71
N ILE P 93 -4.31 38.71 -64.17
CA ILE P 93 -5.17 39.46 -63.30
C ILE P 93 -5.69 40.69 -64.04
N ILE P 94 -7.02 40.81 -64.08
CA ILE P 94 -7.66 41.86 -64.84
C ILE P 94 -8.21 42.95 -63.91
N THR P 95 -7.63 44.15 -64.01
CA THR P 95 -8.08 45.29 -63.21
C THR P 95 -8.61 46.42 -64.06
N ALA P 96 -8.49 46.32 -65.37
CA ALA P 96 -9.01 47.37 -66.26
C ALA P 96 -10.52 47.33 -66.33
N GLY P 97 -11.13 48.49 -66.59
CA GLY P 97 -12.59 48.57 -66.67
C GLY P 97 -13.09 50.00 -66.70
N ALA P 98 -14.35 50.17 -67.00
CA ALA P 98 -14.95 51.48 -67.14
C ALA P 98 -15.52 51.90 -65.80
N ARG P 99 -15.33 53.17 -65.46
CA ARG P 99 -15.94 53.78 -64.28
C ARG P 99 -17.35 54.21 -64.62
N GLN P 100 -18.28 53.99 -63.70
CA GLN P 100 -19.68 54.37 -63.89
C GLN P 100 -19.89 55.88 -64.00
N GLN P 101 -20.81 56.28 -64.86
CA GLN P 101 -21.07 57.71 -65.03
C GLN P 101 -22.43 58.13 -64.46
N GLU P 102 -22.58 59.41 -64.19
CA GLU P 102 -23.79 59.91 -63.56
C GLU P 102 -25.00 59.75 -64.49
N GLY P 103 -26.02 59.10 -63.96
CA GLY P 103 -27.26 58.88 -64.68
C GLY P 103 -27.28 57.62 -65.52
N GLU P 104 -26.16 56.91 -65.55
CA GLU P 104 -25.98 55.79 -66.45
C GLU P 104 -26.62 54.55 -65.85
N SER P 105 -27.37 53.82 -66.67
CA SER P 105 -28.02 52.60 -66.23
C SER P 105 -26.98 51.50 -65.98
N ARG P 106 -27.35 50.53 -65.15
CA ARG P 106 -26.46 49.45 -64.84
C ARG P 106 -26.09 48.67 -66.10
N LEU P 107 -27.10 48.39 -66.93
CA LEU P 107 -26.90 47.65 -68.16
C LEU P 107 -25.92 48.37 -69.07
N ASN P 108 -26.05 49.68 -69.16
CA ASN P 108 -25.18 50.47 -70.00
C ASN P 108 -23.72 50.41 -69.54
N LEU P 109 -23.52 50.52 -68.23
CA LEU P 109 -22.19 50.43 -67.67
C LEU P 109 -21.53 49.10 -68.01
N VAL P 110 -22.24 48.00 -67.73
CA VAL P 110 -21.73 46.69 -68.03
C VAL P 110 -21.36 46.57 -69.50
N GLN P 111 -22.24 47.02 -70.39
CA GLN P 111 -22.01 46.92 -71.82
C GLN P 111 -20.73 47.60 -72.24
N ARG P 112 -20.47 48.78 -71.68
CA ARG P 112 -19.24 49.50 -71.96
C ARG P 112 -18.01 48.66 -71.57
N ASN P 113 -18.12 47.95 -70.45
CA ASN P 113 -17.05 47.06 -70.02
C ASN P 113 -16.93 45.84 -70.92
N VAL P 114 -18.07 45.31 -71.36
CA VAL P 114 -18.03 44.20 -72.30
C VAL P 114 -17.20 44.60 -73.50
N ASN P 115 -17.42 45.81 -74.00
CA ASN P 115 -16.71 46.26 -75.18
C ASN P 115 -15.20 46.33 -74.94
N ILE P 116 -14.82 46.72 -73.74
CA ILE P 116 -13.42 46.73 -73.37
C ILE P 116 -12.87 45.29 -73.29
N PHE P 117 -13.63 44.42 -72.62
CA PHE P 117 -13.22 43.03 -72.45
C PHE P 117 -13.13 42.28 -73.77
N LYS P 118 -13.94 42.70 -74.73
CA LYS P 118 -13.90 42.11 -76.06
C LYS P 118 -12.56 42.32 -76.73
N PHE P 119 -11.83 43.35 -76.33
CA PHE P 119 -10.49 43.58 -76.83
C PHE P 119 -9.46 42.82 -75.98
N ILE P 120 -9.58 42.95 -74.67
CA ILE P 120 -8.62 42.38 -73.75
C ILE P 120 -8.56 40.85 -73.76
N ILE P 121 -9.71 40.21 -73.51
CA ILE P 121 -9.73 38.78 -73.24
C ILE P 121 -9.17 37.94 -74.42
N PRO P 122 -9.65 38.17 -75.64
CA PRO P 122 -9.13 37.40 -76.75
C PRO P 122 -7.63 37.49 -76.89
N ASN P 123 -7.08 38.67 -76.65
CA ASN P 123 -5.63 38.85 -76.69
C ASN P 123 -4.90 38.09 -75.59
N VAL P 124 -5.50 38.07 -74.40
CA VAL P 124 -4.91 37.33 -73.30
C VAL P 124 -4.87 35.84 -73.66
N VAL P 125 -6.01 35.31 -74.07
CA VAL P 125 -6.16 33.88 -74.34
C VAL P 125 -5.26 33.45 -75.49
N LYS P 126 -5.07 34.34 -76.45
CA LYS P 126 -4.23 34.07 -77.60
C LYS P 126 -2.82 33.72 -77.16
N TYR P 127 -2.26 34.48 -76.23
CA TYR P 127 -0.86 34.30 -75.84
C TYR P 127 -0.65 33.41 -74.62
N SER P 128 -1.70 33.19 -73.84
CA SER P 128 -1.59 32.33 -72.66
C SER P 128 -2.83 31.46 -72.59
N PRO P 129 -2.95 30.50 -73.53
CA PRO P 129 -4.15 29.67 -73.64
C PRO P 129 -4.42 28.79 -72.42
N HIS P 130 -3.43 28.56 -71.58
CA HIS P 130 -3.59 27.70 -70.41
C HIS P 130 -3.66 28.44 -69.08
N CYS P 131 -3.75 29.76 -69.13
CA CYS P 131 -3.72 30.56 -67.90
C CYS P 131 -5.01 30.44 -67.12
N LYS P 132 -4.97 30.89 -65.88
CA LYS P 132 -6.18 31.16 -65.11
C LYS P 132 -6.43 32.65 -65.15
N LEU P 133 -7.69 33.02 -65.24
CA LEU P 133 -8.10 34.41 -65.24
C LEU P 133 -8.64 34.77 -63.87
N LEU P 134 -8.15 35.87 -63.33
CA LEU P 134 -8.64 36.41 -62.08
C LEU P 134 -9.16 37.82 -62.35
N VAL P 135 -10.46 37.98 -62.25
CA VAL P 135 -11.10 39.26 -62.55
C VAL P 135 -11.33 40.05 -61.27
N VAL P 136 -10.88 41.30 -61.28
CA VAL P 136 -10.99 42.19 -60.12
C VAL P 136 -11.93 43.37 -60.39
N SER P 137 -11.98 43.80 -61.64
CA SER P 137 -12.81 44.94 -62.05
C SER P 137 -14.27 44.80 -61.62
N ASN P 138 -14.92 45.93 -61.37
CA ASN P 138 -16.33 45.91 -60.97
C ASN P 138 -17.27 46.32 -62.09
N PRO P 139 -18.49 45.78 -62.07
CA PRO P 139 -18.97 44.84 -61.07
C PRO P 139 -18.46 43.42 -61.30
N VAL P 140 -17.81 42.87 -60.28
CA VAL P 140 -16.95 41.71 -60.46
C VAL P 140 -17.71 40.45 -60.85
N ASP P 141 -18.86 40.21 -60.23
CA ASP P 141 -19.59 38.99 -60.51
C ASP P 141 -20.03 38.94 -61.96
N ILE P 142 -20.48 40.07 -62.49
CA ILE P 142 -20.93 40.13 -63.88
C ILE P 142 -19.76 40.07 -64.86
N LEU P 143 -18.69 40.80 -64.56
CA LEU P 143 -17.54 40.84 -65.46
C LEU P 143 -16.79 39.53 -65.49
N THR P 144 -16.86 38.78 -64.39
CA THR P 144 -16.28 37.44 -64.37
C THR P 144 -17.03 36.54 -65.35
N TYR P 145 -18.35 36.68 -65.36
CA TYR P 145 -19.18 35.98 -66.35
C TYR P 145 -18.80 36.39 -67.77
N VAL P 146 -18.63 37.68 -68.01
CA VAL P 146 -18.27 38.17 -69.33
C VAL P 146 -16.96 37.56 -69.79
N ALA P 147 -15.95 37.58 -68.92
CA ALA P 147 -14.64 37.03 -69.25
C ALA P 147 -14.74 35.55 -69.56
N TRP P 148 -15.54 34.84 -68.79
CA TRP P 148 -15.77 33.41 -69.02
C TRP P 148 -16.36 33.17 -70.41
N LYS P 149 -17.44 33.89 -70.69
CA LYS P 149 -18.14 33.82 -71.96
C LYS P 149 -17.19 34.06 -73.14
N ILE P 150 -16.45 35.15 -73.08
CA ILE P 150 -15.58 35.54 -74.18
C ILE P 150 -14.36 34.63 -74.31
N SER P 151 -13.82 34.17 -73.19
CA SER P 151 -12.60 33.38 -73.22
C SER P 151 -12.86 31.98 -73.77
N GLY P 152 -14.04 31.46 -73.49
CA GLY P 152 -14.33 30.05 -73.77
C GLY P 152 -13.58 29.09 -72.87
N PHE P 153 -12.99 29.59 -71.79
CA PHE P 153 -12.32 28.74 -70.82
C PHE P 153 -13.33 27.93 -70.05
N PRO P 154 -12.93 26.78 -69.54
CA PRO P 154 -13.79 26.07 -68.59
C PRO P 154 -13.88 26.86 -67.29
N LYS P 155 -14.99 26.70 -66.59
CA LYS P 155 -15.34 27.56 -65.46
C LYS P 155 -14.35 27.53 -64.27
N ASN P 156 -13.68 26.40 -64.08
CA ASN P 156 -12.73 26.30 -62.99
C ASN P 156 -11.57 27.28 -63.13
N ARG P 157 -11.38 27.82 -64.32
CA ARG P 157 -10.22 28.65 -64.62
C ARG P 157 -10.54 30.12 -64.74
N VAL P 158 -11.79 30.49 -64.52
CA VAL P 158 -12.17 31.89 -64.53
C VAL P 158 -12.70 32.24 -63.15
N ILE P 159 -11.99 33.12 -62.47
CA ILE P 159 -12.22 33.42 -61.06
C ILE P 159 -12.45 34.90 -60.85
N GLY P 160 -13.47 35.24 -60.06
CA GLY P 160 -13.71 36.62 -59.67
C GLY P 160 -13.28 36.82 -58.23
N SER P 161 -12.69 37.97 -57.93
CA SER P 161 -12.23 38.25 -56.57
C SER P 161 -13.40 38.31 -55.59
N GLY P 162 -14.59 38.60 -56.09
CA GLY P 162 -15.81 38.52 -55.29
C GLY P 162 -15.71 39.11 -53.90
N CYS P 163 -16.09 38.33 -52.90
CA CYS P 163 -16.19 38.81 -51.52
C CYS P 163 -14.96 38.49 -50.67
N ASN P 164 -13.83 38.22 -51.31
CA ASN P 164 -12.60 37.91 -50.56
C ASN P 164 -12.21 39.07 -49.65
N LEU P 165 -12.17 40.28 -50.21
CA LEU P 165 -11.78 41.44 -49.42
C LEU P 165 -12.87 41.82 -48.42
N ASP P 166 -14.12 41.76 -48.83
CA ASP P 166 -15.23 42.06 -47.95
C ASP P 166 -15.18 41.20 -46.68
N SER P 167 -14.90 39.91 -46.84
CA SER P 167 -14.75 39.01 -45.70
C SER P 167 -13.55 39.38 -44.84
N ALA P 168 -12.47 39.83 -45.48
CA ALA P 168 -11.29 40.27 -44.74
C ALA P 168 -11.57 41.52 -43.91
N ARG P 169 -12.32 42.46 -44.49
CA ARG P 169 -12.74 43.65 -43.76
C ARG P 169 -13.61 43.25 -42.61
N PHE P 170 -14.51 42.31 -42.85
CA PHE P 170 -15.42 41.86 -41.83
C PHE P 170 -14.66 41.29 -40.63
N ARG P 171 -13.65 40.48 -40.90
CA ARG P 171 -12.89 39.86 -39.83
C ARG P 171 -12.07 40.89 -39.06
N TYR P 172 -11.57 41.90 -39.77
CA TYR P 172 -10.85 42.98 -39.12
C TYR P 172 -11.74 43.70 -38.11
N LEU P 173 -12.97 43.99 -38.53
CA LEU P 173 -13.92 44.69 -37.69
C LEU P 173 -14.37 43.85 -36.51
N MET P 174 -14.58 42.56 -36.73
CA MET P 174 -14.87 41.63 -35.65
C MET P 174 -13.74 41.66 -34.62
N GLY P 175 -12.52 41.63 -35.13
CA GLY P 175 -11.33 41.64 -34.28
C GLY P 175 -11.24 42.90 -33.45
N GLU P 176 -11.57 44.04 -34.05
CA GLU P 176 -11.57 45.29 -33.31
C GLU P 176 -12.54 45.24 -32.15
N ARG P 177 -13.72 44.69 -32.37
CA ARG P 177 -14.74 44.59 -31.33
C ARG P 177 -14.37 43.60 -30.23
N LEU P 178 -13.67 42.53 -30.57
CA LEU P 178 -13.40 41.47 -29.59
C LEU P 178 -11.99 41.52 -28.99
N GLY P 179 -11.12 42.36 -29.55
CA GLY P 179 -9.76 42.50 -29.03
C GLY P 179 -8.84 41.36 -29.40
N VAL P 180 -9.12 40.71 -30.53
CA VAL P 180 -8.24 39.65 -31.05
C VAL P 180 -7.93 39.94 -32.51
N HIS P 181 -6.83 39.39 -32.99
CA HIS P 181 -6.40 39.59 -34.37
C HIS P 181 -7.42 39.02 -35.36
N ALA P 182 -7.49 39.65 -36.52
CA ALA P 182 -8.40 39.21 -37.57
C ALA P 182 -8.20 37.75 -37.95
N LEU P 183 -6.97 37.28 -37.83
CA LEU P 183 -6.61 35.90 -38.16
C LEU P 183 -7.36 34.89 -37.33
N SER P 184 -7.76 35.28 -36.12
CA SER P 184 -8.40 34.36 -35.19
C SER P 184 -9.90 34.58 -35.11
N CYS P 185 -10.41 35.55 -35.87
CA CYS P 185 -11.84 35.76 -36.01
C CYS P 185 -12.29 35.16 -37.32
N HIS P 186 -13.36 34.40 -37.31
CA HIS P 186 -13.84 33.77 -38.53
C HIS P 186 -15.24 34.19 -38.88
N GLY P 187 -15.44 34.52 -40.14
CA GLY P 187 -16.72 35.00 -40.62
C GLY P 187 -16.74 35.08 -42.13
N TRP P 188 -17.91 34.87 -42.72
CA TRP P 188 -18.02 34.76 -44.16
C TRP P 188 -19.09 35.68 -44.72
N ILE P 189 -18.71 36.42 -45.75
CA ILE P 189 -19.62 37.21 -46.54
C ILE P 189 -19.73 36.56 -47.90
N LEU P 190 -20.95 36.23 -48.31
CA LEU P 190 -21.16 35.49 -49.54
C LEU P 190 -22.08 36.21 -50.52
N GLY P 191 -22.18 35.66 -51.71
CA GLY P 191 -23.12 36.12 -52.71
C GLY P 191 -22.57 37.23 -53.58
N GLU P 192 -23.44 38.20 -53.84
CA GLU P 192 -23.11 39.29 -54.73
C GLU P 192 -22.26 40.33 -54.01
N HIS P 193 -21.15 40.68 -54.63
CA HIS P 193 -20.21 41.62 -54.07
C HIS P 193 -20.56 42.86 -53.32
N GLY P 194 -21.32 43.86 -53.81
CA GLY P 194 -21.66 45.02 -52.96
C GLY P 194 -22.82 45.05 -51.95
N ASP P 195 -23.79 45.93 -52.17
CA ASP P 195 -24.91 46.14 -51.26
C ASP P 195 -25.69 44.86 -50.87
N SER P 196 -25.72 43.86 -51.74
CA SER P 196 -26.53 42.69 -51.54
C SER P 196 -25.77 41.48 -51.01
N SER P 197 -24.56 41.70 -50.47
CA SER P 197 -23.81 40.60 -49.88
C SER P 197 -24.58 39.97 -48.71
N VAL P 198 -24.31 38.70 -48.44
CA VAL P 198 -24.95 38.00 -47.36
C VAL P 198 -23.92 37.69 -46.27
N PRO P 199 -24.10 38.30 -45.08
CA PRO P 199 -23.29 37.90 -43.94
C PRO P 199 -23.87 36.65 -43.30
N VAL P 200 -23.07 35.59 -43.24
CA VAL P 200 -23.54 34.34 -42.68
C VAL P 200 -23.28 34.29 -41.18
N TRP P 201 -24.28 34.77 -40.43
CA TRP P 201 -24.15 34.94 -38.98
C TRP P 201 -23.88 33.62 -38.25
N SER P 202 -24.53 32.56 -38.72
CA SER P 202 -24.40 31.25 -38.09
C SER P 202 -22.95 30.79 -38.02
N GLY P 203 -22.17 31.11 -39.05
CA GLY P 203 -20.80 30.65 -39.17
C GLY P 203 -19.74 31.45 -38.45
N MET P 204 -20.14 32.53 -37.79
CA MET P 204 -19.17 33.41 -37.15
C MET P 204 -18.70 32.86 -35.83
N ASN P 205 -17.38 32.74 -35.68
CA ASN P 205 -16.81 32.12 -34.49
C ASN P 205 -15.41 32.59 -34.15
N VAL P 206 -15.03 32.39 -32.89
CA VAL P 206 -13.67 32.51 -32.44
C VAL P 206 -13.35 31.21 -31.72
N ALA P 207 -12.24 30.58 -32.08
CA ALA P 207 -11.85 29.30 -31.50
C ALA P 207 -12.97 28.26 -31.59
N GLY P 208 -13.78 28.35 -32.63
CA GLY P 208 -14.85 27.39 -32.84
C GLY P 208 -16.08 27.60 -31.98
N VAL P 209 -16.13 28.71 -31.25
CA VAL P 209 -17.28 29.06 -30.43
C VAL P 209 -18.21 29.95 -31.26
N SER P 210 -19.40 29.44 -31.57
CA SER P 210 -20.34 30.20 -32.40
C SER P 210 -20.94 31.38 -31.64
N LEU P 211 -20.81 32.57 -32.22
CA LEU P 211 -21.31 33.79 -31.58
C LEU P 211 -22.81 33.79 -31.53
N LYS P 212 -23.46 33.26 -32.58
CA LYS P 212 -24.93 33.20 -32.63
C LYS P 212 -25.51 32.39 -31.46
N THR P 213 -24.78 31.38 -31.01
CA THR P 213 -25.19 30.58 -29.86
C THR P 213 -25.11 31.35 -28.55
N LEU P 214 -24.09 32.17 -28.40
CA LEU P 214 -23.90 32.96 -27.19
C LEU P 214 -24.80 34.20 -27.16
N HIS P 215 -25.22 34.66 -28.34
CA HIS P 215 -25.94 35.91 -28.47
C HIS P 215 -26.97 35.69 -29.57
N PRO P 216 -28.09 35.04 -29.24
CA PRO P 216 -29.02 34.58 -30.27
C PRO P 216 -29.61 35.69 -31.14
N GLU P 217 -29.61 36.94 -30.66
CA GLU P 217 -30.18 38.03 -31.44
C GLU P 217 -29.17 38.59 -32.46
N LEU P 218 -27.97 38.02 -32.47
CA LEU P 218 -26.91 38.45 -33.41
C LEU P 218 -27.40 38.54 -34.84
N GLY P 219 -27.25 39.71 -35.45
CA GLY P 219 -27.62 39.90 -36.84
C GLY P 219 -29.07 40.33 -37.04
N THR P 220 -29.87 40.37 -35.98
CA THR P 220 -31.25 40.81 -36.06
C THR P 220 -31.35 42.29 -35.66
N ASP P 221 -32.57 42.80 -35.53
CA ASP P 221 -32.81 44.15 -35.07
C ASP P 221 -32.98 44.24 -33.56
N ALA P 222 -33.48 43.15 -32.96
CA ALA P 222 -33.49 42.98 -31.50
C ALA P 222 -32.06 43.08 -30.93
N ASP P 223 -31.06 42.93 -31.79
CA ASP P 223 -29.66 42.92 -31.39
C ASP P 223 -29.24 44.28 -30.84
N LYS P 224 -29.07 44.32 -29.51
CA LYS P 224 -28.70 45.53 -28.80
C LYS P 224 -27.27 45.98 -29.06
N GLU P 225 -26.47 45.09 -29.64
CA GLU P 225 -25.07 45.40 -29.96
C GLU P 225 -24.93 45.78 -31.44
N GLN P 226 -26.04 45.77 -32.18
CA GLN P 226 -26.05 46.14 -33.60
C GLN P 226 -24.92 45.53 -34.41
N TRP P 227 -24.84 44.22 -34.42
CA TRP P 227 -23.82 43.56 -35.22
C TRP P 227 -24.18 43.69 -36.70
N LYS P 228 -25.48 43.80 -36.97
CA LYS P 228 -25.87 44.04 -38.34
C LYS P 228 -25.20 45.28 -38.91
N GLN P 229 -24.85 46.24 -38.06
CA GLN P 229 -24.13 47.45 -38.50
C GLN P 229 -22.74 47.12 -39.08
N VAL P 230 -22.09 46.11 -38.51
CA VAL P 230 -20.75 45.74 -38.94
C VAL P 230 -20.77 45.36 -40.43
N HIS P 231 -21.80 44.64 -40.86
CA HIS P 231 -21.94 44.30 -42.26
C HIS P 231 -22.17 45.54 -43.10
N LYS P 232 -23.04 46.42 -42.65
CA LYS P 232 -23.26 47.69 -43.34
C LYS P 232 -21.93 48.43 -43.48
N GLN P 233 -21.16 48.43 -42.40
CA GLN P 233 -19.85 49.05 -42.39
C GLN P 233 -18.93 48.49 -43.47
N VAL P 234 -18.96 47.18 -43.65
CA VAL P 234 -18.16 46.52 -44.69
C VAL P 234 -18.53 47.04 -46.07
N VAL P 235 -19.83 47.14 -46.34
CA VAL P 235 -20.33 47.66 -47.62
C VAL P 235 -19.92 49.13 -47.82
N ASP P 236 -20.10 49.92 -46.77
CA ASP P 236 -19.80 51.35 -46.83
C ASP P 236 -18.31 51.65 -46.91
N SER P 237 -17.46 50.81 -46.31
CA SER P 237 -16.00 50.99 -46.34
C SER P 237 -15.42 51.48 -47.62
N ALA P 238 -15.86 50.87 -48.70
CA ALA P 238 -15.33 51.27 -50.02
C ALA P 238 -15.57 52.76 -50.28
N TYR P 239 -16.80 53.22 -50.10
CA TYR P 239 -17.17 54.61 -50.31
C TYR P 239 -16.48 55.50 -49.29
N GLU P 240 -16.48 55.08 -48.04
CA GLU P 240 -15.81 55.80 -46.95
C GLU P 240 -14.37 56.17 -47.38
N VAL P 241 -13.64 55.18 -47.90
CA VAL P 241 -12.24 55.38 -48.24
C VAL P 241 -12.10 56.28 -49.47
N ILE P 242 -12.98 56.08 -50.46
CA ILE P 242 -12.97 56.92 -51.66
C ILE P 242 -13.23 58.37 -51.32
N LYS P 243 -14.18 58.60 -50.41
CA LYS P 243 -14.49 59.95 -49.98
C LYS P 243 -13.29 60.59 -49.32
N LEU P 244 -12.50 59.78 -48.60
CA LEU P 244 -11.39 60.30 -47.82
C LEU P 244 -10.11 60.51 -48.62
N LYS P 245 -9.72 59.52 -49.41
CA LYS P 245 -8.45 59.61 -50.13
C LYS P 245 -8.58 59.56 -51.64
N GLY P 246 -9.81 59.37 -52.12
CA GLY P 246 -10.09 59.38 -53.56
C GLY P 246 -10.31 58.06 -54.23
N TYR P 247 -9.84 56.97 -53.62
CA TYR P 247 -9.89 55.64 -54.24
C TYR P 247 -9.47 54.61 -53.21
N THR P 248 -9.56 53.32 -53.54
CA THR P 248 -9.05 52.26 -52.67
C THR P 248 -8.02 51.46 -53.42
N THR P 249 -6.99 50.99 -52.72
CA THR P 249 -5.95 50.23 -53.42
C THR P 249 -5.01 49.30 -52.63
N TRP P 250 -4.77 49.53 -51.34
CA TRP P 250 -3.84 48.66 -50.67
C TRP P 250 -4.49 47.32 -50.34
N ALA P 251 -5.67 47.39 -49.74
CA ALA P 251 -6.35 46.19 -49.27
C ALA P 251 -6.71 45.25 -50.40
N ILE P 252 -7.14 45.78 -51.53
CA ILE P 252 -7.44 44.95 -52.70
C ILE P 252 -6.17 44.23 -53.16
N GLY P 253 -5.07 44.98 -53.23
CA GLY P 253 -3.79 44.45 -53.65
C GLY P 253 -3.37 43.25 -52.79
N LEU P 254 -3.52 43.42 -51.49
CA LEU P 254 -3.15 42.37 -50.56
C LEU P 254 -4.07 41.16 -50.70
N SER P 255 -5.38 41.43 -50.82
CA SER P 255 -6.36 40.37 -50.98
C SER P 255 -6.09 39.56 -52.26
N VAL P 256 -5.75 40.25 -53.34
CA VAL P 256 -5.48 39.58 -54.61
C VAL P 256 -4.21 38.75 -54.53
N ALA P 257 -3.17 39.29 -53.91
CA ALA P 257 -1.93 38.55 -53.73
C ALA P 257 -2.17 37.28 -52.94
N ASP P 258 -3.06 37.34 -51.95
CA ASP P 258 -3.41 36.17 -51.16
C ASP P 258 -4.00 35.08 -52.06
N LEU P 259 -4.89 35.47 -52.97
CA LEU P 259 -5.47 34.51 -53.90
C LEU P 259 -4.40 33.95 -54.81
N ALA P 260 -3.54 34.83 -55.32
CA ALA P 260 -2.44 34.41 -56.18
C ALA P 260 -1.56 33.39 -55.48
N GLU P 261 -1.31 33.58 -54.20
CA GLU P 261 -0.52 32.62 -53.44
C GLU P 261 -1.14 31.22 -53.45
N SER P 262 -2.44 31.13 -53.19
CA SER P 262 -3.12 29.85 -53.19
C SER P 262 -3.01 29.17 -54.55
N ILE P 263 -3.09 29.95 -55.61
CA ILE P 263 -3.02 29.41 -56.97
C ILE P 263 -1.59 28.99 -57.32
N MET P 264 -0.62 29.88 -57.14
CA MET P 264 0.74 29.59 -57.56
C MET P 264 1.36 28.49 -56.73
N LYS P 265 0.96 28.35 -55.47
CA LYS P 265 1.54 27.30 -54.61
C LYS P 265 0.61 26.10 -54.40
N ASN P 266 -0.52 26.11 -55.10
CA ASN P 266 -1.47 24.99 -55.06
C ASN P 266 -1.87 24.59 -53.64
N LEU P 267 -2.23 25.58 -52.83
CA LEU P 267 -2.47 25.37 -51.42
C LEU P 267 -3.79 24.68 -51.12
N ARG P 268 -4.79 24.88 -51.95
CA ARG P 268 -6.13 24.35 -51.70
C ARG P 268 -6.69 24.91 -50.40
N ARG P 269 -6.55 26.22 -50.24
CA ARG P 269 -7.21 26.94 -49.16
C ARG P 269 -8.60 27.31 -49.63
N VAL P 270 -9.46 27.62 -48.67
CA VAL P 270 -10.83 28.02 -48.99
C VAL P 270 -10.97 29.54 -48.91
N HIS P 271 -11.44 30.13 -50.01
CA HIS P 271 -11.65 31.56 -50.09
C HIS P 271 -13.08 31.86 -50.53
N PRO P 272 -13.66 32.98 -50.06
CA PRO P 272 -14.94 33.40 -50.56
C PRO P 272 -14.76 34.16 -51.86
N ILE P 273 -14.83 33.46 -52.97
CA ILE P 273 -14.59 34.08 -54.26
C ILE P 273 -15.71 33.73 -55.23
N SER P 274 -15.75 34.48 -56.32
CA SER P 274 -16.84 34.40 -57.26
C SER P 274 -16.61 33.28 -58.28
N THR P 275 -17.50 32.31 -58.30
CA THR P 275 -17.45 31.21 -59.26
C THR P 275 -18.83 30.95 -59.83
N MET P 276 -18.90 30.21 -60.93
CA MET P 276 -20.19 29.91 -61.51
C MET P 276 -20.94 28.92 -60.65
N LEU P 277 -22.16 29.26 -60.28
CA LEU P 277 -22.90 28.57 -59.29
C LEU P 277 -24.06 27.72 -59.77
N LYS P 278 -24.22 27.61 -61.09
CA LYS P 278 -25.34 26.90 -61.64
C LYS P 278 -25.36 25.50 -61.04
N GLY P 279 -26.51 25.11 -60.50
CA GLY P 279 -26.65 23.79 -59.92
C GLY P 279 -26.60 23.75 -58.41
N LEU P 280 -26.33 24.89 -57.77
CA LEU P 280 -26.29 24.95 -56.32
C LEU P 280 -27.32 25.93 -55.78
N TYR P 281 -27.86 25.61 -54.61
CA TYR P 281 -28.94 26.37 -54.00
C TYR P 281 -30.08 26.65 -54.97
N GLY P 282 -30.42 25.69 -55.83
CA GLY P 282 -31.53 25.85 -56.75
C GLY P 282 -31.37 26.97 -57.76
N ILE P 283 -30.13 27.35 -58.06
CA ILE P 283 -29.86 28.35 -59.07
C ILE P 283 -29.67 27.63 -60.39
N LYS P 284 -30.42 28.05 -61.42
CA LYS P 284 -30.40 27.34 -62.70
C LYS P 284 -29.81 28.16 -63.83
N GLU P 285 -29.33 29.36 -63.53
CA GLU P 285 -28.79 30.22 -64.56
C GLU P 285 -27.27 30.29 -64.53
N ASP P 286 -26.68 30.72 -65.65
CA ASP P 286 -25.23 30.91 -65.73
C ASP P 286 -24.83 32.20 -65.01
N VAL P 287 -24.70 32.15 -63.68
CA VAL P 287 -24.27 33.31 -62.91
C VAL P 287 -23.11 32.99 -61.98
N PHE P 288 -22.31 34.02 -61.72
CA PHE P 288 -21.20 33.90 -60.78
C PHE P 288 -21.56 34.62 -59.48
N LEU P 289 -21.33 33.95 -58.35
CA LEU P 289 -21.46 34.56 -57.03
C LEU P 289 -20.41 34.00 -56.11
N SER P 290 -20.12 34.73 -55.04
CA SER P 290 -19.11 34.27 -54.11
C SER P 290 -19.65 33.19 -53.19
N VAL P 291 -18.93 32.08 -53.15
CA VAL P 291 -19.14 31.03 -52.17
C VAL P 291 -17.76 30.56 -51.76
N PRO P 292 -17.68 29.79 -50.67
CA PRO P 292 -16.35 29.31 -50.27
C PRO P 292 -15.81 28.29 -51.26
N CYS P 293 -14.70 28.61 -51.89
CA CYS P 293 -14.13 27.76 -52.93
C CYS P 293 -12.76 27.26 -52.52
N VAL P 294 -12.44 26.04 -52.94
CA VAL P 294 -11.10 25.52 -52.79
C VAL P 294 -10.28 25.96 -53.99
N LEU P 295 -9.18 26.65 -53.71
CA LEU P 295 -8.40 27.29 -54.74
C LEU P 295 -7.01 26.70 -54.81
N GLY P 296 -6.58 26.34 -56.01
CA GLY P 296 -5.29 25.67 -56.21
C GLY P 296 -4.76 25.94 -57.61
N GLN P 297 -3.84 25.10 -58.07
CA GLN P 297 -3.13 25.40 -59.32
C GLN P 297 -4.04 25.31 -60.54
N ASN P 298 -5.16 24.61 -60.42
CA ASN P 298 -6.12 24.52 -61.53
C ASN P 298 -7.33 25.40 -61.31
N GLY P 299 -7.19 26.41 -60.47
CA GLY P 299 -8.28 27.29 -60.16
C GLY P 299 -9.20 26.66 -59.15
N ILE P 300 -10.51 26.77 -59.41
CA ILE P 300 -11.49 26.32 -58.45
C ILE P 300 -11.89 24.87 -58.72
N SER P 301 -11.48 23.98 -57.82
CA SER P 301 -11.71 22.55 -57.98
C SER P 301 -12.96 22.10 -57.24
N ASP P 302 -13.29 22.77 -56.15
CA ASP P 302 -14.36 22.34 -55.28
C ASP P 302 -15.02 23.54 -54.64
N VAL P 303 -16.24 23.35 -54.17
CA VAL P 303 -16.99 24.37 -53.46
C VAL P 303 -17.54 23.81 -52.16
N VAL P 304 -17.53 24.60 -51.09
CA VAL P 304 -18.03 24.15 -49.82
C VAL P 304 -19.51 24.51 -49.71
N LYS P 305 -20.33 23.49 -49.41
CA LYS P 305 -21.76 23.67 -49.32
C LYS P 305 -22.12 24.22 -47.96
N VAL P 306 -22.30 25.52 -47.88
CA VAL P 306 -22.66 26.15 -46.64
C VAL P 306 -24.15 25.96 -46.45
N THR P 307 -24.54 25.63 -45.22
CA THR P 307 -25.93 25.45 -44.89
C THR P 307 -26.57 26.82 -44.61
N LEU P 308 -27.57 27.19 -45.39
CA LEU P 308 -28.16 28.53 -45.32
C LEU P 308 -29.61 28.52 -44.84
N THR P 309 -30.01 29.57 -44.15
CA THR P 309 -31.41 29.73 -43.76
C THR P 309 -32.22 30.02 -45.02
N SER P 310 -33.50 29.70 -44.98
CA SER P 310 -34.39 29.98 -46.11
C SER P 310 -34.31 31.45 -46.56
N GLU P 311 -34.15 32.36 -45.59
CA GLU P 311 -34.01 33.79 -45.89
CA GLU P 311 -34.03 33.77 -45.90
C GLU P 311 -32.76 34.04 -46.71
N GLU P 312 -31.63 33.53 -46.21
CA GLU P 312 -30.33 33.66 -46.88
C GLU P 312 -30.37 33.05 -48.28
N GLU P 313 -30.91 31.84 -48.38
CA GLU P 313 -31.03 31.14 -49.65
C GLU P 313 -31.84 31.95 -50.67
N ALA P 314 -32.93 32.56 -50.19
CA ALA P 314 -33.78 33.38 -51.05
C ALA P 314 -33.01 34.61 -51.53
N HIS P 315 -32.25 35.20 -50.62
CA HIS P 315 -31.46 36.38 -50.94
C HIS P 315 -30.49 36.12 -52.09
N LEU P 316 -29.92 34.92 -52.10
CA LEU P 316 -28.99 34.52 -53.17
C LEU P 316 -29.70 34.37 -54.50
N LYS P 317 -30.84 33.68 -54.48
CA LYS P 317 -31.64 33.48 -55.69
C LYS P 317 -32.05 34.82 -56.28
N LYS P 318 -32.41 35.76 -55.42
CA LYS P 318 -32.76 37.10 -55.87
C LYS P 318 -31.60 37.70 -56.65
N SER P 319 -30.40 37.65 -56.06
CA SER P 319 -29.20 38.18 -56.71
C SER P 319 -28.96 37.50 -58.08
N ALA P 320 -29.11 36.18 -58.11
CA ALA P 320 -28.94 35.43 -59.35
C ALA P 320 -29.90 35.92 -60.44
N ASP P 321 -31.17 36.08 -60.06
CA ASP P 321 -32.19 36.55 -60.98
C ASP P 321 -31.79 37.91 -61.57
N THR P 322 -31.37 38.83 -60.72
CA THR P 322 -31.02 40.17 -61.19
C THR P 322 -29.86 40.14 -62.14
N LEU P 323 -28.81 39.40 -61.77
CA LEU P 323 -27.63 39.30 -62.60
C LEU P 323 -27.97 38.73 -63.96
N TRP P 324 -28.72 37.63 -63.96
CA TRP P 324 -29.12 37.03 -65.23
C TRP P 324 -29.94 38.02 -66.07
N GLY P 325 -30.87 38.72 -65.41
CA GLY P 325 -31.66 39.75 -66.07
C GLY P 325 -30.83 40.69 -66.92
N ILE P 326 -29.69 41.10 -66.39
CA ILE P 326 -28.78 41.97 -67.09
C ILE P 326 -27.96 41.21 -68.14
N GLN P 327 -27.41 40.07 -67.74
CA GLN P 327 -26.53 39.32 -68.61
C GLN P 327 -27.21 38.93 -69.91
N LYS P 328 -28.47 38.54 -69.82
CA LYS P 328 -29.23 38.13 -71.00
C LYS P 328 -29.40 39.28 -72.01
N GLU P 329 -29.21 40.51 -71.56
CA GLU P 329 -29.39 41.68 -72.43
C GLU P 329 -28.09 42.15 -73.07
N LEU P 330 -26.98 41.48 -72.78
CA LEU P 330 -25.69 41.95 -73.22
C LEU P 330 -25.39 41.59 -74.68
N GLN P 331 -24.73 42.51 -75.39
CA GLN P 331 -24.33 42.25 -76.76
C GLN P 331 -22.87 41.84 -76.84
N PHE P 332 -22.63 40.59 -77.23
CA PHE P 332 -21.27 40.05 -77.35
C PHE P 332 -20.82 40.10 -78.80
P AMP Q . -68.16 12.97 55.71
O1P AMP Q . -67.82 12.36 54.37
O2P AMP Q . -67.91 14.46 55.77
O3P AMP Q . -67.59 12.21 56.89
O5' AMP Q . -69.77 12.80 55.71
C5' AMP Q . -70.51 11.58 55.95
C4' AMP Q . -71.04 10.88 54.68
O4' AMP Q . -70.30 9.66 54.40
C3' AMP Q . -72.50 10.46 54.82
O3' AMP Q . -73.24 10.79 53.64
C2' AMP Q . -72.44 8.96 55.02
O2' AMP Q . -73.63 8.28 54.55
C1' AMP Q . -71.20 8.54 54.25
N9 AMP Q . -70.68 7.19 54.73
C8 AMP Q . -71.35 6.32 55.51
N7 AMP Q . -70.62 5.20 55.76
C5 AMP Q . -69.44 5.33 55.12
C6 AMP Q . -68.20 4.50 54.96
N6 AMP Q . -68.06 3.28 55.54
N1 AMP Q . -67.20 5.00 54.22
C2 AMP Q . -67.31 6.20 53.62
N3 AMP Q . -68.39 7.00 53.71
C4 AMP Q . -69.49 6.63 54.44
P AMP R . 18.22 -45.80 5.05
O1P AMP R . 18.93 -47.11 5.36
O2P AMP R . 16.78 -45.99 4.63
O3P AMP R . 18.99 -44.83 4.18
O5' AMP R . 18.14 -45.02 6.46
C5' AMP R . 16.89 -44.79 7.10
C4' AMP R . 16.71 -43.33 7.53
O4' AMP R . 17.37 -42.42 6.63
C3' AMP R . 15.23 -42.94 7.57
O3' AMP R . 14.75 -42.77 8.92
C2' AMP R . 15.14 -41.65 6.76
O2' AMP R . 14.33 -40.61 7.34
C1' AMP R . 16.59 -41.21 6.54
N9 AMP R . 16.71 -40.48 5.23
C8 AMP R . 17.83 -40.19 4.53
N7 AMP R . 17.53 -39.52 3.39
C5 AMP R . 16.18 -39.36 3.34
C6 AMP R . 15.18 -38.74 2.42
N6 AMP R . 15.50 -38.13 1.26
N1 AMP R . 13.87 -38.82 2.77
C2 AMP R . 13.47 -39.42 3.91
N3 AMP R . 14.32 -39.99 4.78
C4 AMP R . 15.66 -39.99 4.56
#